data_5TCP
#
_entry.id   5TCP
#
_cell.length_a   1
_cell.length_b   1
_cell.length_c   1
_cell.angle_alpha   90
_cell.angle_beta   90
_cell.angle_gamma   90
#
_symmetry.space_group_name_H-M   'P 1'
#
loop_
_entity.id
_entity.type
_entity.pdbx_description
1 polymer 'Lipoprotein PrgK'
2 polymer 'Protein PrgH'
#
loop_
_entity_poly.entity_id
_entity_poly.type
_entity_poly.pdbx_seq_one_letter_code
_entity_poly.pdbx_strand_id
1 'polypeptide(L)'
;CKDKDLLKGLDQEQANEVIAVLQMHNIEANKIDSGKLGYSITVAEPDFTAAVYWIKTYQLPPRPRVEIAQMFPADSLVSS
PRAEKARLYSAIEQRLEQSLQTMEGVLSARVHISYDIDAGENGRPPKPVHLSALAVYERGSPLAHQISDIKRFLKNSFAD
VDYDNISVVLSERSDAQLQAPGTPVKRNSFATSWIVLIILLSVMSAGFGVWYYKNHYARNKKGITADDKAKSSNE
;
0,2,4,6,8,B,D,F,H,J,L,N,P,R,T,V,X,Z,a,c,e,g,i,k
2 'polypeptide(L)'
;SAKKNEPRFKNGIVAALAGFFILGIGTVGTLWILNSPQRQAAELDSLLGQEKERFQVLPGRDKMLYVAAQNERDTLWARQ
VLARGDYDKNARVINENEENKRISIWLDTYYPQLAYYRIHFDEPRKPVFWLSRQRNTMSKKELEVLSQKLRALMPYADSV
NITLMDDVTAAGQAEAGLKQQALPYSRRNHKGGVTFVIQGALDDVEILRARQFVDSYYRTWGGRYVQFAIELKDDWLKGR
SFQYGAEGYIKMSPGHWYFPSPL
;
1,3,5,7,9,A,C,E,G,I,K,M,O,Q,S,U,W,Y,b,d,f,h,j,l
#
# COMPACT_ATOMS: atom_id res chain seq x y z
N ASP A 3 71.00 45.75 20.07
CA ASP A 3 70.47 44.46 20.48
C ASP A 3 68.99 44.54 20.74
N LYS A 4 68.21 44.81 19.70
CA LYS A 4 66.78 44.92 19.85
C LYS A 4 66.05 43.87 19.04
N ASP A 5 64.93 43.40 19.58
CA ASP A 5 64.12 42.42 18.87
C ASP A 5 63.20 43.15 17.90
N LEU A 6 63.22 42.75 16.64
CA LEU A 6 62.40 43.40 15.65
C LEU A 6 61.22 42.49 15.27
N LEU A 7 61.54 41.32 14.71
CA LEU A 7 60.50 40.37 14.31
C LEU A 7 60.73 38.97 14.90
N LYS A 8 59.63 38.24 15.13
CA LYS A 8 59.72 36.89 15.67
C LYS A 8 58.73 35.94 15.01
N GLY A 9 59.09 34.67 14.93
CA GLY A 9 58.19 33.66 14.39
C GLY A 9 58.08 33.70 12.88
N LEU A 10 59.12 34.17 12.21
CA LEU A 10 59.09 34.28 10.78
C LEU A 10 59.37 32.97 10.12
N ASP A 11 58.83 32.77 8.94
CA ASP A 11 59.18 31.56 8.23
C ASP A 11 60.44 31.88 7.45
N GLN A 12 60.98 30.91 6.76
CA GLN A 12 62.23 31.09 6.05
C GLN A 12 62.19 32.19 4.99
N GLU A 13 61.17 32.17 4.14
CA GLU A 13 61.02 33.15 3.08
C GLU A 13 60.93 34.56 3.60
N GLN A 14 60.04 34.78 4.56
CA GLN A 14 59.82 36.07 5.16
C GLN A 14 61.09 36.62 5.76
N ALA A 15 61.80 35.78 6.52
CA ALA A 15 63.01 36.20 7.17
C ALA A 15 64.02 36.73 6.17
N ASN A 16 64.24 35.99 5.09
CA ASN A 16 65.22 36.43 4.11
C ASN A 16 64.77 37.67 3.36
N GLU A 17 63.48 37.83 3.13
CA GLU A 17 62.99 39.01 2.44
C GLU A 17 63.16 40.27 3.25
N VAL A 18 62.81 40.21 4.53
CA VAL A 18 62.95 41.37 5.39
C VAL A 18 64.38 41.80 5.51
N ILE A 19 65.27 40.83 5.68
CA ILE A 19 66.68 41.12 5.76
C ILE A 19 67.19 41.82 4.54
N ALA A 20 66.79 41.34 3.37
CA ALA A 20 67.21 41.96 2.11
C ALA A 20 66.91 43.45 2.11
N VAL A 21 65.70 43.82 2.53
CA VAL A 21 65.31 45.22 2.58
C VAL A 21 66.16 46.03 3.54
N LEU A 22 66.38 45.49 4.73
CA LEU A 22 67.16 46.21 5.72
C LEU A 22 68.58 46.47 5.25
N GLN A 23 69.18 45.47 4.60
CA GLN A 23 70.52 45.63 4.08
C GLN A 23 70.56 46.68 3.00
N MET A 24 69.55 46.67 2.14
CA MET A 24 69.45 47.66 1.08
C MET A 24 69.46 49.07 1.63
N HIS A 25 68.85 49.26 2.80
CA HIS A 25 68.84 50.57 3.42
C HIS A 25 69.93 50.78 4.46
N ASN A 26 71.03 50.03 4.35
CA ASN A 26 72.18 50.16 5.21
C ASN A 26 71.95 49.78 6.66
N ILE A 27 71.25 48.66 6.88
CA ILE A 27 71.03 48.15 8.22
C ILE A 27 71.44 46.68 8.35
N GLU A 28 72.37 46.40 9.25
CA GLU A 28 72.78 45.02 9.50
C GLU A 28 71.68 44.30 10.25
N ALA A 29 71.52 43.01 10.00
CA ALA A 29 70.46 42.27 10.70
C ALA A 29 70.88 40.84 10.97
N ASN A 30 70.44 40.32 12.10
CA ASN A 30 70.76 38.96 12.48
C ASN A 30 69.58 38.06 12.28
N LYS A 31 69.81 36.89 11.70
CA LYS A 31 68.74 35.90 11.56
C LYS A 31 68.97 34.80 12.59
N ILE A 32 68.04 34.67 13.52
CA ILE A 32 68.19 33.69 14.57
C ILE A 32 67.24 32.52 14.41
N ASP A 33 67.81 31.33 14.33
CA ASP A 33 67.05 30.10 14.19
C ASP A 33 66.63 29.56 15.55
N SER A 34 65.34 29.65 15.86
CA SER A 34 64.82 29.15 17.14
C SER A 34 64.07 27.83 16.97
N GLY A 35 64.44 27.06 15.94
CA GLY A 35 63.85 25.76 15.70
C GLY A 35 62.40 25.87 15.32
N LYS A 36 61.57 25.10 16.01
CA LYS A 36 60.13 25.06 15.78
C LYS A 36 59.43 26.40 15.96
N LEU A 37 60.09 27.34 16.63
CA LEU A 37 59.49 28.63 16.87
C LEU A 37 59.73 29.61 15.72
N GLY A 38 60.48 29.20 14.70
CA GLY A 38 60.71 30.05 13.54
C GLY A 38 61.95 30.91 13.65
N TYR A 39 62.01 31.94 12.82
CA TYR A 39 63.14 32.83 12.81
C TYR A 39 62.87 34.16 13.48
N SER A 40 63.91 34.74 14.04
CA SER A 40 63.80 36.04 14.65
C SER A 40 64.82 36.99 14.08
N ILE A 41 64.43 38.24 13.92
CA ILE A 41 65.35 39.22 13.38
C ILE A 41 65.66 40.27 14.41
N THR A 42 66.96 40.48 14.65
CA THR A 42 67.39 41.48 15.60
C THR A 42 68.33 42.47 14.96
N VAL A 43 68.36 43.69 15.50
CA VAL A 43 69.20 44.74 14.96
C VAL A 43 69.93 45.52 16.03
N ALA A 44 70.97 46.24 15.63
CA ALA A 44 71.71 47.08 16.54
C ALA A 44 70.83 48.23 16.99
N GLU A 45 70.92 48.58 18.27
CA GLU A 45 70.12 49.64 18.83
C GLU A 45 70.19 50.98 18.07
N PRO A 46 71.37 51.41 17.57
CA PRO A 46 71.55 52.60 16.74
C PRO A 46 70.69 52.61 15.48
N ASP A 47 70.41 51.44 14.93
CA ASP A 47 69.63 51.34 13.71
C ASP A 47 68.17 51.07 13.97
N PHE A 48 67.87 50.50 15.12
CA PHE A 48 66.51 50.11 15.50
C PHE A 48 65.41 51.08 15.10
N THR A 49 65.60 52.38 15.30
CA THR A 49 64.56 53.34 14.94
C THR A 49 64.29 53.30 13.45
N ALA A 50 65.34 53.34 12.66
CA ALA A 50 65.23 53.30 11.22
C ALA A 50 64.65 51.98 10.77
N ALA A 51 65.07 50.89 11.41
CA ALA A 51 64.60 49.56 11.06
C ALA A 51 63.09 49.50 11.17
N VAL A 52 62.55 50.02 12.28
CA VAL A 52 61.11 50.04 12.49
C VAL A 52 60.42 50.81 11.40
N TYR A 53 60.96 51.98 11.08
CA TYR A 53 60.40 52.79 10.03
C TYR A 53 60.24 52.02 8.73
N TRP A 54 61.29 51.29 8.35
CA TRP A 54 61.25 50.54 7.10
C TRP A 54 60.32 49.33 7.15
N ILE A 55 60.18 48.70 8.31
CA ILE A 55 59.23 47.59 8.44
C ILE A 55 57.82 48.08 8.13
N LYS A 56 57.51 49.27 8.63
CA LYS A 56 56.25 49.89 8.33
C LYS A 56 56.12 50.21 6.85
N THR A 57 57.10 50.94 6.33
CA THR A 57 57.10 51.38 4.95
C THR A 57 56.88 50.29 3.94
N TYR A 58 57.53 49.15 4.12
CA TYR A 58 57.41 48.06 3.17
C TYR A 58 56.43 46.97 3.56
N GLN A 59 55.50 47.23 4.47
CA GLN A 59 54.51 46.22 4.84
C GLN A 59 55.14 44.89 5.22
N LEU A 60 56.14 44.91 6.10
CA LEU A 60 56.82 43.69 6.45
C LEU A 60 56.35 43.12 7.79
N PRO A 61 56.45 41.80 7.96
CA PRO A 61 56.90 40.76 7.05
C PRO A 61 55.85 40.49 5.98
N PRO A 62 56.25 39.99 4.80
CA PRO A 62 55.46 39.68 3.63
C PRO A 62 54.33 38.68 3.88
N ARG A 63 53.24 38.86 3.16
CA ARG A 63 52.12 37.93 3.22
C ARG A 63 52.41 36.80 2.24
N PRO A 64 51.74 35.66 2.37
CA PRO A 64 51.82 34.52 1.47
C PRO A 64 51.14 34.87 0.16
N ARG A 65 51.62 34.29 -0.93
CA ARG A 65 51.11 34.60 -2.26
C ARG A 65 49.71 34.04 -2.48
N VAL A 66 48.84 34.89 -3.04
CA VAL A 66 47.45 34.53 -3.29
C VAL A 66 47.21 34.05 -4.70
N GLU A 67 46.64 32.87 -4.80
CA GLU A 67 46.30 32.23 -6.05
C GLU A 67 44.84 31.80 -5.99
N ILE A 68 44.14 31.90 -7.11
CA ILE A 68 42.70 31.68 -7.12
C ILE A 68 42.26 30.30 -6.65
N ALA A 69 42.97 29.26 -7.07
CA ALA A 69 42.63 27.88 -6.69
C ALA A 69 42.64 27.65 -5.19
N GLN A 70 43.28 28.52 -4.43
CA GLN A 70 43.34 28.32 -2.99
C GLN A 70 41.97 28.46 -2.34
N MET A 71 41.02 29.08 -3.04
CA MET A 71 39.70 29.26 -2.49
C MET A 71 38.66 28.33 -3.07
N PHE A 72 39.07 27.36 -3.86
CA PHE A 72 38.12 26.40 -4.42
C PHE A 72 38.77 25.04 -4.44
N PRO A 73 39.06 24.46 -3.28
CA PRO A 73 39.79 23.23 -3.03
C PRO A 73 39.06 21.97 -3.47
N ALA A 74 39.85 20.97 -3.88
CA ALA A 74 39.34 19.68 -4.35
C ALA A 74 38.81 18.83 -3.21
N ASP A 75 39.07 19.25 -1.99
CA ASP A 75 38.60 18.54 -0.81
C ASP A 75 37.09 18.65 -0.64
N SER A 76 36.44 19.57 -1.36
CA SER A 76 35.00 19.69 -1.25
C SER A 76 34.32 18.44 -1.75
N LEU A 77 33.27 18.06 -1.05
CA LEU A 77 32.50 16.87 -1.38
C LEU A 77 31.74 17.01 -2.69
N VAL A 78 31.43 18.25 -3.04
CA VAL A 78 30.71 18.55 -4.27
C VAL A 78 31.43 19.65 -5.01
N SER A 79 31.07 19.84 -6.27
CA SER A 79 31.68 20.88 -7.07
C SER A 79 30.65 21.52 -7.97
N SER A 80 31.04 22.59 -8.62
CA SER A 80 30.16 23.28 -9.52
C SER A 80 30.97 23.75 -10.69
N PRO A 81 30.36 23.94 -11.85
CA PRO A 81 30.95 24.44 -13.07
C PRO A 81 31.73 25.70 -12.81
N ARG A 82 31.17 26.56 -11.98
CA ARG A 82 31.80 27.80 -11.62
C ARG A 82 33.13 27.55 -10.95
N ALA A 83 33.12 26.69 -9.93
CA ALA A 83 34.34 26.39 -9.20
C ALA A 83 35.37 25.70 -10.07
N GLU A 84 34.93 24.73 -10.87
CA GLU A 84 35.85 23.98 -11.69
C GLU A 84 36.53 24.83 -12.74
N LYS A 85 35.78 25.71 -13.37
CA LYS A 85 36.37 26.57 -14.39
C LYS A 85 37.38 27.50 -13.75
N ALA A 86 37.08 28.01 -12.56
CA ALA A 86 38.01 28.87 -11.83
C ALA A 86 39.29 28.14 -11.51
N ARG A 87 39.18 26.90 -11.05
CA ARG A 87 40.35 26.10 -10.71
C ARG A 87 41.26 25.94 -11.90
N LEU A 88 40.68 25.65 -13.06
CA LEU A 88 41.48 25.50 -14.25
C LEU A 88 42.24 26.74 -14.60
N TYR A 89 41.57 27.89 -14.62
CA TYR A 89 42.24 29.13 -14.97
C TYR A 89 43.37 29.45 -14.04
N SER A 90 43.20 29.15 -12.76
CA SER A 90 44.24 29.39 -11.79
C SER A 90 45.50 28.65 -12.16
N ALA A 91 45.34 27.37 -12.50
CA ALA A 91 46.46 26.54 -12.91
C ALA A 91 47.12 27.08 -14.15
N ILE A 92 46.32 27.53 -15.11
CA ILE A 92 46.85 28.05 -16.34
C ILE A 92 47.71 29.28 -16.11
N GLU A 93 47.27 30.21 -15.26
CA GLU A 93 48.11 31.37 -14.99
C GLU A 93 49.44 30.97 -14.43
N GLN A 94 49.42 30.02 -13.49
CA GLN A 94 50.65 29.55 -12.88
C GLN A 94 51.59 28.95 -13.90
N ARG A 95 51.03 28.17 -14.81
CA ARG A 95 51.81 27.49 -15.80
C ARG A 95 52.42 28.48 -16.79
N LEU A 96 51.69 29.53 -17.13
CA LEU A 96 52.24 30.56 -18.00
C LEU A 96 53.37 31.32 -17.32
N GLU A 97 53.26 31.55 -16.02
CA GLU A 97 54.34 32.22 -15.30
C GLU A 97 55.59 31.37 -15.31
N GLN A 98 55.41 30.06 -15.12
CA GLN A 98 56.53 29.14 -15.15
C GLN A 98 57.24 29.19 -16.49
N SER A 99 56.48 29.36 -17.57
CA SER A 99 57.09 29.44 -18.88
C SER A 99 57.84 30.73 -19.15
N LEU A 100 57.24 31.88 -18.82
CA LEU A 100 57.90 33.15 -19.11
C LEU A 100 59.20 33.31 -18.38
N GLN A 101 59.28 32.76 -17.18
CA GLN A 101 60.50 32.88 -16.40
C GLN A 101 61.68 32.06 -16.95
N THR A 102 61.46 31.27 -18.00
CA THR A 102 62.54 30.52 -18.60
C THR A 102 63.07 31.21 -19.84
N MET A 103 62.44 32.32 -20.25
CA MET A 103 62.94 33.04 -21.43
C MET A 103 64.23 33.76 -21.12
N GLU A 104 65.08 33.86 -22.12
CA GLU A 104 66.37 34.49 -21.99
C GLU A 104 66.27 35.92 -21.50
N GLY A 105 66.97 36.21 -20.42
CA GLY A 105 67.02 37.55 -19.87
C GLY A 105 65.92 37.84 -18.85
N VAL A 106 64.96 36.93 -18.70
CA VAL A 106 63.88 37.19 -17.74
C VAL A 106 64.24 36.69 -16.37
N LEU A 107 64.14 37.58 -15.40
CA LEU A 107 64.44 37.27 -14.02
C LEU A 107 63.17 36.93 -13.26
N SER A 108 62.10 37.64 -13.58
CA SER A 108 60.82 37.40 -12.94
C SER A 108 59.65 37.80 -13.80
N ALA A 109 58.54 37.08 -13.68
CA ALA A 109 57.38 37.45 -14.46
C ALA A 109 56.08 37.00 -13.82
N ARG A 110 55.03 37.81 -13.99
CA ARG A 110 53.70 37.51 -13.44
C ARG A 110 52.65 37.58 -14.53
N VAL A 111 51.65 36.70 -14.47
CA VAL A 111 50.63 36.63 -15.51
C VAL A 111 49.21 36.60 -14.98
N HIS A 112 48.34 37.39 -15.62
CA HIS A 112 46.93 37.41 -15.28
C HIS A 112 46.06 37.08 -16.46
N ILE A 113 44.96 36.38 -16.22
CA ILE A 113 44.03 36.08 -17.28
C ILE A 113 42.65 36.45 -16.80
N SER A 114 41.83 36.99 -17.68
CA SER A 114 40.48 37.34 -17.28
C SER A 114 39.66 36.10 -16.99
N TYR A 115 38.61 36.27 -16.20
CA TYR A 115 37.76 35.15 -15.82
C TYR A 115 36.36 35.30 -16.37
N ASP A 116 35.66 34.19 -16.42
CA ASP A 116 34.29 34.13 -16.91
C ASP A 116 33.50 33.29 -15.95
N ILE A 117 32.69 33.96 -15.16
CA ILE A 117 31.96 33.30 -14.11
C ILE A 117 30.49 33.05 -14.42
N ASP A 118 29.92 33.77 -15.39
CA ASP A 118 28.52 33.53 -15.66
C ASP A 118 28.03 33.84 -17.06
N ALA A 119 28.87 33.66 -18.09
CA ALA A 119 28.38 33.87 -19.46
C ALA A 119 27.29 32.84 -19.80
N GLY A 120 27.69 31.57 -19.93
CA GLY A 120 26.76 30.47 -20.24
C GLY A 120 25.61 30.40 -19.24
N GLU A 121 25.91 30.69 -17.98
CA GLU A 121 24.91 30.76 -16.91
C GLU A 121 23.72 31.64 -17.27
N ASN A 122 23.98 32.74 -17.96
CA ASN A 122 22.95 33.69 -18.33
C ASN A 122 22.45 33.48 -19.76
N GLY A 123 22.83 32.36 -20.39
CA GLY A 123 22.41 32.12 -21.77
C GLY A 123 23.26 32.90 -22.77
N ARG A 124 24.38 33.44 -22.32
CA ARG A 124 25.24 34.25 -23.16
C ARG A 124 26.45 33.49 -23.65
N PRO A 125 27.00 33.90 -24.80
CA PRO A 125 28.24 33.43 -25.37
C PRO A 125 29.36 34.01 -24.52
N PRO A 126 30.52 33.36 -24.50
CA PRO A 126 31.71 33.70 -23.75
C PRO A 126 32.35 34.94 -24.30
N LYS A 127 33.07 35.65 -23.45
CA LYS A 127 33.74 36.87 -23.84
C LYS A 127 35.18 36.59 -24.25
N PRO A 128 35.80 37.48 -25.02
CA PRO A 128 37.18 37.45 -25.46
C PRO A 128 38.07 37.41 -24.24
N VAL A 129 39.21 36.76 -24.38
CA VAL A 129 40.09 36.62 -23.25
C VAL A 129 41.10 37.74 -23.16
N HIS A 130 41.25 38.30 -21.97
CA HIS A 130 42.22 39.37 -21.78
C HIS A 130 43.42 38.85 -21.01
N LEU A 131 44.59 39.31 -21.38
CA LEU A 131 45.81 38.90 -20.71
C LEU A 131 46.66 40.08 -20.32
N SER A 132 47.35 39.97 -19.21
CA SER A 132 48.27 41.01 -18.83
C SER A 132 49.47 40.39 -18.15
N ALA A 133 50.62 41.04 -18.24
CA ALA A 133 51.79 40.45 -17.64
C ALA A 133 52.82 41.47 -17.25
N LEU A 134 53.59 41.11 -16.22
CA LEU A 134 54.67 41.93 -15.73
C LEU A 134 55.98 41.20 -15.90
N ALA A 135 57.06 41.93 -16.19
CA ALA A 135 58.33 41.24 -16.32
C ALA A 135 59.52 42.08 -15.91
N VAL A 136 60.52 41.40 -15.34
CA VAL A 136 61.76 41.98 -14.92
C VAL A 136 62.91 41.36 -15.68
N TYR A 137 63.70 42.19 -16.34
CA TYR A 137 64.83 41.72 -17.12
C TYR A 137 66.19 42.04 -16.55
N GLU A 138 67.18 41.29 -17.02
CA GLU A 138 68.56 41.55 -16.68
C GLU A 138 68.95 42.92 -17.16
N ARG A 139 69.53 43.71 -16.26
CA ARG A 139 69.90 45.07 -16.57
C ARG A 139 70.78 45.18 -17.81
N GLY A 140 70.40 46.09 -18.70
CA GLY A 140 71.11 46.35 -19.95
C GLY A 140 70.44 45.69 -21.16
N SER A 141 69.45 44.84 -20.90
CA SER A 141 68.71 44.14 -21.94
C SER A 141 67.80 45.11 -22.75
N PRO A 142 67.60 44.88 -24.06
CA PRO A 142 66.81 45.68 -25.02
C PRO A 142 65.30 45.44 -24.93
N LEU A 143 64.74 45.86 -23.79
CA LEU A 143 63.33 45.71 -23.44
C LEU A 143 62.32 46.09 -24.52
N ALA A 144 62.63 47.14 -25.28
CA ALA A 144 61.74 47.64 -26.32
C ALA A 144 61.49 46.65 -27.45
N HIS A 145 62.29 45.60 -27.54
CA HIS A 145 62.11 44.63 -28.60
C HIS A 145 61.66 43.33 -28.01
N GLN A 146 62.15 43.02 -26.83
CA GLN A 146 61.84 41.78 -26.12
C GLN A 146 60.36 41.64 -25.82
N ILE A 147 59.72 42.77 -25.55
CA ILE A 147 58.28 42.81 -25.33
C ILE A 147 57.46 42.15 -26.44
N SER A 148 57.98 42.09 -27.67
CA SER A 148 57.23 41.51 -28.75
C SER A 148 57.22 39.98 -28.71
N ASP A 149 58.22 39.37 -28.06
CA ASP A 149 58.24 37.93 -27.93
C ASP A 149 57.20 37.49 -26.97
N ILE A 150 57.10 38.24 -25.88
CA ILE A 150 56.12 37.92 -24.86
C ILE A 150 54.74 37.97 -25.43
N LYS A 151 54.46 39.05 -26.13
CA LYS A 151 53.16 39.27 -26.69
C LYS A 151 52.80 38.23 -27.75
N ARG A 152 53.76 37.85 -28.59
CA ARG A 152 53.49 36.83 -29.61
C ARG A 152 53.24 35.47 -29.00
N PHE A 153 54.07 35.12 -28.02
CA PHE A 153 53.94 33.87 -27.32
C PHE A 153 52.59 33.73 -26.68
N LEU A 154 52.17 34.75 -25.95
CA LEU A 154 50.88 34.70 -25.30
C LEU A 154 49.74 34.67 -26.28
N LYS A 155 49.86 35.37 -27.41
CA LYS A 155 48.78 35.42 -28.38
C LYS A 155 48.31 34.03 -28.82
N ASN A 156 49.23 33.14 -29.14
CA ASN A 156 48.79 31.80 -29.53
C ASN A 156 48.80 30.80 -28.38
N SER A 157 48.85 31.28 -27.15
CA SER A 157 48.81 30.41 -25.98
C SER A 157 47.40 30.30 -25.43
N PHE A 158 46.41 30.82 -26.14
CA PHE A 158 45.08 30.70 -25.61
C PHE A 158 44.01 30.88 -26.69
N ALA A 159 42.97 30.08 -26.58
CA ALA A 159 41.85 29.95 -27.51
C ALA A 159 41.46 31.19 -28.30
N ASP A 160 41.33 32.34 -27.65
CA ASP A 160 40.91 33.51 -28.42
C ASP A 160 41.31 34.84 -27.80
N VAL A 161 42.51 35.29 -28.15
CA VAL A 161 43.01 36.58 -27.72
C VAL A 161 43.49 37.32 -28.94
N ASP A 162 43.95 38.55 -28.75
CA ASP A 162 44.45 39.33 -29.87
C ASP A 162 45.46 40.36 -29.38
N TYR A 163 46.13 41.04 -30.29
CA TYR A 163 47.17 41.98 -29.91
C TYR A 163 46.68 43.27 -29.25
N ASP A 164 45.37 43.47 -29.17
CA ASP A 164 44.87 44.65 -28.50
C ASP A 164 44.39 44.32 -27.09
N ASN A 165 44.27 43.04 -26.79
CA ASN A 165 43.79 42.64 -25.48
C ASN A 165 44.85 41.95 -24.66
N ILE A 166 46.11 42.17 -25.02
CA ILE A 166 47.25 41.65 -24.28
C ILE A 166 48.14 42.81 -23.88
N SER A 167 48.32 43.01 -22.59
CA SER A 167 49.16 44.11 -22.14
C SER A 167 50.39 43.66 -21.37
N VAL A 168 51.53 44.23 -21.73
CA VAL A 168 52.77 43.87 -21.07
C VAL A 168 53.47 45.10 -20.52
N VAL A 169 53.73 45.09 -19.22
CA VAL A 169 54.44 46.16 -18.56
C VAL A 169 55.71 45.58 -17.98
N LEU A 170 56.83 46.18 -18.29
CA LEU A 170 58.08 45.60 -17.85
C LEU A 170 59.20 46.58 -17.58
N SER A 171 60.25 46.09 -16.96
CA SER A 171 61.43 46.87 -16.65
C SER A 171 62.63 45.97 -16.38
N GLU A 172 63.62 46.49 -15.67
CA GLU A 172 64.82 45.73 -15.39
C GLU A 172 65.28 45.95 -13.96
N ARG A 173 66.13 45.04 -13.49
CA ARG A 173 66.61 45.11 -12.11
C ARG A 173 67.46 46.34 -11.82
N SER A 174 67.54 46.66 -10.53
CA SER A 174 68.33 47.77 -10.01
C SER A 174 69.79 47.37 -9.75
N ASP A 175 70.59 48.34 -9.31
CA ASP A 175 72.00 48.13 -8.99
C ASP A 175 72.11 47.15 -7.82
N ALA A 176 72.70 46.00 -8.08
CA ALA A 176 72.79 44.93 -7.07
C ALA A 176 73.50 45.35 -5.80
N GLN A 177 72.91 45.00 -4.67
CA GLN A 177 73.51 45.33 -3.39
C GLN A 177 74.53 44.29 -3.03
N LEU A 178 75.76 44.52 -3.47
CA LEU A 178 76.84 43.58 -3.25
C LEU A 178 77.75 43.94 -2.09
N GLN A 179 77.38 44.95 -1.31
CA GLN A 179 78.23 45.40 -0.21
C GLN A 179 77.52 45.37 1.13
N ALA A 180 78.24 44.97 2.17
CA ALA A 180 77.65 44.92 3.50
C ALA A 180 77.44 46.34 4.05
N PRO A 181 76.33 46.59 4.76
CA PRO A 181 75.94 47.83 5.42
C PRO A 181 76.99 48.39 6.39
N GLY A 182 77.59 47.53 7.19
CA GLY A 182 78.62 47.94 8.13
C GLY A 182 78.03 48.11 9.52
N THR A 183 78.88 48.07 10.52
CA THR A 183 78.46 48.21 11.91
C THR A 183 78.42 49.68 12.30
N PRO A 184 77.76 50.01 13.42
CA PRO A 184 77.67 51.33 14.03
C PRO A 184 79.00 51.72 14.63
N VAL A 185 79.23 53.02 14.74
CA VAL A 185 80.48 53.51 15.30
C VAL A 185 80.42 53.64 16.80
N LYS A 186 81.17 52.79 17.48
CA LYS A 186 81.27 52.81 18.94
C LYS A 186 82.27 51.78 19.42
N ALA B 42 -71.81 -63.00 46.69
CA ALA B 42 -71.43 -61.87 45.86
C ALA B 42 -72.64 -61.34 45.10
N GLU B 43 -73.60 -60.79 45.82
CA GLU B 43 -74.79 -60.25 45.18
C GLU B 43 -74.40 -59.19 44.17
N LEU B 44 -74.88 -59.35 42.95
CA LEU B 44 -74.58 -58.46 41.84
C LEU B 44 -74.81 -56.99 42.15
N ASP B 45 -75.86 -56.68 42.90
CA ASP B 45 -76.14 -55.31 43.28
C ASP B 45 -74.99 -54.69 44.05
N SER B 46 -74.29 -55.48 44.85
CA SER B 46 -73.17 -54.96 45.62
C SER B 46 -71.90 -54.96 44.78
N LEU B 47 -71.86 -55.80 43.75
CA LEU B 47 -70.72 -55.84 42.85
C LEU B 47 -70.66 -54.59 41.97
N LEU B 48 -71.83 -54.10 41.58
CA LEU B 48 -71.94 -52.88 40.78
C LEU B 48 -71.70 -51.65 41.64
N GLY B 49 -71.34 -50.53 41.00
CA GLY B 49 -70.99 -49.25 41.63
C GLY B 49 -71.85 -48.80 42.85
N GLN B 50 -71.32 -47.80 43.56
CA GLN B 50 -71.96 -47.24 44.76
C GLN B 50 -73.34 -46.71 44.48
N GLU B 51 -73.49 -46.01 43.37
CA GLU B 51 -74.80 -45.51 43.00
C GLU B 51 -75.52 -46.59 42.24
N LYS B 52 -76.07 -47.53 43.00
CA LYS B 52 -76.77 -48.68 42.45
C LYS B 52 -77.96 -48.34 41.57
N GLU B 53 -78.45 -47.11 41.67
CA GLU B 53 -79.59 -46.68 40.90
C GLU B 53 -79.24 -46.38 39.44
N ARG B 54 -77.98 -46.55 39.06
CA ARG B 54 -77.57 -46.37 37.68
C ARG B 54 -77.86 -47.62 36.86
N PHE B 55 -78.14 -48.74 37.53
CA PHE B 55 -78.36 -49.99 36.81
C PHE B 55 -79.66 -50.66 37.21
N GLN B 56 -80.28 -51.32 36.25
CA GLN B 56 -81.47 -52.08 36.57
C GLN B 56 -81.21 -53.55 36.35
N VAL B 57 -81.06 -54.30 37.43
CA VAL B 57 -80.81 -55.72 37.29
C VAL B 57 -82.11 -56.45 37.01
N LEU B 58 -82.08 -57.29 35.99
CA LEU B 58 -83.26 -58.01 35.53
C LEU B 58 -83.05 -59.52 35.62
N PRO B 59 -84.07 -60.28 35.95
CA PRO B 59 -83.95 -61.74 36.07
C PRO B 59 -84.59 -62.45 34.90
N GLY B 60 -83.78 -62.80 33.90
CA GLY B 60 -84.30 -63.44 32.70
C GLY B 60 -84.78 -64.86 32.94
N ARG B 61 -85.76 -65.29 32.17
CA ARG B 61 -86.33 -66.63 32.28
C ARG B 61 -85.37 -67.72 31.82
N ASP B 62 -84.31 -67.31 31.12
CA ASP B 62 -83.26 -68.20 30.66
C ASP B 62 -82.17 -68.42 31.71
N LYS B 63 -82.42 -68.01 32.96
CA LYS B 63 -81.48 -68.15 34.07
C LYS B 63 -80.27 -67.23 33.95
N MET B 64 -80.37 -66.21 33.11
CA MET B 64 -79.31 -65.23 32.97
C MET B 64 -79.72 -63.96 33.66
N LEU B 65 -78.84 -63.44 34.49
CA LEU B 65 -79.12 -62.24 35.21
C LEU B 65 -78.63 -61.07 34.35
N TYR B 66 -79.54 -60.19 33.98
CA TYR B 66 -79.20 -59.12 33.07
C TYR B 66 -78.96 -57.79 33.76
N VAL B 67 -78.07 -56.99 33.19
CA VAL B 67 -77.79 -55.67 33.74
C VAL B 67 -78.15 -54.59 32.76
N ALA B 68 -79.27 -53.91 32.97
CA ALA B 68 -79.65 -52.87 32.04
C ALA B 68 -78.93 -51.58 32.35
N ALA B 69 -78.21 -51.08 31.35
CA ALA B 69 -77.48 -49.83 31.47
C ALA B 69 -78.05 -48.80 30.51
N GLN B 70 -78.04 -47.54 30.93
CA GLN B 70 -78.60 -46.46 30.13
C GLN B 70 -77.56 -45.70 29.30
N ASN B 71 -76.30 -46.06 29.45
CA ASN B 71 -75.24 -45.36 28.75
C ASN B 71 -74.05 -46.26 28.54
N GLU B 72 -73.39 -46.11 27.39
CA GLU B 72 -72.23 -46.93 27.07
C GLU B 72 -71.10 -46.88 28.10
N ARG B 73 -71.03 -45.82 28.90
CA ARG B 73 -70.04 -45.76 29.96
C ARG B 73 -70.40 -46.70 31.09
N ASP B 74 -71.69 -46.89 31.28
CA ASP B 74 -72.18 -47.75 32.34
C ASP B 74 -72.17 -49.16 31.82
N THR B 75 -72.36 -49.30 30.50
CA THR B 75 -72.30 -50.59 29.85
C THR B 75 -70.92 -51.17 30.09
N LEU B 76 -69.90 -50.37 29.78
CA LEU B 76 -68.53 -50.80 29.99
C LEU B 76 -68.24 -51.05 31.46
N TRP B 77 -68.74 -50.18 32.33
CA TRP B 77 -68.55 -50.34 33.76
C TRP B 77 -68.95 -51.75 34.20
N ALA B 78 -70.18 -52.11 33.88
CA ALA B 78 -70.74 -53.40 34.23
C ALA B 78 -69.98 -54.55 33.60
N ARG B 79 -69.54 -54.39 32.35
CA ARG B 79 -68.78 -55.44 31.69
C ARG B 79 -67.47 -55.67 32.40
N GLN B 80 -66.84 -54.59 32.86
CA GLN B 80 -65.60 -54.73 33.58
C GLN B 80 -65.83 -55.42 34.89
N VAL B 81 -66.96 -55.16 35.53
CA VAL B 81 -67.29 -55.88 36.77
C VAL B 81 -67.38 -57.37 36.54
N LEU B 82 -68.06 -57.77 35.48
CA LEU B 82 -68.20 -59.18 35.19
C LEU B 82 -66.85 -59.86 34.87
N ALA B 83 -65.97 -59.14 34.19
CA ALA B 83 -64.65 -59.69 33.85
C ALA B 83 -63.66 -59.63 35.02
N ARG B 84 -63.76 -58.57 35.83
CA ARG B 84 -62.85 -58.34 36.95
C ARG B 84 -63.19 -59.17 38.16
N GLY B 85 -64.44 -59.06 38.59
CA GLY B 85 -64.92 -59.76 39.76
C GLY B 85 -65.51 -61.09 39.34
N ASP B 86 -66.47 -61.55 40.10
CA ASP B 86 -67.07 -62.82 39.76
C ASP B 86 -68.47 -62.93 40.29
N TYR B 87 -69.21 -63.80 39.67
CA TYR B 87 -70.57 -64.09 40.03
C TYR B 87 -70.93 -65.42 39.40
N ASP B 88 -71.13 -66.44 40.22
CA ASP B 88 -71.43 -67.78 39.73
C ASP B 88 -72.83 -67.92 39.17
N LYS B 89 -73.04 -67.36 37.98
CA LYS B 89 -74.32 -67.42 37.30
C LYS B 89 -74.25 -66.70 35.97
N ASN B 90 -74.97 -67.20 34.99
CA ASN B 90 -75.04 -66.55 33.70
C ASN B 90 -75.40 -65.09 33.89
N ALA B 91 -74.74 -64.22 33.14
CA ALA B 91 -75.02 -62.80 33.24
C ALA B 91 -74.70 -62.09 31.93
N ARG B 92 -75.40 -61.00 31.68
CA ARG B 92 -75.20 -60.27 30.43
C ARG B 92 -75.71 -58.83 30.51
N VAL B 93 -74.85 -57.91 30.12
CA VAL B 93 -75.18 -56.49 30.15
C VAL B 93 -76.02 -56.07 28.95
N ILE B 94 -77.10 -55.36 29.24
CA ILE B 94 -78.04 -54.85 28.26
C ILE B 94 -77.81 -53.39 27.90
N ASN B 95 -77.83 -53.11 26.62
CA ASN B 95 -77.67 -51.77 26.10
C ASN B 95 -78.74 -51.49 25.06
N GLU B 96 -79.60 -50.53 25.36
CA GLU B 96 -80.73 -50.16 24.52
C GLU B 96 -80.46 -50.15 23.02
N ASN B 97 -79.38 -49.50 22.59
CA ASN B 97 -79.08 -49.44 21.17
C ASN B 97 -78.56 -50.76 20.66
N GLU B 98 -77.77 -51.46 21.47
CA GLU B 98 -77.23 -52.73 21.01
C GLU B 98 -78.33 -53.75 20.85
N GLU B 99 -79.32 -53.70 21.74
CA GLU B 99 -80.43 -54.63 21.66
C GLU B 99 -81.34 -54.29 20.54
N ASN B 100 -81.53 -53.00 20.28
CA ASN B 100 -82.35 -52.58 19.17
C ASN B 100 -81.76 -53.14 17.89
N LYS B 101 -80.43 -53.05 17.76
CA LYS B 101 -79.73 -53.58 16.61
C LYS B 101 -79.80 -55.09 16.51
N ARG B 102 -79.54 -55.80 17.61
CA ARG B 102 -79.59 -57.25 17.61
C ARG B 102 -80.91 -57.77 17.08
N ILE B 103 -81.99 -57.17 17.57
CA ILE B 103 -83.30 -57.54 17.15
C ILE B 103 -83.52 -57.24 15.69
N SER B 104 -83.12 -56.05 15.24
CA SER B 104 -83.34 -55.68 13.85
C SER B 104 -82.66 -56.63 12.88
N ILE B 105 -81.54 -57.22 13.29
CA ILE B 105 -80.86 -58.18 12.42
C ILE B 105 -81.70 -59.42 12.21
N TRP B 106 -82.13 -60.01 13.32
CA TRP B 106 -82.94 -61.21 13.26
C TRP B 106 -84.23 -60.94 12.53
N LEU B 107 -84.82 -59.81 12.84
CA LEU B 107 -86.08 -59.40 12.31
C LEU B 107 -86.02 -59.25 10.82
N ASP B 108 -84.97 -58.65 10.28
CA ASP B 108 -84.85 -58.53 8.84
C ASP B 108 -84.78 -59.90 8.14
N THR B 109 -84.07 -60.86 8.74
CA THR B 109 -83.97 -62.19 8.14
C THR B 109 -85.28 -62.96 8.11
N TYR B 110 -86.00 -62.95 9.23
CA TYR B 110 -87.24 -63.71 9.32
C TYR B 110 -88.47 -62.95 8.84
N TYR B 111 -88.46 -61.65 9.02
CA TYR B 111 -89.53 -60.79 8.54
C TYR B 111 -89.02 -59.68 7.62
N PRO B 112 -88.49 -60.02 6.44
CA PRO B 112 -87.96 -59.10 5.47
C PRO B 112 -89.11 -58.27 4.97
N GLN B 113 -88.80 -57.05 4.60
CA GLN B 113 -89.77 -56.05 4.14
C GLN B 113 -90.69 -55.52 5.25
N LEU B 114 -90.52 -55.95 6.51
CA LEU B 114 -91.34 -55.41 7.58
C LEU B 114 -91.02 -53.94 7.78
N ALA B 115 -92.04 -53.09 7.76
CA ALA B 115 -91.80 -51.66 7.94
C ALA B 115 -91.97 -51.28 9.40
N TYR B 116 -90.89 -50.86 10.04
CA TYR B 116 -90.96 -50.51 11.45
C TYR B 116 -89.99 -49.40 11.79
N TYR B 117 -90.12 -48.86 13.01
CA TYR B 117 -89.32 -47.73 13.43
C TYR B 117 -88.27 -48.07 14.47
N ARG B 118 -88.67 -48.15 15.74
CA ARG B 118 -87.69 -48.40 16.78
C ARG B 118 -88.33 -48.99 18.01
N ILE B 119 -87.58 -49.83 18.71
CA ILE B 119 -88.08 -50.41 19.94
C ILE B 119 -87.74 -49.54 21.12
N HIS B 120 -88.75 -49.18 21.89
CA HIS B 120 -88.59 -48.34 23.06
C HIS B 120 -88.55 -49.23 24.27
N PHE B 121 -87.37 -49.39 24.84
CA PHE B 121 -87.23 -50.32 25.94
C PHE B 121 -87.76 -49.78 27.25
N ASP B 122 -87.51 -48.49 27.53
CA ASP B 122 -88.00 -47.79 28.73
C ASP B 122 -88.19 -48.68 29.94
N GLU B 123 -89.36 -49.32 30.04
CA GLU B 123 -89.64 -50.27 31.12
C GLU B 123 -89.36 -51.69 30.65
N PRO B 124 -88.10 -52.16 30.81
CA PRO B 124 -87.59 -53.48 30.39
C PRO B 124 -88.65 -54.56 30.17
N ARG B 125 -89.50 -54.77 31.16
CA ARG B 125 -90.55 -55.76 31.17
C ARG B 125 -91.48 -55.74 29.97
N LYS B 126 -91.84 -54.54 29.53
CA LYS B 126 -92.77 -54.36 28.43
C LYS B 126 -92.32 -53.28 27.45
N PRO B 127 -91.37 -53.59 26.58
CA PRO B 127 -90.84 -52.71 25.55
C PRO B 127 -91.90 -52.48 24.50
N VAL B 128 -91.85 -51.32 23.87
CA VAL B 128 -92.82 -50.95 22.87
C VAL B 128 -92.22 -51.00 21.49
N PHE B 129 -92.92 -51.64 20.59
CA PHE B 129 -92.42 -51.80 19.23
C PHE B 129 -93.18 -50.90 18.27
N TRP B 130 -92.55 -49.85 17.75
CA TRP B 130 -93.25 -49.02 16.79
C TRP B 130 -93.22 -49.65 15.41
N LEU B 131 -94.40 -49.81 14.83
CA LEU B 131 -94.63 -50.46 13.55
C LEU B 131 -95.33 -49.51 12.57
N SER B 132 -94.92 -49.47 11.30
CA SER B 132 -95.59 -48.56 10.37
C SER B 132 -97.03 -48.93 10.11
N ARG B 133 -97.95 -48.11 10.62
CA ARG B 133 -99.38 -48.32 10.45
C ARG B 133 -99.81 -48.40 9.00
N GLN B 134 -99.29 -47.49 8.19
CA GLN B 134 -99.69 -47.38 6.80
C GLN B 134 -99.03 -48.38 5.87
N ARG B 135 -97.76 -48.71 6.10
CA ARG B 135 -97.10 -49.63 5.19
C ARG B 135 -97.33 -51.10 5.47
N ASN B 136 -97.65 -51.48 6.70
CA ASN B 136 -97.87 -52.89 6.97
C ASN B 136 -99.34 -53.27 6.88
N THR B 137 -99.58 -54.45 6.32
CA THR B 137 -100.93 -54.97 6.12
C THR B 137 -101.12 -56.30 6.84
N MET B 138 -100.33 -56.54 7.87
CA MET B 138 -100.41 -57.78 8.63
C MET B 138 -101.73 -57.90 9.39
N SER B 139 -102.22 -59.13 9.51
CA SER B 139 -103.46 -59.35 10.24
C SER B 139 -103.18 -59.37 11.71
N LYS B 140 -104.24 -59.25 12.50
CA LYS B 140 -104.11 -59.26 13.96
C LYS B 140 -103.41 -60.52 14.44
N LYS B 141 -103.77 -61.66 13.84
CA LYS B 141 -103.19 -62.94 14.20
C LYS B 141 -101.71 -62.97 13.87
N GLU B 142 -101.36 -62.42 12.72
CA GLU B 142 -99.97 -62.37 12.32
C GLU B 142 -99.17 -61.51 13.26
N LEU B 143 -99.76 -60.40 13.71
CA LEU B 143 -99.11 -59.53 14.67
C LEU B 143 -98.91 -60.22 16.01
N GLU B 144 -99.87 -61.07 16.39
CA GLU B 144 -99.71 -61.85 17.62
C GLU B 144 -98.45 -62.67 17.54
N VAL B 145 -98.31 -63.41 16.43
CA VAL B 145 -97.16 -64.26 16.20
C VAL B 145 -95.87 -63.47 16.24
N LEU B 146 -95.87 -62.32 15.57
CA LEU B 146 -94.71 -61.44 15.55
C LEU B 146 -94.28 -61.08 16.96
N SER B 147 -95.23 -60.66 17.80
CA SER B 147 -94.86 -60.29 19.17
C SER B 147 -94.31 -61.46 19.93
N GLN B 148 -94.80 -62.67 19.64
CA GLN B 148 -94.30 -63.85 20.30
C GLN B 148 -92.87 -64.14 19.93
N LYS B 149 -92.53 -63.89 18.67
CA LYS B 149 -91.16 -64.09 18.25
C LYS B 149 -90.25 -63.08 18.91
N LEU B 150 -90.74 -61.86 19.07
CA LEU B 150 -89.98 -60.83 19.73
C LEU B 150 -89.77 -61.19 21.20
N ARG B 151 -90.78 -61.81 21.83
CA ARG B 151 -90.64 -62.24 23.21
C ARG B 151 -89.54 -63.26 23.32
N ALA B 152 -89.45 -64.16 22.34
CA ALA B 152 -88.39 -65.16 22.31
C ALA B 152 -87.03 -64.49 22.23
N LEU B 153 -86.93 -63.41 21.45
CA LEU B 153 -85.67 -62.68 21.32
C LEU B 153 -85.25 -61.95 22.58
N MET B 154 -86.21 -61.63 23.45
CA MET B 154 -85.94 -60.91 24.70
C MET B 154 -86.30 -61.71 25.96
N PRO B 155 -85.37 -62.55 26.47
CA PRO B 155 -85.42 -63.43 27.64
C PRO B 155 -85.96 -62.78 28.91
N TYR B 156 -85.76 -61.48 29.04
CA TYR B 156 -86.21 -60.76 30.22
C TYR B 156 -87.62 -60.22 30.08
N ALA B 157 -87.91 -59.65 28.91
CA ALA B 157 -89.21 -59.05 28.66
C ALA B 157 -90.31 -60.06 28.88
N ASP B 158 -91.40 -59.60 29.48
CA ASP B 158 -92.51 -60.48 29.75
C ASP B 158 -93.45 -60.49 28.57
N SER B 159 -93.60 -59.33 27.93
CA SER B 159 -94.45 -59.23 26.76
C SER B 159 -93.98 -58.08 25.89
N VAL B 160 -94.47 -58.03 24.66
CA VAL B 160 -94.09 -56.97 23.74
C VAL B 160 -95.30 -56.19 23.29
N ASN B 161 -95.24 -54.88 23.44
CA ASN B 161 -96.36 -54.06 23.04
C ASN B 161 -96.16 -53.50 21.65
N ILE B 162 -96.64 -54.22 20.64
CA ILE B 162 -96.55 -53.73 19.28
C ILE B 162 -97.65 -52.72 19.04
N THR B 163 -97.28 -51.57 18.51
CA THR B 163 -98.25 -50.54 18.22
C THR B 163 -97.94 -49.91 16.89
N LEU B 164 -98.99 -49.46 16.22
CA LEU B 164 -98.86 -48.92 14.90
C LEU B 164 -98.81 -47.40 14.90
N MET B 165 -97.79 -46.85 14.22
CA MET B 165 -97.57 -45.41 14.16
C MET B 165 -97.87 -44.86 12.77
N ASP B 166 -98.35 -43.63 12.70
CA ASP B 166 -98.67 -43.03 11.41
C ASP B 166 -97.47 -42.32 10.80
N ASP B 167 -97.00 -42.86 9.67
CA ASP B 167 -95.86 -42.34 8.93
C ASP B 167 -95.89 -40.83 8.69
N VAL B 168 -97.09 -40.29 8.51
CA VAL B 168 -97.26 -38.88 8.27
C VAL B 168 -96.83 -38.05 9.45
N THR B 169 -97.13 -38.50 10.66
CA THR B 169 -96.79 -37.74 11.83
C THR B 169 -95.31 -37.78 12.10
N ALA B 170 -94.67 -38.88 11.69
CA ALA B 170 -93.23 -38.97 11.83
C ALA B 170 -92.56 -37.91 10.97
N ALA B 171 -92.98 -37.85 9.71
CA ALA B 171 -92.44 -36.89 8.77
C ALA B 171 -92.77 -35.47 9.18
N GLY B 172 -94.00 -35.27 9.65
CA GLY B 172 -94.46 -33.95 10.06
C GLY B 172 -93.60 -33.38 11.16
N GLN B 173 -93.29 -34.18 12.17
CA GLN B 173 -92.45 -33.71 13.26
C GLN B 173 -91.04 -33.41 12.79
N ALA B 174 -90.51 -34.26 11.92
CA ALA B 174 -89.16 -34.04 11.41
C ALA B 174 -89.04 -32.68 10.75
N GLU B 175 -89.96 -32.36 9.86
CA GLU B 175 -89.89 -31.11 9.16
C GLU B 175 -90.23 -29.93 10.03
N ALA B 176 -91.25 -30.07 10.88
CA ALA B 176 -91.69 -28.98 11.73
C ALA B 176 -90.56 -28.48 12.63
N GLY B 177 -89.88 -29.38 13.30
CA GLY B 177 -88.80 -28.99 14.19
C GLY B 177 -87.65 -28.39 13.40
N LEU B 178 -87.35 -28.98 12.25
CA LEU B 178 -86.28 -28.53 11.38
C LEU B 178 -86.48 -27.07 10.98
N LYS B 179 -87.68 -26.73 10.53
CA LYS B 179 -87.95 -25.35 10.14
C LYS B 179 -88.14 -24.43 11.35
N GLN B 180 -88.54 -24.98 12.51
CA GLN B 180 -88.63 -24.17 13.73
C GLN B 180 -87.27 -23.60 14.10
N GLN B 181 -86.24 -24.42 13.91
CA GLN B 181 -84.85 -24.01 14.15
C GLN B 181 -84.30 -23.02 13.12
N ALA B 182 -85.13 -22.62 12.14
CA ALA B 182 -84.77 -21.69 11.07
C ALA B 182 -83.67 -22.24 10.20
N LEU B 183 -83.65 -23.55 10.00
CA LEU B 183 -82.63 -24.15 9.18
C LEU B 183 -83.10 -24.25 7.74
N PRO B 184 -82.21 -24.08 6.77
CA PRO B 184 -82.43 -24.24 5.35
C PRO B 184 -82.41 -25.71 5.04
N TYR B 185 -83.28 -26.15 4.14
CA TYR B 185 -83.30 -27.56 3.79
C TYR B 185 -84.11 -27.81 2.55
N SER B 186 -84.01 -29.01 2.02
CA SER B 186 -84.84 -29.39 0.91
C SER B 186 -85.30 -30.82 1.12
N ARG B 187 -86.61 -30.99 1.16
CA ARG B 187 -87.24 -32.28 1.42
C ARG B 187 -87.23 -33.19 0.20
N ARG B 188 -87.03 -34.48 0.45
CA ARG B 188 -87.00 -35.48 -0.61
C ARG B 188 -87.94 -36.63 -0.33
N ASN B 189 -89.18 -36.51 -0.77
CA ASN B 189 -90.12 -37.59 -0.57
C ASN B 189 -89.87 -38.68 -1.59
N HIS B 190 -89.88 -39.92 -1.15
CA HIS B 190 -89.74 -41.02 -2.08
C HIS B 190 -90.48 -42.22 -1.54
N LYS B 191 -90.71 -43.21 -2.38
CA LYS B 191 -91.42 -44.37 -1.89
C LYS B 191 -90.62 -45.03 -0.79
N GLY B 192 -91.25 -45.19 0.36
CA GLY B 192 -90.60 -45.84 1.49
C GLY B 192 -89.87 -44.92 2.46
N GLY B 193 -89.80 -43.61 2.19
CA GLY B 193 -89.10 -42.75 3.15
C GLY B 193 -88.99 -41.30 2.73
N VAL B 194 -88.24 -40.52 3.51
CA VAL B 194 -88.03 -39.13 3.20
C VAL B 194 -86.68 -38.65 3.68
N THR B 195 -86.00 -37.87 2.85
CA THR B 195 -84.70 -37.35 3.21
C THR B 195 -84.66 -35.83 3.24
N PHE B 196 -84.04 -35.28 4.27
CA PHE B 196 -83.94 -33.83 4.42
C PHE B 196 -82.52 -33.36 4.17
N VAL B 197 -82.33 -32.73 3.02
CA VAL B 197 -81.03 -32.28 2.58
C VAL B 197 -80.69 -30.88 3.05
N ILE B 198 -79.56 -30.74 3.72
CA ILE B 198 -79.11 -29.44 4.20
C ILE B 198 -77.76 -29.10 3.60
N GLN B 199 -77.74 -28.22 2.61
CA GLN B 199 -76.48 -27.86 1.96
C GLN B 199 -76.13 -26.40 2.07
N GLY B 200 -74.92 -26.07 1.64
CA GLY B 200 -74.41 -24.71 1.65
C GLY B 200 -73.49 -24.46 2.82
N ALA B 201 -72.92 -23.27 2.87
CA ALA B 201 -72.07 -22.91 3.99
C ALA B 201 -72.95 -22.66 5.19
N LEU B 202 -72.51 -23.08 6.35
CA LEU B 202 -73.33 -22.93 7.54
C LEU B 202 -72.63 -22.15 8.65
N ASP B 203 -73.43 -21.34 9.34
CA ASP B 203 -72.98 -20.58 10.49
C ASP B 203 -72.80 -21.52 11.66
N ASP B 204 -71.73 -21.36 12.42
CA ASP B 204 -71.48 -22.24 13.57
C ASP B 204 -72.69 -22.39 14.50
N VAL B 205 -73.51 -21.34 14.59
CA VAL B 205 -74.66 -21.38 15.46
C VAL B 205 -75.71 -22.33 14.90
N GLU B 206 -76.03 -22.19 13.62
CA GLU B 206 -77.01 -23.07 13.02
C GLU B 206 -76.51 -24.49 12.88
N ILE B 207 -75.19 -24.67 12.85
CA ILE B 207 -74.65 -26.03 12.84
C ILE B 207 -74.98 -26.72 14.13
N LEU B 208 -74.72 -26.04 15.24
CA LEU B 208 -75.03 -26.59 16.55
C LEU B 208 -76.49 -26.95 16.67
N ARG B 209 -77.35 -26.00 16.31
CA ARG B 209 -78.79 -26.22 16.37
C ARG B 209 -79.23 -27.41 15.56
N ALA B 210 -78.69 -27.53 14.35
CA ALA B 210 -79.05 -28.61 13.46
C ALA B 210 -78.75 -29.95 14.09
N ARG B 211 -77.54 -30.11 14.61
CA ARG B 211 -77.20 -31.40 15.19
C ARG B 211 -78.06 -31.74 16.38
N GLN B 212 -78.31 -30.77 17.25
CA GLN B 212 -79.13 -31.04 18.43
C GLN B 212 -80.48 -31.59 18.05
N PHE B 213 -81.11 -30.95 17.05
CA PHE B 213 -82.39 -31.41 16.56
C PHE B 213 -82.34 -32.81 16.01
N VAL B 214 -81.38 -33.06 15.13
CA VAL B 214 -81.26 -34.35 14.48
C VAL B 214 -81.06 -35.47 15.47
N ASP B 215 -80.15 -35.27 16.44
CA ASP B 215 -79.91 -36.29 17.43
C ASP B 215 -81.16 -36.65 18.20
N SER B 216 -81.96 -35.65 18.57
CA SER B 216 -83.19 -35.92 19.30
C SER B 216 -84.21 -36.67 18.47
N TYR B 217 -84.36 -36.28 17.20
CA TYR B 217 -85.31 -36.96 16.34
C TYR B 217 -84.94 -38.42 16.20
N TYR B 218 -83.66 -38.66 15.95
CA TYR B 218 -83.15 -40.01 15.83
C TYR B 218 -83.44 -40.81 17.07
N ARG B 219 -83.07 -40.26 18.23
CA ARG B 219 -83.30 -40.94 19.49
C ARG B 219 -84.74 -41.40 19.66
N THR B 220 -85.69 -40.56 19.26
CA THR B 220 -87.10 -40.93 19.38
C THR B 220 -87.59 -41.89 18.29
N TRP B 221 -87.60 -41.42 17.07
CA TRP B 221 -88.14 -42.21 15.97
C TRP B 221 -87.19 -43.19 15.34
N GLY B 222 -85.91 -42.86 15.32
CA GLY B 222 -84.93 -43.73 14.67
C GLY B 222 -84.73 -43.26 13.24
N GLY B 223 -83.73 -43.82 12.56
CA GLY B 223 -83.42 -43.38 11.19
C GLY B 223 -83.87 -44.33 10.09
N ARG B 224 -84.98 -45.05 10.28
CA ARG B 224 -85.43 -45.98 9.25
C ARG B 224 -86.41 -45.37 8.25
N TYR B 225 -86.99 -44.23 8.58
CA TYR B 225 -87.93 -43.60 7.68
C TYR B 225 -87.44 -42.22 7.29
N VAL B 226 -87.06 -41.43 8.30
CA VAL B 226 -86.53 -40.11 8.06
C VAL B 226 -85.02 -40.11 8.09
N GLN B 227 -84.41 -39.65 7.02
CA GLN B 227 -82.98 -39.56 6.91
C GLN B 227 -82.54 -38.12 6.76
N PHE B 228 -81.62 -37.67 7.60
CA PHE B 228 -81.15 -36.30 7.47
C PHE B 228 -79.81 -36.31 6.77
N ALA B 229 -79.51 -35.23 6.05
CA ALA B 229 -78.27 -35.17 5.28
C ALA B 229 -77.60 -33.81 5.36
N ILE B 230 -76.81 -33.61 6.41
CA ILE B 230 -76.09 -32.36 6.58
C ILE B 230 -74.83 -32.36 5.76
N GLU B 231 -74.70 -31.40 4.85
CA GLU B 231 -73.54 -31.30 3.98
C GLU B 231 -72.96 -29.90 3.95
N LEU B 232 -71.89 -29.72 4.72
CA LEU B 232 -71.21 -28.44 4.82
C LEU B 232 -70.40 -28.18 3.56
N LYS B 233 -70.85 -27.24 2.73
CA LYS B 233 -70.19 -26.97 1.45
C LYS B 233 -69.96 -25.49 1.16
N ASP B 234 -69.01 -25.20 0.29
CA ASP B 234 -68.73 -23.82 -0.11
C ASP B 234 -69.72 -23.31 -1.14
N ASP B 235 -70.01 -22.03 -1.07
CA ASP B 235 -70.93 -21.37 -2.00
C ASP B 235 -70.19 -20.37 -2.89
N ASP C 3 -55.99 -40.22 52.77
CA ASP C 3 -54.58 -39.87 52.87
C ASP C 3 -53.86 -40.17 51.57
N LYS C 4 -54.23 -39.47 50.51
CA LYS C 4 -53.61 -39.69 49.21
C LYS C 4 -52.88 -38.46 48.72
N ASP C 5 -51.78 -38.67 48.02
CA ASP C 5 -51.03 -37.56 47.46
C ASP C 5 -51.65 -37.18 46.12
N LEU C 6 -51.97 -35.91 45.95
CA LEU C 6 -52.58 -35.47 44.70
C LEU C 6 -51.56 -34.68 43.88
N LEU C 7 -51.09 -33.57 44.43
CA LEU C 7 -50.11 -32.73 43.74
C LEU C 7 -48.88 -32.43 44.59
N LYS C 8 -47.74 -32.24 43.93
CA LYS C 8 -46.48 -31.94 44.63
C LYS C 8 -45.65 -30.89 43.90
N GLY C 9 -44.89 -30.11 44.66
CA GLY C 9 -44.00 -29.13 44.05
C GLY C 9 -44.72 -27.90 43.55
N LEU C 10 -45.87 -27.58 44.13
CA LEU C 10 -46.64 -26.45 43.68
C LEU C 10 -46.10 -25.16 44.24
N ASP C 11 -46.29 -24.08 43.50
CA ASP C 11 -45.87 -22.82 44.06
C ASP C 11 -47.05 -22.32 44.88
N GLN C 12 -46.90 -21.18 45.51
CA GLN C 12 -47.94 -20.66 46.38
C GLN C 12 -49.26 -20.40 45.68
N GLU C 13 -49.20 -19.70 44.54
CA GLU C 13 -50.40 -19.37 43.77
C GLU C 13 -51.17 -20.58 43.34
N GLN C 14 -50.46 -21.52 42.72
CA GLN C 14 -51.05 -22.75 42.22
C GLN C 14 -51.73 -23.52 43.32
N ALA C 15 -51.04 -23.66 44.45
CA ALA C 15 -51.57 -24.40 45.57
C ALA C 15 -52.91 -23.85 46.01
N ASN C 16 -52.97 -22.53 46.20
CA ASN C 16 -54.21 -21.93 46.65
C ASN C 16 -55.33 -22.02 45.62
N GLU C 17 -54.99 -21.94 44.34
CA GLU C 17 -55.99 -22.04 43.30
C GLU C 17 -56.62 -23.41 43.21
N VAL C 18 -55.80 -24.45 43.27
CA VAL C 18 -56.30 -25.80 43.21
C VAL C 18 -57.21 -26.09 44.37
N ILE C 19 -56.79 -25.68 45.55
CA ILE C 19 -57.58 -25.87 46.74
C ILE C 19 -58.93 -25.23 46.63
N ALA C 20 -58.97 -24.00 46.13
CA ALA C 20 -60.23 -23.30 45.95
C ALA C 20 -61.22 -24.13 45.16
N VAL C 21 -60.76 -24.72 44.05
CA VAL C 21 -61.62 -25.55 43.22
C VAL C 21 -62.14 -26.77 43.95
N LEU C 22 -61.25 -27.46 44.65
CA LEU C 22 -61.65 -28.66 45.36
C LEU C 22 -62.70 -28.36 46.42
N GLN C 23 -62.54 -27.26 47.12
CA GLN C 23 -63.50 -26.89 48.15
C GLN C 23 -64.83 -26.56 47.52
N MET C 24 -64.81 -25.87 46.40
CA MET C 24 -66.02 -25.54 45.67
C MET C 24 -66.82 -26.79 45.33
N HIS C 25 -66.13 -27.87 45.02
CA HIS C 25 -66.79 -29.12 44.71
C HIS C 25 -66.92 -30.07 45.88
N ASN C 26 -66.90 -29.53 47.10
CA ASN C 26 -67.09 -30.30 48.33
C ASN C 26 -65.99 -31.29 48.64
N ILE C 27 -64.73 -30.87 48.47
CA ILE C 27 -63.60 -31.70 48.80
C ILE C 27 -62.61 -30.99 49.72
N GLU C 28 -62.37 -31.56 50.90
CA GLU C 28 -61.39 -30.99 51.82
C GLU C 28 -59.99 -31.24 51.29
N ALA C 29 -59.07 -30.32 51.53
CA ALA C 29 -57.71 -30.52 51.03
C ALA C 29 -56.68 -29.94 51.98
N ASN C 30 -55.54 -30.60 52.07
CA ASN C 30 -54.47 -30.16 52.94
C ASN C 30 -53.37 -29.53 52.16
N LYS C 31 -52.88 -28.38 52.63
CA LYS C 31 -51.73 -27.74 51.98
C LYS C 31 -50.51 -27.98 52.85
N ILE C 32 -49.54 -28.70 52.31
CA ILE C 32 -48.35 -29.03 53.07
C ILE C 32 -47.13 -28.27 52.58
N ASP C 33 -46.53 -27.53 53.49
CA ASP C 33 -45.34 -26.75 53.21
C ASP C 33 -44.08 -27.60 53.39
N SER C 34 -43.42 -27.94 52.29
CA SER C 34 -42.20 -28.73 52.34
C SER C 34 -40.96 -27.88 52.09
N GLY C 35 -41.05 -26.59 52.42
CA GLY C 35 -39.93 -25.68 52.28
C GLY C 35 -39.55 -25.46 50.84
N LYS C 36 -38.27 -25.64 50.55
CA LYS C 36 -37.71 -25.45 49.21
C LYS C 36 -38.32 -26.37 48.17
N LEU C 37 -38.99 -27.43 48.60
CA LEU C 37 -39.59 -28.36 47.66
C LEU C 37 -40.99 -27.95 47.23
N GLY C 38 -41.51 -26.85 47.78
CA GLY C 38 -42.82 -26.35 47.38
C GLY C 38 -43.97 -26.89 48.21
N TYR C 39 -45.17 -26.77 47.68
CA TYR C 39 -46.35 -27.23 48.38
C TYR C 39 -46.90 -28.53 47.83
N SER C 40 -47.52 -29.28 48.71
CA SER C 40 -48.15 -30.52 48.32
C SER C 40 -49.60 -30.54 48.75
N ILE C 41 -50.44 -31.11 47.91
CA ILE C 41 -51.85 -31.19 48.24
C ILE C 41 -52.28 -32.62 48.42
N THR C 42 -52.89 -32.89 49.58
CA THR C 42 -53.36 -34.24 49.85
C THR C 42 -54.84 -34.24 50.19
N VAL C 43 -55.49 -35.36 49.92
CA VAL C 43 -56.93 -35.47 50.15
C VAL C 43 -57.31 -36.78 50.82
N ALA C 44 -58.51 -36.81 51.38
CA ALA C 44 -59.02 -38.01 52.00
C ALA C 44 -59.28 -39.04 50.92
N GLU C 45 -58.96 -40.30 51.21
CA GLU C 45 -59.13 -41.39 50.26
C GLU C 45 -60.54 -41.49 49.66
N PRO C 46 -61.62 -41.28 50.42
CA PRO C 46 -63.01 -41.25 49.95
C PRO C 46 -63.25 -40.23 48.84
N ASP C 47 -62.52 -39.12 48.86
CA ASP C 47 -62.70 -38.07 47.87
C ASP C 47 -61.72 -38.18 46.73
N PHE C 48 -60.59 -38.83 46.97
CA PHE C 48 -59.51 -38.97 45.99
C PHE C 48 -59.95 -39.20 44.55
N THR C 49 -60.92 -40.08 44.32
CA THR C 49 -61.36 -40.34 42.94
C THR C 49 -61.94 -39.08 42.31
N ALA C 50 -62.81 -38.42 43.04
CA ALA C 50 -63.44 -37.21 42.57
C ALA C 50 -62.41 -36.11 42.39
N ALA C 51 -61.46 -36.03 43.34
CA ALA C 51 -60.43 -35.02 43.29
C ALA C 51 -59.66 -35.12 41.98
N VAL C 52 -59.27 -36.34 41.62
CA VAL C 52 -58.55 -36.56 40.37
C VAL C 52 -59.36 -36.11 39.18
N TYR C 53 -60.63 -36.47 39.17
CA TYR C 53 -61.51 -36.06 38.10
C TYR C 53 -61.49 -34.56 37.89
N TRP C 54 -61.59 -33.80 38.99
CA TRP C 54 -61.62 -32.36 38.89
C TRP C 54 -60.27 -31.76 38.50
N ILE C 55 -59.16 -32.38 38.89
CA ILE C 55 -57.85 -31.89 38.48
C ILE C 55 -57.74 -31.94 36.97
N LYS C 56 -58.27 -33.02 36.40
CA LYS C 56 -58.32 -33.16 34.97
C LYS C 56 -59.22 -32.11 34.35
N THR C 57 -60.46 -32.05 34.82
CA THR C 57 -61.48 -31.14 34.30
C THR C 57 -61.04 -29.70 34.22
N TYR C 58 -60.39 -29.21 35.25
CA TYR C 58 -59.97 -27.82 35.28
C TYR C 58 -58.53 -27.55 34.90
N GLN C 59 -57.88 -28.49 34.21
CA GLN C 59 -56.49 -28.26 33.77
C GLN C 59 -55.58 -27.82 34.91
N LEU C 60 -55.62 -28.53 36.03
CA LEU C 60 -54.82 -28.14 37.18
C LEU C 60 -53.53 -28.93 37.31
N PRO C 61 -52.50 -28.34 37.90
CA PRO C 61 -52.36 -27.00 38.44
C PRO C 61 -52.22 -25.98 37.31
N PRO C 62 -52.59 -24.72 37.55
CA PRO C 62 -52.58 -23.59 36.62
C PRO C 62 -51.22 -23.29 36.04
N ARG C 63 -51.21 -22.81 34.80
CA ARG C 63 -49.99 -22.38 34.15
C ARG C 63 -49.75 -20.93 34.54
N PRO C 64 -48.54 -20.42 34.38
CA PRO C 64 -48.15 -19.04 34.61
C PRO C 64 -48.76 -18.15 33.54
N ARG C 65 -49.06 -16.91 33.89
CA ARG C 65 -49.71 -15.99 32.97
C ARG C 65 -48.78 -15.53 31.85
N VAL C 66 -49.30 -15.57 30.63
CA VAL C 66 -48.56 -15.19 29.44
C VAL C 66 -48.78 -13.76 29.02
N GLU C 67 -47.68 -13.04 28.90
CA GLU C 67 -47.66 -11.65 28.49
C GLU C 67 -46.67 -11.50 27.35
N ILE C 68 -46.97 -10.65 26.38
CA ILE C 68 -46.17 -10.55 25.17
C ILE C 68 -44.71 -10.19 25.39
N ALA C 69 -44.46 -9.24 26.29
CA ALA C 69 -43.09 -8.80 26.57
C ALA C 69 -42.18 -9.91 27.05
N GLN C 70 -42.73 -11.02 27.52
CA GLN C 70 -41.92 -12.10 28.03
C GLN C 70 -41.11 -12.76 26.93
N MET C 71 -41.50 -12.54 25.67
CA MET C 71 -40.78 -13.14 24.56
C MET C 71 -39.90 -12.17 23.81
N PHE C 72 -39.74 -10.96 24.31
CA PHE C 72 -38.86 -9.99 23.66
C PHE C 72 -38.14 -9.19 24.71
N PRO C 73 -37.25 -9.84 25.48
CA PRO C 73 -36.53 -9.33 26.64
C PRO C 73 -35.49 -8.29 26.32
N ALA C 74 -35.28 -7.37 27.27
CA ALA C 74 -34.32 -6.29 27.15
C ALA C 74 -32.88 -6.77 27.27
N ASP C 75 -32.71 -8.02 27.68
CA ASP C 75 -31.41 -8.61 27.82
C ASP C 75 -30.73 -8.85 26.48
N SER C 76 -31.50 -8.79 25.37
CA SER C 76 -30.89 -8.97 24.07
C SER C 76 -29.89 -7.88 23.77
N LEU C 77 -28.79 -8.27 23.15
CA LEU C 77 -27.72 -7.36 22.80
C LEU C 77 -28.14 -6.37 21.72
N VAL C 78 -29.10 -6.78 20.90
CA VAL C 78 -29.61 -5.95 19.82
C VAL C 78 -31.12 -5.92 19.89
N SER C 79 -31.71 -4.99 19.16
CA SER C 79 -33.16 -4.88 19.13
C SER C 79 -33.62 -4.53 17.74
N SER C 80 -34.92 -4.56 17.54
CA SER C 80 -35.49 -4.22 16.26
C SER C 80 -36.77 -3.49 16.52
N PRO C 81 -37.22 -2.65 15.60
CA PRO C 81 -38.45 -1.89 15.62
C PRO C 81 -39.62 -2.79 15.95
N ARG C 82 -39.61 -3.97 15.37
CA ARG C 82 -40.64 -4.95 15.59
C ARG C 82 -40.71 -5.33 17.04
N ALA C 83 -39.56 -5.70 17.61
CA ALA C 83 -39.52 -6.10 19.00
C ALA C 83 -39.88 -4.97 19.93
N GLU C 84 -39.35 -3.78 19.66
CA GLU C 84 -39.59 -2.65 20.55
C GLU C 84 -41.04 -2.24 20.58
N LYS C 85 -41.69 -2.22 19.43
CA LYS C 85 -43.09 -1.84 19.38
C LYS C 85 -43.92 -2.86 20.13
N ALA C 86 -43.59 -4.14 19.99
CA ALA C 86 -44.30 -5.19 20.71
C ALA C 86 -44.16 -5.03 22.21
N ARG C 87 -42.95 -4.73 22.66
CA ARG C 87 -42.70 -4.53 24.09
C ARG C 87 -43.56 -3.43 24.65
N LEU C 88 -43.66 -2.33 23.92
CA LEU C 88 -44.46 -1.22 24.37
C LEU C 88 -45.93 -1.60 24.53
N TYR C 89 -46.49 -2.24 23.51
CA TYR C 89 -47.90 -2.62 23.58
C TYR C 89 -48.18 -3.55 24.73
N SER C 90 -47.25 -4.45 25.02
CA SER C 90 -47.42 -5.37 26.13
C SER C 90 -47.61 -4.60 27.42
N ALA C 91 -46.74 -3.62 27.64
CA ALA C 91 -46.80 -2.79 28.83
C ALA C 91 -48.11 -2.04 28.90
N ILE C 92 -48.55 -1.51 27.77
CA ILE C 92 -49.79 -0.77 27.74
C ILE C 92 -50.98 -1.62 28.14
N GLU C 93 -51.07 -2.85 27.64
CA GLU C 93 -52.19 -3.70 28.04
C GLU C 93 -52.19 -3.90 29.53
N GLN C 94 -51.02 -4.16 30.09
CA GLN C 94 -50.91 -4.37 31.53
C GLN C 94 -51.36 -3.17 32.31
N ARG C 95 -50.98 -2.00 31.85
CA ARG C 95 -51.29 -0.77 32.52
C ARG C 95 -52.79 -0.49 32.46
N LEU C 96 -53.43 -0.80 31.33
CA LEU C 96 -54.86 -0.63 31.24
C LEU C 96 -55.61 -1.58 32.16
N GLU C 97 -55.10 -2.81 32.33
CA GLU C 97 -55.73 -3.74 33.25
C GLU C 97 -55.64 -3.24 34.66
N GLN C 98 -54.49 -2.67 35.02
CA GLN C 98 -54.31 -2.11 36.34
C GLN C 98 -55.32 -1.00 36.61
N SER C 99 -55.64 -0.22 35.59
CA SER C 99 -56.60 0.85 35.74
C SER C 99 -58.03 0.37 35.89
N LEU C 100 -58.47 -0.55 35.04
CA LEU C 100 -59.86 -0.99 35.10
C LEU C 100 -60.20 -1.67 36.40
N GLN C 101 -59.24 -2.35 37.00
CA GLN C 101 -59.49 -3.04 38.25
C GLN C 101 -59.66 -2.10 39.45
N THR C 102 -59.47 -0.79 39.25
CA THR C 102 -59.69 0.16 40.33
C THR C 102 -61.05 0.81 40.23
N MET C 103 -61.80 0.53 39.17
CA MET C 103 -63.13 1.12 39.04
C MET C 103 -64.09 0.48 40.03
N GLU C 104 -65.04 1.30 40.49
CA GLU C 104 -66.01 0.86 41.46
C GLU C 104 -66.81 -0.34 40.99
N GLY C 105 -66.81 -1.38 41.80
CA GLY C 105 -67.57 -2.58 41.51
C GLY C 105 -66.81 -3.62 40.70
N VAL C 106 -65.62 -3.26 40.19
CA VAL C 106 -64.88 -4.23 39.39
C VAL C 106 -63.99 -5.08 40.26
N LEU C 107 -64.13 -6.39 40.11
CA LEU C 107 -63.37 -7.35 40.86
C LEU C 107 -62.18 -7.82 40.04
N SER C 108 -62.40 -7.97 38.74
CA SER C 108 -61.33 -8.42 37.85
C SER C 108 -61.54 -7.95 36.42
N ALA C 109 -60.45 -7.69 35.72
CA ALA C 109 -60.60 -7.27 34.34
C ALA C 109 -59.37 -7.59 33.51
N ARG C 110 -59.59 -7.93 32.24
CA ARG C 110 -58.51 -8.24 31.29
C ARG C 110 -58.64 -7.40 30.05
N VAL C 111 -57.51 -7.00 29.47
CA VAL C 111 -57.52 -6.12 28.30
C VAL C 111 -56.61 -6.57 27.18
N HIS C 112 -57.12 -6.51 25.96
CA HIS C 112 -56.35 -6.85 24.78
C HIS C 112 -56.29 -5.69 23.80
N ILE C 113 -55.16 -5.54 23.12
CA ILE C 113 -55.04 -4.51 22.11
C ILE C 113 -54.48 -5.15 20.87
N SER C 114 -54.95 -4.74 19.71
CA SER C 114 -54.43 -5.31 18.48
C SER C 114 -52.99 -4.88 18.26
N TYR C 115 -52.26 -5.66 17.47
CA TYR C 115 -50.86 -5.38 17.20
C TYR C 115 -50.63 -5.04 15.75
N ASP C 116 -49.51 -4.39 15.51
CA ASP C 116 -49.09 -4.00 14.18
C ASP C 116 -47.64 -4.34 14.01
N ILE C 117 -47.40 -5.39 13.25
CA ILE C 117 -46.07 -5.92 13.11
C ILE C 117 -45.38 -5.56 11.80
N ASP C 118 -46.14 -5.18 10.78
CA ASP C 118 -45.48 -4.86 9.54
C ASP C 118 -46.18 -3.87 8.61
N ALA C 119 -46.92 -2.89 9.16
CA ALA C 119 -47.52 -1.88 8.28
C ALA C 119 -46.43 -1.07 7.58
N GLY C 120 -45.72 -0.24 8.35
CA GLY C 120 -44.64 0.61 7.83
C GLY C 120 -43.59 -0.22 7.09
N GLU C 121 -43.32 -1.42 7.59
CA GLU C 121 -42.41 -2.36 6.95
C GLU C 121 -42.72 -2.59 5.48
N ASN C 122 -44.01 -2.62 5.15
CA ASN C 122 -44.44 -2.86 3.79
C ASN C 122 -44.77 -1.58 3.02
N GLY C 123 -44.40 -0.42 3.58
CA GLY C 123 -44.70 0.85 2.94
C GLY C 123 -46.16 1.26 3.16
N ARG C 124 -46.84 0.62 4.10
CA ARG C 124 -48.24 0.89 4.34
C ARG C 124 -48.45 1.76 5.58
N PRO C 125 -49.55 2.50 5.63
CA PRO C 125 -50.03 3.27 6.74
C PRO C 125 -50.54 2.27 7.78
N PRO C 126 -50.55 2.65 9.04
CA PRO C 126 -50.96 1.86 10.19
C PRO C 126 -52.47 1.65 10.18
N LYS C 127 -52.89 0.57 10.81
CA LYS C 127 -54.30 0.24 10.86
C LYS C 127 -54.92 0.77 12.14
N PRO C 128 -56.24 0.93 12.18
CA PRO C 128 -57.04 1.34 13.32
C PRO C 128 -56.81 0.38 14.45
N VAL C 129 -56.89 0.88 15.66
CA VAL C 129 -56.62 0.05 16.81
C VAL C 129 -57.87 -0.63 17.34
N HIS C 130 -57.78 -1.92 17.59
CA HIS C 130 -58.91 -2.64 18.14
C HIS C 130 -58.68 -2.97 19.59
N LEU C 131 -59.72 -2.88 20.39
CA LEU C 131 -59.63 -3.18 21.80
C LEU C 131 -60.69 -4.14 22.24
N SER C 132 -60.37 -4.99 23.20
CA SER C 132 -61.38 -5.85 23.76
C SER C 132 -61.12 -6.04 25.23
N ALA C 133 -62.16 -6.29 26.00
CA ALA C 133 -61.93 -6.45 27.42
C ALA C 133 -62.97 -7.31 28.10
N LEU C 134 -62.54 -7.93 29.18
CA LEU C 134 -63.38 -8.77 29.99
C LEU C 134 -63.51 -8.19 31.38
N ALA C 135 -64.67 -8.33 32.01
CA ALA C 135 -64.77 -7.81 33.35
C ALA C 135 -65.73 -8.58 34.24
N VAL C 136 -65.38 -8.64 35.52
CA VAL C 136 -66.17 -9.29 36.54
C VAL C 136 -66.57 -8.28 37.60
N TYR C 137 -67.87 -8.17 37.84
CA TYR C 137 -68.40 -7.24 38.82
C TYR C 137 -68.96 -7.85 40.07
N GLU C 138 -69.07 -7.02 41.09
CA GLU C 138 -69.69 -7.41 42.33
C GLU C 138 -71.15 -7.76 42.07
N ARG C 139 -71.56 -8.93 42.55
CA ARG C 139 -72.89 -9.42 42.31
C ARG C 139 -73.97 -8.43 42.73
N GLY C 140 -74.92 -8.21 41.83
CA GLY C 140 -76.04 -7.29 42.05
C GLY C 140 -75.83 -5.94 41.36
N SER C 141 -74.64 -5.70 40.84
CA SER C 141 -74.29 -4.48 40.14
C SER C 141 -75.01 -4.36 38.76
N PRO C 142 -75.39 -3.15 38.33
CA PRO C 142 -76.11 -2.81 37.08
C PRO C 142 -75.21 -2.80 35.84
N LEU C 143 -74.73 -3.98 35.49
CA LEU C 143 -73.83 -4.24 34.36
C LEU C 143 -74.20 -3.57 33.04
N ALA C 144 -75.48 -3.52 32.75
CA ALA C 144 -75.99 -2.96 31.50
C ALA C 144 -75.67 -1.48 31.32
N HIS C 145 -75.29 -0.79 32.38
CA HIS C 145 -75.00 0.61 32.30
C HIS C 145 -73.52 0.85 32.51
N GLN C 146 -72.94 0.03 33.38
CA GLN C 146 -71.52 0.14 33.71
C GLN C 146 -70.62 -0.07 32.52
N ILE C 147 -71.05 -0.94 31.62
CA ILE C 147 -70.34 -1.19 30.38
C ILE C 147 -70.02 0.08 29.57
N SER C 148 -70.80 1.14 29.74
CA SER C 148 -70.56 2.36 28.98
C SER C 148 -69.39 3.16 29.53
N ASP C 149 -69.06 2.99 30.81
CA ASP C 149 -67.92 3.69 31.37
C ASP C 149 -66.66 3.10 30.85
N ILE C 150 -66.64 1.77 30.79
CA ILE C 150 -65.47 1.08 30.29
C ILE C 150 -65.18 1.49 28.89
N LYS C 151 -66.21 1.47 28.07
CA LYS C 151 -66.07 1.77 26.68
C LYS C 151 -65.64 3.22 26.44
N ARG C 152 -66.20 4.16 27.20
CA ARG C 152 -65.82 5.57 27.05
C ARG C 152 -64.38 5.81 27.48
N PHE C 153 -64.01 5.21 28.59
CA PHE C 153 -62.67 5.32 29.11
C PHE C 153 -61.65 4.83 28.13
N LEU C 154 -61.88 3.65 27.59
CA LEU C 154 -60.95 3.09 26.62
C LEU C 154 -60.90 3.89 25.34
N LYS C 155 -62.03 4.45 24.90
CA LYS C 155 -62.06 5.21 23.66
C LYS C 155 -61.02 6.32 23.62
N ASN C 156 -60.93 7.12 24.67
CA ASN C 156 -59.91 8.17 24.65
C ASN C 156 -58.60 7.77 25.32
N SER C 157 -58.38 6.47 25.52
CA SER C 157 -57.14 5.99 26.10
C SER C 157 -56.16 5.56 25.03
N PHE C 158 -56.46 5.83 23.77
CA PHE C 158 -55.53 5.42 22.75
C PHE C 158 -55.73 6.20 21.45
N ALA C 159 -54.60 6.52 20.83
CA ALA C 159 -54.46 7.33 19.61
C ALA C 159 -55.62 7.30 18.62
N ASP C 160 -56.11 6.11 18.26
CA ASP C 160 -57.17 6.09 17.28
C ASP C 160 -58.05 4.84 17.33
N VAL C 161 -59.09 4.92 18.14
CA VAL C 161 -60.07 3.86 18.26
C VAL C 161 -61.44 4.47 18.09
N ASP C 162 -62.46 3.64 18.12
CA ASP C 162 -63.82 4.15 18.00
C ASP C 162 -64.80 3.20 18.67
N TYR C 163 -66.05 3.60 18.78
CA TYR C 163 -67.04 2.79 19.50
C TYR C 163 -67.48 1.51 18.77
N ASP C 164 -67.01 1.29 17.55
CA ASP C 164 -67.34 0.07 16.84
C ASP C 164 -66.20 -0.92 16.91
N ASN C 165 -65.03 -0.47 17.34
CA ASN C 165 -63.88 -1.34 17.40
C ASN C 165 -63.42 -1.61 18.82
N ILE C 166 -64.33 -1.40 19.77
CA ILE C 166 -64.08 -1.70 21.17
C ILE C 166 -65.14 -2.66 21.67
N SER C 167 -64.74 -3.85 22.10
CA SER C 167 -65.72 -4.80 22.58
C SER C 167 -65.56 -5.15 24.03
N VAL C 168 -66.65 -5.14 24.77
CA VAL C 168 -66.62 -5.47 26.18
C VAL C 168 -67.59 -6.58 26.52
N VAL C 169 -67.05 -7.64 27.09
CA VAL C 169 -67.86 -8.77 27.53
C VAL C 169 -67.69 -8.91 29.03
N LEU C 170 -68.78 -8.95 29.74
CA LEU C 170 -68.68 -8.96 31.19
C LEU C 170 -69.79 -9.70 31.90
N SER C 171 -69.58 -9.91 33.20
CA SER C 171 -70.55 -10.58 34.06
C SER C 171 -70.26 -10.26 35.52
N GLU C 172 -70.75 -11.12 36.42
CA GLU C 172 -70.57 -10.90 37.84
C GLU C 172 -70.24 -12.19 38.55
N ARG C 173 -69.69 -12.07 39.75
CA ARG C 173 -69.29 -13.23 40.53
C ARG C 173 -70.44 -14.14 40.92
N SER C 174 -70.09 -15.39 41.23
CA SER C 174 -71.02 -16.42 41.68
C SER C 174 -71.24 -16.37 43.20
N ASP C 175 -72.12 -17.25 43.69
CA ASP C 175 -72.42 -17.36 45.12
C ASP C 175 -71.16 -17.80 45.87
N ALA C 176 -70.67 -16.93 46.74
CA ALA C 176 -69.42 -17.16 47.47
C ALA C 176 -69.43 -18.43 48.30
N GLN C 177 -68.35 -19.20 48.19
CA GLN C 177 -68.24 -20.42 48.95
C GLN C 177 -67.73 -20.11 50.32
N LEU C 178 -68.67 -19.86 51.23
CA LEU C 178 -68.33 -19.47 52.59
C LEU C 178 -68.44 -20.62 53.58
N GLN C 179 -68.65 -21.84 53.11
CA GLN C 179 -68.83 -22.98 54.00
C GLN C 179 -67.83 -24.10 53.73
N ALA C 180 -67.34 -24.73 54.79
CA ALA C 180 -66.40 -25.83 54.64
C ALA C 180 -67.11 -27.06 54.09
N PRO C 181 -66.45 -27.82 53.19
CA PRO C 181 -66.89 -29.08 52.58
C PRO C 181 -67.31 -30.16 53.58
N GLY C 182 -66.53 -30.32 54.63
CA GLY C 182 -66.83 -31.32 55.66
C GLY C 182 -66.03 -32.58 55.43
N THR C 183 -65.88 -33.37 56.49
CA THR C 183 -65.12 -34.61 56.41
C THR C 183 -66.02 -35.76 55.96
N PRO C 184 -65.43 -36.89 55.56
CA PRO C 184 -66.08 -38.12 55.17
C PRO C 184 -66.68 -38.81 56.38
N VAL C 185 -67.69 -39.61 56.16
CA VAL C 185 -68.34 -40.31 57.25
C VAL C 185 -67.68 -41.64 57.54
N LYS C 186 -67.04 -41.72 58.71
CA LYS C 186 -66.38 -42.94 59.16
C LYS C 186 -65.82 -42.74 60.57
N ALA D 42 -76.67 -41.02 61.20
CA ALA D 42 -76.18 -40.09 60.19
C ALA D 42 -77.34 -39.40 59.48
N GLU D 43 -78.09 -38.58 60.21
CA GLU D 43 -79.21 -37.88 59.62
C GLU D 43 -78.75 -37.05 58.43
N LEU D 44 -79.40 -37.24 57.30
CA LEU D 44 -79.06 -36.57 56.07
C LEU D 44 -78.96 -35.05 56.19
N ASP D 45 -79.83 -34.46 56.99
CA ASP D 45 -79.79 -33.02 57.20
C ASP D 45 -78.46 -32.56 57.78
N SER D 46 -77.83 -33.39 58.60
CA SER D 46 -76.56 -33.04 59.19
C SER D 46 -75.42 -33.39 58.25
N LEU D 47 -75.67 -34.33 57.34
CA LEU D 47 -74.66 -34.71 56.35
C LEU D 47 -74.47 -33.60 55.31
N LEU D 48 -75.56 -32.94 54.96
CA LEU D 48 -75.52 -31.82 54.02
C LEU D 48 -74.95 -30.57 54.68
N GLY D 49 -74.46 -29.64 53.86
CA GLY D 49 -73.80 -28.38 54.28
C GLY D 49 -74.40 -27.63 55.50
N GLN D 50 -73.60 -26.70 56.02
CA GLN D 50 -73.97 -25.88 57.18
C GLN D 50 -75.25 -25.11 56.97
N GLU D 51 -75.39 -24.52 55.80
CA GLU D 51 -76.61 -23.82 55.50
C GLU D 51 -77.61 -24.80 54.96
N LYS D 52 -78.24 -25.51 55.88
CA LYS D 52 -79.22 -26.55 55.56
C LYS D 52 -80.41 -26.06 54.76
N GLU D 53 -80.63 -24.75 54.73
CA GLU D 53 -81.75 -24.19 54.01
C GLU D 53 -81.53 -24.13 52.50
N ARG D 54 -80.37 -24.60 52.04
CA ARG D 54 -80.10 -24.67 50.61
C ARG D 54 -80.73 -25.91 50.00
N PHE D 55 -81.14 -26.87 50.84
CA PHE D 55 -81.69 -28.11 50.32
C PHE D 55 -83.04 -28.45 50.91
N GLN D 56 -83.88 -29.08 50.11
CA GLN D 56 -85.14 -29.53 50.64
C GLN D 56 -85.21 -31.04 50.60
N VAL D 57 -85.07 -31.68 51.74
CA VAL D 57 -85.13 -33.12 51.78
C VAL D 57 -86.57 -33.59 51.72
N LEU D 58 -86.83 -34.54 50.83
CA LEU D 58 -88.17 -35.04 50.58
C LEU D 58 -88.25 -36.55 50.84
N PRO D 59 -89.36 -37.03 51.37
CA PRO D 59 -89.51 -38.46 51.68
C PRO D 59 -90.41 -39.14 50.68
N GLY D 60 -89.80 -39.77 49.67
CA GLY D 60 -90.58 -40.41 48.61
C GLY D 60 -91.29 -41.67 49.09
N ARG D 61 -92.43 -41.96 48.47
CA ARG D 61 -93.23 -43.13 48.83
C ARG D 61 -92.56 -44.45 48.42
N ASP D 62 -91.53 -44.34 47.58
CA ASP D 62 -90.73 -45.48 47.15
C ASP D 62 -89.59 -45.81 48.11
N LYS D 63 -89.60 -45.22 49.31
CA LYS D 63 -88.58 -45.42 50.34
C LYS D 63 -87.23 -44.79 49.99
N MET D 64 -87.25 -43.87 49.03
CA MET D 64 -86.04 -43.16 48.66
C MET D 64 -86.11 -41.76 49.21
N LEU D 65 -85.04 -41.35 49.87
CA LEU D 65 -85.01 -40.03 50.46
C LEU D 65 -84.39 -39.10 49.40
N TYR D 66 -85.16 -38.11 49.00
CA TYR D 66 -84.72 -37.23 47.93
C TYR D 66 -84.15 -35.91 48.41
N VAL D 67 -83.19 -35.39 47.66
CA VAL D 67 -82.60 -34.10 48.00
C VAL D 67 -82.86 -33.08 46.91
N ALA D 68 -83.79 -32.17 47.13
CA ALA D 68 -84.06 -31.19 46.10
C ALA D 68 -83.07 -30.04 46.17
N ALA D 69 -82.39 -29.82 45.06
CA ALA D 69 -81.43 -28.74 44.94
C ALA D 69 -81.90 -27.73 43.91
N GLN D 70 -81.60 -26.47 44.15
CA GLN D 70 -82.03 -25.39 43.27
C GLN D 70 -80.98 -24.97 42.25
N ASN D 71 -79.79 -25.56 42.33
CA ASN D 71 -78.69 -25.17 41.45
C ASN D 71 -77.74 -26.32 41.24
N GLU D 72 -77.20 -26.45 40.03
CA GLU D 72 -76.26 -27.53 39.72
C GLU D 72 -75.04 -27.59 40.62
N ARG D 73 -74.68 -26.48 41.27
CA ARG D 73 -73.56 -26.51 42.21
C ARG D 73 -73.96 -27.21 43.48
N ASP D 74 -75.24 -27.11 43.82
CA ASP D 74 -75.76 -27.73 45.02
C ASP D 74 -76.09 -29.16 44.70
N THR D 75 -76.47 -29.40 43.44
CA THR D 75 -76.72 -30.75 42.97
C THR D 75 -75.46 -31.56 43.14
N LEU D 76 -74.35 -31.04 42.65
CA LEU D 76 -73.08 -31.72 42.79
C LEU D 76 -72.67 -31.85 44.23
N TRP D 77 -72.89 -30.81 45.03
CA TRP D 77 -72.56 -30.85 46.44
C TRP D 77 -73.17 -32.08 47.09
N ALA D 78 -74.48 -32.21 46.95
CA ALA D 78 -75.24 -33.31 47.52
C ALA D 78 -74.80 -34.66 46.98
N ARG D 79 -74.49 -34.73 45.68
CA ARG D 79 -74.03 -35.98 45.11
C ARG D 79 -72.70 -36.40 45.71
N GLN D 80 -71.83 -35.43 45.96
CA GLN D 80 -70.56 -35.73 46.57
C GLN D 80 -70.77 -36.23 47.98
N VAL D 81 -71.75 -35.66 48.69
CA VAL D 81 -72.06 -36.14 50.04
C VAL D 81 -72.46 -37.60 50.02
N LEU D 82 -73.33 -37.97 49.09
CA LEU D 82 -73.77 -39.35 49.00
C LEU D 82 -72.64 -40.32 48.66
N ALA D 83 -71.71 -39.88 47.80
CA ALA D 83 -70.58 -40.73 47.42
C ALA D 83 -69.46 -40.74 48.46
N ARG D 84 -69.25 -39.60 49.13
CA ARG D 84 -68.20 -39.44 50.14
C ARG D 84 -68.55 -40.05 51.46
N GLY D 85 -69.70 -39.62 51.99
CA GLY D 85 -70.16 -40.09 53.28
C GLY D 85 -71.03 -41.29 53.10
N ASP D 86 -71.97 -41.45 54.00
CA ASP D 86 -72.83 -42.59 53.89
C ASP D 86 -74.16 -42.35 54.57
N TYR D 87 -75.13 -43.12 54.13
CA TYR D 87 -76.47 -43.08 54.65
C TYR D 87 -77.15 -44.36 54.24
N ASP D 88 -77.44 -45.22 55.21
CA ASP D 88 -78.05 -46.51 54.93
C ASP D 88 -79.52 -46.42 54.53
N LYS D 89 -79.75 -45.97 53.30
CA LYS D 89 -81.09 -45.83 52.76
C LYS D 89 -81.03 -45.30 51.35
N ASN D 90 -81.96 -45.75 50.51
CA ASN D 90 -82.04 -45.25 49.16
C ASN D 90 -82.09 -43.74 49.17
N ALA D 91 -81.36 -43.11 48.27
CA ALA D 91 -81.35 -41.67 48.20
C ALA D 91 -81.06 -41.19 46.79
N ARG D 92 -81.56 -40.01 46.46
CA ARG D 92 -81.37 -39.48 45.11
C ARG D 92 -81.56 -37.97 45.04
N VAL D 93 -80.60 -37.29 44.45
CA VAL D 93 -80.64 -35.84 44.32
C VAL D 93 -81.52 -35.39 43.16
N ILE D 94 -82.40 -34.45 43.45
CA ILE D 94 -83.34 -33.86 42.49
C ILE D 94 -82.87 -32.53 41.93
N ASN D 95 -82.98 -32.41 40.63
CA ASN D 95 -82.63 -31.19 39.92
C ASN D 95 -83.73 -30.82 38.95
N GLU D 96 -84.36 -29.67 39.20
CA GLU D 96 -85.48 -29.17 38.42
C GLU D 96 -85.39 -29.38 36.92
N ASN D 97 -84.27 -29.03 36.32
CA ASN D 97 -84.13 -29.20 34.88
C ASN D 97 -83.94 -30.64 34.50
N GLU D 98 -83.21 -31.39 35.31
CA GLU D 98 -82.98 -32.79 34.99
C GLU D 98 -84.28 -33.58 35.07
N GLU D 99 -85.13 -33.22 36.03
CA GLU D 99 -86.39 -33.90 36.19
C GLU D 99 -87.35 -33.50 35.11
N ASN D 100 -87.31 -32.24 34.71
CA ASN D 100 -88.17 -31.79 33.64
C ASN D 100 -87.84 -32.61 32.39
N LYS D 101 -86.55 -32.80 32.12
CA LYS D 101 -86.11 -33.59 30.99
C LYS D 101 -86.48 -35.07 31.09
N ARG D 102 -86.25 -35.67 32.26
CA ARG D 102 -86.57 -37.08 32.46
C ARG D 102 -88.01 -37.36 32.13
N ILE D 103 -88.89 -36.51 32.64
CA ILE D 103 -90.30 -36.64 32.38
C ILE D 103 -90.63 -36.47 30.92
N SER D 104 -90.06 -35.44 30.28
CA SER D 104 -90.36 -35.19 28.88
C SER D 104 -90.00 -36.37 27.99
N ILE D 105 -88.98 -37.13 28.36
CA ILE D 105 -88.60 -38.30 27.59
C ILE D 105 -89.68 -39.35 27.62
N TRP D 106 -90.09 -39.71 28.83
CA TRP D 106 -91.13 -40.72 29.02
C TRP D 106 -92.41 -40.27 28.38
N LEU D 107 -92.72 -39.01 28.60
CA LEU D 107 -93.94 -38.40 28.13
C LEU D 107 -94.02 -38.45 26.62
N ASP D 108 -92.94 -38.14 25.92
CA ASP D 108 -92.98 -38.22 24.47
C ASP D 108 -93.26 -39.63 23.95
N THR D 109 -92.69 -40.64 24.61
CA THR D 109 -92.91 -42.03 24.20
C THR D 109 -94.35 -42.50 24.38
N TYR D 110 -94.92 -42.23 25.54
CA TYR D 110 -96.27 -42.70 25.85
C TYR D 110 -97.36 -41.76 25.40
N TYR D 111 -97.08 -40.47 25.39
CA TYR D 111 -98.01 -39.47 24.90
C TYR D 111 -97.40 -38.60 23.80
N PRO D 112 -97.10 -39.16 22.64
CA PRO D 112 -96.52 -38.50 21.50
C PRO D 112 -97.54 -37.52 21.01
N GLN D 113 -97.03 -36.42 20.45
CA GLN D 113 -97.84 -35.31 19.95
C GLN D 113 -98.51 -34.47 21.06
N LEU D 114 -98.26 -34.79 22.35
CA LEU D 114 -98.83 -33.97 23.41
C LEU D 114 -98.22 -32.58 23.38
N ALA D 115 -99.05 -31.56 23.34
CA ALA D 115 -98.52 -30.20 23.30
C ALA D 115 -98.44 -29.62 24.71
N TYR D 116 -97.23 -29.37 25.19
CA TYR D 116 -97.05 -28.86 26.54
C TYR D 116 -95.85 -27.94 26.63
N TYR D 117 -95.73 -27.25 27.77
CA TYR D 117 -94.67 -26.27 27.97
C TYR D 117 -93.60 -26.70 28.94
N ARG D 118 -93.86 -26.56 30.24
CA ARG D 118 -92.83 -26.88 31.20
C ARG D 118 -93.43 -27.19 32.56
N ILE D 119 -92.77 -28.08 33.29
CA ILE D 119 -93.24 -28.40 34.63
C ILE D 119 -92.58 -27.49 35.65
N HIS D 120 -93.41 -26.85 36.45
CA HIS D 120 -92.95 -25.94 37.48
C HIS D 120 -92.94 -26.67 38.79
N PHE D 121 -91.76 -27.01 39.25
CA PHE D 121 -91.68 -27.81 40.45
C PHE D 121 -91.93 -27.02 41.72
N ASP D 122 -91.40 -25.80 41.80
CA ASP D 122 -91.59 -24.88 42.93
C ASP D 122 -91.81 -25.57 44.28
N GLU D 123 -93.06 -25.94 44.57
CA GLU D 123 -93.40 -26.67 45.78
C GLU D 123 -93.44 -28.17 45.49
N PRO D 124 -92.31 -28.86 45.59
CA PRO D 124 -92.11 -30.31 45.31
C PRO D 124 -93.38 -31.17 45.32
N ARG D 125 -94.12 -31.07 46.41
CA ARG D 125 -95.34 -31.83 46.65
C ARG D 125 -96.39 -31.75 45.55
N LYS D 126 -96.56 -30.56 44.98
CA LYS D 126 -97.56 -30.30 43.97
C LYS D 126 -97.02 -29.47 42.82
N PRO D 127 -96.26 -30.06 41.90
CA PRO D 127 -95.70 -29.43 40.73
C PRO D 127 -96.81 -29.10 39.76
N VAL D 128 -96.60 -28.06 38.98
CA VAL D 128 -97.60 -27.61 38.04
C VAL D 128 -97.19 -27.94 36.62
N PHE D 129 -98.10 -28.52 35.88
CA PHE D 129 -97.81 -28.92 34.52
C PHE D 129 -98.48 -28.00 33.52
N TRP D 130 -97.72 -27.18 32.80
CA TRP D 130 -98.37 -26.33 31.82
C TRP D 130 -98.61 -27.11 30.53
N LEU D 131 -99.87 -27.07 30.09
CA LEU D 131 -100.37 -27.80 28.94
C LEU D 131 -100.98 -26.85 27.91
N SER D 132 -100.72 -27.04 26.62
CA SER D 132 -101.30 -26.12 25.63
C SER D 132 -102.82 -26.21 25.56
N ARG D 133 -103.48 -25.17 26.03
CA ARG D 133 -104.94 -25.09 26.03
C ARG D 133 -105.55 -25.23 24.65
N GLN D 134 -104.96 -24.55 23.69
CA GLN D 134 -105.49 -24.53 22.35
C GLN D 134 -105.15 -25.73 21.49
N ARG D 135 -103.95 -26.29 21.65
CA ARG D 135 -103.60 -27.43 20.80
C ARG D 135 -104.08 -28.78 21.30
N ASN D 136 -104.32 -28.93 22.60
CA ASN D 136 -104.78 -30.23 23.09
C ASN D 136 -106.29 -30.31 23.17
N THR D 137 -106.82 -31.47 22.80
CA THR D 137 -108.26 -31.71 22.81
C THR D 137 -108.62 -32.88 23.71
N MET D 138 -107.77 -33.16 24.69
CA MET D 138 -108.00 -34.28 25.60
C MET D 138 -109.22 -34.03 26.49
N SER D 139 -109.94 -35.10 26.82
CA SER D 139 -111.09 -34.98 27.68
C SER D 139 -110.66 -34.89 29.11
N LYS D 140 -111.56 -34.47 29.99
CA LYS D 140 -111.27 -34.34 31.41
C LYS D 140 -110.78 -35.66 31.99
N LYS D 141 -111.42 -36.75 31.58
CA LYS D 141 -111.06 -38.07 32.06
C LYS D 141 -109.66 -38.46 31.60
N GLU D 142 -109.35 -38.13 30.35
CA GLU D 142 -108.04 -38.41 29.82
C GLU D 142 -106.97 -37.63 30.57
N LEU D 143 -107.28 -36.39 30.92
CA LEU D 143 -106.36 -35.56 31.67
C LEU D 143 -106.15 -36.12 33.07
N GLU D 144 -107.20 -36.70 33.66
CA GLU D 144 -107.05 -37.36 34.95
C GLU D 144 -106.00 -38.43 34.87
N VAL D 145 -106.14 -39.29 33.86
CA VAL D 145 -105.21 -40.38 33.64
C VAL D 145 -103.79 -39.88 33.45
N LEU D 146 -103.64 -38.84 32.64
CA LEU D 146 -102.35 -38.23 32.40
C LEU D 146 -101.69 -37.81 33.70
N SER D 147 -102.44 -37.12 34.56
CA SER D 147 -101.85 -36.68 35.83
C SER D 147 -101.44 -37.84 36.68
N GLN D 148 -102.19 -38.94 36.60
CA GLN D 148 -101.87 -40.13 37.37
C GLN D 148 -100.57 -40.75 36.90
N LYS D 149 -100.33 -40.72 35.60
CA LYS D 149 -99.08 -41.25 35.08
C LYS D 149 -97.93 -40.38 35.52
N LEU D 150 -98.16 -39.07 35.55
CA LEU D 150 -97.13 -38.16 36.00
C LEU D 150 -96.82 -38.38 37.48
N ARG D 151 -97.85 -38.70 38.27
CA ARG D 151 -97.63 -38.99 39.68
C ARG D 151 -96.75 -40.20 39.82
N ALA D 152 -96.96 -41.21 38.97
CA ALA D 152 -96.12 -42.39 38.98
C ALA D 152 -94.67 -42.04 38.68
N LEU D 153 -94.45 -41.10 37.75
CA LEU D 153 -93.11 -40.67 37.41
C LEU D 153 -92.40 -39.90 38.52
N MET D 154 -93.17 -39.29 39.42
CA MET D 154 -92.62 -38.51 40.54
C MET D 154 -92.98 -39.08 41.93
N PRO D 155 -92.18 -40.02 42.45
CA PRO D 155 -92.26 -40.75 43.73
C PRO D 155 -92.51 -39.85 44.94
N TYR D 156 -92.04 -38.61 44.88
CA TYR D 156 -92.21 -37.69 45.99
C TYR D 156 -93.49 -36.88 45.91
N ALA D 157 -93.80 -36.41 44.70
CA ALA D 157 -94.98 -35.58 44.49
C ALA D 157 -96.22 -36.31 44.95
N ASP D 158 -97.12 -35.56 45.58
CA ASP D 158 -98.35 -36.16 46.07
C ASP D 158 -99.39 -36.11 44.99
N SER D 159 -99.39 -35.02 44.22
CA SER D 159 -100.34 -34.88 43.12
C SER D 159 -99.77 -33.95 42.08
N VAL D 160 -100.37 -33.95 40.91
CA VAL D 160 -99.89 -33.09 39.82
C VAL D 160 -100.98 -32.14 39.39
N ASN D 161 -100.65 -30.86 39.34
CA ASN D 161 -101.64 -29.87 38.94
C ASN D 161 -101.50 -29.52 37.48
N ILE D 162 -102.22 -30.25 36.63
CA ILE D 162 -102.20 -29.93 35.21
C ILE D 162 -103.10 -28.76 34.93
N THR D 163 -102.58 -27.77 34.23
CA THR D 163 -103.36 -26.60 33.89
C THR D 163 -103.09 -26.19 32.47
N LEU D 164 -104.11 -25.62 31.85
CA LEU D 164 -104.03 -25.28 30.45
C LEU D 164 -103.68 -23.80 30.25
N MET D 165 -102.67 -23.56 29.42
CA MET D 165 -102.18 -22.21 29.13
C MET D 165 -102.52 -21.78 27.72
N ASP D 166 -102.76 -20.49 27.54
CA ASP D 166 -103.11 -19.99 26.22
C ASP D 166 -101.88 -19.62 25.39
N ASP D 167 -101.66 -20.36 24.31
CA ASP D 167 -100.53 -20.19 23.39
C ASP D 167 -100.29 -18.74 22.97
N VAL D 168 -101.37 -17.98 22.83
CA VAL D 168 -101.29 -16.59 22.42
C VAL D 168 -100.57 -15.75 23.43
N THR D 169 -100.82 -16.00 24.72
CA THR D 169 -100.20 -15.18 25.74
C THR D 169 -98.74 -15.52 25.87
N ALA D 170 -98.37 -16.76 25.55
CA ALA D 170 -96.97 -17.13 25.58
C ALA D 170 -96.22 -16.34 24.52
N ALA D 171 -96.76 -16.34 23.30
CA ALA D 171 -96.15 -15.62 22.20
C ALA D 171 -96.16 -14.12 22.44
N GLY D 172 -97.26 -13.61 22.99
CA GLY D 172 -97.40 -12.20 23.26
C GLY D 172 -96.31 -11.69 24.20
N GLN D 173 -96.05 -12.42 25.27
CA GLN D 173 -95.02 -12.02 26.21
C GLN D 173 -93.64 -12.07 25.58
N ALA D 174 -93.39 -13.11 24.78
CA ALA D 174 -92.10 -13.24 24.11
C ALA D 174 -91.79 -12.01 23.28
N GLU D 175 -92.74 -11.61 22.43
CA GLU D 175 -92.50 -10.48 21.57
C GLU D 175 -92.50 -9.17 22.32
N ALA D 176 -93.43 -9.00 23.25
CA ALA D 176 -93.53 -7.75 24.00
C ALA D 176 -92.24 -7.39 24.70
N GLY D 177 -91.67 -8.35 25.43
CA GLY D 177 -90.43 -8.08 26.14
C GLY D 177 -89.29 -7.83 25.18
N LEU D 178 -89.26 -8.60 24.10
CA LEU D 178 -88.23 -8.49 23.08
C LEU D 178 -88.18 -7.06 22.50
N LYS D 179 -89.34 -6.53 22.14
CA LYS D 179 -89.38 -5.19 21.59
C LYS D 179 -89.24 -4.12 22.68
N GLN D 180 -89.59 -4.44 23.93
CA GLN D 180 -89.39 -3.49 25.03
C GLN D 180 -87.90 -3.18 25.19
N GLN D 181 -87.08 -4.22 25.02
CA GLN D 181 -85.63 -4.07 25.08
C GLN D 181 -85.02 -3.34 23.87
N ALA D 182 -85.86 -2.90 22.92
CA ALA D 182 -85.45 -2.18 21.72
C ALA D 182 -84.59 -3.04 20.82
N LEU D 183 -84.85 -4.34 20.80
CA LEU D 183 -84.07 -5.24 19.98
C LEU D 183 -84.72 -5.40 18.63
N PRO D 184 -83.93 -5.53 17.56
CA PRO D 184 -84.35 -5.79 16.20
C PRO D 184 -84.66 -7.27 16.08
N TYR D 185 -85.69 -7.61 15.34
CA TYR D 185 -86.02 -9.01 15.18
C TYR D 185 -87.02 -9.22 14.07
N SER D 186 -87.21 -10.47 13.70
CA SER D 186 -88.22 -10.80 12.72
C SER D 186 -88.93 -12.07 13.17
N ARG D 187 -90.23 -11.95 13.37
CA ARG D 187 -91.06 -13.05 13.86
C ARG D 187 -91.38 -14.07 12.76
N ARG D 188 -91.40 -15.34 13.16
CA ARG D 188 -91.70 -16.43 12.25
C ARG D 188 -92.81 -17.32 12.77
N ASN D 189 -94.03 -17.00 12.43
CA ASN D 189 -95.14 -17.84 12.86
C ASN D 189 -95.23 -19.05 11.98
N HIS D 190 -95.43 -20.21 12.58
CA HIS D 190 -95.62 -21.41 11.80
C HIS D 190 -96.51 -22.36 12.56
N LYS D 191 -97.02 -23.37 11.90
CA LYS D 191 -97.88 -24.28 12.59
C LYS D 191 -97.10 -24.98 13.68
N GLY D 192 -97.60 -24.88 14.91
CA GLY D 192 -96.96 -25.52 16.05
C GLY D 192 -95.96 -24.66 16.82
N GLY D 193 -95.68 -23.44 16.36
CA GLY D 193 -94.72 -22.64 17.12
C GLY D 193 -94.37 -21.29 16.51
N VAL D 194 -93.40 -20.61 17.11
CA VAL D 194 -92.96 -19.33 16.60
C VAL D 194 -91.49 -19.10 16.88
N THR D 195 -90.78 -18.58 15.89
CA THR D 195 -89.36 -18.30 16.05
C THR D 195 -89.04 -16.82 15.88
N PHE D 196 -88.20 -16.30 16.76
CA PHE D 196 -87.80 -14.90 16.71
C PHE D 196 -86.36 -14.76 16.26
N VAL D 197 -86.19 -14.33 15.03
CA VAL D 197 -84.88 -14.21 14.42
C VAL D 197 -84.23 -12.86 14.65
N ILE D 198 -83.02 -12.89 15.19
CA ILE D 198 -82.27 -11.67 15.44
C ILE D 198 -80.96 -11.69 14.69
N GLN D 199 -80.87 -10.95 13.60
CA GLN D 199 -79.66 -10.93 12.78
C GLN D 199 -79.03 -9.57 12.66
N GLY D 200 -77.83 -9.55 12.09
CA GLY D 200 -77.08 -8.33 11.87
C GLY D 200 -76.00 -8.16 12.90
N ALA D 201 -75.20 -7.11 12.73
CA ALA D 201 -74.17 -6.81 13.71
C ALA D 201 -74.84 -6.25 14.95
N LEU D 202 -74.35 -6.62 16.11
CA LEU D 202 -74.97 -6.17 17.33
C LEU D 202 -74.02 -5.43 18.27
N ASP D 203 -74.54 -4.41 18.91
CA ASP D 203 -73.82 -3.63 19.90
C ASP D 203 -73.69 -4.45 21.16
N ASP D 204 -72.54 -4.42 21.79
CA ASP D 204 -72.33 -5.19 23.02
C ASP D 204 -73.42 -4.99 24.07
N VAL D 205 -74.01 -3.78 24.10
CA VAL D 205 -75.04 -3.49 25.06
C VAL D 205 -76.30 -4.26 24.74
N GLU D 206 -76.74 -4.20 23.49
CA GLU D 206 -77.94 -4.92 23.10
C GLU D 206 -77.74 -6.42 23.11
N ILE D 207 -76.50 -6.88 22.99
CA ILE D 207 -76.25 -8.30 23.09
C ILE D 207 -76.54 -8.77 24.50
N LEU D 208 -76.03 -8.03 25.48
CA LEU D 208 -76.27 -8.36 26.87
C LEU D 208 -77.76 -8.38 27.17
N ARG D 209 -78.46 -7.33 26.77
CA ARG D 209 -79.89 -7.24 27.00
C ARG D 209 -80.65 -8.38 26.39
N ALA D 210 -80.29 -8.76 25.17
CA ALA D 210 -80.95 -9.83 24.48
C ALA D 210 -80.85 -11.12 25.23
N ARG D 211 -79.65 -11.48 25.66
CA ARG D 211 -79.49 -12.72 26.38
C ARG D 211 -80.25 -12.75 27.67
N GLN D 212 -80.21 -11.65 28.43
CA GLN D 212 -80.91 -11.61 29.70
C GLN D 212 -82.39 -11.91 29.52
N PHE D 213 -82.98 -11.28 28.52
CA PHE D 213 -84.38 -11.50 28.22
C PHE D 213 -84.67 -12.94 27.85
N VAL D 214 -83.90 -13.48 26.93
CA VAL D 214 -84.10 -14.83 26.46
C VAL D 214 -84.00 -15.86 27.56
N ASP D 215 -82.98 -15.74 28.40
CA ASP D 215 -82.82 -16.67 29.50
C ASP D 215 -84.02 -16.67 30.42
N SER D 216 -84.55 -15.49 30.73
CA SER D 216 -85.71 -15.41 31.59
C SER D 216 -86.96 -16.02 30.97
N TYR D 217 -87.17 -15.76 29.69
CA TYR D 217 -88.34 -16.31 29.01
C TYR D 217 -88.27 -17.83 29.03
N TYR D 218 -87.10 -18.35 28.70
CA TYR D 218 -86.88 -19.78 28.71
C TYR D 218 -87.17 -20.37 30.08
N ARG D 219 -86.57 -19.78 31.11
CA ARG D 219 -86.78 -20.24 32.47
C ARG D 219 -88.26 -20.38 32.83
N THR D 220 -89.07 -19.41 32.41
CA THR D 220 -90.49 -19.46 32.72
C THR D 220 -91.28 -20.41 31.82
N TRP D 221 -91.35 -20.09 30.54
CA TRP D 221 -92.16 -20.86 29.62
C TRP D 221 -91.49 -22.09 29.03
N GLY D 222 -90.19 -22.04 28.86
CA GLY D 222 -89.49 -23.16 28.25
C GLY D 222 -89.37 -22.90 26.74
N GLY D 223 -88.58 -23.72 26.06
CA GLY D 223 -88.35 -23.53 24.63
C GLY D 223 -89.11 -24.49 23.70
N ARG D 224 -90.31 -24.93 24.09
CA ARG D 224 -91.05 -25.85 23.24
C ARG D 224 -92.00 -25.17 22.26
N TYR D 225 -92.30 -23.91 22.49
CA TYR D 225 -93.20 -23.19 21.61
C TYR D 225 -92.51 -22.00 20.99
N VAL D 226 -91.86 -21.20 21.84
CA VAL D 226 -91.11 -20.05 21.39
C VAL D 226 -89.63 -20.36 21.27
N GLN D 227 -89.09 -20.16 20.09
CA GLN D 227 -87.69 -20.39 19.84
C GLN D 227 -87.00 -19.09 19.46
N PHE D 228 -85.92 -18.76 20.15
CA PHE D 228 -85.20 -17.55 19.80
C PHE D 228 -83.98 -17.91 18.97
N ALA D 229 -83.57 -17.00 18.09
CA ALA D 229 -82.44 -17.28 17.21
C ALA D 229 -81.51 -16.10 17.04
N ILE D 230 -80.58 -15.95 17.98
CA ILE D 230 -79.62 -14.86 17.91
C ILE D 230 -78.48 -15.22 16.98
N GLU D 231 -78.29 -14.42 15.94
CA GLU D 231 -77.24 -14.66 14.96
C GLU D 231 -76.39 -13.42 14.71
N LEU D 232 -75.23 -13.38 15.33
CA LEU D 232 -74.30 -12.27 15.19
C LEU D 232 -73.61 -12.33 13.84
N LYS D 233 -73.96 -11.41 12.93
CA LYS D 233 -73.42 -11.43 11.58
C LYS D 233 -72.95 -10.07 11.07
N ASP D 234 -72.07 -10.08 10.08
CA ASP D 234 -71.58 -8.85 9.47
C ASP D 234 -72.57 -8.27 8.48
N ASP D 235 -72.58 -6.95 8.41
CA ASP D 235 -73.46 -6.23 7.50
C ASP D 235 -72.65 -5.51 6.42
N ASP E 3 -56.12 -21.49 62.67
CA ASP E 3 -54.66 -21.42 62.58
C ASP E 3 -54.17 -22.01 61.27
N LYS E 4 -54.53 -21.37 60.17
CA LYS E 4 -54.11 -21.86 58.86
C LYS E 4 -53.22 -20.87 58.14
N ASP E 5 -52.27 -21.39 57.39
CA ASP E 5 -51.39 -20.53 56.60
C ASP E 5 -52.07 -20.19 55.29
N LEU E 6 -52.16 -18.91 54.98
CA LEU E 6 -52.82 -18.49 53.76
C LEU E 6 -51.78 -18.02 52.75
N LEU E 7 -51.03 -16.98 53.09
CA LEU E 7 -50.00 -16.44 52.20
C LEU E 7 -48.63 -16.32 52.89
N LYS E 8 -47.57 -16.46 52.10
CA LYS E 8 -46.21 -16.33 52.64
C LYS E 8 -45.29 -15.57 51.70
N GLY E 9 -44.29 -14.89 52.27
CA GLY E 9 -43.31 -14.18 51.47
C GLY E 9 -43.83 -12.89 50.87
N LEU E 10 -44.81 -12.29 51.51
CA LEU E 10 -45.39 -11.07 50.98
C LEU E 10 -44.55 -9.87 51.31
N ASP E 11 -44.61 -8.87 50.45
CA ASP E 11 -43.90 -7.66 50.80
C ASP E 11 -44.85 -6.84 51.64
N GLN E 12 -44.40 -5.69 52.11
CA GLN E 12 -45.21 -4.88 52.99
C GLN E 12 -46.54 -4.42 52.38
N GLU E 13 -46.48 -3.89 51.16
CA GLU E 13 -47.66 -3.40 50.47
C GLU E 13 -48.71 -4.47 50.28
N GLN E 14 -48.28 -5.59 49.73
CA GLN E 14 -49.15 -6.72 49.46
C GLN E 14 -49.82 -7.20 50.71
N ALA E 15 -49.04 -7.36 51.77
CA ALA E 15 -49.59 -7.85 53.03
C ALA E 15 -50.71 -6.98 53.52
N ASN E 16 -50.50 -5.67 53.53
CA ASN E 16 -51.54 -4.77 54.01
C ASN E 16 -52.76 -4.74 53.10
N GLU E 17 -52.57 -4.89 51.80
CA GLU E 17 -53.69 -4.88 50.89
C GLU E 17 -54.58 -6.09 51.04
N VAL E 18 -53.97 -7.27 51.16
CA VAL E 18 -54.74 -8.48 51.32
C VAL E 18 -55.54 -8.45 52.60
N ILE E 19 -54.91 -8.00 53.68
CA ILE E 19 -55.58 -7.89 54.94
C ILE E 19 -56.79 -7.00 54.86
N ALA E 20 -56.64 -5.85 54.21
CA ALA E 20 -57.75 -4.92 54.06
C ALA E 20 -58.97 -5.61 53.48
N VAL E 21 -58.76 -6.41 52.43
CA VAL E 21 -59.86 -7.14 51.79
C VAL E 21 -60.51 -8.13 52.72
N LEU E 22 -59.71 -8.90 53.44
CA LEU E 22 -60.24 -9.90 54.33
C LEU E 22 -61.08 -9.29 55.42
N GLN E 23 -60.63 -8.16 55.97
CA GLN E 23 -61.37 -7.49 57.01
C GLN E 23 -62.68 -6.97 56.48
N MET E 24 -62.65 -6.43 55.27
CA MET E 24 -63.86 -5.93 54.62
C MET E 24 -64.92 -7.01 54.52
N HIS E 25 -64.49 -8.25 54.30
CA HIS E 25 -65.42 -9.36 54.23
C HIS E 25 -65.60 -10.12 55.53
N ASN E 26 -65.32 -9.46 56.66
CA ASN E 26 -65.52 -10.03 57.98
C ASN E 26 -64.60 -11.20 58.32
N ILE E 27 -63.32 -11.06 57.98
CA ILE E 27 -62.33 -12.08 58.32
C ILE E 27 -61.12 -11.48 59.03
N GLU E 28 -60.87 -11.95 60.25
CA GLU E 28 -59.68 -11.49 60.99
C GLU E 28 -58.44 -12.10 60.37
N ALA E 29 -57.33 -11.37 60.40
CA ALA E 29 -56.10 -11.89 59.81
C ALA E 29 -54.88 -11.44 60.57
N ASN E 30 -53.89 -12.32 60.64
CA ASN E 30 -52.65 -12.01 61.35
C ASN E 30 -51.55 -11.70 60.38
N LYS E 31 -50.79 -10.65 60.64
CA LYS E 31 -49.62 -10.34 59.82
C LYS E 31 -48.38 -10.72 60.59
N ILE E 32 -47.64 -11.68 60.06
CA ILE E 32 -46.46 -12.17 60.74
C ILE E 32 -45.19 -11.74 60.05
N ASP E 33 -44.35 -11.04 60.80
CA ASP E 33 -43.06 -10.57 60.30
C ASP E 33 -41.99 -11.62 60.48
N SER E 34 -41.54 -12.21 59.37
CA SER E 34 -40.50 -13.24 59.41
C SER E 34 -39.16 -12.70 58.93
N GLY E 35 -38.95 -11.39 59.09
CA GLY E 35 -37.70 -10.75 58.74
C GLY E 35 -37.46 -10.78 57.25
N LYS E 36 -36.28 -11.26 56.87
CA LYS E 36 -35.86 -11.34 55.47
C LYS E 36 -36.76 -12.22 54.62
N LEU E 37 -37.57 -13.06 55.26
CA LEU E 37 -38.43 -13.95 54.51
C LEU E 37 -39.77 -13.30 54.16
N GLY E 38 -40.00 -12.07 54.61
CA GLY E 38 -41.22 -11.35 54.25
C GLY E 38 -42.35 -11.55 55.26
N TYR E 39 -43.56 -11.24 54.84
CA TYR E 39 -44.71 -11.36 55.69
C TYR E 39 -45.56 -12.57 55.38
N SER E 40 -46.21 -13.08 56.41
CA SER E 40 -47.11 -14.20 56.24
C SER E 40 -48.47 -13.86 56.80
N ILE E 41 -49.50 -14.34 56.14
CA ILE E 41 -50.86 -14.09 56.60
C ILE E 41 -51.53 -15.36 57.01
N THR E 42 -52.04 -15.38 58.24
CA THR E 42 -52.74 -16.55 58.75
C THR E 42 -54.13 -16.20 59.21
N VAL E 43 -55.02 -17.18 59.15
CA VAL E 43 -56.41 -16.96 59.54
C VAL E 43 -56.96 -18.08 60.40
N ALA E 44 -58.06 -17.80 61.08
CA ALA E 44 -58.73 -18.80 61.89
C ALA E 44 -59.30 -19.87 60.98
N GLU E 45 -59.20 -21.12 61.41
CA GLU E 45 -59.69 -22.24 60.64
C GLU E 45 -61.16 -22.12 60.19
N PRO E 46 -62.09 -21.60 61.02
CA PRO E 46 -63.49 -21.34 60.67
C PRO E 46 -63.65 -20.42 59.47
N ASP E 47 -62.72 -19.50 59.27
CA ASP E 47 -62.80 -18.55 58.17
C ASP E 47 -62.01 -18.99 56.97
N PHE E 48 -61.00 -19.83 57.18
CA PHE E 48 -60.10 -20.30 56.14
C PHE E 48 -60.74 -20.60 54.78
N THR E 49 -61.89 -21.28 54.76
CA THR E 49 -62.53 -21.59 53.48
C THR E 49 -62.91 -20.33 52.75
N ALA E 50 -63.55 -19.41 53.46
CA ALA E 50 -63.98 -18.15 52.89
C ALA E 50 -62.79 -17.33 52.48
N ALA E 51 -61.74 -17.34 53.31
CA ALA E 51 -60.54 -16.58 53.03
C ALA E 51 -59.97 -16.99 51.68
N VAL E 52 -59.87 -18.29 51.44
CA VAL E 52 -59.35 -18.79 50.18
C VAL E 52 -60.20 -18.32 49.03
N TYR E 53 -61.51 -18.41 49.18
CA TYR E 53 -62.41 -17.95 48.15
C TYR E 53 -62.13 -16.52 47.73
N TRP E 54 -61.95 -15.64 48.72
CA TRP E 54 -61.71 -14.23 48.43
C TRP E 54 -60.32 -13.97 47.84
N ILE E 55 -59.31 -14.76 48.23
CA ILE E 55 -57.98 -14.61 47.62
C ILE E 55 -58.08 -14.86 46.12
N LYS E 56 -58.86 -15.86 45.76
CA LYS E 56 -59.11 -16.14 44.37
C LYS E 56 -59.86 -15.00 43.70
N THR E 57 -61.00 -14.64 44.27
CA THR E 57 -61.87 -13.61 43.74
C THR E 57 -61.17 -12.30 43.41
N TYR E 58 -60.32 -11.84 44.31
CA TYR E 58 -59.64 -10.57 44.12
C TYR E 58 -58.23 -10.66 43.57
N GLN E 59 -57.86 -11.78 42.95
CA GLN E 59 -56.52 -11.90 42.36
C GLN E 59 -55.41 -11.54 43.35
N LEU E 60 -55.45 -12.09 44.55
CA LEU E 60 -54.46 -11.73 45.55
C LEU E 60 -53.35 -12.77 45.66
N PRO E 61 -52.16 -12.34 46.09
CA PRO E 61 -51.69 -11.01 46.42
C PRO E 61 -51.49 -10.18 45.15
N PRO E 62 -51.59 -8.85 45.25
CA PRO E 62 -51.46 -7.85 44.19
C PRO E 62 -50.15 -7.90 43.44
N ARG E 63 -50.20 -7.58 42.16
CA ARG E 63 -49.00 -7.49 41.35
C ARG E 63 -48.43 -6.09 41.51
N PRO E 64 -47.17 -5.85 41.16
CA PRO E 64 -46.50 -4.58 41.18
C PRO E 64 -47.05 -3.71 40.05
N ARG E 65 -47.05 -2.40 40.26
CA ARG E 65 -47.62 -1.48 39.29
C ARG E 65 -46.76 -1.35 38.04
N VAL E 66 -47.43 -1.42 36.89
CA VAL E 66 -46.76 -1.34 35.60
C VAL E 66 -46.74 0.05 35.02
N GLU E 67 -45.54 0.51 34.69
CA GLU E 67 -45.31 1.81 34.10
C GLU E 67 -44.45 1.62 32.86
N ILE E 68 -44.69 2.39 31.83
CA ILE E 68 -44.03 2.19 30.54
C ILE E 68 -42.51 2.27 30.58
N ALA E 69 -41.97 3.23 31.32
CA ALA E 69 -40.53 3.40 31.40
C ALA E 69 -39.80 2.19 31.95
N GLN E 70 -40.50 1.28 32.61
CA GLN E 70 -39.86 0.12 33.18
C GLN E 70 -39.33 -0.81 32.10
N MET E 71 -39.81 -0.67 30.87
CA MET E 71 -39.35 -1.51 29.78
C MET E 71 -38.40 -0.83 28.83
N PHE E 72 -37.94 0.37 29.15
CA PHE E 72 -36.99 1.05 28.29
C PHE E 72 -36.01 1.79 29.17
N PRO E 73 -35.18 1.06 29.93
CA PRO E 73 -34.24 1.54 30.94
C PRO E 73 -33.05 2.30 30.37
N ALA E 74 -32.56 3.24 31.17
CA ALA E 74 -31.42 4.09 30.82
C ALA E 74 -30.12 3.33 30.87
N ASP E 75 -30.14 2.14 31.43
CA ASP E 75 -28.97 1.30 31.52
C ASP E 75 -28.52 0.78 30.16
N SER E 76 -29.38 0.88 29.15
CA SER E 76 -28.98 0.42 27.83
C SER E 76 -27.83 1.24 27.29
N LEU E 77 -26.91 0.56 26.62
CA LEU E 77 -25.72 1.17 26.06
C LEU E 77 -26.07 2.11 24.90
N VAL E 78 -27.18 1.83 24.24
CA VAL E 78 -27.64 2.61 23.11
C VAL E 78 -29.10 2.97 23.31
N SER E 79 -29.59 3.90 22.52
CA SER E 79 -30.98 4.31 22.61
C SER E 79 -31.52 4.60 21.24
N SER E 80 -32.81 4.80 21.16
CA SER E 80 -33.46 5.11 19.91
C SER E 80 -34.53 6.12 20.19
N PRO E 81 -34.91 6.93 19.20
CA PRO E 81 -35.96 7.93 19.25
C PRO E 81 -37.23 7.33 19.80
N ARG E 82 -37.52 6.11 19.38
CA ARG E 82 -38.69 5.40 19.82
C ARG E 82 -38.67 5.22 21.31
N ALA E 83 -37.55 4.68 21.82
CA ALA E 83 -37.42 4.44 23.23
C ALA E 83 -37.45 5.72 24.04
N GLU E 84 -36.73 6.73 23.57
CA GLU E 84 -36.63 7.97 24.31
C GLU E 84 -37.96 8.69 24.42
N LYS E 85 -38.73 8.71 23.33
CA LYS E 85 -40.02 9.37 23.37
C LYS E 85 -40.94 8.63 24.33
N ALA E 86 -40.89 7.29 24.33
CA ALA E 86 -41.70 6.50 25.24
C ALA E 86 -41.35 6.81 26.69
N ARG E 87 -40.06 6.90 26.99
CA ARG E 87 -39.60 7.20 28.34
C ARG E 87 -40.17 8.51 28.83
N LEU E 88 -40.13 9.52 27.97
CA LEU E 88 -40.66 10.81 28.35
C LEU E 88 -42.13 10.77 28.68
N TYR E 89 -42.92 10.15 27.82
CA TYR E 89 -44.36 10.08 28.08
C TYR E 89 -44.68 9.36 29.36
N SER E 90 -43.91 8.33 29.68
CA SER E 90 -44.14 7.60 30.90
C SER E 90 -44.01 8.52 32.10
N ALA E 91 -42.94 9.32 32.10
CA ALA E 91 -42.71 10.27 33.17
C ALA E 91 -43.82 11.28 33.26
N ILE E 92 -44.29 11.76 32.11
CA ILE E 92 -45.35 12.75 32.10
C ILE E 92 -46.63 12.21 32.72
N GLU E 93 -47.02 10.97 32.40
CA GLU E 93 -48.22 10.43 33.01
C GLU E 93 -48.09 10.40 34.51
N GLN E 94 -46.92 9.96 35.00
CA GLN E 94 -46.69 9.90 36.43
C GLN E 94 -46.81 11.25 37.08
N ARG E 95 -46.26 12.25 36.43
CA ARG E 95 -46.24 13.60 36.96
C ARG E 95 -47.65 14.17 37.00
N LEU E 96 -48.47 13.87 35.99
CA LEU E 96 -49.85 14.32 36.00
C LEU E 96 -50.65 13.65 37.12
N GLU E 97 -50.37 12.38 37.40
CA GLU E 97 -51.05 11.70 38.49
C GLU E 97 -50.71 12.34 39.81
N GLN E 98 -49.43 12.69 39.97
CA GLN E 98 -48.99 13.35 41.18
C GLN E 98 -49.72 14.66 41.40
N SER E 99 -50.00 15.37 40.30
CA SER E 99 -50.71 16.63 40.42
C SER E 99 -52.19 16.48 40.75
N LEU E 100 -52.90 15.57 40.08
CA LEU E 100 -54.33 15.45 40.33
C LEU E 100 -54.63 15.01 41.74
N GLN E 101 -53.76 14.21 42.33
CA GLN E 101 -53.99 13.74 43.67
C GLN E 101 -53.83 14.82 44.75
N THR E 102 -53.42 16.03 44.36
CA THR E 102 -53.32 17.11 45.32
C THR E 102 -54.53 18.03 45.26
N MET E 103 -55.45 17.78 44.31
CA MET E 103 -56.63 18.62 44.24
C MET E 103 -57.58 18.32 45.39
N GLU E 104 -58.28 19.35 45.82
CA GLU E 104 -59.20 19.25 46.93
C GLU E 104 -60.27 18.20 46.69
N GLY E 105 -60.37 17.27 47.63
CA GLY E 105 -61.38 16.23 47.59
C GLY E 105 -60.93 14.98 46.85
N VAL E 106 -59.78 15.01 46.20
CA VAL E 106 -59.33 13.83 45.47
C VAL E 106 -58.53 12.91 46.35
N LEU E 107 -58.95 11.66 46.39
CA LEU E 107 -58.30 10.64 47.19
C LEU E 107 -57.34 9.85 46.33
N SER E 108 -57.73 9.60 45.10
CA SER E 108 -56.88 8.84 44.18
C SER E 108 -57.16 9.18 42.73
N ALA E 109 -56.13 9.13 41.90
CA ALA E 109 -56.35 9.41 40.49
C ALA E 109 -55.32 8.76 39.60
N ARG E 110 -55.76 8.33 38.41
CA ARG E 110 -54.87 7.69 37.43
C ARG E 110 -54.98 8.40 36.08
N VAL E 111 -53.87 8.49 35.36
CA VAL E 111 -53.84 9.21 34.09
C VAL E 111 -53.18 8.46 32.96
N HIS E 112 -53.82 8.48 31.79
CA HIS E 112 -53.26 7.86 30.60
C HIS E 112 -53.11 8.86 29.47
N ILE E 113 -52.06 8.70 28.69
CA ILE E 113 -51.85 9.55 27.53
C ILE E 113 -51.57 8.68 26.35
N SER E 114 -52.10 9.05 25.19
CA SER E 114 -51.85 8.25 24.01
C SER E 114 -50.39 8.34 23.60
N TYR E 115 -49.92 7.34 22.85
CA TYR E 115 -48.53 7.30 22.42
C TYR E 115 -48.41 7.41 20.93
N ASP E 116 -47.22 7.77 20.49
CA ASP E 116 -46.89 7.94 19.08
C ASP E 116 -45.58 7.26 18.84
N ILE E 117 -45.64 6.12 18.21
CA ILE E 117 -44.46 5.31 18.01
C ILE E 117 -43.88 5.37 16.61
N ASP E 118 -44.66 5.78 15.62
CA ASP E 118 -44.09 5.82 14.28
C ASP E 118 -44.70 6.83 13.31
N ALA E 119 -45.17 7.99 13.78
CA ALA E 119 -45.66 9.00 12.84
C ALA E 119 -44.52 9.48 11.94
N GLY E 120 -43.58 10.23 12.52
CA GLY E 120 -42.42 10.76 11.80
C GLY E 120 -41.65 9.66 11.08
N GLU E 121 -41.56 8.49 11.70
CA GLU E 121 -40.94 7.32 11.12
C GLU E 121 -41.45 6.99 9.73
N ASN E 122 -42.75 7.19 9.52
CA ASN E 122 -43.38 6.89 8.25
C ASN E 122 -43.54 8.13 7.36
N GLY E 123 -42.90 9.24 7.73
CA GLY E 123 -43.01 10.47 6.95
C GLY E 123 -44.32 11.19 7.23
N ARG E 124 -45.00 10.81 8.31
CA ARG E 124 -46.28 11.40 8.65
C ARG E 124 -46.17 12.42 9.77
N PRO E 125 -47.09 13.37 9.83
CA PRO E 125 -47.27 14.34 10.86
C PRO E 125 -47.84 13.60 12.07
N PRO E 126 -47.63 14.12 13.27
CA PRO E 126 -48.05 13.57 14.54
C PRO E 126 -49.56 13.66 14.70
N LYS E 127 -50.11 12.77 15.50
CA LYS E 127 -51.54 12.75 15.74
C LYS E 127 -51.88 13.54 16.99
N PRO E 128 -53.13 13.98 17.12
CA PRO E 128 -53.70 14.67 18.26
C PRO E 128 -53.53 13.82 19.49
N VAL E 129 -53.37 14.46 20.62
CA VAL E 129 -53.13 13.72 21.85
C VAL E 129 -54.42 13.39 22.57
N HIS E 130 -54.55 12.14 22.99
CA HIS E 130 -55.73 11.73 23.73
C HIS E 130 -55.39 11.53 25.18
N LEU E 131 -56.31 11.93 26.06
CA LEU E 131 -56.10 11.77 27.48
C LEU E 131 -57.27 11.11 28.14
N SER E 132 -57.01 10.34 29.17
CA SER E 132 -58.10 9.77 29.93
C SER E 132 -57.70 9.70 31.38
N ALA E 133 -58.67 9.75 32.28
CA ALA E 133 -58.32 9.72 33.68
C ALA E 133 -59.41 9.17 34.55
N LEU E 134 -58.98 8.60 35.67
CA LEU E 134 -59.88 8.04 36.66
C LEU E 134 -59.72 8.79 37.96
N ALA E 135 -60.81 8.97 38.70
CA ALA E 135 -60.64 9.65 39.98
C ALA E 135 -61.62 9.20 41.04
N VAL E 136 -61.14 9.20 42.28
CA VAL E 136 -61.92 8.86 43.46
C VAL E 136 -61.99 10.04 44.39
N TYR E 137 -63.20 10.44 44.74
CA TYR E 137 -63.42 11.57 45.62
C TYR E 137 -63.94 11.23 46.99
N GLU E 138 -63.76 12.18 47.90
CA GLU E 138 -64.29 12.08 49.24
C GLU E 138 -65.81 12.00 49.16
N ARG E 139 -66.38 11.02 49.83
CA ARG E 139 -67.80 10.79 49.79
C ARG E 139 -68.61 12.02 50.17
N GLY E 140 -69.59 12.32 49.33
CA GLY E 140 -70.48 13.48 49.53
C GLY E 140 -70.10 14.68 48.65
N SER E 141 -68.96 14.59 48.00
CA SER E 141 -68.45 15.63 47.11
C SER E 141 -69.30 15.74 45.81
N PRO E 142 -69.49 16.95 45.25
CA PRO E 142 -70.27 17.29 44.04
C PRO E 142 -69.54 16.97 42.73
N LEU E 143 -69.34 15.67 42.50
CA LEU E 143 -68.65 15.11 41.34
C LEU E 143 -69.03 15.69 39.97
N ALA E 144 -70.31 15.98 39.80
CA ALA E 144 -70.84 16.49 38.54
C ALA E 144 -70.27 17.84 38.13
N HIS E 145 -69.64 18.55 39.06
CA HIS E 145 -69.08 19.85 38.76
C HIS E 145 -67.58 19.79 38.79
N GLN E 146 -67.06 18.98 39.70
CA GLN E 146 -65.62 18.81 39.89
C GLN E 146 -64.93 18.29 38.66
N ILE E 147 -65.62 17.43 37.92
CA ILE E 147 -65.12 16.90 36.67
C ILE E 147 -64.66 17.98 35.66
N SER E 148 -65.20 19.19 35.76
CA SER E 148 -64.82 20.24 34.84
C SER E 148 -63.45 20.84 35.16
N ASP E 149 -63.02 20.75 36.41
CA ASP E 149 -61.71 21.25 36.77
C ASP E 149 -60.65 20.35 36.22
N ILE E 150 -60.90 19.05 36.33
CA ILE E 150 -59.95 18.09 35.83
C ILE E 150 -59.76 18.26 34.37
N LYS E 151 -60.86 18.37 33.65
CA LYS E 151 -60.83 18.48 32.23
C LYS E 151 -60.16 19.77 31.75
N ARG E 152 -60.42 20.89 32.44
CA ARG E 152 -59.80 22.15 32.06
C ARG E 152 -58.30 22.14 32.31
N PHE E 153 -57.93 21.60 33.47
CA PHE E 153 -56.54 21.49 33.84
C PHE E 153 -55.76 20.70 32.83
N LEU E 154 -56.27 19.53 32.47
CA LEU E 154 -55.60 18.69 31.52
C LEU E 154 -55.54 19.32 30.14
N LYS E 155 -56.58 20.04 29.74
CA LYS E 155 -56.61 20.64 28.42
C LYS E 155 -55.39 21.51 28.13
N ASN E 156 -55.01 22.37 29.05
CA ASN E 156 -53.83 23.18 28.79
C ASN E 156 -52.55 22.60 29.38
N SER E 157 -52.56 21.31 29.74
CA SER E 157 -51.38 20.65 30.26
C SER E 157 -50.64 19.91 29.17
N PHE E 158 -51.03 20.10 27.92
CA PHE E 158 -50.32 19.39 26.88
C PHE E 158 -50.51 20.03 25.51
N ALA E 159 -49.43 20.04 24.75
CA ALA E 159 -49.28 20.67 23.42
C ALA E 159 -50.53 20.76 22.57
N ASP E 160 -51.28 19.68 22.41
CA ASP E 160 -52.44 19.77 21.55
C ASP E 160 -53.53 18.74 21.84
N VAL E 161 -54.42 19.12 22.73
CA VAL E 161 -55.58 18.31 23.08
C VAL E 161 -56.81 19.17 22.95
N ASP E 162 -57.97 18.58 23.19
CA ASP E 162 -59.20 19.34 23.13
C ASP E 162 -60.26 18.70 24.01
N TYR E 163 -61.40 19.36 24.18
CA TYR E 163 -62.42 18.86 25.09
C TYR E 163 -63.18 17.62 24.58
N ASP E 164 -62.92 17.18 23.37
CA ASP E 164 -63.56 15.99 22.87
C ASP E 164 -62.64 14.78 22.96
N ASN E 165 -61.36 15.03 23.21
CA ASN E 165 -60.40 13.95 23.29
C ASN E 165 -59.85 13.75 24.68
N ILE E 166 -60.57 14.25 25.67
CA ILE E 166 -60.23 14.07 27.07
C ILE E 166 -61.39 13.42 27.80
N SER E 167 -61.17 12.23 28.34
CA SER E 167 -62.26 11.56 29.03
C SER E 167 -61.99 11.34 30.50
N VAL E 168 -62.98 11.67 31.33
CA VAL E 168 -62.83 11.50 32.76
C VAL E 168 -63.95 10.66 33.34
N VAL E 169 -63.58 9.58 34.00
CA VAL E 169 -64.52 8.69 34.65
C VAL E 169 -64.20 8.70 36.13
N LEU E 170 -65.20 8.97 36.94
CA LEU E 170 -64.94 9.09 38.36
C LEU E 170 -66.07 8.70 39.26
N SER E 171 -65.75 8.59 40.55
CA SER E 171 -66.72 8.24 41.58
C SER E 171 -66.22 8.65 42.95
N GLU E 172 -66.74 8.02 43.99
CA GLU E 172 -66.35 8.36 45.35
C GLU E 172 -66.21 7.11 46.21
N ARG E 173 -65.51 7.26 47.32
CA ARG E 173 -65.25 6.13 48.20
C ARG E 173 -66.50 5.53 48.82
N SER E 174 -66.37 4.28 49.26
CA SER E 174 -67.42 3.53 49.93
C SER E 174 -67.45 3.79 51.44
N ASP E 175 -68.41 3.17 52.13
CA ASP E 175 -68.55 3.28 53.58
C ASP E 175 -67.34 2.69 54.26
N ALA E 176 -66.57 3.53 54.96
CA ALA E 176 -65.32 3.12 55.59
C ALA E 176 -65.48 1.98 56.58
N GLN E 177 -64.60 1.00 56.47
CA GLN E 177 -64.64 -0.14 57.37
C GLN E 177 -63.92 0.22 58.65
N LEU E 178 -64.67 0.77 59.58
CA LEU E 178 -64.10 1.22 60.85
C LEU E 178 -64.32 0.24 62.00
N GLN E 179 -64.82 -0.96 61.71
CA GLN E 179 -65.10 -1.93 62.76
C GLN E 179 -64.39 -3.24 62.55
N ALA E 180 -63.91 -3.84 63.64
CA ALA E 180 -63.22 -5.12 63.54
C ALA E 180 -64.21 -6.24 63.23
N PRO E 181 -63.83 -7.21 62.39
CA PRO E 181 -64.57 -8.41 62.00
C PRO E 181 -65.08 -9.26 63.17
N GLY E 182 -64.23 -9.47 64.16
CA GLY E 182 -64.59 -10.25 65.33
C GLY E 182 -64.08 -11.67 65.20
N THR E 183 -63.96 -12.35 66.33
CA THR E 183 -63.48 -13.72 66.36
C THR E 183 -64.63 -14.71 66.15
N PRO E 184 -64.33 -15.97 65.85
CA PRO E 184 -65.25 -17.07 65.69
C PRO E 184 -65.81 -17.49 67.03
N VAL E 185 -66.99 -18.07 67.02
CA VAL E 185 -67.63 -18.51 68.25
C VAL E 185 -67.21 -19.89 68.66
N LYS E 186 -66.47 -19.98 69.75
CA LYS E 186 -66.01 -21.24 70.31
C LYS E 186 -65.25 -21.00 71.60
N ALA F 42 -75.41 -17.00 73.01
CA ALA F 42 -74.86 -16.31 71.84
C ALA F 42 -75.95 -15.49 71.16
N GLU F 43 -76.43 -14.46 71.84
CA GLU F 43 -77.46 -13.61 71.26
C GLU F 43 -76.99 -13.03 69.95
N LEU F 44 -77.80 -13.21 68.91
CA LEU F 44 -77.47 -12.76 67.56
C LEU F 44 -77.07 -11.31 67.49
N ASP F 45 -77.70 -10.45 68.27
CA ASP F 45 -77.36 -9.03 68.28
C ASP F 45 -75.91 -8.81 68.67
N SER F 46 -75.36 -9.65 69.54
CA SER F 46 -73.97 -9.50 69.95
C SER F 46 -73.05 -10.19 68.96
N LEU F 47 -73.59 -11.15 68.21
CA LEU F 47 -72.79 -11.83 67.20
C LEU F 47 -72.52 -10.92 66.00
N LEU F 48 -73.49 -10.09 65.66
CA LEU F 48 -73.35 -9.12 64.58
C LEU F 48 -72.47 -7.95 65.03
N GLY F 49 -71.90 -7.24 64.04
CA GLY F 49 -70.97 -6.11 64.23
C GLY F 49 -71.26 -5.12 65.38
N GLN F 50 -70.24 -4.31 65.70
CA GLN F 50 -70.30 -3.31 66.77
C GLN F 50 -71.43 -2.32 66.58
N GLU F 51 -71.59 -1.84 65.35
CA GLU F 51 -72.68 -0.95 65.07
C GLU F 51 -73.91 -1.75 64.77
N LYS F 52 -74.55 -2.21 65.83
CA LYS F 52 -75.73 -3.05 65.74
C LYS F 52 -76.89 -2.43 64.99
N GLU F 53 -76.87 -1.11 64.81
CA GLU F 53 -77.93 -0.40 64.14
C GLU F 53 -77.88 -0.56 62.61
N ARG F 54 -76.90 -1.32 62.11
CA ARG F 54 -76.82 -1.60 60.69
C ARG F 54 -77.74 -2.75 60.31
N PHE F 55 -78.23 -3.49 61.31
CA PHE F 55 -79.07 -4.65 61.01
C PHE F 55 -80.37 -4.62 61.76
N GLN F 56 -81.41 -5.15 61.15
CA GLN F 56 -82.68 -5.27 61.84
C GLN F 56 -83.03 -6.73 62.00
N VAL F 57 -82.89 -7.25 63.21
CA VAL F 57 -83.22 -8.63 63.45
C VAL F 57 -84.71 -8.79 63.59
N LEU F 58 -85.26 -9.77 62.86
CA LEU F 58 -86.69 -10.00 62.81
C LEU F 58 -87.03 -11.42 63.28
N PRO F 59 -88.15 -11.59 63.96
CA PRO F 59 -88.54 -12.91 64.48
C PRO F 59 -89.66 -13.51 63.66
N GLY F 60 -89.31 -14.35 62.68
CA GLY F 60 -90.31 -14.94 61.81
C GLY F 60 -91.19 -15.96 62.51
N ARG F 61 -92.43 -16.08 62.04
CA ARG F 61 -93.40 -17.00 62.62
C ARG F 61 -93.05 -18.47 62.34
N ASP F 62 -92.13 -18.67 61.40
CA ASP F 62 -91.63 -19.99 61.05
C ASP F 62 -90.46 -20.45 61.94
N LYS F 63 -90.22 -19.73 63.05
CA LYS F 63 -89.15 -20.03 64.00
C LYS F 63 -87.75 -19.74 63.44
N MET F 64 -87.70 -18.95 62.37
CA MET F 64 -86.43 -18.55 61.80
C MET F 64 -86.15 -17.11 62.16
N LEU F 65 -84.97 -16.87 62.66
CA LEU F 65 -84.60 -15.53 63.06
C LEU F 65 -83.95 -14.86 61.84
N TYR F 66 -84.55 -13.78 61.37
CA TYR F 66 -84.08 -13.15 60.16
C TYR F 66 -83.20 -11.93 60.40
N VAL F 67 -82.26 -11.70 59.50
CA VAL F 67 -81.40 -10.53 59.61
C VAL F 67 -81.58 -9.62 58.43
N ALA F 68 -82.28 -8.51 58.61
CA ALA F 68 -82.47 -7.62 57.49
C ALA F 68 -81.28 -6.70 57.31
N ALA F 69 -80.70 -6.75 56.12
CA ALA F 69 -79.57 -5.91 55.76
C ALA F 69 -79.95 -4.95 54.65
N GLN F 70 -79.38 -3.76 54.70
CA GLN F 70 -79.69 -2.72 53.72
C GLN F 70 -78.70 -2.65 52.57
N ASN F 71 -77.66 -3.46 52.62
CA ASN F 71 -76.63 -3.42 51.59
C ASN F 71 -75.94 -4.75 51.45
N GLU F 72 -75.59 -5.12 50.23
CA GLU F 72 -74.92 -6.40 49.97
C GLU F 72 -73.63 -6.61 50.76
N ARG F 73 -72.99 -5.54 51.22
CA ARG F 73 -71.80 -5.69 52.04
C ARG F 73 -72.17 -6.15 53.43
N ASP F 74 -73.36 -5.76 53.86
CA ASP F 74 -73.84 -6.10 55.18
C ASP F 74 -74.48 -7.46 55.08
N THR F 75 -75.04 -7.76 53.92
CA THR F 75 -75.61 -9.07 53.65
C THR F 75 -74.53 -10.10 53.82
N LEU F 76 -73.40 -9.88 53.16
CA LEU F 76 -72.28 -10.80 53.27
C LEU F 76 -71.73 -10.84 54.67
N TRP F 77 -71.64 -9.69 55.33
CA TRP F 77 -71.16 -9.65 56.71
C TRP F 77 -71.92 -10.63 57.58
N ALA F 78 -73.25 -10.50 57.57
CA ALA F 78 -74.13 -11.35 58.35
C ALA F 78 -74.02 -12.83 57.95
N ARG F 79 -73.89 -13.10 56.66
CA ARG F 79 -73.76 -14.47 56.21
C ARG F 79 -72.48 -15.09 56.74
N GLN F 80 -71.41 -14.31 56.78
CA GLN F 80 -70.16 -14.79 57.31
C GLN F 80 -70.30 -15.07 58.78
N VAL F 81 -71.05 -14.23 59.49
CA VAL F 81 -71.29 -14.49 60.91
C VAL F 81 -71.97 -15.82 61.13
N LEU F 82 -72.99 -16.10 60.35
CA LEU F 82 -73.71 -17.36 60.49
C LEU F 82 -72.83 -18.57 60.16
N ALA F 83 -71.95 -18.45 59.18
CA ALA F 83 -71.06 -19.54 58.81
C ALA F 83 -69.84 -19.67 59.74
N ARG F 84 -69.33 -18.54 60.23
CA ARG F 84 -68.15 -18.49 61.09
C ARG F 84 -68.46 -18.85 62.52
N GLY F 85 -69.43 -18.14 63.09
CA GLY F 85 -69.82 -18.35 64.46
C GLY F 85 -70.93 -19.36 64.54
N ASP F 86 -71.77 -19.22 65.53
CA ASP F 86 -72.85 -20.16 65.66
C ASP F 86 -74.01 -19.57 66.41
N TYR F 87 -75.15 -20.16 66.18
CA TYR F 87 -76.38 -19.79 66.81
C TYR F 87 -77.35 -20.94 66.65
N ASP F 88 -77.69 -21.60 67.74
CA ASP F 88 -78.57 -22.76 67.69
C ASP F 88 -80.02 -22.42 67.43
N LYS F 89 -80.31 -22.08 66.18
CA LYS F 89 -81.64 -21.72 65.74
C LYS F 89 -81.65 -21.36 64.27
N ASN F 90 -82.74 -21.70 63.60
CA ASN F 90 -82.89 -21.35 62.19
C ASN F 90 -82.64 -19.87 62.02
N ALA F 91 -81.92 -19.52 60.97
CA ALA F 91 -81.62 -18.12 60.71
C ALA F 91 -81.42 -17.88 59.22
N ARG F 92 -81.72 -16.67 58.78
CA ARG F 92 -81.58 -16.35 57.37
C ARG F 92 -81.49 -14.85 57.12
N VAL F 93 -80.48 -14.46 56.35
CA VAL F 93 -80.26 -13.06 56.03
C VAL F 93 -81.18 -12.57 54.91
N ILE F 94 -81.81 -11.43 55.16
CA ILE F 94 -82.72 -10.78 54.22
C ILE F 94 -82.08 -9.64 53.44
N ASN F 95 -82.30 -9.64 52.14
CA ASN F 95 -81.81 -8.61 51.24
C ASN F 95 -82.93 -8.13 50.36
N GLU F 96 -83.28 -6.86 50.50
CA GLU F 96 -84.37 -6.22 49.77
C GLU F 96 -84.51 -6.62 48.31
N ASN F 97 -83.41 -6.57 47.56
CA ASN F 97 -83.48 -6.93 46.15
C ASN F 97 -83.63 -8.42 45.96
N GLU F 98 -82.96 -9.21 46.79
CA GLU F 98 -83.05 -10.65 46.64
C GLU F 98 -84.45 -11.13 46.94
N GLU F 99 -85.10 -10.51 47.92
CA GLU F 99 -86.44 -10.88 48.28
C GLU F 99 -87.43 -10.42 47.25
N ASN F 100 -87.19 -9.24 46.68
CA ASN F 100 -88.06 -8.75 45.65
C ASN F 100 -88.06 -9.75 44.50
N LYS F 101 -86.86 -10.24 44.15
CA LYS F 101 -86.72 -11.23 43.09
C LYS F 101 -87.35 -12.57 43.43
N ARG F 102 -87.11 -13.07 44.63
CA ARG F 102 -87.68 -14.36 45.05
C ARG F 102 -89.18 -14.36 44.90
N ILE F 103 -89.81 -13.29 45.36
CA ILE F 103 -91.23 -13.16 45.26
C ILE F 103 -91.69 -13.09 43.83
N SER F 104 -91.01 -12.28 43.01
CA SER F 104 -91.43 -12.13 41.62
C SER F 104 -91.41 -13.45 40.86
N ILE F 105 -90.52 -14.36 41.25
CA ILE F 105 -90.46 -15.67 40.59
C ILE F 105 -91.72 -16.46 40.87
N TRP F 106 -92.05 -16.60 42.15
CA TRP F 106 -93.23 -17.33 42.57
C TRP F 106 -94.46 -16.70 41.99
N LEU F 107 -94.50 -15.38 42.06
CA LEU F 107 -95.63 -14.60 41.64
C LEU F 107 -95.89 -14.79 40.16
N ASP F 108 -94.86 -14.79 39.33
CA ASP F 108 -95.08 -15.03 37.91
C ASP F 108 -95.70 -16.40 37.62
N THR F 109 -95.25 -17.43 38.35
CA THR F 109 -95.80 -18.78 38.15
C THR F 109 -97.26 -18.91 38.54
N TYR F 110 -97.63 -18.40 39.70
CA TYR F 110 -98.99 -18.54 40.19
C TYR F 110 -99.93 -17.45 39.72
N TYR F 111 -99.41 -16.26 39.51
CA TYR F 111 -100.18 -15.15 38.97
C TYR F 111 -99.54 -14.56 37.72
N PRO F 112 -99.49 -15.30 36.62
CA PRO F 112 -98.94 -14.90 35.35
C PRO F 112 -99.79 -13.78 34.82
N GLN F 113 -99.16 -12.89 34.08
CA GLN F 113 -99.79 -11.70 33.52
C GLN F 113 -100.14 -10.62 34.57
N LEU F 114 -99.81 -10.83 35.86
CA LEU F 114 -100.09 -9.80 36.84
C LEU F 114 -99.21 -8.59 36.57
N ALA F 115 -99.82 -7.42 36.47
CA ALA F 115 -99.05 -6.21 36.21
C ALA F 115 -98.69 -5.51 37.51
N TYR F 116 -97.41 -5.47 37.83
CA TYR F 116 -96.98 -4.85 39.07
C TYR F 116 -95.62 -4.20 38.92
N TYR F 117 -95.24 -3.43 39.95
CA TYR F 117 -93.99 -2.67 39.92
C TYR F 117 -92.91 -3.21 40.84
N ARG F 118 -92.99 -2.87 42.12
CA ARG F 118 -91.94 -3.29 43.02
C ARG F 118 -92.41 -3.30 44.46
N ILE F 119 -91.87 -4.23 45.24
CA ILE F 119 -92.22 -4.29 46.64
C ILE F 119 -91.29 -3.43 47.47
N HIS F 120 -91.87 -2.54 48.25
CA HIS F 120 -91.12 -1.64 49.11
C HIS F 120 -91.10 -2.20 50.49
N PHE F 121 -89.96 -2.73 50.89
CA PHE F 121 -89.90 -3.39 52.16
C PHE F 121 -89.84 -2.43 53.33
N ASP F 122 -89.07 -1.34 53.20
CA ASP F 122 -88.95 -0.27 54.22
C ASP F 122 -89.13 -0.76 55.65
N GLU F 123 -90.40 -0.81 56.11
CA GLU F 123 -90.72 -1.32 57.43
C GLU F 123 -91.10 -2.80 57.35
N PRO F 124 -90.10 -3.70 57.44
CA PRO F 124 -90.24 -5.18 57.33
C PRO F 124 -91.64 -5.74 57.58
N ARG F 125 -92.22 -5.37 58.71
CA ARG F 125 -93.52 -5.82 59.16
C ARG F 125 -94.65 -5.65 58.15
N LYS F 126 -94.64 -4.53 57.46
CA LYS F 126 -95.69 -4.19 56.52
C LYS F 126 -95.15 -3.61 55.23
N PRO F 127 -94.63 -4.45 54.32
CA PRO F 127 -94.08 -4.09 53.04
C PRO F 127 -95.23 -3.65 52.14
N VAL F 128 -94.92 -2.77 51.21
CA VAL F 128 -95.92 -2.23 50.31
C VAL F 128 -95.74 -2.78 48.91
N PHE F 129 -96.84 -3.26 48.34
CA PHE F 129 -96.78 -3.86 47.03
C PHE F 129 -97.39 -2.94 45.98
N TRP F 130 -96.57 -2.38 45.10
CA TRP F 130 -97.15 -1.52 44.07
C TRP F 130 -97.69 -2.37 42.93
N LEU F 131 -98.96 -2.13 42.61
CA LEU F 131 -99.72 -2.86 41.61
C LEU F 131 -100.25 -1.92 40.53
N SER F 132 -100.19 -2.31 39.26
CA SER F 132 -100.69 -1.41 38.22
C SER F 132 -102.20 -1.19 38.30
N ARG F 133 -102.58 0.02 38.68
CA ARG F 133 -103.98 0.39 38.81
C ARG F 133 -104.77 0.22 37.52
N GLN F 134 -104.18 0.65 36.43
CA GLN F 134 -104.85 0.64 35.14
C GLN F 134 -104.86 -0.70 34.44
N ARG F 135 -103.78 -1.47 34.54
CA ARG F 135 -103.75 -2.74 33.84
C ARG F 135 -104.43 -3.91 34.56
N ASN F 136 -104.54 -3.85 35.88
CA ASN F 136 -105.18 -4.97 36.57
C ASN F 136 -106.65 -4.72 36.80
N THR F 137 -107.45 -5.77 36.65
CA THR F 137 -108.89 -5.71 36.83
C THR F 137 -109.37 -6.67 37.90
N MET F 138 -108.48 -7.01 38.84
CA MET F 138 -108.81 -7.94 39.91
C MET F 138 -109.84 -7.35 40.86
N SER F 139 -110.71 -8.20 41.40
CA SER F 139 -111.72 -7.76 42.34
C SER F 139 -111.09 -7.59 43.70
N LYS F 140 -111.79 -6.88 44.58
CA LYS F 140 -111.31 -6.67 45.93
C LYS F 140 -111.03 -7.99 46.65
N LYS F 141 -111.91 -8.97 46.44
CA LYS F 141 -111.76 -10.27 47.06
C LYS F 141 -110.53 -10.98 46.53
N GLU F 142 -110.30 -10.86 45.23
CA GLU F 142 -109.15 -11.47 44.62
C GLU F 142 -107.87 -10.86 45.15
N LEU F 143 -107.90 -9.55 45.36
CA LEU F 143 -106.75 -8.85 45.91
C LEU F 143 -106.49 -9.28 47.34
N GLU F 144 -107.55 -9.56 48.10
CA GLU F 144 -107.39 -10.09 49.45
C GLU F 144 -106.57 -11.36 49.41
N VAL F 145 -106.99 -12.27 48.55
CA VAL F 145 -106.33 -13.56 48.39
C VAL F 145 -104.87 -13.38 48.01
N LEU F 146 -104.63 -12.49 47.05
CA LEU F 146 -103.27 -12.19 46.62
C LEU F 146 -102.39 -11.77 47.77
N SER F 147 -102.88 -10.85 48.61
CA SER F 147 -102.07 -10.40 49.74
C SER F 147 -101.81 -11.53 50.71
N GLN F 148 -102.77 -12.45 50.84
CA GLN F 148 -102.58 -13.58 51.72
C GLN F 148 -101.50 -14.50 51.22
N LYS F 149 -101.41 -14.67 49.92
CA LYS F 149 -100.37 -15.50 49.36
C LYS F 149 -99.02 -14.86 49.57
N LEU F 150 -98.98 -13.53 49.46
CA LEU F 150 -97.75 -12.81 49.67
C LEU F 150 -97.32 -12.93 51.13
N ARG F 151 -98.28 -12.92 52.05
CA ARG F 151 -97.97 -13.09 53.46
C ARG F 151 -97.33 -14.44 53.68
N ALA F 152 -97.83 -15.46 52.99
CA ALA F 152 -97.25 -16.80 53.08
C ALA F 152 -95.80 -16.78 52.61
N LEU F 153 -95.52 -16.02 51.55
CA LEU F 153 -94.15 -15.93 51.03
C LEU F 153 -93.20 -15.20 51.95
N MET F 154 -93.71 -14.34 52.83
CA MET F 154 -92.90 -13.58 53.77
C MET F 154 -93.19 -13.90 55.26
N PRO F 155 -92.53 -14.93 55.82
CA PRO F 155 -92.60 -15.46 57.19
C PRO F 155 -92.53 -14.41 58.28
N TYR F 156 -91.84 -13.31 58.02
CA TYR F 156 -91.68 -12.25 59.00
C TYR F 156 -92.78 -11.21 58.93
N ALA F 157 -93.14 -10.82 57.72
CA ALA F 157 -94.15 -9.80 57.50
C ALA F 157 -95.44 -10.18 58.17
N ASP F 158 -96.11 -9.21 58.78
CA ASP F 158 -97.35 -9.48 59.44
C ASP F 158 -98.49 -9.33 58.48
N SER F 159 -98.38 -8.36 57.58
CA SER F 159 -99.40 -8.14 56.55
C SER F 159 -98.78 -7.48 55.35
N VAL F 160 -99.50 -7.49 54.24
CA VAL F 160 -99.00 -6.88 53.02
C VAL F 160 -99.92 -5.77 52.56
N ASN F 161 -99.36 -4.61 52.32
CA ASN F 161 -100.18 -3.49 51.88
C ASN F 161 -100.15 -3.34 50.38
N ILE F 162 -101.09 -3.99 49.70
CA ILE F 162 -101.18 -3.85 48.26
C ILE F 162 -101.86 -2.55 47.91
N THR F 163 -101.24 -1.78 47.04
CA THR F 163 -101.81 -0.52 46.62
C THR F 163 -101.65 -0.34 45.14
N LEU F 164 -102.59 0.36 44.54
CA LEU F 164 -102.62 0.52 43.10
C LEU F 164 -102.01 1.86 42.68
N MET F 165 -101.07 1.79 41.73
CA MET F 165 -100.37 2.96 41.23
C MET F 165 -100.79 3.30 39.80
N ASP F 166 -100.79 4.58 39.47
CA ASP F 166 -101.18 4.99 38.13
C ASP F 166 -100.01 5.01 37.16
N ASP F 167 -100.07 4.11 36.16
CA ASP F 167 -99.04 3.95 35.14
C ASP F 167 -98.58 5.25 34.51
N VAL F 168 -99.51 6.20 34.36
CA VAL F 168 -99.21 7.48 33.77
C VAL F 168 -98.22 8.27 34.58
N THR F 169 -98.36 8.23 35.90
CA THR F 169 -97.48 9.00 36.75
C THR F 169 -96.10 8.39 36.78
N ALA F 170 -96.02 7.08 36.61
CA ALA F 170 -94.73 6.42 36.55
C ALA F 170 -93.96 6.91 35.33
N ALA F 171 -94.64 6.89 34.18
CA ALA F 171 -94.04 7.34 32.94
C ALA F 171 -93.72 8.82 32.97
N GLY F 172 -94.63 9.60 33.56
CA GLY F 172 -94.46 11.04 33.65
C GLY F 172 -93.19 11.41 34.39
N GLN F 173 -92.96 10.76 35.53
CA GLN F 173 -91.76 11.05 36.30
C GLN F 173 -90.50 10.64 35.56
N ALA F 174 -90.55 9.50 34.88
CA ALA F 174 -89.40 9.03 34.13
C ALA F 174 -88.97 10.05 33.11
N GLU F 175 -89.91 10.54 32.31
CA GLU F 175 -89.56 11.49 31.29
C GLU F 175 -89.21 12.86 31.84
N ALA F 176 -89.97 13.31 32.83
CA ALA F 176 -89.74 14.63 33.41
C ALA F 176 -88.33 14.79 33.94
N GLY F 177 -87.87 13.83 34.73
CA GLY F 177 -86.53 13.91 35.28
C GLY F 177 -85.48 13.81 34.19
N LEU F 178 -85.73 12.93 33.22
CA LEU F 178 -84.83 12.72 32.11
C LEU F 178 -84.56 14.01 31.35
N LYS F 179 -85.64 14.74 31.02
CA LYS F 179 -85.48 15.99 30.31
C LYS F 179 -85.01 17.13 31.22
N GLN F 180 -85.27 17.03 32.53
CA GLN F 180 -84.75 18.03 33.47
C GLN F 180 -83.24 18.04 33.45
N GLN F 181 -82.65 16.85 33.35
CA GLN F 181 -81.20 16.68 33.25
C GLN F 181 -80.61 17.13 31.91
N ALA F 182 -81.45 17.63 30.99
CA ALA F 182 -81.06 18.11 29.67
C ALA F 182 -80.50 17.00 28.81
N LEU F 183 -81.00 15.78 29.00
CA LEU F 183 -80.52 14.66 28.23
C LEU F 183 -81.35 14.48 26.97
N PRO F 184 -80.73 14.07 25.87
CA PRO F 184 -81.34 13.75 24.60
C PRO F 184 -81.95 12.38 24.72
N TYR F 185 -83.10 12.17 24.12
CA TYR F 185 -83.72 10.86 24.19
C TYR F 185 -84.86 10.73 23.21
N SER F 186 -85.34 9.52 23.04
CA SER F 186 -86.50 9.31 22.21
C SER F 186 -87.38 8.27 22.89
N ARG F 187 -88.60 8.68 23.18
CA ARG F 187 -89.56 7.84 23.88
C ARG F 187 -90.21 6.79 22.98
N ARG F 188 -90.43 5.61 23.54
CA ARG F 188 -91.04 4.49 22.82
C ARG F 188 -92.23 3.92 23.55
N ASN F 189 -93.40 4.46 23.29
CA ASN F 189 -94.59 3.92 23.92
C ASN F 189 -95.02 2.66 23.22
N HIS F 190 -95.37 1.65 24.00
CA HIS F 190 -95.88 0.43 23.41
C HIS F 190 -96.84 -0.23 24.36
N LYS F 191 -97.61 -1.18 23.89
CA LYS F 191 -98.55 -1.81 24.79
C LYS F 191 -97.80 -2.52 25.88
N GLY F 192 -98.12 -2.18 27.12
CA GLY F 192 -97.49 -2.81 28.27
C GLY F 192 -96.25 -2.09 28.82
N GLY F 193 -95.79 -1.02 28.18
CA GLY F 193 -94.60 -0.35 28.74
C GLY F 193 -94.09 0.81 27.92
N VAL F 194 -92.94 1.34 28.33
CA VAL F 194 -92.31 2.44 27.61
C VAL F 194 -90.81 2.39 27.72
N THR F 195 -90.14 2.64 26.61
CA THR F 195 -88.68 2.62 26.60
C THR F 195 -88.09 3.98 26.20
N PHE F 196 -87.07 4.40 26.93
CA PHE F 196 -86.42 5.68 26.65
C PHE F 196 -85.04 5.46 26.06
N VAL F 197 -84.93 5.71 24.76
CA VAL F 197 -83.71 5.49 24.03
C VAL F 197 -82.79 6.68 24.02
N ILE F 198 -81.54 6.47 24.44
CA ILE F 198 -80.55 7.53 24.45
C ILE F 198 -79.36 7.15 23.59
N GLN F 199 -79.27 7.73 22.40
CA GLN F 199 -78.18 7.40 21.48
C GLN F 199 -77.31 8.58 21.13
N GLY F 200 -76.21 8.28 20.45
CA GLY F 200 -75.27 9.28 19.98
C GLY F 200 -74.06 9.34 20.89
N ALA F 201 -73.10 10.18 20.51
CA ALA F 201 -71.93 10.37 21.34
C ALA F 201 -72.32 11.19 22.54
N LEU F 202 -71.78 10.85 23.70
CA LEU F 202 -72.16 11.57 24.90
C LEU F 202 -70.97 12.18 25.63
N ASP F 203 -71.20 13.36 26.18
CA ASP F 203 -70.23 14.08 26.98
C ASP F 203 -70.11 13.40 28.32
N ASP F 204 -68.92 13.25 28.84
CA ASP F 204 -68.71 12.60 30.13
C ASP F 204 -69.61 13.14 31.24
N VAL F 205 -69.95 14.43 31.16
CA VAL F 205 -70.78 15.05 32.18
C VAL F 205 -72.20 14.53 32.08
N GLU F 206 -72.76 14.54 30.87
CA GLU F 206 -74.12 14.04 30.70
C GLU F 206 -74.22 12.54 30.90
N ILE F 207 -73.11 11.83 30.71
CA ILE F 207 -73.12 10.40 30.99
C ILE F 207 -73.34 10.17 32.47
N LEU F 208 -72.58 10.89 33.28
CA LEU F 208 -72.72 10.78 34.73
C LEU F 208 -74.13 11.10 35.17
N ARG F 209 -74.65 12.22 34.70
CA ARG F 209 -76.00 12.63 35.04
C ARG F 209 -77.04 11.61 34.66
N ALA F 210 -76.90 11.04 33.46
CA ALA F 210 -77.84 10.05 33.00
C ALA F 210 -77.90 8.86 33.90
N ARG F 211 -76.75 8.32 34.26
CA ARG F 211 -76.75 7.15 35.12
C ARG F 211 -77.35 7.43 36.48
N GLN F 212 -77.00 8.57 37.07
CA GLN F 212 -77.53 8.90 38.38
C GLN F 212 -79.05 8.89 38.38
N PHE F 213 -79.63 9.53 37.37
CA PHE F 213 -81.06 9.56 37.22
C PHE F 213 -81.68 8.19 37.09
N VAL F 214 -81.13 7.40 36.18
CA VAL F 214 -81.65 6.07 35.91
C VAL F 214 -81.62 5.19 37.13
N ASP F 215 -80.50 5.18 37.85
CA ASP F 215 -80.40 4.36 39.05
C ASP F 215 -81.46 4.71 40.06
N SER F 216 -81.71 6.01 40.25
CA SER F 216 -82.73 6.42 41.20
C SER F 216 -84.12 6.02 40.79
N TYR F 217 -84.44 6.17 39.50
CA TYR F 217 -85.76 5.80 39.02
C TYR F 217 -85.99 4.32 39.24
N TYR F 218 -84.99 3.53 38.88
CA TYR F 218 -85.05 2.10 39.06
C TYR F 218 -85.28 1.74 40.51
N ARG F 219 -84.47 2.30 41.40
CA ARG F 219 -84.60 2.05 42.82
C ARG F 219 -86.01 2.26 43.33
N THR F 220 -86.66 3.33 42.87
CA THR F 220 -88.03 3.61 43.30
C THR F 220 -89.08 2.75 42.62
N TRP F 221 -89.24 2.93 41.32
CA TRP F 221 -90.29 2.24 40.59
C TRP F 221 -89.96 0.85 40.12
N GLY F 222 -88.69 0.60 39.82
CA GLY F 222 -88.30 -0.70 39.29
C GLY F 222 -88.31 -0.65 37.77
N GLY F 223 -87.80 -1.68 37.13
CA GLY F 223 -87.70 -1.70 35.66
C GLY F 223 -88.74 -2.57 34.96
N ARG F 224 -89.93 -2.71 35.51
CA ARG F 224 -90.93 -3.55 34.86
C ARG F 224 -91.85 -2.80 33.90
N TYR F 225 -91.86 -1.48 33.98
CA TYR F 225 -92.72 -0.70 33.10
C TYR F 225 -91.87 0.24 32.27
N VAL F 226 -90.99 0.98 32.93
CA VAL F 226 -90.09 1.88 32.25
C VAL F 226 -88.73 1.26 32.06
N GLN F 227 -88.30 1.22 30.81
CA GLN F 227 -87.01 0.67 30.45
C GLN F 227 -86.12 1.74 29.85
N PHE F 228 -84.92 1.93 30.38
CA PHE F 228 -84.03 2.91 29.80
C PHE F 228 -83.02 2.21 28.92
N ALA F 229 -82.53 2.90 27.90
CA ALA F 229 -81.61 2.30 26.96
C ALA F 229 -80.50 3.24 26.55
N ILE F 230 -79.44 3.30 27.37
CA ILE F 230 -78.30 4.15 27.06
C ILE F 230 -77.37 3.46 26.09
N GLU F 231 -77.15 4.08 24.94
CA GLU F 231 -76.30 3.52 23.92
C GLU F 231 -75.26 4.52 23.41
N LEU F 232 -74.05 4.38 23.92
CA LEU F 232 -72.95 5.26 23.54
C LEU F 232 -72.44 4.90 22.15
N LYS F 233 -72.71 5.76 21.17
CA LYS F 233 -72.35 5.48 19.78
C LYS F 233 -71.69 6.64 19.06
N ASP F 234 -70.94 6.33 18.00
CA ASP F 234 -70.31 7.37 17.19
C ASP F 234 -71.26 8.02 16.23
N ASP F 235 -71.03 9.30 15.98
CA ASP F 235 -71.85 10.08 15.06
C ASP F 235 -71.05 10.49 13.82
N ASP G 3 -51.41 -2.14 69.93
CA ASP G 3 -49.99 -2.39 69.70
C ASP G 3 -49.78 -3.21 68.44
N LYS G 4 -50.14 -2.65 67.30
CA LYS G 4 -49.99 -3.35 66.04
C LYS G 4 -49.01 -2.65 65.11
N ASP G 5 -48.27 -3.45 64.35
CA ASP G 5 -47.34 -2.88 63.38
C ASP G 5 -48.10 -2.55 62.10
N LEU G 6 -47.98 -1.32 61.64
CA LEU G 6 -48.67 -0.92 60.43
C LEU G 6 -47.69 -0.80 59.26
N LEU G 7 -46.72 0.10 59.41
CA LEU G 7 -45.71 0.31 58.36
C LEU G 7 -44.28 0.22 58.89
N LYS G 8 -43.36 -0.22 58.04
CA LYS G 8 -41.96 -0.32 58.42
C LYS G 8 -41.01 0.12 57.31
N GLY G 9 -39.85 0.64 57.70
CA GLY G 9 -38.84 1.02 56.70
C GLY G 9 -39.17 2.32 55.99
N LEU G 10 -39.93 3.19 56.64
CA LEU G 10 -40.33 4.43 56.01
C LEU G 10 -39.24 5.45 56.09
N ASP G 11 -39.19 6.35 55.12
CA ASP G 11 -38.22 7.41 55.23
C ASP G 11 -38.90 8.50 56.04
N GLN G 12 -38.18 9.58 56.31
CA GLN G 12 -38.71 10.64 57.14
C GLN G 12 -39.97 11.28 56.60
N GLU G 13 -39.96 11.66 55.32
CA GLU G 13 -41.10 12.30 54.68
C GLU G 13 -42.35 11.45 54.73
N GLN G 14 -42.22 10.20 54.30
CA GLN G 14 -43.31 9.26 54.26
C GLN G 14 -43.92 9.08 55.63
N ALA G 15 -43.06 8.89 56.64
CA ALA G 15 -43.54 8.66 57.98
C ALA G 15 -44.41 9.80 58.45
N ASN G 16 -43.94 11.03 58.27
CA ASN G 16 -44.73 12.17 58.72
C ASN G 16 -46.01 12.35 57.94
N GLU G 17 -46.01 12.03 56.65
CA GLU G 17 -47.21 12.16 55.85
C GLU G 17 -48.30 11.19 56.25
N VAL G 18 -47.92 9.93 56.46
CA VAL G 18 -48.88 8.92 56.86
C VAL G 18 -49.50 9.27 58.19
N ILE G 19 -48.67 9.70 59.13
CA ILE G 19 -49.15 10.09 60.43
C ILE G 19 -50.16 11.20 60.35
N ALA G 20 -49.87 12.21 59.53
CA ALA G 20 -50.80 13.32 59.36
C ALA G 20 -52.19 12.84 59.00
N VAL G 21 -52.26 11.91 58.05
CA VAL G 21 -53.55 11.36 57.62
C VAL G 21 -54.27 10.63 58.73
N LEU G 22 -53.55 9.79 59.47
CA LEU G 22 -54.16 9.03 60.53
C LEU G 22 -54.72 9.93 61.61
N GLN G 23 -54.00 10.98 61.95
CA GLN G 23 -54.47 11.92 62.95
C GLN G 23 -55.71 12.64 62.49
N MET G 24 -55.72 13.02 61.21
CA MET G 24 -56.87 13.68 60.62
C MET G 24 -58.13 12.84 60.76
N HIS G 25 -57.98 11.52 60.68
CA HIS G 25 -59.11 10.63 60.84
C HIS G 25 -59.28 10.06 62.25
N ASN G 26 -58.74 10.78 63.23
CA ASN G 26 -58.89 10.41 64.64
C ASN G 26 -58.18 9.14 65.04
N ILE G 27 -56.95 8.96 64.57
CA ILE G 27 -56.14 7.80 64.95
C ILE G 27 -54.76 8.21 65.47
N GLU G 28 -54.46 7.84 66.71
CA GLU G 28 -53.14 8.11 67.27
C GLU G 28 -52.12 7.20 66.61
N ALA G 29 -50.89 7.68 66.45
CA ALA G 29 -49.88 6.86 65.82
C ALA G 29 -48.50 7.12 66.40
N ASN G 30 -47.70 6.08 66.49
CA ASN G 30 -46.35 6.20 67.03
C ASN G 30 -45.33 6.15 65.93
N LYS G 31 -44.36 7.05 65.98
CA LYS G 31 -43.26 7.01 65.03
C LYS G 31 -42.03 6.47 65.71
N ILE G 32 -41.56 5.33 65.25
CA ILE G 32 -40.42 4.68 65.88
C ILE G 32 -39.18 4.76 65.03
N ASP G 33 -38.14 5.35 65.58
CA ASP G 33 -36.85 5.48 64.92
C ASP G 33 -35.99 4.25 65.12
N SER G 34 -35.81 3.46 64.08
CA SER G 34 -34.99 2.25 64.15
C SER G 34 -33.63 2.44 63.49
N GLY G 35 -33.16 3.69 63.45
CA GLY G 35 -31.86 4.01 62.90
C GLY G 35 -31.80 3.77 61.42
N LYS G 36 -30.79 3.01 60.99
CA LYS G 36 -30.57 2.69 59.58
C LYS G 36 -31.72 1.92 58.95
N LEU G 37 -32.60 1.34 59.76
CA LEU G 37 -33.69 0.59 59.22
C LEU G 37 -34.91 1.45 58.91
N GLY G 38 -34.84 2.75 59.22
CA GLY G 38 -35.93 3.65 58.89
C GLY G 38 -36.94 3.81 60.01
N TYR G 39 -38.11 4.31 59.65
CA TYR G 39 -39.16 4.53 60.63
C TYR G 39 -40.26 3.50 60.56
N SER G 40 -40.86 3.25 61.70
CA SER G 40 -41.98 2.35 61.77
C SER G 40 -43.17 3.01 62.41
N ILE G 41 -44.35 2.70 61.91
CA ILE G 41 -45.57 3.27 62.46
C ILE G 41 -46.42 2.22 63.10
N THR G 42 -46.78 2.45 64.36
CA THR G 42 -47.63 1.51 65.08
C THR G 42 -48.86 2.20 65.62
N VAL G 43 -49.93 1.42 65.79
CA VAL G 43 -51.19 1.96 66.26
C VAL G 43 -51.84 1.08 67.31
N ALA G 44 -52.78 1.67 68.04
CA ALA G 44 -53.52 0.93 69.05
C ALA G 44 -54.40 -0.09 68.35
N GLU G 45 -54.49 -1.29 68.93
CA GLU G 45 -55.28 -2.36 68.37
C GLU G 45 -56.74 -1.98 68.03
N PRO G 46 -57.44 -1.20 68.88
CA PRO G 46 -58.79 -0.69 68.63
C PRO G 46 -58.92 0.10 67.33
N ASP G 47 -57.86 0.78 66.92
CA ASP G 47 -57.88 1.59 65.72
C ASP G 47 -57.34 0.87 64.51
N PHE G 48 -56.50 -0.14 64.75
CA PHE G 48 -55.84 -0.89 63.70
C PHE G 48 -56.67 -1.20 62.47
N THR G 49 -57.93 -1.63 62.64
CA THR G 49 -58.75 -1.94 61.48
C THR G 49 -58.98 -0.71 60.62
N ALA G 50 -59.34 0.38 61.26
CA ALA G 50 -59.58 1.63 60.57
C ALA G 50 -58.31 2.14 59.93
N ALA G 51 -57.19 2.00 60.66
CA ALA G 51 -55.91 2.46 60.17
C ALA G 51 -55.59 1.80 58.85
N VAL G 52 -55.77 0.49 58.78
CA VAL G 52 -55.53 -0.26 57.55
C VAL G 52 -56.38 0.25 56.42
N TYR G 53 -57.66 0.46 56.71
CA TYR G 53 -58.57 0.97 55.71
C TYR G 53 -58.06 2.26 55.10
N TRP G 54 -57.60 3.19 55.93
CA TRP G 54 -57.13 4.47 55.43
C TRP G 54 -55.80 4.36 54.69
N ILE G 55 -54.92 3.43 55.08
CA ILE G 55 -53.68 3.23 54.33
C ILE G 55 -53.99 2.85 52.89
N LYS G 56 -54.99 1.99 52.74
CA LYS G 56 -55.45 1.61 51.43
C LYS G 56 -56.03 2.80 50.69
N THR G 57 -57.01 3.45 51.31
CA THR G 57 -57.72 4.58 50.73
C THR G 57 -56.82 5.66 50.17
N TYR G 58 -55.80 6.04 50.92
CA TYR G 58 -54.91 7.11 50.49
C TYR G 58 -53.62 6.66 49.84
N GLN G 59 -53.55 5.43 49.33
CA GLN G 59 -52.34 4.97 48.65
C GLN G 59 -51.07 5.21 49.47
N LEU G 60 -51.08 4.81 50.73
CA LEU G 60 -49.92 5.06 51.58
C LEU G 60 -49.04 3.83 51.72
N PRO G 61 -47.74 4.05 51.97
CA PRO G 61 -46.99 5.29 52.08
C PRO G 61 -46.77 5.91 50.70
N PRO G 62 -46.60 7.23 50.62
CA PRO G 62 -46.41 8.05 49.43
C PRO G 62 -45.22 7.65 48.57
N ARG G 63 -45.37 7.82 47.28
CA ARG G 63 -44.27 7.58 46.34
C ARG G 63 -43.43 8.84 46.27
N PRO G 64 -42.20 8.75 45.78
CA PRO G 64 -41.30 9.87 45.56
C PRO G 64 -41.80 10.69 44.40
N ARG G 65 -41.52 11.99 44.42
CA ARG G 65 -42.01 12.90 43.39
C ARG G 65 -41.30 12.70 42.06
N VAL G 66 -42.09 12.65 40.99
CA VAL G 66 -41.58 12.44 39.65
C VAL G 66 -41.37 13.71 38.88
N GLU G 67 -40.14 13.88 38.40
CA GLU G 67 -39.72 15.02 37.61
C GLU G 67 -39.07 14.52 36.34
N ILE G 68 -39.29 15.21 35.23
CA ILE G 68 -38.84 14.74 33.93
C ILE G 68 -37.34 14.50 33.82
N ALA G 69 -36.54 15.40 34.36
CA ALA G 69 -35.09 15.28 34.29
C ALA G 69 -34.54 14.01 34.93
N GLN G 70 -35.33 13.35 35.76
CA GLN G 70 -34.86 12.15 36.42
C GLN G 70 -34.65 11.01 35.44
N MET G 71 -35.25 11.11 34.24
CA MET G 71 -35.09 10.08 33.25
C MET G 71 -34.14 10.42 32.13
N PHE G 72 -33.43 11.53 32.23
CA PHE G 72 -32.47 11.90 31.21
C PHE G 72 -31.26 12.52 31.88
N PRO G 73 -30.51 11.73 32.66
CA PRO G 73 -29.38 12.10 33.50
C PRO G 73 -28.15 12.53 32.73
N ALA G 74 -27.38 13.44 33.35
CA ALA G 74 -26.16 13.99 32.77
C ALA G 74 -25.02 12.99 32.81
N ASP G 75 -25.21 11.89 33.53
CA ASP G 75 -24.23 10.85 33.62
C ASP G 75 -24.05 10.08 32.30
N SER G 76 -24.99 10.24 31.37
CA SER G 76 -24.85 9.57 30.09
C SER G 76 -23.63 10.07 29.34
N LEU G 77 -22.95 9.14 28.70
CA LEU G 77 -21.74 9.44 27.94
C LEU G 77 -22.03 10.28 26.71
N VAL G 78 -23.25 10.16 26.20
CA VAL G 78 -23.68 10.89 25.02
C VAL G 78 -25.00 11.56 25.30
N SER G 79 -25.39 12.49 24.45
CA SER G 79 -26.64 13.18 24.61
C SER G 79 -27.29 13.42 23.27
N SER G 80 -28.52 13.88 23.29
CA SER G 80 -29.23 14.17 22.07
C SER G 80 -30.04 15.41 22.30
N PRO G 81 -30.37 16.16 21.26
CA PRO G 81 -31.19 17.35 21.26
C PRO G 81 -32.48 17.10 22.00
N ARG G 82 -33.05 15.92 21.78
CA ARG G 82 -34.27 15.54 22.43
C ARG G 82 -34.11 15.51 23.92
N ALA G 83 -33.07 14.81 24.39
CA ALA G 83 -32.82 14.72 25.81
C ALA G 83 -32.50 16.05 26.43
N GLU G 84 -31.67 16.84 25.77
CA GLU G 84 -31.24 18.12 26.32
C GLU G 84 -32.39 19.09 26.46
N LYS G 85 -33.25 19.15 25.45
CA LYS G 85 -34.38 20.06 25.52
C LYS G 85 -35.30 19.64 26.65
N ALA G 86 -35.51 18.33 26.82
CA ALA G 86 -36.35 17.84 27.91
C ALA G 86 -35.77 18.23 29.26
N ARG G 87 -34.46 18.07 29.42
CA ARG G 87 -33.80 18.43 30.68
C ARG G 87 -34.04 19.88 31.04
N LEU G 88 -33.91 20.75 30.06
CA LEU G 88 -34.12 22.16 30.29
C LEU G 88 -35.52 22.45 30.77
N TYR G 89 -36.53 21.92 30.08
CA TYR G 89 -37.90 22.18 30.47
C TYR G 89 -38.20 21.70 31.86
N SER G 90 -37.63 20.57 32.24
CA SER G 90 -37.83 20.05 33.57
C SER G 90 -37.39 21.05 34.62
N ALA G 91 -36.20 21.60 34.41
CA ALA G 91 -35.66 22.60 35.32
C ALA G 91 -36.54 23.83 35.37
N ILE G 92 -37.03 24.26 34.22
CA ILE G 92 -37.88 25.43 34.17
C ILE G 92 -39.16 25.25 34.98
N GLU G 93 -39.81 24.09 34.86
CA GLU G 93 -41.01 23.88 35.65
C GLU G 93 -40.71 24.00 37.13
N GLN G 94 -39.60 23.39 37.55
CA GLN G 94 -39.22 23.43 38.95
C GLN G 94 -39.00 24.85 39.42
N ARG G 95 -38.35 25.63 38.59
CA ARG G 95 -38.01 27.00 38.94
C ARG G 95 -39.27 27.85 39.03
N LEU G 96 -40.23 27.62 38.15
CA LEU G 96 -41.49 28.33 38.23
C LEU G 96 -42.27 27.98 39.49
N GLU G 97 -42.21 26.72 39.92
CA GLU G 97 -42.88 26.33 41.15
C GLU G 97 -42.26 27.03 42.33
N GLN G 98 -40.93 27.12 42.33
CA GLN G 98 -40.23 27.80 43.40
C GLN G 98 -40.66 29.25 43.50
N SER G 99 -40.92 29.88 42.35
CA SER G 99 -41.36 31.27 42.35
C SER G 99 -42.78 31.46 42.84
N LEU G 100 -43.73 30.65 42.37
CA LEU G 100 -45.11 30.86 42.77
C LEU G 100 -45.33 30.65 44.24
N GLN G 101 -44.57 29.75 44.85
CA GLN G 101 -44.73 29.50 46.27
C GLN G 101 -44.23 30.64 47.16
N THR G 102 -43.65 31.69 46.59
CA THR G 102 -43.22 32.83 47.36
C THR G 102 -44.23 33.96 47.30
N MET G 103 -45.28 33.81 46.49
CA MET G 103 -46.28 34.86 46.41
C MET G 103 -47.12 34.89 47.67
N GLU G 104 -47.56 36.09 48.02
CA GLU G 104 -48.35 36.31 49.22
C GLU G 104 -49.61 35.48 49.23
N GLY G 105 -49.78 34.71 50.30
CA GLY G 105 -50.98 33.90 50.48
C GLY G 105 -50.87 32.51 49.88
N VAL G 106 -49.81 32.23 49.11
CA VAL G 106 -49.70 30.91 48.52
C VAL G 106 -48.99 29.95 49.44
N LEU G 107 -49.64 28.82 49.68
CA LEU G 107 -49.10 27.79 50.55
C LEU G 107 -48.43 26.72 49.73
N SER G 108 -49.00 26.41 48.57
CA SER G 108 -48.44 25.40 47.68
C SER G 108 -48.81 25.63 46.24
N ALA G 109 -47.92 25.28 45.32
CA ALA G 109 -48.24 25.43 43.92
C ALA G 109 -47.46 24.48 43.04
N ARG G 110 -48.12 24.02 41.97
CA ARG G 110 -47.51 23.11 40.99
C ARG G 110 -47.63 23.66 39.59
N VAL G 111 -46.61 23.43 38.76
CA VAL G 111 -46.60 24.00 37.40
C VAL G 111 -46.23 23.00 36.33
N HIS G 112 -46.98 23.02 35.22
CA HIS G 112 -46.71 22.17 34.09
C HIS G 112 -46.50 22.98 32.83
N ILE G 113 -45.59 22.52 31.98
CA ILE G 113 -45.37 23.18 30.70
C ILE G 113 -45.41 22.13 29.63
N SER G 114 -45.98 22.47 28.49
CA SER G 114 -46.03 21.51 27.40
C SER G 114 -44.64 21.25 26.85
N TYR G 115 -44.48 20.10 26.20
CA TYR G 115 -43.18 19.71 25.65
C TYR G 115 -43.22 19.63 24.15
N ASP G 116 -42.04 19.69 23.56
CA ASP G 116 -41.86 19.62 22.12
C ASP G 116 -40.74 18.67 21.85
N ILE G 117 -41.09 17.49 21.39
CA ILE G 117 -40.12 16.44 21.19
C ILE G 117 -39.71 16.23 19.74
N ASP G 118 -40.51 16.67 18.79
CA ASP G 118 -40.11 16.44 17.42
C ASP G 118 -40.62 17.43 16.37
N ALA G 119 -40.79 18.72 16.72
CA ALA G 119 -41.18 19.69 15.70
C ALA G 119 -40.09 19.82 14.65
N GLY G 120 -38.96 20.42 15.03
CA GLY G 120 -37.81 20.61 14.14
C GLY G 120 -37.36 19.31 13.50
N GLU G 121 -37.42 18.22 14.27
CA GLU G 121 -37.12 16.87 13.79
C GLU G 121 -37.85 16.52 12.51
N ASN G 122 -39.10 16.96 12.40
CA ASN G 122 -39.92 16.66 11.25
C ASN G 122 -39.94 17.79 10.22
N GLY G 123 -39.05 18.77 10.37
CA GLY G 123 -39.01 19.90 9.45
C GLY G 123 -40.12 20.91 9.76
N ARG G 124 -40.73 20.80 10.93
CA ARG G 124 -41.81 21.68 11.31
C ARG G 124 -41.38 22.78 12.26
N PRO G 125 -42.08 23.90 12.28
CA PRO G 125 -41.95 25.00 13.19
C PRO G 125 -42.51 24.53 14.53
N PRO G 126 -42.06 25.12 15.62
CA PRO G 126 -42.43 24.82 17.00
C PRO G 126 -43.85 25.25 17.28
N LYS G 127 -44.47 24.58 18.23
CA LYS G 127 -45.83 24.89 18.61
C LYS G 127 -45.87 25.87 19.76
N PRO G 128 -46.98 26.56 19.96
CA PRO G 128 -47.27 27.49 21.04
C PRO G 128 -47.12 26.76 22.35
N VAL G 129 -46.70 27.48 23.37
CA VAL G 129 -46.48 26.85 24.65
C VAL G 129 -47.71 26.88 25.53
N HIS G 130 -48.03 25.74 26.13
CA HIS G 130 -49.17 25.68 27.01
C HIS G 130 -48.71 25.56 28.45
N LEU G 131 -49.41 26.24 29.33
CA LEU G 131 -49.07 26.20 30.75
C LEU G 131 -50.28 25.89 31.60
N SER G 132 -50.05 25.19 32.70
CA SER G 132 -51.13 24.95 33.62
C SER G 132 -50.58 24.96 35.02
N ALA G 133 -51.41 25.31 35.99
CA ALA G 133 -50.90 25.37 37.34
C ALA G 133 -51.97 25.16 38.38
N LEU G 134 -51.53 24.65 39.52
CA LEU G 134 -52.40 24.41 40.66
C LEU G 134 -51.95 25.25 41.83
N ALA G 135 -52.88 25.72 42.63
CA ALA G 135 -52.43 26.50 43.79
C ALA G 135 -53.35 26.38 44.99
N VAL G 136 -52.73 26.43 46.16
CA VAL G 136 -53.42 26.39 47.44
C VAL G 136 -53.15 27.65 48.22
N TYR G 137 -54.21 28.34 48.62
CA TYR G 137 -54.10 29.58 49.35
C TYR G 137 -54.51 29.51 50.80
N GLU G 138 -54.04 30.50 51.55
CA GLU G 138 -54.43 30.66 52.93
C GLU G 138 -55.92 30.89 53.00
N ARG G 139 -56.59 30.12 53.85
CA ARG G 139 -58.03 30.19 53.97
C ARG G 139 -58.52 31.60 54.26
N GLY G 140 -59.53 32.01 53.49
CA GLY G 140 -60.14 33.34 53.62
C GLY G 140 -59.65 34.32 52.54
N SER G 141 -58.62 33.93 51.81
CA SER G 141 -58.03 34.74 50.74
C SER G 141 -58.99 34.87 49.52
N PRO G 142 -59.00 36.03 48.82
CA PRO G 142 -59.84 36.38 47.66
C PRO G 142 -59.36 35.78 46.34
N LEU G 143 -59.44 34.45 46.27
CA LEU G 143 -59.01 33.63 45.14
C LEU G 143 -59.43 34.12 43.75
N ALA G 144 -60.64 34.64 43.66
CA ALA G 144 -61.20 35.10 42.39
C ALA G 144 -60.43 36.26 41.76
N HIS G 145 -59.56 36.91 42.52
CA HIS G 145 -58.82 38.02 41.99
C HIS G 145 -57.35 37.65 41.90
N GLN G 146 -56.90 36.87 42.86
CA GLN G 146 -55.52 36.44 42.94
C GLN G 146 -55.09 35.64 41.72
N ILE G 147 -56.01 34.87 41.18
CA ILE G 147 -55.78 34.11 39.97
C ILE G 147 -55.24 34.94 38.79
N SER G 148 -55.51 36.25 38.78
CA SER G 148 -55.04 37.07 37.68
C SER G 148 -53.56 37.42 37.79
N ASP G 149 -53.01 37.37 39.01
CA ASP G 149 -51.59 37.63 39.16
C ASP G 149 -50.81 36.48 38.64
N ILE G 150 -51.28 35.28 38.94
CA ILE G 150 -50.61 34.08 38.49
C ILE G 150 -50.56 34.05 37.00
N LYS G 151 -51.69 34.30 36.39
CA LYS G 151 -51.81 34.25 34.96
C LYS G 151 -50.97 35.31 34.27
N ARG G 152 -50.93 36.52 34.82
CA ARG G 152 -50.11 37.58 34.22
C ARG G 152 -48.64 37.28 34.33
N PHE G 153 -48.23 36.82 35.51
CA PHE G 153 -46.86 36.45 35.76
C PHE G 153 -46.38 35.41 34.80
N LEU G 154 -47.15 34.34 34.65
CA LEU G 154 -46.76 33.27 33.76
C LEU G 154 -46.75 33.72 32.31
N LYS G 155 -47.67 34.59 31.91
CA LYS G 155 -47.74 35.03 30.53
C LYS G 155 -46.42 35.59 30.01
N ASN G 156 -45.77 36.46 30.77
CA ASN G 156 -44.49 36.97 30.30
C ASN G 156 -43.29 36.20 30.84
N SER G 157 -43.51 35.00 31.37
CA SER G 157 -42.43 34.17 31.86
C SER G 157 -41.98 33.17 30.81
N PHE G 158 -42.47 33.29 29.58
CA PHE G 158 -42.04 32.33 28.60
C PHE G 158 -42.25 32.85 27.17
N ALA G 159 -41.30 32.55 26.32
CA ALA G 159 -41.18 32.98 24.92
C ALA G 159 -42.49 33.22 24.18
N ASP G 160 -43.45 32.31 24.24
CA ASP G 160 -44.66 32.55 23.47
C ASP G 160 -45.89 31.80 24.01
N VAL G 161 -46.58 32.46 24.93
CA VAL G 161 -47.82 31.95 25.48
C VAL G 161 -48.86 33.03 25.36
N ASP G 162 -50.07 32.73 25.78
CA ASP G 162 -51.14 33.72 25.73
C ASP G 162 -52.19 33.42 26.79
N TYR G 163 -53.15 34.31 26.98
CA TYR G 163 -54.14 34.14 28.03
C TYR G 163 -55.18 33.04 27.77
N ASP G 164 -55.15 32.42 26.59
CA ASP G 164 -56.06 31.33 26.33
C ASP G 164 -55.40 29.98 26.49
N ASN G 165 -54.07 29.98 26.59
CA ASN G 165 -53.34 28.74 26.72
C ASN G 165 -52.67 28.59 28.07
N ILE G 166 -53.17 29.34 29.05
CA ILE G 166 -52.69 29.25 30.42
C ILE G 166 -53.87 28.94 31.33
N SER G 167 -53.83 27.80 32.00
CA SER G 167 -54.93 27.45 32.88
C SER G 167 -54.54 27.36 34.34
N VAL G 168 -55.34 27.97 35.19
CA VAL G 168 -55.06 27.94 36.62
C VAL G 168 -56.25 27.42 37.41
N VAL G 169 -56.02 26.37 38.16
CA VAL G 169 -57.02 25.78 39.02
C VAL G 169 -56.55 25.88 40.45
N LEU G 170 -57.37 26.44 41.30
CA LEU G 170 -56.91 26.68 42.66
C LEU G 170 -58.00 26.62 43.71
N SER G 171 -57.55 26.59 44.96
CA SER G 171 -58.44 26.58 46.12
C SER G 171 -57.70 27.03 47.38
N GLU G 172 -58.22 26.63 48.54
CA GLU G 172 -57.62 27.04 49.79
C GLU G 172 -57.61 25.89 50.78
N ARG G 173 -56.77 26.01 51.80
CA ARG G 173 -56.63 24.95 52.80
C ARG G 173 -57.91 24.71 53.61
N SER G 174 -57.95 23.52 54.20
CA SER G 174 -59.06 23.08 55.05
C SER G 174 -58.85 23.51 56.50
N ASP G 175 -59.82 23.18 57.36
CA ASP G 175 -59.78 23.48 58.79
C ASP G 175 -58.62 22.73 59.43
N ALA G 176 -57.64 23.48 59.94
CA ALA G 176 -56.42 22.89 60.50
C ALA G 176 -56.68 21.92 61.64
N GLN G 177 -56.02 20.77 61.58
CA GLN G 177 -56.18 19.78 62.63
C GLN G 177 -55.25 20.12 63.77
N LEU G 178 -55.77 20.92 64.70
CA LEU G 178 -54.99 21.38 65.83
C LEU G 178 -55.25 20.60 67.12
N GLN G 179 -56.01 19.51 67.04
CA GLN G 179 -56.35 18.74 68.23
C GLN G 179 -55.93 17.29 68.13
N ALA G 180 -55.45 16.73 69.24
CA ALA G 180 -55.04 15.34 69.25
C ALA G 180 -56.26 14.42 69.19
N PRO G 181 -56.18 13.30 68.46
CA PRO G 181 -57.18 12.24 68.30
C PRO G 181 -57.70 11.66 69.61
N GLY G 182 -56.80 11.39 70.54
CA GLY G 182 -57.16 10.84 71.83
C GLY G 182 -56.95 9.34 71.85
N THR G 183 -56.84 8.78 73.04
CA THR G 183 -56.63 7.35 73.21
C THR G 183 -57.97 6.61 73.24
N PRO G 184 -57.96 5.29 73.09
CA PRO G 184 -59.09 4.39 73.17
C PRO G 184 -59.55 4.26 74.60
N VAL G 185 -60.82 3.92 74.77
CA VAL G 185 -61.39 3.78 76.11
C VAL G 185 -61.19 2.39 76.64
N LYS G 186 -60.36 2.28 77.68
CA LYS G 186 -60.09 1.02 78.35
C LYS G 186 -59.15 1.23 79.53
N ALA H 42 -68.10 7.40 81.32
CA ALA H 42 -67.58 7.82 80.03
C ALA H 42 -68.55 8.77 79.35
N GLU H 43 -68.74 9.95 79.92
CA GLU H 43 -69.65 10.92 79.33
C GLU H 43 -69.23 11.24 77.92
N LEU H 44 -70.17 11.11 77.00
CA LEU H 44 -69.92 11.32 75.57
C LEU H 44 -69.26 12.65 75.27
N ASP H 45 -69.62 13.70 75.98
CA ASP H 45 -69.01 15.01 75.78
C ASP H 45 -67.50 14.98 75.98
N SER H 46 -67.03 14.14 76.90
CA SER H 46 -65.60 14.04 77.16
C SER H 46 -64.95 13.07 76.20
N LEU H 47 -65.75 12.16 75.63
CA LEU H 47 -65.24 11.21 74.65
C LEU H 47 -64.93 11.91 73.33
N LEU H 48 -65.76 12.89 72.97
CA LEU H 48 -65.56 13.68 71.76
C LEU H 48 -64.42 14.68 71.96
N GLY H 49 -63.85 15.14 70.84
CA GLY H 49 -62.70 16.07 70.79
C GLY H 49 -62.64 17.22 71.82
N GLN H 50 -61.46 17.83 71.92
CA GLN H 50 -61.20 18.93 72.86
C GLN H 50 -62.12 20.11 72.64
N GLU H 51 -62.33 20.46 71.38
CA GLU H 51 -63.25 21.53 71.08
C GLU H 51 -64.64 20.97 71.00
N LYS H 52 -65.23 20.78 72.18
CA LYS H 52 -66.56 20.20 72.31
C LYS H 52 -67.66 20.97 71.59
N GLU H 53 -67.39 22.21 71.24
CA GLU H 53 -68.36 23.05 70.57
C GLU H 53 -68.54 22.71 69.09
N ARG H 54 -67.78 21.71 68.60
CA ARG H 54 -67.94 21.27 67.23
C ARG H 54 -69.10 20.30 67.10
N PHE H 55 -69.60 19.79 68.23
CA PHE H 55 -70.67 18.81 68.18
C PHE H 55 -71.84 19.19 69.03
N GLN H 56 -73.04 18.83 68.59
CA GLN H 56 -74.21 19.05 69.41
C GLN H 56 -74.83 17.72 69.80
N VAL H 57 -74.64 17.33 71.04
CA VAL H 57 -75.20 16.08 71.49
C VAL H 57 -76.68 16.24 71.80
N LEU H 58 -77.48 15.33 71.25
CA LEU H 58 -78.93 15.40 71.37
C LEU H 58 -79.47 14.15 72.05
N PRO H 59 -80.52 14.28 72.86
CA PRO H 59 -81.10 13.14 73.57
C PRO H 59 -82.40 12.70 72.94
N GLY H 60 -82.34 11.70 72.07
CA GLY H 60 -83.54 11.24 71.38
C GLY H 60 -84.51 10.51 72.30
N ARG H 61 -85.80 10.61 71.97
CA ARG H 61 -86.85 9.97 72.75
C ARG H 61 -86.83 8.44 72.64
N ASP H 62 -86.09 7.94 71.65
CA ASP H 62 -85.89 6.52 71.44
C ASP H 62 -84.74 5.93 72.26
N LYS H 63 -84.24 6.71 73.24
CA LYS H 63 -83.14 6.30 74.12
C LYS H 63 -81.79 6.23 73.40
N MET H 64 -81.70 6.86 72.23
CA MET H 64 -80.46 6.92 71.50
C MET H 64 -79.87 8.30 71.62
N LEU H 65 -78.60 8.35 71.99
CA LEU H 65 -77.95 9.62 72.16
C LEU H 65 -77.33 9.99 70.80
N TYR H 66 -77.74 11.12 70.27
CA TYR H 66 -77.31 11.50 68.94
C TYR H 66 -76.20 12.52 68.93
N VAL H 67 -75.34 12.44 67.92
CA VAL H 67 -74.26 13.41 67.79
C VAL H 67 -74.39 14.21 66.52
N ALA H 68 -74.84 15.45 66.62
CA ALA H 68 -74.99 16.24 65.41
C ALA H 68 -73.67 16.85 65.00
N ALA H 69 -73.26 16.55 63.77
CA ALA H 69 -72.03 17.08 63.21
C ALA H 69 -72.35 17.98 62.03
N GLN H 70 -71.55 19.03 61.85
CA GLN H 70 -71.78 19.99 60.78
C GLN H 70 -70.93 19.72 59.54
N ASN H 71 -70.06 18.72 59.59
CA ASN H 71 -69.17 18.43 58.48
C ASN H 71 -68.79 16.98 58.46
N GLU H 72 -68.66 16.41 57.26
CA GLU H 72 -68.28 15.00 57.13
C GLU H 72 -66.98 14.61 57.81
N ARG H 73 -66.09 15.57 58.06
CA ARG H 73 -64.86 15.27 58.78
C ARG H 73 -65.16 15.05 60.25
N ASP H 74 -66.18 15.74 60.74
CA ASP H 74 -66.56 15.65 62.13
C ASP H 74 -67.47 14.45 62.27
N THR H 75 -68.20 14.14 61.21
CA THR H 75 -69.04 12.97 61.18
C THR H 75 -68.17 11.75 61.38
N LEU H 76 -67.11 11.66 60.59
CA LEU H 76 -66.18 10.55 60.72
C LEU H 76 -65.49 10.54 62.06
N TRP H 77 -65.11 11.72 62.55
CA TRP H 77 -64.47 11.83 63.86
C TRP H 77 -65.29 11.12 64.92
N ALA H 78 -66.56 11.52 65.01
CA ALA H 78 -67.49 10.96 65.98
C ALA H 78 -67.71 9.47 65.77
N ARG H 79 -67.79 9.04 64.52
CA ARG H 79 -67.99 7.62 64.26
C ARG H 79 -66.80 6.81 64.74
N GLN H 80 -65.60 7.36 64.57
CA GLN H 80 -64.42 6.68 65.05
C GLN H 80 -64.42 6.61 66.55
N VAL H 81 -64.92 7.65 67.21
CA VAL H 81 -65.02 7.62 68.67
C VAL H 81 -65.92 6.49 69.13
N LEU H 82 -67.07 6.34 68.48
CA LEU H 82 -67.99 5.28 68.86
C LEU H 82 -67.42 3.88 68.62
N ALA H 83 -66.65 3.71 67.55
CA ALA H 83 -66.04 2.42 67.25
C ALA H 83 -64.77 2.15 68.08
N ARG H 84 -64.00 3.21 68.35
CA ARG H 84 -62.74 3.10 69.10
C ARG H 84 -62.94 2.98 70.57
N GLY H 85 -63.68 3.92 71.13
CA GLY H 85 -63.93 3.96 72.56
C GLY H 85 -65.21 3.23 72.86
N ASP H 86 -65.87 3.65 73.91
CA ASP H 86 -67.09 2.96 74.25
C ASP H 86 -68.02 3.86 75.03
N TYR H 87 -69.27 3.51 74.98
CA TYR H 87 -70.33 4.20 75.67
C TYR H 87 -71.52 3.25 75.75
N ASP H 88 -71.84 2.80 76.96
CA ASP H 88 -72.93 1.86 77.15
C ASP H 88 -74.30 2.47 76.96
N LYS H 89 -74.66 2.72 75.71
CA LYS H 89 -75.96 3.29 75.36
C LYS H 89 -76.06 3.47 73.86
N ASN H 90 -77.27 3.29 73.35
CA ASN H 90 -77.52 3.50 71.93
C ASN H 90 -77.00 4.87 71.54
N ALA H 91 -76.35 4.95 70.39
CA ALA H 91 -75.83 6.21 69.92
C ALA H 91 -75.76 6.24 68.41
N ARG H 92 -75.86 7.43 67.84
CA ARG H 92 -75.84 7.56 66.38
C ARG H 92 -75.49 8.97 65.92
N VAL H 93 -74.52 9.04 65.01
CA VAL H 93 -74.06 10.33 64.50
C VAL H 93 -74.99 10.87 63.40
N ILE H 94 -75.36 12.13 63.56
CA ILE H 94 -76.22 12.85 62.62
C ILE H 94 -75.47 13.73 61.65
N ASN H 95 -75.85 13.63 60.40
CA ASN H 95 -75.27 14.43 59.32
C ASN H 95 -76.38 15.03 58.49
N GLU H 96 -76.45 16.35 58.49
CA GLU H 96 -77.48 17.12 57.78
C GLU H 96 -77.86 16.60 56.40
N ASN H 97 -76.88 16.33 55.56
CA ASN H 97 -77.17 15.83 54.23
C ASN H 97 -77.63 14.41 54.24
N GLU H 98 -77.04 13.59 55.11
CA GLU H 98 -77.42 12.19 55.16
C GLU H 98 -78.84 12.04 55.65
N GLU H 99 -79.24 12.90 56.60
CA GLU H 99 -80.57 12.86 57.13
C GLU H 99 -81.56 13.39 56.15
N ASN H 100 -81.17 14.43 55.40
CA ASN H 100 -82.05 14.96 54.40
C ASN H 100 -82.39 13.86 53.40
N LYS H 101 -81.35 13.10 53.00
CA LYS H 101 -81.53 11.99 52.08
C LYS H 101 -82.38 10.86 52.65
N ARG H 102 -82.09 10.45 53.89
CA ARG H 102 -82.84 9.38 54.52
C ARG H 102 -84.32 9.65 54.52
N ILE H 103 -84.67 10.88 54.89
CA ILE H 103 -86.04 11.30 54.90
C ILE H 103 -86.64 11.30 53.53
N SER H 104 -85.91 11.86 52.54
CA SER H 104 -86.46 11.93 51.20
C SER H 104 -86.79 10.56 50.62
N ILE H 105 -86.05 9.53 51.03
CA ILE H 105 -86.33 8.18 50.57
C ILE H 105 -87.68 7.70 51.06
N TRP H 106 -87.87 7.79 52.37
CA TRP H 106 -89.11 7.36 52.98
C TRP H 106 -90.27 8.16 52.45
N LEU H 107 -90.03 9.46 52.36
CA LEU H 107 -91.02 10.41 51.93
C LEU H 107 -91.50 10.11 50.52
N ASP H 108 -90.59 9.80 49.61
CA ASP H 108 -91.02 9.46 48.25
C ASP H 108 -91.92 8.22 48.21
N THR H 109 -91.61 7.21 49.03
CA THR H 109 -92.42 5.98 49.07
C THR H 109 -93.83 6.20 49.60
N TYR H 110 -93.95 6.91 50.71
CA TYR H 110 -95.25 7.11 51.33
C TYR H 110 -96.00 8.32 50.82
N TYR H 111 -95.28 9.34 50.40
CA TYR H 111 -95.88 10.52 49.80
C TYR H 111 -95.30 10.83 48.43
N PRO H 112 -95.53 9.97 47.43
CA PRO H 112 -95.05 10.10 46.09
C PRO H 112 -95.73 11.29 45.48
N GLN H 113 -95.03 11.95 44.57
CA GLN H 113 -95.48 13.17 43.92
C GLN H 113 -95.49 14.42 44.84
N LEU H 114 -95.05 14.28 46.11
CA LEU H 114 -95.00 15.46 46.97
C LEU H 114 -93.95 16.42 46.46
N ALA H 115 -94.33 17.68 46.26
CA ALA H 115 -93.37 18.65 45.77
C ALA H 115 -92.73 19.41 46.92
N TYR H 116 -91.43 19.22 47.11
CA TYR H 116 -90.75 19.86 48.22
C TYR H 116 -89.31 20.20 47.86
N TYR H 117 -88.67 20.98 48.73
CA TYR H 117 -87.32 21.46 48.48
C TYR H 117 -86.26 20.82 49.36
N ARG H 118 -86.11 21.31 50.58
CA ARG H 118 -85.07 20.78 51.43
C ARG H 118 -85.36 21.03 52.89
N ILE H 119 -84.93 20.11 53.75
CA ILE H 119 -85.11 20.27 55.18
C ILE H 119 -83.93 21.01 55.78
N HIS H 120 -84.23 22.09 56.48
CA HIS H 120 -83.24 22.90 57.13
C HIS H 120 -83.16 22.51 58.58
N PHE H 121 -82.11 21.81 58.94
CA PHE H 121 -82.02 21.29 60.28
C PHE H 121 -81.64 22.35 61.30
N ASP H 122 -80.69 23.22 60.95
CA ASP H 122 -80.25 24.35 61.80
C ASP H 122 -80.35 24.08 63.29
N GLU H 123 -81.53 24.33 63.87
CA GLU H 123 -81.80 24.06 65.27
C GLU H 123 -82.46 22.70 65.43
N PRO H 124 -81.66 21.62 65.54
CA PRO H 124 -82.09 20.20 65.65
C PRO H 124 -83.53 19.98 66.10
N ARG H 125 -83.90 20.57 67.22
CA ARG H 125 -85.19 20.47 67.85
C ARG H 125 -86.38 20.75 66.94
N LYS H 126 -86.24 21.77 66.10
CA LYS H 126 -87.31 22.21 65.22
C LYS H 126 -86.82 22.51 63.82
N PRO H 127 -86.58 21.49 62.99
CA PRO H 127 -86.14 21.57 61.62
C PRO H 127 -87.26 22.15 60.79
N VAL H 128 -86.90 22.83 59.72
CA VAL H 128 -87.88 23.46 58.84
C VAL H 128 -87.99 22.72 57.53
N PHE H 129 -89.20 22.44 57.13
CA PHE H 129 -89.43 21.69 55.92
C PHE H 129 -89.95 22.59 54.82
N TRP H 130 -89.16 22.87 53.80
CA TRP H 130 -89.68 23.70 52.71
C TRP H 130 -90.50 22.86 51.76
N LEU H 131 -91.73 23.32 51.52
CA LEU H 131 -92.73 22.66 50.71
C LEU H 131 -93.19 23.56 49.57
N SER H 132 -93.37 23.03 48.36
CA SER H 132 -93.79 23.90 47.25
C SER H 132 -95.20 24.43 47.44
N ARG H 133 -95.30 25.73 47.70
CA ARG H 133 -96.58 26.39 47.90
C ARG H 133 -97.53 26.25 46.74
N GLN H 134 -97.00 26.43 45.53
CA GLN H 134 -97.81 26.41 44.34
C GLN H 134 -98.16 25.03 43.82
N ARG H 135 -97.25 24.06 43.93
CA ARG H 135 -97.55 22.73 43.40
C ARG H 135 -98.35 21.83 44.33
N ASN H 136 -98.29 22.05 45.63
CA ASN H 136 -99.05 21.18 46.53
C ASN H 136 -100.41 21.76 46.86
N THR H 137 -101.41 20.88 46.92
CA THR H 137 -102.78 21.26 47.22
C THR H 137 -103.30 20.54 48.46
N MET H 138 -102.40 20.13 49.34
CA MET H 138 -102.78 19.43 50.56
C MET H 138 -103.55 20.32 51.51
N SER H 139 -104.50 19.73 52.23
CA SER H 139 -105.27 20.49 53.20
C SER H 139 -104.48 20.67 54.46
N LYS H 140 -104.92 21.60 55.30
CA LYS H 140 -104.25 21.85 56.57
C LYS H 140 -104.14 20.60 57.41
N LYS H 141 -105.22 19.81 57.44
CA LYS H 141 -105.25 18.58 58.20
C LYS H 141 -104.26 17.58 57.65
N GLU H 142 -104.18 17.50 56.33
CA GLU H 142 -103.23 16.59 55.71
C GLU H 142 -101.81 16.99 56.04
N LEU H 143 -101.55 18.29 56.07
CA LEU H 143 -100.23 18.79 56.41
C LEU H 143 -99.89 18.48 57.86
N GLU H 144 -100.89 18.52 58.74
CA GLU H 144 -100.68 18.12 60.13
C GLU H 144 -100.13 16.71 60.19
N VAL H 145 -100.82 15.81 59.49
CA VAL H 145 -100.45 14.41 59.45
C VAL H 145 -99.04 14.23 58.91
N LEU H 146 -98.74 14.94 57.83
CA LEU H 146 -97.42 14.90 57.23
C LEU H 146 -96.34 15.25 58.24
N SER H 147 -96.54 16.35 58.98
CA SER H 147 -95.53 16.74 59.95
C SER H 147 -95.39 15.70 61.04
N GLN H 148 -96.47 15.02 61.38
CA GLN H 148 -96.41 13.99 62.38
C GLN H 148 -95.59 12.80 61.93
N LYS H 149 -95.70 12.47 60.64
CA LYS H 149 -94.91 11.39 60.11
C LYS H 149 -93.44 11.75 60.10
N LEU H 150 -93.17 13.02 59.81
CA LEU H 150 -91.80 13.50 59.82
C LEU H 150 -91.23 13.45 61.22
N ARG H 151 -92.07 13.76 62.23
CA ARG H 151 -91.62 13.69 63.61
C ARG H 151 -91.23 12.27 63.94
N ALA H 152 -91.99 11.30 63.45
CA ALA H 152 -91.68 9.90 63.66
C ALA H 152 -90.32 9.55 63.06
N LEU H 153 -90.03 10.11 61.89
CA LEU H 153 -88.75 9.87 61.24
C LEU H 153 -87.56 10.48 61.96
N MET H 154 -87.79 11.52 62.77
CA MET H 154 -86.73 12.20 63.51
C MET H 154 -86.91 12.12 65.04
N PRO H 155 -86.40 11.04 65.68
CA PRO H 155 -86.41 10.69 67.11
C PRO H 155 -86.01 11.82 68.04
N TYR H 156 -85.15 12.71 67.56
CA TYR H 156 -84.68 13.82 68.39
C TYR H 156 -85.56 15.06 68.27
N ALA H 157 -85.97 15.37 67.05
CA ALA H 157 -86.77 16.55 66.80
C ALA H 157 -88.04 16.51 67.63
N ASP H 158 -88.42 17.67 68.16
CA ASP H 158 -89.61 17.75 68.98
C ASP H 158 -90.81 18.03 68.10
N SER H 159 -90.60 18.84 67.07
CA SER H 159 -91.67 19.14 66.13
C SER H 159 -91.09 19.52 64.79
N VAL H 160 -91.93 19.55 63.77
CA VAL H 160 -91.46 19.89 62.44
C VAL H 160 -92.21 21.11 61.92
N ASN H 161 -91.46 22.09 61.47
CA ASN H 161 -92.08 23.30 60.96
C ASN H 161 -92.21 23.27 59.46
N ILE H 162 -93.33 22.76 58.96
CA ILE H 162 -93.56 22.76 57.54
C ILE H 162 -94.01 24.12 57.09
N THR H 163 -93.36 24.63 56.05
CA THR H 163 -93.72 25.94 55.53
C THR H 163 -93.70 25.90 54.03
N LEU H 164 -94.55 26.72 53.43
CA LEU H 164 -94.71 26.71 52.00
C LEU H 164 -93.91 27.84 51.34
N MET H 165 -93.13 27.46 50.33
CA MET H 165 -92.27 28.40 49.60
C MET H 165 -92.78 28.66 48.19
N ASP H 166 -92.58 29.87 47.70
CA ASP H 166 -93.04 30.20 46.36
C ASP H 166 -92.01 29.86 45.29
N ASP H 167 -92.36 28.90 44.44
CA ASP H 167 -91.52 28.41 43.35
C ASP H 167 -90.89 29.51 42.50
N VAL H 168 -91.62 30.60 42.32
CA VAL H 168 -91.14 31.71 41.53
C VAL H 168 -89.94 32.37 42.14
N THR H 169 -89.92 32.50 43.47
CA THR H 169 -88.81 33.17 44.11
C THR H 169 -87.58 32.30 44.10
N ALA H 170 -87.79 30.98 44.09
CA ALA H 170 -86.66 30.07 44.00
C ALA H 170 -85.97 30.25 42.66
N ALA H 171 -86.77 30.24 41.59
CA ALA H 171 -86.23 30.41 40.25
C ALA H 171 -85.63 31.79 40.07
N GLY H 172 -86.30 32.81 40.62
CA GLY H 172 -85.83 34.18 40.50
C GLY H 172 -84.45 34.36 41.06
N GLN H 173 -84.21 33.81 42.25
CA GLN H 173 -82.90 33.91 42.86
C GLN H 173 -81.84 33.18 42.06
N ALA H 174 -82.20 32.00 41.56
CA ALA H 174 -81.25 31.22 40.77
C ALA H 174 -80.74 32.01 39.58
N GLU H 175 -81.66 32.60 38.83
CA GLU H 175 -81.26 33.33 37.65
C GLU H 175 -80.59 34.65 37.99
N ALA H 176 -81.12 35.36 38.97
CA ALA H 176 -80.57 36.66 39.33
C ALA H 176 -79.11 36.58 39.70
N GLY H 177 -78.76 35.64 40.58
CA GLY H 177 -77.37 35.49 40.99
C GLY H 177 -76.50 35.06 39.83
N LEU H 178 -77.02 34.15 39.02
CA LEU H 178 -76.31 33.64 37.86
C LEU H 178 -75.90 34.75 36.91
N LYS H 179 -76.84 35.64 36.58
CA LYS H 179 -76.53 36.74 35.70
C LYS H 179 -75.74 37.84 36.41
N GLN H 180 -75.85 37.95 37.74
CA GLN H 180 -75.05 38.93 38.48
C GLN H 180 -73.57 38.62 38.33
N GLN H 181 -73.24 37.32 38.32
CA GLN H 181 -71.88 36.85 38.12
C GLN H 181 -71.37 37.02 36.67
N ALA H 182 -72.21 37.57 35.78
CA ALA H 182 -71.88 37.80 34.38
C ALA H 182 -71.65 36.51 33.63
N LEU H 183 -72.36 35.46 34.02
CA LEU H 183 -72.20 34.18 33.37
C LEU H 183 -73.19 34.04 32.23
N PRO H 184 -72.80 33.39 31.14
CA PRO H 184 -73.60 33.06 29.98
C PRO H 184 -74.46 31.86 30.34
N TYR H 185 -75.69 31.83 29.89
CA TYR H 185 -76.54 30.70 30.19
C TYR H 185 -77.79 30.70 29.35
N SER H 186 -78.51 29.60 29.38
CA SER H 186 -79.78 29.55 28.71
C SER H 186 -80.76 28.79 29.60
N ARG H 187 -81.84 29.47 29.94
CA ARG H 187 -82.86 28.95 30.84
C ARG H 187 -83.79 27.96 30.15
N ARG H 188 -84.17 26.92 30.87
CA ARG H 188 -85.06 25.89 30.38
C ARG H 188 -86.24 25.66 31.29
N ASN H 189 -87.32 26.39 31.07
CA ASN H 189 -88.50 26.19 31.87
C ASN H 189 -89.26 24.98 31.39
N HIS H 190 -89.70 24.15 32.32
CA HIS H 190 -90.50 23.00 31.94
C HIS H 190 -91.45 22.68 33.07
N LYS H 191 -92.45 21.86 32.80
CA LYS H 191 -93.38 21.55 33.86
C LYS H 191 -92.65 20.83 34.96
N GLY H 192 -92.75 21.36 36.17
CA GLY H 192 -92.13 20.75 37.33
C GLY H 192 -90.72 21.24 37.67
N GLY H 193 -90.13 22.12 36.85
CA GLY H 193 -88.79 22.58 37.20
C GLY H 193 -88.14 23.52 36.18
N VAL H 194 -86.88 23.83 36.41
CA VAL H 194 -86.14 24.69 35.50
C VAL H 194 -84.67 24.34 35.47
N THR H 195 -84.10 24.31 34.28
CA THR H 195 -82.69 24.00 34.14
C THR H 195 -81.90 25.15 33.50
N PHE H 196 -80.73 25.44 34.07
CA PHE H 196 -79.88 26.50 33.57
C PHE H 196 -78.65 25.94 32.88
N VAL H 197 -78.66 26.02 31.57
CA VAL H 197 -77.60 25.46 30.75
C VAL H 197 -76.47 26.43 30.50
N ILE H 198 -75.25 26.01 30.82
CA ILE H 198 -74.07 26.84 30.61
C ILE H 198 -73.09 26.12 29.69
N GLN H 199 -73.03 26.53 28.43
CA GLN H 199 -72.14 25.88 27.48
C GLN H 199 -71.11 26.80 26.88
N GLY H 200 -70.17 26.21 26.15
CA GLY H 200 -69.12 26.93 25.47
C GLY H 200 -67.82 26.85 26.24
N ALA H 201 -66.76 27.41 25.66
CA ALA H 201 -65.48 27.45 26.35
C ALA H 201 -65.57 28.46 27.46
N LEU H 202 -64.97 28.15 28.59
CA LEU H 202 -65.05 29.06 29.72
C LEU H 202 -63.69 29.49 30.25
N ASP H 203 -63.62 30.75 30.65
CA ASP H 203 -62.45 31.34 31.26
C ASP H 203 -62.31 30.80 32.66
N ASP H 204 -61.11 30.46 33.08
CA ASP H 204 -60.89 29.93 34.42
C ASP H 204 -61.52 30.78 35.53
N VAL H 205 -61.61 32.09 35.31
CA VAL H 205 -62.18 32.97 36.30
C VAL H 205 -63.68 32.75 36.41
N GLU H 206 -64.36 32.74 35.27
CA GLU H 206 -65.80 32.53 35.30
C GLU H 206 -66.16 31.12 35.70
N ILE H 207 -65.24 30.17 35.51
CA ILE H 207 -65.50 28.82 35.97
C ILE H 207 -65.59 28.80 37.48
N LEU H 208 -64.61 29.43 38.13
CA LEU H 208 -64.59 29.52 39.57
C LEU H 208 -65.85 30.17 40.10
N ARG H 209 -66.20 31.32 39.53
CA ARG H 209 -67.39 32.04 39.94
C ARG H 209 -68.64 31.21 39.80
N ALA H 210 -68.77 30.50 38.68
CA ALA H 210 -69.93 29.69 38.43
C ALA H 210 -70.11 28.64 39.50
N ARG H 211 -69.05 27.91 39.82
CA ARG H 211 -69.19 26.88 40.83
C ARG H 211 -69.55 27.42 42.18
N GLN H 212 -68.92 28.53 42.58
CA GLN H 212 -69.21 29.10 43.89
C GLN H 212 -70.69 29.42 44.03
N PHE H 213 -71.25 30.04 42.99
CA PHE H 213 -72.66 30.35 42.99
C PHE H 213 -73.54 29.13 43.08
N VAL H 214 -73.28 28.14 42.24
CA VAL H 214 -74.07 26.94 42.21
C VAL H 214 -74.08 26.20 43.52
N ASP H 215 -72.90 26.05 44.13
CA ASP H 215 -72.81 25.37 45.40
C ASP H 215 -73.66 26.05 46.46
N SER H 216 -73.63 27.38 46.51
CA SER H 216 -74.43 28.09 47.48
C SER H 216 -75.91 27.94 47.26
N TYR H 217 -76.34 28.02 45.99
CA TYR H 217 -77.75 27.88 45.69
C TYR H 217 -78.25 26.51 46.13
N TYR H 218 -77.47 25.50 45.79
CA TYR H 218 -77.78 24.14 46.16
C TYR H 218 -77.91 24.00 47.67
N ARG H 219 -76.90 24.48 48.39
CA ARG H 219 -76.91 24.42 49.84
C ARG H 219 -78.19 24.98 50.44
N THR H 220 -78.67 26.10 49.90
CA THR H 220 -79.89 26.71 50.42
C THR H 220 -81.16 26.01 49.96
N TRP H 221 -81.43 26.07 48.67
CA TRP H 221 -82.68 25.54 48.14
C TRP H 221 -82.68 24.06 47.83
N GLY H 222 -81.53 23.53 47.44
CA GLY H 222 -81.46 22.12 47.07
C GLY H 222 -81.64 22.01 45.56
N GLY H 223 -81.42 20.82 45.02
CA GLY H 223 -81.50 20.62 43.57
C GLY H 223 -82.77 19.90 43.08
N ARG H 224 -83.89 20.08 43.75
CA ARG H 224 -85.11 19.40 43.33
C ARG H 224 -85.97 20.21 42.36
N TYR H 225 -85.71 21.51 42.26
CA TYR H 225 -86.49 22.34 41.37
C TYR H 225 -85.59 22.99 40.35
N VAL H 226 -84.51 23.59 40.82
CA VAL H 226 -83.53 24.22 39.95
C VAL H 226 -82.35 23.31 39.71
N GLN H 227 -82.09 23.03 38.45
CA GLN H 227 -80.98 22.19 38.05
C GLN H 227 -79.99 22.99 37.22
N PHE H 228 -78.72 22.97 37.61
CA PHE H 228 -77.73 23.68 36.82
C PHE H 228 -76.98 22.69 35.96
N ALA H 229 -76.50 23.14 34.81
CA ALA H 229 -75.82 22.25 33.87
C ALA H 229 -74.60 22.89 33.25
N ILE H 230 -73.47 22.82 33.94
CA ILE H 230 -72.23 23.37 33.42
C ILE H 230 -71.57 22.40 32.47
N GLU H 231 -71.37 22.83 31.24
CA GLU H 231 -70.77 22.00 30.21
C GLU H 231 -69.63 22.68 29.49
N LEU H 232 -68.42 22.36 29.89
CA LEU H 232 -67.22 22.93 29.31
C LEU H 232 -66.96 22.32 27.92
N LYS H 233 -67.18 23.11 26.88
CA LYS H 233 -67.04 22.60 25.50
C LYS H 233 -66.25 23.51 24.58
N ASP H 234 -65.71 22.95 23.51
CA ASP H 234 -64.98 23.72 22.51
C ASP H 234 -65.90 24.46 21.55
N ASP H 235 -65.46 25.63 21.12
CA ASP H 235 -66.22 26.45 20.19
C ASP H 235 -65.51 26.53 18.83
N ASP I 3 -42.20 16.48 74.07
CA ASP I 3 -40.90 15.93 73.73
C ASP I 3 -41.00 14.94 72.59
N LYS I 4 -41.38 15.44 71.41
CA LYS I 4 -41.52 14.58 70.25
C LYS I 4 -40.54 14.95 69.15
N ASP I 5 -40.06 13.94 68.43
CA ASP I 5 -39.16 14.19 67.32
C ASP I 5 -39.98 14.53 66.08
N LEU I 6 -39.68 15.64 65.45
CA LEU I 6 -40.42 16.04 64.26
C LEU I 6 -39.58 15.82 63.01
N LEU I 7 -38.43 16.50 62.94
CA LEU I 7 -37.54 16.38 61.79
C LEU I 7 -36.10 16.06 62.19
N LYS I 8 -35.40 15.34 61.32
CA LYS I 8 -34.00 15.00 61.59
C LYS I 8 -33.12 15.10 60.34
N GLY I 9 -31.86 15.41 60.54
CA GLY I 9 -30.92 15.46 59.42
C GLY I 9 -31.06 16.71 58.57
N LEU I 10 -31.56 17.78 59.16
CA LEU I 10 -31.78 19.00 58.41
C LEU I 10 -30.51 19.78 58.25
N ASP I 11 -30.41 20.53 57.16
CA ASP I 11 -29.25 21.38 57.05
C ASP I 11 -29.59 22.67 57.76
N GLN I 12 -28.66 23.59 57.81
CA GLN I 12 -28.87 24.82 58.54
C GLN I 12 -30.03 25.65 58.04
N GLU I 13 -30.09 25.87 56.73
CA GLU I 13 -31.15 26.66 56.12
C GLU I 13 -32.53 26.10 56.40
N GLN I 14 -32.69 24.82 56.13
CA GLN I 14 -33.95 24.12 56.32
C GLN I 14 -34.41 24.22 57.74
N ALA I 15 -33.51 23.98 58.68
CA ALA I 15 -33.85 24.00 60.09
C ALA I 15 -34.42 25.35 60.48
N ASN I 16 -33.75 26.42 60.08
CA ASN I 16 -34.23 27.74 60.46
C ASN I 16 -35.54 28.10 59.78
N GLU I 17 -35.75 27.64 58.55
CA GLU I 17 -37.00 27.93 57.86
C GLU I 17 -38.19 27.25 58.48
N VAL I 18 -38.04 25.98 58.83
CA VAL I 18 -39.13 25.24 59.45
C VAL I 18 -39.51 25.86 60.76
N ILE I 19 -38.51 26.21 61.56
CA ILE I 19 -38.75 26.84 62.84
C ILE I 19 -39.52 28.11 62.71
N ALA I 20 -39.15 28.94 61.73
CA ALA I 20 -39.84 30.20 61.50
C ALA I 20 -41.33 29.98 61.34
N VAL I 21 -41.70 28.98 60.52
CA VAL I 21 -43.11 28.67 60.30
C VAL I 21 -43.82 28.23 61.57
N LEU I 22 -43.19 27.36 62.33
CA LEU I 22 -43.82 26.86 63.54
C LEU I 22 -44.07 27.97 64.54
N GLN I 23 -43.11 28.89 64.67
CA GLN I 23 -43.27 30.00 65.57
C GLN I 23 -44.39 30.90 65.13
N MET I 24 -44.47 31.13 63.83
CA MET I 24 -45.53 31.94 63.26
C MET I 24 -46.91 31.41 63.63
N HIS I 25 -47.02 30.09 63.71
CA HIS I 25 -48.29 29.47 64.09
C HIS I 25 -48.39 29.12 65.58
N ASN I 26 -47.62 29.82 66.40
CA ASN I 26 -47.66 29.65 67.85
C ASN I 26 -47.18 28.31 68.36
N ILE I 27 -46.06 27.82 67.80
CA ILE I 27 -45.46 26.58 68.25
C ILE I 27 -43.99 26.75 68.58
N GLU I 28 -43.61 26.46 69.82
CA GLU I 28 -42.20 26.52 70.22
C GLU I 28 -41.46 25.34 69.60
N ALA I 29 -40.19 25.54 69.26
CA ALA I 29 -39.44 24.45 68.65
C ALA I 29 -37.98 24.50 69.06
N ASN I 30 -37.39 23.31 69.21
CA ASN I 30 -36.00 23.21 69.61
C ASN I 30 -35.14 22.83 68.44
N LYS I 31 -34.01 23.51 68.27
CA LYS I 31 -33.06 23.13 67.23
C LYS I 31 -31.89 22.43 67.87
N ILE I 32 -31.71 21.17 67.53
CA ILE I 32 -30.66 20.38 68.13
C ILE I 32 -29.54 20.10 67.16
N ASP I 33 -28.34 20.52 67.53
CA ASP I 33 -27.14 20.31 66.73
C ASP I 33 -26.51 18.95 67.03
N SER I 34 -26.61 18.03 66.08
CA SER I 34 -26.04 16.69 66.24
C SER I 34 -24.76 16.52 65.43
N GLY I 35 -24.06 17.63 65.19
CA GLY I 35 -22.79 17.60 64.48
C GLY I 35 -22.96 17.19 63.04
N LYS I 36 -22.18 16.20 62.63
CA LYS I 36 -22.19 15.68 61.27
C LYS I 36 -23.53 15.10 60.85
N LEU I 37 -24.40 14.82 61.81
CA LEU I 37 -25.69 14.25 61.48
C LEU I 37 -26.74 15.30 61.18
N GLY I 38 -26.38 16.59 61.29
CA GLY I 38 -27.31 17.66 60.94
C GLY I 38 -28.13 18.14 62.12
N TYR I 39 -29.22 18.84 61.81
CA TYR I 39 -30.08 19.39 62.84
C TYR I 39 -31.36 18.61 63.02
N SER I 40 -31.86 18.61 64.24
CA SER I 40 -33.11 17.97 64.54
C SER I 40 -34.07 18.94 65.18
N ILE I 41 -35.34 18.82 64.84
CA ILE I 41 -36.34 19.70 65.41
C ILE I 41 -37.31 18.91 66.27
N THR I 42 -37.46 19.36 67.52
CA THR I 42 -38.38 18.71 68.43
C THR I 42 -39.38 19.69 68.99
N VAL I 43 -40.55 19.17 69.35
CA VAL I 43 -41.63 20.02 69.87
C VAL I 43 -42.30 19.43 71.09
N ALA I 44 -43.02 20.27 71.82
CA ALA I 44 -43.77 19.81 72.97
C ALA I 44 -44.91 18.93 72.50
N GLU I 45 -45.15 17.86 73.24
CA GLU I 45 -46.21 16.91 72.91
C GLU I 45 -47.59 17.54 72.66
N PRO I 46 -48.02 18.54 73.45
CA PRO I 46 -49.26 19.29 73.26
C PRO I 46 -49.39 19.94 71.90
N ASP I 47 -48.26 20.32 71.30
CA ASP I 47 -48.27 20.99 70.00
C ASP I 47 -48.04 20.04 68.86
N PHE I 48 -47.38 18.92 69.16
CA PHE I 48 -47.01 17.92 68.16
C PHE I 48 -48.03 17.66 67.05
N THR I 49 -49.31 17.53 67.40
CA THR I 49 -50.33 17.26 66.38
C THR I 49 -50.40 18.41 65.39
N ALA I 50 -50.46 19.62 65.90
CA ALA I 50 -50.54 20.80 65.07
C ALA I 50 -49.26 20.96 64.27
N ALA I 51 -48.13 20.68 64.89
CA ALA I 51 -46.84 20.80 64.23
C ALA I 51 -46.81 19.94 62.98
N VAL I 52 -47.26 18.69 63.11
CA VAL I 52 -47.31 17.79 61.97
C VAL I 52 -48.17 18.33 60.87
N TYR I 53 -49.35 18.83 61.25
CA TYR I 53 -50.25 19.40 60.28
C TYR I 53 -49.58 20.48 59.45
N TRP I 54 -48.85 21.38 60.11
CA TRP I 54 -48.20 22.47 59.40
C TRP I 54 -47.01 22.01 58.55
N ILE I 55 -46.29 20.97 58.98
CA ILE I 55 -45.21 20.42 58.16
C ILE I 55 -45.76 19.97 56.83
N LYS I 56 -46.92 19.32 56.88
CA LYS I 56 -47.59 18.90 55.68
C LYS I 56 -48.02 20.09 54.84
N THR I 57 -48.77 21.00 55.46
CA THR I 57 -49.30 22.18 54.80
C THR I 57 -48.29 22.98 54.02
N TYR I 58 -47.13 23.21 54.62
CA TYR I 58 -46.11 24.01 53.96
C TYR I 58 -45.02 23.25 53.25
N GLN I 59 -45.25 21.98 52.92
CA GLN I 59 -44.24 21.20 52.20
C GLN I 59 -42.86 21.26 52.85
N LEU I 60 -42.80 21.01 54.16
CA LEU I 60 -41.53 21.11 54.84
C LEU I 60 -40.88 19.75 55.08
N PRO I 61 -39.55 19.73 55.17
CA PRO I 61 -38.56 20.78 55.04
C PRO I 61 -38.40 21.18 53.57
N PRO I 62 -37.97 22.43 53.30
CA PRO I 62 -37.77 23.05 52.01
C PRO I 62 -36.80 22.31 51.11
N ARG I 63 -37.06 22.37 49.81
CA ARG I 63 -36.16 21.79 48.82
C ARG I 63 -35.10 22.84 48.50
N PRO I 64 -33.97 22.45 47.92
CA PRO I 64 -32.90 23.32 47.47
C PRO I 64 -33.36 24.09 46.24
N ARG I 65 -32.84 25.29 46.08
CA ARG I 65 -33.25 26.16 44.99
C ARG I 65 -32.76 25.67 43.64
N VAL I 66 -33.66 25.66 42.66
CA VAL I 66 -33.37 25.20 41.31
C VAL I 66 -33.00 26.31 40.37
N GLU I 67 -31.83 26.16 39.75
CA GLU I 67 -31.30 27.10 38.79
C GLU I 67 -30.91 26.33 37.53
N ILE I 68 -31.12 26.93 36.37
CA ILE I 68 -30.93 26.22 35.12
C ILE I 68 -29.53 25.66 34.89
N ALA I 69 -28.51 26.43 35.23
CA ALA I 69 -27.12 26.01 35.04
C ALA I 69 -26.77 24.74 35.79
N GLN I 70 -27.57 24.35 36.78
CA GLN I 70 -27.27 23.16 37.54
C GLN I 70 -27.40 21.90 36.71
N MET I 71 -28.10 21.99 35.57
CA MET I 71 -28.27 20.83 34.71
C MET I 71 -27.41 20.85 33.47
N PHE I 72 -26.49 21.80 33.36
CA PHE I 72 -25.60 21.84 32.21
C PHE I 72 -24.22 22.25 32.68
N PRO I 73 -23.55 21.42 33.48
CA PRO I 73 -22.29 21.64 34.16
C PRO I 73 -21.09 21.71 33.22
N ALA I 74 -20.11 22.51 33.64
CA ALA I 74 -18.87 22.72 32.89
C ALA I 74 -17.95 21.52 32.95
N ASP I 75 -18.27 20.58 33.82
CA ASP I 75 -17.50 19.36 33.97
C ASP I 75 -17.62 18.44 32.76
N SER I 76 -18.63 18.68 31.89
CA SER I 76 -18.77 17.85 30.72
C SER I 76 -17.58 18.01 29.80
N LEU I 77 -17.17 16.89 29.21
CA LEU I 77 -16.02 16.83 28.32
C LEU I 77 -16.29 17.58 27.02
N VAL I 78 -17.56 17.65 26.65
CA VAL I 78 -17.97 18.32 25.43
C VAL I 78 -19.10 19.28 25.74
N SER I 79 -19.39 20.17 24.81
CA SER I 79 -20.47 21.12 24.99
C SER I 79 -21.19 21.33 23.69
N SER I 80 -22.30 22.04 23.76
CA SER I 80 -23.09 22.33 22.58
C SER I 80 -23.61 23.73 22.73
N PRO I 81 -23.91 24.42 21.63
CA PRO I 81 -24.47 25.74 21.55
C PRO I 81 -25.69 25.85 22.43
N ARG I 82 -26.50 24.80 22.42
CA ARG I 82 -27.69 24.75 23.23
C ARG I 82 -27.36 24.86 24.69
N ALA I 83 -26.43 24.03 25.15
CA ALA I 83 -26.04 24.03 26.54
C ALA I 83 -25.39 25.33 26.95
N GLU I 84 -24.51 25.85 26.11
CA GLU I 84 -23.78 27.06 26.45
C GLU I 84 -24.68 28.27 26.56
N LYS I 85 -25.63 28.39 25.64
CA LYS I 85 -26.54 29.51 25.69
C LYS I 85 -27.40 29.44 26.94
N ALA I 86 -27.83 28.22 27.31
CA ALA I 86 -28.61 28.04 28.52
C ALA I 86 -27.82 28.45 29.75
N ARG I 87 -26.55 28.05 29.81
CA ARG I 87 -25.71 28.39 30.93
C ARG I 87 -25.60 29.89 31.12
N LEU I 88 -25.43 30.60 30.02
CA LEU I 88 -25.32 32.04 30.08
C LEU I 88 -26.57 32.67 30.65
N TYR I 89 -27.74 32.29 30.13
CA TYR I 89 -28.98 32.87 30.60
C TYR I 89 -29.20 32.63 32.07
N SER I 90 -28.82 31.46 32.55
CA SER I 90 -28.96 31.13 33.95
C SER I 90 -28.21 32.14 34.80
N ALA I 91 -26.96 32.40 34.42
CA ALA I 91 -26.14 33.36 35.12
C ALA I 91 -26.74 34.73 35.10
N ILE I 92 -27.28 35.14 33.95
CA ILE I 92 -27.88 36.44 33.83
C ILE I 92 -29.06 36.62 34.75
N GLU I 93 -29.94 35.62 34.87
CA GLU I 93 -31.07 35.75 35.79
C GLU I 93 -30.57 35.96 37.19
N GLN I 94 -29.56 35.19 37.59
CA GLN I 94 -29.02 35.32 38.93
C GLN I 94 -28.47 36.69 39.19
N ARG I 95 -27.77 37.23 38.20
CA ARG I 95 -27.14 38.52 38.33
C ARG I 95 -28.19 39.62 38.42
N LEU I 96 -29.28 39.50 37.67
CA LEU I 96 -30.36 40.48 37.78
C LEU I 96 -31.03 40.43 39.13
N GLU I 97 -31.17 39.24 39.72
CA GLU I 97 -31.75 39.14 41.05
C GLU I 97 -30.87 39.83 42.06
N GLN I 98 -29.56 39.64 41.92
CA GLN I 98 -28.61 40.27 42.83
C GLN I 98 -28.74 41.78 42.77
N SER I 99 -29.01 42.32 41.58
CA SER I 99 -29.17 43.75 41.43
C SER I 99 -30.46 44.30 42.03
N LEU I 100 -31.59 43.65 41.75
CA LEU I 100 -32.86 44.19 42.25
C LEU I 100 -32.94 44.20 43.75
N GLN I 101 -32.29 43.24 44.40
CA GLN I 101 -32.33 43.18 45.85
C GLN I 101 -31.52 44.28 46.53
N THR I 102 -30.81 45.12 45.76
CA THR I 102 -30.08 46.22 46.34
C THR I 102 -30.85 47.53 46.22
N MET I 103 -32.00 47.50 45.54
CA MET I 103 -32.78 48.72 45.41
C MET I 103 -33.44 49.08 46.73
N GLU I 104 -33.59 50.37 46.95
CA GLU I 104 -34.18 50.88 48.18
C GLU I 104 -35.57 50.33 48.42
N GLY I 105 -35.76 49.75 49.59
CA GLY I 105 -37.06 49.23 50.00
C GLY I 105 -37.30 47.79 49.57
N VAL I 106 -36.41 47.21 48.77
CA VAL I 106 -36.63 45.83 48.34
C VAL I 106 -36.02 44.85 49.31
N LEU I 107 -36.83 43.92 49.76
CA LEU I 107 -36.42 42.91 50.70
C LEU I 107 -36.06 41.64 49.97
N SER I 108 -36.81 41.33 48.93
CA SER I 108 -36.57 40.14 48.14
C SER I 108 -37.07 40.26 46.72
N ALA I 109 -36.37 39.63 45.78
CA ALA I 109 -36.83 39.70 44.40
C ALA I 109 -36.36 38.51 43.59
N ARG I 110 -37.21 38.08 42.65
CA ARG I 110 -36.91 36.96 41.76
C ARG I 110 -37.08 37.36 40.31
N VAL I 111 -36.23 36.83 39.43
CA VAL I 111 -36.27 37.22 38.01
C VAL I 111 -36.24 36.05 37.05
N HIS I 112 -37.10 36.12 36.03
CA HIS I 112 -37.13 35.10 35.00
C HIS I 112 -36.91 35.70 33.63
N ILE I 113 -36.22 34.97 32.76
CA ILE I 113 -36.03 35.42 31.40
C ILE I 113 -36.39 34.30 30.48
N SER I 114 -37.02 34.61 29.37
CA SER I 114 -37.39 33.57 28.43
C SER I 114 -36.16 32.95 27.79
N TYR I 115 -36.30 31.74 27.29
CA TYR I 115 -35.17 31.03 26.67
C TYR I 115 -35.40 30.79 25.20
N ASP I 116 -34.31 30.54 24.51
CA ASP I 116 -34.31 30.26 23.09
C ASP I 116 -33.44 29.08 22.84
N ILE I 117 -34.07 27.96 22.57
CA ILE I 117 -33.35 26.72 22.43
C ILE I 117 -33.16 26.24 21.00
N ASP I 118 -33.98 26.75 20.06
CA ASP I 118 -33.79 26.28 18.71
C ASP I 118 -34.22 27.23 17.59
N ALA I 119 -34.09 28.56 17.78
CA ALA I 119 -34.41 29.47 16.68
C ALA I 119 -33.43 29.26 15.52
N GLY I 120 -32.17 29.64 15.72
CA GLY I 120 -31.12 29.49 14.70
C GLY I 120 -31.02 28.05 14.20
N GLU I 121 -31.20 27.10 15.11
CA GLU I 121 -31.22 25.68 14.80
C GLU I 121 -32.15 25.33 13.64
N ASN I 122 -33.30 26.01 13.59
CA ASN I 122 -34.30 25.75 12.57
C ASN I 122 -34.21 26.74 11.41
N GLY I 123 -33.14 27.53 11.34
CA GLY I 123 -32.99 28.52 10.28
C GLY I 123 -33.83 29.77 10.54
N ARG I 124 -34.31 29.93 11.78
CA ARG I 124 -35.15 31.05 12.14
C ARG I 124 -34.40 32.12 12.89
N PRO I 125 -34.86 33.36 12.82
CA PRO I 125 -34.42 34.51 13.56
C PRO I 125 -34.89 34.32 14.98
N PRO I 126 -34.21 34.92 15.96
CA PRO I 126 -34.46 34.86 17.38
C PRO I 126 -35.74 35.60 17.73
N LYS I 127 -36.35 35.19 18.82
CA LYS I 127 -37.58 35.82 19.28
C LYS I 127 -37.28 36.91 20.29
N PRO I 128 -38.21 37.83 20.50
CA PRO I 128 -38.18 38.91 21.46
C PRO I 128 -38.02 38.33 22.84
N VAL I 129 -37.35 39.05 23.71
CA VAL I 129 -37.11 38.53 25.04
C VAL I 129 -38.19 38.92 26.02
N HIS I 130 -38.65 37.94 26.79
CA HIS I 130 -39.68 38.22 27.77
C HIS I 130 -39.08 38.18 29.17
N LEU I 131 -39.53 39.08 30.01
CA LEU I 131 -39.04 39.14 31.38
C LEU I 131 -40.16 39.17 32.38
N SER I 132 -39.95 38.58 33.53
CA SER I 132 -40.94 38.67 34.58
C SER I 132 -40.25 38.72 35.91
N ALA I 133 -40.86 39.35 36.89
CA ALA I 133 -40.20 39.45 38.17
C ALA I 133 -41.16 39.59 39.33
N LEU I 134 -40.70 39.12 40.48
CA LEU I 134 -41.46 39.20 41.70
C LEU I 134 -40.71 40.04 42.70
N ALA I 135 -41.43 40.80 43.53
CA ALA I 135 -40.71 41.59 44.52
C ALA I 135 -41.48 41.81 45.80
N VAL I 136 -40.74 41.85 46.90
CA VAL I 136 -41.26 42.10 48.23
C VAL I 136 -40.66 43.36 48.80
N TYR I 137 -41.51 44.29 49.20
CA TYR I 137 -41.08 45.55 49.75
C TYR I 137 -41.32 45.74 51.23
N GLU I 138 -40.58 46.68 51.79
CA GLU I 138 -40.76 47.08 53.17
C GLU I 138 -42.17 47.62 53.35
N ARG I 139 -42.86 47.10 54.35
CA ARG I 139 -44.24 47.49 54.59
C ARG I 139 -44.40 49.00 54.73
N GLY I 140 -45.40 49.52 54.01
CA GLY I 140 -45.72 50.95 54.01
C GLY I 140 -45.17 51.68 52.78
N SER I 141 -44.34 50.99 52.01
CA SER I 141 -43.73 51.55 50.80
C SER I 141 -44.78 51.74 49.66
N PRO I 142 -44.66 52.77 48.82
CA PRO I 142 -45.53 53.17 47.70
C PRO I 142 -45.34 52.33 46.43
N LEU I 143 -45.68 51.05 46.55
CA LEU I 143 -45.56 50.03 45.50
C LEU I 143 -46.04 50.44 44.11
N ALA I 144 -47.13 51.20 44.07
CA ALA I 144 -47.73 51.61 42.80
C ALA I 144 -46.83 52.51 41.95
N HIS I 145 -45.77 53.05 42.54
CA HIS I 145 -44.89 53.91 41.79
C HIS I 145 -43.54 53.24 41.62
N GLN I 146 -43.15 52.49 42.62
CA GLN I 146 -41.87 51.78 42.63
C GLN I 146 -41.75 50.79 41.50
N ILE I 147 -42.87 50.16 41.16
CA ILE I 147 -42.93 49.24 40.04
C ILE I 147 -42.38 49.81 38.72
N SER I 148 -42.39 51.13 38.55
CA SER I 148 -41.91 51.72 37.31
C SER I 148 -40.40 51.76 37.24
N ASP I 149 -39.72 51.73 38.39
CA ASP I 149 -38.27 51.71 38.38
C ASP I 149 -37.79 50.37 37.96
N ILE I 150 -38.46 49.34 38.45
CA ILE I 150 -38.09 47.98 38.12
C ILE I 150 -38.22 47.77 36.64
N LYS I 151 -39.35 48.18 36.11
CA LYS I 151 -39.64 48.00 34.71
C LYS I 151 -38.69 48.77 33.81
N ARG I 152 -38.35 50.00 34.18
CA ARG I 152 -37.42 50.79 33.37
C ARG I 152 -36.03 50.21 33.38
N PHE I 153 -35.58 49.81 34.57
CA PHE I 153 -34.29 49.20 34.75
C PHE I 153 -34.14 47.98 33.89
N LEU I 154 -35.10 47.08 33.96
CA LEU I 154 -35.05 45.87 33.18
C LEU I 154 -35.13 46.13 31.69
N LYS I 155 -35.90 47.13 31.27
CA LYS I 155 -36.04 47.41 29.85
C LYS I 155 -34.71 47.62 29.15
N ASN I 156 -33.82 48.42 29.72
CA ASN I 156 -32.53 48.59 29.07
C ASN I 156 -31.45 47.65 29.59
N SER I 157 -31.84 46.59 30.29
CA SER I 157 -30.88 45.61 30.79
C SER I 157 -30.76 44.43 29.84
N PHE I 158 -31.36 44.51 28.67
CA PHE I 158 -31.25 43.38 27.78
C PHE I 158 -31.53 43.77 26.33
N ALA I 159 -30.75 43.19 25.44
CA ALA I 159 -30.73 43.41 23.99
C ALA I 159 -32.04 43.84 23.35
N ASP I 160 -33.14 43.17 23.62
CA ASP I 160 -34.36 43.55 22.95
C ASP I 160 -35.64 43.16 23.68
N VAL I 161 -36.08 44.04 24.56
CA VAL I 161 -37.32 43.86 25.30
C VAL I 161 -38.14 45.12 25.14
N ASP I 162 -39.33 45.13 25.69
CA ASP I 162 -40.18 46.30 25.62
C ASP I 162 -41.14 46.35 26.79
N TYR I 163 -41.88 47.43 26.94
CA TYR I 163 -42.74 47.59 28.10
C TYR I 163 -44.00 46.71 28.09
N ASP I 164 -44.23 45.97 27.01
CA ASP I 164 -45.37 45.08 26.99
C ASP I 164 -44.96 43.65 27.26
N ASN I 165 -43.66 43.38 27.24
CA ASN I 165 -43.17 42.03 27.46
C ASN I 165 -42.39 41.90 28.75
N ILE I 166 -42.61 42.84 29.66
CA ILE I 166 -42.01 42.81 30.98
C ILE I 166 -43.10 42.85 32.03
N SER I 167 -43.20 41.82 32.85
CA SER I 167 -44.24 41.81 33.86
C SER I 167 -43.72 41.79 35.27
N VAL I 168 -44.27 42.65 36.12
CA VAL I 168 -43.84 42.73 37.50
C VAL I 168 -45.01 42.56 38.45
N VAL I 169 -44.88 41.57 39.32
CA VAL I 169 -45.89 41.31 40.33
C VAL I 169 -45.24 41.47 41.69
N LEU I 170 -45.82 42.28 42.54
CA LEU I 170 -45.17 42.56 43.80
C LEU I 170 -46.11 42.86 44.95
N SER I 171 -45.54 42.88 46.15
CA SER I 171 -46.27 43.18 47.36
C SER I 171 -45.32 43.60 48.48
N GLU I 172 -45.76 43.46 49.72
CA GLU I 172 -44.94 43.86 50.85
C GLU I 172 -45.05 42.86 51.99
N ARG I 173 -44.09 42.92 52.89
CA ARG I 173 -44.04 41.98 54.00
C ARG I 173 -45.22 42.09 54.96
N SER I 174 -45.44 41.01 55.70
CA SER I 174 -46.49 40.92 56.71
C SER I 174 -46.04 41.45 58.07
N ASP I 175 -46.95 41.43 59.04
CA ASP I 175 -46.67 41.89 60.41
C ASP I 175 -45.61 40.98 61.03
N ALA I 176 -44.45 41.55 61.34
CA ALA I 176 -43.32 40.79 61.86
C ALA I 176 -43.63 40.04 63.14
N GLN I 177 -43.21 38.78 63.18
CA GLN I 177 -43.43 37.96 64.36
C GLN I 177 -42.34 38.23 65.36
N LEU I 178 -42.58 39.22 66.21
CA LEU I 178 -41.58 39.62 67.19
C LEU I 178 -41.83 39.07 68.59
N GLN I 179 -42.80 38.16 68.72
CA GLN I 179 -43.14 37.62 70.04
C GLN I 179 -43.03 36.11 70.09
N ALA I 180 -42.54 35.60 71.22
CA ALA I 180 -42.42 34.15 71.38
C ALA I 180 -43.80 33.51 71.55
N PRO I 181 -44.01 32.33 70.98
CA PRO I 181 -45.21 31.48 71.05
C PRO I 181 -45.67 31.17 72.47
N GLY I 182 -44.74 30.83 73.34
CA GLY I 182 -45.05 30.52 74.73
C GLY I 182 -45.14 29.01 74.93
N THR I 183 -44.99 28.58 76.17
CA THR I 183 -45.05 27.17 76.51
C THR I 183 -46.49 26.73 76.76
N PRO I 184 -46.76 25.42 76.78
CA PRO I 184 -48.03 24.80 77.09
C PRO I 184 -48.34 24.93 78.56
N VAL I 185 -49.62 24.89 78.90
CA VAL I 185 -50.02 25.02 80.28
C VAL I 185 -50.05 23.69 80.99
N LYS I 186 -49.13 23.52 81.94
CA LYS I 186 -49.05 22.31 82.74
C LYS I 186 -47.96 22.46 83.80
N ALA J 42 -55.25 30.51 85.57
CA ALA J 42 -54.82 30.67 84.19
C ALA J 42 -55.65 31.72 83.48
N GLU J 43 -55.53 32.97 83.90
CA GLU J 43 -56.30 34.03 83.28
C GLU J 43 -56.00 34.10 81.80
N LEU J 44 -57.05 34.07 80.99
CA LEU J 44 -56.94 34.06 79.54
C LEU J 44 -56.06 35.18 78.99
N ASP J 45 -56.13 36.36 79.60
CA ASP J 45 -55.30 37.47 79.16
C ASP J 45 -53.82 37.15 79.23
N SER J 46 -53.42 36.35 80.21
CA SER J 46 -52.02 35.98 80.34
C SER J 46 -51.69 34.79 79.46
N LEU J 47 -52.71 34.02 79.10
CA LEU J 47 -52.50 32.88 78.21
C LEU J 47 -52.22 33.34 76.78
N LEU J 48 -52.89 34.43 76.38
CA LEU J 48 -52.68 35.01 75.06
C LEU J 48 -51.35 35.77 75.00
N GLY J 49 -50.84 35.98 73.79
CA GLY J 49 -49.55 36.63 73.51
C GLY J 49 -49.15 37.86 74.36
N GLN J 50 -47.86 38.21 74.29
CA GLN J 50 -47.28 39.33 75.03
C GLN J 50 -47.98 40.64 74.74
N GLU J 51 -48.27 40.89 73.47
CA GLU J 51 -48.98 42.09 73.12
C GLU J 51 -50.46 41.82 73.24
N LYS J 52 -50.93 41.88 74.48
CA LYS J 52 -52.32 41.62 74.82
C LYS J 52 -53.32 42.52 74.11
N GLU J 53 -52.86 43.63 73.56
CA GLU J 53 -53.72 44.56 72.88
C GLU J 53 -54.13 44.10 71.49
N ARG J 54 -53.65 42.94 71.07
CA ARG J 54 -54.05 42.37 69.79
C ARG J 54 -55.38 41.65 69.90
N PHE J 55 -55.84 41.39 71.13
CA PHE J 55 -57.09 40.66 71.30
C PHE J 55 -58.06 41.37 72.21
N GLN J 56 -59.33 41.21 71.93
CA GLN J 56 -60.34 41.77 72.82
C GLN J 56 -61.14 40.65 73.44
N VAL J 57 -60.89 40.37 74.70
CA VAL J 57 -61.64 39.32 75.37
C VAL J 57 -63.01 39.83 75.78
N LEU J 58 -64.03 39.05 75.45
CA LEU J 58 -65.41 39.42 75.67
C LEU J 58 -66.10 38.40 76.58
N PRO J 59 -67.00 38.84 77.45
CA PRO J 59 -67.69 37.92 78.36
C PRO J 59 -69.13 37.70 77.93
N GLY J 60 -69.37 36.63 77.19
CA GLY J 60 -70.71 36.35 76.68
C GLY J 60 -71.68 35.94 77.77
N ARG J 61 -72.96 36.26 77.56
CA ARG J 61 -74.01 35.96 78.51
C ARG J 61 -74.30 34.46 78.60
N ASP J 62 -73.79 33.70 77.63
CA ASP J 62 -73.91 32.26 77.59
C ASP J 62 -72.81 31.54 78.38
N LYS J 63 -72.04 32.29 79.19
CA LYS J 63 -70.95 31.76 80.00
C LYS J 63 -69.74 31.34 79.18
N MET J 64 -69.67 31.80 77.94
CA MET J 64 -68.53 31.52 77.09
C MET J 64 -67.68 32.76 76.97
N LEU J 65 -66.39 32.58 77.21
CA LEU J 65 -65.48 33.69 77.15
C LEU J 65 -64.96 33.77 75.71
N TYR J 66 -65.23 34.90 75.06
CA TYR J 66 -64.88 35.03 73.66
C TYR J 66 -63.59 35.79 73.41
N VAL J 67 -62.89 35.42 72.35
CA VAL J 67 -61.67 36.12 71.98
C VAL J 67 -61.79 36.78 70.63
N ALA J 68 -61.98 38.09 70.61
CA ALA J 68 -62.11 38.74 69.32
C ALA J 68 -60.76 39.03 68.71
N ALA J 69 -60.56 38.51 67.51
CA ALA J 69 -59.33 38.71 66.77
C ALA J 69 -59.61 39.51 65.51
N GLN J 70 -58.65 40.35 65.12
CA GLN J 70 -58.80 41.20 63.95
C GLN J 70 -58.19 40.63 62.68
N ASN J 71 -57.52 39.49 62.80
CA ASN J 71 -56.84 38.89 61.65
C ASN J 71 -56.75 37.40 61.79
N GLU J 72 -56.88 36.67 60.68
CA GLU J 72 -56.82 35.21 60.70
C GLU J 72 -55.53 34.65 61.30
N ARG J 73 -54.44 35.42 61.33
CA ARG J 73 -53.23 34.96 61.97
C ARG J 73 -53.39 34.97 63.48
N ASP J 74 -54.18 35.90 63.96
CA ASP J 74 -54.41 36.05 65.38
C ASP J 74 -55.51 35.10 65.77
N THR J 75 -56.41 34.83 64.84
CA THR J 75 -57.46 33.86 65.04
C THR J 75 -56.83 32.52 65.32
N LEU J 76 -55.90 32.11 64.45
CA LEU J 76 -55.20 30.86 64.64
C LEU J 76 -54.37 30.86 65.90
N TRP J 77 -53.71 31.98 66.20
CA TRP J 77 -52.91 32.09 67.40
C TRP J 77 -53.73 31.70 68.62
N ALA J 78 -54.88 32.37 68.78
CA ALA J 78 -55.77 32.13 69.90
C ALA J 78 -56.31 30.71 69.93
N ARG J 79 -56.61 30.15 68.75
CA ARG J 79 -57.11 28.79 68.70
C ARG J 79 -56.06 27.81 69.17
N GLN J 80 -54.80 28.07 68.82
CA GLN J 80 -53.72 27.22 69.27
C GLN J 80 -53.57 27.32 70.75
N VAL J 81 -53.77 28.51 71.32
CA VAL J 81 -53.71 28.67 72.77
C VAL J 81 -54.75 27.81 73.47
N LEU J 82 -55.97 27.83 72.95
CA LEU J 82 -57.03 27.03 73.55
C LEU J 82 -56.77 25.53 73.45
N ALA J 83 -56.18 25.08 72.34
CA ALA J 83 -55.87 23.67 72.16
C ALA J 83 -54.60 23.23 72.89
N ARG J 84 -53.61 24.12 72.96
CA ARG J 84 -52.31 23.84 73.58
C ARG J 84 -52.35 23.94 75.08
N GLY J 85 -52.82 25.08 75.58
CA GLY J 85 -52.89 25.33 76.99
C GLY J 85 -54.24 24.91 77.51
N ASP J 86 -54.69 25.57 78.55
CA ASP J 86 -55.96 25.20 79.10
C ASP J 86 -56.60 26.36 79.83
N TYR J 87 -57.91 26.26 79.95
CA TYR J 87 -58.71 27.23 80.63
C TYR J 87 -60.03 26.58 80.94
N ASP J 88 -60.30 26.35 82.23
CA ASP J 88 -61.52 25.66 82.64
C ASP J 88 -62.77 26.53 82.50
N LYS J 89 -63.21 26.70 81.28
CA LYS J 89 -64.40 27.49 80.97
C LYS J 89 -64.65 27.52 79.48
N ASN J 90 -65.92 27.54 79.10
CA ASN J 90 -66.28 27.63 77.71
C ASN J 90 -65.56 28.81 77.08
N ALA J 91 -65.06 28.62 75.88
CA ALA J 91 -64.35 29.69 75.20
C ALA J 91 -64.46 29.53 73.69
N ARG J 92 -64.39 30.65 72.98
CA ARG J 92 -64.51 30.60 71.53
C ARG J 92 -63.95 31.84 70.85
N VAL J 93 -63.10 31.62 69.86
CA VAL J 93 -62.47 32.71 69.13
C VAL J 93 -63.40 33.30 68.07
N ILE J 94 -63.50 34.63 68.08
CA ILE J 94 -64.30 35.39 67.15
C ILE J 94 -63.52 35.99 65.99
N ASN J 95 -64.06 35.82 64.80
CA ASN J 95 -63.47 36.36 63.58
C ASN J 95 -64.52 37.08 62.78
N GLU J 96 -64.34 38.38 62.61
CA GLU J 96 -65.27 39.27 61.91
C GLU J 96 -65.90 38.68 60.66
N ASN J 97 -65.10 38.12 59.77
CA ASN J 97 -65.64 37.56 58.55
C ASN J 97 -66.37 36.25 58.80
N GLU J 98 -65.84 35.45 59.71
CA GLU J 98 -66.48 34.17 59.98
C GLU J 98 -67.84 34.38 60.63
N GLU J 99 -67.94 35.40 61.47
CA GLU J 99 -69.19 35.70 62.13
C GLU J 99 -70.16 36.31 61.19
N ASN J 100 -69.68 37.15 60.28
CA ASN J 100 -70.53 37.74 59.29
C ASN J 100 -71.19 36.63 58.48
N LYS J 101 -70.39 35.63 58.10
CA LYS J 101 -70.89 34.48 57.35
C LYS J 101 -71.86 33.63 58.15
N ARG J 102 -71.51 33.31 59.39
CA ARG J 102 -72.38 32.48 60.24
C ARG J 102 -73.77 33.07 60.33
N ILE J 103 -73.82 34.37 60.57
CA ILE J 103 -75.08 35.06 60.65
C ILE J 103 -75.83 35.04 59.35
N SER J 104 -75.13 35.31 58.23
CA SER J 104 -75.81 35.34 56.94
C SER J 104 -76.46 34.02 56.59
N ILE J 105 -75.90 32.91 57.07
CA ILE J 105 -76.49 31.61 56.82
C ILE J 105 -77.83 31.48 57.49
N TRP J 106 -77.84 31.74 58.79
CA TRP J 106 -79.06 31.66 59.57
C TRP J 106 -80.10 32.62 59.05
N LEU J 107 -79.63 33.82 58.75
CA LEU J 107 -80.46 34.90 58.30
C LEU J 107 -81.15 34.55 57.00
N ASP J 108 -80.43 33.96 56.05
CA ASP J 108 -81.07 33.57 54.80
C ASP J 108 -82.20 32.54 55.02
N THR J 109 -81.99 31.59 55.92
CA THR J 109 -83.02 30.58 56.20
C THR J 109 -84.29 31.14 56.83
N TYR J 110 -84.13 31.98 57.85
CA TYR J 110 -85.28 32.52 58.56
C TYR J 110 -85.85 33.78 57.94
N TYR J 111 -84.99 34.58 57.33
CA TYR J 111 -85.42 35.79 56.64
C TYR J 111 -84.96 35.80 55.18
N PRO J 112 -85.47 34.91 54.34
CA PRO J 112 -85.14 34.78 52.95
C PRO J 112 -85.63 36.02 52.27
N GLN J 113 -84.93 36.41 51.21
CA GLN J 113 -85.20 37.62 50.44
C GLN J 113 -84.85 38.93 51.18
N LEU J 114 -84.32 38.86 52.41
CA LEU J 114 -83.93 40.07 53.10
C LEU J 114 -82.79 40.74 52.36
N ALA J 115 -82.93 42.01 52.04
CA ALA J 115 -81.87 42.71 51.33
C ALA J 115 -80.96 43.44 52.31
N TYR J 116 -79.71 43.01 52.40
CA TYR J 116 -78.78 43.62 53.35
C TYR J 116 -77.37 43.61 52.81
N TYR J 117 -76.49 44.33 53.50
CA TYR J 117 -75.10 44.48 53.07
C TYR J 117 -74.10 43.74 53.92
N ARG J 118 -73.72 44.32 55.05
CA ARG J 118 -72.69 43.69 55.87
C ARG J 118 -72.76 44.15 57.30
N ILE J 119 -72.42 43.26 58.22
CA ILE J 119 -72.40 43.62 59.62
C ILE J 119 -71.04 44.17 60.01
N HIS J 120 -71.03 45.35 60.60
CA HIS J 120 -69.83 46.00 61.04
C HIS J 120 -69.66 45.77 62.50
N PHE J 121 -68.72 44.92 62.85
CA PHE J 121 -68.59 44.54 64.24
C PHE J 121 -67.89 45.60 65.07
N ASP J 122 -66.84 46.22 64.52
CA ASP J 122 -66.08 47.31 65.16
C ASP J 122 -66.06 47.25 66.68
N GLU J 123 -67.09 47.81 67.33
CA GLU J 123 -67.24 47.75 68.77
C GLU J 123 -68.13 46.58 69.17
N PRO J 124 -67.54 45.38 69.35
CA PRO J 124 -68.22 44.11 69.69
C PRO J 124 -69.62 44.23 70.30
N ARG J 125 -69.72 45.02 71.36
CA ARG J 125 -70.94 45.26 72.11
C ARG J 125 -72.15 45.68 71.28
N LYS J 126 -71.90 46.54 70.31
CA LYS J 126 -72.97 47.09 69.49
C LYS J 126 -72.59 47.12 68.01
N PRO J 127 -72.66 45.99 67.31
CA PRO J 127 -72.37 45.83 65.90
C PRO J 127 -73.46 46.51 65.11
N VAL J 128 -73.11 46.99 63.93
CA VAL J 128 -74.03 47.71 63.08
C VAL J 128 -74.43 46.87 61.89
N PHE J 129 -75.72 46.80 61.65
CA PHE J 129 -76.23 45.99 60.57
C PHE J 129 -76.70 46.84 59.42
N TRP J 130 -75.99 46.84 58.29
CA TRP J 130 -76.46 47.62 57.16
C TRP J 130 -77.55 46.87 56.40
N LEU J 131 -78.67 47.55 56.23
CA LEU J 131 -79.89 47.02 55.62
C LEU J 131 -80.29 47.87 54.40
N SER J 132 -80.70 47.25 53.30
CA SER J 132 -81.08 48.05 52.13
C SER J 132 -82.33 48.89 52.39
N ARG J 133 -82.14 50.20 52.47
CA ARG J 133 -83.23 51.15 52.70
C ARG J 133 -84.32 51.06 51.65
N GLN J 134 -83.91 50.99 50.40
CA GLN J 134 -84.84 51.00 49.29
C GLN J 134 -85.52 49.67 49.00
N ARG J 135 -84.81 48.57 49.16
CA ARG J 135 -85.42 47.29 48.84
C ARG J 135 -86.27 46.67 49.94
N ASN J 136 -86.01 47.03 51.20
CA ASN J 136 -86.82 46.43 52.27
C ASN J 136 -87.98 47.32 52.65
N THR J 137 -89.12 46.68 52.92
CA THR J 137 -90.34 47.36 53.29
C THR J 137 -90.85 46.91 54.66
N MET J 138 -89.94 46.43 55.50
CA MET J 138 -90.31 45.96 56.83
C MET J 138 -90.77 47.09 57.71
N SER J 139 -91.72 46.80 58.60
CA SER J 139 -92.22 47.80 59.53
C SER J 139 -91.26 47.96 60.67
N LYS J 140 -91.40 49.04 61.41
CA LYS J 140 -90.55 49.30 62.57
C LYS J 140 -90.60 48.15 63.56
N LYS J 141 -91.80 47.61 63.78
CA LYS J 141 -91.98 46.51 64.71
C LYS J 141 -91.27 45.27 64.21
N GLU J 142 -91.36 45.03 62.91
CA GLU J 142 -90.69 43.87 62.33
C GLU J 142 -89.19 44.00 62.47
N LEU J 143 -88.68 45.22 62.30
CA LEU J 143 -87.25 45.46 62.45
C LEU J 143 -86.81 45.26 63.88
N GLU J 144 -87.67 45.59 64.85
CA GLU J 144 -87.38 45.33 66.24
C GLU J 144 -87.12 43.85 66.45
N VAL J 145 -88.06 43.04 65.94
CA VAL J 145 -87.96 41.59 66.06
C VAL J 145 -86.69 41.08 65.42
N LEU J 146 -86.39 41.57 64.23
CA LEU J 146 -85.19 41.19 63.52
C LEU J 146 -83.95 41.42 64.37
N SER J 147 -83.84 42.61 64.97
CA SER J 147 -82.67 42.89 65.79
C SER J 147 -82.59 41.97 66.98
N GLN J 148 -83.75 41.58 67.51
CA GLN J 148 -83.77 40.68 68.64
C GLN J 148 -83.25 39.30 68.26
N LYS J 149 -83.57 38.87 67.05
CA LYS J 149 -83.09 37.58 66.60
C LYS J 149 -81.58 37.64 66.41
N LEU J 150 -81.10 38.77 65.92
CA LEU J 150 -79.67 38.95 65.74
C LEU J 150 -78.96 38.95 67.08
N ARG J 151 -79.60 39.53 68.11
CA ARG J 151 -79.01 39.53 69.44
C ARG J 151 -78.88 38.10 69.92
N ALA J 152 -79.87 37.27 69.63
CA ALA J 152 -79.81 35.87 70.01
C ALA J 152 -78.62 35.18 69.34
N LEU J 153 -78.37 35.53 68.07
CA LEU J 153 -77.24 34.95 67.33
C LEU J 153 -75.88 35.38 67.86
N MET J 154 -75.81 36.53 68.53
CA MET J 154 -74.56 37.05 69.09
C MET J 154 -74.56 37.18 70.62
N PRO J 155 -74.21 36.10 71.35
CA PRO J 155 -74.12 35.93 72.80
C PRO J 155 -73.38 37.04 73.54
N TYR J 156 -72.44 37.68 72.86
CA TYR J 156 -71.67 38.75 73.49
C TYR J 156 -72.30 40.12 73.30
N ALA J 157 -72.78 40.38 72.09
CA ALA J 157 -73.37 41.66 71.75
C ALA J 157 -74.50 41.98 72.70
N ASP J 158 -74.58 43.24 73.09
CA ASP J 158 -75.63 43.66 74.00
C ASP J 158 -76.85 44.07 73.21
N SER J 159 -76.62 44.70 72.07
CA SER J 159 -77.71 45.12 71.20
C SER J 159 -77.23 45.22 69.78
N VAL J 160 -78.16 45.30 68.83
CA VAL J 160 -77.80 45.39 67.44
C VAL J 160 -78.34 46.67 66.83
N ASN J 161 -77.48 47.42 66.18
CA ASN J 161 -77.91 48.66 65.58
C ASN J 161 -78.21 48.49 64.11
N ILE J 162 -79.46 48.18 63.80
CA ILE J 162 -79.85 48.06 62.41
C ILE J 162 -80.08 49.42 61.82
N THR J 163 -79.48 49.67 60.68
CA THR J 163 -79.63 50.96 60.02
C THR J 163 -79.79 50.75 58.53
N LEU J 164 -80.54 51.65 57.92
CA LEU J 164 -80.87 51.53 56.52
C LEU J 164 -79.95 52.37 55.64
N MET J 165 -79.37 51.74 54.62
CA MET J 165 -78.44 52.39 53.71
C MET J 165 -79.05 52.59 52.32
N ASP J 166 -78.68 53.66 51.65
CA ASP J 166 -79.23 53.93 50.33
C ASP J 166 -78.41 53.26 49.23
N ASP J 167 -79.04 52.30 48.55
CA ASP J 167 -78.44 51.52 47.46
C ASP J 167 -77.71 52.37 46.43
N VAL J 168 -78.23 53.56 46.17
CA VAL J 168 -77.65 54.46 45.20
C VAL J 168 -76.27 54.91 45.59
N THR J 169 -76.08 55.19 46.88
CA THR J 169 -74.79 55.68 47.33
C THR J 169 -73.77 54.57 47.31
N ALA J 170 -74.23 53.34 47.51
CA ALA J 170 -73.31 52.21 47.43
C ALA J 170 -72.77 52.08 46.02
N ALA J 171 -73.67 52.12 45.04
CA ALA J 171 -73.28 52.03 43.65
C ALA J 171 -72.44 53.22 43.22
N GLY J 172 -72.83 54.41 43.69
CA GLY J 172 -72.13 55.63 43.34
C GLY J 172 -70.67 55.58 43.75
N GLN J 173 -70.41 55.13 44.97
CA GLN J 173 -69.03 55.03 45.44
C GLN J 173 -68.25 54.01 44.66
N ALA J 174 -68.88 52.88 44.35
CA ALA J 174 -68.21 51.83 43.59
C ALA J 174 -67.70 52.36 42.27
N GLU J 175 -68.56 53.03 41.53
CA GLU J 175 -68.18 53.53 40.23
C GLU J 175 -67.22 54.72 40.32
N ALA J 176 -67.48 55.63 41.25
CA ALA J 176 -66.66 56.81 41.39
C ALA J 176 -65.20 56.48 41.62
N GLY J 177 -64.94 55.58 42.57
CA GLY J 177 -63.57 55.21 42.87
C GLY J 177 -62.94 54.47 41.70
N LEU J 178 -63.72 53.60 41.07
CA LEU J 178 -63.28 52.82 39.93
C LEU J 178 -62.76 53.71 38.80
N LYS J 179 -63.55 54.74 38.46
CA LYS J 179 -63.13 55.64 37.40
C LYS J 179 -62.06 56.63 37.88
N GLN J 180 -62.00 56.92 39.19
CA GLN J 180 -60.93 57.77 39.72
C GLN J 180 -59.57 57.15 39.47
N GLN J 181 -59.51 55.82 39.60
CA GLN J 181 -58.30 55.06 39.34
C GLN J 181 -57.94 54.95 37.84
N ALA J 182 -58.75 55.56 36.97
CA ALA J 182 -58.56 55.56 35.52
C ALA J 182 -58.67 54.17 34.94
N LEU J 183 -59.52 53.35 35.53
CA LEU J 183 -59.70 51.99 35.05
C LEU J 183 -60.82 51.93 34.03
N PRO J 184 -60.69 51.10 33.01
CA PRO J 184 -61.68 50.81 31.99
C PRO J 184 -62.70 49.87 32.58
N TYR J 185 -63.96 50.05 32.25
CA TYR J 185 -64.98 49.16 32.78
C TYR J 185 -66.28 49.33 32.07
N SER J 186 -67.20 48.41 32.32
CA SER J 186 -68.53 48.54 31.77
C SER J 186 -69.53 48.12 32.84
N ARG J 187 -70.40 49.04 33.19
CA ARG J 187 -71.39 48.84 34.24
C ARG J 187 -72.57 48.00 33.78
N ARG J 188 -73.06 47.14 34.68
CA ARG J 188 -74.18 46.27 34.40
C ARG J 188 -75.28 46.40 35.44
N ASN J 189 -76.21 47.31 35.22
CA ASN J 189 -77.31 47.46 36.16
C ASN J 189 -78.33 46.38 35.92
N HIS J 190 -78.81 45.77 36.99
CA HIS J 190 -79.86 44.78 36.84
C HIS J 190 -80.71 44.79 38.09
N LYS J 191 -81.87 44.18 38.02
CA LYS J 191 -82.72 44.18 39.19
C LYS J 191 -82.02 43.45 40.32
N GLY J 192 -81.87 44.12 41.44
CA GLY J 192 -81.25 43.54 42.61
C GLY J 192 -79.73 43.76 42.74
N GLY J 193 -79.09 44.40 41.76
CA GLY J 193 -77.64 44.61 41.93
C GLY J 193 -76.96 45.27 40.74
N VAL J 194 -75.64 45.34 40.80
CA VAL J 194 -74.87 45.91 39.72
C VAL J 194 -73.50 45.27 39.60
N THR J 195 -73.09 44.99 38.37
CA THR J 195 -71.80 44.38 38.15
C THR J 195 -70.87 45.25 37.30
N PHE J 196 -69.62 45.35 37.71
CA PHE J 196 -68.65 46.16 36.98
C PHE J 196 -67.64 45.28 36.27
N VAL J 197 -67.78 45.20 34.96
CA VAL J 197 -66.96 44.35 34.13
C VAL J 197 -65.69 45.03 33.65
N ILE J 198 -64.56 44.40 33.92
CA ILE J 198 -63.27 44.94 33.48
C ILE J 198 -62.56 43.93 32.59
N GLN J 199 -62.58 44.18 31.28
CA GLN J 199 -61.95 43.26 30.34
C GLN J 199 -60.83 43.87 29.53
N GLY J 200 -60.13 43.01 28.80
CA GLY J 200 -59.03 43.42 27.94
C GLY J 200 -57.69 43.15 28.58
N ALA J 201 -56.63 43.43 27.85
CA ALA J 201 -55.30 43.26 28.39
C ALA J 201 -55.05 44.39 29.37
N LEU J 202 -54.39 44.10 30.47
CA LEU J 202 -54.16 45.12 31.48
C LEU J 202 -52.70 45.32 31.81
N ASP J 203 -52.33 46.57 32.03
CA ASP J 203 -51.00 46.96 32.44
C ASP J 203 -50.81 46.57 33.88
N ASP J 204 -49.65 46.04 34.24
CA ASP J 204 -49.38 45.63 35.61
C ASP J 204 -49.71 46.71 36.64
N VAL J 205 -49.55 47.97 36.26
CA VAL J 205 -49.82 49.07 37.17
C VAL J 205 -51.31 49.18 37.45
N GLU J 206 -52.12 49.18 36.38
CA GLU J 206 -53.56 49.27 36.57
C GLU J 206 -54.14 48.02 37.19
N ILE J 207 -53.45 46.88 37.05
CA ILE J 207 -53.91 45.68 37.71
C ILE J 207 -53.81 45.85 39.21
N LEU J 208 -52.66 46.33 39.67
CA LEU J 208 -52.46 46.58 41.09
C LEU J 208 -53.50 47.53 41.64
N ARG J 209 -53.68 48.66 40.95
CA ARG J 209 -54.65 49.65 41.36
C ARG J 209 -56.06 49.10 41.46
N ALA J 210 -56.43 48.30 40.47
CA ALA J 210 -57.76 47.72 40.45
C ALA J 210 -58.02 46.87 41.65
N ARG J 211 -57.09 45.98 41.96
CA ARG J 211 -57.30 45.11 43.10
C ARG J 211 -57.38 45.87 44.40
N GLN J 212 -56.51 46.86 44.59
CA GLN J 212 -56.53 47.62 45.82
C GLN J 212 -57.89 48.25 46.06
N PHE J 213 -58.44 48.85 45.01
CA PHE J 213 -59.75 49.45 45.09
C PHE J 213 -60.83 48.46 45.44
N VAL J 214 -60.87 47.35 44.71
CA VAL J 214 -61.88 46.34 44.92
C VAL J 214 -61.87 45.78 46.31
N ASP J 215 -60.68 45.45 46.82
CA ASP J 215 -60.58 44.92 48.17
C ASP J 215 -61.15 45.87 49.19
N SER J 216 -60.85 47.16 49.05
CA SER J 216 -61.37 48.13 49.99
C SER J 216 -62.88 48.27 49.93
N TYR J 217 -63.42 48.29 48.72
CA TYR J 217 -64.88 48.41 48.56
C TYR J 217 -65.56 47.23 49.23
N TYR J 218 -65.04 46.04 48.96
CA TYR J 218 -65.57 44.84 49.53
C TYR J 218 -65.54 44.90 51.05
N ARG J 219 -64.38 45.23 51.60
CA ARG J 219 -64.23 45.34 53.04
C ARG J 219 -65.30 46.22 53.69
N THR J 220 -65.61 47.35 53.04
CA THR J 220 -66.61 48.25 53.58
C THR J 220 -68.05 47.78 53.34
N TRP J 221 -68.45 47.76 52.09
CA TRP J 221 -69.83 47.44 51.75
C TRP J 221 -70.16 45.98 51.65
N GLY J 222 -69.19 45.18 51.23
CA GLY J 222 -69.44 43.75 51.04
C GLY J 222 -69.82 43.51 49.58
N GLY J 223 -69.89 42.24 49.19
CA GLY J 223 -70.19 41.90 47.80
C GLY J 223 -71.62 41.41 47.52
N ARG J 224 -72.59 41.90 48.28
CA ARG J 224 -73.97 41.44 48.05
C ARG J 224 -74.75 42.30 47.07
N TYR J 225 -74.27 43.50 46.78
CA TYR J 225 -74.97 44.37 45.85
C TYR J 225 -74.08 44.69 44.67
N VAL J 226 -72.86 45.10 44.96
CA VAL J 226 -71.89 45.41 43.93
C VAL J 226 -70.95 44.26 43.71
N GLN J 227 -70.90 43.79 42.47
CA GLN J 227 -70.02 42.70 42.09
C GLN J 227 -69.00 43.17 41.07
N PHE J 228 -67.73 42.93 41.34
CA PHE J 228 -66.71 43.33 40.38
C PHE J 228 -66.28 42.11 39.59
N ALA J 229 -65.85 42.33 38.35
CA ALA J 229 -65.48 41.22 37.48
C ALA J 229 -64.25 41.51 36.67
N ILE J 230 -63.07 41.29 37.26
CA ILE J 230 -61.82 41.51 36.55
C ILE J 230 -61.48 40.31 35.68
N GLU J 231 -61.35 40.55 34.39
CA GLU J 231 -61.05 39.49 33.43
C GLU J 231 -59.89 39.85 32.52
N LEU J 232 -58.72 39.33 32.85
CA LEU J 232 -57.52 39.58 32.08
C LEU J 232 -57.54 38.77 30.78
N LYS J 233 -57.73 39.47 29.66
CA LYS J 233 -57.85 38.78 28.37
C LYS J 233 -57.02 39.41 27.25
N ASP J 234 -56.73 38.61 26.22
CA ASP J 234 -55.99 39.11 25.06
C ASP J 234 -56.85 39.91 24.12
N ASP J 235 -56.24 40.90 23.48
CA ASP J 235 -56.93 41.75 22.53
C ASP J 235 -56.39 41.53 21.11
N ALA K 42 87.68 58.76 12.86
CA ALA K 42 86.58 58.24 12.05
C ALA K 42 86.48 58.98 10.73
N GLU K 43 87.48 58.83 9.87
CA GLU K 43 87.46 59.49 8.58
C GLU K 43 86.22 59.10 7.81
N LEU K 44 85.49 60.10 7.35
CA LEU K 44 84.24 59.91 6.63
C LEU K 44 84.36 58.95 5.46
N ASP K 45 85.47 58.99 4.74
CA ASP K 45 85.69 58.09 3.63
C ASP K 45 85.63 56.63 4.05
N SER K 46 86.07 56.33 5.26
CA SER K 46 86.04 54.96 5.74
C SER K 46 84.68 54.63 6.35
N LEU K 47 83.95 55.67 6.76
CA LEU K 47 82.61 55.46 7.31
C LEU K 47 81.61 55.08 6.21
N LEU K 48 81.80 55.65 5.02
CA LEU K 48 80.97 55.35 3.87
C LEU K 48 81.35 53.98 3.28
N GLY K 49 80.42 53.39 2.53
CA GLY K 49 80.54 52.04 1.93
C GLY K 49 81.91 51.64 1.33
N GLN K 50 82.06 50.34 1.08
CA GLN K 50 83.29 49.74 0.53
C GLN K 50 83.68 50.36 -0.79
N GLU K 51 82.71 50.55 -1.66
CA GLU K 51 82.99 51.19 -2.93
C GLU K 51 82.93 52.68 -2.74
N LYS K 52 84.02 53.22 -2.21
CA LYS K 52 84.12 54.64 -1.91
C LYS K 52 83.94 55.56 -3.11
N GLU K 53 84.06 55.01 -4.32
CA GLU K 53 83.92 55.78 -5.52
C GLU K 53 82.47 56.13 -5.86
N ARG K 54 81.53 55.68 -5.03
CA ARG K 54 80.14 56.02 -5.22
C ARG K 54 79.83 57.40 -4.65
N PHE K 55 80.74 57.95 -3.84
CA PHE K 55 80.48 59.23 -3.20
C PHE K 55 81.60 60.22 -3.43
N GLN K 56 81.24 61.48 -3.53
CA GLN K 56 82.26 62.50 -3.63
C GLN K 56 82.20 63.41 -2.42
N VAL K 57 83.16 63.25 -1.52
CA VAL K 57 83.19 64.08 -0.34
C VAL K 57 83.76 65.45 -0.67
N LEU K 58 83.04 66.49 -0.24
CA LEU K 58 83.40 67.86 -0.54
C LEU K 58 83.63 68.66 0.73
N PRO K 59 84.58 69.58 0.74
CA PRO K 59 84.89 70.37 1.93
C PRO K 59 84.36 71.79 1.80
N GLY K 60 83.17 72.03 2.34
CA GLY K 60 82.56 73.35 2.22
C GLY K 60 83.26 74.41 3.05
N ARG K 61 83.21 75.65 2.57
CA ARG K 61 83.84 76.77 3.24
C ARG K 61 83.15 77.15 4.55
N ASP K 62 81.95 76.62 4.75
CA ASP K 62 81.18 76.80 5.97
C ASP K 62 81.52 75.78 7.06
N LYS K 63 82.62 75.03 6.87
CA LYS K 63 83.09 74.02 7.82
C LYS K 63 82.20 72.79 7.86
N MET K 64 81.36 72.61 6.84
CA MET K 64 80.52 71.45 6.75
C MET K 64 81.07 70.53 5.68
N LEU K 65 81.22 69.26 6.05
CA LEU K 65 81.76 68.29 5.13
C LEU K 65 80.56 67.70 4.36
N TYR K 66 80.57 67.85 3.05
CA TYR K 66 79.44 67.42 2.27
C TYR K 66 79.65 66.09 1.57
N VAL K 67 78.56 65.34 1.39
CA VAL K 67 78.64 64.06 0.71
C VAL K 67 77.81 64.07 -0.55
N ALA K 68 78.44 64.19 -1.70
CA ALA K 68 77.67 64.22 -2.92
C ALA K 68 77.32 62.81 -3.38
N ALA K 69 76.03 62.57 -3.52
CA ALA K 69 75.53 61.28 -3.98
C ALA K 69 74.84 61.45 -5.33
N GLN K 70 74.95 60.43 -6.17
CA GLN K 70 74.38 60.47 -7.50
C GLN K 70 73.01 59.80 -7.61
N ASN K 71 72.54 59.20 -6.52
CA ASN K 71 71.28 58.49 -6.54
C ASN K 71 70.65 58.48 -5.17
N GLU K 72 69.32 58.57 -5.12
CA GLU K 72 68.59 58.58 -3.86
C GLU K 72 68.86 57.36 -2.96
N ARG K 73 69.31 56.25 -3.53
CA ARG K 73 69.66 55.10 -2.72
C ARG K 73 70.96 55.34 -1.99
N ASP K 74 71.83 56.13 -2.60
CA ASP K 74 73.12 56.44 -2.03
C ASP K 74 72.94 57.60 -1.09
N THR K 75 71.97 58.46 -1.40
CA THR K 75 71.62 59.56 -0.54
C THR K 75 71.21 59.00 0.81
N LEU K 76 70.28 58.05 0.77
CA LEU K 76 69.82 57.42 2.00
C LEU K 76 70.93 56.68 2.70
N TRP K 77 71.77 55.98 1.94
CA TRP K 77 72.90 55.25 2.50
C TRP K 77 73.72 56.16 3.40
N ALA K 78 74.17 57.28 2.82
CA ALA K 78 74.98 58.25 3.53
C ALA K 78 74.27 58.86 4.72
N ARG K 79 72.96 59.13 4.58
CA ARG K 79 72.22 59.69 5.69
C ARG K 79 72.16 58.71 6.85
N GLN K 80 72.03 57.42 6.54
CA GLN K 80 72.00 56.41 7.58
C GLN K 80 73.34 56.35 8.26
N VAL K 81 74.43 56.52 7.49
CA VAL K 81 75.75 56.54 8.10
C VAL K 81 75.88 57.66 9.11
N LEU K 82 75.43 58.85 8.75
CA LEU K 82 75.51 59.98 9.66
C LEU K 82 74.67 59.79 10.92
N ALA K 83 73.50 59.16 10.79
CA ALA K 83 72.64 58.91 11.93
C ALA K 83 73.09 57.70 12.78
N ARG K 84 73.62 56.67 12.11
CA ARG K 84 74.05 55.43 12.75
C ARG K 84 75.39 55.56 13.43
N GLY K 85 76.37 56.00 12.66
CA GLY K 85 77.72 56.15 13.16
C GLY K 85 77.92 57.54 13.69
N ASP K 86 79.14 58.03 13.61
CA ASP K 86 79.39 59.35 14.10
C ASP K 86 80.59 59.97 13.43
N TYR K 87 80.61 61.27 13.48
CA TYR K 87 81.67 62.07 12.93
C TYR K 87 81.56 63.45 13.56
N ASP K 88 82.54 63.80 14.39
CA ASP K 88 82.53 65.07 15.08
C ASP K 88 82.81 66.27 14.19
N LYS K 89 81.83 66.63 13.38
CA LYS K 89 81.93 67.75 12.46
C LYS K 89 80.66 67.91 11.68
N ASN K 90 80.31 69.15 11.37
CA ASN K 90 79.15 69.43 10.55
C ASN K 90 79.22 68.61 9.28
N ALA K 91 78.10 68.04 8.88
CA ALA K 91 78.08 67.25 7.66
C ALA K 91 76.70 67.27 7.04
N ARG K 92 76.65 67.11 5.72
CA ARG K 92 75.37 67.15 5.02
C ARG K 92 75.44 66.49 3.65
N VAL K 93 74.49 65.59 3.40
CA VAL K 93 74.43 64.86 2.15
C VAL K 93 73.79 65.68 1.03
N ILE K 94 74.48 65.72 -0.11
CA ILE K 94 74.04 66.44 -1.30
C ILE K 94 73.36 65.54 -2.33
N ASN K 95 72.24 66.02 -2.83
CA ASN K 95 71.49 65.34 -3.87
C ASN K 95 71.13 66.30 -4.97
N GLU K 96 71.64 66.04 -6.16
CA GLU K 96 71.46 66.90 -7.33
C GLU K 96 70.07 67.48 -7.52
N ASN K 97 69.05 66.64 -7.42
CA ASN K 97 67.69 67.14 -7.59
C ASN K 97 67.23 67.95 -6.40
N GLU K 98 67.61 67.52 -5.20
CA GLU K 98 67.19 68.23 -4.01
C GLU K 98 67.80 69.61 -3.97
N GLU K 99 69.05 69.71 -4.43
CA GLU K 99 69.74 70.98 -4.44
C GLU K 99 69.20 71.88 -5.52
N ASN K 100 68.86 71.28 -6.66
CA ASN K 100 68.28 72.06 -7.74
C ASN K 100 67.00 72.72 -7.23
N LYS K 101 66.19 71.94 -6.50
CA LYS K 101 64.95 72.45 -5.93
C LYS K 101 65.18 73.51 -4.87
N ARG K 102 66.10 73.26 -3.93
CA ARG K 102 66.38 74.21 -2.87
C ARG K 102 66.73 75.57 -3.43
N ILE K 103 67.59 75.58 -4.43
CA ILE K 103 67.98 76.80 -5.08
C ILE K 103 66.82 77.47 -5.77
N SER K 104 66.02 76.70 -6.51
CA SER K 104 64.91 77.29 -7.24
C SER K 104 63.91 77.98 -6.33
N ILE K 105 63.78 77.50 -5.09
CA ILE K 105 62.88 78.13 -4.14
C ILE K 105 63.36 79.53 -3.78
N TRP K 106 64.62 79.61 -3.36
CA TRP K 106 65.22 80.87 -2.98
C TRP K 106 65.21 81.82 -4.15
N LEU K 107 65.59 81.29 -5.30
CA LEU K 107 65.72 82.03 -6.52
C LEU K 107 64.41 82.65 -6.92
N ASP K 108 63.31 81.91 -6.84
CA ASP K 108 62.02 82.50 -7.17
C ASP K 108 61.65 83.68 -6.27
N THR K 109 61.95 83.58 -4.97
CA THR K 109 61.65 84.67 -4.04
C THR K 109 62.44 85.94 -4.30
N TYR K 110 63.74 85.80 -4.50
CA TYR K 110 64.60 86.97 -4.69
C TYR K 110 64.70 87.43 -6.13
N TYR K 111 64.61 86.50 -7.06
CA TYR K 111 64.60 86.83 -8.48
C TYR K 111 63.37 86.27 -9.19
N PRO K 112 62.18 86.77 -8.88
CA PRO K 112 60.92 86.37 -9.45
C PRO K 112 60.95 86.76 -10.90
N GLN K 113 60.26 85.98 -11.71
CA GLN K 113 60.20 86.14 -13.16
C GLN K 113 61.50 85.78 -13.89
N LEU K 114 62.54 85.33 -13.17
CA LEU K 114 63.78 84.92 -13.85
C LEU K 114 63.51 83.70 -14.70
N ALA K 115 63.87 83.76 -15.98
CA ALA K 115 63.64 82.62 -16.85
C ALA K 115 64.87 81.74 -16.92
N TYR K 116 64.77 80.53 -16.41
CA TYR K 116 65.92 79.64 -16.40
C TYR K 116 65.50 78.18 -16.55
N TYR K 117 66.49 77.31 -16.76
CA TYR K 117 66.22 75.91 -17.01
C TYR K 117 66.61 74.99 -15.87
N ARG K 118 67.88 74.64 -15.76
CA ARG K 118 68.30 73.70 -14.74
C ARG K 118 69.76 73.84 -14.42
N ILE K 119 70.12 73.59 -13.17
CA ILE K 119 71.50 73.64 -12.76
C ILE K 119 72.15 72.28 -12.93
N HIS K 120 73.25 72.26 -13.66
CA HIS K 120 74.00 71.04 -13.92
C HIS K 120 75.15 70.98 -12.96
N PHE K 121 75.04 70.11 -11.97
CA PHE K 121 76.05 70.07 -10.94
C PHE K 121 77.33 69.37 -11.39
N ASP K 122 77.19 68.26 -12.13
CA ASP K 122 78.32 67.49 -12.69
C ASP K 122 79.60 67.57 -11.86
N GLU K 123 80.41 68.62 -12.10
CA GLU K 123 81.62 68.85 -11.33
C GLU K 123 81.34 69.82 -10.19
N PRO K 124 80.91 69.31 -9.02
CA PRO K 124 80.54 70.06 -7.80
C PRO K 124 81.09 71.48 -7.70
N ARG K 125 82.39 71.62 -7.86
CA ARG K 125 83.13 72.87 -7.76
C ARG K 125 82.61 74.00 -8.64
N LYS K 126 82.21 73.66 -9.85
CA LYS K 126 81.75 74.64 -10.82
C LYS K 126 80.50 74.18 -11.56
N PRO K 127 79.32 74.26 -10.95
CA PRO K 127 78.04 73.89 -11.50
C PRO K 127 77.67 74.90 -12.57
N VAL K 128 76.91 74.44 -13.54
CA VAL K 128 76.51 75.28 -14.65
C VAL K 128 75.05 75.66 -14.56
N PHE K 129 74.77 76.92 -14.71
CA PHE K 129 73.41 77.41 -14.59
C PHE K 129 72.84 77.76 -15.96
N TRP K 130 71.89 76.98 -16.46
CA TRP K 130 71.30 77.35 -17.74
C TRP K 130 70.23 78.42 -17.56
N LEU K 131 70.40 79.51 -18.32
CA LEU K 131 69.57 80.70 -18.26
C LEU K 131 68.95 80.99 -19.62
N SER K 132 67.68 81.36 -19.68
CA SER K 132 67.07 81.62 -20.99
C SER K 132 67.67 82.84 -21.67
N ARG K 133 68.41 82.60 -22.75
CA ARG K 133 69.06 83.65 -23.52
C ARG K 133 68.08 84.68 -24.06
N GLN K 134 66.98 84.20 -24.59
CA GLN K 134 66.01 85.06 -25.24
C GLN K 134 65.06 85.78 -24.29
N ARG K 135 64.66 85.13 -23.20
CA ARG K 135 63.72 85.80 -22.31
C ARG K 135 64.33 86.73 -21.28
N ASN K 136 65.60 86.54 -20.93
CA ASN K 136 66.21 87.43 -19.95
C ASN K 136 66.95 88.58 -20.59
N THR K 137 66.82 89.76 -20.00
CA THR K 137 67.45 90.98 -20.49
C THR K 137 68.39 91.58 -19.45
N MET K 138 68.89 90.75 -18.53
CA MET K 138 69.78 91.21 -17.49
C MET K 138 71.12 91.67 -18.06
N SER K 139 71.71 92.69 -17.42
CA SER K 139 72.99 93.19 -17.86
C SER K 139 74.09 92.29 -17.35
N LYS K 140 75.27 92.44 -17.91
CA LYS K 140 76.43 91.65 -17.49
C LYS K 140 76.70 91.81 -16.01
N LYS K 141 76.58 93.04 -15.51
CA LYS K 141 76.82 93.33 -14.11
C LYS K 141 75.78 92.66 -13.24
N GLU K 142 74.53 92.67 -13.69
CA GLU K 142 73.46 92.03 -12.95
C GLU K 142 73.69 90.53 -12.88
N LEU K 143 74.17 89.96 -13.97
CA LEU K 143 74.47 88.54 -14.01
C LEU K 143 75.61 88.20 -13.07
N GLU K 144 76.59 89.10 -12.95
CA GLU K 144 77.67 88.90 -11.99
C GLU K 144 77.10 88.72 -10.61
N VAL K 145 76.23 89.66 -10.22
CA VAL K 145 75.59 89.65 -8.91
C VAL K 145 74.82 88.37 -8.69
N LEU K 146 74.05 87.97 -9.71
CA LEU K 146 73.28 86.74 -9.65
C LEU K 146 74.16 85.56 -9.32
N SER K 147 75.29 85.42 -10.03
CA SER K 147 76.17 84.29 -9.79
C SER K 147 76.73 84.34 -8.39
N GLN K 148 76.96 85.54 -7.86
CA GLN K 148 77.46 85.67 -6.51
C GLN K 148 76.46 85.20 -5.48
N LYS K 149 75.18 85.47 -5.73
CA LYS K 149 74.15 85.02 -4.83
C LYS K 149 74.07 83.51 -4.87
N LEU K 150 74.23 82.94 -6.04
CA LEU K 150 74.19 81.50 -6.19
C LEU K 150 75.38 80.87 -5.46
N ARG K 151 76.54 81.54 -5.49
CA ARG K 151 77.71 81.04 -4.78
C ARG K 151 77.41 81.00 -3.30
N ALA K 152 76.70 82.01 -2.79
CA ALA K 152 76.31 82.04 -1.39
C ALA K 152 75.41 80.86 -1.06
N LEU K 153 74.52 80.51 -1.98
CA LEU K 153 73.62 79.37 -1.77
C LEU K 153 74.33 78.02 -1.77
N MET K 154 75.49 77.94 -2.42
CA MET K 154 76.27 76.70 -2.50
C MET K 154 77.66 76.79 -1.83
N PRO K 155 77.74 76.52 -0.51
CA PRO K 155 78.91 76.54 0.37
C PRO K 155 80.13 75.80 -0.17
N TYR K 156 79.90 74.78 -0.97
CA TYR K 156 81.00 73.99 -1.53
C TYR K 156 81.51 74.54 -2.85
N ALA K 157 80.58 74.94 -3.72
CA ALA K 157 80.93 75.44 -5.04
C ALA K 157 81.88 76.61 -4.92
N ASP K 158 82.85 76.66 -5.80
CA ASP K 158 83.81 77.73 -5.78
C ASP K 158 83.32 78.88 -6.63
N SER K 159 82.65 78.54 -7.74
CA SER K 159 82.09 79.56 -8.61
C SER K 159 80.92 78.99 -9.37
N VAL K 160 80.14 79.86 -9.98
CA VAL K 160 78.98 79.42 -10.75
C VAL K 160 79.10 79.85 -12.18
N ASN K 161 78.94 78.92 -13.10
CA ASN K 161 79.05 79.25 -14.50
C ASN K 161 77.68 79.47 -15.11
N ILE K 162 77.22 80.71 -15.09
CA ILE K 162 75.95 81.03 -15.71
C ILE K 162 76.13 81.15 -17.21
N THR K 163 75.28 80.46 -17.96
CA THR K 163 75.36 80.51 -19.40
C THR K 163 73.98 80.60 -19.99
N LEU K 164 73.88 81.26 -21.13
CA LEU K 164 72.61 81.50 -21.74
C LEU K 164 72.31 80.49 -22.85
N MET K 165 71.12 79.90 -22.77
CA MET K 165 70.69 78.88 -23.73
C MET K 165 69.58 79.40 -24.64
N ASP K 166 69.56 78.93 -25.88
CA ASP K 166 68.54 79.38 -26.81
C ASP K 166 67.27 78.54 -26.74
N ASP K 167 66.18 79.17 -26.30
CA ASP K 167 64.87 78.55 -26.14
C ASP K 167 64.43 77.72 -27.33
N VAL K 168 64.79 78.16 -28.53
CA VAL K 168 64.43 77.47 -29.75
C VAL K 168 65.04 76.10 -29.84
N THR K 169 66.29 75.97 -29.41
CA THR K 169 66.96 74.70 -29.52
C THR K 169 66.41 73.72 -28.49
N ALA K 170 65.94 74.26 -27.36
CA ALA K 170 65.33 73.40 -26.36
C ALA K 170 64.07 72.77 -26.93
N ALA K 171 63.23 73.61 -27.52
CA ALA K 171 61.99 73.14 -28.11
C ALA K 171 62.25 72.23 -29.29
N GLY K 172 63.23 72.57 -30.11
CA GLY K 172 63.58 71.80 -31.29
C GLY K 172 63.94 70.38 -30.93
N GLN K 173 64.78 70.21 -29.91
CA GLN K 173 65.17 68.88 -29.49
C GLN K 173 64.00 68.09 -28.95
N ALA K 174 63.14 68.76 -28.17
CA ALA K 174 61.97 68.09 -27.60
C ALA K 174 61.11 67.48 -28.69
N GLU K 175 60.79 68.27 -29.71
CA GLU K 175 59.94 67.77 -30.76
C GLU K 175 60.64 66.77 -31.66
N ALA K 176 61.89 67.04 -32.01
CA ALA K 176 62.64 66.17 -32.90
C ALA K 176 62.71 64.75 -32.37
N GLY K 177 63.09 64.59 -31.11
CA GLY K 177 63.19 63.26 -30.54
C GLY K 177 61.82 62.60 -30.44
N LEU K 178 60.82 63.38 -30.07
CA LEU K 178 59.46 62.91 -29.94
C LEU K 178 58.95 62.29 -31.24
N LYS K 179 59.15 63.00 -32.35
CA LYS K 179 58.72 62.47 -33.63
C LYS K 179 59.66 61.38 -34.16
N GLN K 180 60.92 61.38 -33.74
CA GLN K 180 61.85 60.31 -34.13
C GLN K 180 61.35 58.98 -33.63
N GLN K 181 60.80 58.99 -32.41
CA GLN K 181 60.22 57.80 -31.80
C GLN K 181 58.89 57.36 -32.43
N ALA K 182 58.41 58.08 -33.46
CA ALA K 182 57.18 57.81 -34.18
C ALA K 182 55.97 57.95 -33.28
N LEU K 183 56.03 58.87 -32.33
CA LEU K 183 54.93 59.08 -31.43
C LEU K 183 53.99 60.14 -31.97
N PRO K 184 52.69 60.00 -31.76
CA PRO K 184 51.64 60.93 -32.10
C PRO K 184 51.64 62.02 -31.06
N TYR K 185 51.41 63.26 -31.48
CA TYR K 185 51.39 64.34 -30.52
C TYR K 185 50.82 65.60 -31.12
N SER K 186 50.55 66.57 -30.27
CA SER K 186 50.11 67.86 -30.76
C SER K 186 50.80 68.93 -29.93
N ARG K 187 51.55 69.78 -30.61
CA ARG K 187 52.32 70.84 -29.97
C ARG K 187 51.46 72.04 -29.57
N ARG K 188 51.79 72.62 -28.42
CA ARG K 188 51.07 73.77 -27.89
C ARG K 188 52.00 74.91 -27.55
N ASN K 189 52.25 75.78 -28.52
CA ASN K 189 53.10 76.92 -28.25
C ASN K 189 52.32 77.98 -27.52
N HIS K 190 52.92 78.56 -26.49
CA HIS K 190 52.27 79.65 -25.79
C HIS K 190 53.32 80.57 -25.23
N LYS K 191 52.92 81.75 -24.82
CA LYS K 191 53.91 82.66 -24.30
C LYS K 191 54.52 82.07 -23.06
N GLY K 192 55.84 81.96 -23.06
CA GLY K 192 56.56 81.44 -21.91
C GLY K 192 56.83 79.93 -21.94
N GLY K 193 56.33 79.20 -22.92
CA GLY K 193 56.61 77.75 -22.92
C GLY K 193 55.94 76.97 -24.03
N VAL K 194 56.07 75.65 -23.96
CA VAL K 194 55.45 74.79 -24.96
C VAL K 194 55.06 73.45 -24.36
N THR K 195 53.87 72.98 -24.71
CA THR K 195 53.41 71.70 -24.19
C THR K 195 53.13 70.70 -25.31
N PHE K 196 53.58 69.47 -25.10
CA PHE K 196 53.39 68.40 -26.08
C PHE K 196 52.36 67.41 -25.61
N VAL K 197 51.19 67.47 -26.22
CA VAL K 197 50.07 66.64 -25.84
C VAL K 197 50.02 65.32 -26.57
N ILE K 198 49.97 64.23 -25.82
CA ILE K 198 49.90 62.90 -26.41
C ILE K 198 48.63 62.19 -25.94
N GLN K 199 47.64 62.11 -26.81
CA GLN K 199 46.37 61.47 -26.44
C GLN K 199 46.02 60.27 -27.30
N GLY K 200 44.99 59.57 -26.88
CA GLY K 200 44.47 58.41 -27.60
C GLY K 200 44.94 57.13 -26.94
N ALA K 201 44.47 56.01 -27.46
CA ALA K 201 44.89 54.73 -26.94
C ALA K 201 46.31 54.47 -27.41
N LEU K 202 47.12 53.90 -26.55
CA LEU K 202 48.52 53.68 -26.91
C LEU K 202 48.94 52.23 -26.81
N ASP K 203 49.77 51.83 -27.74
CA ASP K 203 50.37 50.50 -27.78
C ASP K 203 51.42 50.41 -26.70
N ASP K 204 51.48 49.30 -25.99
CA ASP K 204 52.46 49.14 -24.92
C ASP K 204 53.90 49.48 -25.35
N VAL K 205 54.21 49.24 -26.62
CA VAL K 205 55.54 49.51 -27.12
C VAL K 205 55.79 51.00 -27.19
N GLU K 206 54.86 51.74 -27.78
CA GLU K 206 55.03 53.19 -27.87
C GLU K 206 54.91 53.86 -26.52
N ILE K 207 54.23 53.22 -25.57
CA ILE K 207 54.18 53.79 -24.23
C ILE K 207 55.56 53.76 -23.61
N LEU K 208 56.24 52.62 -23.72
CA LEU K 208 57.58 52.50 -23.20
C LEU K 208 58.50 53.52 -23.82
N ARG K 209 58.48 53.60 -25.15
CA ARG K 209 59.33 54.54 -25.87
C ARG K 209 59.08 55.97 -25.45
N ALA K 210 57.82 56.34 -25.28
CA ALA K 210 57.46 57.68 -24.89
C ALA K 210 58.06 58.06 -23.57
N ARG K 211 57.90 57.19 -22.57
CA ARG K 211 58.44 57.52 -21.27
C ARG K 211 59.94 57.65 -21.27
N GLN K 212 60.63 56.74 -21.96
CA GLN K 212 62.08 56.80 -22.00
C GLN K 212 62.56 58.13 -22.53
N PHE K 213 61.95 58.58 -23.62
CA PHE K 213 62.28 59.87 -24.19
C PHE K 213 62.05 61.01 -23.24
N VAL K 214 60.87 61.06 -22.65
CA VAL K 214 60.50 62.13 -21.75
C VAL K 214 61.42 62.23 -20.56
N ASP K 215 61.73 61.10 -19.93
CA ASP K 215 62.61 61.10 -18.79
C ASP K 215 63.96 61.68 -19.13
N SER K 216 64.51 61.32 -20.29
CA SER K 216 65.80 61.85 -20.69
C SER K 216 65.77 63.34 -20.96
N TYR K 217 64.72 63.81 -21.63
CA TYR K 217 64.62 65.23 -21.91
C TYR K 217 64.57 66.02 -20.62
N TYR K 218 63.74 65.55 -19.69
CA TYR K 218 63.62 66.17 -18.40
C TYR K 218 64.96 66.22 -17.69
N ARG K 219 65.63 65.09 -17.61
CA ARG K 219 66.94 65.02 -16.97
C ARG K 219 67.89 66.07 -17.48
N THR K 220 67.92 66.30 -18.79
CA THR K 220 68.80 67.29 -19.37
C THR K 220 68.33 68.72 -19.19
N TRP K 221 67.23 69.05 -19.84
CA TRP K 221 66.73 70.41 -19.84
C TRP K 221 65.88 70.81 -18.65
N GLY K 222 65.15 69.85 -18.09
CA GLY K 222 64.26 70.17 -16.99
C GLY K 222 62.86 70.47 -17.54
N GLY K 223 61.88 70.58 -16.65
CA GLY K 223 60.50 70.81 -17.08
C GLY K 223 59.99 72.24 -16.91
N ARG K 224 60.85 73.23 -17.02
CA ARG K 224 60.39 74.61 -16.83
C ARG K 224 59.96 75.30 -18.12
N TYR K 225 60.32 74.74 -19.26
CA TYR K 225 59.95 75.34 -20.53
C TYR K 225 59.13 74.37 -21.34
N VAL K 226 59.61 73.14 -21.46
CA VAL K 226 58.91 72.10 -22.17
C VAL K 226 58.15 71.20 -21.23
N GLN K 227 56.85 71.10 -21.44
CA GLN K 227 56.00 70.25 -20.63
C GLN K 227 55.39 69.15 -21.48
N PHE K 228 55.54 67.91 -21.05
CA PHE K 228 54.94 66.82 -21.80
C PHE K 228 53.65 66.40 -21.12
N ALA K 229 52.70 65.90 -21.89
CA ALA K 229 51.40 65.52 -21.35
C ALA K 229 50.88 64.23 -21.93
N ILE K 230 51.30 63.11 -21.35
CA ILE K 230 50.85 61.80 -21.80
C ILE K 230 49.50 61.48 -21.20
N GLU K 231 48.51 61.25 -22.03
CA GLU K 231 47.16 60.94 -21.59
C GLU K 231 46.59 59.71 -22.27
N LEU K 232 46.64 58.60 -21.56
CA LEU K 232 46.13 57.34 -22.08
C LEU K 232 44.61 57.33 -22.04
N LYS K 233 43.98 57.40 -23.22
CA LYS K 233 42.52 57.49 -23.30
C LYS K 233 41.90 56.55 -24.33
N ASP K 234 40.62 56.25 -24.16
CA ASP K 234 39.89 55.41 -25.10
C ASP K 234 39.46 56.18 -26.33
N ASP K 235 39.43 55.48 -27.47
CA ASP K 235 39.01 56.07 -28.73
C ASP K 235 37.71 55.44 -29.21
N ASP L 3 80.42 31.92 7.06
CA ASP L 3 79.70 30.83 7.69
C ASP L 3 78.31 31.25 8.07
N LYS L 4 77.48 31.56 7.07
CA LYS L 4 76.12 31.98 7.34
C LYS L 4 75.11 31.02 6.76
N ASP L 5 73.99 30.85 7.46
CA ASP L 5 72.93 30.00 6.95
C ASP L 5 72.06 30.79 6.00
N LEU L 6 71.86 30.25 4.80
CA LEU L 6 71.06 30.95 3.81
C LEU L 6 69.70 30.26 3.66
N LEU L 7 69.72 29.00 3.25
CA LEU L 7 68.47 28.23 3.07
C LEU L 7 68.49 26.90 3.82
N LYS L 8 67.30 26.45 4.25
CA LYS L 8 67.19 25.17 4.95
C LYS L 8 65.96 24.38 4.52
N GLY L 9 66.06 23.06 4.59
CA GLY L 9 64.92 22.21 4.27
C GLY L 9 64.65 22.10 2.79
N LEU L 10 65.67 22.28 1.98
CA LEU L 10 65.49 22.23 0.54
C LEU L 10 65.43 20.82 0.04
N ASP L 11 64.72 20.60 -1.06
CA ASP L 11 64.75 19.27 -1.61
C ASP L 11 65.95 19.24 -2.54
N GLN L 12 66.20 18.10 -3.16
CA GLN L 12 67.37 17.94 -3.99
C GLN L 12 67.42 18.89 -5.17
N GLU L 13 66.31 18.99 -5.91
CA GLU L 13 66.23 19.86 -7.09
C GLU L 13 66.49 21.30 -6.75
N GLN L 14 65.77 21.80 -5.75
CA GLN L 14 65.89 23.17 -5.32
C GLN L 14 67.30 23.51 -4.92
N ALA L 15 67.91 22.63 -4.12
CA ALA L 15 69.25 22.86 -3.65
C ALA L 15 70.22 23.06 -4.79
N ASN L 16 70.17 22.16 -5.78
CA ASN L 16 71.08 22.28 -6.89
C ASN L 16 70.82 23.51 -7.76
N GLU L 17 69.55 23.89 -7.89
CA GLU L 17 69.23 25.06 -8.69
C GLU L 17 69.73 26.36 -8.08
N VAL L 18 69.53 26.50 -6.77
CA VAL L 18 69.98 27.70 -6.08
C VAL L 18 71.48 27.84 -6.17
N ILE L 19 72.17 26.72 -5.95
CA ILE L 19 73.62 26.72 -6.02
C ILE L 19 74.11 27.15 -7.38
N ALA L 20 73.48 26.65 -8.44
CA ALA L 20 73.86 27.02 -9.80
C ALA L 20 73.87 28.52 -9.97
N VAL L 21 72.81 29.18 -9.49
CA VAL L 21 72.71 30.63 -9.58
C VAL L 21 73.80 31.35 -8.83
N LEU L 22 74.06 30.92 -7.61
CA LEU L 22 75.08 31.56 -6.80
C LEU L 22 76.45 31.47 -7.43
N GLN L 23 76.77 30.31 -8.00
CA GLN L 23 78.05 30.11 -8.66
C GLN L 23 78.16 31.00 -9.86
N MET L 24 77.07 31.11 -10.62
CA MET L 24 77.03 31.97 -11.79
C MET L 24 77.39 33.40 -11.44
N HIS L 25 76.97 33.85 -10.26
CA HIS L 25 77.29 35.19 -9.81
C HIS L 25 78.51 35.29 -8.92
N ASN L 26 79.42 34.32 -9.04
CA ASN L 26 80.67 34.31 -8.31
C ASN L 26 80.55 34.14 -6.81
N ILE L 27 79.68 33.23 -6.37
CA ILE L 27 79.52 32.92 -4.95
C ILE L 27 79.64 31.43 -4.67
N GLU L 28 80.61 31.06 -3.83
CA GLU L 28 80.77 29.66 -3.44
C GLU L 28 79.63 29.28 -2.49
N ALA L 29 79.20 28.03 -2.55
CA ALA L 29 78.10 27.61 -1.67
C ALA L 29 78.26 26.17 -1.25
N ASN L 30 77.86 25.88 -0.02
CA ASN L 30 77.96 24.53 0.51
C ASN L 30 76.62 23.88 0.54
N LYS L 31 76.54 22.63 0.11
CA LYS L 31 75.29 21.87 0.20
C LYS L 31 75.42 20.87 1.33
N ILE L 32 74.61 21.04 2.35
CA ILE L 32 74.68 20.18 3.51
C ILE L 32 73.51 19.22 3.60
N ASP L 33 73.82 17.94 3.63
CA ASP L 33 72.83 16.89 3.72
C ASP L 33 72.48 16.60 5.18
N SER L 34 71.27 16.99 5.60
CA SER L 34 70.82 16.76 6.96
C SER L 34 69.81 15.61 7.04
N GLY L 35 69.90 14.68 6.10
CA GLY L 35 69.05 13.51 6.09
C GLY L 35 67.60 13.88 5.83
N LYS L 36 66.73 13.37 6.71
CA LYS L 36 65.30 13.62 6.61
C LYS L 36 64.91 15.08 6.68
N LEU L 37 65.81 15.94 7.15
CA LEU L 37 65.49 17.33 7.27
C LEU L 37 65.79 18.11 5.98
N GLY L 38 66.32 17.44 4.97
CA GLY L 38 66.57 18.08 3.68
C GLY L 38 67.95 18.68 3.56
N TYR L 39 68.11 19.58 2.60
CA TYR L 39 69.40 20.21 2.36
C TYR L 39 69.46 21.63 2.87
N SER L 40 70.66 22.03 3.25
CA SER L 40 70.88 23.39 3.69
C SER L 40 71.99 24.02 2.89
N ILE L 41 71.84 25.31 2.60
CA ILE L 41 72.85 26.02 1.86
C ILE L 41 73.49 27.08 2.71
N THR L 42 74.81 27.05 2.79
CA THR L 42 75.54 28.04 3.56
C THR L 42 76.59 28.73 2.70
N VAL L 43 76.91 29.97 3.07
CA VAL L 43 77.87 30.76 2.32
C VAL L 43 78.86 31.48 3.21
N ALA L 44 79.96 31.91 2.61
CA ALA L 44 80.95 32.69 3.33
C ALA L 44 80.37 34.03 3.71
N GLU L 45 80.68 34.49 4.91
CA GLU L 45 80.17 35.77 5.39
C GLU L 45 80.42 36.95 4.45
N PRO L 46 81.58 37.07 3.80
CA PRO L 46 81.89 38.10 2.81
C PRO L 46 80.91 38.15 1.64
N ASP L 47 80.34 37.00 1.27
CA ASP L 47 79.42 36.93 0.15
C ASP L 47 77.98 37.00 0.58
N PHE L 48 77.72 36.64 1.84
CA PHE L 48 76.36 36.59 2.39
C PHE L 48 75.43 37.71 1.96
N THR L 49 75.89 38.96 1.96
CA THR L 49 75.03 40.06 1.57
C THR L 49 74.56 39.93 0.14
N ALA L 50 75.51 39.65 -0.74
CA ALA L 50 75.23 39.46 -2.15
C ALA L 50 74.34 38.25 -2.37
N ALA L 51 74.63 37.19 -1.62
CA ALA L 51 73.86 35.95 -1.75
C ALA L 51 72.39 36.23 -1.48
N VAL L 52 72.11 36.96 -0.42
CA VAL L 52 70.74 37.30 -0.08
C VAL L 52 70.08 38.08 -1.19
N TYR L 53 70.80 39.06 -1.72
CA TYR L 53 70.28 39.85 -2.81
C TYR L 53 69.83 38.99 -3.97
N TRP L 54 70.66 38.01 -4.35
CA TRP L 54 70.33 37.16 -5.48
C TRP L 54 69.19 36.19 -5.17
N ILE L 55 69.06 35.72 -3.93
CA ILE L 55 67.94 34.86 -3.57
C ILE L 55 66.64 35.59 -3.81
N LYS L 56 66.62 36.87 -3.45
CA LYS L 56 65.47 37.70 -3.70
C LYS L 56 65.23 37.87 -5.19
N THR L 57 66.27 38.32 -5.90
CA THR L 57 66.20 38.60 -7.33
C THR L 57 65.64 37.46 -8.16
N TYR L 58 66.08 36.24 -7.88
CA TYR L 58 65.64 35.10 -8.65
C TYR L 58 64.52 34.29 -8.04
N GLN L 59 63.78 34.84 -7.09
CA GLN L 59 62.65 34.12 -6.49
C GLN L 59 63.05 32.73 -6.00
N LEU L 60 64.13 32.64 -5.23
CA LEU L 60 64.60 31.35 -4.77
C LEU L 60 64.18 31.04 -3.35
N PRO L 61 64.04 29.76 -3.01
CA PRO L 61 64.18 28.55 -3.81
C PRO L 61 62.97 28.38 -4.73
N PRO L 62 63.13 27.69 -5.86
CA PRO L 62 62.15 27.41 -6.91
C PRO L 62 60.90 26.72 -6.42
N ARG L 63 59.78 27.03 -7.05
CA ARG L 63 58.53 26.36 -6.76
C ARG L 63 58.46 25.10 -7.61
N PRO L 64 57.60 24.15 -7.27
CA PRO L 64 57.35 22.93 -8.00
C PRO L 64 56.61 23.25 -9.29
N ARG L 65 56.84 22.46 -10.32
CA ARG L 65 56.23 22.72 -11.62
C ARG L 65 54.75 22.45 -11.64
N VAL L 66 54.00 23.38 -12.21
CA VAL L 66 52.55 23.30 -12.30
C VAL L 66 52.05 22.73 -13.60
N GLU L 67 51.25 21.68 -13.48
CA GLU L 67 50.64 20.99 -14.59
C GLU L 67 49.15 20.88 -14.35
N ILE L 68 48.35 21.01 -15.39
CA ILE L 68 46.90 21.08 -15.24
C ILE L 68 46.27 19.89 -14.55
N ALA L 69 46.71 18.69 -14.90
CA ALA L 69 46.16 17.47 -14.31
C ALA L 69 46.28 17.39 -12.80
N GLN L 70 47.17 18.20 -12.22
CA GLN L 70 47.37 18.16 -10.79
C GLN L 70 46.15 18.66 -10.03
N MET L 71 45.25 19.38 -10.72
CA MET L 71 44.06 19.89 -10.08
C MET L 71 42.79 19.13 -10.43
N PHE L 72 42.91 18.01 -11.12
CA PHE L 72 41.74 17.22 -11.45
C PHE L 72 42.11 15.76 -11.36
N PRO L 73 42.40 15.26 -10.14
CA PRO L 73 42.92 13.94 -9.81
C PRO L 73 41.90 12.83 -10.01
N ALA L 74 42.43 11.64 -10.35
CA ALA L 74 41.63 10.45 -10.58
C ALA L 74 41.07 9.86 -9.31
N ASP L 75 41.56 10.35 -8.18
CA ASP L 75 41.11 9.89 -6.88
C ASP L 75 39.67 10.33 -6.58
N SER L 76 39.13 11.29 -7.35
CA SER L 76 37.76 11.71 -7.13
C SER L 76 36.81 10.57 -7.40
N LEU L 77 35.78 10.50 -6.56
CA LEU L 77 34.76 9.46 -6.64
C LEU L 77 33.90 9.62 -7.90
N VAL L 78 33.80 10.84 -8.37
CA VAL L 78 33.01 11.16 -9.55
C VAL L 78 33.84 11.99 -10.50
N SER L 79 33.37 12.11 -11.73
CA SER L 79 34.07 12.89 -12.72
C SER L 79 33.09 13.63 -13.59
N SER L 80 33.61 14.51 -14.42
CA SER L 80 32.78 15.28 -15.32
C SER L 80 33.52 15.42 -16.61
N PRO L 81 32.83 15.61 -17.73
CA PRO L 81 33.35 15.83 -19.06
C PRO L 81 34.39 16.92 -19.04
N ARG L 82 34.11 17.97 -18.28
CA ARG L 82 35.01 19.09 -18.14
C ARG L 82 36.33 18.64 -17.58
N ALA L 83 36.27 17.92 -16.46
CA ALA L 83 37.49 17.45 -15.81
C ALA L 83 38.25 16.47 -16.67
N GLU L 84 37.54 15.54 -17.30
CA GLU L 84 38.19 14.51 -18.09
C GLU L 84 38.90 15.08 -19.29
N LYS L 85 38.27 16.03 -19.98
CA LYS L 85 38.88 16.62 -21.14
C LYS L 85 40.13 17.38 -20.73
N ALA L 86 40.08 18.08 -19.59
CA ALA L 86 41.23 18.81 -19.08
C ALA L 86 42.38 17.86 -18.79
N ARG L 87 42.08 16.74 -18.15
CA ARG L 87 43.10 15.76 -17.82
C ARG L 87 43.82 15.27 -19.06
N LEU L 88 43.06 14.99 -20.10
CA LEU L 88 43.67 14.54 -21.34
C LEU L 88 44.62 15.54 -21.93
N TYR L 89 44.18 16.80 -22.04
CA TYR L 89 45.04 17.83 -22.61
C TYR L 89 46.31 18.00 -21.83
N SER L 90 46.23 17.90 -20.51
CA SER L 90 47.41 18.02 -19.69
C SER L 90 48.45 17.00 -20.07
N ALA L 91 48.00 15.75 -20.21
CA ALA L 91 48.88 14.67 -20.61
C ALA L 91 49.49 14.91 -21.98
N ILE L 92 48.67 15.40 -22.91
CA ILE L 92 49.16 15.66 -24.24
C ILE L 92 50.26 16.70 -24.26
N GLU L 93 50.11 17.79 -23.50
CA GLU L 93 51.18 18.79 -23.48
C GLU L 93 52.46 18.17 -22.99
N GLN L 94 52.37 17.36 -21.93
CA GLN L 94 53.55 16.72 -21.38
C GLN L 94 54.23 15.82 -22.39
N ARG L 95 53.42 15.08 -23.13
CA ARG L 95 53.93 14.15 -24.10
C ARG L 95 54.61 14.87 -25.26
N LEU L 96 54.05 16.01 -25.67
CA LEU L 96 54.68 16.79 -26.72
C LEU L 96 56.02 17.37 -26.26
N GLU L 97 56.12 17.76 -24.99
CA GLU L 97 57.37 18.28 -24.47
C GLU L 97 58.43 17.19 -24.49
N GLN L 98 58.02 15.97 -24.11
CA GLN L 98 58.93 14.84 -24.12
C GLN L 98 59.47 14.59 -25.51
N SER L 99 58.64 14.79 -26.53
CA SER L 99 59.09 14.59 -27.89
C SER L 99 60.04 15.66 -28.40
N LEU L 100 59.72 16.94 -28.16
CA LEU L 100 60.58 18.01 -28.70
C LEU L 100 61.96 17.98 -28.11
N GLN L 101 62.08 17.56 -26.86
CA GLN L 101 63.38 17.51 -26.23
C GLN L 101 64.29 16.40 -26.76
N THR L 102 63.80 15.57 -27.67
CA THR L 102 64.64 14.54 -28.27
C THR L 102 65.15 14.97 -29.64
N MET L 103 64.70 16.12 -30.12
CA MET L 103 65.19 16.59 -31.42
C MET L 103 66.61 17.06 -31.33
N GLU L 104 67.34 16.86 -32.42
CA GLU L 104 68.75 17.22 -32.50
C GLU L 104 68.97 18.68 -32.19
N GLY L 105 69.85 18.95 -31.23
CA GLY L 105 70.22 20.30 -30.87
C GLY L 105 69.33 20.92 -29.80
N VAL L 106 68.23 20.26 -29.44
CA VAL L 106 67.35 20.84 -28.43
C VAL L 106 67.77 20.43 -27.05
N LEU L 107 67.94 21.43 -26.20
CA LEU L 107 68.35 21.22 -24.83
C LEU L 107 67.15 21.24 -23.92
N SER L 108 66.19 22.11 -24.23
CA SER L 108 64.98 22.23 -23.43
C SER L 108 63.80 22.77 -24.23
N ALA L 109 62.61 22.31 -23.91
CA ALA L 109 61.45 22.81 -24.63
C ALA L 109 60.18 22.71 -23.81
N ARG L 110 59.30 23.71 -23.98
CA ARG L 110 58.01 23.75 -23.28
C ARG L 110 56.88 23.91 -24.28
N VAL L 111 55.73 23.28 -24.00
CA VAL L 111 54.61 23.30 -24.93
C VAL L 111 53.28 23.63 -24.27
N HIS L 112 52.50 24.50 -24.92
CA HIS L 112 51.18 24.86 -24.46
C HIS L 112 50.13 24.58 -25.50
N ILE L 113 48.96 24.16 -25.06
CA ILE L 113 47.85 23.94 -25.99
C ILE L 113 46.64 24.65 -25.43
N SER L 114 45.84 25.23 -26.29
CA SER L 114 44.66 25.91 -25.83
C SER L 114 43.64 24.91 -25.30
N TYR L 115 42.75 25.38 -24.44
CA TYR L 115 41.74 24.52 -23.84
C TYR L 115 40.35 24.89 -24.27
N ASP L 116 39.44 23.94 -24.11
CA ASP L 116 38.04 24.11 -24.45
C ASP L 116 37.23 23.57 -23.32
N ILE L 117 36.65 24.49 -22.55
CA ILE L 117 35.93 24.12 -21.36
C ILE L 117 34.42 24.14 -21.50
N ASP L 118 33.89 24.86 -22.49
CA ASP L 118 32.45 24.87 -22.59
C ASP L 118 31.86 25.13 -23.98
N ALA L 119 32.52 24.66 -25.05
CA ALA L 119 31.92 24.81 -26.39
C ALA L 119 30.63 23.99 -26.48
N GLY L 120 30.75 22.67 -26.47
CA GLY L 120 29.60 21.76 -26.54
C GLY L 120 28.59 22.04 -25.44
N GLU L 121 29.08 22.40 -24.26
CA GLU L 121 28.25 22.79 -23.13
C GLU L 121 27.22 23.86 -23.49
N ASN L 122 27.61 24.80 -24.34
CA ASN L 122 26.75 25.89 -24.75
C ASN L 122 26.05 25.63 -26.08
N GLY L 123 26.12 24.41 -26.59
CA GLY L 123 25.51 24.09 -27.87
C GLY L 123 26.37 24.57 -29.04
N ARG L 124 27.62 24.91 -28.77
CA ARG L 124 28.50 25.42 -29.80
C ARG L 124 29.48 24.38 -30.29
N PRO L 125 29.97 24.52 -31.52
CA PRO L 125 31.01 23.75 -32.15
C PRO L 125 32.31 24.16 -31.49
N PRO L 126 33.31 23.30 -31.49
CA PRO L 126 34.63 23.47 -30.91
C PRO L 126 35.44 24.49 -31.68
N LYS L 127 36.38 25.11 -30.99
CA LYS L 127 37.21 26.12 -31.61
C LYS L 127 38.51 25.50 -32.10
N PRO L 128 39.20 26.15 -33.04
CA PRO L 128 40.48 25.79 -33.59
C PRO L 128 41.49 25.69 -32.48
N VAL L 129 42.46 24.81 -32.63
CA VAL L 129 43.43 24.62 -31.57
C VAL L 129 44.63 25.51 -31.73
N HIS L 130 45.03 26.15 -30.65
CA HIS L 130 46.20 27.01 -30.70
C HIS L 130 47.36 26.35 -29.98
N LEU L 131 48.55 26.50 -30.52
CA LEU L 131 49.74 25.93 -29.91
C LEU L 131 50.84 26.95 -29.76
N SER L 132 51.62 26.82 -28.72
CA SER L 132 52.77 27.68 -28.57
C SER L 132 53.89 26.91 -27.93
N ALA L 133 55.12 27.29 -28.21
CA ALA L 133 56.22 26.54 -27.64
C ALA L 133 57.48 27.35 -27.49
N LEU L 134 58.27 26.96 -26.51
CA LEU L 134 59.54 27.59 -26.23
C LEU L 134 60.66 26.59 -26.43
N ALA L 135 61.81 27.04 -26.90
CA ALA L 135 62.89 26.09 -27.06
C ALA L 135 64.28 26.70 -26.88
N VAL L 136 65.17 25.89 -26.32
CA VAL L 136 66.55 26.25 -26.10
C VAL L 136 67.46 25.33 -26.86
N TYR L 137 68.31 25.89 -27.70
CA TYR L 137 69.24 25.12 -28.51
C TYR L 137 70.69 25.20 -28.12
N GLU L 138 71.45 24.22 -28.58
CA GLU L 138 72.88 24.21 -28.40
C GLU L 138 73.48 25.42 -29.10
N ARG L 139 74.29 26.17 -28.38
CA ARG L 139 74.88 27.37 -28.90
C ARG L 139 75.61 27.16 -30.21
N GLY L 140 75.31 28.03 -31.18
CA GLY L 140 75.91 27.98 -32.51
C GLY L 140 74.99 27.35 -33.55
N SER L 141 73.89 26.76 -33.10
CA SER L 141 72.90 26.12 -33.96
C SER L 141 72.10 27.15 -34.80
N PRO L 142 71.72 26.83 -36.05
CA PRO L 142 70.99 27.66 -37.03
C PRO L 142 69.48 27.76 -36.76
N LEU L 143 69.15 28.40 -35.64
CA LEU L 143 67.79 28.60 -35.15
C LEU L 143 66.76 29.05 -36.18
N ALA L 144 67.18 29.92 -37.09
CA ALA L 144 66.29 30.47 -38.10
C ALA L 144 65.71 29.44 -39.05
N HIS L 145 66.28 28.25 -39.08
CA HIS L 145 65.79 27.22 -39.97
C HIS L 145 65.16 26.10 -39.19
N GLN L 146 65.73 25.85 -38.01
CA GLN L 146 65.27 24.78 -37.13
C GLN L 146 63.84 24.99 -36.68
N ILE L 147 63.46 26.25 -36.50
CA ILE L 147 62.10 26.61 -36.15
C ILE L 147 61.03 26.02 -37.09
N SER L 148 61.38 25.71 -38.33
CA SER L 148 60.41 25.18 -39.26
C SER L 148 60.11 23.71 -39.01
N ASP L 149 61.05 22.98 -38.38
CA ASP L 149 60.79 21.59 -38.07
C ASP L 149 59.81 21.49 -36.95
N ILE L 150 59.98 22.36 -35.97
CA ILE L 150 59.09 22.36 -34.83
C ILE L 150 57.70 22.63 -35.27
N LYS L 151 57.55 23.66 -36.10
CA LYS L 151 56.26 24.08 -36.54
C LYS L 151 55.58 23.03 -37.42
N ARG L 152 56.33 22.37 -38.29
CA ARG L 152 55.75 21.33 -39.14
C ARG L 152 55.32 20.12 -38.33
N PHE L 153 56.17 19.73 -37.40
CA PHE L 153 55.90 18.61 -36.51
C PHE L 153 54.62 18.82 -35.75
N LEU L 154 54.50 19.97 -35.12
CA LEU L 154 53.32 20.28 -34.35
C LEU L 154 52.07 20.38 -35.20
N LYS L 155 52.19 20.90 -36.43
CA LYS L 155 51.03 21.06 -37.29
C LYS L 155 50.27 19.76 -37.49
N ASN L 156 50.94 18.68 -37.78
CA ASN L 156 50.21 17.41 -37.94
C ASN L 156 50.16 16.57 -36.67
N SER L 157 50.45 17.17 -35.51
CA SER L 157 50.38 16.46 -34.25
C SER L 157 49.05 16.70 -33.56
N PHE L 158 48.10 17.34 -34.24
CA PHE L 158 46.84 17.57 -33.58
C PHE L 158 45.72 17.84 -34.57
N ALA L 159 44.57 17.29 -34.26
CA ALA L 159 43.33 17.30 -35.05
C ALA L 159 43.11 18.49 -35.96
N ASP L 160 43.26 19.71 -35.47
CA ASP L 160 43.01 20.84 -36.34
C ASP L 160 43.72 22.12 -35.94
N VAL L 161 44.94 22.27 -36.46
CA VAL L 161 45.73 23.46 -36.25
C VAL L 161 46.19 23.95 -37.61
N ASP L 162 46.90 25.07 -37.63
CA ASP L 162 47.41 25.60 -38.88
C ASP L 162 48.65 26.44 -38.63
N TYR L 163 49.32 26.87 -39.68
CA TYR L 163 50.58 27.60 -39.53
C TYR L 163 50.43 29.04 -39.00
N ASP L 164 49.20 29.51 -38.83
CA ASP L 164 49.01 30.84 -38.28
C ASP L 164 48.65 30.78 -36.81
N ASN L 165 48.32 29.59 -36.32
CA ASN L 165 47.93 29.44 -34.93
C ASN L 165 48.93 28.64 -34.13
N ILE L 166 50.16 28.56 -34.63
CA ILE L 166 51.25 27.90 -33.94
C ILE L 166 52.40 28.88 -33.78
N SER L 167 52.76 29.19 -32.54
CA SER L 167 53.84 30.13 -32.33
C SER L 167 55.04 29.53 -31.63
N VAL L 168 56.22 29.80 -32.17
CA VAL L 168 57.44 29.27 -31.58
C VAL L 168 58.43 30.38 -31.27
N VAL L 169 58.82 30.46 -30.01
CA VAL L 169 59.81 31.43 -29.57
C VAL L 169 60.99 30.67 -29.03
N LEU L 170 62.17 30.97 -29.52
CA LEU L 170 63.32 30.20 -29.13
C LEU L 170 64.63 30.96 -29.11
N SER L 171 65.64 30.33 -28.52
CA SER L 171 66.98 30.88 -28.42
C SER L 171 68.01 29.78 -28.16
N GLU L 172 69.15 30.16 -27.62
CA GLU L 172 70.20 29.20 -27.35
C GLU L 172 70.87 29.47 -26.01
N ARG L 173 71.57 28.49 -25.50
CA ARG L 173 72.21 28.60 -24.20
C ARG L 173 73.31 29.66 -24.15
N SER L 174 73.61 30.09 -22.93
CA SER L 174 74.65 31.07 -22.64
C SER L 174 76.02 30.40 -22.47
N ASP L 175 77.05 31.23 -22.23
CA ASP L 175 78.42 30.76 -22.02
C ASP L 175 78.48 29.93 -20.75
N ALA L 176 78.79 28.65 -20.89
CA ALA L 176 78.80 27.71 -19.78
C ALA L 176 79.72 28.11 -18.64
N GLN L 177 79.20 28.02 -17.43
CA GLN L 177 80.00 28.37 -16.26
C GLN L 177 80.85 27.17 -15.87
N LEU L 178 82.03 27.10 -16.45
CA LEU L 178 82.92 25.98 -16.20
C LEU L 178 84.02 26.28 -15.19
N GLN L 179 83.95 27.42 -14.52
CA GLN L 179 85.00 27.80 -13.57
C GLN L 179 84.46 28.07 -12.18
N ALA L 180 85.20 27.66 -11.17
CA ALA L 180 84.78 27.89 -9.79
C ALA L 180 84.91 29.36 -9.43
N PRO L 181 83.96 29.91 -8.66
CA PRO L 181 83.91 31.27 -8.12
C PRO L 181 85.15 31.71 -7.35
N GLY L 182 85.66 30.84 -6.51
CA GLY L 182 86.85 31.13 -5.72
C GLY L 182 86.47 31.58 -4.32
N THR L 183 87.42 31.47 -3.41
CA THR L 183 87.19 31.86 -2.02
C THR L 183 87.49 33.34 -1.83
N PRO L 184 87.05 33.92 -0.70
CA PRO L 184 87.29 35.28 -0.27
C PRO L 184 88.73 35.46 0.15
N VAL L 185 89.22 36.68 0.06
CA VAL L 185 90.59 36.96 0.43
C VAL L 185 90.73 37.27 1.90
N LYS L 186 91.39 36.37 2.62
CA LYS L 186 91.65 36.53 4.04
C LYS L 186 92.49 35.37 4.56
N ALA M 42 98.34 40.29 -3.36
CA ALA M 42 97.08 39.92 -3.97
C ALA M 42 96.97 40.52 -5.37
N GLU M 43 97.81 40.06 -6.28
CA GLU M 43 97.77 40.56 -7.65
C GLU M 43 96.40 40.36 -8.25
N LEU M 44 95.82 41.43 -8.76
CA LEU M 44 94.48 41.42 -9.33
C LEU M 44 94.27 40.32 -10.37
N ASP M 45 95.28 40.06 -11.19
CA ASP M 45 95.18 39.01 -12.18
C ASP M 45 94.88 37.65 -11.57
N SER M 46 95.41 37.40 -10.38
CA SER M 46 95.16 36.13 -9.71
C SER M 46 93.85 36.17 -8.94
N LEU M 47 93.39 37.38 -8.60
CA LEU M 47 92.11 37.52 -7.92
C LEU M 47 90.94 37.23 -8.86
N LEU M 48 91.09 37.61 -10.12
CA LEU M 48 90.09 37.36 -11.14
C LEU M 48 90.12 35.88 -11.57
N GLY M 49 89.01 35.42 -12.14
CA GLY M 49 88.79 34.02 -12.57
C GLY M 49 89.98 33.27 -13.24
N GLN M 50 89.84 31.95 -13.32
CA GLN M 50 90.85 31.06 -13.90
C GLN M 50 91.20 31.42 -15.32
N GLU M 51 90.18 31.72 -16.12
CA GLU M 51 90.43 32.14 -17.48
C GLU M 51 90.68 33.62 -17.49
N LYS M 52 91.91 33.98 -17.14
CA LYS M 52 92.33 35.37 -17.04
C LYS M 52 92.19 36.16 -18.33
N GLU M 53 92.05 35.46 -19.46
CA GLU M 53 91.93 36.11 -20.74
C GLU M 53 90.54 36.71 -20.98
N ARG M 54 89.64 36.57 -20.02
CA ARG M 54 88.32 37.17 -20.12
C ARG M 54 88.36 38.64 -19.72
N PHE M 55 89.46 39.06 -19.07
CA PHE M 55 89.53 40.44 -18.59
C PHE M 55 90.78 41.13 -19.05
N GLN M 56 90.67 42.43 -19.29
CA GLN M 56 91.85 43.19 -19.62
C GLN M 56 92.11 44.22 -18.54
N VAL M 57 93.12 43.97 -17.72
CA VAL M 57 93.44 44.91 -16.66
C VAL M 57 94.23 46.08 -17.23
N LEU M 58 93.79 47.28 -16.88
CA LEU M 58 94.36 48.51 -17.40
C LEU M 58 94.90 49.38 -16.26
N PRO M 59 96.00 50.08 -16.48
CA PRO M 59 96.60 50.92 -15.43
C PRO M 59 96.34 52.39 -15.70
N GLY M 60 95.30 52.94 -15.09
CA GLY M 60 94.94 54.33 -15.33
C GLY M 60 95.93 55.31 -14.72
N ARG M 61 96.06 56.47 -15.36
CA ARG M 61 96.98 57.51 -14.90
C ARG M 61 96.54 58.16 -13.59
N ASP M 62 95.28 57.92 -13.22
CA ASP M 62 94.71 58.39 -11.97
C ASP M 62 94.98 57.45 -10.79
N LYS M 63 95.88 56.48 -10.97
CA LYS M 63 96.25 55.51 -9.94
C LYS M 63 95.15 54.50 -9.66
N MET M 64 94.18 54.39 -10.56
CA MET M 64 93.13 53.42 -10.42
C MET M 64 93.35 52.29 -11.39
N LEU M 65 93.29 51.08 -10.88
CA LEU M 65 93.52 49.92 -11.71
C LEU M 65 92.15 49.49 -12.27
N TYR M 66 92.03 49.50 -13.58
CA TYR M 66 90.76 49.23 -14.21
C TYR M 66 90.62 47.81 -14.72
N VAL M 67 89.40 47.29 -14.69
CA VAL M 67 89.14 45.95 -15.21
C VAL M 67 88.18 46.00 -16.37
N ALA M 68 88.68 45.85 -17.58
CA ALA M 68 87.79 45.90 -18.72
C ALA M 68 87.13 44.56 -18.95
N ALA M 69 85.81 44.58 -18.94
CA ALA M 69 85.01 43.38 -19.17
C ALA M 69 84.21 43.52 -20.46
N GLN M 70 84.03 42.42 -21.16
CA GLN M 70 83.31 42.43 -22.44
C GLN M 70 81.84 42.05 -22.31
N ASN M 71 81.41 41.69 -21.12
CA ASN M 71 80.03 41.26 -20.92
C ASN M 71 79.57 41.53 -19.52
N GLU M 72 78.30 41.91 -19.36
CA GLU M 72 77.75 42.21 -18.04
C GLU M 72 77.87 41.07 -17.02
N ARG M 73 78.03 39.83 -17.48
CA ARG M 73 78.24 38.73 -16.55
C ARG M 73 79.65 38.77 -15.99
N ASP M 74 80.57 39.29 -16.78
CA ASP M 74 81.95 39.39 -16.38
C ASP M 74 82.12 40.66 -15.59
N THR M 75 81.30 41.66 -15.92
CA THR M 75 81.28 42.90 -15.18
C THR M 75 80.93 42.60 -13.75
N LEU M 76 79.83 41.86 -13.56
CA LEU M 76 79.42 41.49 -12.22
C LEU M 76 80.43 40.61 -11.54
N TRP M 77 81.02 39.67 -12.27
CA TRP M 77 82.04 38.79 -11.73
C TRP M 77 83.13 39.60 -11.04
N ALA M 78 83.71 40.53 -11.79
CA ALA M 78 84.79 41.39 -11.31
C ALA M 78 84.34 42.26 -10.15
N ARG M 79 83.11 42.77 -10.20
CA ARG M 79 82.63 43.60 -9.11
C ARG M 79 82.51 42.80 -7.83
N GLN M 80 82.09 41.54 -7.95
CA GLN M 80 82.00 40.68 -6.78
C GLN M 80 83.37 40.41 -6.25
N VAL M 81 84.37 40.27 -7.11
CA VAL M 81 85.74 40.08 -6.64
C VAL M 81 86.21 41.26 -5.80
N LEU M 82 85.95 42.46 -6.29
CA LEU M 82 86.36 43.65 -5.55
C LEU M 82 85.65 43.77 -4.19
N ALA M 83 84.38 43.39 -4.13
CA ALA M 83 83.62 43.46 -2.89
C ALA M 83 83.91 42.28 -1.94
N ARG M 84 84.15 41.10 -2.51
CA ARG M 84 84.42 39.88 -1.74
C ARG M 84 85.82 39.81 -1.21
N GLY M 85 86.78 39.94 -2.12
CA GLY M 85 88.17 39.86 -1.77
C GLY M 85 88.70 41.22 -1.46
N ASP M 86 89.97 41.44 -1.72
CA ASP M 86 90.53 42.72 -1.44
C ASP M 86 91.74 43.00 -2.29
N TYR M 87 92.03 44.28 -2.42
CA TYR M 87 93.15 44.77 -3.17
C TYR M 87 93.39 46.20 -2.72
N ASP M 88 94.51 46.43 -2.04
CA ASP M 88 94.82 47.75 -1.52
C ASP M 88 95.22 48.75 -2.59
N LYS M 89 94.24 49.21 -3.35
CA LYS M 89 94.45 50.18 -4.41
C LYS M 89 93.15 50.51 -5.10
N ASN M 90 93.02 51.75 -5.53
CA ASN M 90 91.84 52.17 -6.27
C ASN M 90 91.60 51.22 -7.42
N ALA M 91 90.36 50.86 -7.64
CA ALA M 91 90.04 49.95 -8.72
C ALA M 91 88.61 50.18 -9.22
N ARG M 92 88.39 49.89 -10.49
CA ARG M 92 87.06 50.12 -11.07
C ARG M 92 86.83 49.31 -12.33
N VAL M 93 85.71 48.61 -12.37
CA VAL M 93 85.36 47.76 -13.51
C VAL M 93 84.77 48.57 -14.66
N ILE M 94 85.31 48.34 -15.85
CA ILE M 94 84.88 48.99 -17.08
C ILE M 94 83.94 48.15 -17.92
N ASN M 95 82.87 48.79 -18.38
CA ASN M 95 81.88 48.16 -19.23
C ASN M 95 81.58 49.05 -20.41
N GLU M 96 81.90 48.56 -21.61
CA GLU M 96 81.75 49.29 -22.86
C GLU M 96 80.48 50.13 -22.99
N ASN M 97 79.33 49.54 -22.68
CA ASN M 97 78.09 50.30 -22.79
C ASN M 97 77.94 51.30 -21.68
N GLU M 98 78.37 50.94 -20.48
CA GLU M 98 78.24 51.87 -19.37
C GLU M 98 79.12 53.08 -19.57
N GLU M 99 80.29 52.87 -20.14
CA GLU M 99 81.21 53.96 -20.39
C GLU M 99 80.74 54.80 -21.53
N ASN M 100 80.14 54.18 -22.54
CA ASN M 100 79.61 54.93 -23.65
C ASN M 100 78.55 55.89 -23.12
N LYS M 101 77.70 55.38 -22.23
CA LYS M 101 76.66 56.20 -21.62
C LYS M 101 77.22 57.31 -20.73
N ARG M 102 78.18 56.98 -19.86
CA ARG M 102 78.76 57.97 -18.97
C ARG M 102 79.29 59.16 -19.73
N ILE M 103 80.01 58.86 -20.80
CA ILE M 103 80.55 59.90 -21.64
C ILE M 103 79.47 60.70 -22.29
N SER M 104 78.46 60.04 -22.86
CA SER M 104 77.40 60.77 -23.55
C SER M 104 76.68 61.76 -22.65
N ILE M 105 76.60 61.45 -21.35
CA ILE M 105 75.96 62.37 -20.43
C ILE M 105 76.75 63.66 -20.30
N TRP M 106 78.03 63.52 -20.01
CA TRP M 106 78.91 64.67 -19.87
C TRP M 106 78.95 65.46 -21.14
N LEU M 107 79.08 64.73 -22.24
CA LEU M 107 79.21 65.29 -23.55
C LEU M 107 78.00 66.12 -23.92
N ASP M 108 76.80 65.64 -23.63
CA ASP M 108 75.61 66.44 -23.92
C ASP M 108 75.59 67.76 -23.15
N THR M 109 76.02 67.75 -21.89
CA THR M 109 76.05 68.98 -21.09
C THR M 109 77.04 70.01 -21.58
N TYR M 110 78.25 69.59 -21.88
CA TYR M 110 79.29 70.53 -22.30
C TYR M 110 79.31 70.79 -23.80
N TYR M 111 78.93 69.81 -24.58
CA TYR M 111 78.82 69.96 -26.03
C TYR M 111 77.43 69.60 -26.53
N PRO M 112 76.40 70.37 -26.19
CA PRO M 112 75.03 70.18 -26.58
C PRO M 112 74.96 70.39 -28.07
N GLN M 113 74.04 69.68 -28.70
CA GLN M 113 73.84 69.68 -30.15
C GLN M 113 74.97 68.98 -30.93
N LEU M 114 75.97 68.40 -30.26
CA LEU M 114 77.01 67.68 -30.99
C LEU M 114 76.41 66.45 -31.65
N ALA M 115 76.62 66.29 -32.95
CA ALA M 115 76.07 65.14 -33.63
C ALA M 115 77.09 64.02 -33.69
N TYR M 116 76.82 62.91 -33.02
CA TYR M 116 77.76 61.81 -32.99
C TYR M 116 77.05 60.47 -32.92
N TYR M 117 77.81 59.39 -33.10
CA TYR M 117 77.26 58.05 -33.13
C TYR M 117 77.59 57.20 -31.91
N ARG M 118 78.77 56.62 -31.88
CA ARG M 118 79.12 55.74 -30.78
C ARG M 118 80.61 55.60 -30.62
N ILE M 119 81.05 55.43 -29.39
CA ILE M 119 82.47 55.22 -29.13
C ILE M 119 82.82 53.76 -29.17
N HIS M 120 83.79 53.42 -29.99
CA HIS M 120 84.25 52.06 -30.14
C HIS M 120 85.48 51.86 -29.30
N PHE M 121 85.31 51.15 -28.21
CA PHE M 121 86.41 51.02 -27.28
C PHE M 121 87.46 50.03 -27.74
N ASP M 122 87.02 48.90 -28.31
CA ASP M 122 87.92 47.85 -28.86
C ASP M 122 89.28 47.75 -28.17
N GLU M 123 90.23 48.57 -28.61
CA GLU M 123 91.55 48.63 -28.01
C GLU M 123 91.60 49.76 -26.98
N PRO M 124 91.22 49.48 -25.73
CA PRO M 124 91.15 50.44 -24.59
C PRO M 124 91.98 51.72 -24.73
N ARG M 125 93.25 51.55 -25.02
CA ARG M 125 94.22 52.62 -25.17
C ARG M 125 93.83 53.73 -26.13
N LYS M 126 93.23 53.35 -27.25
CA LYS M 126 92.86 54.28 -28.29
C LYS M 126 91.46 54.02 -28.85
N PRO M 127 90.41 54.40 -28.14
CA PRO M 127 89.02 54.26 -28.52
C PRO M 127 88.74 55.19 -29.67
N VAL M 128 87.78 54.80 -30.51
CA VAL M 128 87.43 55.56 -31.68
C VAL M 128 86.09 56.25 -31.50
N PHE M 129 86.05 57.52 -31.79
CA PHE M 129 84.84 58.29 -31.62
C PHE M 129 84.19 58.60 -32.95
N TRP M 130 83.05 57.99 -33.26
CA TRP M 130 82.40 58.31 -34.51
C TRP M 130 81.60 59.60 -34.38
N LEU M 131 81.88 60.53 -35.28
CA LEU M 131 81.30 61.87 -35.31
C LEU M 131 80.59 62.13 -36.64
N SER M 132 79.41 62.75 -36.63
CA SER M 132 78.72 62.98 -37.90
C SER M 132 79.47 63.97 -38.79
N ARG M 133 80.02 63.45 -39.89
CA ARG M 133 80.77 64.26 -40.85
C ARG M 133 79.96 65.39 -41.43
N GLN M 134 78.72 65.10 -41.79
CA GLN M 134 77.87 66.07 -42.45
C GLN M 134 77.19 67.07 -41.52
N ARG M 135 76.80 66.65 -40.32
CA ARG M 135 76.12 67.59 -39.44
C ARG M 135 77.03 68.49 -38.62
N ASN M 136 78.26 68.08 -38.37
CA ASN M 136 79.14 68.93 -37.57
C ASN M 136 80.01 69.82 -38.44
N THR M 137 80.18 71.05 -37.98
CA THR M 137 80.99 72.04 -38.70
C THR M 137 82.14 72.56 -37.84
N MET M 138 82.57 71.75 -36.88
CA MET M 138 83.66 72.13 -35.99
C MET M 138 84.98 72.24 -36.73
N SER M 139 85.82 73.17 -36.30
CA SER M 139 87.12 73.35 -36.92
C SER M 139 88.08 72.31 -36.39
N LYS M 140 89.19 72.12 -37.08
CA LYS M 140 90.20 71.17 -36.67
C LYS M 140 90.68 71.43 -35.24
N LYS M 141 90.86 72.71 -34.91
CA LYS M 141 91.31 73.10 -33.60
C LYS M 141 90.28 72.76 -32.54
N GLU M 142 89.01 72.99 -32.87
CA GLU M 142 87.93 72.67 -31.96
C GLU M 142 87.87 71.18 -31.71
N LEU M 143 88.10 70.39 -32.76
CA LEU M 143 88.11 68.95 -32.63
C LEU M 143 89.26 68.48 -31.76
N GLU M 144 90.41 69.17 -31.85
CA GLU M 144 91.52 68.86 -30.98
C GLU M 144 91.10 68.97 -29.54
N VAL M 145 90.49 70.10 -29.21
CA VAL M 145 90.02 70.37 -27.86
C VAL M 145 89.04 69.31 -27.39
N LEU M 146 88.09 68.97 -28.26
CA LEU M 146 87.11 67.95 -27.97
C LEU M 146 87.78 66.64 -27.58
N SER M 147 88.76 66.20 -28.36
CA SER M 147 89.44 64.94 -28.04
C SER M 147 90.15 65.02 -26.72
N GLN M 148 90.66 66.20 -26.39
CA GLN M 148 91.35 66.39 -25.13
C GLN M 148 90.40 66.25 -23.95
N LYS M 149 89.18 66.74 -24.12
CA LYS M 149 88.21 66.63 -23.07
C LYS M 149 87.81 65.17 -22.89
N LEU M 150 87.72 64.45 -24.00
CA LEU M 150 87.39 63.05 -23.95
C LEU M 150 88.51 62.27 -23.25
N ARG M 151 89.76 62.67 -23.48
CA ARG M 151 90.89 62.02 -22.81
C ARG M 151 90.76 62.21 -21.32
N ALA M 152 90.34 63.40 -20.89
CA ALA M 152 90.12 63.67 -19.48
C ALA M 152 89.06 62.74 -18.91
N LEU M 153 88.01 62.49 -19.68
CA LEU M 153 86.95 61.60 -19.24
C LEU M 153 87.37 60.13 -19.13
N MET M 154 88.41 59.74 -19.86
CA MET M 154 88.91 58.37 -19.85
C MET M 154 90.36 58.24 -19.33
N PRO M 155 90.55 58.11 -18.01
CA PRO M 155 91.79 57.98 -17.24
C PRO M 155 92.77 56.95 -17.79
N TYR M 156 92.25 55.91 -18.43
CA TYR M 156 93.10 54.86 -18.97
C TYR M 156 93.55 55.14 -20.40
N ALA M 157 92.63 55.62 -21.22
CA ALA M 157 92.91 55.89 -22.62
C ALA M 157 94.06 56.84 -22.75
N ASP M 158 94.93 56.58 -23.72
CA ASP M 158 96.07 57.43 -23.93
C ASP M 158 95.72 58.55 -24.88
N SER M 159 94.87 58.24 -25.85
CA SER M 159 94.42 59.25 -26.80
C SER M 159 93.08 58.85 -27.37
N VAL M 160 92.40 59.79 -28.02
CA VAL M 160 91.11 59.51 -28.61
C VAL M 160 91.14 59.75 -30.10
N ASN M 161 90.70 58.76 -30.86
CA ASN M 161 90.69 58.91 -32.29
C ASN M 161 89.34 59.34 -32.80
N ILE M 162 89.13 60.65 -32.91
CA ILE M 162 87.87 61.15 -33.45
C ILE M 162 87.91 61.06 -34.95
N THR M 163 86.86 60.48 -35.52
CA THR M 163 86.77 60.36 -36.95
C THR M 163 85.37 60.66 -37.42
N LEU M 164 85.28 61.20 -38.62
CA LEU M 164 84.01 61.63 -39.14
C LEU M 164 83.40 60.59 -40.07
N MET M 165 82.13 60.26 -39.81
CA MET M 165 81.39 59.26 -40.58
C MET M 165 80.31 59.89 -41.44
N ASP M 166 80.05 59.30 -42.59
CA ASP M 166 79.03 59.84 -43.48
C ASP M 166 77.64 59.29 -43.17
N ASP M 167 76.76 60.18 -42.73
CA ASP M 167 75.38 59.87 -42.35
C ASP M 167 74.64 59.03 -43.39
N VAL M 168 74.94 59.24 -44.66
CA VAL M 168 74.31 58.51 -45.74
C VAL M 168 74.63 57.05 -45.70
N THR M 169 75.87 56.71 -45.37
CA THR M 169 76.26 55.31 -45.37
C THR M 169 75.66 54.60 -44.18
N ALA M 170 75.44 55.34 -43.10
CA ALA M 170 74.79 54.75 -41.93
C ALA M 170 73.38 54.33 -42.29
N ALA M 171 72.65 55.26 -42.91
CA ALA M 171 71.28 54.99 -43.32
C ALA M 171 71.21 53.93 -44.38
N GLY M 172 72.15 53.97 -45.33
CA GLY M 172 72.19 53.00 -46.42
C GLY M 172 72.31 51.59 -45.91
N GLN M 173 73.22 51.36 -44.95
CA GLN M 173 73.39 50.04 -44.40
C GLN M 173 72.16 49.58 -43.64
N ALA M 174 71.54 50.49 -42.89
CA ALA M 174 70.34 50.16 -42.14
C ALA M 174 69.26 49.61 -43.04
N GLU M 175 68.98 50.33 -44.13
CA GLU M 175 67.93 49.91 -45.02
C GLU M 175 68.31 48.69 -45.84
N ALA M 176 69.55 48.66 -46.33
CA ALA M 176 69.99 47.55 -47.16
C ALA M 176 69.85 46.21 -46.46
N GLY M 177 70.33 46.12 -45.23
CA GLY M 177 70.24 44.87 -44.49
C GLY M 177 68.80 44.52 -44.19
N LEU M 178 68.02 45.54 -43.83
CA LEU M 178 66.61 45.37 -43.51
C LEU M 178 65.84 44.73 -44.67
N LYS M 179 66.04 45.26 -45.88
CA LYS M 179 65.36 44.69 -47.02
C LYS M 179 66.01 43.38 -47.49
N GLN M 180 67.29 43.17 -47.20
CA GLN M 180 67.94 41.89 -47.52
C GLN M 180 67.25 40.75 -46.80
N GLN M 181 66.86 41.01 -45.55
CA GLN M 181 66.14 40.03 -44.73
C GLN M 181 64.68 39.82 -45.18
N ALA M 182 64.24 40.50 -46.24
CA ALA M 182 62.89 40.41 -46.80
C ALA M 182 61.85 40.91 -45.82
N LEU M 183 62.21 41.89 -45.01
CA LEU M 183 61.27 42.43 -44.05
C LEU M 183 60.51 43.60 -44.63
N PRO M 184 59.23 43.75 -44.29
CA PRO M 184 58.36 44.83 -44.65
C PRO M 184 58.70 46.02 -43.78
N TYR M 185 58.67 47.22 -44.33
CA TYR M 185 58.96 48.38 -43.52
C TYR M 185 58.59 49.66 -44.23
N SER M 186 58.61 50.76 -43.50
CA SER M 186 58.38 52.03 -44.11
C SER M 186 59.36 53.04 -43.50
N ARG M 187 60.17 53.63 -44.35
CA ARG M 187 61.20 54.57 -43.94
C ARG M 187 60.64 55.95 -43.63
N ARG M 188 61.21 56.57 -42.60
CA ARG M 188 60.81 57.90 -42.17
C ARG M 188 61.97 58.86 -42.07
N ASN M 189 62.27 59.54 -43.16
CA ASN M 189 63.35 60.50 -43.14
C ASN M 189 62.88 61.78 -42.48
N HIS M 190 63.70 62.33 -41.60
CA HIS M 190 63.36 63.60 -41.00
C HIS M 190 64.63 64.34 -40.67
N LYS M 191 64.52 65.63 -40.38
CA LYS M 191 65.72 66.36 -40.07
C LYS M 191 66.35 65.80 -38.83
N GLY M 192 67.61 65.42 -38.94
CA GLY M 192 68.35 64.88 -37.81
C GLY M 192 68.31 63.36 -37.65
N GLY M 193 67.57 62.64 -38.49
CA GLY M 193 67.56 61.19 -38.32
C GLY M 193 66.62 60.43 -39.25
N VAL M 194 66.51 59.13 -39.01
CA VAL M 194 65.61 58.32 -39.81
C VAL M 194 65.05 57.17 -39.01
N THR M 195 63.75 56.91 -39.18
CA THR M 195 63.10 55.83 -38.46
C THR M 195 62.52 54.78 -39.40
N PHE M 196 62.74 53.51 -39.07
CA PHE M 196 62.23 52.41 -39.88
C PHE M 196 61.08 51.71 -39.19
N VAL M 197 59.89 51.95 -39.69
CA VAL M 197 58.67 51.41 -39.09
C VAL M 197 58.29 50.06 -39.64
N ILE M 198 58.12 49.10 -38.74
CA ILE M 198 57.72 47.76 -39.13
C ILE M 198 56.41 47.38 -38.47
N GLN M 199 55.32 47.41 -39.22
CA GLN M 199 54.01 47.09 -38.66
C GLN M 199 53.33 45.91 -39.31
N GLY M 200 52.23 45.49 -38.70
CA GLY M 200 51.42 44.39 -39.19
C GLY M 200 51.70 43.12 -38.42
N ALA M 201 50.96 42.07 -38.75
CA ALA M 201 51.19 40.80 -38.10
C ALA M 201 52.46 40.21 -38.66
N LEU M 202 53.25 39.58 -37.81
CA LEU M 202 54.52 39.04 -38.27
C LEU M 202 54.66 37.55 -38.01
N ASP M 203 55.28 36.87 -38.97
CA ASP M 203 55.60 35.46 -38.87
C ASP M 203 56.73 35.27 -37.89
N ASP M 204 56.66 34.27 -37.03
CA ASP M 204 57.71 34.02 -36.06
C ASP M 204 59.13 34.01 -36.66
N VAL M 205 59.23 33.57 -37.91
CA VAL M 205 60.51 33.49 -38.57
C VAL M 205 61.04 34.88 -38.85
N GLU M 206 60.21 35.73 -39.45
CA GLU M 206 60.65 37.08 -39.75
C GLU M 206 60.82 37.92 -38.50
N ILE M 207 60.15 37.55 -37.41
CA ILE M 207 60.38 38.25 -36.16
C ILE M 207 61.78 38.02 -35.68
N LEU M 208 62.20 36.75 -35.69
CA LEU M 208 63.55 36.41 -35.28
C LEU M 208 64.58 37.14 -36.12
N ARG M 209 64.42 37.07 -37.45
CA ARG M 209 65.34 37.74 -38.35
C ARG M 209 65.42 39.23 -38.11
N ALA M 210 64.28 39.86 -37.88
CA ALA M 210 64.25 41.28 -37.64
C ALA M 210 65.06 41.68 -36.45
N ARG M 211 64.85 40.98 -35.33
CA ARG M 211 65.59 41.33 -34.14
C ARG M 211 67.08 41.13 -34.30
N GLN M 212 67.49 40.03 -34.92
CA GLN M 212 68.91 39.77 -35.10
C GLN M 212 69.58 40.93 -35.83
N PHE M 213 68.94 41.37 -36.92
CA PHE M 213 69.45 42.48 -37.69
C PHE M 213 69.56 43.75 -36.89
N VAL M 214 68.48 44.11 -36.20
CA VAL M 214 68.44 45.33 -35.42
C VAL M 214 69.50 45.37 -34.34
N ASP M 215 69.65 44.27 -33.61
CA ASP M 215 70.64 44.23 -32.56
C ASP M 215 72.04 44.47 -33.10
N SER M 216 72.36 43.87 -34.25
CA SER M 216 73.67 44.06 -34.83
C SER M 216 73.90 45.49 -35.29
N TYR M 217 72.89 46.09 -35.92
CA TYR M 217 73.04 47.46 -36.38
C TYR M 217 73.30 48.39 -35.21
N TYR M 218 72.51 48.20 -34.15
CA TYR M 218 72.66 48.98 -32.95
C TYR M 218 74.06 48.84 -32.38
N ARG M 219 74.51 47.60 -32.21
CA ARG M 219 75.83 47.33 -31.68
C ARG M 219 76.91 48.10 -32.43
N THR M 220 76.82 48.16 -33.75
CA THR M 220 77.81 48.88 -34.54
C THR M 220 77.65 50.39 -34.51
N TRP M 221 76.56 50.87 -35.09
CA TRP M 221 76.35 52.30 -35.23
C TRP M 221 75.74 52.99 -34.02
N GLY M 222 74.91 52.28 -33.29
CA GLY M 222 74.23 52.89 -32.15
C GLY M 222 72.87 53.41 -32.60
N GLY M 223 72.03 53.83 -31.66
CA GLY M 223 70.69 54.29 -31.98
C GLY M 223 70.48 55.79 -31.94
N ARG M 224 71.51 56.58 -32.27
CA ARG M 224 71.34 58.03 -32.24
C ARG M 224 70.91 58.64 -33.57
N TYR M 225 71.02 57.89 -34.65
CA TYR M 225 70.63 58.41 -35.95
C TYR M 225 69.53 57.55 -36.54
N VAL M 226 69.76 56.24 -36.54
CA VAL M 226 68.78 55.30 -37.03
C VAL M 226 67.99 54.69 -35.91
N GLN M 227 66.68 54.83 -35.99
CA GLN M 227 65.78 54.29 -34.99
C GLN M 227 64.87 53.24 -35.62
N PHE M 228 64.82 52.05 -35.04
CA PHE M 228 63.94 51.04 -35.58
C PHE M 228 62.68 50.97 -34.74
N ALA M 229 61.57 50.60 -35.35
CA ALA M 229 60.29 50.56 -34.64
C ALA M 229 59.46 49.34 -34.99
N ILE M 230 59.73 48.24 -34.31
CA ILE M 230 58.98 47.01 -34.53
C ILE M 230 57.67 47.04 -33.76
N GLU M 231 56.57 46.93 -34.48
CA GLU M 231 55.24 46.97 -33.86
C GLU M 231 54.36 45.82 -34.32
N LEU M 232 54.27 44.79 -33.48
CA LEU M 232 53.47 43.62 -33.77
C LEU M 232 52.00 43.94 -33.60
N LYS M 233 51.27 44.00 -34.70
CA LYS M 233 49.84 44.38 -34.66
C LYS M 233 48.94 43.48 -35.49
N ASP M 234 47.66 43.48 -35.16
CA ASP M 234 46.67 42.70 -35.91
C ASP M 234 46.25 43.41 -37.19
N ASP M 235 45.96 42.61 -38.21
CA ASP M 235 45.52 43.12 -39.50
C ASP M 235 44.07 42.74 -39.77
N ASP N 3 85.37 15.08 -4.80
CA ASP N 3 84.52 14.23 -3.96
C ASP N 3 83.28 14.97 -3.51
N LYS N 4 82.43 15.34 -4.46
CA LYS N 4 81.22 16.06 -4.14
C LYS N 4 79.97 15.27 -4.48
N ASP N 5 78.93 15.42 -3.67
CA ASP N 5 77.67 14.75 -3.94
C ASP N 5 76.87 15.58 -4.92
N LEU N 6 76.43 14.98 -6.00
CA LEU N 6 75.67 15.71 -7.01
C LEU N 6 74.19 15.31 -6.93
N LEU N 7 73.91 14.02 -7.17
CA LEU N 7 72.54 13.53 -7.13
C LEU N 7 72.37 12.32 -6.21
N LYS N 8 71.19 12.17 -5.62
CA LYS N 8 70.92 11.03 -4.75
C LYS N 8 69.51 10.47 -4.95
N GLY N 9 69.36 9.17 -4.71
CA GLY N 9 68.04 8.56 -4.80
C GLY N 9 67.58 8.34 -6.22
N LEU N 10 68.52 8.20 -7.15
CA LEU N 10 68.16 8.03 -8.54
C LEU N 10 67.77 6.61 -8.84
N ASP N 11 66.90 6.43 -9.82
CA ASP N 11 66.61 5.07 -10.20
C ASP N 11 67.66 4.68 -11.22
N GLN N 12 67.61 3.45 -11.69
CA GLN N 12 68.62 2.96 -12.61
C GLN N 12 68.71 3.75 -13.91
N GLU N 13 67.57 3.98 -14.55
CA GLU N 13 67.52 4.70 -15.81
C GLU N 13 68.10 6.10 -15.70
N GLN N 14 67.62 6.84 -14.72
CA GLN N 14 68.04 8.21 -14.47
C GLN N 14 69.52 8.28 -14.26
N ALA N 15 70.04 7.39 -13.41
CA ALA N 15 71.45 7.39 -13.10
C ALA N 15 72.29 7.24 -14.36
N ASN N 16 71.96 6.28 -15.20
CA ASN N 16 72.73 6.07 -16.40
C ASN N 16 72.61 7.22 -17.40
N GLU N 17 71.44 7.86 -17.46
CA GLU N 17 71.26 8.97 -18.38
C GLU N 17 72.07 10.18 -17.99
N VAL N 18 72.06 10.52 -16.70
CA VAL N 18 72.82 11.66 -16.23
C VAL N 18 74.29 11.47 -16.47
N ILE N 19 74.78 10.28 -16.17
CA ILE N 19 76.17 9.96 -16.38
C ILE N 19 76.58 10.13 -17.82
N ALA N 20 75.74 9.64 -18.74
CA ALA N 20 76.03 9.77 -20.16
C ALA N 20 76.30 11.22 -20.53
N VAL N 21 75.45 12.14 -20.05
CA VAL N 21 75.63 13.55 -20.33
C VAL N 21 76.93 14.11 -19.78
N LEU N 22 77.24 13.77 -18.54
CA LEU N 22 78.44 14.27 -17.93
C LEU N 22 79.69 13.82 -18.66
N GLN N 23 79.70 12.57 -19.10
CA GLN N 23 80.83 12.05 -19.83
C GLN N 23 80.98 12.74 -21.16
N MET N 24 79.86 12.99 -21.82
CA MET N 24 79.85 13.70 -23.08
C MET N 24 80.51 15.06 -22.96
N HIS N 25 80.33 15.71 -21.82
CA HIS N 25 80.95 17.01 -21.59
C HIS N 25 82.26 16.94 -20.83
N ASN N 26 82.94 15.79 -20.91
CA ASN N 26 84.25 15.61 -20.30
C ASN N 26 84.27 15.64 -18.77
N ILE N 27 83.30 14.98 -18.16
CA ILE N 27 83.25 14.88 -16.70
C ILE N 27 83.12 13.44 -16.23
N GLU N 28 84.09 12.97 -15.45
CA GLU N 28 84.01 11.62 -14.88
C GLU N 28 82.96 11.59 -13.79
N ALA N 29 82.27 10.46 -13.64
CA ALA N 29 81.23 10.38 -12.63
C ALA N 29 81.15 8.99 -12.02
N ASN N 30 80.86 8.94 -10.73
CA ASN N 30 80.76 7.67 -10.04
C ASN N 30 79.32 7.31 -9.79
N LYS N 31 78.95 6.07 -10.05
CA LYS N 31 77.61 5.60 -9.73
C LYS N 31 77.66 4.74 -8.50
N ILE N 32 77.02 5.18 -7.43
CA ILE N 32 77.06 4.45 -6.19
C ILE N 32 75.74 3.78 -5.86
N ASP N 33 75.81 2.48 -5.69
CA ASP N 33 74.64 1.67 -5.36
C ASP N 33 74.41 1.63 -3.85
N SER N 34 73.37 2.30 -3.39
CA SER N 34 73.05 2.33 -1.97
C SER N 34 71.85 1.44 -1.64
N GLY N 35 71.65 0.40 -2.45
CA GLY N 35 70.59 -0.56 -2.23
C GLY N 35 69.22 0.06 -2.39
N LYS N 36 68.37 -0.13 -1.39
CA LYS N 36 67.01 0.38 -1.37
C LYS N 36 66.92 1.89 -1.47
N LEU N 37 68.02 2.58 -1.20
CA LEU N 37 68.01 4.03 -1.25
C LEU N 37 68.28 4.57 -2.64
N GLY N 38 68.56 3.70 -3.61
CA GLY N 38 68.77 4.13 -4.99
C GLY N 38 70.23 4.40 -5.31
N TYR N 39 70.44 5.14 -6.40
CA TYR N 39 71.79 5.46 -6.84
C TYR N 39 72.18 6.87 -6.53
N SER N 40 73.48 7.06 -6.32
CA SER N 40 74.01 8.38 -6.09
C SER N 40 75.11 8.69 -7.06
N ILE N 41 75.19 9.92 -7.50
CA ILE N 41 76.23 10.33 -8.42
C ILE N 41 77.15 11.33 -7.80
N THR N 42 78.45 11.01 -7.83
CA THR N 42 79.44 11.92 -7.28
C THR N 42 80.49 12.28 -8.31
N VAL N 43 81.08 13.45 -8.14
CA VAL N 43 82.09 13.94 -9.07
C VAL N 43 83.30 14.53 -8.39
N ALA N 44 84.38 14.66 -9.14
CA ALA N 44 85.59 15.27 -8.62
C ALA N 44 85.32 16.75 -8.39
N GLU N 45 85.85 17.27 -7.28
CA GLU N 45 85.67 18.67 -6.92
C GLU N 45 86.03 19.67 -8.04
N PRO N 46 87.10 19.46 -8.82
CA PRO N 46 87.49 20.29 -9.96
C PRO N 46 86.41 20.41 -11.03
N ASP N 47 85.59 19.37 -11.18
CA ASP N 47 84.54 19.36 -12.19
C ASP N 47 83.21 19.79 -11.64
N PHE N 48 83.02 19.63 -10.33
CA PHE N 48 81.77 19.93 -9.66
C PHE N 48 81.02 21.16 -10.14
N THR N 49 81.71 22.28 -10.35
CA THR N 49 81.04 23.49 -10.81
C THR N 49 80.40 23.29 -12.16
N ALA N 50 81.17 22.72 -13.08
CA ALA N 50 80.68 22.44 -14.41
C ALA N 50 79.56 21.43 -14.38
N ALA N 51 79.71 20.42 -13.53
CA ALA N 51 78.72 19.37 -13.42
C ALA N 51 77.37 19.96 -13.06
N VAL N 52 77.36 20.85 -12.07
CA VAL N 52 76.13 21.51 -11.66
C VAL N 52 75.51 22.28 -12.80
N TYR N 53 76.34 23.02 -13.52
CA TYR N 53 75.86 23.78 -14.66
C TYR N 53 75.12 22.90 -15.64
N TRP N 54 75.69 21.74 -15.97
CA TRP N 54 75.07 20.85 -16.93
C TRP N 54 73.81 20.18 -16.39
N ILE N 55 73.74 19.90 -15.09
CA ILE N 55 72.52 19.33 -14.51
C ILE N 55 71.37 20.29 -14.72
N LYS N 56 71.65 21.57 -14.55
CA LYS N 56 70.66 22.59 -14.80
C LYS N 56 70.29 22.64 -16.28
N THR N 57 71.30 22.78 -17.12
CA THR N 57 71.11 22.90 -18.56
C THR N 57 70.25 21.81 -19.18
N TYR N 58 70.48 20.57 -18.78
CA TYR N 58 69.73 19.47 -19.35
C TYR N 58 68.55 18.98 -18.53
N GLN N 59 68.04 19.78 -17.60
CA GLN N 59 66.88 19.37 -16.81
C GLN N 59 67.07 18.00 -16.17
N LEU N 60 68.18 17.77 -15.50
CA LEU N 60 68.44 16.47 -14.93
C LEU N 60 68.15 16.42 -13.43
N PRO N 61 67.80 15.24 -12.92
CA PRO N 61 67.60 13.95 -13.55
C PRO N 61 66.28 13.94 -14.33
N PRO N 62 66.17 13.10 -15.36
CA PRO N 62 65.05 12.92 -16.27
C PRO N 62 63.75 12.56 -15.58
N ARG N 63 62.64 13.03 -16.14
CA ARG N 63 61.32 12.68 -15.65
C ARG N 63 60.92 11.37 -16.30
N PRO N 64 59.93 10.65 -15.76
CA PRO N 64 59.36 9.43 -16.31
C PRO N 64 58.55 9.77 -17.55
N ARG N 65 58.49 8.84 -18.48
CA ARG N 65 57.81 9.06 -19.74
C ARG N 65 56.30 9.11 -19.58
N VAL N 66 55.69 10.12 -20.21
CA VAL N 66 54.25 10.32 -20.14
C VAL N 66 53.51 9.72 -21.31
N GLU N 67 52.53 8.88 -20.97
CA GLU N 67 51.67 8.21 -21.93
C GLU N 67 50.23 8.45 -21.53
N ILE N 68 49.35 8.62 -22.51
CA ILE N 68 47.97 9.01 -22.23
C ILE N 68 47.20 8.07 -21.33
N ALA N 69 47.36 6.75 -21.55
CA ALA N 69 46.65 5.75 -20.75
C ALA N 69 46.94 5.83 -19.26
N GLN N 70 48.03 6.49 -18.88
CA GLN N 70 48.39 6.58 -17.49
C GLN N 70 47.38 7.39 -16.69
N MET N 71 46.57 8.20 -17.38
CA MET N 71 45.59 9.01 -16.71
C MET N 71 44.17 8.51 -16.83
N PHE N 72 43.98 7.32 -17.38
CA PHE N 72 42.64 6.76 -17.48
C PHE N 72 42.72 5.27 -17.23
N PRO N 73 43.06 4.86 -16.00
CA PRO N 73 43.34 3.51 -15.54
C PRO N 73 42.11 2.61 -15.49
N ALA N 74 42.36 1.32 -15.71
CA ALA N 74 41.31 0.29 -15.72
C ALA N 74 40.82 -0.02 -14.33
N ASP N 75 41.52 0.48 -13.31
CA ASP N 75 41.13 0.29 -11.94
C ASP N 75 39.86 1.04 -11.57
N SER N 76 39.44 1.99 -12.41
CA SER N 76 38.21 2.71 -12.12
C SER N 76 37.02 1.79 -12.13
N LEU N 77 36.11 2.02 -11.21
CA LEU N 77 34.91 1.21 -11.05
C LEU N 77 33.96 1.40 -12.22
N VAL N 78 34.03 2.56 -12.85
CA VAL N 78 33.19 2.90 -13.99
C VAL N 78 34.04 3.42 -15.12
N SER N 79 33.46 3.50 -16.30
CA SER N 79 34.18 4.00 -17.45
C SER N 79 33.27 4.83 -18.32
N SER N 80 33.85 5.49 -19.30
CA SER N 80 33.08 6.30 -20.21
C SER N 80 33.68 6.15 -21.58
N PRO N 81 32.91 6.33 -22.64
CA PRO N 81 33.30 6.30 -24.03
C PRO N 81 34.53 7.14 -24.25
N ARG N 82 34.55 8.30 -23.61
CA ARG N 82 35.66 9.21 -23.72
C ARG N 82 36.93 8.57 -23.22
N ALA N 83 36.86 8.01 -22.01
CA ALA N 83 38.03 7.38 -21.43
C ALA N 83 38.48 6.17 -22.21
N GLU N 84 37.54 5.34 -22.64
CA GLU N 84 37.88 4.11 -23.34
C GLU N 84 38.54 4.38 -24.68
N LYS N 85 38.02 5.36 -25.41
CA LYS N 85 38.60 5.68 -26.70
C LYS N 85 40.01 6.21 -26.52
N ALA N 86 40.23 7.02 -25.48
CA ALA N 86 41.55 7.55 -25.18
C ALA N 86 42.52 6.42 -24.87
N ARG N 87 42.08 5.46 -24.07
CA ARG N 87 42.93 4.33 -23.71
C ARG N 87 43.40 3.58 -24.92
N LEU N 88 42.48 3.34 -25.85
CA LEU N 88 42.82 2.63 -27.06
C LEU N 88 43.88 3.36 -27.87
N TYR N 89 43.69 4.65 -28.10
CA TYR N 89 44.65 5.40 -28.89
C TYR N 89 46.02 5.40 -28.26
N SER N 90 46.08 5.46 -26.93
CA SER N 90 47.35 5.43 -26.25
C SER N 90 48.11 4.17 -26.59
N ALA N 91 47.42 3.03 -26.52
CA ALA N 91 48.02 1.76 -26.85
C ALA N 91 48.49 1.71 -28.28
N ILE N 92 47.68 2.25 -29.19
CA ILE N 92 48.04 2.26 -30.59
C ILE N 92 49.32 3.04 -30.85
N GLU N 93 49.48 4.21 -30.24
CA GLU N 93 50.72 4.96 -30.45
C GLU N 93 51.90 4.15 -30.00
N GLN N 94 51.79 3.50 -28.85
CA GLN N 94 52.87 2.69 -28.33
C GLN N 94 53.23 1.57 -29.26
N ARG N 95 52.21 0.94 -29.81
CA ARG N 95 52.42 -0.20 -30.69
C ARG N 95 53.08 0.24 -31.99
N LEU N 96 52.71 1.41 -32.50
CA LEU N 96 53.35 1.93 -33.70
C LEU N 96 54.82 2.26 -33.45
N GLU N 97 55.14 2.76 -32.25
CA GLU N 97 56.53 3.05 -31.93
C GLU N 97 57.34 1.78 -31.90
N GLN N 98 56.75 0.73 -31.32
CA GLN N 98 57.41 -0.56 -31.26
C GLN N 98 57.73 -1.07 -32.65
N SER N 99 56.84 -0.82 -33.61
CA SER N 99 57.08 -1.26 -34.97
C SER N 99 58.15 -0.47 -35.70
N LEU N 100 58.12 0.86 -35.61
CA LEU N 100 59.09 1.65 -36.36
C LEU N 100 60.51 1.41 -35.90
N GLN N 101 60.69 1.11 -34.63
CA GLN N 101 62.03 0.87 -34.12
C GLN N 101 62.64 -0.45 -34.58
N THR N 102 61.88 -1.27 -35.33
CA THR N 102 62.43 -2.51 -35.85
C THR N 102 62.85 -2.35 -37.31
N MET N 103 62.57 -1.19 -37.90
CA MET N 103 62.98 -0.99 -39.29
C MET N 103 64.48 -0.82 -39.40
N GLU N 104 65.02 -1.29 -40.51
CA GLU N 104 66.45 -1.23 -40.76
C GLU N 104 66.99 0.18 -40.69
N GLY N 105 68.01 0.36 -39.85
CA GLY N 105 68.68 1.63 -39.71
C GLY N 105 68.05 2.54 -38.65
N VAL N 106 66.90 2.17 -38.11
CA VAL N 106 66.28 3.04 -37.12
C VAL N 106 66.76 2.70 -35.72
N LEU N 107 67.24 3.73 -35.04
CA LEU N 107 67.75 3.60 -33.70
C LEU N 107 66.68 3.97 -32.69
N SER N 108 65.90 4.98 -33.03
CA SER N 108 64.82 5.43 -32.14
C SER N 108 63.69 6.11 -32.89
N ALA N 109 62.48 5.95 -32.41
CA ALA N 109 61.37 6.61 -33.07
C ALA N 109 60.20 6.87 -32.14
N ARG N 110 59.52 7.99 -32.36
CA ARG N 110 58.35 8.39 -31.55
C ARG N 110 57.17 8.67 -32.45
N VAL N 111 55.97 8.32 -31.98
CA VAL N 111 54.75 8.47 -32.80
C VAL N 111 53.60 9.14 -32.08
N HIS N 112 52.95 10.07 -32.76
CA HIS N 112 51.79 10.75 -32.22
C HIS N 112 50.58 10.58 -33.12
N ILE N 113 49.41 10.46 -32.52
CA ILE N 113 48.19 10.38 -33.30
C ILE N 113 47.22 11.37 -32.73
N SER N 114 46.45 12.02 -33.60
CA SER N 114 45.47 12.97 -33.11
C SER N 114 44.36 12.28 -32.36
N TYR N 115 43.68 13.02 -31.50
CA TYR N 115 42.61 12.45 -30.69
C TYR N 115 41.27 13.05 -31.04
N ASP N 116 40.22 12.34 -30.67
CA ASP N 116 38.84 12.76 -30.89
C ASP N 116 38.08 12.53 -29.64
N ILE N 117 37.79 13.62 -28.95
CA ILE N 117 37.16 13.55 -27.65
C ILE N 117 35.67 13.86 -27.65
N ASP N 118 35.18 14.56 -28.68
CA ASP N 118 33.77 14.87 -28.65
C ASP N 118 33.09 15.08 -30.00
N ALA N 119 33.51 14.37 -31.05
CA ALA N 119 32.80 14.49 -32.34
C ALA N 119 31.36 13.97 -32.18
N GLY N 120 31.23 12.64 -32.02
CA GLY N 120 29.93 11.99 -31.86
C GLY N 120 29.12 12.60 -30.72
N GLU N 121 29.81 12.98 -29.65
CA GLU N 121 29.22 13.66 -28.50
C GLU N 121 28.37 14.87 -28.91
N ASN N 122 28.84 15.61 -29.91
CA ASN N 122 28.16 16.80 -30.37
C ASN N 122 27.28 16.55 -31.60
N GLY N 123 27.04 15.28 -31.94
CA GLY N 123 26.23 14.95 -33.10
C GLY N 123 27.02 15.12 -34.40
N ARG N 124 28.35 15.21 -34.30
CA ARG N 124 29.19 15.41 -35.45
C ARG N 124 29.88 14.14 -35.89
N PRO N 125 30.22 14.04 -37.18
CA PRO N 125 31.01 13.01 -37.79
C PRO N 125 32.45 13.20 -37.31
N PRO N 126 33.25 12.16 -37.29
CA PRO N 126 34.64 12.11 -36.86
C PRO N 126 35.53 12.84 -37.84
N LYS N 127 36.64 13.35 -37.33
CA LYS N 127 37.59 14.08 -38.15
C LYS N 127 38.66 13.14 -38.68
N PRO N 128 39.35 13.53 -39.75
CA PRO N 128 40.47 12.84 -40.37
C PRO N 128 41.56 12.67 -39.35
N VAL N 129 42.31 11.60 -39.47
CA VAL N 129 43.34 11.32 -38.49
C VAL N 129 44.68 11.92 -38.88
N HIS N 130 45.33 12.58 -37.93
CA HIS N 130 46.62 13.17 -38.21
C HIS N 130 47.70 12.37 -37.52
N LEU N 131 48.83 12.21 -38.18
CA LEU N 131 49.94 11.48 -37.61
C LEU N 131 51.22 12.25 -37.71
N SER N 132 52.09 12.07 -36.73
CA SER N 132 53.39 12.69 -36.81
C SER N 132 54.42 11.77 -36.18
N ALA N 133 55.65 11.87 -36.63
CA ALA N 133 56.65 10.96 -36.06
C ALA N 133 58.05 11.52 -36.14
N LEU N 134 58.86 11.08 -35.19
CA LEU N 134 60.24 11.46 -35.11
C LEU N 134 61.12 10.24 -35.28
N ALA N 135 62.27 10.38 -35.92
CA ALA N 135 63.13 9.22 -36.04
C ALA N 135 64.61 9.54 -36.07
N VAL N 136 65.39 8.63 -35.51
CA VAL N 136 66.84 8.72 -35.46
C VAL N 136 67.45 7.54 -36.18
N TYR N 137 68.28 7.82 -37.15
CA TYR N 137 68.94 6.78 -37.94
C TYR N 137 70.42 6.61 -37.69
N GLU N 138 70.90 5.45 -38.09
CA GLU N 138 72.32 5.16 -38.05
C GLU N 138 73.05 6.13 -38.95
N ARG N 139 74.08 6.76 -38.41
CA ARG N 139 74.83 7.76 -39.14
C ARG N 139 75.34 7.25 -40.48
N GLY N 140 75.10 8.05 -41.53
CA GLY N 140 75.52 7.73 -42.89
C GLY N 140 74.38 7.19 -43.75
N SER N 141 73.24 6.90 -43.12
CA SER N 141 72.05 6.39 -43.79
C SER N 141 71.38 7.47 -44.69
N PRO N 142 70.79 7.08 -45.84
CA PRO N 142 70.13 7.92 -46.84
C PRO N 142 68.71 8.36 -46.46
N LEU N 143 68.65 9.18 -45.41
CA LEU N 143 67.43 9.72 -44.81
C LEU N 143 66.38 10.25 -45.80
N ALA N 144 66.85 10.92 -46.85
CA ALA N 144 65.97 11.52 -47.84
C ALA N 144 65.09 10.54 -48.59
N HIS N 145 65.42 9.25 -48.51
CA HIS N 145 64.64 8.25 -49.21
C HIS N 145 63.90 7.39 -48.22
N GLN N 146 64.54 7.15 -47.08
CA GLN N 146 63.98 6.32 -46.02
C GLN N 146 62.69 6.86 -45.48
N ILE N 147 62.59 8.19 -45.43
CA ILE N 147 61.37 8.86 -45.01
C ILE N 147 60.10 8.41 -45.75
N SER N 148 60.24 7.88 -46.97
CA SER N 148 59.08 7.47 -47.73
C SER N 148 58.53 6.13 -47.25
N ASP N 149 59.38 5.31 -46.63
CA ASP N 149 58.90 4.03 -46.10
C ASP N 149 58.05 4.27 -44.90
N ILE N 150 58.51 5.19 -44.06
CA ILE N 150 57.78 5.51 -42.86
C ILE N 150 56.42 6.02 -43.20
N LYS N 151 56.37 6.95 -44.13
CA LYS N 151 55.14 7.58 -44.51
C LYS N 151 54.18 6.60 -45.17
N ARG N 152 54.68 5.69 -46.02
CA ARG N 152 53.81 4.71 -46.66
C ARG N 152 53.25 3.72 -45.65
N PHE N 153 54.12 3.26 -44.76
CA PHE N 153 53.73 2.34 -43.72
C PHE N 153 52.62 2.89 -42.87
N LEU N 154 52.81 4.12 -42.40
CA LEU N 154 51.80 4.74 -41.56
C LEU N 154 50.51 5.00 -42.31
N LYS N 155 50.59 5.35 -43.60
CA LYS N 155 49.38 5.64 -44.37
C LYS N 155 48.35 4.52 -44.31
N ASN N 156 48.77 3.28 -44.52
CA ASN N 156 47.80 2.20 -44.43
C ASN N 156 47.73 1.53 -43.07
N SER N 157 48.27 2.18 -42.04
CA SER N 157 48.21 1.65 -40.69
C SER N 157 47.05 2.25 -39.92
N PHE N 158 46.17 2.99 -40.58
CA PHE N 158 45.06 3.55 -39.84
C PHE N 158 43.90 3.92 -40.75
N ALA N 159 42.70 3.66 -40.26
CA ALA N 159 41.41 3.84 -40.93
C ALA N 159 41.33 4.95 -41.97
N ASP N 160 41.77 6.15 -41.66
CA ASP N 160 41.64 7.21 -42.65
C ASP N 160 42.63 8.34 -42.49
N VAL N 161 43.78 8.18 -43.14
CA VAL N 161 44.81 9.20 -43.17
C VAL N 161 45.19 9.43 -44.61
N ASP N 162 46.10 10.36 -44.85
CA ASP N 162 46.56 10.63 -46.20
C ASP N 162 47.96 11.22 -46.18
N TYR N 163 48.57 11.38 -47.34
CA TYR N 163 49.95 11.84 -47.40
C TYR N 163 50.14 13.33 -47.07
N ASP N 164 49.07 14.06 -46.84
CA ASP N 164 49.21 15.46 -46.47
C ASP N 164 49.02 15.63 -44.97
N ASN N 165 48.52 14.61 -44.29
CA ASN N 165 48.28 14.70 -42.88
C ASN N 165 49.19 13.81 -42.07
N ILE N 166 50.31 13.41 -42.67
CA ILE N 166 51.33 12.62 -42.00
C ILE N 166 52.65 13.36 -42.07
N SER N 167 53.21 13.72 -40.93
CA SER N 167 54.48 14.43 -40.95
C SER N 167 55.60 13.67 -40.30
N VAL N 168 56.74 13.63 -40.96
CA VAL N 168 57.89 12.93 -40.42
C VAL N 168 59.11 13.84 -40.36
N VAL N 169 59.66 13.97 -39.16
CA VAL N 169 60.86 14.77 -38.95
C VAL N 169 61.93 13.84 -38.43
N LEU N 170 63.08 13.83 -39.06
CA LEU N 170 64.10 12.89 -38.67
C LEU N 170 65.52 13.35 -38.88
N SER N 171 66.45 12.60 -38.31
CA SER N 171 67.87 12.86 -38.42
C SER N 171 68.68 11.61 -38.10
N GLU N 172 69.94 11.80 -37.72
CA GLU N 172 70.82 10.68 -37.43
C GLU N 172 71.67 10.96 -36.21
N ARG N 173 72.22 9.91 -35.63
CA ARG N 173 73.02 10.04 -34.42
C ARG N 173 74.30 10.84 -34.62
N SER N 174 74.82 11.34 -33.50
CA SER N 174 76.07 12.09 -33.45
C SER N 174 77.29 11.19 -33.32
N ASP N 175 78.48 11.80 -33.30
CA ASP N 175 79.75 11.09 -33.15
C ASP N 175 79.79 10.41 -31.79
N ALA N 176 79.83 9.08 -31.79
CA ALA N 176 79.78 8.29 -30.55
C ALA N 176 80.90 8.61 -29.58
N GLN N 177 80.51 8.78 -28.31
CA GLN N 177 81.51 9.07 -27.29
C GLN N 177 82.14 7.79 -26.82
N LEU N 178 83.20 7.41 -27.48
CA LEU N 178 83.89 6.16 -27.19
C LEU N 178 85.13 6.33 -26.32
N GLN N 179 85.37 7.54 -25.81
CA GLN N 179 86.57 7.80 -25.03
C GLN N 179 86.25 8.32 -23.64
N ALA N 180 87.02 7.87 -22.65
CA ALA N 180 86.82 8.34 -21.28
C ALA N 180 87.28 9.80 -21.14
N PRO N 181 86.56 10.61 -20.36
CA PRO N 181 86.83 12.01 -20.01
C PRO N 181 88.22 12.26 -19.43
N GLY N 182 88.64 11.40 -18.52
CA GLY N 182 89.95 11.52 -17.90
C GLY N 182 89.83 12.19 -16.54
N THR N 183 90.84 11.99 -15.71
CA THR N 183 90.86 12.57 -14.37
C THR N 183 91.47 13.97 -14.41
N PRO N 184 91.29 14.75 -13.34
CA PRO N 184 91.83 16.09 -13.12
C PRO N 184 93.32 16.00 -12.87
N VAL N 185 94.03 17.07 -13.16
CA VAL N 185 95.46 17.10 -12.97
C VAL N 185 95.83 17.53 -11.56
N LYS N 186 96.38 16.60 -10.81
CA LYS N 186 96.83 16.87 -9.44
C LYS N 186 97.49 15.63 -8.85
N ALA O 42 103.21 18.30 -17.87
CA ALA O 42 101.83 18.13 -18.31
C ALA O 42 101.67 18.58 -19.75
N GLU O 43 102.30 17.86 -20.67
CA GLU O 43 102.20 18.20 -22.09
C GLU O 43 100.75 18.22 -22.52
N LEU O 44 100.34 19.32 -23.12
CA LEU O 44 98.96 19.52 -23.56
C LEU O 44 98.41 18.40 -24.41
N ASP O 45 99.26 17.83 -25.27
CA ASP O 45 98.84 16.73 -26.11
C ASP O 45 98.36 15.53 -25.29
N SER O 46 98.95 15.32 -24.12
CA SER O 46 98.54 14.21 -23.27
C SER O 46 97.37 14.61 -22.40
N LEU O 47 97.19 15.91 -22.19
CA LEU O 47 96.06 16.39 -21.41
C LEU O 47 94.75 16.25 -22.19
N LEU O 48 94.83 16.44 -23.51
CA LEU O 48 93.68 16.29 -24.38
C LEU O 48 93.38 14.81 -24.61
N GLY O 49 92.13 14.52 -25.02
CA GLY O 49 91.60 13.16 -25.23
C GLY O 49 92.53 12.11 -25.89
N GLN O 50 92.12 10.84 -25.78
CA GLN O 50 92.87 9.71 -26.33
C GLN O 50 93.11 9.82 -27.82
N GLU O 51 92.08 10.23 -28.54
CA GLU O 51 92.25 10.43 -29.96
C GLU O 51 92.78 11.82 -30.19
N LYS O 52 94.08 11.96 -30.02
CA LYS O 52 94.78 13.23 -30.14
C LYS O 52 94.64 13.88 -31.51
N GLU O 53 94.24 13.11 -32.51
CA GLU O 53 94.10 13.62 -33.86
C GLU O 53 92.83 14.46 -34.05
N ARG O 54 92.03 14.62 -32.98
CA ARG O 54 90.86 15.47 -33.06
C ARG O 54 91.23 16.93 -32.86
N PHE O 55 92.46 17.19 -32.38
CA PHE O 55 92.85 18.56 -32.09
C PHE O 55 94.15 18.93 -32.76
N GLN O 56 94.27 20.18 -33.15
CA GLN O 56 95.53 20.64 -33.69
C GLN O 56 96.12 21.71 -32.79
N VAL O 57 97.13 21.35 -32.05
CA VAL O 57 97.76 22.31 -31.16
C VAL O 57 98.69 23.22 -31.95
N LEU O 58 98.53 24.52 -31.72
CA LEU O 58 99.27 25.54 -32.45
C LEU O 58 100.10 26.40 -31.49
N PRO O 59 101.28 26.83 -31.90
CA PRO O 59 102.15 27.64 -31.04
C PRO O 59 102.16 29.08 -31.48
N GLY O 60 101.32 29.90 -30.86
CA GLY O 60 101.21 31.31 -31.25
C GLY O 60 102.45 32.12 -30.86
N ARG O 61 102.72 33.14 -31.66
CA ARG O 61 103.87 34.01 -31.44
C ARG O 61 103.73 34.89 -30.19
N ASP O 62 102.50 34.96 -29.67
CA ASP O 62 102.18 35.67 -28.45
C ASP O 62 102.40 34.84 -27.19
N LYS O 63 103.07 33.68 -27.31
CA LYS O 63 103.36 32.77 -26.21
C LYS O 63 102.12 32.05 -25.69
N MET O 64 101.06 32.05 -26.48
CA MET O 64 99.85 31.34 -26.11
C MET O 64 99.74 30.09 -26.94
N LEU O 65 99.50 28.98 -26.27
CA LEU O 65 99.40 27.72 -26.95
C LEU O 65 97.92 27.53 -27.32
N TYR O 66 97.64 27.42 -28.60
CA TYR O 66 96.28 27.34 -29.06
C TYR O 66 95.81 25.94 -29.37
N VAL O 67 94.53 25.69 -29.15
CA VAL O 67 93.94 24.39 -29.47
C VAL O 67 92.89 24.49 -30.54
N ALA O 68 93.20 24.11 -31.76
CA ALA O 68 92.21 24.22 -32.80
C ALA O 68 91.28 23.03 -32.78
N ALA O 69 89.99 23.32 -32.65
CA ALA O 69 88.96 22.29 -32.65
C ALA O 69 88.06 22.46 -33.86
N GLN O 70 87.58 21.34 -34.39
CA GLN O 70 86.74 21.36 -35.57
C GLN O 70 85.24 21.31 -35.27
N ASN O 71 84.88 21.19 -34.01
CA ASN O 71 83.49 21.07 -33.63
C ASN O 71 83.26 21.59 -32.23
N GLU O 72 82.12 22.24 -32.01
CA GLU O 72 81.79 22.80 -30.70
C GLU O 72 81.82 21.78 -29.54
N ARG O 73 81.67 20.49 -29.84
CA ARG O 73 81.76 19.48 -28.81
C ARG O 73 83.21 19.30 -28.39
N ASP O 74 84.12 19.51 -29.32
CA ASP O 74 85.52 19.37 -29.07
C ASP O 74 86.03 20.66 -28.46
N THR O 75 85.40 21.76 -28.86
CA THR O 75 85.71 23.06 -28.30
C THR O 75 85.47 23.00 -26.80
N LEU O 76 84.28 22.53 -26.42
CA LEU O 76 83.96 22.40 -25.02
C LEU O 76 84.86 21.41 -24.32
N TRP O 77 85.17 20.30 -24.98
CA TRP O 77 86.05 19.29 -24.41
C TRP O 77 87.35 19.94 -23.94
N ALA O 78 88.01 20.64 -24.86
CA ALA O 78 89.27 21.29 -24.60
C ALA O 78 89.15 22.36 -23.53
N ARG O 79 88.05 23.11 -23.54
CA ARG O 79 87.86 24.14 -22.52
C ARG O 79 87.75 23.53 -21.14
N GLN O 80 87.08 22.38 -21.05
CA GLN O 80 86.96 21.69 -19.79
C GLN O 80 88.31 21.21 -19.34
N VAL O 81 89.16 20.77 -20.27
CA VAL O 81 90.51 20.35 -19.91
C VAL O 81 91.28 21.49 -19.28
N LEU O 82 91.21 22.67 -19.89
CA LEU O 82 91.93 23.81 -19.36
C LEU O 82 91.43 24.24 -17.97
N ALA O 83 90.12 24.14 -17.74
CA ALA O 83 89.55 24.50 -16.45
C ALA O 83 89.72 23.40 -15.39
N ARG O 84 89.65 22.14 -15.81
CA ARG O 84 89.76 20.99 -14.92
C ARG O 84 91.17 20.67 -14.53
N GLY O 85 92.02 20.51 -15.52
CA GLY O 85 93.41 20.17 -15.30
C GLY O 85 94.23 21.43 -15.22
N ASP O 86 95.48 21.34 -15.63
CA ASP O 86 96.31 22.50 -15.57
C ASP O 86 97.43 22.43 -16.56
N TYR O 87 97.94 23.59 -16.88
CA TYR O 87 99.04 23.76 -17.79
C TYR O 87 99.61 25.14 -17.57
N ASP O 88 100.83 25.21 -17.04
CA ASP O 88 101.45 26.49 -16.73
C ASP O 88 101.91 27.25 -17.95
N LYS O 89 100.95 27.83 -18.67
CA LYS O 89 101.23 28.60 -19.87
C LYS O 89 99.93 29.11 -20.47
N ASN O 90 100.00 30.30 -21.06
CA ASN O 90 98.85 30.86 -21.72
C ASN O 90 98.30 29.87 -22.71
N ALA O 91 96.99 29.75 -22.77
CA ALA O 91 96.37 28.81 -23.69
C ALA O 91 94.97 29.27 -24.07
N ARG O 92 94.54 28.90 -25.27
CA ARG O 92 93.23 29.33 -25.75
C ARG O 92 92.69 28.45 -26.86
N VAL O 93 91.47 27.99 -26.70
CA VAL O 93 90.83 27.12 -27.67
C VAL O 93 90.28 27.91 -28.86
N ILE O 94 90.61 27.43 -30.06
CA ILE O 94 90.17 28.01 -31.32
C ILE O 94 88.99 27.30 -31.95
N ASN O 95 88.02 28.09 -32.38
CA ASN O 95 86.83 27.59 -33.05
C ASN O 95 86.58 28.38 -34.31
N GLU O 96 86.66 27.70 -35.45
CA GLU O 96 86.50 28.30 -36.77
C GLU O 96 85.41 29.37 -36.89
N ASN O 97 84.22 29.07 -36.41
CA ASN O 97 83.14 30.05 -36.50
C ASN O 97 83.32 31.18 -35.52
N GLU O 98 83.82 30.87 -34.33
CA GLU O 98 83.99 31.93 -33.34
C GLU O 98 85.07 32.90 -33.78
N GLU O 99 86.10 32.39 -34.43
CA GLU O 99 87.17 33.23 -34.91
C GLU O 99 86.74 34.03 -36.10
N ASN O 100 85.93 33.42 -36.97
CA ASN O 100 85.43 34.14 -38.11
C ASN O 100 84.64 35.35 -37.62
N LYS O 101 83.81 35.14 -36.59
CA LYS O 101 83.04 36.22 -36.00
C LYS O 101 83.89 37.27 -35.32
N ARG O 102 84.87 36.85 -34.51
CA ARG O 102 85.74 37.79 -33.81
C ARG O 102 86.39 38.75 -34.78
N ILE O 103 86.91 38.20 -35.86
CA ILE O 103 87.54 38.99 -36.87
C ILE O 103 86.57 39.93 -37.54
N SER O 104 85.39 39.43 -37.91
CA SER O 104 84.42 40.28 -38.59
C SER O 104 84.01 41.49 -37.77
N ILE O 105 84.04 41.36 -36.44
CA ILE O 105 83.71 42.49 -35.58
C ILE O 105 84.73 43.59 -35.70
N TRP O 106 85.99 43.22 -35.52
CA TRP O 106 87.08 44.17 -35.61
C TRP O 106 87.13 44.79 -36.99
N LEU O 107 86.97 43.93 -37.98
CA LEU O 107 87.05 44.30 -39.36
C LEU O 107 86.00 45.31 -39.72
N ASP O 108 84.77 45.13 -39.26
CA ASP O 108 83.73 46.12 -39.54
C ASP O 108 84.07 47.50 -38.97
N THR O 109 84.63 47.54 -37.75
CA THR O 109 85.00 48.82 -37.13
C THR O 109 86.10 49.56 -37.86
N TYR O 110 87.17 48.86 -38.21
CA TYR O 110 88.31 49.51 -38.85
C TYR O 110 88.21 49.60 -40.35
N TYR O 111 87.55 48.64 -40.97
CA TYR O 111 87.30 48.63 -42.39
C TYR O 111 85.81 48.52 -42.73
N PRO O 112 85.01 49.52 -42.39
CA PRO O 112 83.59 49.57 -42.62
C PRO O 112 83.38 49.63 -44.11
N GLN O 113 82.27 49.06 -44.55
CA GLN O 113 81.92 48.94 -45.96
C GLN O 113 82.77 47.94 -46.75
N LEU O 114 83.72 47.24 -46.10
CA LEU O 114 84.50 46.24 -46.81
C LEU O 114 83.60 45.10 -47.24
N ALA O 115 83.63 44.76 -48.52
CA ALA O 115 82.79 43.67 -49.00
C ALA O 115 83.55 42.36 -49.01
N TYR O 116 83.15 41.42 -48.16
CA TYR O 116 83.86 40.15 -48.08
C TYR O 116 82.91 39.01 -47.75
N TYR O 117 83.42 37.79 -47.85
CA TYR O 117 82.62 36.60 -47.66
C TYR O 117 82.92 35.84 -46.38
N ARG O 118 83.96 35.03 -46.38
CA ARG O 118 84.26 34.23 -45.21
C ARG O 118 85.70 33.80 -45.17
N ILE O 119 86.24 33.68 -43.96
CA ILE O 119 87.61 33.22 -43.82
C ILE O 119 87.65 31.71 -43.70
N HIS O 120 88.45 31.08 -44.54
CA HIS O 120 88.61 29.66 -44.56
C HIS O 120 89.87 29.30 -43.82
N PHE O 121 89.70 28.77 -42.62
CA PHE O 121 90.85 28.51 -41.79
C PHE O 121 91.63 27.29 -42.21
N ASP O 122 90.92 26.21 -42.59
CA ASP O 122 91.51 24.95 -43.07
C ASP O 122 92.90 24.65 -42.51
N GLU O 123 93.94 25.19 -43.14
CA GLU O 123 95.30 25.04 -42.67
C GLU O 123 95.70 26.25 -41.82
N PRO O 124 95.42 26.20 -40.50
CA PRO O 124 95.67 27.27 -39.50
C PRO O 124 96.70 28.32 -39.89
N ARG O 125 97.89 27.86 -40.27
CA ARG O 125 99.02 28.68 -40.66
C ARG O 125 98.73 29.74 -41.72
N LYS O 126 97.95 29.36 -42.71
CA LYS O 126 97.65 30.23 -43.82
C LYS O 126 96.17 30.20 -44.21
N PRO O 127 95.29 30.87 -43.47
CA PRO O 127 93.87 30.98 -43.69
C PRO O 127 93.64 31.81 -44.94
N VAL O 128 92.55 31.54 -45.62
CA VAL O 128 92.21 32.22 -46.84
C VAL O 128 91.06 33.18 -46.63
N PHE O 129 91.23 34.40 -47.08
CA PHE O 129 90.22 35.41 -46.90
C PHE O 129 89.50 35.70 -48.21
N TRP O 130 88.23 35.31 -48.32
CA TRP O 130 87.52 35.62 -49.54
C TRP O 130 87.00 37.05 -49.51
N LEU O 131 87.34 37.80 -50.54
CA LEU O 131 87.04 39.21 -50.70
C LEU O 131 86.24 39.47 -51.98
N SER O 132 85.22 40.31 -51.94
CA SER O 132 84.44 40.54 -53.17
C SER O 132 85.25 41.25 -54.24
N ARG O 133 85.55 40.51 -55.31
CA ARG O 133 86.33 41.02 -56.43
C ARG O 133 85.69 42.23 -57.08
N GLN O 134 84.38 42.17 -57.28
CA GLN O 134 83.67 43.21 -57.99
C GLN O 134 83.32 44.42 -57.15
N ARG O 135 82.99 44.23 -55.87
CA ARG O 135 82.61 45.38 -55.06
C ARG O 135 83.78 46.16 -54.46
N ASN O 136 84.93 45.53 -54.26
CA ASN O 136 86.04 46.27 -53.68
C ASN O 136 86.96 46.85 -54.72
N THR O 137 87.43 48.06 -54.47
CA THR O 137 88.31 48.78 -55.37
C THR O 137 89.63 49.14 -54.71
N MET O 138 90.02 48.37 -53.69
CA MET O 138 91.25 48.61 -52.96
C MET O 138 92.48 48.36 -53.84
N SER O 139 93.53 49.14 -53.61
CA SER O 139 94.76 48.97 -54.37
C SER O 139 95.54 47.82 -53.79
N LYS O 140 96.51 47.34 -54.55
CA LYS O 140 97.36 46.25 -54.12
C LYS O 140 98.04 46.56 -52.79
N LYS O 141 98.51 47.81 -52.65
CA LYS O 141 99.18 48.24 -51.44
C LYS O 141 98.23 48.24 -50.27
N GLU O 142 97.00 48.69 -50.51
CA GLU O 142 96.00 48.71 -49.47
C GLU O 142 95.67 47.30 -49.01
N LEU O 143 95.62 46.37 -49.96
CA LEU O 143 95.36 44.97 -49.64
C LEU O 143 96.50 44.39 -48.83
N GLU O 144 97.74 44.80 -49.12
CA GLU O 144 98.87 44.36 -48.32
C GLU O 144 98.65 44.72 -46.86
N VAL O 145 98.32 45.99 -46.63
CA VAL O 145 98.07 46.50 -45.30
C VAL O 145 96.95 45.73 -44.61
N LEU O 146 95.87 45.49 -45.33
CA LEU O 146 94.75 44.74 -44.82
C LEU O 146 95.19 43.38 -44.31
N SER O 147 95.97 42.65 -45.13
CA SER O 147 96.42 41.33 -44.70
C SER O 147 97.29 41.41 -43.47
N GLN O 148 98.06 42.48 -43.36
CA GLN O 148 98.91 42.66 -42.20
C GLN O 148 98.10 42.86 -40.93
N LYS O 149 96.99 43.57 -41.05
CA LYS O 149 96.14 43.78 -39.90
C LYS O 149 95.49 42.47 -39.50
N LEU O 150 95.14 41.66 -40.48
CA LEU O 150 94.55 40.36 -40.21
C LEU O 150 95.56 39.46 -39.53
N ARG O 151 96.84 39.56 -39.92
CA ARG O 151 97.88 38.78 -39.28
C ARG O 151 97.97 39.16 -37.82
N ALA O 152 97.84 40.44 -37.53
CA ALA O 152 97.86 40.91 -36.14
C ALA O 152 96.70 40.29 -35.36
N LEU O 153 95.54 40.18 -35.99
CA LEU O 153 94.38 39.59 -35.34
C LEU O 153 94.52 38.09 -35.06
N MET O 154 95.37 37.41 -35.83
CA MET O 154 95.60 35.97 -35.68
C MET O 154 97.05 35.60 -35.29
N PRO O 155 97.36 35.59 -33.99
CA PRO O 155 98.64 35.29 -33.33
C PRO O 155 99.32 34.02 -33.81
N TYR O 156 98.53 33.05 -34.27
CA TYR O 156 99.10 31.80 -34.74
C TYR O 156 99.42 31.81 -36.22
N ALA O 157 98.51 32.38 -37.01
CA ALA O 157 98.68 32.41 -38.45
C ALA O 157 99.98 33.09 -38.82
N ASP O 158 100.64 32.55 -39.82
CA ASP O 158 101.90 33.11 -40.25
C ASP O 158 101.66 34.17 -41.30
N SER O 159 100.66 33.93 -42.15
CA SER O 159 100.31 34.90 -43.17
C SER O 159 98.86 34.73 -43.56
N VAL O 160 98.32 35.70 -44.26
CA VAL O 160 96.92 35.64 -44.68
C VAL O 160 96.82 35.70 -46.18
N ASN O 161 96.11 34.75 -46.77
CA ASN O 161 95.96 34.73 -48.20
C ASN O 161 94.67 35.38 -48.64
N ILE O 162 94.71 36.67 -48.89
CA ILE O 162 93.52 37.35 -49.37
C ILE O 162 93.36 37.10 -50.85
N THR O 163 92.16 36.68 -51.23
CA THR O 163 91.88 36.42 -52.63
C THR O 163 90.52 36.96 -52.99
N LEU O 164 90.39 37.36 -54.24
CA LEU O 164 89.18 37.99 -54.70
C LEU O 164 88.26 37.00 -55.42
N MET O 165 86.99 36.97 -55.00
CA MET O 165 85.99 36.07 -55.55
C MET O 165 84.96 36.81 -56.39
N ASP O 166 84.45 36.16 -57.43
CA ASP O 166 83.47 36.80 -58.28
C ASP O 166 82.05 36.59 -57.77
N ASP O 167 81.41 37.69 -57.36
CA ASP O 167 80.05 37.71 -56.84
C ASP O 167 79.04 36.93 -57.67
N VAL O 168 79.24 36.94 -58.98
CA VAL O 168 78.35 36.24 -59.90
C VAL O 168 78.37 34.74 -59.68
N THR O 169 79.56 34.19 -59.43
CA THR O 169 79.66 32.76 -59.28
C THR O 169 79.09 32.33 -57.95
N ALA O 170 79.15 33.22 -56.96
CA ALA O 170 78.54 32.90 -55.68
C ALA O 170 77.04 32.76 -55.84
N ALA O 171 76.43 33.74 -56.51
CA ALA O 171 74.99 33.72 -56.75
C ALA O 171 74.60 32.57 -57.64
N GLY O 172 75.42 32.31 -58.67
CA GLY O 172 75.13 31.25 -59.61
C GLY O 172 75.04 29.90 -58.94
N GLN O 173 75.98 29.61 -58.05
CA GLN O 173 75.95 28.34 -57.33
C GLN O 173 74.75 28.23 -56.42
N ALA O 174 74.42 29.34 -55.74
CA ALA O 174 73.28 29.34 -54.85
C ALA O 174 72.01 28.94 -55.57
N GLU O 175 71.75 29.58 -56.70
CA GLU O 175 70.54 29.28 -57.43
C GLU O 175 70.58 27.93 -58.11
N ALA O 176 71.72 27.58 -58.70
CA ALA O 176 71.84 26.32 -59.42
C ALA O 176 71.52 25.13 -58.53
N GLY O 177 72.12 25.09 -57.35
CA GLY O 177 71.87 23.97 -56.45
C GLY O 177 70.43 23.96 -55.97
N LEU O 178 69.91 25.15 -55.68
CA LEU O 178 68.55 25.31 -55.20
C LEU O 178 67.54 24.73 -56.19
N LYS O 179 67.69 25.06 -57.48
CA LYS O 179 66.79 24.51 -58.47
C LYS O 179 67.11 23.06 -58.81
N GLN O 180 68.35 22.61 -58.61
CA GLN O 180 68.69 21.20 -58.82
C GLN O 180 67.88 20.32 -57.89
N GLN O 181 67.70 20.80 -56.66
CA GLN O 181 66.90 20.10 -55.65
C GLN O 181 65.39 20.15 -55.93
N ALA O 182 64.97 20.78 -57.03
CA ALA O 182 63.58 20.91 -57.44
C ALA O 182 62.78 21.72 -56.45
N LEU O 183 63.41 22.69 -55.81
CA LEU O 183 62.72 23.52 -54.85
C LEU O 183 62.13 24.75 -55.51
N PRO O 184 60.96 25.20 -55.07
CA PRO O 184 60.28 26.39 -55.49
C PRO O 184 60.94 27.56 -54.82
N TYR O 185 61.08 28.67 -55.53
CA TYR O 185 61.69 29.84 -54.91
C TYR O 185 61.49 31.07 -55.75
N SER O 186 61.82 32.22 -55.18
CA SER O 186 61.77 33.44 -55.93
C SER O 186 62.98 34.28 -55.55
N ARG O 187 63.79 34.59 -56.55
CA ARG O 187 65.02 35.34 -56.37
C ARG O 187 64.79 36.83 -56.19
N ARG O 188 65.58 37.44 -55.32
CA ARG O 188 65.50 38.86 -55.03
C ARG O 188 66.84 39.55 -55.18
N ASN O 189 67.13 40.03 -56.37
CA ASN O 189 68.38 40.74 -56.57
C ASN O 189 68.25 42.15 -56.05
N HIS O 190 69.25 42.62 -55.33
CA HIS O 190 69.24 43.99 -54.88
C HIS O 190 70.66 44.49 -54.77
N LYS O 191 70.83 45.79 -54.64
CA LYS O 191 72.18 46.29 -54.57
C LYS O 191 72.83 45.75 -53.31
N GLY O 192 73.98 45.10 -53.48
CA GLY O 192 74.73 44.56 -52.36
C GLY O 192 74.42 43.10 -52.01
N GLY O 193 73.45 42.46 -52.66
CA GLY O 193 73.18 41.07 -52.30
C GLY O 193 72.01 40.43 -53.02
N VAL O 194 71.67 39.22 -52.61
CA VAL O 194 70.54 38.53 -53.21
C VAL O 194 69.86 37.62 -52.20
N THR O 195 68.53 37.62 -52.21
CA THR O 195 67.77 36.78 -51.30
C THR O 195 66.89 35.77 -52.04
N PHE O 196 66.89 34.55 -51.56
CA PHE O 196 66.09 33.48 -52.16
C PHE O 196 64.92 33.12 -51.27
N VAL O 197 63.74 33.54 -51.69
CA VAL O 197 62.52 33.34 -50.93
C VAL O 197 61.83 32.04 -51.25
N ILE O 198 61.57 31.25 -50.22
CA ILE O 198 60.87 29.97 -50.38
C ILE O 198 59.61 29.96 -49.56
N GLN O 199 58.46 30.13 -50.20
CA GLN O 199 57.19 30.17 -49.47
C GLN O 199 56.22 29.08 -49.90
N GLY O 200 55.14 28.98 -49.14
CA GLY O 200 54.09 28.02 -49.41
C GLY O 200 54.20 26.82 -48.50
N ALA O 201 53.23 25.91 -48.60
CA ALA O 201 53.28 24.69 -47.82
C ALA O 201 54.34 23.79 -48.42
N LEU O 202 55.09 23.11 -47.56
CA LEU O 202 56.16 22.27 -48.06
C LEU O 202 56.05 20.83 -47.62
N ASP O 203 56.40 19.93 -48.53
CA ASP O 203 56.45 18.51 -48.28
C ASP O 203 57.63 18.20 -47.38
N ASP O 204 57.46 17.33 -46.41
CA ASP O 204 58.56 16.98 -45.51
C ASP O 204 59.85 16.61 -46.23
N VAL O 205 59.72 16.02 -47.42
CA VAL O 205 60.89 15.60 -48.17
C VAL O 205 61.65 16.81 -48.69
N GLU O 206 60.92 17.74 -49.32
CA GLU O 206 61.58 18.94 -49.84
C GLU O 206 62.06 19.85 -48.73
N ILE O 207 61.46 19.75 -47.55
CA ILE O 207 61.96 20.53 -46.42
C ILE O 207 63.34 20.07 -46.04
N LEU O 208 63.51 18.75 -45.93
CA LEU O 208 64.80 18.17 -45.61
C LEU O 208 65.84 18.57 -46.62
N ARG O 209 65.52 18.40 -47.91
CA ARG O 209 66.43 18.75 -48.97
C ARG O 209 66.84 20.20 -48.95
N ALA O 210 65.87 21.09 -48.69
CA ALA O 210 66.14 22.50 -48.66
C ALA O 210 67.15 22.84 -47.60
N ARG O 211 66.95 22.33 -46.38
CA ARG O 211 67.88 22.65 -45.32
C ARG O 211 69.27 22.15 -45.60
N GLN O 212 69.39 20.92 -46.10
CA GLN O 212 70.69 20.35 -46.38
C GLN O 212 71.48 21.24 -47.32
N PHE O 213 70.82 21.69 -48.39
CA PHE O 213 71.44 22.58 -49.34
C PHE O 213 71.89 23.88 -48.73
N VAL O 214 70.99 24.53 -48.00
CA VAL O 214 71.28 25.81 -47.40
C VAL O 214 72.45 25.75 -46.44
N ASP O 215 72.46 24.74 -45.57
CA ASP O 215 73.55 24.59 -44.63
C ASP O 215 74.89 24.48 -45.33
N SER O 216 74.95 23.71 -46.40
CA SER O 216 76.20 23.56 -47.13
C SER O 216 76.65 24.84 -47.80
N TYR O 217 75.71 25.57 -48.40
CA TYR O 217 76.06 26.82 -49.06
C TYR O 217 76.63 27.79 -48.04
N TYR O 218 75.96 27.90 -46.90
CA TYR O 218 76.40 28.75 -45.83
C TYR O 218 77.80 28.38 -45.39
N ARG O 219 78.01 27.12 -45.10
CA ARG O 219 79.31 26.64 -44.66
C ARG O 219 80.43 27.07 -45.59
N THR O 220 80.20 27.00 -46.91
CA THR O 220 81.21 27.40 -47.86
C THR O 220 81.34 28.91 -48.03
N TRP O 221 80.31 29.54 -48.56
CA TRP O 221 80.36 30.95 -48.87
C TRP O 221 80.05 31.89 -47.73
N GLY O 222 79.19 31.46 -46.82
CA GLY O 222 78.78 32.32 -45.72
C GLY O 222 77.50 33.05 -46.11
N GLY O 223 76.88 33.74 -45.16
CA GLY O 223 75.62 34.43 -45.42
C GLY O 223 75.73 35.95 -45.56
N ARG O 224 76.83 36.46 -46.08
CA ARG O 224 76.96 37.90 -46.23
C ARG O 224 76.50 38.43 -47.58
N TYR O 225 76.34 37.57 -48.56
CA TYR O 225 75.90 38.01 -49.87
C TYR O 225 74.60 37.33 -50.24
N VAL O 226 74.56 36.01 -50.08
CA VAL O 226 73.36 35.24 -50.36
C VAL O 226 72.60 34.95 -49.09
N GLN O 227 71.36 35.35 -49.07
CA GLN O 227 70.48 35.11 -47.93
C GLN O 227 69.32 34.22 -48.32
N PHE O 228 69.11 33.15 -47.59
CA PHE O 228 67.99 32.28 -47.90
C PHE O 228 66.84 32.57 -46.94
N ALA O 229 65.62 32.36 -47.39
CA ALA O 229 64.47 32.68 -46.56
C ALA O 229 63.37 31.63 -46.67
N ILE O 230 63.49 30.57 -45.87
CA ILE O 230 62.50 29.51 -45.86
C ILE O 230 61.33 29.90 -44.98
N GLU O 231 60.14 29.95 -45.57
CA GLU O 231 58.94 30.33 -44.85
C GLU O 231 57.80 29.34 -45.07
N LEU O 232 57.62 28.46 -44.09
CA LEU O 232 56.58 27.44 -44.14
C LEU O 232 55.22 28.08 -43.87
N LYS O 233 54.38 28.17 -44.91
CA LYS O 233 53.09 28.85 -44.79
C LYS O 233 51.93 28.07 -45.41
N ASP O 234 50.71 28.37 -44.95
CA ASP O 234 49.51 27.74 -45.50
C ASP O 234 49.10 28.36 -46.81
N ASP O 235 48.53 27.54 -47.69
CA ASP O 235 48.05 27.98 -48.99
C ASP O 235 46.53 27.87 -49.07
N ASP P 3 85.49 -3.67 -14.69
CA ASP P 3 84.61 -4.21 -13.68
C ASP P 3 83.59 -3.18 -13.21
N LYS P 4 82.72 -2.76 -14.12
CA LYS P 4 81.72 -1.77 -13.78
C LYS P 4 80.31 -2.32 -13.90
N ASP P 5 79.42 -1.86 -13.02
CA ASP P 5 78.03 -2.28 -13.09
C ASP P 5 77.30 -1.41 -14.09
N LEU P 6 76.62 -2.03 -15.04
CA LEU P 6 75.91 -1.28 -16.06
C LEU P 6 74.41 -1.35 -15.79
N LEU P 7 73.85 -2.56 -15.82
CA LEU P 7 72.42 -2.76 -15.59
C LEU P 7 72.14 -3.79 -14.51
N LYS P 8 71.02 -3.63 -13.79
CA LYS P 8 70.64 -4.57 -12.76
C LYS P 8 69.14 -4.85 -12.75
N GLY P 9 68.76 -6.05 -12.34
CA GLY P 9 67.35 -6.39 -12.21
C GLY P 9 66.69 -6.66 -13.54
N LEU P 10 67.46 -7.10 -14.52
CA LEU P 10 66.92 -7.35 -15.85
C LEU P 10 66.23 -8.68 -15.91
N ASP P 11 65.23 -8.79 -16.77
CA ASP P 11 64.64 -10.08 -16.93
C ASP P 11 65.46 -10.80 -17.99
N GLN P 12 65.12 -12.04 -18.29
CA GLN P 12 65.90 -12.82 -19.22
C GLN P 12 65.99 -12.23 -20.62
N GLU P 13 64.84 -11.84 -21.17
CA GLU P 13 64.79 -11.26 -22.51
C GLU P 13 65.63 -10.02 -22.65
N GLN P 14 65.43 -9.08 -21.73
CA GLN P 14 66.14 -7.82 -21.71
C GLN P 14 67.62 -8.03 -21.65
N ALA P 15 68.05 -8.90 -20.75
CA ALA P 15 69.47 -9.16 -20.56
C ALA P 15 70.11 -9.62 -21.86
N ASN P 16 69.49 -10.58 -22.53
CA ASN P 16 70.07 -11.09 -23.76
C ASN P 16 70.05 -10.05 -24.89
N GLU P 17 69.03 -9.20 -24.93
CA GLU P 17 68.96 -8.19 -25.96
C GLU P 17 70.03 -7.13 -25.81
N VAL P 18 70.24 -6.66 -24.59
CA VAL P 18 71.26 -5.66 -24.35
C VAL P 18 72.63 -6.17 -24.69
N ILE P 19 72.90 -7.40 -24.28
CA ILE P 19 74.17 -8.02 -24.58
C ILE P 19 74.42 -8.11 -26.06
N ALA P 20 73.41 -8.51 -26.82
CA ALA P 20 73.55 -8.59 -28.27
C ALA P 20 74.05 -7.29 -28.86
N VAL P 21 73.46 -6.17 -28.42
CA VAL P 21 73.87 -4.86 -28.91
C VAL P 21 75.31 -4.53 -28.56
N LEU P 22 75.69 -4.78 -27.32
CA LEU P 22 77.04 -4.48 -26.90
C LEU P 22 78.08 -5.26 -27.67
N GLN P 23 77.79 -6.53 -27.94
CA GLN P 23 78.71 -7.36 -28.70
C GLN P 23 78.82 -6.85 -30.12
N MET P 24 77.70 -6.46 -30.70
CA MET P 24 77.68 -5.91 -32.04
C MET P 24 78.61 -4.71 -32.17
N HIS P 25 78.70 -3.91 -31.10
CA HIS P 25 79.57 -2.75 -31.11
C HIS P 25 80.94 -3.01 -30.47
N ASN P 26 81.36 -4.26 -30.45
CA ASN P 26 82.68 -4.66 -29.95
C ASN P 26 82.88 -4.46 -28.46
N ILE P 27 81.88 -4.82 -27.67
CA ILE P 27 81.99 -4.75 -26.22
C ILE P 27 81.63 -6.07 -25.55
N GLU P 28 82.57 -6.64 -24.80
CA GLU P 28 82.30 -7.86 -24.05
C GLU P 28 81.39 -7.56 -22.88
N ALA P 29 80.53 -8.49 -22.51
CA ALA P 29 79.62 -8.24 -21.40
C ALA P 29 79.35 -9.51 -20.61
N ASN P 30 79.19 -9.36 -19.30
CA ASN P 30 78.94 -10.48 -18.44
C ASN P 30 77.49 -10.50 -18.02
N LYS P 31 76.87 -11.67 -18.07
CA LYS P 31 75.50 -11.80 -17.57
C LYS P 31 75.54 -12.52 -16.24
N ILE P 32 75.12 -11.83 -15.19
CA ILE P 32 75.16 -12.40 -13.86
C ILE P 32 73.79 -12.75 -13.34
N ASP P 33 73.62 -14.01 -13.00
CA ASP P 33 72.38 -14.52 -12.45
C ASP P 33 72.32 -14.35 -10.95
N SER P 34 71.48 -13.41 -10.47
CA SER P 34 71.34 -13.16 -9.04
C SER P 34 70.05 -13.75 -8.48
N GLY P 35 69.55 -14.79 -9.13
CA GLY P 35 68.35 -15.49 -8.68
C GLY P 35 67.13 -14.61 -8.80
N LYS P 36 66.39 -14.52 -7.71
CA LYS P 36 65.16 -13.73 -7.64
C LYS P 36 65.36 -12.25 -7.93
N LEU P 37 66.60 -11.78 -7.86
CA LEU P 37 66.85 -10.38 -8.10
C LEU P 37 67.07 -10.07 -9.58
N GLY P 38 67.05 -11.09 -10.43
CA GLY P 38 67.18 -10.87 -11.87
C GLY P 38 68.61 -10.93 -12.36
N TYR P 39 68.83 -10.39 -13.56
CA TYR P 39 70.15 -10.41 -14.15
C TYR P 39 70.86 -9.08 -14.08
N SER P 40 72.17 -9.14 -14.01
CA SER P 40 72.97 -7.94 -14.02
C SER P 40 74.00 -7.99 -15.12
N ILE P 41 74.25 -6.85 -15.72
CA ILE P 41 75.24 -6.79 -16.79
C ILE P 41 76.40 -5.93 -16.39
N THR P 42 77.60 -6.51 -16.50
CA THR P 42 78.81 -5.77 -16.17
C THR P 42 79.77 -5.76 -17.33
N VAL P 43 80.61 -4.72 -17.37
CA VAL P 43 81.57 -4.57 -18.46
C VAL P 43 82.94 -4.16 -17.97
N ALA P 44 83.93 -4.35 -18.83
CA ALA P 44 85.29 -3.94 -18.52
C ALA P 44 85.34 -2.42 -18.45
N GLU P 45 86.09 -1.91 -17.49
CA GLU P 45 86.24 -0.48 -17.30
C GLU P 45 86.65 0.30 -18.57
N PRO P 46 87.56 -0.21 -19.41
CA PRO P 46 87.97 0.38 -20.68
C PRO P 46 86.81 0.60 -21.65
N ASP P 47 85.79 -0.25 -21.59
CA ASP P 47 84.66 -0.15 -22.49
C ASP P 47 83.49 0.60 -21.88
N PHE P 48 83.44 0.63 -20.55
CA PHE P 48 82.36 1.25 -19.80
C PHE P 48 81.81 2.55 -20.38
N THR P 49 82.68 3.48 -20.80
CA THR P 49 82.21 4.74 -21.34
C THR P 49 81.38 4.52 -22.60
N ALA P 50 81.90 3.71 -23.49
CA ALA P 50 81.22 3.39 -24.73
C ALA P 50 79.94 2.64 -24.46
N ALA P 51 79.99 1.72 -23.51
CA ALA P 51 78.83 0.92 -23.16
C ALA P 51 77.68 1.82 -22.76
N VAL P 52 77.96 2.80 -21.90
CA VAL P 52 76.94 3.75 -21.47
C VAL P 52 76.35 4.48 -22.64
N TYR P 53 77.22 4.96 -23.53
CA TYR P 53 76.76 5.66 -24.71
C TYR P 53 75.75 4.85 -25.50
N TRP P 54 76.04 3.57 -25.70
CA TRP P 54 75.15 2.73 -26.48
C TRP P 54 73.85 2.40 -25.75
N ILE P 55 73.89 2.28 -24.42
CA ILE P 55 72.66 2.05 -23.66
C ILE P 55 71.70 3.20 -23.90
N LYS P 56 72.24 4.40 -23.91
CA LYS P 56 71.46 5.57 -24.21
C LYS P 56 70.92 5.53 -25.63
N THR P 57 71.83 5.37 -26.58
CA THR P 57 71.50 5.36 -28.01
C THR P 57 70.38 4.41 -28.38
N TYR P 58 70.41 3.21 -27.85
CA TYR P 58 69.39 2.23 -28.19
C TYR P 58 68.25 2.08 -27.21
N GLN P 59 68.03 3.08 -26.35
CA GLN P 59 66.90 3.01 -25.41
C GLN P 59 66.89 1.70 -24.60
N LEU P 60 68.02 1.33 -24.02
CA LEU P 60 68.09 0.08 -23.30
C LEU P 60 67.97 0.26 -21.80
N PRO P 61 67.46 -0.75 -21.10
CA PRO P 61 66.93 -2.04 -21.53
C PRO P 61 65.56 -1.87 -22.17
N PRO P 62 65.17 -2.78 -23.07
CA PRO P 62 63.92 -2.82 -23.83
C PRO P 62 62.67 -2.82 -22.98
N ARG P 63 61.62 -2.20 -23.49
CA ARG P 63 60.33 -2.21 -22.84
C ARG P 63 59.60 -3.47 -23.27
N PRO P 64 58.57 -3.90 -22.56
CA PRO P 64 57.71 -5.03 -22.87
C PRO P 64 56.85 -4.67 -24.06
N ARG P 65 56.49 -5.67 -24.86
CA ARG P 65 55.72 -5.45 -26.07
C ARG P 65 54.27 -5.07 -25.78
N VAL P 66 53.80 -4.04 -26.47
CA VAL P 66 52.45 -3.53 -26.31
C VAL P 66 51.47 -4.09 -27.30
N GLU P 67 50.39 -4.66 -26.76
CA GLU P 67 49.32 -5.25 -27.54
C GLU P 67 48.01 -4.66 -27.04
N ILE P 68 47.07 -4.43 -27.95
CA ILE P 68 45.84 -3.73 -27.60
C ILE P 68 45.01 -4.40 -26.51
N ALA P 69 44.88 -5.72 -26.57
CA ALA P 69 44.09 -6.45 -25.59
C ALA P 69 44.57 -6.27 -24.16
N GLN P 70 45.79 -5.82 -23.96
CA GLN P 70 46.32 -5.66 -22.63
C GLN P 70 45.60 -4.56 -21.87
N MET P 71 44.89 -3.68 -22.58
CA MET P 71 44.16 -2.61 -21.93
C MET P 71 42.67 -2.81 -21.86
N PHE P 72 42.19 -4.00 -22.21
CA PHE P 72 40.76 -4.28 -22.12
C PHE P 72 40.59 -5.71 -21.68
N PRO P 73 40.99 -6.04 -20.44
CA PRO P 73 41.04 -7.36 -19.83
C PRO P 73 39.68 -7.97 -19.55
N ALA P 74 39.64 -9.31 -19.62
CA ALA P 74 38.42 -10.08 -19.39
C ALA P 74 38.05 -10.13 -17.92
N ASP P 75 38.94 -9.67 -17.06
CA ASP P 75 38.70 -9.63 -15.64
C ASP P 75 37.65 -8.59 -15.27
N SER P 76 37.32 -7.67 -16.18
CA SER P 76 36.29 -6.68 -15.87
C SER P 76 34.96 -7.34 -15.66
N LEU P 77 34.23 -6.82 -14.68
CA LEU P 77 32.92 -7.34 -14.31
C LEU P 77 31.88 -7.09 -15.41
N VAL P 78 32.12 -6.05 -16.19
CA VAL P 78 31.22 -5.67 -17.27
C VAL P 78 32.02 -5.47 -18.54
N SER P 79 31.34 -5.41 -19.66
CA SER P 79 32.00 -5.19 -20.94
C SER P 79 31.17 -4.30 -21.82
N SER P 80 31.74 -3.89 -22.92
CA SER P 80 31.04 -3.04 -23.86
C SER P 80 31.44 -3.47 -25.24
N PRO P 81 30.60 -3.24 -26.24
CA PRO P 81 30.81 -3.52 -27.65
C PRO P 81 32.14 -2.98 -28.09
N ARG P 82 32.46 -1.79 -27.62
CA ARG P 82 33.71 -1.14 -27.95
C ARG P 82 34.87 -1.98 -27.49
N ALA P 83 34.85 -2.36 -26.22
CA ALA P 83 35.93 -3.16 -25.67
C ALA P 83 36.05 -4.52 -26.33
N GLU P 84 34.91 -5.18 -26.54
CA GLU P 84 34.93 -6.51 -27.10
C GLU P 84 35.46 -6.54 -28.52
N LYS P 85 35.06 -5.57 -29.33
CA LYS P 85 35.53 -5.52 -30.70
C LYS P 85 37.03 -5.28 -30.71
N ALA P 86 37.52 -4.42 -29.82
CA ALA P 86 38.95 -4.16 -29.72
C ALA P 86 39.72 -5.41 -29.35
N ARG P 87 39.20 -6.16 -28.39
CA ARG P 87 39.83 -7.40 -27.96
C ARG P 87 40.00 -8.37 -29.10
N LEU P 88 38.95 -8.51 -29.90
CA LEU P 88 39.00 -9.40 -31.03
C LEU P 88 40.08 -9.01 -32.02
N TYR P 89 40.12 -7.74 -32.41
CA TYR P 89 41.11 -7.30 -33.37
C TYR P 89 42.51 -7.51 -32.89
N SER P 90 42.73 -7.33 -31.59
CA SER P 90 44.06 -7.53 -31.03
C SER P 90 44.51 -8.96 -31.27
N ALA P 91 43.62 -9.90 -30.98
CA ALA P 91 43.92 -11.32 -31.19
C ALA P 91 44.20 -11.61 -32.64
N ILE P 92 43.41 -11.02 -33.53
CA ILE P 92 43.60 -11.25 -34.96
C ILE P 92 44.97 -10.79 -35.43
N GLU P 93 45.43 -9.61 -34.99
CA GLU P 93 46.75 -9.17 -35.41
C GLU P 93 47.80 -10.16 -34.98
N GLN P 94 47.69 -10.62 -33.73
CA GLN P 94 48.65 -11.58 -33.22
C GLN P 94 48.68 -12.85 -34.03
N ARG P 95 47.50 -13.32 -34.40
CA ARG P 95 47.37 -14.56 -35.12
C ARG P 95 47.95 -14.42 -36.53
N LEU P 96 47.75 -13.26 -37.15
CA LEU P 96 48.34 -13.02 -38.46
C LEU P 96 49.86 -12.98 -38.40
N GLU P 97 50.41 -12.42 -37.32
CA GLU P 97 51.87 -12.40 -37.17
C GLU P 97 52.41 -13.80 -37.04
N GLN P 98 51.70 -14.63 -36.28
CA GLN P 98 52.10 -16.01 -36.10
C GLN P 98 52.15 -16.74 -37.44
N SER P 99 51.21 -16.41 -38.33
CA SER P 99 51.19 -17.04 -39.64
C SER P 99 52.30 -16.58 -40.57
N LEU P 100 52.53 -15.27 -40.66
CA LEU P 100 53.56 -14.78 -41.59
C LEU P 100 54.94 -15.27 -41.24
N GLN P 101 55.21 -15.44 -39.95
CA GLN P 101 56.53 -15.90 -39.54
C GLN P 101 56.81 -17.37 -39.88
N THR P 102 55.83 -18.09 -40.44
CA THR P 102 56.05 -19.46 -40.84
C THR P 102 56.32 -19.56 -42.33
N MET P 103 56.22 -18.44 -43.05
CA MET P 103 56.48 -18.49 -44.49
C MET P 103 57.96 -18.65 -44.75
N GLU P 104 58.27 -19.35 -45.84
CA GLU P 104 59.64 -19.62 -46.22
C GLU P 104 60.45 -18.36 -46.39
N GLY P 105 61.57 -18.29 -45.68
CA GLY P 105 62.49 -17.17 -45.79
C GLY P 105 62.18 -16.04 -44.81
N VAL P 106 61.05 -16.10 -44.11
CA VAL P 106 60.73 -15.02 -43.19
C VAL P 106 61.31 -15.28 -41.82
N LEU P 107 62.05 -14.31 -41.32
CA LEU P 107 62.69 -14.40 -40.02
C LEU P 107 61.83 -13.70 -38.99
N SER P 108 61.22 -12.59 -39.38
CA SER P 108 60.38 -11.83 -38.47
C SER P 108 59.32 -11.03 -39.19
N ALA P 109 58.16 -10.88 -38.58
CA ALA P 109 57.13 -10.08 -39.22
C ALA P 109 56.15 -9.48 -38.22
N ARG P 110 55.68 -8.27 -38.53
CA ARG P 110 54.72 -7.56 -37.68
C ARG P 110 53.51 -7.13 -38.49
N VAL P 111 52.33 -7.17 -37.87
CA VAL P 111 51.08 -6.86 -38.59
C VAL P 111 50.18 -5.88 -37.86
N HIS P 112 49.65 -4.92 -38.59
CA HIS P 112 48.70 -3.96 -38.05
C HIS P 112 47.40 -3.97 -38.81
N ILE P 113 46.30 -3.78 -38.08
CA ILE P 113 45.00 -3.69 -38.73
C ILE P 113 44.32 -2.47 -38.21
N SER P 114 43.59 -1.77 -39.07
CA SER P 114 42.89 -0.58 -38.64
C SER P 114 41.75 -0.95 -37.70
N TYR P 115 41.34 0.01 -36.88
CA TYR P 115 40.27 -0.23 -35.91
C TYR P 115 39.05 0.60 -36.21
N ASP P 116 37.94 0.17 -35.65
CA ASP P 116 36.65 0.83 -35.80
C ASP P 116 36.02 0.92 -34.46
N ILE P 117 36.03 2.11 -33.90
CA ILE P 117 35.54 2.32 -32.56
C ILE P 117 34.16 2.94 -32.46
N ASP P 118 33.70 3.59 -33.52
CA ASP P 118 32.39 4.20 -33.40
C ASP P 118 31.60 4.39 -34.69
N ALA P 119 31.76 3.49 -35.68
CA ALA P 119 30.93 3.62 -36.89
C ALA P 119 29.45 3.42 -36.55
N GLY P 120 29.08 2.18 -36.19
CA GLY P 120 27.70 1.83 -35.82
C GLY P 120 27.18 2.72 -34.71
N GLU P 121 28.06 3.07 -33.76
CA GLU P 121 27.73 3.99 -32.67
C GLU P 121 27.11 5.29 -33.15
N ASN P 122 27.58 5.79 -34.29
CA ASN P 122 27.11 7.04 -34.84
C ASN P 122 26.04 6.85 -35.93
N GLY P 123 25.53 5.63 -36.07
CA GLY P 123 24.54 5.35 -37.10
C GLY P 123 25.19 5.19 -38.47
N ARG P 124 26.51 5.02 -38.52
CA ARG P 124 27.23 4.91 -39.76
C ARG P 124 27.60 3.47 -40.09
N PRO P 125 27.77 3.17 -41.37
CA PRO P 125 28.26 1.92 -41.91
C PRO P 125 29.76 1.88 -41.60
N PRO P 126 30.33 0.69 -41.52
CA PRO P 126 31.73 0.41 -41.22
C PRO P 126 32.62 0.83 -42.35
N LYS P 127 33.86 1.13 -42.03
CA LYS P 127 34.83 1.56 -43.02
C LYS P 127 35.63 0.36 -43.51
N PRO P 128 36.25 0.48 -44.69
CA PRO P 128 37.13 -0.49 -45.32
C PRO P 128 38.29 -0.77 -44.38
N VAL P 129 38.80 -1.98 -44.43
CA VAL P 129 39.86 -2.35 -43.53
C VAL P 129 41.22 -2.10 -44.12
N HIS P 130 42.09 -1.48 -43.33
CA HIS P 130 43.44 -1.22 -43.79
C HIS P 130 44.42 -2.13 -43.11
N LEU P 131 45.40 -2.60 -43.85
CA LEU P 131 46.41 -3.48 -43.29
C LEU P 131 47.80 -3.00 -43.61
N SER P 132 48.73 -3.24 -42.70
CA SER P 132 50.11 -2.93 -42.98
C SER P 132 51.00 -3.95 -42.33
N ALA P 133 52.17 -4.18 -42.90
CA ALA P 133 53.02 -5.19 -42.32
C ALA P 133 54.49 -4.95 -42.59
N LEU P 134 55.30 -5.44 -41.67
CA LEU P 134 56.74 -5.36 -41.79
C LEU P 134 57.33 -6.74 -41.87
N ALA P 135 58.40 -6.92 -42.62
CA ALA P 135 59.00 -8.24 -42.67
C ALA P 135 60.49 -8.24 -42.88
N VAL P 136 61.15 -9.22 -42.26
CA VAL P 136 62.58 -9.43 -42.37
C VAL P 136 62.86 -10.78 -42.97
N TYR P 137 63.62 -10.80 -44.06
CA TYR P 137 63.96 -12.03 -44.75
C TYR P 137 65.39 -12.48 -44.63
N GLU P 138 65.59 -13.75 -44.90
CA GLU P 138 66.92 -14.32 -44.96
C GLU P 138 67.71 -13.63 -46.04
N ARG P 139 68.90 -13.18 -45.69
CA ARG P 139 69.74 -12.44 -46.62
C ARG P 139 69.99 -13.19 -47.92
N GLY P 140 69.79 -12.49 -49.03
CA GLY P 140 69.97 -13.04 -50.37
C GLY P 140 68.64 -13.42 -51.04
N SER P 141 67.56 -13.40 -50.28
CA SER P 141 66.22 -13.72 -50.76
C SER P 141 65.68 -12.63 -51.73
N PRO P 142 64.89 -13.01 -52.75
CA PRO P 142 64.29 -12.17 -53.80
C PRO P 142 63.04 -11.41 -53.35
N LEU P 143 63.27 -10.47 -52.42
CA LEU P 143 62.24 -9.63 -51.79
C LEU P 143 61.22 -9.01 -52.73
N ALA P 144 61.68 -8.58 -53.90
CA ALA P 144 60.82 -7.92 -54.88
C ALA P 144 59.68 -8.79 -55.41
N HIS P 145 59.76 -10.09 -55.18
CA HIS P 145 58.73 -10.97 -55.67
C HIS P 145 57.95 -11.55 -54.51
N GLN P 146 58.67 -11.78 -53.42
CA GLN P 146 58.09 -12.36 -52.21
C GLN P 146 56.99 -11.49 -51.62
N ILE P 147 57.16 -10.19 -51.75
CA ILE P 147 56.16 -9.24 -51.30
C ILE P 147 54.75 -9.49 -51.86
N SER P 148 54.64 -10.16 -53.01
CA SER P 148 53.33 -10.41 -53.58
C SER P 148 52.60 -11.55 -52.88
N ASP P 149 53.33 -12.45 -52.24
CA ASP P 149 52.68 -13.53 -51.51
C ASP P 149 52.05 -12.99 -50.28
N ILE P 150 52.77 -12.10 -49.61
CA ILE P 150 52.26 -11.49 -48.40
C ILE P 150 50.99 -10.76 -48.67
N LYS P 151 51.03 -9.95 -49.72
CA LYS P 151 49.90 -9.13 -50.06
C LYS P 151 48.69 -9.95 -50.49
N ARG P 152 48.90 -11.02 -51.25
CA ARG P 152 47.80 -11.88 -51.66
C ARG P 152 47.17 -12.61 -50.49
N PHE P 153 48.03 -13.13 -49.63
CA PHE P 153 47.60 -13.83 -48.44
C PHE P 153 46.74 -12.97 -47.58
N LEU P 154 47.19 -11.77 -47.29
CA LEU P 154 46.45 -10.86 -46.46
C LEU P 154 45.15 -10.42 -47.10
N LYS P 155 45.14 -10.24 -48.43
CA LYS P 155 43.94 -9.79 -49.11
C LYS P 155 42.73 -10.66 -48.81
N ASN P 156 42.85 -11.97 -48.90
CA ASN P 156 41.71 -12.81 -48.57
C ASN P 156 41.68 -13.29 -47.13
N SER P 157 42.45 -12.66 -46.26
CA SER P 157 42.45 -13.00 -44.85
C SER P 157 41.52 -12.10 -44.06
N PHE P 158 40.73 -11.29 -44.73
CA PHE P 158 39.85 -10.42 -43.97
C PHE P 158 38.69 -9.91 -44.81
N ALA P 159 37.53 -9.86 -44.18
CA ALA P 159 36.23 -9.49 -44.75
C ALA P 159 36.24 -8.53 -45.91
N ASP P 160 36.95 -7.41 -45.82
CA ASP P 160 36.90 -6.46 -46.92
C ASP P 160 38.12 -5.54 -47.01
N VAL P 161 39.12 -6.01 -47.73
CA VAL P 161 40.33 -5.25 -47.99
C VAL P 161 40.57 -5.27 -49.48
N ASP P 162 41.61 -4.58 -49.92
CA ASP P 162 41.94 -4.57 -51.33
C ASP P 162 43.41 -4.27 -51.52
N TYR P 163 43.90 -4.39 -52.75
CA TYR P 163 45.33 -4.23 -53.00
C TYR P 163 45.85 -2.78 -52.89
N ASP P 164 44.98 -1.83 -52.66
CA ASP P 164 45.43 -0.45 -52.49
C ASP P 164 45.45 -0.07 -51.02
N ASN P 165 44.86 -0.90 -50.17
CA ASN P 165 44.79 -0.59 -48.76
C ASN P 165 45.61 -1.57 -47.93
N ILE P 166 46.55 -2.25 -48.57
CA ILE P 166 47.47 -3.15 -47.89
C ILE P 166 48.89 -2.72 -48.19
N SER P 167 49.64 -2.36 -47.16
CA SER P 167 51.01 -1.93 -47.41
C SER P 167 52.04 -2.82 -46.75
N VAL P 168 53.06 -3.18 -47.51
CA VAL P 168 54.11 -4.04 -47.00
C VAL P 168 55.47 -3.40 -47.17
N VAL P 169 56.18 -3.25 -46.06
CA VAL P 169 57.53 -2.71 -46.06
C VAL P 169 58.45 -3.78 -45.52
N LEU P 170 59.49 -4.09 -46.26
CA LEU P 170 60.35 -5.17 -45.84
C LEU P 170 61.80 -5.04 -46.25
N SER P 171 62.62 -5.91 -45.66
CA SER P 171 64.05 -5.96 -45.94
C SER P 171 64.64 -7.30 -45.53
N GLU P 172 65.94 -7.34 -45.31
CA GLU P 172 66.60 -8.57 -44.94
C GLU P 172 67.64 -8.34 -43.87
N ARG P 173 68.03 -9.42 -43.20
CA ARG P 173 68.98 -9.32 -42.10
C ARG P 173 70.36 -8.83 -42.52
N SER P 174 71.10 -8.34 -41.54
CA SER P 174 72.47 -7.84 -41.70
C SER P 174 73.50 -8.96 -41.56
N ASP P 175 74.77 -8.62 -41.74
CA ASP P 175 75.89 -9.55 -41.61
C ASP P 175 75.96 -10.07 -40.17
N ALA P 176 75.74 -11.37 -40.00
CA ALA P 176 75.68 -11.98 -38.68
C ALA P 176 76.94 -11.79 -37.86
N GLN P 177 76.76 -11.42 -36.60
CA GLN P 177 77.90 -11.22 -35.72
C GLN P 177 78.31 -12.55 -35.14
N LEU P 178 79.21 -13.21 -35.85
CA LEU P 178 79.65 -14.54 -35.45
C LEU P 178 81.02 -14.53 -34.74
N GLN P 179 81.53 -13.35 -34.42
CA GLN P 179 82.85 -13.26 -33.78
C GLN P 179 82.81 -12.52 -32.46
N ALA P 180 83.59 -13.01 -31.49
CA ALA P 180 83.64 -12.36 -30.19
C ALA P 180 84.40 -11.02 -30.29
N PRO P 181 83.94 -10.00 -29.56
CA PRO P 181 84.52 -8.66 -29.43
C PRO P 181 85.98 -8.64 -29.01
N GLY P 182 86.34 -9.46 -28.04
CA GLY P 182 87.71 -9.54 -27.57
C GLY P 182 87.89 -8.71 -26.31
N THR P 183 88.94 -9.02 -25.55
CA THR P 183 89.22 -8.32 -24.32
C THR P 183 90.07 -7.08 -24.59
N PRO P 184 90.18 -6.17 -23.63
CA PRO P 184 91.00 -4.96 -23.65
C PRO P 184 92.46 -5.32 -23.52
N VAL P 185 93.32 -4.46 -24.02
CA VAL P 185 94.75 -4.72 -23.97
C VAL P 185 95.36 -4.20 -22.68
N LYS P 186 95.80 -5.14 -21.84
CA LYS P 186 96.46 -4.82 -20.58
C LYS P 186 96.92 -6.10 -19.89
N ALA Q 42 101.94 -5.72 -29.68
CA ALA Q 42 100.52 -5.64 -29.96
C ALA Q 42 100.28 -5.33 -31.43
N GLU Q 43 100.65 -6.27 -32.30
CA GLU Q 43 100.45 -6.07 -33.73
C GLU Q 43 98.98 -5.80 -34.03
N LEU Q 44 98.72 -4.71 -34.72
CA LEU Q 44 97.38 -4.27 -35.05
C LEU Q 44 96.52 -5.36 -35.70
N ASP Q 45 97.13 -6.17 -36.55
CA ASP Q 45 96.41 -7.26 -37.19
C ASP Q 45 95.80 -8.23 -36.19
N SER Q 46 96.48 -8.43 -35.05
CA SER Q 46 95.98 -9.32 -34.03
C SER Q 46 95.00 -8.60 -33.12
N LEU Q 47 95.11 -7.27 -33.06
CA LEU Q 47 94.19 -6.48 -32.25
C LEU Q 47 92.80 -6.44 -32.88
N LEU Q 48 92.75 -6.40 -34.22
CA LEU Q 48 91.50 -6.42 -34.95
C LEU Q 48 90.89 -7.81 -34.95
N GLY Q 49 89.58 -7.88 -35.19
CA GLY Q 49 88.76 -9.12 -35.18
C GLY Q 49 89.39 -10.41 -35.77
N GLN Q 50 88.76 -11.54 -35.46
CA GLN Q 50 89.19 -12.87 -35.91
C GLN Q 50 89.28 -12.96 -37.41
N GLU Q 51 88.28 -12.43 -38.10
CA GLU Q 51 88.30 -12.44 -39.54
C GLU Q 51 89.07 -11.22 -40.00
N LYS Q 52 90.39 -11.34 -39.96
CA LYS Q 52 91.30 -10.27 -40.32
C LYS Q 52 91.13 -9.76 -41.75
N GLU Q 53 90.47 -10.54 -42.60
CA GLU Q 53 90.27 -10.16 -43.98
C GLU Q 53 89.17 -9.10 -44.16
N ARG Q 54 88.56 -8.67 -43.07
CA ARG Q 54 87.57 -7.60 -43.13
C ARG Q 54 88.24 -6.24 -43.17
N PHE Q 55 89.54 -6.18 -42.85
CA PHE Q 55 90.23 -4.90 -42.79
C PHE Q 55 91.49 -4.89 -43.62
N GLN Q 56 91.80 -3.74 -44.19
CA GLN Q 56 93.06 -3.62 -44.90
C GLN Q 56 93.94 -2.60 -44.20
N VAL Q 57 94.96 -3.08 -43.51
CA VAL Q 57 95.85 -2.18 -42.83
C VAL Q 57 96.83 -1.57 -43.80
N LEU Q 58 96.96 -0.26 -43.75
CA LEU Q 58 97.79 0.50 -44.67
C LEU Q 58 98.88 1.27 -43.93
N PRO Q 59 100.07 1.40 -44.49
CA PRO Q 59 101.18 2.09 -43.83
C PRO Q 59 101.41 3.45 -44.46
N GLY Q 60 100.83 4.49 -43.88
CA GLY Q 60 100.95 5.83 -44.43
C GLY Q 60 102.35 6.40 -44.28
N ARG Q 61 102.73 7.26 -45.23
CA ARG Q 61 104.04 7.89 -45.24
C ARG Q 61 104.22 8.91 -44.11
N ASP Q 62 103.10 9.29 -43.50
CA ASP Q 62 103.08 10.19 -42.36
C ASP Q 62 103.27 9.47 -41.02
N LYS Q 63 103.69 8.20 -41.06
CA LYS Q 63 103.92 7.38 -39.86
C LYS Q 63 102.64 7.00 -39.14
N MET Q 64 101.51 7.13 -39.82
CA MET Q 64 100.24 6.74 -39.25
C MET Q 64 99.79 5.44 -39.89
N LEU Q 65 99.42 4.49 -39.06
CA LEU Q 65 98.99 3.21 -39.56
C LEU Q 65 97.48 3.29 -39.75
N TYR Q 66 97.04 3.09 -40.98
CA TYR Q 66 95.64 3.25 -41.30
C TYR Q 66 94.87 1.96 -41.36
N VAL Q 67 93.59 2.00 -41.00
CA VAL Q 67 92.74 0.82 -41.07
C VAL Q 67 91.60 1.03 -42.04
N ALA Q 68 91.69 0.46 -43.22
CA ALA Q 68 90.62 0.65 -44.19
C ALA Q 68 89.49 -0.32 -43.92
N ALA Q 69 88.30 0.24 -43.71
CA ALA Q 69 87.10 -0.53 -43.46
C ALA Q 69 86.11 -0.32 -44.61
N GLN Q 70 85.36 -1.36 -44.93
CA GLN Q 70 84.41 -1.31 -46.02
C GLN Q 70 82.98 -1.01 -45.59
N ASN Q 71 82.76 -0.91 -44.29
CA ASN Q 71 81.42 -0.68 -43.76
C ASN Q 71 81.46 0.02 -42.44
N GLU Q 72 80.50 0.92 -42.20
CA GLU Q 72 80.45 1.67 -40.95
C GLU Q 72 80.41 0.81 -39.68
N ARG Q 73 79.98 -0.45 -39.79
CA ARG Q 73 80.01 -1.33 -38.64
C ARG Q 73 81.43 -1.76 -38.33
N ASP Q 74 82.24 -1.85 -39.37
CA ASP Q 74 83.61 -2.26 -39.22
C ASP Q 74 84.43 -1.05 -38.86
N THR Q 75 83.97 0.12 -39.33
CA THR Q 75 84.60 1.37 -38.98
C THR Q 75 84.53 1.53 -37.48
N LEU Q 76 83.34 1.37 -36.92
CA LEU Q 76 83.16 1.48 -35.49
C LEU Q 76 83.93 0.41 -34.75
N TRP Q 77 83.92 -0.82 -35.28
CA TRP Q 77 84.66 -1.91 -34.67
C TRP Q 77 86.10 -1.50 -34.42
N ALA Q 78 86.77 -1.07 -35.48
CA ALA Q 78 88.16 -0.65 -35.43
C ALA Q 78 88.38 0.53 -34.50
N ARG Q 79 87.45 1.48 -34.50
CA ARG Q 79 87.59 2.63 -33.63
C ARG Q 79 87.53 2.21 -32.17
N GLN Q 80 86.66 1.24 -31.87
CA GLN Q 80 86.57 0.75 -30.52
C GLN Q 80 87.83 0.04 -30.13
N VAL Q 81 88.46 -0.66 -31.07
CA VAL Q 81 89.74 -1.31 -30.79
C VAL Q 81 90.78 -0.29 -30.39
N LEU Q 82 90.87 0.79 -31.14
CA LEU Q 82 91.86 1.83 -30.85
C LEU Q 82 91.61 2.50 -29.49
N ALA Q 83 90.35 2.70 -29.13
CA ALA Q 83 90.01 3.32 -27.85
C ALA Q 83 90.10 2.33 -26.67
N ARG Q 84 89.74 1.07 -26.92
CA ARG Q 84 89.72 0.03 -25.88
C ARG Q 84 91.09 -0.52 -25.58
N GLY Q 85 91.76 -0.98 -26.62
CA GLY Q 85 93.07 -1.57 -26.48
C GLY Q 85 94.12 -0.50 -26.66
N ASP Q 86 95.27 -0.90 -27.15
CA ASP Q 86 96.32 0.07 -27.34
C ASP Q 86 97.28 -0.35 -28.41
N TYR Q 87 97.96 0.63 -28.93
CA TYR Q 87 98.96 0.47 -29.95
C TYR Q 87 99.81 1.72 -29.97
N ASP Q 88 101.06 1.59 -29.57
CA ASP Q 88 101.96 2.74 -29.49
C ASP Q 88 102.41 3.24 -30.85
N LYS Q 89 101.52 3.92 -31.54
CA LYS Q 89 101.78 4.48 -32.86
C LYS Q 89 100.55 5.18 -33.40
N ASN Q 90 100.78 6.26 -34.13
CA ASN Q 90 99.69 6.97 -34.76
C ASN Q 90 98.84 6.00 -35.55
N ALA Q 91 97.53 6.15 -35.47
CA ALA Q 91 96.64 5.27 -36.19
C ALA Q 91 95.33 5.97 -36.51
N ARG Q 92 94.69 5.55 -37.60
CA ARG Q 92 93.45 6.19 -38.00
C ARG Q 92 92.62 5.32 -38.94
N VAL Q 93 91.35 5.16 -38.60
CA VAL Q 93 90.45 4.33 -39.39
C VAL Q 93 89.92 5.08 -40.62
N ILE Q 94 90.02 4.40 -41.77
CA ILE Q 94 89.55 4.92 -43.04
C ILE Q 94 88.19 4.41 -43.46
N ASN Q 95 87.35 5.32 -43.91
CA ASN Q 95 86.02 5.01 -44.38
C ASN Q 95 85.77 5.70 -45.71
N GLU Q 96 85.57 4.89 -46.74
CA GLU Q 96 85.39 5.35 -48.12
C GLU Q 96 84.53 6.60 -48.28
N ASN Q 97 83.35 6.62 -47.65
CA ASN Q 97 82.49 7.78 -47.77
C ASN Q 97 83.00 8.96 -46.98
N GLU Q 98 83.56 8.69 -45.81
CA GLU Q 98 84.06 9.78 -44.99
C GLU Q 98 85.24 10.46 -45.65
N GLU Q 99 86.07 9.66 -46.33
CA GLU Q 99 87.22 10.21 -47.01
C GLU Q 99 86.82 10.94 -48.25
N ASN Q 100 85.80 10.43 -48.94
CA ASN Q 100 85.32 11.10 -50.13
C ASN Q 100 84.86 12.49 -49.73
N LYS Q 101 84.13 12.58 -48.61
CA LYS Q 101 83.65 13.86 -48.10
C LYS Q 101 84.78 14.78 -47.65
N ARG Q 102 85.73 14.26 -46.89
CA ARG Q 102 86.85 15.06 -46.41
C ARG Q 102 87.55 15.75 -47.55
N ILE Q 103 87.83 14.98 -48.59
CA ILE Q 103 88.48 15.52 -49.75
C ILE Q 103 87.63 16.56 -50.44
N SER Q 104 86.34 16.27 -50.63
CA SER Q 104 85.49 17.23 -51.33
C SER Q 104 85.42 18.57 -50.64
N ILE Q 105 85.56 18.59 -49.32
CA ILE Q 105 85.57 19.85 -48.59
C ILE Q 105 86.77 20.70 -48.96
N TRP Q 106 87.94 20.10 -48.84
CA TRP Q 106 89.18 20.78 -49.16
C TRP Q 106 89.19 21.21 -50.61
N LEU Q 107 88.75 20.31 -51.45
CA LEU Q 107 88.74 20.49 -52.87
C LEU Q 107 87.87 21.65 -53.27
N ASP Q 108 86.69 21.79 -52.67
CA ASP Q 108 85.84 22.93 -53.00
C ASP Q 108 86.50 24.27 -52.64
N THR Q 109 87.20 24.32 -51.50
CA THR Q 109 87.87 25.56 -51.08
C THR Q 109 89.01 25.98 -52.00
N TYR Q 110 89.88 25.03 -52.36
CA TYR Q 110 91.04 25.35 -53.18
C TYR Q 110 90.78 25.28 -54.67
N TYR Q 111 89.87 24.42 -55.08
CA TYR Q 111 89.46 24.31 -56.47
C TYR Q 111 87.96 24.47 -56.64
N PRO Q 112 87.40 25.65 -56.37
CA PRO Q 112 86.01 25.97 -56.47
C PRO Q 112 85.65 25.90 -57.93
N GLN Q 113 84.41 25.53 -58.19
CA GLN Q 113 83.86 25.33 -59.53
C GLN Q 113 84.41 24.09 -60.25
N LEU Q 114 85.27 23.29 -59.61
CA LEU Q 114 85.75 22.07 -60.25
C LEU Q 114 84.61 21.10 -60.43
N ALA Q 115 84.40 20.62 -61.66
CA ALA Q 115 83.32 19.68 -61.89
C ALA Q 115 83.81 18.25 -61.80
N TYR Q 116 83.34 17.51 -60.81
CA TYR Q 116 83.79 16.14 -60.62
C TYR Q 116 82.68 15.27 -60.06
N TYR Q 117 82.94 13.96 -60.04
CA TYR Q 117 81.93 12.99 -59.61
C TYR Q 117 82.24 12.34 -58.28
N ARG Q 118 83.09 11.34 -58.27
CA ARG Q 118 83.36 10.63 -57.03
C ARG Q 118 84.69 9.91 -57.07
N ILE Q 119 85.34 9.82 -55.92
CA ILE Q 119 86.59 9.11 -55.83
C ILE Q 119 86.36 7.64 -55.52
N HIS Q 120 86.91 6.78 -56.35
CA HIS Q 120 86.79 5.36 -56.18
C HIS Q 120 88.02 4.84 -55.52
N PHE Q 121 87.91 4.49 -54.25
CA PHE Q 121 89.07 4.09 -53.50
C PHE Q 121 89.54 2.68 -53.83
N ASP Q 122 88.59 1.75 -53.98
CA ASP Q 122 88.87 0.34 -54.36
C ASP Q 122 90.22 -0.17 -53.88
N GLU Q 123 91.27 0.07 -54.68
CA GLU Q 123 92.63 -0.31 -54.32
C GLU Q 123 93.35 0.87 -53.68
N PRO Q 124 93.22 1.04 -52.35
CA PRO Q 124 93.79 2.13 -51.53
C PRO Q 124 94.96 2.90 -52.16
N ARG Q 125 95.97 2.17 -52.58
CA ARG Q 125 97.20 2.68 -53.17
C ARG Q 125 97.00 3.65 -54.33
N LYS Q 126 96.04 3.33 -55.19
CA LYS Q 126 95.78 4.11 -56.38
C LYS Q 126 94.30 4.34 -56.61
N PRO Q 127 93.67 5.27 -55.89
CA PRO Q 127 92.28 5.64 -55.99
C PRO Q 127 92.06 6.36 -57.30
N VAL Q 128 90.86 6.24 -57.84
CA VAL Q 128 90.52 6.84 -59.11
C VAL Q 128 89.62 8.04 -58.93
N PHE Q 129 89.96 9.13 -59.56
CA PHE Q 129 89.20 10.35 -59.41
C PHE Q 129 88.40 10.63 -60.67
N TRP Q 130 87.07 10.50 -60.61
CA TRP Q 130 86.29 10.82 -61.80
C TRP Q 130 86.06 12.32 -61.91
N LEU Q 131 86.43 12.85 -63.07
CA LEU Q 131 86.40 14.28 -63.39
C LEU Q 131 85.51 14.54 -64.61
N SER Q 132 84.69 15.58 -64.58
CA SER Q 132 83.83 15.83 -65.74
C SER Q 132 84.63 16.22 -66.98
N ARG Q 133 84.65 15.33 -67.97
CA ARG Q 133 85.37 15.54 -69.21
C ARG Q 133 84.91 16.78 -69.95
N GLN Q 134 83.60 16.96 -70.02
CA GLN Q 134 83.03 18.04 -70.79
C GLN Q 134 83.03 19.39 -70.09
N ARG Q 135 82.82 19.41 -68.78
CA ARG Q 135 82.77 20.70 -68.10
C ARG Q 135 84.12 21.28 -67.71
N ASN Q 136 85.15 20.45 -67.55
CA ASN Q 136 86.45 21.01 -67.17
C ASN Q 136 87.33 21.25 -68.37
N THR Q 137 88.05 22.37 -68.32
CA THR Q 137 88.94 22.78 -69.39
C THR Q 137 90.38 22.93 -68.90
N MET Q 138 90.72 22.21 -67.83
CA MET Q 138 92.06 22.28 -67.26
C MET Q 138 93.10 21.69 -68.21
N SER Q 139 94.30 22.24 -68.19
CA SER Q 139 95.38 21.74 -69.02
C SER Q 139 95.98 20.53 -68.37
N LYS Q 140 96.74 19.77 -69.15
CA LYS Q 140 97.40 18.58 -68.65
C LYS Q 140 98.29 18.89 -67.45
N LYS Q 141 99.00 20.01 -67.53
CA LYS Q 141 99.89 20.43 -66.45
C LYS Q 141 99.10 20.77 -65.21
N GLU Q 142 97.96 21.43 -65.39
CA GLU Q 142 97.11 21.77 -64.27
C GLU Q 142 96.58 20.53 -63.60
N LEU Q 143 96.23 19.52 -64.41
CA LEU Q 143 95.74 18.26 -63.87
C LEU Q 143 96.84 17.54 -63.10
N GLU Q 144 98.08 17.66 -63.56
CA GLU Q 144 99.20 17.09 -62.81
C GLU Q 144 99.23 17.65 -61.42
N VAL Q 145 99.17 18.97 -61.32
CA VAL Q 145 99.18 19.66 -60.05
C VAL Q 145 98.05 19.22 -59.16
N LEU Q 146 96.85 19.14 -59.75
CA LEU Q 146 95.67 18.70 -59.03
C LEU Q 146 95.89 17.35 -58.39
N SER Q 147 96.42 16.38 -59.16
CA SER Q 147 96.65 15.05 -58.61
C SER Q 147 97.65 15.08 -57.49
N GLN Q 148 98.63 15.98 -57.59
CA GLN Q 148 99.63 16.11 -56.54
C GLN Q 148 99.03 16.61 -55.26
N LYS Q 149 98.08 17.52 -55.37
CA LYS Q 149 97.42 18.04 -54.19
C LYS Q 149 96.58 16.94 -53.54
N LEU Q 150 95.96 16.12 -54.39
CA LEU Q 150 95.16 15.02 -53.88
C LEU Q 150 96.07 14.01 -53.18
N ARG Q 151 97.28 13.79 -53.71
CA ARG Q 151 98.21 12.88 -53.06
C ARG Q 151 98.55 13.40 -51.68
N ALA Q 152 98.71 14.71 -51.55
CA ALA Q 152 98.98 15.32 -50.25
C ALA Q 152 97.83 15.05 -49.28
N LEU Q 153 96.60 15.10 -49.78
CA LEU Q 153 95.43 14.84 -48.95
C LEU Q 153 95.31 13.39 -48.49
N MET Q 154 95.91 12.46 -49.24
CA MET Q 154 95.87 11.03 -48.92
C MET Q 154 97.25 10.42 -48.62
N PRO Q 155 97.71 10.49 -47.35
CA PRO Q 155 98.97 10.01 -46.78
C PRO Q 155 99.34 8.58 -47.16
N TYR Q 156 98.33 7.75 -47.40
CA TYR Q 156 98.58 6.35 -47.75
C TYR Q 156 98.72 6.14 -49.25
N ALA Q 157 97.86 6.78 -50.02
CA ALA Q 157 97.84 6.63 -51.46
C ALA Q 157 99.20 6.97 -52.03
N ASP Q 158 99.63 6.20 -53.02
CA ASP Q 158 100.91 6.43 -53.64
C ASP Q 158 100.76 7.39 -54.79
N SER Q 159 99.64 7.27 -55.50
CA SER Q 159 99.36 8.17 -56.61
C SER Q 159 97.87 8.26 -56.83
N VAL Q 160 97.45 9.24 -57.60
CA VAL Q 160 96.03 9.42 -57.87
C VAL Q 160 95.77 9.33 -59.36
N ASN Q 161 94.82 8.49 -59.73
CA ASN Q 161 94.50 8.35 -61.14
C ASN Q 161 93.32 9.19 -61.53
N ILE Q 162 93.58 10.42 -61.96
CA ILE Q 162 92.50 11.27 -62.42
C ILE Q 162 92.12 10.89 -63.83
N THR Q 163 90.82 10.70 -64.04
CA THR Q 163 90.34 10.34 -65.36
C THR Q 163 89.08 11.10 -65.67
N LEU Q 164 88.87 11.38 -66.93
CA LEU Q 164 87.76 12.20 -67.36
C LEU Q 164 86.59 11.34 -67.84
N MET Q 165 85.41 11.62 -67.31
CA MET Q 165 84.19 10.89 -67.64
C MET Q 165 83.23 11.73 -68.47
N ASP Q 166 82.48 11.09 -69.36
CA ASP Q 166 81.55 11.82 -70.19
C ASP Q 166 80.18 11.97 -69.54
N ASP Q 167 79.83 13.22 -69.23
CA ASP Q 167 78.57 13.58 -68.58
C ASP Q 167 77.34 12.94 -69.21
N VAL Q 168 77.37 12.76 -70.52
CA VAL Q 168 76.27 12.16 -71.24
C VAL Q 168 76.02 10.73 -70.83
N THR Q 169 77.10 9.98 -70.62
CA THR Q 169 76.95 8.58 -70.28
C THR Q 169 76.45 8.43 -68.87
N ALA Q 170 76.80 9.39 -68.02
CA ALA Q 170 76.30 9.36 -66.64
C ALA Q 170 74.78 9.51 -66.66
N ALA Q 171 74.31 10.52 -67.38
CA ALA Q 171 72.88 10.76 -67.48
C ALA Q 171 72.16 9.64 -68.18
N GLY Q 172 72.78 9.10 -69.23
CA GLY Q 172 72.20 8.01 -69.99
C GLY Q 172 71.92 6.80 -69.13
N GLN Q 173 72.89 6.42 -68.31
CA GLN Q 173 72.70 5.27 -67.44
C GLN Q 173 71.62 5.52 -66.41
N ALA Q 174 71.58 6.74 -65.85
CA ALA Q 174 70.58 7.08 -64.86
C ALA Q 174 69.18 6.88 -65.41
N GLU Q 175 68.92 7.42 -66.58
CA GLU Q 175 67.60 7.31 -67.15
C GLU Q 175 67.29 5.91 -67.64
N ALA Q 176 68.26 5.27 -68.29
CA ALA Q 176 68.05 3.93 -68.83
C ALA Q 176 67.61 2.94 -67.77
N GLY Q 177 68.33 2.90 -66.65
CA GLY Q 177 67.97 1.97 -65.59
C GLY Q 177 66.63 2.32 -64.98
N LEU Q 178 66.39 3.62 -64.81
CA LEU Q 178 65.15 4.12 -64.24
C LEU Q 178 63.94 3.64 -65.03
N LYS Q 179 64.00 3.79 -66.36
CA LYS Q 179 62.89 3.34 -67.19
C LYS Q 179 62.88 1.82 -67.35
N GLN Q 180 64.03 1.15 -67.21
CA GLN Q 180 64.06 -0.31 -67.26
C GLN Q 180 63.20 -0.90 -66.15
N GLN Q 181 63.27 -0.26 -64.98
CA GLN Q 181 62.48 -0.66 -63.83
C GLN Q 181 60.98 -0.33 -63.96
N ALA Q 182 60.57 0.25 -65.09
CA ALA Q 182 59.19 0.62 -65.38
C ALA Q 182 58.67 1.68 -64.44
N LEU Q 183 59.57 2.57 -64.01
CA LEU Q 183 59.17 3.61 -63.09
C LEU Q 183 58.75 4.85 -63.86
N PRO Q 184 57.76 5.59 -63.39
CA PRO Q 184 57.27 6.85 -63.89
C PRO Q 184 58.22 7.93 -63.45
N TYR Q 185 58.50 8.89 -64.31
CA TYR Q 185 59.39 9.97 -63.92
C TYR Q 185 59.33 11.11 -64.89
N SER Q 186 59.93 12.23 -64.51
CA SER Q 186 60.05 13.34 -65.41
C SER Q 186 61.43 13.95 -65.27
N ARG Q 187 62.16 13.97 -66.37
CA ARG Q 187 63.53 14.45 -66.40
C ARG Q 187 63.61 15.98 -66.40
N ARG Q 188 64.61 16.50 -65.70
CA ARG Q 188 64.84 17.93 -65.60
C ARG Q 188 66.26 18.30 -65.96
N ASN Q 189 66.50 18.57 -67.23
CA ASN Q 189 67.83 18.99 -67.64
C ASN Q 189 68.03 20.44 -67.30
N HIS Q 190 69.19 20.76 -66.75
CA HIS Q 190 69.50 22.16 -66.47
C HIS Q 190 70.99 22.35 -66.57
N LYS Q 191 71.43 23.59 -66.64
CA LYS Q 191 72.85 23.81 -66.76
C LYS Q 191 73.53 23.29 -65.51
N GLY Q 192 74.50 22.40 -65.69
CA GLY Q 192 75.25 21.85 -64.58
C GLY Q 192 74.70 20.54 -64.01
N GLY Q 193 73.56 20.04 -64.48
CA GLY Q 193 73.07 18.79 -63.91
C GLY Q 193 71.72 18.33 -64.44
N VAL Q 194 71.20 17.27 -63.83
CA VAL Q 194 69.90 16.75 -64.22
C VAL Q 194 69.18 16.13 -63.04
N THR Q 195 67.88 16.41 -62.94
CA THR Q 195 67.09 15.86 -61.85
C THR Q 195 65.95 14.97 -62.36
N PHE Q 196 65.76 13.83 -61.72
CA PHE Q 196 64.71 12.90 -62.11
C PHE Q 196 63.60 12.89 -61.07
N VAL Q 197 62.48 13.50 -61.43
CA VAL Q 197 61.35 13.65 -60.54
C VAL Q 197 60.38 12.49 -60.61
N ILE Q 198 60.10 11.89 -59.46
CA ILE Q 198 59.16 10.79 -59.40
C ILE Q 198 58.01 11.13 -58.45
N GLN Q 199 56.85 11.46 -59.00
CA GLN Q 199 55.71 11.84 -58.18
C GLN Q 199 54.51 10.94 -58.36
N GLY Q 200 53.52 11.15 -57.50
CA GLY Q 200 52.28 10.40 -57.53
C GLY Q 200 52.25 9.31 -56.48
N ALA Q 201 51.13 8.62 -56.39
CA ALA Q 201 51.03 7.51 -55.46
C ALA Q 201 51.82 6.36 -56.01
N LEU Q 202 52.51 5.64 -55.15
CA LEU Q 202 53.34 4.54 -55.62
C LEU Q 202 52.99 3.21 -54.99
N ASP Q 203 53.06 2.16 -55.80
CA ASP Q 203 52.86 0.80 -55.36
C ASP Q 203 54.05 0.35 -54.55
N ASP Q 204 53.84 -0.34 -53.46
CA ASP Q 204 54.95 -0.81 -52.62
C ASP Q 204 56.05 -1.53 -53.41
N VAL Q 205 55.67 -2.21 -54.48
CA VAL Q 205 56.63 -2.94 -55.28
C VAL Q 205 57.54 -1.98 -56.02
N GLU Q 206 56.95 -1.00 -56.70
CA GLU Q 206 57.75 -0.03 -57.43
C GLU Q 206 58.53 0.88 -56.50
N ILE Q 207 58.06 1.04 -55.27
CA ILE Q 207 58.84 1.83 -54.32
C ILE Q 207 60.14 1.13 -54.01
N LEU Q 208 60.06 -0.18 -53.73
CA LEU Q 208 61.24 -0.96 -53.47
C LEU Q 208 62.22 -0.90 -54.62
N ARG Q 209 61.71 -1.15 -55.83
CA ARG Q 209 62.54 -1.12 -57.01
C ARG Q 209 63.23 0.21 -57.21
N ALA Q 210 62.49 1.30 -57.00
CA ALA Q 210 63.04 2.62 -57.18
C ALA Q 210 64.21 2.87 -56.26
N ARG Q 211 64.06 2.55 -54.98
CA ARG Q 211 65.15 2.78 -54.07
C ARG Q 211 66.37 1.97 -54.40
N GLN Q 212 66.18 0.69 -54.74
CA GLN Q 212 67.32 -0.16 -55.07
C GLN Q 212 68.15 0.43 -56.19
N PHE Q 213 67.46 0.89 -57.23
CA PHE Q 213 68.13 1.52 -58.35
C PHE Q 213 68.89 2.75 -57.96
N VAL Q 214 68.22 3.65 -57.25
CA VAL Q 214 68.83 4.91 -56.85
C VAL Q 214 70.06 4.71 -56.01
N ASP Q 215 69.98 3.83 -55.02
CA ASP Q 215 71.14 3.57 -54.17
C ASP Q 215 72.33 3.10 -54.97
N SER Q 216 72.11 2.21 -55.93
CA SER Q 216 73.21 1.73 -56.75
C SER Q 216 73.81 2.80 -57.62
N TYR Q 217 72.98 3.63 -58.23
CA TYR Q 217 73.48 4.71 -59.07
C TYR Q 217 74.35 5.65 -58.25
N TYR Q 218 73.85 6.02 -57.08
CA TYR Q 218 74.57 6.88 -56.18
C TYR Q 218 75.91 6.28 -55.82
N ARG Q 219 75.90 5.03 -55.38
CA ARG Q 219 77.13 4.35 -55.02
C ARG Q 219 78.19 4.43 -56.10
N THR Q 220 77.79 4.27 -57.35
CA THR Q 220 78.74 4.33 -58.46
C THR Q 220 79.15 5.75 -58.84
N TRP Q 221 78.21 6.52 -59.34
CA TRP Q 221 78.51 7.85 -59.84
C TRP Q 221 78.51 8.95 -58.80
N GLY Q 222 77.70 8.81 -57.78
CA GLY Q 222 77.59 9.86 -56.77
C GLY Q 222 76.45 10.80 -57.14
N GLY Q 223 76.10 11.69 -56.23
CA GLY Q 223 74.97 12.60 -56.45
C GLY Q 223 75.35 14.04 -56.82
N ARG Q 224 76.46 14.25 -57.50
CA ARG Q 224 76.85 15.61 -57.85
C ARG Q 224 76.35 16.07 -59.22
N TYR Q 225 75.91 15.14 -60.04
CA TYR Q 225 75.41 15.52 -61.36
C TYR Q 225 73.96 15.09 -61.51
N VAL Q 226 73.70 13.83 -61.18
CA VAL Q 226 72.35 13.30 -61.23
C VAL Q 226 71.70 13.31 -59.87
N GLN Q 227 70.56 13.97 -59.79
CA GLN Q 227 69.80 14.05 -58.55
C GLN Q 227 68.46 13.38 -58.71
N PHE Q 228 68.12 12.46 -57.82
CA PHE Q 228 66.82 11.82 -57.91
C PHE Q 228 65.89 12.44 -56.89
N ALA Q 229 64.60 12.45 -57.20
CA ALA Q 229 63.63 13.10 -56.32
C ALA Q 229 62.35 12.29 -56.18
N ILE Q 230 62.36 11.33 -55.26
CA ILE Q 230 61.18 10.51 -55.03
C ILE Q 230 60.22 11.22 -54.10
N GLU Q 231 59.00 11.45 -54.57
CA GLU Q 231 58.00 12.15 -53.80
C GLU Q 231 56.67 11.41 -53.77
N LEU Q 232 56.43 10.70 -52.68
CA LEU Q 232 55.22 9.92 -52.50
C LEU Q 232 54.05 10.85 -52.19
N LYS Q 233 53.14 11.00 -53.14
CA LYS Q 233 52.01 11.93 -52.99
C LYS Q 233 50.66 11.35 -53.39
N ASP Q 234 49.59 11.95 -52.87
CA ASP Q 234 48.24 11.53 -53.22
C ASP Q 234 47.79 12.07 -54.56
N ASP Q 235 46.98 11.29 -55.26
CA ASP Q 235 46.44 11.67 -56.55
C ASP Q 235 44.93 11.87 -56.48
N ASP R 3 80.78 -23.00 -21.96
CA ASP R 3 79.94 -23.24 -20.80
C ASP R 3 79.21 -21.98 -20.38
N LYS R 4 78.33 -21.49 -21.26
CA LYS R 4 77.59 -20.28 -20.96
C LYS R 4 76.10 -20.53 -20.88
N ASP R 5 75.43 -19.80 -19.99
CA ASP R 5 73.99 -19.93 -19.87
C ASP R 5 73.33 -19.05 -20.90
N LEU R 6 72.44 -19.61 -21.69
CA LEU R 6 71.77 -18.85 -22.72
C LEU R 6 70.32 -18.57 -22.31
N LEU R 7 69.54 -19.64 -22.14
CA LEU R 7 68.13 -19.50 -21.74
C LEU R 7 67.78 -20.34 -20.51
N LYS R 8 66.82 -19.86 -19.72
CA LYS R 8 66.38 -20.59 -18.54
C LYS R 8 64.87 -20.54 -18.36
N GLY R 9 64.32 -21.58 -17.74
CA GLY R 9 62.88 -21.60 -17.45
C GLY R 9 62.03 -21.88 -18.67
N LEU R 10 62.58 -22.57 -19.65
CA LEU R 10 61.85 -22.85 -20.86
C LEU R 10 60.91 -24.01 -20.69
N ASP R 11 59.82 -24.00 -21.44
CA ASP R 11 58.97 -25.17 -21.36
C ASP R 11 59.51 -26.14 -22.39
N GLN R 12 58.89 -27.31 -22.48
CA GLN R 12 59.39 -28.34 -23.37
C GLN R 12 59.43 -27.94 -24.83
N GLU R 13 58.33 -27.38 -25.32
CA GLU R 13 58.22 -26.96 -26.72
C GLU R 13 59.27 -25.94 -27.10
N GLN R 14 59.36 -24.89 -26.29
CA GLN R 14 60.31 -23.80 -26.52
C GLN R 14 61.71 -24.31 -26.57
N ALA R 15 62.07 -25.16 -25.59
CA ALA R 15 63.42 -25.68 -25.52
C ALA R 15 63.80 -26.40 -26.79
N ASN R 16 62.93 -27.28 -27.26
CA ASN R 16 63.25 -28.03 -28.47
C ASN R 16 63.31 -27.14 -29.71
N GLU R 17 62.47 -26.12 -29.77
CA GLU R 17 62.47 -25.23 -30.92
C GLU R 17 63.75 -24.41 -31.03
N VAL R 18 64.19 -23.86 -29.90
CA VAL R 18 65.40 -23.06 -29.89
C VAL R 18 66.59 -23.89 -30.28
N ILE R 19 66.67 -25.11 -29.75
CA ILE R 19 67.74 -26.00 -30.07
C ILE R 19 67.81 -26.30 -31.54
N ALA R 20 66.65 -26.56 -32.15
CA ALA R 20 66.59 -26.84 -33.57
C ALA R 20 67.27 -25.74 -34.38
N VAL R 21 66.97 -24.50 -34.04
CA VAL R 21 67.56 -23.36 -34.74
C VAL R 21 69.07 -23.29 -34.58
N LEU R 22 69.54 -23.48 -33.35
CA LEU R 22 70.96 -23.42 -33.09
C LEU R 22 71.72 -24.47 -33.86
N GLN R 23 71.17 -25.68 -33.92
CA GLN R 23 71.81 -26.76 -34.65
C GLN R 23 71.85 -26.46 -36.12
N MET R 24 70.76 -25.90 -36.65
CA MET R 24 70.70 -25.51 -38.04
C MET R 24 71.82 -24.55 -38.41
N HIS R 25 72.18 -23.68 -37.48
CA HIS R 25 73.27 -22.74 -37.72
C HIS R 25 74.62 -23.20 -37.19
N ASN R 26 74.79 -24.51 -37.04
CA ASN R 26 76.05 -25.10 -36.61
C ASN R 26 76.47 -24.79 -35.19
N ILE R 27 75.51 -24.85 -34.26
CA ILE R 27 75.80 -24.63 -32.85
C ILE R 27 75.27 -25.77 -31.98
N GLU R 28 76.17 -26.43 -31.26
CA GLU R 28 75.76 -27.48 -30.33
C GLU R 28 75.07 -26.85 -29.12
N ALA R 29 74.10 -27.55 -28.55
CA ALA R 29 73.39 -26.99 -27.41
C ALA R 29 72.97 -28.07 -26.44
N ASN R 30 73.01 -27.75 -25.15
CA ASN R 30 72.64 -28.69 -24.12
C ASN R 30 71.27 -28.36 -23.57
N LYS R 31 70.43 -29.37 -23.41
CA LYS R 31 69.14 -29.17 -22.77
C LYS R 31 69.18 -29.72 -21.37
N ILE R 32 69.04 -28.85 -20.38
CA ILE R 32 69.13 -29.26 -19.01
C ILE R 32 67.79 -29.25 -18.31
N ASP R 33 67.41 -30.40 -17.79
CA ASP R 33 66.16 -30.57 -17.07
C ASP R 33 66.32 -30.22 -15.60
N SER R 34 65.75 -29.09 -15.18
CA SER R 34 65.83 -28.65 -13.78
C SER R 34 64.52 -28.89 -13.04
N GLY R 35 63.75 -29.88 -13.49
CA GLY R 35 62.51 -30.25 -12.84
C GLY R 35 61.47 -29.16 -12.96
N LYS R 36 60.89 -28.79 -11.83
CA LYS R 36 59.86 -27.76 -11.75
C LYS R 36 60.31 -26.40 -12.25
N LEU R 37 61.62 -26.19 -12.37
CA LEU R 37 62.12 -24.91 -12.81
C LEU R 37 62.21 -24.82 -14.33
N GLY R 38 61.89 -25.90 -15.04
CA GLY R 38 61.89 -25.87 -16.50
C GLY R 38 63.21 -26.30 -17.11
N TYR R 39 63.39 -25.94 -18.37
CA TYR R 39 64.60 -26.31 -19.09
C TYR R 39 65.56 -25.16 -19.26
N SER R 40 66.83 -25.48 -19.31
CA SER R 40 67.84 -24.48 -19.55
C SER R 40 68.70 -24.87 -20.72
N ILE R 41 69.10 -23.88 -21.50
CA ILE R 41 69.95 -24.14 -22.65
C ILE R 41 71.30 -23.51 -22.47
N THR R 42 72.33 -24.33 -22.62
CA THR R 42 73.70 -23.83 -22.50
C THR R 42 74.51 -24.15 -23.74
N VAL R 43 75.51 -23.32 -24.00
CA VAL R 43 76.35 -23.50 -25.18
C VAL R 43 77.82 -23.33 -24.88
N ALA R 44 78.65 -23.82 -25.80
CA ALA R 44 80.08 -23.66 -25.66
C ALA R 44 80.45 -22.20 -25.82
N GLU R 45 81.39 -21.74 -25.00
CA GLU R 45 81.82 -20.36 -25.03
C GLU R 45 82.22 -19.83 -26.42
N PRO R 46 82.92 -20.61 -27.27
CA PRO R 46 83.28 -20.26 -28.64
C PRO R 46 82.07 -19.93 -29.52
N ASP R 47 80.93 -20.53 -29.24
CA ASP R 47 79.74 -20.30 -30.04
C ASP R 47 78.83 -19.26 -29.42
N PHE R 48 78.94 -19.07 -28.12
CA PHE R 48 78.09 -18.16 -27.36
C PHE R 48 77.75 -16.84 -28.05
N THR R 49 78.72 -16.17 -28.67
CA THR R 49 78.44 -14.91 -29.34
C THR R 49 77.44 -15.09 -30.47
N ALA R 50 77.69 -16.08 -31.30
CA ALA R 50 76.82 -16.39 -32.41
C ALA R 50 75.46 -16.82 -31.92
N ALA R 51 75.45 -17.62 -30.86
CA ALA R 51 74.20 -18.12 -30.30
C ALA R 51 73.30 -16.96 -29.92
N VAL R 52 73.87 -15.97 -29.23
CA VAL R 52 73.11 -14.79 -28.84
C VAL R 52 72.54 -14.08 -30.04
N TYR R 53 73.37 -13.90 -31.06
CA TYR R 53 72.93 -13.25 -32.27
C TYR R 53 71.69 -13.92 -32.85
N TRP R 54 71.70 -15.25 -32.91
CA TRP R 54 70.57 -15.97 -33.48
C TRP R 54 69.33 -15.95 -32.59
N ILE R 55 69.50 -15.91 -31.26
CA ILE R 55 68.34 -15.79 -30.37
C ILE R 55 67.60 -14.51 -30.66
N LYS R 56 68.37 -13.45 -30.90
CA LYS R 56 67.80 -12.18 -31.27
C LYS R 56 67.10 -12.27 -32.62
N THR R 57 67.84 -12.73 -33.62
CA THR R 57 67.36 -12.82 -35.00
C THR R 57 66.03 -13.55 -35.14
N TYR R 58 65.88 -14.67 -34.45
CA TYR R 58 64.67 -15.45 -34.57
C TYR R 58 63.64 -15.25 -33.46
N GLN R 59 63.71 -14.13 -32.73
CA GLN R 59 62.72 -13.86 -31.69
C GLN R 59 62.56 -15.03 -30.72
N LEU R 60 63.64 -15.57 -30.20
CA LEU R 60 63.55 -16.72 -29.33
C LEU R 60 63.66 -16.34 -27.86
N PRO R 61 63.04 -17.15 -26.98
CA PRO R 61 62.23 -18.34 -27.20
C PRO R 61 60.85 -17.95 -27.72
N PRO R 62 60.18 -18.86 -28.45
CA PRO R 62 58.88 -18.72 -29.08
C PRO R 62 57.75 -18.37 -28.13
N ARG R 63 56.79 -17.61 -28.62
CA ARG R 63 55.61 -17.28 -27.84
C ARG R 63 54.61 -18.40 -28.04
N PRO R 64 53.60 -18.52 -27.18
CA PRO R 64 52.50 -19.47 -27.26
C PRO R 64 51.59 -19.07 -28.40
N ARG R 65 50.96 -20.07 -29.01
CA ARG R 65 50.11 -19.82 -30.16
C ARG R 65 48.81 -19.13 -29.81
N VAL R 66 48.46 -18.11 -30.58
CA VAL R 66 47.26 -17.31 -30.35
C VAL R 66 46.09 -17.77 -31.17
N GLU R 67 45.00 -18.03 -30.47
CA GLU R 67 43.74 -18.47 -31.06
C GLU R 67 42.63 -17.57 -30.52
N ILE R 68 41.66 -17.25 -31.35
CA ILE R 68 40.64 -16.27 -30.99
C ILE R 68 39.84 -16.63 -29.75
N ALA R 69 39.44 -17.89 -29.62
CA ALA R 69 38.64 -18.32 -28.47
C ALA R 69 39.31 -18.10 -27.14
N GLN R 70 40.62 -17.88 -27.12
CA GLN R 70 41.33 -17.68 -25.88
C GLN R 70 40.92 -16.38 -25.20
N MET R 71 40.32 -15.46 -25.95
CA MET R 71 39.90 -14.19 -25.40
C MET R 71 38.40 -14.08 -25.15
N PHE R 72 37.67 -15.17 -25.30
CA PHE R 72 36.24 -15.13 -25.04
C PHE R 72 35.84 -16.44 -24.40
N PRO R 73 36.31 -16.70 -23.17
CA PRO R 73 36.19 -17.92 -22.39
C PRO R 73 34.77 -18.20 -21.91
N ALA R 74 34.46 -19.50 -21.79
CA ALA R 74 33.16 -19.98 -21.35
C ALA R 74 32.95 -19.77 -19.86
N ASP R 75 34.01 -19.42 -19.16
CA ASP R 75 33.95 -19.17 -17.73
C ASP R 75 33.17 -17.90 -17.40
N SER R 76 32.93 -17.04 -18.40
CA SER R 76 32.16 -15.84 -18.15
C SER R 76 30.75 -16.17 -17.70
N LEU R 77 30.26 -15.40 -16.75
CA LEU R 77 28.93 -15.59 -16.20
C LEU R 77 27.84 -15.26 -17.22
N VAL R 78 28.18 -14.37 -18.15
CA VAL R 78 27.25 -13.95 -19.19
C VAL R 78 27.92 -14.06 -20.53
N SER R 79 27.13 -13.98 -21.59
CA SER R 79 27.67 -14.07 -22.93
C SER R 79 26.92 -13.12 -23.84
N SER R 80 27.44 -12.96 -25.05
CA SER R 80 26.81 -12.10 -26.02
C SER R 80 26.94 -12.76 -27.36
N PRO R 81 26.05 -12.47 -28.30
CA PRO R 81 26.04 -12.95 -29.67
C PRO R 81 27.39 -12.75 -30.31
N ARG R 82 28.00 -11.61 -30.04
CA ARG R 82 29.30 -11.27 -30.56
C ARG R 82 30.33 -12.28 -30.10
N ALA R 83 30.37 -12.51 -28.80
CA ALA R 83 31.33 -13.44 -28.24
C ALA R 83 31.10 -14.85 -28.71
N GLU R 84 29.84 -15.28 -28.74
CA GLU R 84 29.53 -16.65 -29.12
C GLU R 84 29.87 -16.94 -30.56
N LYS R 85 29.58 -16.01 -31.45
CA LYS R 85 29.89 -16.22 -32.85
C LYS R 85 31.40 -16.30 -33.04
N ALA R 86 32.15 -15.45 -32.32
CA ALA R 86 33.60 -15.48 -32.40
C ALA R 86 34.14 -16.83 -31.93
N ARG R 87 33.61 -17.35 -30.82
CA ARG R 87 34.05 -18.62 -30.30
C ARG R 87 33.87 -19.73 -31.31
N LEU R 88 32.73 -19.74 -31.98
CA LEU R 88 32.48 -20.75 -32.98
C LEU R 88 33.48 -20.70 -34.11
N TYR R 89 33.72 -19.51 -34.66
CA TYR R 89 34.66 -19.40 -35.77
C TYR R 89 36.04 -19.85 -35.39
N SER R 90 36.45 -19.57 -34.16
CA SER R 90 37.75 -19.98 -33.70
C SER R 90 37.89 -21.49 -33.78
N ALA R 91 36.88 -22.19 -33.29
CA ALA R 91 36.87 -23.65 -33.34
C ALA R 91 36.91 -24.15 -34.75
N ILE R 92 36.16 -23.52 -35.64
CA ILE R 92 36.12 -23.94 -37.03
C ILE R 92 37.49 -23.82 -37.68
N GLU R 93 38.22 -22.73 -37.46
CA GLU R 93 39.54 -22.62 -38.05
C GLU R 93 40.43 -23.75 -37.59
N GLN R 94 40.38 -24.05 -36.29
CA GLN R 94 41.19 -25.12 -35.74
C GLN R 94 40.86 -26.45 -36.37
N ARG R 95 39.59 -26.70 -36.56
CA ARG R 95 39.13 -27.95 -37.11
C ARG R 95 39.55 -28.10 -38.56
N LEU R 96 39.52 -27.00 -39.32
CA LEU R 96 39.98 -27.05 -40.70
C LEU R 96 41.47 -27.31 -40.78
N GLU R 97 42.26 -26.76 -39.84
CA GLU R 97 43.68 -27.02 -39.83
C GLU R 97 43.96 -28.48 -39.55
N GLN R 98 43.19 -29.06 -38.63
CA GLN R 98 43.34 -30.46 -38.32
C GLN R 98 43.08 -31.32 -39.54
N SER R 99 42.13 -30.91 -40.38
CA SER R 99 41.83 -31.67 -41.59
C SER R 99 42.90 -31.56 -42.66
N LEU R 100 43.37 -30.35 -42.95
CA LEU R 100 44.35 -30.19 -44.02
C LEU R 100 45.64 -30.92 -43.74
N GLN R 101 46.02 -31.00 -42.48
CA GLN R 101 47.26 -31.67 -42.13
C GLN R 101 47.22 -33.19 -42.29
N THR R 102 46.05 -33.75 -42.66
CA THR R 102 45.96 -35.17 -42.89
C THR R 102 46.01 -35.49 -44.37
N MET R 103 46.05 -34.47 -45.22
CA MET R 103 46.13 -34.73 -46.66
C MET R 103 47.51 -35.23 -47.04
N GLU R 104 47.54 -36.09 -48.04
CA GLU R 104 48.77 -36.67 -48.52
C GLU R 104 49.80 -35.63 -48.93
N GLY R 105 50.98 -35.74 -48.34
CA GLY R 105 52.08 -34.85 -48.67
C GLY R 105 52.12 -33.58 -47.83
N VAL R 106 51.09 -33.31 -47.03
CA VAL R 106 51.10 -32.10 -46.24
C VAL R 106 51.77 -32.32 -44.91
N LEU R 107 52.74 -31.47 -44.62
CA LEU R 107 53.49 -31.55 -43.38
C LEU R 107 52.93 -30.57 -42.37
N SER R 108 52.51 -29.41 -42.85
CA SER R 108 51.93 -28.40 -41.98
C SER R 108 50.98 -27.47 -42.71
N ALA R 109 49.95 -27.01 -42.01
CA ALA R 109 49.02 -26.10 -42.65
C ALA R 109 48.31 -25.20 -41.66
N ARG R 110 48.05 -23.95 -42.09
CA ARG R 110 47.36 -22.97 -41.25
C ARG R 110 46.16 -22.40 -41.99
N VAL R 111 45.07 -22.12 -41.27
CA VAL R 111 43.84 -21.65 -41.90
C VAL R 111 43.24 -20.43 -41.22
N HIS R 112 42.81 -19.46 -42.03
CA HIS R 112 42.15 -18.27 -41.53
C HIS R 112 40.79 -18.10 -42.15
N ILE R 113 39.84 -17.59 -41.37
CA ILE R 113 38.52 -17.32 -41.90
C ILE R 113 38.15 -15.92 -41.49
N SER R 114 37.48 -15.19 -42.36
CA SER R 114 37.07 -13.85 -42.03
C SER R 114 36.01 -13.86 -40.94
N TYR R 115 35.89 -12.75 -40.22
CA TYR R 115 34.93 -12.65 -39.14
C TYR R 115 33.86 -11.63 -39.44
N ASP R 116 32.76 -11.74 -38.72
CA ASP R 116 31.62 -10.85 -38.85
C ASP R 116 31.18 -10.48 -37.47
N ILE R 117 31.48 -9.27 -37.08
CA ILE R 117 31.21 -8.82 -35.73
C ILE R 117 30.00 -7.92 -35.60
N ASP R 118 29.56 -7.30 -36.68
CA ASP R 118 28.41 -6.42 -36.53
C ASP R 118 27.53 -6.22 -37.76
N ALA R 119 27.38 -7.24 -38.62
CA ALA R 119 26.46 -7.08 -39.76
C ALA R 119 25.02 -6.93 -39.25
N GLY R 120 24.46 -8.01 -38.70
CA GLY R 120 23.10 -8.02 -38.16
C GLY R 120 22.89 -6.92 -37.14
N GLU R 121 23.91 -6.66 -36.33
CA GLU R 121 23.91 -5.58 -35.34
C GLU R 121 23.49 -4.24 -35.94
N ASN R 122 23.93 -3.97 -37.17
CA ASN R 122 23.64 -2.71 -37.83
C ASN R 122 22.45 -2.81 -38.79
N GLY R 123 21.68 -3.91 -38.72
CA GLY R 123 20.55 -4.09 -39.61
C GLY R 123 20.99 -4.54 -41.00
N ARG R 124 22.23 -4.97 -41.13
CA ARG R 124 22.77 -5.38 -42.42
C ARG R 124 22.81 -6.88 -42.58
N PRO R 125 22.76 -7.36 -43.83
CA PRO R 125 22.95 -8.73 -44.23
C PRO R 125 24.42 -9.04 -44.06
N PRO R 126 24.77 -10.32 -43.87
CA PRO R 126 26.09 -10.85 -43.67
C PRO R 126 26.92 -10.75 -44.93
N LYS R 127 28.22 -10.68 -44.76
CA LYS R 127 29.12 -10.58 -45.90
C LYS R 127 29.62 -11.97 -46.29
N PRO R 128 30.10 -12.12 -47.52
CA PRO R 128 30.70 -13.30 -48.09
C PRO R 128 31.87 -13.71 -47.25
N VAL R 129 32.12 -15.00 -47.18
CA VAL R 129 33.20 -15.48 -46.33
C VAL R 129 34.51 -15.58 -47.07
N HIS R 130 35.57 -15.07 -46.47
CA HIS R 130 36.88 -15.16 -47.09
C HIS R 130 37.73 -16.17 -46.37
N LEU R 131 38.52 -16.91 -47.13
CA LEU R 131 39.40 -17.92 -46.56
C LEU R 131 40.81 -17.78 -47.06
N SER R 132 41.76 -18.11 -46.22
CA SER R 132 43.14 -18.11 -46.68
C SER R 132 43.88 -19.23 -45.98
N ALA R 133 44.90 -19.75 -46.61
CA ALA R 133 45.61 -20.84 -45.99
C ALA R 133 47.05 -20.95 -46.42
N LEU R 134 47.86 -21.50 -45.53
CA LEU R 134 49.26 -21.72 -45.78
C LEU R 134 49.55 -23.19 -45.73
N ALA R 135 50.47 -23.67 -46.55
CA ALA R 135 50.79 -25.09 -46.48
C ALA R 135 52.23 -25.42 -46.82
N VAL R 136 52.74 -26.45 -46.14
CA VAL R 136 54.08 -26.96 -46.35
C VAL R 136 54.02 -28.40 -46.79
N TYR R 137 54.63 -28.70 -47.93
CA TYR R 137 54.64 -30.04 -48.48
C TYR R 137 55.95 -30.75 -48.44
N GLU R 138 55.87 -32.07 -48.55
CA GLU R 138 57.05 -32.90 -48.66
C GLU R 138 57.83 -32.52 -49.89
N ARG R 139 59.12 -32.29 -49.72
CA ARG R 139 59.97 -31.85 -50.81
C ARG R 139 59.90 -32.78 -52.01
N GLY R 140 59.72 -32.17 -53.19
CA GLY R 140 59.63 -32.90 -54.46
C GLY R 140 58.18 -33.07 -54.94
N SER R 141 57.23 -32.74 -54.08
CA SER R 141 55.80 -32.83 -54.39
C SER R 141 55.36 -31.77 -55.44
N PRO R 142 54.40 -32.09 -56.33
CA PRO R 142 53.87 -31.27 -57.42
C PRO R 142 52.85 -30.21 -56.96
N LEU R 143 53.36 -29.25 -56.19
CA LEU R 143 52.60 -28.14 -55.59
C LEU R 143 51.62 -27.43 -56.51
N ALA R 144 52.01 -27.24 -57.76
CA ALA R 144 51.19 -26.53 -58.74
C ALA R 144 49.85 -27.20 -59.03
N HIS R 145 49.69 -28.46 -58.65
CA HIS R 145 48.45 -29.15 -58.91
C HIS R 145 47.73 -29.42 -57.61
N GLN R 146 48.51 -29.68 -56.57
CA GLN R 146 47.98 -29.97 -55.25
C GLN R 146 47.15 -28.84 -54.68
N ILE R 147 47.55 -27.62 -54.99
CA ILE R 147 46.82 -26.43 -54.60
C ILE R 147 45.33 -26.45 -54.98
N SER R 148 44.95 -27.21 -56.01
CA SER R 148 43.57 -27.25 -56.43
C SER R 148 42.71 -28.12 -55.51
N ASP R 149 43.32 -29.08 -54.82
CA ASP R 149 42.57 -29.91 -53.90
C ASP R 149 42.19 -29.12 -52.69
N ILE R 150 43.15 -28.32 -52.22
CA ILE R 150 42.92 -27.50 -51.06
C ILE R 150 41.80 -26.54 -51.32
N LYS R 151 41.86 -25.89 -52.45
CA LYS R 151 40.89 -24.89 -52.80
C LYS R 151 39.50 -25.49 -53.00
N ARG R 152 39.41 -26.65 -53.62
CA ARG R 152 38.11 -27.31 -53.82
C ARG R 152 37.50 -27.76 -52.50
N PHE R 153 38.34 -28.34 -51.66
CA PHE R 153 37.92 -28.80 -50.36
C PHE R 153 37.35 -27.68 -49.54
N LEU R 154 38.07 -26.58 -49.47
CA LEU R 154 37.61 -25.45 -48.69
C LEU R 154 36.36 -24.83 -49.27
N LYS R 155 36.23 -24.79 -50.60
CA LYS R 155 35.07 -24.19 -51.23
C LYS R 155 33.75 -24.75 -50.70
N ASN R 156 33.62 -26.06 -50.62
CA ASN R 156 32.37 -26.59 -50.09
C ASN R 156 32.41 -26.89 -48.59
N SER R 157 33.40 -26.34 -47.89
CA SER R 157 33.50 -26.52 -46.44
C SER R 157 32.86 -25.36 -45.70
N PHE R 158 32.18 -24.47 -46.40
CA PHE R 158 31.57 -23.38 -45.69
C PHE R 158 30.44 -22.73 -46.48
N ALA R 159 29.39 -22.37 -45.76
CA ALA R 159 28.13 -21.80 -46.24
C ALA R 159 28.18 -20.99 -47.52
N ASP R 160 29.11 -20.05 -47.64
CA ASP R 160 29.12 -19.24 -48.85
C ASP R 160 30.48 -18.61 -49.18
N VAL R 161 31.27 -19.36 -49.92
CA VAL R 161 32.56 -18.90 -50.39
C VAL R 161 32.62 -19.13 -51.88
N ASP R 162 33.71 -18.72 -52.51
CA ASP R 162 33.87 -18.94 -53.93
C ASP R 162 35.34 -18.99 -54.29
N TYR R 163 35.66 -19.34 -55.53
CA TYR R 163 37.05 -19.51 -55.94
C TYR R 163 37.85 -18.20 -56.07
N ASP R 164 37.21 -17.06 -55.89
CA ASP R 164 37.93 -15.80 -55.95
C ASP R 164 38.21 -15.28 -54.55
N ASN R 165 37.56 -15.85 -53.55
CA ASN R 165 37.74 -15.38 -52.19
C ASN R 165 38.43 -16.41 -51.32
N ILE R 166 39.14 -17.34 -51.95
CA ILE R 166 39.94 -18.33 -51.25
C ILE R 166 41.37 -18.25 -51.73
N SER R 167 42.29 -17.93 -50.83
CA SER R 167 43.68 -17.83 -51.25
C SER R 167 44.58 -18.84 -50.59
N VAL R 168 45.42 -19.48 -51.38
CA VAL R 168 46.34 -20.47 -50.86
C VAL R 168 47.77 -20.17 -51.24
N VAL R 169 48.62 -20.04 -50.24
CA VAL R 169 50.04 -19.79 -50.44
C VAL R 169 50.80 -20.96 -49.84
N LEU R 170 51.66 -21.56 -50.62
CA LEU R 170 52.32 -22.74 -50.15
C LEU R 170 53.72 -22.97 -50.69
N SER R 171 54.41 -23.91 -50.08
CA SER R 171 55.77 -24.29 -50.48
C SER R 171 56.12 -25.67 -49.96
N GLU R 172 57.42 -25.95 -49.84
CA GLU R 172 57.87 -27.25 -49.38
C GLU R 172 59.05 -27.11 -48.44
N ARG R 173 59.30 -28.18 -47.68
CA ARG R 173 60.37 -28.15 -46.70
C ARG R 173 61.76 -28.01 -47.30
N SER R 174 62.69 -27.57 -46.47
CA SER R 174 64.10 -27.39 -46.83
C SER R 174 64.90 -28.69 -46.63
N ASP R 175 66.18 -28.63 -46.97
CA ASP R 175 67.11 -29.76 -46.83
C ASP R 175 67.25 -30.12 -45.34
N ALA R 176 66.79 -31.31 -44.98
CA ALA R 176 66.78 -31.76 -43.59
C ALA R 176 68.15 -31.73 -42.92
N GLN R 177 68.19 -31.19 -41.72
CA GLN R 177 69.43 -31.14 -40.98
C GLN R 177 69.65 -32.45 -40.27
N LEU R 178 70.31 -33.36 -40.96
CA LEU R 178 70.54 -34.69 -40.42
C LEU R 178 71.94 -34.89 -39.86
N GLN R 179 72.72 -33.82 -39.75
CA GLN R 179 74.09 -33.93 -39.26
C GLN R 179 74.35 -33.06 -38.04
N ALA R 180 75.12 -33.58 -37.10
CA ALA R 180 75.46 -32.82 -35.91
C ALA R 180 76.43 -31.69 -36.25
N PRO R 181 76.29 -30.51 -35.62
CA PRO R 181 77.12 -29.32 -35.73
C PRO R 181 78.61 -29.55 -35.46
N GLY R 182 78.90 -30.32 -34.43
CA GLY R 182 80.28 -30.63 -34.08
C GLY R 182 80.77 -29.71 -32.97
N THR R 183 81.81 -30.15 -32.26
CA THR R 183 82.37 -29.39 -31.17
C THR R 183 83.42 -28.39 -31.69
N PRO R 184 83.81 -27.42 -30.87
CA PRO R 184 84.84 -26.43 -31.12
C PRO R 184 86.21 -27.07 -31.08
N VAL R 185 87.15 -26.46 -31.78
CA VAL R 185 88.50 -27.00 -31.81
C VAL R 185 89.35 -26.49 -30.68
N LYS R 186 89.69 -27.39 -29.77
CA LYS R 186 90.54 -27.08 -28.63
C LYS R 186 90.83 -28.34 -27.81
N ALA S 42 94.63 -30.12 -37.99
CA ALA S 42 93.23 -29.77 -38.15
C ALA S 42 92.89 -29.60 -39.62
N GLU S 43 92.95 -30.68 -40.38
CA GLU S 43 92.63 -30.59 -41.80
C GLU S 43 91.22 -30.07 -41.99
N LEU S 44 91.10 -29.03 -42.81
CA LEU S 44 89.83 -28.37 -43.06
C LEU S 44 88.71 -29.32 -43.48
N ASP S 45 89.04 -30.33 -44.27
CA ASP S 45 88.05 -31.30 -44.69
C ASP S 45 87.39 -32.00 -43.49
N SER S 46 88.15 -32.21 -42.43
CA SER S 46 87.60 -32.87 -41.25
C SER S 46 86.91 -31.85 -40.35
N LEU S 47 87.27 -30.58 -40.48
CA LEU S 47 86.63 -29.53 -39.72
C LEU S 47 85.21 -29.27 -40.21
N LEU S 48 85.01 -29.38 -41.52
CA LEU S 48 83.70 -29.21 -42.13
C LEU S 48 82.84 -30.45 -41.88
N GLY S 49 81.51 -30.27 -41.99
CA GLY S 49 80.49 -31.30 -41.73
C GLY S 49 80.78 -32.74 -42.20
N GLN S 50 79.98 -33.68 -41.68
CA GLN S 50 80.10 -35.11 -41.99
C GLN S 50 79.98 -35.39 -43.47
N GLU S 51 79.02 -34.74 -44.12
CA GLU S 51 78.88 -34.92 -45.55
C GLU S 51 79.80 -33.95 -46.24
N LYS S 52 81.07 -34.33 -46.31
CA LYS S 52 82.12 -33.52 -46.89
C LYS S 52 81.89 -33.15 -48.35
N GLU S 53 80.99 -33.86 -49.02
CA GLU S 53 80.70 -33.61 -50.42
C GLU S 53 79.83 -32.38 -50.63
N ARG S 54 79.44 -31.70 -49.56
CA ARG S 54 78.68 -30.47 -49.67
C ARG S 54 79.60 -29.29 -49.96
N PHE S 55 80.91 -29.47 -49.77
CA PHE S 55 81.83 -28.36 -49.95
C PHE S 55 82.97 -28.70 -50.88
N GLN S 56 83.42 -27.71 -51.62
CA GLN S 56 84.59 -27.93 -52.46
C GLN S 56 85.73 -27.05 -52.00
N VAL S 57 86.70 -27.66 -51.34
CA VAL S 57 87.84 -26.89 -50.88
C VAL S 57 88.80 -26.62 -52.01
N LEU S 58 89.19 -25.36 -52.14
CA LEU S 58 90.03 -24.90 -53.23
C LEU S 58 91.33 -24.29 -52.70
N PRO S 59 92.45 -24.48 -53.39
CA PRO S 59 93.73 -23.95 -52.93
C PRO S 59 94.16 -22.76 -53.75
N GLY S 60 93.86 -21.56 -53.27
CA GLY S 60 94.17 -20.34 -54.00
C GLY S 60 95.67 -20.07 -54.06
N ARG S 61 96.10 -19.42 -55.15
CA ARG S 61 97.50 -19.09 -55.37
C ARG S 61 97.99 -18.00 -54.40
N ASP S 62 97.05 -17.32 -53.75
CA ASP S 62 97.35 -16.32 -52.74
C ASP S 62 97.55 -16.90 -51.34
N LYS S 63 97.70 -18.23 -51.24
CA LYS S 63 97.90 -18.95 -49.99
C LYS S 63 96.67 -18.97 -49.09
N MET S 64 95.51 -18.68 -49.67
CA MET S 64 94.27 -18.74 -48.95
C MET S 64 93.50 -19.97 -49.37
N LEU S 65 93.06 -20.73 -48.38
CA LEU S 65 92.33 -21.94 -48.66
C LEU S 65 90.85 -21.56 -48.73
N TYR S 66 90.24 -21.81 -49.86
CA TYR S 66 88.87 -21.39 -50.07
C TYR S 66 87.86 -22.51 -49.89
N VAL S 67 86.67 -22.15 -49.42
CA VAL S 67 85.60 -23.13 -49.26
C VAL S 67 84.42 -22.81 -50.13
N ALA S 68 84.26 -23.51 -51.24
CA ALA S 68 83.14 -23.22 -52.10
C ALA S 68 81.88 -23.88 -51.61
N ALA S 69 80.86 -23.06 -51.37
CA ALA S 69 79.56 -23.54 -50.92
C ALA S 69 78.51 -23.25 -51.97
N GLN S 70 77.53 -24.14 -52.09
CA GLN S 70 76.49 -24.02 -53.09
C GLN S 70 75.21 -23.38 -52.56
N ASN S 71 75.17 -23.10 -51.27
CA ASN S 71 73.96 -22.53 -50.66
C ASN S 71 74.30 -21.71 -49.45
N GLU S 72 73.58 -20.61 -49.24
CA GLU S 72 73.81 -19.73 -48.11
C GLU S 72 73.76 -20.42 -46.73
N ARG S 73 73.08 -21.56 -46.63
CA ARG S 73 73.07 -22.29 -45.38
C ARG S 73 74.41 -22.98 -45.15
N ASP S 74 75.06 -23.34 -46.24
CA ASP S 74 76.33 -24.02 -46.17
C ASP S 74 77.40 -22.96 -46.05
N THR S 75 77.13 -21.79 -46.63
CA THR S 75 78.03 -20.66 -46.50
C THR S 75 78.17 -20.32 -45.05
N LEU S 76 77.03 -20.17 -44.37
CA LEU S 76 77.06 -19.87 -42.94
C LEU S 76 77.68 -20.98 -42.15
N TRP S 77 77.39 -22.23 -42.50
CA TRP S 77 77.95 -23.37 -41.82
C TRP S 77 79.47 -23.26 -41.75
N ALA S 78 80.09 -23.10 -42.93
CA ALA S 78 81.53 -22.98 -43.06
C ALA S 78 82.08 -21.76 -42.33
N ARG S 79 81.36 -20.64 -42.37
CA ARG S 79 81.82 -19.46 -41.67
C ARG S 79 81.84 -19.69 -40.18
N GLN S 80 80.85 -20.42 -39.67
CA GLN S 80 80.81 -20.72 -38.26
C GLN S 80 81.97 -21.63 -37.91
N VAL S 81 82.33 -22.55 -38.79
CA VAL S 81 83.48 -23.41 -38.55
C VAL S 81 84.75 -22.61 -38.39
N LEU S 82 84.96 -21.65 -39.28
CA LEU S 82 86.15 -20.82 -39.22
C LEU S 82 86.20 -19.97 -37.95
N ALA S 83 85.05 -19.47 -37.49
CA ALA S 83 85.00 -18.66 -36.28
C ALA S 83 85.03 -19.49 -35.00
N ARG S 84 84.40 -20.67 -35.03
CA ARG S 84 84.30 -21.56 -33.88
C ARG S 84 85.56 -22.34 -33.64
N GLY S 85 86.00 -23.04 -34.66
CA GLY S 85 87.19 -23.87 -34.57
C GLY S 85 88.40 -23.08 -34.99
N ASP S 86 89.38 -23.76 -35.53
CA ASP S 86 90.56 -23.06 -35.93
C ASP S 86 91.29 -23.78 -37.02
N TYR S 87 92.08 -23.03 -37.74
CA TYR S 87 92.90 -23.52 -38.81
C TYR S 87 93.97 -22.48 -39.07
N ASP S 88 95.21 -22.82 -38.78
CA ASP S 88 96.32 -21.88 -38.94
C ASP S 88 96.70 -21.63 -40.39
N LYS S 89 95.88 -20.87 -41.09
CA LYS S 89 96.09 -20.53 -42.48
C LYS S 89 94.98 -19.65 -42.99
N ASN S 90 95.31 -18.74 -43.88
CA ASN S 90 94.31 -17.89 -44.50
C ASN S 90 93.21 -18.75 -45.07
N ALA S 91 91.97 -18.32 -44.89
CA ALA S 91 90.85 -19.06 -45.40
C ALA S 91 89.67 -18.15 -45.68
N ARG S 92 88.84 -18.54 -46.64
CA ARG S 92 87.70 -17.71 -47.01
C ARG S 92 86.61 -18.49 -47.74
N VAL S 93 85.38 -18.36 -47.27
CA VAL S 93 84.25 -19.05 -47.85
C VAL S 93 83.74 -18.37 -49.12
N ILE S 94 83.56 -19.15 -50.16
CA ILE S 94 83.07 -18.70 -51.46
C ILE S 94 81.58 -18.96 -51.67
N ASN S 95 80.89 -17.95 -52.15
CA ASN S 95 79.48 -18.03 -52.46
C ASN S 95 79.22 -17.47 -53.83
N GLU S 96 78.75 -18.32 -54.73
CA GLU S 96 78.50 -17.98 -56.13
C GLU S 96 77.88 -16.61 -56.38
N ASN S 97 76.82 -16.28 -55.65
CA ASN S 97 76.18 -14.99 -55.84
C ASN S 97 77.00 -13.86 -55.27
N GLU S 98 77.64 -14.10 -54.13
CA GLU S 98 78.43 -13.05 -53.52
C GLU S 98 79.64 -12.72 -54.37
N GLU S 99 80.21 -13.73 -55.00
CA GLU S 99 81.35 -13.52 -55.86
C GLU S 99 80.96 -12.87 -57.15
N ASN S 100 79.79 -13.24 -57.66
CA ASN S 100 79.31 -12.61 -58.88
C ASN S 100 79.17 -11.12 -58.63
N LYS S 101 78.61 -10.76 -57.47
CA LYS S 101 78.46 -9.36 -57.09
C LYS S 101 79.78 -8.65 -56.88
N ARG S 102 80.71 -9.27 -56.14
CA ARG S 102 82.01 -8.66 -55.88
C ARG S 102 82.70 -8.27 -57.16
N ILE S 103 82.69 -9.19 -58.11
CA ILE S 103 83.29 -8.94 -59.40
C ILE S 103 82.59 -7.83 -60.14
N SER S 104 81.25 -7.86 -60.16
CA SER S 104 80.52 -6.83 -60.90
C SER S 104 80.80 -5.43 -60.39
N ILE S 105 81.10 -5.30 -59.10
CA ILE S 105 81.44 -3.99 -58.56
C ILE S 105 82.73 -3.46 -59.15
N TRP S 106 83.77 -4.27 -59.06
CA TRP S 106 85.07 -3.91 -59.58
C TRP S 106 84.99 -3.65 -61.07
N LEU S 107 84.28 -4.54 -61.74
CA LEU S 107 84.15 -4.52 -63.17
C LEU S 107 83.47 -3.24 -63.63
N ASP S 108 82.43 -2.81 -62.95
CA ASP S 108 81.78 -1.55 -63.34
C ASP S 108 82.73 -0.35 -63.23
N THR S 109 83.56 -0.32 -62.18
CA THR S 109 84.50 0.80 -62.00
C THR S 109 85.58 0.86 -63.08
N TYR S 110 86.19 -0.28 -63.37
CA TYR S 110 87.29 -0.30 -64.33
C TYR S 110 86.85 -0.48 -65.77
N TYR S 111 85.75 -1.18 -65.98
CA TYR S 111 85.17 -1.35 -67.29
C TYR S 111 83.71 -0.91 -67.34
N PRO S 112 83.43 0.39 -67.19
CA PRO S 112 82.13 0.97 -67.20
C PRO S 112 81.58 0.82 -68.59
N GLN S 113 80.27 0.69 -68.68
CA GLN S 113 79.55 0.46 -69.92
C GLN S 113 79.75 -0.95 -70.52
N LEU S 114 80.51 -1.83 -69.86
CA LEU S 114 80.67 -3.18 -70.38
C LEU S 114 79.34 -3.92 -70.32
N ALA S 115 78.91 -4.48 -71.45
CA ALA S 115 77.64 -5.19 -71.46
C ALA S 115 77.86 -6.67 -71.22
N TYR S 116 77.36 -7.18 -70.09
CA TYR S 116 77.56 -8.58 -69.76
C TYR S 116 76.38 -9.14 -68.99
N TYR S 117 76.37 -10.45 -68.82
CA TYR S 117 75.26 -11.14 -68.18
C TYR S 117 75.59 -11.68 -66.80
N ARG S 118 76.22 -12.84 -66.74
CA ARG S 118 76.49 -13.44 -65.45
C ARG S 118 77.63 -14.42 -65.51
N ILE S 119 78.39 -14.52 -64.42
CA ILE S 119 79.49 -15.46 -64.36
C ILE S 119 79.01 -16.79 -63.82
N HIS S 120 79.28 -17.85 -64.58
CA HIS S 120 78.90 -19.19 -64.22
C HIS S 120 80.08 -19.87 -63.60
N PHE S 121 80.05 -20.04 -62.30
CA PHE S 121 81.20 -20.59 -61.62
C PHE S 121 81.34 -22.08 -61.79
N ASP S 122 80.22 -22.82 -61.73
CA ASP S 122 80.16 -24.28 -61.93
C ASP S 122 81.44 -25.01 -61.52
N GLU S 123 82.41 -25.08 -62.44
CA GLU S 123 83.71 -25.69 -62.16
C GLU S 123 84.71 -24.62 -61.76
N PRO S 124 84.78 -24.29 -60.45
CA PRO S 124 85.64 -23.25 -59.84
C PRO S 124 86.85 -22.82 -60.67
N ARG S 125 87.64 -23.79 -61.09
CA ARG S 125 88.87 -23.61 -61.85
C ARG S 125 88.73 -22.76 -63.11
N LYS S 126 87.64 -22.96 -63.82
CA LYS S 126 87.39 -22.28 -65.08
C LYS S 126 85.96 -21.78 -65.21
N PRO S 127 85.62 -20.66 -64.55
CA PRO S 127 84.33 -20.03 -64.58
C PRO S 127 84.10 -19.44 -65.95
N VAL S 128 82.84 -19.36 -66.35
CA VAL S 128 82.48 -18.85 -67.65
C VAL S 128 81.86 -17.48 -67.55
N PHE S 129 82.33 -16.56 -68.35
CA PHE S 129 81.84 -15.20 -68.30
C PHE S 129 80.97 -14.89 -69.51
N TRP S 130 79.66 -14.74 -69.30
CA TRP S 130 78.82 -14.40 -70.44
C TRP S 130 78.88 -12.91 -70.73
N LEU S 131 79.20 -12.60 -71.98
CA LEU S 131 79.41 -11.25 -72.48
C LEU S 131 78.45 -10.94 -73.63
N SER S 132 77.86 -9.75 -73.68
CA SER S 132 76.93 -9.46 -74.78
C SER S 132 77.64 -9.39 -76.13
N ARG S 133 77.37 -10.38 -76.98
CA ARG S 133 77.97 -10.46 -78.30
C ARG S 133 77.67 -9.25 -79.17
N GLN S 134 76.42 -8.81 -79.13
CA GLN S 134 75.98 -7.73 -79.99
C GLN S 134 76.32 -6.34 -79.48
N ARG S 135 76.29 -6.11 -78.16
CA ARG S 135 76.57 -4.78 -77.65
C ARG S 135 78.05 -4.45 -77.48
N ASN S 136 78.90 -5.45 -77.30
CA ASN S 136 80.32 -5.15 -77.12
C ASN S 136 81.08 -5.22 -78.42
N THR S 137 82.01 -4.28 -78.58
CA THR S 137 82.83 -4.19 -79.79
C THR S 137 84.32 -4.29 -79.46
N MET S 138 84.64 -4.93 -78.34
CA MET S 138 86.03 -5.08 -77.91
C MET S 138 86.81 -5.99 -78.85
N SER S 139 88.09 -5.69 -79.03
CA SER S 139 88.94 -6.50 -79.88
C SER S 139 89.36 -7.73 -79.14
N LYS S 140 89.87 -8.71 -79.88
CA LYS S 140 90.35 -9.95 -79.27
C LYS S 140 91.40 -9.69 -78.22
N LYS S 141 92.32 -8.76 -78.51
CA LYS S 141 93.38 -8.42 -77.59
C LYS S 141 92.83 -7.79 -76.33
N GLU S 142 91.82 -6.93 -76.50
CA GLU S 142 91.20 -6.29 -75.35
C GLU S 142 90.51 -7.32 -74.47
N LEU S 143 89.88 -8.31 -75.10
CA LEU S 143 89.23 -9.37 -74.38
C LEU S 143 90.24 -10.22 -73.62
N GLU S 144 91.42 -10.42 -74.19
CA GLU S 144 92.49 -11.11 -73.48
C GLU S 144 92.79 -10.42 -72.18
N VAL S 145 93.00 -9.11 -72.27
CA VAL S 145 93.30 -8.30 -71.11
C VAL S 145 92.21 -8.39 -70.07
N LEU S 146 90.96 -8.28 -70.52
CA LEU S 146 89.82 -8.39 -69.64
C LEU S 146 89.84 -9.68 -68.85
N SER S 147 90.08 -10.81 -69.53
CA SER S 147 90.10 -12.08 -68.84
C SER S 147 91.22 -12.14 -67.83
N GLN S 148 92.34 -11.47 -68.14
CA GLN S 148 93.46 -11.45 -67.22
C GLN S 148 93.12 -10.68 -65.95
N LYS S 149 92.36 -9.61 -66.09
CA LYS S 149 91.96 -8.86 -64.93
C LYS S 149 91.01 -9.67 -64.09
N LEU S 150 90.15 -10.43 -64.74
CA LEU S 150 89.22 -11.28 -64.03
C LEU S 150 89.97 -12.37 -63.27
N ARG S 151 91.05 -12.89 -63.88
CA ARG S 151 91.86 -13.89 -63.21
C ARG S 151 92.46 -13.32 -61.95
N ALA S 152 92.88 -12.06 -62.01
CA ALA S 152 93.42 -11.38 -60.83
C ALA S 152 92.36 -11.29 -59.73
N LEU S 153 91.10 -11.04 -60.12
CA LEU S 153 90.02 -10.95 -59.16
C LEU S 153 89.68 -12.28 -58.50
N MET S 154 89.99 -13.39 -59.17
CA MET S 154 89.71 -14.74 -58.66
C MET S 154 90.97 -15.59 -58.41
N PRO S 155 91.59 -15.48 -57.22
CA PRO S 155 92.79 -16.14 -56.70
C PRO S 155 92.81 -17.65 -56.91
N TYR S 156 91.65 -18.27 -56.95
CA TYR S 156 91.57 -19.72 -57.13
C TYR S 156 91.49 -20.13 -58.59
N ALA S 157 90.68 -19.41 -59.36
CA ALA S 157 90.47 -19.72 -60.76
C ALA S 157 91.80 -19.73 -61.50
N ASP S 158 91.94 -20.68 -62.40
CA ASP S 158 93.17 -20.79 -63.15
C ASP S 158 93.06 -19.96 -64.41
N SER S 159 91.87 -19.92 -65.00
CA SER S 159 91.64 -19.12 -66.18
C SER S 159 90.19 -18.74 -66.27
N VAL S 160 89.87 -17.79 -67.13
CA VAL S 160 88.50 -17.35 -67.30
C VAL S 160 88.04 -17.54 -68.72
N ASN S 161 86.92 -18.21 -68.89
CA ASN S 161 86.41 -18.45 -70.22
C ASN S 161 85.37 -17.42 -70.62
N ILE S 162 85.81 -16.33 -71.23
CA ILE S 162 84.88 -15.33 -71.70
C ILE S 162 84.26 -15.77 -72.99
N THR S 163 82.94 -15.72 -73.06
CA THR S 163 82.24 -16.11 -74.27
C THR S 163 81.12 -15.15 -74.55
N LEU S 164 80.84 -14.98 -75.83
CA LEU S 164 79.86 -14.01 -76.25
C LEU S 164 78.50 -14.64 -76.51
N MET S 165 77.47 -14.06 -75.91
CA MET S 165 76.09 -14.55 -76.02
C MET S 165 75.23 -13.63 -76.86
N ASP S 166 74.27 -14.20 -77.59
CA ASP S 166 73.40 -13.39 -78.42
C ASP S 166 72.18 -12.89 -77.67
N ASP S 167 72.11 -11.56 -77.49
CA ASP S 167 71.03 -10.87 -76.78
C ASP S 167 69.64 -11.32 -77.20
N VAL S 168 69.48 -11.65 -78.47
CA VAL S 168 68.20 -12.08 -79.00
C VAL S 168 67.73 -13.37 -78.39
N THR S 169 68.66 -14.30 -78.18
CA THR S 169 68.27 -15.60 -77.65
C THR S 169 67.94 -15.48 -76.18
N ALA S 170 68.56 -14.52 -75.50
CA ALA S 170 68.23 -14.29 -74.10
C ALA S 170 66.78 -13.83 -73.98
N ALA S 171 66.43 -12.83 -74.80
CA ALA S 171 65.08 -12.30 -74.81
C ALA S 171 64.07 -13.34 -75.27
N GLY S 172 64.44 -14.11 -76.29
CA GLY S 172 63.58 -15.13 -76.85
C GLY S 172 63.17 -16.14 -75.80
N GLN S 173 64.13 -16.63 -75.03
CA GLN S 173 63.84 -17.60 -74.00
C GLN S 173 62.95 -17.01 -72.91
N ALA S 174 63.22 -15.76 -72.53
CA ALA S 174 62.43 -15.11 -71.50
C ALA S 174 60.97 -15.08 -71.88
N GLU S 175 60.68 -14.63 -73.10
CA GLU S 175 59.30 -14.53 -73.51
C GLU S 175 58.67 -15.89 -73.78
N ALA S 176 59.41 -16.78 -74.42
CA ALA S 176 58.88 -18.09 -74.76
C ALA S 176 58.39 -18.85 -73.54
N GLY S 177 59.20 -18.91 -72.50
CA GLY S 177 58.81 -19.61 -71.30
C GLY S 177 57.65 -18.92 -70.62
N LEU S 178 57.68 -17.60 -70.60
CA LEU S 178 56.64 -16.79 -69.99
C LEU S 178 55.27 -17.08 -70.60
N LYS S 179 55.20 -17.11 -71.93
CA LYS S 179 53.94 -17.41 -72.58
C LYS S 179 53.61 -18.90 -72.54
N GLN S 180 54.61 -19.78 -72.42
CA GLN S 180 54.36 -21.21 -72.28
C GLN S 180 53.55 -21.48 -71.01
N GLN S 181 53.87 -20.74 -69.95
CA GLN S 181 53.16 -20.83 -68.69
C GLN S 181 51.74 -20.21 -68.72
N ALA S 182 51.32 -19.69 -69.88
CA ALA S 182 50.01 -19.08 -70.09
C ALA S 182 49.83 -17.84 -69.26
N LEU S 183 50.92 -17.11 -69.03
CA LEU S 183 50.85 -15.90 -68.23
C LEU S 183 50.60 -14.70 -69.12
N PRO S 184 49.82 -13.73 -68.65
CA PRO S 184 49.54 -12.45 -69.28
C PRO S 184 50.73 -11.56 -69.08
N TYR S 185 51.07 -10.77 -70.08
CA TYR S 185 52.21 -9.87 -69.92
C TYR S 185 52.26 -8.85 -71.02
N SER S 186 53.11 -7.86 -70.86
CA SER S 186 53.32 -6.90 -71.90
C SER S 186 54.81 -6.58 -71.97
N ARG S 187 55.39 -6.84 -73.13
CA ARG S 187 56.82 -6.66 -73.36
C ARG S 187 57.20 -5.19 -73.57
N ARG S 188 58.35 -4.82 -73.04
CA ARG S 188 58.87 -3.46 -73.15
C ARG S 188 60.28 -3.43 -73.69
N ASN S 189 60.42 -3.35 -75.00
CA ASN S 189 61.74 -3.28 -75.59
C ASN S 189 62.26 -1.87 -75.47
N HIS S 190 63.52 -1.74 -75.07
CA HIS S 190 64.13 -0.43 -75.02
C HIS S 190 65.60 -0.55 -75.28
N LYS S 191 66.26 0.56 -75.56
CA LYS S 191 67.68 0.45 -75.83
C LYS S 191 68.38 -0.05 -74.59
N GLY S 192 69.12 -1.14 -74.75
CA GLY S 192 69.88 -1.71 -73.65
C GLY S 192 69.18 -2.80 -72.85
N GLY S 193 67.90 -3.09 -73.14
CA GLY S 193 67.25 -4.15 -72.36
C GLY S 193 65.78 -4.38 -72.70
N VAL S 194 65.14 -5.22 -71.91
CA VAL S 194 63.73 -5.49 -72.11
C VAL S 194 63.04 -5.82 -70.80
N THR S 195 61.85 -5.27 -70.61
CA THR S 195 61.10 -5.53 -69.39
C THR S 195 59.75 -6.19 -69.67
N PHE S 196 59.42 -7.20 -68.87
CA PHE S 196 58.17 -7.92 -69.02
C PHE S 196 57.21 -7.59 -67.89
N VAL S 197 56.20 -6.80 -68.23
CA VAL S 197 55.23 -6.31 -67.26
C VAL S 197 54.06 -7.25 -67.08
N ILE S 198 53.80 -7.64 -65.85
CA ILE S 198 52.68 -8.52 -65.55
C ILE S 198 51.74 -7.85 -64.56
N GLN S 199 50.62 -7.35 -65.04
CA GLN S 199 49.67 -6.64 -64.17
C GLN S 199 48.30 -7.29 -64.12
N GLY S 200 47.48 -6.78 -63.20
CA GLY S 200 46.13 -7.25 -63.02
C GLY S 200 46.02 -8.19 -61.84
N ALA S 201 44.80 -8.61 -61.53
CA ALA S 201 44.59 -9.56 -60.46
C ALA S 201 45.07 -10.91 -60.94
N LEU S 202 45.71 -11.66 -60.05
CA LEU S 202 46.24 -12.95 -60.45
C LEU S 202 45.72 -14.10 -59.61
N ASP S 203 45.48 -15.23 -60.27
CA ASP S 203 45.07 -16.46 -59.64
C ASP S 203 46.24 -17.05 -58.90
N ASP S 204 46.03 -17.56 -57.70
CA ASP S 204 47.12 -18.14 -56.91
C ASP S 204 47.96 -19.16 -57.70
N VAL S 205 47.33 -19.86 -58.64
CA VAL S 205 48.03 -20.86 -59.40
C VAL S 205 49.01 -20.20 -60.36
N GLU S 206 48.54 -19.20 -61.10
CA GLU S 206 49.43 -18.52 -62.03
C GLU S 206 50.47 -17.69 -61.31
N ILE S 207 50.21 -17.29 -60.07
CA ILE S 207 51.22 -16.59 -59.30
C ILE S 207 52.39 -17.50 -59.03
N LEU S 208 52.09 -18.72 -58.58
CA LEU S 208 53.12 -19.70 -58.31
C LEU S 208 53.94 -19.97 -59.55
N ARG S 209 53.26 -20.25 -60.66
CA ARG S 209 53.94 -20.52 -61.91
C ARG S 209 54.84 -19.39 -62.35
N ALA S 210 54.36 -18.17 -62.22
CA ALA S 210 55.13 -17.01 -62.62
C ALA S 210 56.42 -16.92 -61.86
N ARG S 211 56.36 -17.05 -60.55
CA ARG S 211 57.58 -16.94 -59.78
C ARG S 211 58.58 -18.04 -60.11
N GLN S 212 58.10 -19.26 -60.25
CA GLN S 212 59.00 -20.37 -60.56
C GLN S 212 59.79 -20.08 -61.83
N PHE S 213 59.09 -19.62 -62.85
CA PHE S 213 59.73 -19.29 -64.10
C PHE S 213 60.76 -18.19 -63.96
N VAL S 214 60.36 -17.10 -63.32
CA VAL S 214 61.25 -15.96 -63.15
C VAL S 214 62.51 -16.32 -62.40
N ASP S 215 62.38 -17.05 -61.30
CA ASP S 215 63.54 -17.44 -60.54
C ASP S 215 64.53 -18.23 -61.37
N SER S 216 64.02 -19.16 -62.18
CA SER S 216 64.90 -19.94 -63.02
C SER S 216 65.61 -19.13 -64.09
N TYR S 217 64.88 -18.21 -64.72
CA TYR S 217 65.47 -17.37 -65.74
C TYR S 217 66.60 -16.54 -65.14
N TYR S 218 66.32 -15.96 -63.99
CA TYR S 218 67.30 -15.16 -63.29
C TYR S 218 68.53 -15.98 -62.98
N ARG S 219 68.34 -17.15 -62.38
CA ARG S 219 69.44 -18.02 -62.03
C ARG S 219 70.37 -18.28 -63.22
N THR S 220 69.80 -18.50 -64.39
CA THR S 220 70.60 -18.76 -65.58
C THR S 220 71.23 -17.50 -66.18
N TRP S 221 70.40 -16.63 -66.69
CA TRP S 221 70.88 -15.45 -67.40
C TRP S 221 71.24 -14.26 -66.52
N GLY S 222 70.53 -14.12 -65.41
CA GLY S 222 70.76 -12.97 -64.54
C GLY S 222 69.79 -11.86 -64.93
N GLY S 223 69.72 -10.80 -64.12
CA GLY S 223 68.78 -9.72 -64.36
C GLY S 223 69.38 -8.43 -64.95
N ARG S 224 70.42 -8.55 -65.76
CA ARG S 224 71.02 -7.35 -66.32
C ARG S 224 70.47 -6.94 -67.68
N TYR S 225 69.76 -7.85 -68.33
CA TYR S 225 69.19 -7.52 -69.63
C TYR S 225 67.68 -7.66 -69.58
N VAL S 226 67.21 -8.79 -69.06
CA VAL S 226 65.80 -9.03 -68.92
C VAL S 226 65.33 -8.73 -67.52
N GLN S 227 64.35 -7.84 -67.41
CA GLN S 227 63.78 -7.47 -66.14
C GLN S 227 62.31 -7.86 -66.09
N PHE S 228 61.92 -8.58 -65.06
CA PHE S 228 60.52 -8.95 -64.93
C PHE S 228 59.85 -8.03 -63.92
N ALA S 229 58.56 -7.78 -64.11
CA ALA S 229 57.84 -6.86 -63.23
C ALA S 229 56.45 -7.36 -62.87
N ILE S 230 56.39 -8.20 -61.84
CA ILE S 230 55.11 -8.72 -61.38
C ILE S 230 54.42 -7.72 -60.48
N GLU S 231 53.23 -7.31 -60.86
CA GLU S 231 52.47 -6.32 -60.10
C GLU S 231 51.04 -6.77 -59.85
N LEU S 232 50.80 -7.29 -58.65
CA LEU S 232 49.49 -7.76 -58.25
C LEU S 232 48.57 -6.58 -57.97
N LYS S 233 47.60 -6.36 -58.85
CA LYS S 233 46.70 -5.20 -58.72
C LYS S 233 45.23 -5.52 -58.91
N ASP S 234 44.36 -4.67 -58.37
CA ASP S 234 42.92 -4.84 -58.54
C ASP S 234 42.43 -4.37 -59.89
N ASP S 235 41.41 -5.03 -60.40
CA ASP S 235 40.81 -4.69 -61.68
C ASP S 235 39.38 -4.17 -61.49
N ASP T 3 71.58 -41.63 -26.09
CA ASP T 3 70.84 -41.56 -24.83
C ASP T 3 70.43 -40.13 -24.53
N LYS T 4 69.57 -39.57 -25.37
CA LYS T 4 69.12 -38.21 -25.18
C LYS T 4 67.63 -38.14 -24.91
N ASP T 5 67.22 -37.20 -24.07
CA ASP T 5 65.81 -37.00 -23.81
C ASP T 5 65.21 -36.12 -24.88
N LEU T 6 64.14 -36.58 -25.50
CA LEU T 6 63.52 -35.81 -26.56
C LEU T 6 62.21 -35.20 -26.06
N LEU T 7 61.26 -36.05 -25.67
CA LEU T 7 59.96 -35.58 -25.16
C LEU T 7 59.61 -36.18 -23.81
N LYS T 8 58.85 -35.42 -23.01
CA LYS T 8 58.43 -35.90 -21.69
C LYS T 8 56.99 -35.53 -21.38
N GLY T 9 56.31 -36.35 -20.59
CA GLY T 9 54.95 -36.04 -20.17
C GLY T 9 53.92 -36.28 -21.25
N LEU T 10 54.21 -37.17 -22.17
CA LEU T 10 53.31 -37.42 -23.27
C LEU T 10 52.18 -38.33 -22.85
N ASP T 11 51.03 -38.19 -23.48
CA ASP T 11 49.99 -39.13 -23.18
C ASP T 11 50.20 -40.31 -24.10
N GLN T 12 49.36 -41.31 -23.99
CA GLN T 12 49.54 -42.52 -24.77
C GLN T 12 49.48 -42.31 -26.27
N GLU T 13 48.46 -41.59 -26.73
CA GLU T 13 48.27 -41.32 -28.16
C GLU T 13 49.46 -40.59 -28.76
N GLN T 14 49.84 -39.49 -28.13
CA GLN T 14 50.94 -38.66 -28.58
C GLN T 14 52.21 -39.46 -28.68
N ALA T 15 52.51 -40.24 -27.65
CA ALA T 15 53.73 -41.02 -27.63
C ALA T 15 53.81 -41.94 -28.81
N ASN T 16 52.73 -42.68 -29.09
CA ASN T 16 52.75 -43.60 -30.21
C ASN T 16 52.83 -42.90 -31.56
N GLU T 17 52.21 -41.73 -31.67
CA GLU T 17 52.25 -40.99 -32.93
C GLU T 17 53.65 -40.48 -33.26
N VAL T 18 54.31 -39.91 -32.26
CA VAL T 18 55.65 -39.38 -32.47
C VAL T 18 56.59 -40.48 -32.87
N ILE T 19 56.50 -41.61 -32.17
CA ILE T 19 57.35 -42.74 -32.48
C ILE T 19 57.17 -43.21 -33.89
N ALA T 20 55.92 -43.29 -34.34
CA ALA T 20 55.63 -43.72 -35.71
C ALA T 20 56.42 -42.89 -36.71
N VAL T 21 56.40 -41.56 -36.53
CA VAL T 21 57.12 -40.67 -37.42
C VAL T 21 58.62 -40.90 -37.40
N LEU T 22 59.18 -41.04 -36.22
CA LEU T 22 60.62 -41.24 -36.11
C LEU T 22 61.07 -42.52 -36.79
N GLN T 23 60.28 -43.58 -36.63
CA GLN T 23 60.60 -44.85 -37.27
C GLN T 23 60.53 -44.73 -38.76
N MET T 24 59.52 -44.02 -39.25
CA MET T 24 59.37 -43.79 -40.68
C MET T 24 60.60 -43.12 -41.28
N HIS T 25 61.24 -42.24 -40.51
CA HIS T 25 62.45 -41.59 -40.97
C HIS T 25 63.74 -42.26 -40.52
N ASN T 26 63.66 -43.55 -40.21
CA ASN T 26 64.83 -44.34 -39.83
C ASN T 26 65.46 -43.96 -38.50
N ILE T 27 64.63 -43.71 -37.49
CA ILE T 27 65.12 -43.41 -36.15
C ILE T 27 64.49 -44.30 -35.09
N GLU T 28 65.31 -45.05 -34.37
CA GLU T 28 64.82 -45.88 -33.28
C GLU T 28 64.42 -45.00 -32.11
N ALA T 29 63.40 -45.40 -31.37
CA ALA T 29 62.96 -44.59 -30.24
C ALA T 29 62.45 -45.44 -29.10
N ASN T 30 62.70 -44.99 -27.88
CA ASN T 30 62.28 -45.71 -26.70
C ASN T 30 61.09 -45.04 -26.08
N LYS T 31 60.08 -45.83 -25.70
CA LYS T 31 58.93 -45.28 -24.98
C LYS T 31 59.05 -45.68 -23.53
N ILE T 32 59.19 -44.69 -22.65
CA ILE T 32 59.36 -44.95 -21.25
C ILE T 32 58.14 -44.59 -20.44
N ASP T 33 57.61 -45.57 -19.74
CA ASP T 33 56.45 -45.39 -18.89
C ASP T 33 56.84 -44.92 -17.49
N SER T 34 56.56 -43.65 -17.19
CA SER T 34 56.89 -43.09 -15.88
C SER T 34 55.65 -42.97 -14.98
N GLY T 35 54.65 -43.82 -15.23
CA GLY T 35 53.44 -43.84 -14.42
C GLY T 35 52.64 -42.58 -14.59
N LYS T 36 52.28 -41.98 -13.46
CA LYS T 36 51.49 -40.76 -13.43
C LYS T 36 52.13 -39.58 -14.15
N LEU T 37 53.43 -39.66 -14.41
CA LEU T 37 54.11 -38.58 -15.07
C LEU T 37 54.04 -38.67 -16.58
N GLY T 38 53.43 -39.74 -17.12
CA GLY T 38 53.27 -39.88 -18.56
C GLY T 38 54.39 -40.63 -19.23
N TYR T 39 54.50 -40.48 -20.54
CA TYR T 39 55.52 -41.16 -21.30
C TYR T 39 56.65 -40.25 -21.72
N SER T 40 57.82 -40.84 -21.85
CA SER T 40 58.98 -40.11 -22.31
C SER T 40 59.60 -40.79 -23.50
N ILE T 41 60.09 -40.00 -24.44
CA ILE T 41 60.72 -40.56 -25.61
C ILE T 41 62.18 -40.21 -25.65
N THR T 42 63.02 -41.25 -25.78
CA THR T 42 64.45 -41.02 -25.85
C THR T 42 65.03 -41.65 -27.11
N VAL T 43 66.14 -41.08 -27.57
CA VAL T 43 66.78 -41.55 -28.79
C VAL T 43 68.28 -41.66 -28.66
N ALA T 44 68.89 -42.41 -29.57
CA ALA T 44 70.33 -42.55 -29.59
C ALA T 44 70.95 -41.22 -29.97
N GLU T 45 72.05 -40.88 -29.32
CA GLU T 45 72.74 -39.63 -29.56
C GLU T 45 73.08 -39.35 -31.05
N PRO T 46 73.50 -40.36 -31.84
CA PRO T 46 73.75 -40.25 -33.27
C PRO T 46 72.55 -39.76 -34.07
N ASP T 47 71.33 -40.08 -33.62
CA ASP T 47 70.13 -39.70 -34.32
C ASP T 47 69.52 -38.44 -33.78
N PHE T 48 69.82 -38.12 -32.53
CA PHE T 48 69.26 -36.97 -31.82
C PHE T 48 69.10 -35.70 -32.65
N THR T 49 70.10 -35.33 -33.43
CA THR T 49 70.00 -34.11 -34.24
C THR T 49 68.86 -34.20 -35.23
N ALA T 50 68.81 -35.32 -35.94
CA ALA T 50 67.77 -35.57 -36.92
C ALA T 50 66.42 -35.65 -36.25
N ALA T 51 66.37 -36.30 -35.09
CA ALA T 51 65.13 -36.46 -34.36
C ALA T 51 64.53 -35.11 -34.06
N VAL T 52 65.35 -34.18 -33.56
CA VAL T 52 64.89 -32.83 -33.26
C VAL T 52 64.33 -32.16 -34.49
N TYR T 53 65.06 -32.27 -35.59
CA TYR T 53 64.61 -31.69 -36.84
C TYR T 53 63.20 -32.15 -37.20
N TRP T 54 62.94 -33.45 -37.09
CA TRP T 54 61.64 -33.97 -37.45
C TRP T 54 60.54 -33.59 -36.45
N ILE T 55 60.88 -33.45 -35.17
CA ILE T 55 59.89 -32.98 -34.20
C ILE T 55 59.38 -31.62 -34.59
N LYS T 56 60.29 -30.78 -35.03
CA LYS T 56 59.94 -29.46 -35.53
C LYS T 56 59.09 -29.56 -36.78
N THR T 57 59.60 -30.27 -37.77
CA THR T 57 58.94 -30.42 -39.07
C THR T 57 57.50 -30.86 -38.98
N TYR T 58 57.22 -31.85 -38.15
CA TYR T 58 55.87 -32.37 -38.03
C TYR T 58 55.04 -31.82 -36.89
N GLN T 59 55.41 -30.68 -36.33
CA GLN T 59 54.63 -30.09 -35.24
C GLN T 59 54.34 -31.09 -34.11
N LEU T 60 55.36 -31.77 -33.63
CA LEU T 60 55.15 -32.78 -32.60
C LEU T 60 55.49 -32.26 -31.21
N PRO T 61 54.85 -32.82 -30.18
CA PRO T 61 53.80 -33.83 -30.15
C PRO T 61 52.47 -33.23 -30.60
N PRO T 62 51.55 -34.05 -31.12
CA PRO T 62 50.23 -33.72 -31.65
C PRO T 62 49.33 -33.03 -30.65
N ARG T 63 48.48 -32.15 -31.15
CA ARG T 63 47.48 -31.50 -30.32
C ARG T 63 46.27 -32.40 -30.27
N PRO T 64 45.36 -32.21 -29.31
CA PRO T 64 44.11 -32.91 -29.16
C PRO T 64 43.16 -32.47 -30.26
N ARG T 65 42.27 -33.36 -30.67
CA ARG T 65 41.35 -33.09 -31.76
C ARG T 65 40.27 -32.10 -31.37
N VAL T 66 40.04 -31.12 -32.24
CA VAL T 66 39.06 -30.07 -32.02
C VAL T 66 37.72 -30.36 -32.65
N GLU T 67 36.70 -30.31 -31.82
CA GLU T 67 35.32 -30.54 -32.22
C GLU T 67 34.48 -29.38 -31.72
N ILE T 68 33.49 -28.96 -32.49
CA ILE T 68 32.73 -27.76 -32.16
C ILE T 68 32.02 -27.79 -30.83
N ALA T 69 31.42 -28.93 -30.49
CA ALA T 69 30.68 -29.05 -29.22
C ALA T 69 31.54 -28.82 -28.00
N GLN T 70 32.86 -28.88 -28.13
CA GLN T 70 33.73 -28.69 -26.99
C GLN T 70 33.67 -27.27 -26.46
N MET T 71 33.18 -26.33 -27.28
CA MET T 71 33.08 -24.95 -26.86
C MET T 71 31.68 -24.51 -26.50
N PHE T 72 30.73 -25.42 -26.43
CA PHE T 72 29.38 -25.07 -26.04
C PHE T 72 28.81 -26.18 -25.19
N PRO T 73 29.36 -26.39 -23.99
CA PRO T 73 29.09 -27.46 -23.05
C PRO T 73 27.71 -27.38 -22.40
N ALA T 74 27.17 -28.57 -22.09
CA ALA T 74 25.86 -28.71 -21.46
C ALA T 74 25.88 -28.31 -20.00
N ASP T 75 27.07 -28.11 -19.45
CA ASP T 75 27.22 -27.69 -18.09
C ASP T 75 26.75 -26.25 -17.85
N SER T 76 26.57 -25.48 -18.93
CA SER T 76 26.08 -24.13 -18.76
C SER T 76 24.70 -24.10 -18.16
N LEU T 77 24.48 -23.15 -17.28
CA LEU T 77 23.21 -22.99 -16.58
C LEU T 77 22.11 -22.55 -17.52
N VAL T 78 22.48 -21.87 -18.60
CA VAL T 78 21.55 -21.39 -19.59
C VAL T 78 22.01 -21.79 -20.97
N SER T 79 21.14 -21.66 -21.95
CA SER T 79 21.49 -22.00 -23.31
C SER T 79 20.84 -21.04 -24.26
N SER T 80 21.23 -21.12 -25.53
CA SER T 80 20.67 -20.27 -26.54
C SER T 80 20.51 -21.08 -27.79
N PRO T 81 19.59 -20.73 -28.67
CA PRO T 81 19.33 -21.33 -29.95
C PRO T 81 20.60 -21.50 -30.73
N ARG T 82 21.44 -20.48 -30.68
CA ARG T 82 22.72 -20.49 -31.35
C ARG T 82 23.57 -21.63 -30.86
N ALA T 83 23.73 -21.71 -29.56
CA ALA T 83 24.55 -22.76 -28.97
C ALA T 83 23.99 -24.13 -29.23
N GLU T 84 22.68 -24.30 -29.07
CA GLU T 84 22.06 -25.60 -29.23
C GLU T 84 22.18 -26.12 -30.64
N LYS T 85 21.97 -25.25 -31.63
CA LYS T 85 22.06 -25.68 -33.01
C LYS T 85 23.48 -26.09 -33.33
N ALA T 86 24.47 -25.34 -32.80
CA ALA T 86 25.86 -25.69 -33.00
C ALA T 86 26.19 -27.05 -32.42
N ARG T 87 25.70 -27.31 -31.21
CA ARG T 87 25.94 -28.59 -30.56
C ARG T 87 25.43 -29.75 -31.40
N LEU T 88 24.24 -29.59 -31.95
CA LEU T 88 23.67 -30.63 -32.77
C LEU T 88 24.53 -30.93 -33.99
N TYR T 89 24.93 -29.88 -34.71
CA TYR T 89 25.73 -30.09 -35.91
C TYR T 89 27.04 -30.77 -35.60
N SER T 90 27.64 -30.45 -34.46
CA SER T 90 28.89 -31.07 -34.07
C SER T 90 28.71 -32.57 -33.97
N ALA T 91 27.64 -32.98 -33.30
CA ALA T 91 27.35 -34.40 -33.15
C ALA T 91 27.12 -35.06 -34.47
N ILE T 92 26.41 -34.39 -35.37
CA ILE T 92 26.13 -34.95 -36.68
C ILE T 92 27.41 -35.19 -37.46
N GLU T 93 28.35 -34.26 -37.46
CA GLU T 93 29.60 -34.49 -38.19
C GLU T 93 30.29 -35.72 -37.66
N GLN T 94 30.33 -35.85 -36.33
CA GLN T 94 30.98 -36.99 -35.72
C GLN T 94 30.34 -38.30 -36.14
N ARG T 95 29.02 -38.29 -36.17
CA ARG T 95 28.27 -39.48 -36.49
C ARG T 95 28.48 -39.87 -37.95
N LEU T 96 28.57 -38.89 -38.84
CA LEU T 96 28.85 -39.19 -40.24
C LEU T 96 30.24 -39.76 -40.42
N GLU T 97 31.21 -39.28 -39.64
CA GLU T 97 32.56 -39.83 -39.73
C GLU T 97 32.57 -41.27 -39.29
N GLN T 98 31.83 -41.57 -38.23
CA GLN T 98 31.74 -42.93 -37.74
C GLN T 98 31.17 -43.85 -38.81
N SER T 99 30.22 -43.35 -39.60
CA SER T 99 29.64 -44.15 -40.66
C SER T 99 30.57 -44.40 -41.84
N LEU T 100 31.24 -43.34 -42.33
CA LEU T 100 32.09 -43.52 -43.50
C LEU T 100 33.24 -44.46 -43.25
N GLN T 101 33.75 -44.48 -42.02
CA GLN T 101 34.86 -45.35 -41.70
C GLN T 101 34.50 -46.83 -41.65
N THR T 102 33.22 -47.18 -41.84
CA THR T 102 32.82 -48.57 -41.87
C THR T 102 32.64 -49.06 -43.30
N MET T 103 32.78 -48.16 -44.28
CA MET T 103 32.63 -48.60 -45.66
C MET T 103 33.83 -49.41 -46.09
N GLU T 104 33.58 -50.36 -46.97
CA GLU T 104 34.61 -51.25 -47.48
C GLU T 104 35.76 -50.50 -48.11
N GLY T 105 36.96 -50.78 -47.63
CA GLY T 105 38.16 -50.18 -48.18
C GLY T 105 38.55 -48.85 -47.53
N VAL T 106 37.69 -48.30 -46.68
CA VAL T 106 38.03 -47.02 -46.06
C VAL T 106 38.79 -47.24 -44.78
N LEU T 107 39.94 -46.58 -44.70
CA LEU T 107 40.81 -46.67 -43.54
C LEU T 107 40.56 -45.49 -42.62
N SER T 108 40.32 -44.33 -43.21
CA SER T 108 40.06 -43.12 -42.44
C SER T 108 39.23 -42.10 -43.18
N ALA T 109 38.40 -41.37 -42.47
CA ALA T 109 37.59 -40.36 -43.14
C ALA T 109 37.20 -39.23 -42.21
N ARG T 110 37.13 -38.02 -42.77
CA ARG T 110 36.75 -36.82 -42.02
C ARG T 110 35.61 -36.10 -42.72
N VAL T 111 34.70 -35.52 -41.94
CA VAL T 111 33.51 -34.87 -42.51
C VAL T 111 33.25 -33.49 -41.95
N HIS T 112 32.92 -32.55 -42.84
CA HIS T 112 32.57 -31.20 -42.45
C HIS T 112 31.20 -30.82 -42.95
N ILE T 113 30.47 -30.05 -42.16
CA ILE T 113 29.17 -29.55 -42.59
C ILE T 113 29.13 -28.08 -42.34
N SER T 114 28.52 -27.33 -43.24
CA SER T 114 28.43 -25.90 -43.05
C SER T 114 27.52 -25.57 -41.88
N TYR T 115 27.70 -24.39 -41.31
CA TYR T 115 26.91 -23.96 -40.17
C TYR T 115 26.04 -22.78 -40.50
N ASP T 116 25.03 -22.59 -39.67
CA ASP T 116 24.07 -21.49 -39.81
C ASP T 116 23.88 -20.89 -38.45
N ILE T 117 24.46 -19.73 -38.27
CA ILE T 117 24.44 -19.09 -36.97
C ILE T 117 23.46 -17.94 -36.84
N ASP T 118 23.02 -17.36 -37.96
CA ASP T 118 22.09 -16.27 -37.81
C ASP T 118 21.12 -16.02 -38.97
N ALA T 119 20.68 -17.08 -39.68
CA ALA T 119 19.68 -16.86 -40.73
C ALA T 119 18.37 -16.36 -40.12
N GLY T 120 17.67 -17.23 -39.39
CA GLY T 120 16.41 -16.90 -38.73
C GLY T 120 16.55 -15.67 -37.84
N GLU T 121 17.69 -15.54 -37.17
CA GLU T 121 18.02 -14.38 -36.35
C GLU T 121 17.81 -13.05 -37.08
N ASN T 122 18.13 -13.02 -38.36
CA ASN T 122 18.01 -11.82 -39.16
C ASN T 122 16.72 -11.77 -39.98
N GLY T 123 15.77 -12.67 -39.69
CA GLY T 123 14.53 -12.71 -40.44
C GLY T 123 14.70 -13.39 -41.79
N ARG T 124 15.82 -14.09 -41.98
CA ARG T 124 16.10 -14.74 -43.24
C ARG T 124 15.83 -16.23 -43.21
N PRO T 125 15.55 -16.83 -44.36
CA PRO T 125 15.40 -18.24 -44.60
C PRO T 125 16.80 -18.83 -44.53
N PRO T 126 16.91 -20.11 -44.20
CA PRO T 126 18.13 -20.89 -44.05
C PRO T 126 18.80 -21.11 -45.39
N LYS T 127 20.10 -21.29 -45.35
CA LYS T 127 20.87 -21.51 -46.56
C LYS T 127 21.04 -22.99 -46.82
N PRO T 128 21.33 -23.39 -48.06
CA PRO T 128 21.61 -24.73 -48.52
C PRO T 128 22.77 -25.27 -47.74
N VAL T 129 22.78 -26.57 -47.51
CA VAL T 129 23.83 -27.17 -46.72
C VAL T 129 25.00 -27.62 -47.56
N HIS T 130 26.20 -27.28 -47.13
CA HIS T 130 27.38 -27.70 -47.85
C HIS T 130 28.11 -28.79 -47.09
N LEU T 131 28.64 -29.76 -47.81
CA LEU T 131 29.36 -30.85 -47.19
C LEU T 131 30.70 -31.06 -47.84
N SER T 132 31.67 -31.48 -47.05
CA SER T 132 32.95 -31.83 -47.63
C SER T 132 33.54 -32.99 -46.86
N ALA T 133 34.36 -33.78 -47.51
CA ALA T 133 34.91 -34.92 -46.81
C ALA T 133 36.23 -35.37 -47.36
N LEU T 134 37.02 -35.97 -46.48
CA LEU T 134 38.32 -36.51 -46.83
C LEU T 134 38.32 -38.00 -46.61
N ALA T 135 39.03 -38.75 -47.44
CA ALA T 135 39.06 -40.18 -47.21
C ALA T 135 40.37 -40.84 -47.64
N VAL T 136 40.74 -41.86 -46.89
CA VAL T 136 41.92 -42.67 -47.14
C VAL T 136 41.53 -44.10 -47.37
N TYR T 137 41.93 -44.65 -48.52
CA TYR T 137 41.61 -46.01 -48.88
C TYR T 137 42.77 -46.98 -48.86
N GLU T 138 42.41 -48.25 -48.79
CA GLU T 138 43.38 -49.32 -48.88
C GLU T 138 44.07 -49.25 -50.24
N ARG T 139 45.39 -49.27 -50.22
CA ARG T 139 46.17 -49.14 -51.42
C ARG T 139 45.78 -50.17 -52.49
N GLY T 140 45.58 -49.68 -53.71
CA GLY T 140 45.21 -50.50 -54.86
C GLY T 140 43.70 -50.43 -55.17
N SER T 141 42.94 -49.81 -54.29
CA SER T 141 41.51 -49.63 -54.44
C SER T 141 41.16 -48.63 -55.59
N PRO T 142 40.06 -48.85 -56.33
CA PRO T 142 39.56 -48.05 -57.46
C PRO T 142 38.84 -46.76 -57.06
N LEU T 143 39.61 -45.84 -56.47
CA LEU T 143 39.15 -44.55 -55.96
C LEU T 143 38.22 -43.75 -56.86
N ALA T 144 38.49 -43.80 -58.16
CA ALA T 144 37.73 -43.05 -59.15
C ALA T 144 36.26 -43.45 -59.22
N HIS T 145 35.90 -44.59 -58.66
CA HIS T 145 34.53 -45.05 -58.71
C HIS T 145 33.92 -45.00 -57.33
N GLN T 146 34.76 -45.29 -56.34
CA GLN T 146 34.33 -45.33 -54.94
C GLN T 146 33.82 -43.99 -54.46
N ILE T 147 34.41 -42.93 -54.97
CA ILE T 147 33.97 -41.58 -54.67
C ILE T 147 32.48 -41.32 -54.90
N SER T 148 31.84 -42.11 -55.79
CA SER T 148 30.43 -41.90 -56.07
C SER T 148 29.54 -42.46 -54.97
N ASP T 149 30.03 -43.44 -54.21
CA ASP T 149 29.24 -43.98 -53.12
C ASP T 149 29.18 -43.00 -52.00
N ILE T 150 30.32 -42.37 -51.74
CA ILE T 150 30.40 -41.40 -50.68
C ILE T 150 29.45 -40.27 -50.95
N LYS T 151 29.51 -39.76 -52.17
CA LYS T 151 28.71 -38.64 -52.56
C LYS T 151 27.22 -38.95 -52.54
N ARG T 152 26.83 -40.14 -52.99
CA ARG T 152 25.43 -40.52 -52.98
C ARG T 152 24.90 -40.68 -51.57
N PHE T 153 25.69 -41.34 -50.73
CA PHE T 153 25.35 -41.54 -49.35
C PHE T 153 25.11 -40.25 -48.63
N LEU T 154 26.04 -39.31 -48.78
CA LEU T 154 25.91 -38.03 -48.12
C LEU T 154 24.73 -37.23 -48.66
N LYS T 155 24.46 -37.33 -49.96
CA LYS T 155 23.37 -36.56 -50.55
C LYS T 155 22.04 -36.77 -49.84
N ASN T 156 21.67 -38.01 -49.56
CA ASN T 156 20.41 -38.21 -48.85
C ASN T 156 20.57 -38.35 -47.35
N SER T 157 21.72 -37.93 -46.82
CA SER T 157 21.95 -37.96 -45.37
C SER T 157 21.65 -36.63 -44.74
N PHE T 158 21.07 -35.70 -45.49
CA PHE T 158 20.78 -34.43 -44.87
C PHE T 158 19.70 -33.65 -45.63
N ALA T 159 18.84 -33.00 -44.87
CA ALA T 159 17.67 -32.24 -45.30
C ALA T 159 17.73 -31.61 -46.69
N ASP T 160 18.80 -30.89 -47.02
CA ASP T 160 18.83 -30.25 -48.31
C ASP T 160 20.23 -29.96 -48.85
N VAL T 161 20.78 -30.94 -49.56
CA VAL T 161 22.06 -30.81 -50.21
C VAL T 161 21.90 -31.21 -51.65
N ASP T 162 22.97 -31.12 -52.42
CA ASP T 162 22.91 -31.53 -53.81
C ASP T 162 24.29 -31.92 -54.30
N TYR T 163 24.38 -32.46 -55.51
CA TYR T 163 25.65 -32.96 -56.01
C TYR T 163 26.68 -31.88 -56.39
N ASP T 164 26.29 -30.61 -56.31
CA ASP T 164 27.24 -29.54 -56.60
C ASP T 164 27.78 -28.93 -55.32
N ASN T 165 27.15 -29.24 -54.19
CA ASN T 165 27.57 -28.68 -52.94
C ASN T 165 28.15 -29.72 -52.00
N ILE T 166 28.59 -30.83 -52.56
CA ILE T 166 29.26 -31.89 -51.82
C ILE T 166 30.61 -32.16 -52.43
N SER T 167 31.68 -31.95 -51.68
CA SER T 167 33.00 -32.18 -52.23
C SER T 167 33.76 -33.28 -51.52
N VAL T 168 34.36 -34.17 -52.31
CA VAL T 168 35.11 -35.26 -51.74
C VAL T 168 36.53 -35.31 -52.29
N VAL T 169 37.49 -35.24 -51.39
CA VAL T 169 38.90 -35.32 -51.75
C VAL T 169 39.48 -36.54 -51.09
N LEU T 170 40.11 -37.40 -51.85
CA LEU T 170 40.59 -38.63 -51.29
C LEU T 170 41.83 -39.20 -51.93
N SER T 171 42.41 -40.20 -51.26
CA SER T 171 43.60 -40.89 -51.73
C SER T 171 43.74 -42.25 -51.06
N GLU T 172 44.95 -42.77 -51.03
CA GLU T 172 45.20 -44.08 -50.44
C GLU T 172 46.48 -44.09 -49.65
N ARG T 173 46.61 -45.08 -48.77
CA ARG T 173 47.77 -45.17 -47.90
C ARG T 173 49.08 -45.40 -48.65
N SER T 174 50.17 -45.06 -47.97
CA SER T 174 51.53 -45.23 -48.47
C SER T 174 52.08 -46.63 -48.19
N ASP T 175 53.31 -46.88 -48.65
CA ASP T 175 54.00 -48.16 -48.43
C ASP T 175 54.24 -48.36 -46.95
N ALA T 176 53.62 -49.39 -46.38
CA ALA T 176 53.67 -49.66 -44.95
C ALA T 176 55.08 -49.85 -44.42
N GLN T 177 55.38 -49.19 -43.30
CA GLN T 177 56.69 -49.32 -42.71
C GLN T 177 56.73 -50.55 -41.85
N LEU T 178 57.11 -51.66 -42.47
CA LEU T 178 57.14 -52.94 -41.79
C LEU T 178 58.53 -53.36 -41.33
N GLN T 179 59.51 -52.46 -41.43
CA GLN T 179 60.88 -52.81 -41.06
C GLN T 179 61.46 -51.88 -40.01
N ALA T 180 62.22 -52.44 -39.08
CA ALA T 180 62.83 -51.63 -38.04
C ALA T 180 63.96 -50.78 -38.61
N PRO T 181 64.11 -49.53 -38.14
CA PRO T 181 65.15 -48.56 -38.49
C PRO T 181 66.59 -49.07 -38.32
N GLY T 182 66.85 -49.76 -37.23
CA GLY T 182 68.17 -50.31 -36.97
C GLY T 182 68.96 -49.39 -36.04
N THR T 183 69.97 -49.95 -35.40
CA THR T 183 70.80 -49.20 -34.47
C THR T 183 71.94 -48.52 -35.21
N PRO T 184 72.61 -47.56 -34.57
CA PRO T 184 73.77 -46.83 -35.05
C PRO T 184 74.98 -47.74 -35.05
N VAL T 185 75.95 -47.43 -35.90
CA VAL T 185 77.14 -48.23 -36.00
C VAL T 185 78.20 -47.78 -35.01
N LYS T 186 78.48 -48.63 -34.03
CA LYS T 186 79.50 -48.38 -33.02
C LYS T 186 79.62 -49.57 -32.09
N ALA U 42 81.78 -53.23 -42.24
CA ALA U 42 80.45 -52.63 -42.31
C ALA U 42 79.98 -52.54 -43.75
N GLU U 43 79.74 -53.69 -44.37
CA GLU U 43 79.28 -53.71 -45.75
C GLU U 43 77.99 -52.93 -45.88
N LEU U 44 77.98 -51.99 -46.81
CA LEU U 44 76.85 -51.11 -47.03
C LEU U 44 75.53 -51.84 -47.21
N ASP U 45 75.55 -52.98 -47.88
CA ASP U 45 74.35 -53.77 -48.07
C ASP U 45 73.71 -54.18 -46.74
N SER U 46 74.53 -54.42 -45.73
CA SER U 46 74.02 -54.82 -44.43
C SER U 46 73.64 -53.58 -43.61
N LEU U 47 74.23 -52.44 -43.95
CA LEU U 47 73.90 -51.20 -43.27
C LEU U 47 72.51 -50.69 -43.66
N LEU U 48 72.14 -50.91 -44.92
CA LEU U 48 70.82 -50.55 -45.43
C LEU U 48 69.77 -51.54 -44.93
N GLY U 49 68.51 -51.11 -44.94
CA GLY U 49 67.34 -51.86 -44.46
C GLY U 49 67.28 -53.37 -44.76
N GLN U 50 66.38 -54.06 -44.04
CA GLN U 50 66.18 -55.51 -44.16
C GLN U 50 65.84 -55.93 -45.58
N GLU U 51 64.96 -55.17 -46.21
CA GLU U 51 64.61 -55.47 -47.58
C GLU U 51 65.62 -54.80 -48.48
N LYS U 52 66.77 -55.44 -48.62
CA LYS U 52 67.88 -54.93 -49.40
C LYS U 52 67.55 -54.69 -50.87
N GLU U 53 66.46 -55.27 -51.35
CA GLU U 53 66.07 -55.13 -52.74
C GLU U 53 65.43 -53.77 -53.04
N ARG U 54 65.31 -52.91 -52.03
CA ARG U 54 64.79 -51.57 -52.24
C ARG U 54 65.89 -50.64 -52.75
N PHE U 55 67.15 -51.07 -52.66
CA PHE U 55 68.24 -50.21 -53.08
C PHE U 55 69.16 -50.88 -54.06
N GLN U 56 69.72 -50.11 -54.97
CA GLN U 56 70.72 -50.65 -55.87
C GLN U 56 72.05 -49.98 -55.63
N VAL U 57 72.96 -50.70 -55.00
CA VAL U 57 74.27 -50.13 -54.75
C VAL U 57 75.13 -50.20 -56.00
N LEU U 58 75.73 -49.06 -56.34
CA LEU U 58 76.51 -48.93 -57.55
C LEU U 58 77.95 -48.54 -57.23
N PRO U 59 78.93 -49.04 -57.98
CA PRO U 59 80.34 -48.75 -57.72
C PRO U 59 80.88 -47.76 -58.74
N GLY U 60 80.89 -46.48 -58.38
CA GLY U 60 81.35 -45.46 -59.31
C GLY U 60 82.84 -45.50 -59.55
N ARG U 61 83.25 -45.07 -60.74
CA ARG U 61 84.66 -45.07 -61.13
C ARG U 61 85.47 -44.01 -60.37
N ASP U 62 84.77 -43.09 -59.72
CA ASP U 62 85.36 -42.05 -58.89
C ASP U 62 85.62 -42.51 -57.45
N LYS U 63 85.51 -43.82 -57.19
CA LYS U 63 85.73 -44.41 -55.87
C LYS U 63 84.62 -44.08 -54.89
N MET U 64 83.48 -43.62 -55.39
CA MET U 64 82.35 -43.34 -54.54
C MET U 64 81.32 -44.42 -54.72
N LEU U 65 80.85 -44.95 -53.60
CA LEU U 65 79.87 -46.01 -53.64
C LEU U 65 78.49 -45.34 -53.62
N TYR U 66 77.71 -45.59 -54.66
CA TYR U 66 76.44 -44.91 -54.79
C TYR U 66 75.26 -45.76 -54.37
N VAL U 67 74.23 -45.12 -53.85
CA VAL U 67 73.02 -45.83 -53.46
C VAL U 67 71.83 -45.37 -54.25
N ALA U 68 71.40 -46.15 -55.22
CA ALA U 68 70.26 -45.72 -56.02
C ALA U 68 68.96 -46.05 -55.33
N ALA U 69 68.16 -45.01 -55.10
CA ALA U 69 66.86 -45.16 -54.47
C ALA U 69 65.76 -44.78 -55.45
N GLN U 70 64.64 -45.46 -55.35
CA GLN U 70 63.51 -45.23 -56.26
C GLN U 70 62.45 -44.28 -55.70
N ASN U 71 62.62 -43.85 -54.47
CA ASN U 71 61.63 -42.99 -53.83
C ASN U 71 62.27 -42.12 -52.78
N GLU U 72 61.79 -40.89 -52.66
CA GLU U 72 62.33 -39.95 -51.68
C GLU U 72 62.31 -40.46 -50.23
N ARG U 73 61.44 -41.41 -49.91
CA ARG U 73 61.43 -41.97 -48.57
C ARG U 73 62.63 -42.89 -48.38
N ASP U 74 63.06 -43.51 -49.46
CA ASP U 74 64.18 -44.42 -49.42
C ASP U 74 65.44 -43.60 -49.55
N THR U 75 65.34 -42.47 -50.24
CA THR U 75 66.45 -41.55 -50.36
C THR U 75 66.83 -41.09 -48.98
N LEU U 76 65.84 -40.62 -48.23
CA LEU U 76 66.09 -40.18 -46.87
C LEU U 76 66.56 -41.30 -45.99
N TRP U 77 65.99 -42.49 -46.14
CA TRP U 77 66.40 -43.65 -45.37
C TRP U 77 67.91 -43.84 -45.47
N ALA U 78 68.39 -43.94 -46.70
CA ALA U 78 69.81 -44.14 -46.98
C ALA U 78 70.67 -42.99 -46.47
N ARG U 79 70.18 -41.76 -46.59
CA ARG U 79 70.95 -40.62 -46.11
C ARG U 79 71.10 -40.69 -44.60
N GLN U 80 70.05 -41.13 -43.91
CA GLN U 80 70.13 -41.26 -42.48
C GLN U 80 71.11 -42.34 -42.11
N VAL U 81 71.17 -43.42 -42.90
CA VAL U 81 72.16 -44.46 -42.64
C VAL U 81 73.57 -43.92 -42.72
N LEU U 82 73.85 -43.14 -43.75
CA LEU U 82 75.19 -42.58 -43.90
C LEU U 82 75.55 -41.60 -42.77
N ALA U 83 74.58 -40.84 -42.29
CA ALA U 83 74.84 -39.90 -41.20
C ALA U 83 74.85 -40.58 -39.82
N ARG U 84 74.01 -41.59 -39.64
CA ARG U 84 73.88 -42.31 -38.37
C ARG U 84 74.97 -43.31 -38.13
N GLY U 85 75.15 -44.20 -39.10
CA GLY U 85 76.15 -45.23 -39.02
C GLY U 85 77.43 -44.76 -39.64
N ASP U 86 78.19 -45.68 -40.17
CA ASP U 86 79.43 -45.30 -40.78
C ASP U 86 79.88 -46.28 -41.83
N TYR U 87 80.71 -45.79 -42.71
CA TYR U 87 81.28 -46.56 -43.77
C TYR U 87 82.49 -45.80 -44.27
N ASP U 88 83.68 -46.36 -44.05
CA ASP U 88 84.92 -45.70 -44.44
C ASP U 88 85.16 -45.70 -45.94
N LYS U 89 84.41 -44.85 -46.65
CA LYS U 89 84.53 -44.73 -48.09
C LYS U 89 83.56 -43.70 -48.61
N ASN U 90 83.96 -42.98 -49.65
CA ASN U 90 83.08 -42.02 -50.28
C ASN U 90 81.77 -42.68 -50.62
N ALA U 91 80.67 -41.99 -50.38
CA ALA U 91 79.37 -42.54 -50.68
C ALA U 91 78.37 -41.44 -50.97
N ARG U 92 77.37 -41.75 -51.79
CA ARG U 92 76.38 -40.75 -52.15
C ARG U 92 75.09 -41.37 -52.68
N VAL U 93 73.97 -40.93 -52.11
CA VAL U 93 72.66 -41.43 -52.49
C VAL U 93 72.14 -40.80 -53.78
N ILE U 94 71.69 -41.65 -54.69
CA ILE U 94 71.15 -41.25 -55.98
C ILE U 94 69.63 -41.22 -56.02
N ASN U 95 69.10 -40.15 -56.56
CA ASN U 95 67.67 -39.96 -56.72
C ASN U 95 67.36 -39.51 -58.13
N GLU U 96 66.63 -40.35 -58.86
CA GLU U 96 66.28 -40.13 -60.26
C GLU U 96 65.92 -38.70 -60.63
N ASN U 97 65.04 -38.08 -59.86
CA ASN U 97 64.65 -36.70 -60.17
C ASN U 97 65.73 -35.72 -59.83
N GLU U 98 66.45 -35.95 -58.72
CA GLU U 98 67.49 -35.03 -58.34
C GLU U 98 68.63 -35.05 -59.34
N GLU U 99 68.92 -36.23 -59.88
CA GLU U 99 69.97 -36.36 -60.86
C GLU U 99 69.56 -35.79 -62.18
N ASN U 100 68.29 -35.96 -62.54
CA ASN U 100 67.80 -35.39 -63.77
C ASN U 100 67.99 -33.89 -63.71
N LYS U 101 67.66 -33.28 -62.56
CA LYS U 101 67.82 -31.85 -62.37
C LYS U 101 69.27 -31.41 -62.37
N ARG U 102 70.13 -32.12 -61.65
CA ARG U 102 71.55 -31.77 -61.59
C ARG U 102 72.15 -31.69 -62.98
N ILE U 103 71.85 -32.68 -63.79
CA ILE U 103 72.33 -32.71 -65.14
C ILE U 103 71.78 -31.57 -65.96
N SER U 104 70.47 -31.31 -65.86
CA SER U 104 69.87 -30.26 -66.65
C SER U 104 70.47 -28.89 -66.37
N ILE U 105 70.94 -28.68 -65.14
CA ILE U 105 71.59 -27.42 -64.81
C ILE U 105 72.88 -27.24 -65.58
N TRP U 106 73.74 -28.24 -65.48
CA TRP U 106 75.03 -28.20 -66.17
C TRP U 106 74.82 -28.11 -67.66
N LEU U 107 73.88 -28.90 -68.14
CA LEU U 107 73.58 -29.01 -69.53
C LEU U 107 73.13 -27.69 -70.10
N ASP U 108 72.26 -26.97 -69.39
CA ASP U 108 71.83 -25.66 -69.88
C ASP U 108 73.01 -24.68 -70.02
N THR U 109 73.95 -24.70 -69.07
CA THR U 109 75.09 -23.80 -69.13
C THR U 109 76.03 -24.07 -70.29
N TYR U 110 76.38 -25.34 -70.50
CA TYR U 110 77.32 -25.70 -71.54
C TYR U 110 76.69 -25.94 -72.90
N TYR U 111 75.45 -26.42 -72.90
CA TYR U 111 74.71 -26.61 -74.12
C TYR U 111 73.37 -25.89 -74.10
N PRO U 112 73.37 -24.56 -74.10
CA PRO U 112 72.20 -23.71 -74.06
C PRO U 112 71.48 -23.91 -75.37
N GLN U 113 70.17 -23.78 -75.31
CA GLN U 113 69.27 -23.99 -76.45
C GLN U 113 69.12 -25.46 -76.87
N LEU U 114 69.77 -26.40 -76.16
CA LEU U 114 69.60 -27.81 -76.51
C LEU U 114 68.17 -28.23 -76.23
N ALA U 115 67.51 -28.82 -77.22
CA ALA U 115 66.13 -29.25 -77.02
C ALA U 115 66.08 -30.70 -76.60
N TYR U 116 65.64 -30.96 -75.38
CA TYR U 116 65.60 -32.33 -74.89
C TYR U 116 64.43 -32.53 -73.94
N TYR U 117 64.19 -33.80 -73.59
CA TYR U 117 63.04 -34.17 -72.75
C TYR U 117 63.42 -34.61 -71.36
N ARG U 118 63.82 -35.85 -71.20
CA ARG U 118 64.12 -36.34 -69.86
C ARG U 118 65.04 -37.54 -69.91
N ILE U 119 65.87 -37.67 -68.89
CA ILE U 119 66.77 -38.81 -68.81
C ILE U 119 66.10 -39.94 -68.06
N HIS U 120 66.08 -41.11 -68.69
CA HIS U 120 65.49 -42.29 -68.12
C HIS U 120 66.58 -43.14 -67.53
N PHE U 121 66.66 -43.15 -66.22
CA PHE U 121 67.76 -43.84 -65.57
C PHE U 121 67.59 -45.34 -65.56
N ASP U 122 66.35 -45.81 -65.30
CA ASP U 122 66.00 -47.25 -65.29
C ASP U 122 67.15 -48.18 -64.91
N GLU U 123 67.96 -48.56 -65.90
CA GLU U 123 69.15 -49.38 -65.66
C GLU U 123 70.38 -48.51 -65.50
N PRO U 124 70.66 -48.05 -64.27
CA PRO U 124 71.77 -47.15 -63.88
C PRO U 124 72.94 -47.08 -64.87
N ARG U 125 73.48 -48.23 -65.21
CA ARG U 125 74.61 -48.40 -66.11
C ARG U 125 74.49 -47.69 -67.45
N LYS U 126 73.30 -47.74 -68.04
CA LYS U 126 73.05 -47.17 -69.34
C LYS U 126 71.75 -46.39 -69.40
N PRO U 127 71.70 -45.17 -68.88
CA PRO U 127 70.56 -44.27 -68.86
C PRO U 127 70.30 -43.80 -70.27
N VAL U 128 69.04 -43.51 -70.56
CA VAL U 128 68.64 -43.10 -71.88
C VAL U 128 68.30 -41.62 -71.91
N PHE U 129 68.86 -40.92 -72.87
CA PHE U 129 68.65 -39.49 -72.96
C PHE U 129 67.71 -39.15 -74.09
N TRP U 130 66.49 -38.70 -73.80
CA TRP U 130 65.60 -38.33 -74.89
C TRP U 130 65.92 -36.92 -75.38
N LEU U 131 66.15 -36.83 -76.69
CA LEU U 131 66.56 -35.61 -77.38
C LEU U 131 65.55 -35.25 -78.48
N SER U 132 65.20 -33.97 -78.62
CA SER U 132 64.22 -33.63 -79.66
C SER U 132 64.76 -33.86 -81.06
N ARG U 133 64.21 -34.85 -81.74
CA ARG U 133 64.61 -35.21 -83.09
C ARG U 133 64.46 -34.06 -84.08
N GLN U 134 63.33 -33.38 -83.99
CA GLN U 134 63.02 -32.32 -84.94
C GLN U 134 63.68 -30.99 -84.65
N ARG U 135 63.85 -30.62 -83.38
CA ARG U 135 64.44 -29.33 -83.10
C ARG U 135 65.97 -29.29 -83.10
N ASN U 136 66.62 -30.42 -82.87
CA ASN U 136 68.07 -30.40 -82.86
C ASN U 136 68.66 -30.78 -84.21
N THR U 137 69.73 -30.08 -84.59
CA THR U 137 70.41 -30.29 -85.85
C THR U 137 71.87 -30.66 -85.66
N MET U 138 72.18 -31.23 -84.49
CA MET U 138 73.56 -31.61 -84.18
C MET U 138 74.03 -32.76 -85.06
N SER U 139 75.31 -32.76 -85.38
CA SER U 139 75.88 -33.82 -86.20
C SER U 139 76.14 -35.02 -85.35
N LYS U 140 76.36 -36.16 -85.98
CA LYS U 140 76.65 -37.40 -85.28
C LYS U 140 77.86 -37.25 -84.37
N LYS U 141 78.89 -36.57 -84.86
CA LYS U 141 80.10 -36.35 -84.10
C LYS U 141 79.84 -35.48 -82.89
N GLU U 142 79.01 -34.45 -83.08
CA GLU U 142 78.66 -33.57 -81.97
C GLU U 142 77.89 -34.33 -80.91
N LEU U 143 77.01 -35.24 -81.34
CA LEU U 143 76.25 -36.05 -80.42
C LEU U 143 77.17 -37.00 -79.64
N GLU U 144 78.21 -37.50 -80.30
CA GLU U 144 79.19 -38.32 -79.61
C GLU U 144 79.78 -37.56 -78.44
N VAL U 145 80.23 -36.34 -78.72
CA VAL U 145 80.82 -35.49 -77.71
C VAL U 145 79.86 -35.23 -76.58
N LEU U 146 78.61 -34.92 -76.91
CA LEU U 146 77.58 -34.69 -75.93
C LEU U 146 77.45 -35.85 -74.99
N SER U 147 77.37 -37.08 -75.52
CA SER U 147 77.23 -38.24 -74.66
C SER U 147 78.43 -38.42 -73.77
N GLN U 148 79.61 -38.04 -74.26
CA GLN U 148 80.81 -38.14 -73.47
C GLN U 148 80.79 -37.19 -72.29
N LYS U 149 80.24 -36.01 -72.51
CA LYS U 149 80.13 -35.05 -71.42
C LYS U 149 79.15 -35.55 -70.39
N LEU U 150 78.08 -36.18 -70.85
CA LEU U 150 77.09 -36.74 -69.94
C LEU U 150 77.71 -37.87 -69.12
N ARG U 151 78.59 -38.66 -69.75
CA ARG U 151 79.26 -39.74 -69.04
C ARG U 151 80.09 -39.16 -67.92
N ALA U 152 80.75 -38.03 -68.20
CA ALA U 152 81.54 -37.34 -67.17
C ALA U 152 80.66 -36.92 -66.01
N LEU U 153 79.45 -36.45 -66.31
CA LEU U 153 78.51 -36.04 -65.27
C LEU U 153 77.99 -37.19 -64.41
N MET U 154 78.02 -38.41 -64.94
CA MET U 154 77.54 -39.60 -64.23
C MET U 154 78.63 -40.66 -64.00
N PRO U 155 79.38 -40.54 -62.89
CA PRO U 155 80.48 -41.38 -62.40
C PRO U 155 80.20 -42.87 -62.42
N TYR U 156 78.94 -43.24 -62.25
CA TYR U 156 78.56 -44.65 -62.23
C TYR U 156 78.23 -45.19 -63.61
N ALA U 157 77.50 -44.41 -64.39
CA ALA U 157 77.07 -44.83 -65.72
C ALA U 157 78.26 -45.20 -66.56
N ASP U 158 78.12 -46.26 -67.34
CA ASP U 158 79.19 -46.70 -68.17
C ASP U 158 79.11 -46.01 -69.52
N SER U 159 77.89 -45.79 -69.99
CA SER U 159 77.68 -45.09 -71.25
C SER U 159 76.32 -44.44 -71.25
N VAL U 160 76.10 -43.54 -72.19
CA VAL U 160 74.83 -42.85 -72.29
C VAL U 160 74.18 -43.10 -73.63
N ASN U 161 72.93 -43.54 -73.61
CA ASN U 161 72.23 -43.81 -74.84
C ASN U 161 71.38 -42.64 -75.27
N ILE U 162 71.95 -41.75 -76.06
CA ILE U 162 71.17 -40.63 -76.57
C ILE U 162 70.34 -41.09 -77.73
N THR U 163 69.06 -40.76 -77.68
CA THR U 163 68.15 -41.14 -78.75
C THR U 163 67.22 -39.99 -79.06
N LEU U 164 66.82 -39.92 -80.32
CA LEU U 164 66.01 -38.82 -80.78
C LEU U 164 64.53 -39.17 -80.82
N MET U 165 63.70 -38.32 -80.21
CA MET U 165 62.26 -38.54 -80.12
C MET U 165 61.50 -37.56 -81.00
N ASP U 166 60.38 -37.99 -81.55
CA ASP U 166 59.59 -37.11 -82.40
C ASP U 166 58.58 -36.29 -81.60
N ASP U 167 58.80 -34.98 -81.61
CA ASP U 167 57.97 -34.00 -80.90
C ASP U 167 56.47 -34.18 -81.12
N VAL U 168 56.09 -34.61 -82.32
CA VAL U 168 54.71 -34.82 -82.66
C VAL U 168 54.08 -35.91 -81.85
N THR U 169 54.82 -36.98 -81.60
CA THR U 169 54.25 -38.10 -80.86
C THR U 169 54.12 -37.75 -79.40
N ALA U 170 54.99 -36.87 -78.91
CA ALA U 170 54.88 -36.42 -77.53
C ALA U 170 53.58 -35.67 -77.35
N ALA U 171 53.33 -34.72 -78.25
CA ALA U 171 52.12 -33.92 -78.20
C ALA U 171 50.89 -34.76 -78.43
N GLY U 172 50.98 -35.71 -79.36
CA GLY U 172 49.87 -36.57 -79.69
C GLY U 172 49.39 -37.36 -78.50
N GLN U 173 50.33 -37.95 -77.76
CA GLN U 173 49.97 -38.71 -76.58
C GLN U 173 49.36 -37.84 -75.51
N ALA U 174 49.91 -36.64 -75.32
CA ALA U 174 49.39 -35.73 -74.32
C ALA U 174 47.92 -35.43 -74.57
N GLU U 175 47.58 -35.08 -75.79
CA GLU U 175 46.21 -34.73 -76.09
C GLU U 175 45.31 -35.94 -76.11
N ALA U 176 45.78 -37.05 -76.69
CA ALA U 176 44.96 -38.24 -76.80
C ALA U 176 44.48 -38.73 -75.46
N GLY U 177 45.39 -38.85 -74.50
CA GLY U 177 45.01 -39.33 -73.17
C GLY U 177 44.08 -38.33 -72.48
N LEU U 178 44.39 -37.04 -72.65
CA LEU U 178 43.60 -35.98 -72.06
C LEU U 178 42.14 -36.05 -72.50
N LYS U 179 41.91 -36.21 -73.80
CA LYS U 179 40.54 -36.31 -74.29
C LYS U 179 39.94 -37.69 -74.02
N GLN U 180 40.76 -38.73 -73.87
CA GLN U 180 40.24 -40.05 -73.52
C GLN U 180 39.56 -40.00 -72.16
N GLN U 181 40.13 -39.24 -71.24
CA GLN U 181 39.58 -39.03 -69.92
C GLN U 181 38.32 -38.15 -69.90
N ALA U 182 37.86 -37.68 -71.08
CA ALA U 182 36.69 -36.84 -71.25
C ALA U 182 36.86 -35.50 -70.57
N LEU U 183 38.08 -34.99 -70.55
CA LEU U 183 38.35 -33.71 -69.91
C LEU U 183 38.22 -32.59 -70.92
N PRO U 184 37.72 -31.43 -70.53
CA PRO U 184 37.62 -30.21 -71.29
C PRO U 184 38.98 -29.56 -71.32
N TYR U 185 39.34 -28.99 -72.44
CA TYR U 185 40.64 -28.32 -72.52
C TYR U 185 40.76 -27.48 -73.75
N SER U 186 41.80 -26.66 -73.79
CA SER U 186 42.07 -25.89 -74.97
C SER U 186 43.58 -25.91 -75.22
N ARG U 187 43.95 -26.41 -76.39
CA ARG U 187 45.35 -26.55 -76.76
C ARG U 187 45.98 -25.24 -77.20
N ARG U 188 47.25 -25.04 -76.84
CA ARG U 188 47.99 -23.86 -77.17
C ARG U 188 49.31 -24.18 -77.84
N ASN U 189 49.30 -24.28 -79.16
CA ASN U 189 50.53 -24.55 -79.87
C ASN U 189 51.34 -23.27 -79.99
N HIS U 190 52.62 -23.36 -79.74
CA HIS U 190 53.48 -22.20 -79.92
C HIS U 190 54.86 -22.67 -80.29
N LYS U 191 55.68 -21.76 -80.78
CA LYS U 191 57.02 -22.18 -81.16
C LYS U 191 57.75 -22.68 -79.94
N GLY U 192 58.25 -23.91 -80.02
CA GLY U 192 59.00 -24.49 -78.93
C GLY U 192 58.19 -25.32 -77.93
N GLY U 193 56.86 -25.37 -78.06
CA GLY U 193 56.11 -26.18 -77.09
C GLY U 193 54.60 -26.13 -77.26
N VAL U 194 53.90 -26.73 -76.30
CA VAL U 194 52.45 -26.72 -76.33
C VAL U 194 51.87 -26.75 -74.93
N THR U 195 50.84 -25.94 -74.70
CA THR U 195 50.20 -25.89 -73.40
C THR U 195 48.74 -26.29 -73.46
N PHE U 196 48.32 -27.11 -72.50
CA PHE U 196 46.93 -27.57 -72.44
C PHE U 196 46.19 -26.92 -71.28
N VAL U 197 45.33 -25.98 -71.62
CA VAL U 197 44.60 -25.21 -70.64
C VAL U 197 43.29 -25.85 -70.24
N ILE U 198 43.11 -26.04 -68.94
CA ILE U 198 41.87 -26.62 -68.41
C ILE U 198 41.22 -25.65 -67.44
N GLN U 199 40.16 -24.99 -67.89
CA GLN U 199 39.48 -24.01 -67.03
C GLN U 199 38.03 -24.35 -66.76
N GLY U 200 37.44 -23.59 -65.86
CA GLY U 200 36.04 -23.74 -65.49
C GLY U 200 35.90 -24.49 -64.18
N ALA U 201 34.66 -24.62 -63.72
CA ALA U 201 34.41 -25.38 -62.51
C ALA U 201 34.54 -26.84 -62.84
N LEU U 202 35.13 -27.61 -61.93
CA LEU U 202 35.35 -29.01 -62.20
C LEU U 202 34.72 -29.93 -61.17
N ASP U 203 34.19 -31.04 -61.65
CA ASP U 203 33.62 -32.09 -60.82
C ASP U 203 34.74 -32.82 -60.11
N ASP U 204 34.57 -33.14 -58.85
CA ASP U 204 35.61 -33.84 -58.10
C ASP U 204 36.14 -35.10 -58.80
N VAL U 205 35.28 -35.75 -59.58
CA VAL U 205 35.68 -36.95 -60.27
C VAL U 205 36.64 -36.62 -61.39
N GLU U 206 36.30 -35.63 -62.22
CA GLU U 206 37.19 -35.26 -63.31
C GLU U 206 38.45 -34.59 -62.81
N ILE U 207 38.41 -34.02 -61.61
CA ILE U 207 39.62 -33.45 -61.04
C ILE U 207 40.62 -34.55 -60.76
N LEU U 208 40.13 -35.62 -60.12
CA LEU U 208 40.98 -36.76 -59.82
C LEU U 208 41.58 -37.34 -61.09
N ARG U 209 40.74 -37.59 -62.08
CA ARG U 209 41.20 -38.13 -63.34
C ARG U 209 42.25 -37.28 -64.01
N ALA U 210 42.03 -35.97 -64.00
CA ALA U 210 42.95 -35.05 -64.63
C ALA U 210 44.33 -35.15 -64.01
N ARG U 211 44.40 -35.11 -62.69
CA ARG U 211 45.69 -35.17 -62.05
C ARG U 211 46.41 -36.48 -62.32
N GLN U 212 45.69 -37.59 -62.26
CA GLN U 212 46.32 -38.88 -62.50
C GLN U 212 46.99 -38.92 -63.86
N PHE U 213 46.27 -38.44 -64.87
CA PHE U 213 46.82 -38.38 -66.21
C PHE U 213 48.04 -37.52 -66.31
N VAL U 214 47.96 -36.31 -65.78
CA VAL U 214 49.06 -35.36 -65.85
C VAL U 214 50.30 -35.88 -65.19
N ASP U 215 50.17 -36.44 -64.00
CA ASP U 215 51.32 -36.99 -63.29
C ASP U 215 52.02 -38.05 -64.10
N SER U 216 51.25 -38.94 -64.73
CA SER U 216 51.86 -39.98 -65.53
C SER U 216 52.57 -39.46 -66.76
N TYR U 217 51.97 -38.48 -67.43
CA TYR U 217 52.60 -37.90 -68.61
C TYR U 217 53.92 -37.27 -68.24
N TYR U 218 53.90 -36.50 -67.16
CA TYR U 218 55.10 -35.87 -66.66
C TYR U 218 56.17 -36.88 -66.36
N ARG U 219 55.81 -37.91 -65.59
CA ARG U 219 56.76 -38.95 -65.24
C ARG U 219 57.47 -39.53 -66.45
N THR U 220 56.74 -39.75 -67.53
CA THR U 220 57.34 -40.31 -68.74
C THR U 220 58.12 -39.28 -69.56
N TRP U 221 57.42 -38.31 -70.11
CA TRP U 221 58.04 -37.35 -71.00
C TRP U 221 58.71 -36.18 -70.33
N GLY U 222 58.19 -35.76 -69.19
CA GLY U 222 58.74 -34.59 -68.52
C GLY U 222 57.96 -33.35 -68.96
N GLY U 223 58.20 -32.23 -68.29
CA GLY U 223 57.46 -31.00 -68.58
C GLY U 223 58.22 -29.96 -69.39
N ARG U 224 59.13 -30.37 -70.27
CA ARG U 224 59.89 -29.39 -71.04
C ARG U 224 59.25 -29.04 -72.38
N TYR U 225 58.31 -29.83 -72.84
CA TYR U 225 57.67 -29.55 -74.12
C TYR U 225 56.18 -29.36 -73.92
N VAL U 226 55.57 -30.31 -73.21
CA VAL U 226 54.14 -30.22 -72.90
C VAL U 226 53.92 -29.68 -71.52
N GLN U 227 53.15 -28.61 -71.44
CA GLN U 227 52.82 -27.98 -70.18
C GLN U 227 51.33 -28.04 -69.94
N PHE U 228 50.92 -28.55 -68.79
CA PHE U 228 49.50 -28.59 -68.49
C PHE U 228 49.15 -27.45 -67.55
N ALA U 229 47.91 -26.97 -67.64
CA ALA U 229 47.50 -25.82 -66.84
C ALA U 229 46.10 -25.98 -66.30
N ILE U 230 45.99 -26.66 -65.15
CA ILE U 230 44.70 -26.85 -64.51
C ILE U 230 44.33 -25.63 -63.69
N GLU U 231 43.21 -25.03 -64.01
CA GLU U 231 42.74 -23.83 -63.33
C GLU U 231 41.30 -23.94 -62.88
N LEU U 232 41.11 -24.25 -61.61
CA LEU U 232 39.78 -24.40 -61.04
C LEU U 232 39.15 -23.03 -60.82
N LYS U 233 38.14 -22.70 -61.64
CA LYS U 233 37.51 -21.38 -61.58
C LYS U 233 35.99 -21.41 -61.59
N ASP U 234 35.37 -20.34 -61.09
CA ASP U 234 33.92 -20.21 -61.09
C ASP U 234 33.38 -19.81 -62.45
N ASP U 235 32.18 -20.31 -62.76
CA ASP U 235 31.52 -20.00 -64.02
C ASP U 235 30.26 -19.17 -63.77
N ASP V 3 58.49 -58.29 -26.80
CA ASP V 3 57.95 -57.92 -25.51
C ASP V 3 57.85 -56.42 -25.36
N LYS V 4 57.03 -55.78 -26.18
CA LYS V 4 56.87 -54.34 -26.13
C LYS V 4 55.47 -53.94 -25.75
N ASP V 5 55.36 -52.84 -25.01
CA ASP V 5 54.05 -52.33 -24.64
C ASP V 5 53.51 -51.46 -25.76
N LEU V 6 52.31 -51.75 -26.21
CA LEU V 6 51.73 -51.00 -27.30
C LEU V 6 50.63 -50.08 -26.77
N LEU V 7 49.58 -50.66 -26.18
CA LEU V 7 48.48 -49.88 -25.63
C LEU V 7 48.17 -50.23 -24.18
N LYS V 8 47.68 -49.26 -23.42
CA LYS V 8 47.32 -49.49 -22.02
C LYS V 8 46.03 -48.78 -21.62
N GLY V 9 45.31 -49.36 -20.67
CA GLY V 9 44.10 -48.72 -20.17
C GLY V 9 42.92 -48.85 -21.11
N LEU V 10 42.92 -49.90 -21.93
CA LEU V 10 41.85 -50.08 -22.89
C LEU V 10 40.64 -50.68 -22.25
N ASP V 11 39.47 -50.37 -22.80
CA ASP V 11 38.31 -51.02 -22.27
C ASP V 11 38.17 -52.33 -23.04
N GLN V 12 37.18 -53.12 -22.71
CA GLN V 12 37.02 -54.42 -23.34
C GLN V 12 36.83 -54.37 -24.85
N GLU V 13 35.91 -53.51 -25.30
CA GLU V 13 35.63 -53.37 -26.72
C GLU V 13 36.84 -52.96 -27.53
N GLN V 14 37.51 -51.91 -27.08
CA GLN V 14 38.68 -51.39 -27.74
C GLN V 14 39.75 -52.43 -27.86
N ALA V 15 40.01 -53.14 -26.76
CA ALA V 15 41.05 -54.15 -26.75
C ALA V 15 40.81 -55.20 -27.80
N ASN V 16 39.58 -55.71 -27.87
CA ASN V 16 39.30 -56.75 -28.85
C ASN V 16 39.35 -56.22 -30.29
N GLU V 17 38.96 -54.97 -30.50
CA GLU V 17 39.00 -54.41 -31.84
C GLU V 17 40.41 -54.24 -32.37
N VAL V 18 41.29 -53.71 -31.52
CA VAL V 18 42.66 -53.51 -31.92
C VAL V 18 43.33 -54.81 -32.25
N ILE V 19 43.10 -55.81 -31.41
CA ILE V 19 43.66 -57.12 -31.63
C ILE V 19 43.23 -57.70 -32.95
N ALA V 20 41.95 -57.57 -33.27
CA ALA V 20 41.43 -58.07 -34.54
C ALA V 20 42.23 -57.54 -35.71
N VAL V 21 42.49 -56.23 -35.70
CA VAL V 21 43.26 -55.61 -36.77
C VAL V 21 44.68 -56.15 -36.86
N LEU V 22 45.35 -56.27 -35.72
CA LEU V 22 46.71 -56.75 -35.73
C LEU V 22 46.82 -58.16 -36.27
N GLN V 23 45.87 -59.01 -35.90
CA GLN V 23 45.87 -60.38 -36.38
C GLN V 23 45.64 -60.42 -37.87
N MET V 24 44.73 -59.58 -38.35
CA MET V 24 44.46 -59.48 -39.77
C MET V 24 45.72 -59.16 -40.57
N HIS V 25 46.60 -58.36 -39.99
CA HIS V 25 47.84 -58.02 -40.65
C HIS V 25 49.03 -58.89 -40.22
N ASN V 26 48.74 -60.09 -39.74
CA ASN V 26 49.77 -61.05 -39.36
C ASN V 26 50.62 -60.67 -38.16
N ILE V 27 49.97 -60.14 -37.13
CA ILE V 27 50.67 -59.79 -35.90
C ILE V 27 50.01 -60.41 -34.67
N GLU V 28 50.75 -61.23 -33.93
CA GLU V 28 50.24 -61.82 -32.70
C GLU V 28 50.16 -60.74 -31.63
N ALA V 29 49.18 -60.84 -30.75
CA ALA V 29 49.03 -59.83 -29.71
C ALA V 29 48.51 -60.42 -28.42
N ASN V 30 48.98 -59.90 -27.30
CA ASN V 30 48.57 -60.38 -26.00
C ASN V 30 47.62 -59.41 -25.36
N LYS V 31 46.53 -59.93 -24.78
CA LYS V 31 45.60 -59.08 -24.05
C LYS V 31 45.81 -59.32 -22.57
N ILE V 32 46.24 -58.29 -21.86
CA ILE V 32 46.52 -58.43 -20.45
C ILE V 32 45.50 -57.72 -19.58
N ASP V 33 44.88 -58.48 -18.71
CA ASP V 33 43.88 -57.98 -17.79
C ASP V 33 44.53 -57.45 -16.52
N SER V 34 44.52 -56.13 -16.35
CA SER V 34 45.11 -55.50 -15.17
C SER V 34 44.04 -55.02 -14.19
N GLY V 35 42.87 -55.67 -14.23
CA GLY V 35 41.79 -55.35 -13.31
C GLY V 35 41.22 -53.97 -13.57
N LYS V 36 41.14 -53.19 -12.51
CA LYS V 36 40.60 -51.83 -12.57
C LYS V 36 41.37 -50.90 -13.50
N LEU V 37 42.59 -51.28 -13.86
CA LEU V 37 43.39 -50.44 -14.72
C LEU V 37 43.12 -50.69 -16.20
N GLY V 38 42.26 -51.66 -16.52
CA GLY V 38 41.90 -51.91 -17.91
C GLY V 38 42.77 -52.96 -18.57
N TYR V 39 42.74 -52.98 -19.90
CA TYR V 39 43.51 -53.94 -20.66
C TYR V 39 44.74 -53.34 -21.30
N SER V 40 45.75 -54.18 -21.45
CA SER V 40 46.97 -53.75 -22.11
C SER V 40 47.30 -54.69 -23.25
N ILE V 41 47.82 -54.13 -24.32
CA ILE V 41 48.20 -54.93 -25.47
C ILE V 41 49.67 -54.90 -25.69
N THR V 42 50.28 -56.09 -25.76
CA THR V 42 51.70 -56.18 -26.00
C THR V 42 51.99 -57.05 -27.20
N VAL V 43 53.13 -56.78 -27.84
CA VAL V 43 53.52 -57.51 -29.03
C VAL V 43 54.97 -57.92 -29.03
N ALA V 44 55.32 -58.87 -29.88
CA ALA V 44 56.69 -59.31 -30.02
C ALA V 44 57.51 -58.19 -30.63
N GLU V 45 58.73 -58.01 -30.14
CA GLU V 45 59.61 -56.97 -30.62
C GLU V 45 59.81 -56.94 -32.15
N PRO V 46 59.93 -58.09 -32.82
CA PRO V 46 60.03 -58.20 -34.28
C PRO V 46 58.86 -57.57 -35.02
N ASP V 47 57.68 -57.57 -34.42
CA ASP V 47 56.49 -57.03 -35.06
C ASP V 47 56.20 -55.61 -34.63
N PHE V 48 56.71 -55.23 -33.46
CA PHE V 48 56.47 -53.92 -32.88
C PHE V 48 56.46 -52.74 -33.84
N THR V 49 57.42 -52.68 -34.76
CA THR V 49 57.46 -51.57 -35.70
C THR V 49 56.21 -51.53 -36.57
N ALA V 50 55.86 -52.69 -37.12
CA ALA V 50 54.69 -52.81 -37.95
C ALA V 50 53.44 -52.54 -37.15
N ALA V 51 53.41 -53.03 -35.92
CA ALA V 51 52.25 -52.84 -35.06
C ALA V 51 51.96 -51.38 -34.88
N VAL V 52 53.00 -50.59 -34.61
CA VAL V 52 52.84 -49.15 -34.44
C VAL V 52 52.30 -48.52 -35.69
N TYR V 53 52.84 -48.91 -36.84
CA TYR V 53 52.38 -48.38 -38.10
C TYR V 53 50.87 -48.57 -38.27
N TRP V 54 50.39 -49.78 -37.96
CA TRP V 54 48.97 -50.06 -38.12
C TRP V 54 48.09 -49.34 -37.08
N ILE V 55 48.59 -49.12 -35.87
CA ILE V 55 47.83 -48.36 -34.88
C ILE V 55 47.56 -46.96 -35.41
N LYS V 56 48.57 -46.40 -36.03
CA LYS V 56 48.42 -45.10 -36.67
C LYS V 56 47.42 -45.16 -37.81
N THR V 57 47.66 -46.07 -38.74
CA THR V 57 46.84 -46.22 -39.94
C THR V 57 45.36 -46.34 -39.66
N TYR V 58 44.99 -47.15 -38.68
CA TYR V 58 43.59 -47.35 -38.37
C TYR V 58 43.03 -46.53 -37.24
N GLN V 59 43.68 -45.42 -36.87
CA GLN V 59 43.16 -44.57 -35.80
C GLN V 59 42.82 -45.36 -34.53
N LEU V 60 43.73 -46.18 -34.06
CA LEU V 60 43.46 -46.99 -32.89
C LEU V 60 44.05 -46.41 -31.62
N PRO V 61 43.43 -46.70 -30.47
CA PRO V 61 42.23 -47.46 -30.21
C PRO V 61 40.99 -46.65 -30.60
N PRO V 62 39.88 -47.31 -30.93
CA PRO V 62 38.60 -46.78 -31.37
C PRO V 62 37.97 -45.81 -30.39
N ARG V 63 37.26 -44.83 -30.92
CA ARG V 63 36.51 -43.89 -30.11
C ARG V 63 35.15 -44.52 -29.82
N PRO V 64 34.43 -44.04 -28.81
CA PRO V 64 33.08 -44.44 -28.45
C PRO V 64 32.11 -43.94 -29.50
N ARG V 65 31.02 -44.67 -29.71
CA ARG V 65 30.06 -44.33 -30.74
C ARG V 65 29.24 -43.10 -30.38
N VAL V 66 29.11 -42.20 -31.35
CA VAL V 66 28.39 -40.95 -31.18
C VAL V 66 26.95 -41.02 -31.64
N GLU V 67 26.06 -40.67 -30.73
CA GLU V 67 24.62 -40.65 -30.98
C GLU V 67 24.09 -39.29 -30.55
N ILE V 68 23.13 -38.77 -31.28
CA ILE V 68 22.66 -37.40 -31.05
C ILE V 68 22.12 -37.14 -29.66
N ALA V 69 21.34 -38.07 -29.12
CA ALA V 69 20.76 -37.91 -27.79
C ALA V 69 21.79 -37.71 -26.69
N GLN V 70 23.04 -38.06 -26.93
CA GLN V 70 24.06 -37.94 -25.92
C GLN V 70 24.34 -36.48 -25.58
N MET V 71 23.95 -35.56 -26.47
CA MET V 71 24.17 -34.15 -26.23
C MET V 71 22.93 -33.39 -25.79
N PHE V 72 21.84 -34.08 -25.52
CA PHE V 72 20.64 -33.41 -25.06
C PHE V 72 19.97 -34.27 -24.01
N PRO V 73 20.61 -34.46 -22.86
CA PRO V 73 20.25 -35.34 -21.76
C PRO V 73 19.00 -34.90 -21.00
N ALA V 74 18.28 -35.90 -20.48
CA ALA V 74 17.04 -35.70 -19.73
C ALA V 74 17.31 -35.14 -18.35
N ASP V 75 18.58 -35.13 -17.95
CA ASP V 75 18.97 -34.60 -16.65
C ASP V 75 18.82 -33.08 -16.58
N SER V 76 18.66 -32.42 -17.72
CA SER V 76 18.47 -30.98 -17.70
C SER V 76 17.20 -30.60 -16.98
N LEU V 77 17.28 -29.54 -16.21
CA LEU V 77 16.16 -29.03 -15.43
C LEU V 77 15.05 -28.49 -16.32
N VAL V 78 15.43 -28.03 -17.50
CA VAL V 78 14.49 -27.47 -18.46
C VAL V 78 14.71 -28.11 -19.81
N SER V 79 13.76 -27.92 -20.71
CA SER V 79 13.88 -28.48 -22.04
C SER V 79 13.33 -27.51 -23.06
N SER V 80 13.53 -27.82 -24.32
CA SER V 80 13.03 -26.98 -25.39
C SER V 80 12.59 -27.88 -26.49
N PRO V 81 11.65 -27.44 -27.33
CA PRO V 81 11.11 -28.12 -28.49
C PRO V 81 12.24 -28.64 -29.36
N ARG V 82 13.26 -27.82 -29.51
CA ARG V 82 14.42 -28.16 -30.30
C ARG V 82 15.09 -29.39 -29.74
N ALA V 83 15.38 -29.37 -28.45
CA ALA V 83 16.04 -30.48 -27.82
C ALA V 83 15.20 -31.73 -27.83
N GLU V 84 13.91 -31.60 -27.54
CA GLU V 84 13.04 -32.76 -27.46
C GLU V 84 12.87 -33.44 -28.80
N LYS V 85 12.73 -32.66 -29.87
CA LYS V 85 12.58 -33.26 -31.17
C LYS V 85 13.84 -33.98 -31.56
N ALA V 86 15.00 -33.41 -31.23
CA ALA V 86 16.27 -34.06 -31.52
C ALA V 86 16.39 -35.38 -30.79
N ARG V 87 16.00 -35.39 -29.51
CA ARG V 87 16.06 -36.62 -28.72
C ARG V 87 15.25 -37.72 -29.34
N LEU V 88 14.06 -37.39 -29.80
CA LEU V 88 13.21 -38.38 -30.43
C LEU V 88 13.84 -38.98 -31.66
N TYR V 89 14.34 -38.13 -32.55
CA TYR V 89 14.95 -38.63 -33.78
C TYR V 89 16.11 -39.53 -33.51
N SER V 90 16.90 -39.21 -32.48
CA SER V 90 18.04 -40.03 -32.14
C SER V 90 17.59 -41.45 -31.82
N ALA V 91 16.55 -41.55 -31.00
CA ALA V 91 16.01 -42.84 -30.63
C ALA V 91 15.50 -43.60 -31.83
N ILE V 92 14.83 -42.89 -32.73
CA ILE V 92 14.30 -43.52 -33.93
C ILE V 92 15.39 -44.12 -34.79
N GLU V 93 16.50 -43.39 -35.00
CA GLU V 93 17.58 -43.97 -35.79
C GLU V 93 18.07 -45.25 -35.18
N GLN V 94 18.25 -45.24 -33.86
CA GLN V 94 18.73 -46.41 -33.16
C GLN V 94 17.80 -47.59 -33.33
N ARG V 95 16.51 -47.32 -33.24
CA ARG V 95 15.51 -48.35 -33.33
C ARG V 95 15.46 -48.93 -34.73
N LEU V 96 15.64 -48.10 -35.75
CA LEU V 96 15.69 -48.60 -37.12
C LEU V 96 16.92 -49.47 -37.36
N GLU V 97 18.05 -49.12 -36.74
CA GLU V 97 19.24 -49.94 -36.88
C GLU V 97 19.02 -51.30 -36.26
N GLN V 98 18.36 -51.32 -35.10
CA GLN V 98 18.06 -52.57 -34.42
C GLN V 98 17.21 -53.47 -35.30
N SER V 99 16.29 -52.87 -36.06
CA SER V 99 15.45 -53.65 -36.95
C SER V 99 16.17 -54.21 -38.16
N LEU V 100 16.96 -53.39 -38.85
CA LEU V 100 17.62 -53.87 -40.05
C LEU V 100 18.58 -54.98 -39.79
N GLN V 101 19.21 -54.97 -38.63
CA GLN V 101 20.17 -56.01 -38.30
C GLN V 101 19.53 -57.38 -38.02
N THR V 102 18.21 -57.46 -38.03
CA THR V 102 17.54 -58.73 -37.84
C THR V 102 17.10 -59.33 -39.16
N MET V 103 17.29 -58.60 -40.27
CA MET V 103 16.90 -59.15 -41.56
C MET V 103 17.86 -60.24 -41.99
N GLU V 104 17.32 -61.21 -42.71
CA GLU V 104 18.09 -62.34 -43.19
C GLU V 104 19.29 -61.92 -44.02
N GLY V 105 20.45 -62.38 -43.62
CA GLY V 105 21.68 -62.12 -44.35
C GLY V 105 22.40 -60.84 -43.92
N VAL V 106 21.76 -60.03 -43.07
CA VAL V 106 22.41 -58.79 -42.66
C VAL V 106 23.28 -59.01 -41.44
N LEU V 107 24.53 -58.60 -41.56
CA LEU V 107 25.49 -58.73 -40.49
C LEU V 107 25.59 -57.43 -39.71
N SER V 108 25.51 -56.32 -40.43
CA SER V 108 25.59 -55.02 -39.80
C SER V 108 24.88 -53.94 -40.60
N ALA V 109 24.31 -52.97 -39.91
CA ALA V 109 23.65 -51.90 -40.64
C ALA V 109 23.59 -50.61 -39.84
N ARG V 110 23.69 -49.48 -40.54
CA ARG V 110 23.64 -48.16 -39.93
C ARG V 110 22.58 -47.30 -40.61
N VAL V 111 21.90 -46.46 -39.83
CA VAL V 111 20.81 -45.64 -40.38
C VAL V 111 20.88 -44.18 -39.99
N HIS V 112 20.65 -43.30 -40.95
CA HIS V 112 20.62 -41.86 -40.71
C HIS V 112 19.29 -41.26 -41.14
N ILE V 113 18.83 -40.28 -40.39
CA ILE V 113 17.61 -39.59 -40.76
C ILE V 113 17.89 -38.11 -40.71
N SER V 114 17.33 -37.35 -41.64
CA SER V 114 17.55 -35.93 -41.64
C SER V 114 16.86 -35.29 -40.45
N TYR V 115 17.33 -34.11 -40.06
CA TYR V 115 16.78 -33.40 -38.91
C TYR V 115 16.12 -32.11 -39.31
N ASP V 116 15.27 -31.62 -38.44
CA ASP V 116 14.55 -30.38 -38.62
C ASP V 116 14.63 -29.60 -37.35
N ILE V 117 15.45 -28.56 -37.38
CA ILE V 117 15.71 -27.79 -36.19
C ILE V 117 14.99 -26.46 -36.12
N ASP V 118 14.54 -25.94 -37.26
CA ASP V 118 13.87 -24.66 -37.18
C ASP V 118 12.83 -24.36 -38.26
N ALA V 119 12.11 -25.36 -38.77
CA ALA V 119 11.06 -25.06 -39.76
C ALA V 119 9.95 -24.23 -39.10
N GLY V 120 9.20 -24.85 -38.18
CA GLY V 120 8.10 -24.19 -37.46
C GLY V 120 8.58 -22.93 -36.77
N GLU V 121 9.80 -22.96 -36.23
CA GLU V 121 10.45 -21.81 -35.61
C GLU V 121 10.41 -20.56 -36.48
N ASN V 122 10.58 -20.75 -37.78
CA ASN V 122 10.60 -19.65 -38.73
C ASN V 122 9.26 -19.42 -39.42
N GLY V 123 8.20 -20.06 -38.93
CA GLY V 123 6.89 -19.93 -39.54
C GLY V 123 6.76 -20.77 -40.81
N ARG V 124 7.69 -21.71 -41.00
CA ARG V 124 7.69 -22.53 -42.18
C ARG V 124 7.13 -23.92 -41.93
N PRO V 125 6.61 -24.58 -42.96
CA PRO V 125 6.17 -25.95 -42.98
C PRO V 125 7.43 -26.81 -42.96
N PRO V 126 7.32 -28.04 -42.48
CA PRO V 126 8.37 -29.02 -42.34
C PRO V 126 8.82 -29.53 -43.69
N LYS V 127 10.07 -29.97 -43.75
CA LYS V 127 10.62 -30.49 -45.00
C LYS V 127 10.46 -32.00 -45.07
N PRO V 128 10.52 -32.57 -46.26
CA PRO V 128 10.48 -33.98 -46.55
C PRO V 128 11.60 -34.67 -45.82
N VAL V 129 11.38 -35.90 -45.43
CA VAL V 129 12.38 -36.62 -44.67
C VAL V 129 13.34 -37.39 -45.54
N HIS V 130 14.62 -37.27 -45.27
CA HIS V 130 15.61 -38.00 -46.03
C HIS V 130 16.19 -39.12 -45.20
N LEU V 131 16.42 -40.25 -45.84
CA LEU V 131 16.99 -41.40 -45.15
C LEU V 131 18.18 -41.95 -45.88
N SER V 132 19.13 -42.48 -45.14
CA SER V 132 20.24 -43.14 -45.78
C SER V 132 20.68 -44.30 -44.92
N ALA V 133 21.26 -45.32 -45.53
CA ALA V 133 21.65 -46.47 -44.74
C ALA V 133 22.78 -47.24 -45.35
N LEU V 134 23.54 -47.89 -44.48
CA LEU V 134 24.65 -48.71 -44.87
C LEU V 134 24.39 -50.15 -44.44
N ALA V 135 24.84 -51.10 -45.24
CA ALA V 135 24.63 -52.48 -44.81
C ALA V 135 25.71 -53.44 -45.27
N VAL V 136 25.97 -54.43 -44.42
CA VAL V 136 26.93 -55.48 -44.68
C VAL V 136 26.24 -56.82 -44.68
N TYR V 137 26.39 -57.56 -45.77
CA TYR V 137 25.77 -58.87 -45.92
C TYR V 137 26.70 -60.05 -45.87
N GLU V 138 26.12 -61.20 -45.60
CA GLU V 138 26.84 -62.45 -45.64
C GLU V 138 27.37 -62.68 -47.05
N ARG V 139 28.65 -62.97 -47.15
CA ARG V 139 29.30 -63.15 -48.43
C ARG V 139 28.60 -64.19 -49.30
N GLY V 140 28.35 -63.80 -50.55
CA GLY V 140 27.68 -64.65 -51.54
C GLY V 140 26.21 -64.31 -51.73
N SER V 141 25.69 -63.44 -50.87
CA SER V 141 24.30 -62.99 -50.91
C SER V 141 24.02 -62.07 -52.13
N PRO V 142 22.83 -62.13 -52.74
CA PRO V 142 22.35 -61.38 -53.92
C PRO V 142 21.95 -59.94 -53.62
N LEU V 143 22.96 -59.15 -53.24
CA LEU V 143 22.83 -57.73 -52.86
C LEU V 143 21.97 -56.87 -53.78
N ALA V 144 22.06 -57.11 -55.08
CA ALA V 144 21.35 -56.33 -56.09
C ALA V 144 19.83 -56.43 -55.97
N HIS V 145 19.33 -57.40 -55.22
CA HIS V 145 17.90 -57.56 -55.09
C HIS V 145 17.48 -57.24 -53.67
N GLN V 146 18.35 -57.59 -52.73
CA GLN V 146 18.10 -57.38 -51.31
C GLN V 146 17.92 -55.91 -50.97
N ILE V 147 18.64 -55.05 -51.68
CA ILE V 147 18.51 -53.61 -51.52
C ILE V 147 17.07 -53.09 -51.64
N SER V 148 16.20 -53.82 -52.34
CA SER V 148 14.83 -53.36 -52.51
C SER V 148 13.98 -53.59 -51.28
N ASP V 149 14.36 -54.56 -50.45
CA ASP V 149 13.62 -54.80 -49.22
C ASP V 149 13.88 -53.71 -48.24
N ILE V 150 15.14 -53.31 -48.17
CA ILE V 150 15.53 -52.25 -47.27
C ILE V 150 14.81 -50.99 -47.59
N LYS V 151 14.82 -50.65 -48.87
CA LYS V 151 14.22 -49.44 -49.34
C LYS V 151 12.70 -49.42 -49.14
N ARG V 152 12.03 -50.55 -49.39
CA ARG V 152 10.59 -50.62 -49.19
C ARG V 152 10.21 -50.51 -47.73
N PHE V 153 10.97 -51.22 -46.89
CA PHE V 153 10.75 -51.20 -45.47
C PHE V 153 10.86 -49.80 -44.91
N LEU V 154 11.93 -49.11 -45.26
CA LEU V 154 12.12 -47.76 -44.78
C LEU V 154 11.08 -46.80 -45.31
N LYS V 155 10.62 -46.98 -46.55
CA LYS V 155 9.65 -46.08 -47.14
C LYS V 155 8.40 -45.93 -46.28
N ASN V 156 7.83 -47.03 -45.81
CA ASN V 156 6.65 -46.88 -44.97
C ASN V 156 6.96 -46.87 -43.47
N SER V 157 8.22 -46.65 -43.11
CA SER V 157 8.61 -46.57 -41.71
C SER V 157 8.65 -45.13 -41.24
N PHE V 158 8.18 -44.19 -42.04
CA PHE V 158 8.22 -42.82 -41.59
C PHE V 158 7.24 -41.93 -42.34
N ALA V 159 6.61 -41.04 -41.59
CA ALA V 159 5.57 -40.10 -42.02
C ALA V 159 5.59 -39.66 -43.46
N ASP V 160 6.73 -39.22 -43.98
CA ASP V 160 6.72 -38.76 -45.36
C ASP V 160 8.08 -38.82 -46.06
N VAL V 161 8.34 -39.96 -46.67
CA VAL V 161 9.54 -40.18 -47.45
C VAL V 161 9.13 -40.70 -48.80
N ASP V 162 10.09 -40.92 -49.68
CA ASP V 162 9.80 -41.45 -50.99
C ASP V 162 11.01 -42.18 -51.54
N TYR V 163 10.85 -42.87 -52.67
CA TYR V 163 11.93 -43.67 -53.22
C TYR V 163 13.09 -42.87 -53.83
N ASP V 164 12.97 -41.56 -53.89
CA ASP V 164 14.07 -40.75 -54.41
C ASP V 164 14.86 -40.12 -53.29
N ASN V 165 14.33 -40.17 -52.06
CA ASN V 165 14.99 -39.56 -50.94
C ASN V 165 15.47 -40.59 -49.93
N ILE V 166 15.61 -41.83 -50.38
CA ILE V 166 16.14 -42.91 -49.56
C ILE V 166 17.34 -43.52 -50.25
N SER V 167 18.50 -43.45 -49.64
CA SER V 167 19.68 -44.02 -50.28
C SER V 167 20.29 -45.16 -49.51
N VAL V 168 20.60 -46.23 -50.21
CA VAL V 168 21.20 -47.40 -49.57
C VAL V 168 22.50 -47.79 -50.24
N VAL V 169 23.56 -47.83 -49.46
CA VAL V 169 24.87 -48.24 -49.94
C VAL V 169 25.27 -49.48 -49.16
N LEU V 170 25.64 -50.53 -49.86
CA LEU V 170 25.93 -51.77 -49.19
C LEU V 170 26.95 -52.64 -49.86
N SER V 171 27.39 -53.65 -49.11
CA SER V 171 28.36 -54.62 -49.60
C SER V 171 28.31 -55.90 -48.76
N GLU V 172 29.40 -56.66 -48.78
CA GLU V 172 29.45 -57.91 -48.05
C GLU V 172 30.79 -58.11 -47.38
N ARG V 173 30.82 -58.99 -46.40
CA ARG V 173 32.04 -59.23 -45.64
C ARG V 173 33.18 -59.80 -46.47
N SER V 174 34.40 -59.63 -45.95
CA SER V 174 35.63 -60.13 -46.55
C SER V 174 35.93 -61.57 -46.13
N ASP V 175 37.02 -62.12 -46.66
CA ASP V 175 37.46 -63.48 -46.34
C ASP V 175 37.84 -63.56 -44.87
N ALA V 176 37.09 -64.36 -44.12
CA ALA V 176 37.27 -64.47 -42.67
C ALA V 176 38.67 -64.90 -42.26
N GLN V 177 39.22 -64.19 -41.28
CA GLN V 177 40.54 -64.52 -40.79
C GLN V 177 40.44 -65.63 -39.77
N LEU V 178 40.52 -66.86 -40.28
CA LEU V 178 40.38 -68.03 -39.43
C LEU V 178 41.71 -68.68 -39.05
N GLN V 179 42.83 -68.02 -39.37
CA GLN V 179 44.14 -68.60 -39.08
C GLN V 179 44.99 -67.70 -38.22
N ALA V 180 45.74 -68.30 -37.30
CA ALA V 180 46.62 -67.53 -36.43
C ALA V 180 47.81 -67.00 -37.23
N PRO V 181 48.27 -65.77 -36.94
CA PRO V 181 49.42 -65.08 -37.52
C PRO V 181 50.73 -65.85 -37.42
N GLY V 182 50.99 -66.45 -36.27
CA GLY V 182 52.20 -67.23 -36.05
C GLY V 182 53.25 -66.40 -35.34
N THR V 183 54.21 -67.08 -34.72
CA THR V 183 55.27 -66.42 -33.98
C THR V 183 56.42 -66.08 -34.91
N PRO V 184 57.34 -65.21 -34.47
CA PRO V 184 58.56 -64.81 -35.15
C PRO V 184 59.56 -65.94 -35.14
N VAL V 185 60.45 -65.93 -36.11
CA VAL V 185 61.46 -66.97 -36.22
C VAL V 185 62.69 -66.65 -35.40
N LYS V 186 62.90 -67.42 -34.34
CA LYS V 186 64.07 -67.27 -33.49
C LYS V 186 64.07 -68.34 -32.40
N ALA W 42 64.26 -73.50 -42.13
CA ALA W 42 63.08 -72.63 -42.17
C ALA W 42 62.46 -72.62 -43.55
N GLU W 43 61.94 -73.76 -43.98
CA GLU W 43 61.32 -73.84 -45.29
C GLU W 43 60.20 -72.83 -45.40
N LEU W 44 60.26 -72.01 -46.46
CA LEU W 44 59.30 -70.95 -46.68
C LEU W 44 57.85 -71.41 -46.64
N ASP W 45 57.58 -72.60 -47.15
CA ASP W 45 56.23 -73.13 -47.12
C ASP W 45 55.68 -73.25 -45.70
N SER W 46 56.55 -73.54 -44.74
CA SER W 46 56.13 -73.65 -43.36
C SER W 46 56.10 -72.29 -42.69
N LEU W 47 56.86 -71.34 -43.23
CA LEU W 47 56.86 -70.00 -42.69
C LEU W 47 55.56 -69.26 -43.01
N LEU W 48 55.01 -69.54 -44.19
CA LEU W 48 53.74 -68.97 -44.62
C LEU W 48 52.58 -69.66 -43.90
N GLY W 49 51.43 -68.97 -43.85
CA GLY W 49 50.19 -69.40 -43.15
C GLY W 49 49.81 -70.90 -43.25
N GLN W 50 48.89 -71.30 -42.36
CA GLN W 50 48.39 -72.68 -42.27
C GLN W 50 47.80 -73.17 -43.58
N GLU W 51 47.03 -72.33 -44.23
CA GLU W 51 46.47 -72.70 -45.51
C GLU W 51 47.48 -72.36 -46.58
N LYS W 52 48.45 -73.24 -46.73
CA LYS W 52 49.54 -73.06 -47.68
C LYS W 52 49.10 -72.93 -49.12
N GLU W 53 47.86 -73.32 -49.42
CA GLU W 53 47.34 -73.25 -50.77
C GLU W 53 46.96 -71.84 -51.20
N ARG W 54 47.13 -70.86 -50.29
CA ARG W 54 46.86 -69.48 -50.64
C ARG W 54 48.05 -68.86 -51.37
N PHE W 55 49.20 -69.52 -51.34
CA PHE W 55 50.38 -68.96 -51.97
C PHE W 55 51.03 -69.92 -52.93
N GLN W 56 51.62 -69.38 -53.99
CA GLN W 56 52.37 -70.21 -54.90
C GLN W 56 53.83 -69.82 -54.88
N VAL W 57 54.66 -70.64 -54.25
CA VAL W 57 56.07 -70.33 -54.18
C VAL W 57 56.74 -70.71 -55.49
N LEU W 58 57.52 -69.78 -56.03
CA LEU W 58 58.15 -69.94 -57.32
C LEU W 58 59.68 -69.83 -57.19
N PRO W 59 60.43 -70.60 -57.96
CA PRO W 59 61.89 -70.58 -57.88
C PRO W 59 62.50 -69.85 -59.06
N GLY W 60 62.80 -68.57 -58.88
CA GLY W 60 63.33 -67.77 -59.98
C GLY W 60 64.75 -68.14 -60.34
N ARG W 61 65.10 -67.96 -61.61
CA ARG W 61 66.42 -68.29 -62.13
C ARG W 61 67.51 -67.34 -61.60
N ASP W 62 67.07 -66.22 -61.02
CA ASP W 62 67.95 -65.26 -60.40
C ASP W 62 68.29 -65.59 -58.94
N LYS W 63 67.96 -66.81 -58.49
CA LYS W 63 68.21 -67.29 -57.14
C LYS W 63 67.32 -66.62 -56.10
N MET W 64 66.23 -65.99 -56.54
CA MET W 64 65.28 -65.39 -55.65
C MET W 64 64.04 -66.25 -55.59
N LEU W 65 63.62 -66.54 -54.37
CA LEU W 65 62.46 -67.37 -54.17
C LEU W 65 61.25 -66.44 -54.12
N TYR W 66 60.32 -66.62 -55.03
CA TYR W 66 59.19 -65.72 -55.13
C TYR W 66 57.92 -66.25 -54.50
N VAL W 67 57.11 -65.35 -53.96
CA VAL W 67 55.83 -65.74 -53.37
C VAL W 67 54.68 -65.13 -54.11
N ALA W 68 53.99 -65.92 -54.93
CA ALA W 68 52.88 -65.35 -55.66
C ALA W 68 51.63 -65.32 -54.81
N ALA W 69 51.07 -64.13 -54.66
CA ALA W 69 49.86 -63.92 -53.89
C ALA W 69 48.75 -63.45 -54.81
N GLN W 70 47.52 -63.85 -54.52
CA GLN W 70 46.37 -63.50 -55.34
C GLN W 70 45.59 -62.30 -54.82
N ASN W 71 45.99 -61.77 -53.67
CA ASN W 71 45.26 -60.66 -53.06
C ASN W 71 46.18 -59.82 -52.20
N GLU W 72 45.98 -58.51 -52.20
CA GLU W 72 46.80 -57.61 -51.41
C GLU W 72 46.84 -57.92 -49.91
N ARG W 73 45.85 -58.64 -49.39
CA ARG W 73 45.89 -59.05 -48.00
C ARG W 73 46.90 -60.15 -47.80
N ASP W 74 47.08 -60.96 -48.83
CA ASP W 74 47.99 -62.07 -48.77
C ASP W 74 49.37 -61.56 -49.11
N THR W 75 49.40 -60.52 -49.95
CA THR W 75 50.65 -59.87 -50.29
C THR W 75 51.27 -59.34 -49.02
N LEU W 76 50.48 -58.59 -48.25
CA LEU W 76 50.97 -58.07 -46.99
C LEU W 76 51.32 -59.16 -46.02
N TRP W 77 50.51 -60.21 -45.96
CA TRP W 77 50.78 -61.33 -45.07
C TRP W 77 52.20 -61.84 -45.28
N ALA W 78 52.51 -62.18 -46.53
CA ALA W 78 53.81 -62.70 -46.91
C ALA W 78 54.93 -61.71 -46.64
N ARG W 79 54.69 -60.43 -46.89
CA ARG W 79 55.71 -59.43 -46.64
C ARG W 79 56.03 -59.35 -45.15
N GLN W 80 55.00 -59.49 -44.31
CA GLN W 80 55.22 -59.47 -42.89
C GLN W 80 56.01 -60.68 -42.47
N VAL W 81 55.77 -61.83 -43.11
CA VAL W 81 56.55 -63.02 -42.81
C VAL W 81 58.02 -62.79 -43.09
N LEU W 82 58.33 -62.21 -44.24
CA LEU W 82 59.72 -61.96 -44.60
C LEU W 82 60.40 -60.97 -43.64
N ALA W 83 59.66 -59.96 -43.18
CA ALA W 83 60.22 -58.97 -42.25
C ALA W 83 60.26 -59.49 -40.80
N ARG W 84 59.27 -60.28 -40.41
CA ARG W 84 59.15 -60.81 -39.04
C ARG W 84 60.05 -61.97 -38.79
N GLY W 85 59.94 -62.98 -39.63
CA GLY W 85 60.72 -64.19 -39.50
C GLY W 85 61.98 -64.07 -40.30
N ASP W 86 62.48 -65.19 -40.77
CA ASP W 86 63.70 -65.13 -41.53
C ASP W 86 63.81 -66.30 -42.48
N TYR W 87 64.61 -66.10 -43.49
CA TYR W 87 64.90 -67.08 -44.49
C TYR W 87 66.15 -66.66 -45.20
N ASP W 88 67.23 -67.42 -45.02
CA ASP W 88 68.52 -67.07 -45.60
C ASP W 88 68.58 -67.29 -47.11
N LYS W 89 67.94 -66.40 -47.85
CA LYS W 89 67.90 -66.46 -49.30
C LYS W 89 67.09 -65.33 -49.85
N ASN W 90 67.50 -64.83 -51.01
CA ASN W 90 66.76 -63.78 -51.68
C ASN W 90 65.31 -64.19 -51.81
N ALA W 91 64.40 -63.25 -51.56
CA ALA W 91 63.00 -63.56 -51.66
C ALA W 91 62.20 -62.31 -52.01
N ARG W 92 61.07 -62.50 -52.68
CA ARG W 92 60.26 -61.36 -53.08
C ARG W 92 58.81 -61.75 -53.39
N VAL W 93 57.88 -61.02 -52.79
CA VAL W 93 56.47 -61.29 -52.98
C VAL W 93 55.93 -60.71 -54.29
N ILE W 94 55.22 -61.54 -55.03
CA ILE W 94 54.61 -61.19 -56.31
C ILE W 94 53.13 -60.84 -56.20
N ASN W 95 52.77 -59.75 -56.83
CA ASN W 95 51.39 -59.30 -56.89
C ASN W 95 51.02 -58.96 -58.31
N GLU W 96 50.06 -59.70 -58.85
CA GLU W 96 49.59 -59.57 -60.22
C GLU W 96 49.47 -58.14 -60.75
N ASN W 97 48.83 -57.27 -60.00
CA ASN W 97 48.68 -55.89 -60.44
C ASN W 97 49.96 -55.12 -60.34
N GLU W 98 50.74 -55.37 -59.29
CA GLU W 98 51.99 -54.65 -59.13
C GLU W 98 52.97 -55.02 -60.22
N GLU W 99 52.95 -56.29 -60.63
CA GLU W 99 53.85 -56.75 -61.66
C GLU W 99 53.40 -56.25 -63.01
N ASN W 100 52.08 -56.20 -63.21
CA ASN W 100 51.58 -55.68 -64.47
C ASN W 100 52.06 -54.25 -64.63
N LYS W 101 51.99 -53.47 -63.54
CA LYS W 101 52.45 -52.09 -63.55
C LYS W 101 53.95 -51.95 -63.76
N ARG W 102 54.74 -52.75 -63.02
CA ARG W 102 56.19 -52.70 -63.15
C ARG W 102 56.62 -52.89 -64.58
N ILE W 103 56.05 -53.88 -65.23
CA ILE W 103 56.34 -54.17 -66.60
C ILE W 103 55.93 -53.04 -67.51
N SER W 104 54.72 -52.51 -67.32
CA SER W 104 54.25 -51.44 -68.19
C SER W 104 55.14 -50.22 -68.15
N ILE W 105 55.78 -49.96 -67.01
CA ILE W 105 56.70 -48.83 -66.92
C ILE W 105 57.90 -49.02 -67.82
N TRP W 106 58.56 -50.15 -67.67
CA TRP W 106 59.73 -50.47 -68.47
C TRP W 106 59.38 -50.50 -69.93
N LEU W 107 58.25 -51.13 -70.22
CA LEU W 107 57.76 -51.33 -71.55
C LEU W 107 57.51 -50.01 -72.25
N ASP W 108 56.90 -49.05 -71.56
CA ASP W 108 56.68 -47.75 -72.18
C ASP W 108 57.99 -47.05 -72.56
N THR W 109 59.01 -47.16 -71.70
CA THR W 109 60.30 -46.54 -72.00
C THR W 109 61.03 -47.13 -73.20
N TYR W 110 61.09 -48.45 -73.25
CA TYR W 110 61.81 -49.12 -74.32
C TYR W 110 60.99 -49.38 -75.57
N TYR W 111 59.70 -49.59 -75.39
CA TYR W 111 58.78 -49.75 -76.51
C TYR W 111 57.62 -48.76 -76.45
N PRO W 112 57.89 -47.47 -76.62
CA PRO W 112 56.91 -46.41 -76.60
C PRO W 112 56.03 -46.59 -77.79
N GLN W 113 54.78 -46.18 -77.63
CA GLN W 113 53.73 -46.33 -78.64
C GLN W 113 53.25 -47.78 -78.84
N LEU W 114 53.78 -48.75 -78.08
CA LEU W 114 53.30 -50.12 -78.22
C LEU W 114 51.85 -50.20 -77.75
N ALA W 115 50.98 -50.74 -78.59
CA ALA W 115 49.59 -50.85 -78.21
C ALA W 115 49.29 -52.21 -77.60
N TYR W 116 48.96 -52.23 -76.32
CA TYR W 116 48.71 -53.50 -75.64
C TYR W 116 47.65 -53.35 -74.57
N TYR W 117 47.20 -54.48 -74.04
CA TYR W 117 46.13 -54.51 -73.05
C TYR W 117 46.56 -54.85 -71.66
N ARG W 118 46.74 -56.14 -71.37
CA ARG W 118 47.09 -56.52 -70.01
C ARG W 118 47.74 -57.89 -69.98
N ILE W 119 48.65 -58.07 -69.04
CA ILE W 119 49.31 -59.35 -68.89
C ILE W 119 48.53 -60.24 -67.93
N HIS W 120 48.20 -61.42 -68.40
CA HIS W 120 47.47 -62.39 -67.61
C HIS W 120 48.43 -63.37 -67.03
N PHE W 121 48.67 -63.25 -65.74
CA PHE W 121 49.68 -64.08 -65.12
C PHE W 121 49.21 -65.50 -64.88
N ASP W 122 47.96 -65.68 -64.44
CA ASP W 122 47.34 -66.99 -64.21
C ASP W 122 48.31 -68.09 -63.81
N GLU W 123 48.92 -68.74 -64.81
CA GLU W 123 49.94 -69.76 -64.58
C GLU W 123 51.33 -69.15 -64.66
N PRO W 124 51.84 -68.62 -63.52
CA PRO W 124 53.15 -67.94 -63.37
C PRO W 124 54.17 -68.22 -64.46
N ARG W 125 54.42 -69.50 -64.70
CA ARG W 125 55.39 -70.00 -65.67
C ARG W 125 55.25 -69.43 -67.08
N LYS W 126 54.02 -69.30 -67.52
CA LYS W 126 53.74 -68.83 -68.88
C LYS W 126 52.60 -67.81 -68.91
N PRO W 127 52.86 -66.56 -68.56
CA PRO W 127 51.93 -65.46 -68.55
C PRO W 127 51.60 -65.10 -69.99
N VAL W 128 50.40 -64.59 -70.19
CA VAL W 128 49.93 -64.25 -71.52
C VAL W 128 49.90 -62.75 -71.70
N PHE W 129 50.45 -62.28 -72.79
CA PHE W 129 50.52 -60.87 -73.06
C PHE W 129 49.54 -60.47 -74.14
N TRP W 130 48.47 -59.75 -73.80
CA TRP W 130 47.55 -59.32 -74.83
C TRP W 130 48.08 -58.08 -75.55
N LEU W 131 48.16 -58.18 -76.86
CA LEU W 131 48.71 -57.17 -77.75
C LEU W 131 47.67 -56.72 -78.78
N SER W 132 47.56 -55.43 -79.07
CA SER W 132 46.55 -55.01 -80.05
C SER W 132 46.87 -55.49 -81.46
N ARG W 133 46.06 -56.43 -81.94
CA ARG W 133 46.22 -57.01 -83.26
C ARG W 133 46.18 -55.98 -84.38
N GLN W 134 45.23 -55.07 -84.28
CA GLN W 134 45.01 -54.08 -85.32
C GLN W 134 45.96 -52.89 -85.27
N ARG W 135 46.34 -52.43 -84.09
CA ARG W 135 47.20 -51.26 -84.03
C ARG W 135 48.69 -51.54 -84.19
N ASN W 136 49.13 -52.75 -83.87
CA ASN W 136 50.56 -53.04 -84.00
C ASN W 136 50.89 -53.67 -85.34
N THR W 137 52.02 -53.26 -85.90
CA THR W 137 52.50 -53.75 -87.19
C THR W 137 53.87 -54.40 -87.07
N MET W 138 54.21 -54.87 -85.88
CA MET W 138 55.50 -55.50 -85.65
C MET W 138 55.63 -56.82 -86.41
N SER W 139 56.85 -57.12 -86.85
CA SER W 139 57.10 -58.36 -87.56
C SER W 139 57.22 -59.48 -86.58
N LYS W 140 57.13 -60.71 -87.08
CA LYS W 140 57.26 -61.89 -86.24
C LYS W 140 58.58 -61.89 -85.47
N LYS W 141 59.65 -61.49 -86.15
CA LYS W 141 60.97 -61.45 -85.54
C LYS W 141 61.01 -60.42 -84.43
N GLU W 142 60.39 -59.27 -84.68
CA GLU W 142 60.35 -58.22 -83.68
C GLU W 142 59.58 -58.68 -82.46
N LEU W 143 58.50 -59.42 -82.68
CA LEU W 143 57.72 -59.95 -81.58
C LEU W 143 58.51 -60.97 -80.79
N GLU W 144 59.35 -61.75 -81.47
CA GLU W 144 60.22 -62.68 -80.76
C GLU W 144 61.08 -61.93 -79.76
N VAL W 145 61.73 -60.87 -80.25
CA VAL W 145 62.59 -60.05 -79.42
C VAL W 145 61.84 -59.47 -78.24
N LEU W 146 60.64 -58.95 -78.50
CA LEU W 146 59.80 -58.39 -77.47
C LEU W 146 59.56 -59.40 -76.36
N SER W 147 59.17 -60.63 -76.73
CA SER W 147 58.91 -61.64 -75.71
C SER W 147 60.16 -61.95 -74.92
N GLN W 148 61.32 -61.89 -75.56
CA GLN W 148 62.56 -62.15 -74.88
C GLN W 148 62.86 -61.08 -73.84
N LYS W 149 62.53 -59.84 -74.16
CA LYS W 149 62.74 -58.78 -73.21
C LYS W 149 61.81 -58.94 -72.03
N LEU W 150 60.59 -59.38 -72.30
CA LEU W 150 59.64 -59.62 -71.25
C LEU W 150 60.10 -60.76 -70.34
N ARG W 151 60.74 -61.78 -70.94
CA ARG W 151 61.26 -62.88 -70.15
C ARG W 151 62.32 -62.36 -69.20
N ALA W 152 63.15 -61.43 -69.69
CA ALA W 152 64.17 -60.82 -68.84
C ALA W 152 63.54 -60.09 -67.66
N LEU W 153 62.41 -59.42 -67.91
CA LEU W 153 61.71 -58.70 -66.85
C LEU W 153 61.08 -59.62 -65.81
N MET W 154 60.80 -60.87 -66.17
CA MET W 154 60.18 -61.84 -65.27
C MET W 154 61.07 -63.07 -64.99
N PRO W 155 61.96 -62.99 -63.99
CA PRO W 155 62.92 -63.99 -63.49
C PRO W 155 62.35 -65.37 -63.27
N TYR W 156 61.07 -65.45 -62.96
CA TYR W 156 60.43 -66.74 -62.70
C TYR W 156 59.83 -67.36 -63.97
N ALA W 157 59.18 -66.53 -64.77
CA ALA W 157 58.53 -66.99 -65.98
C ALA W 157 59.52 -67.70 -66.88
N ASP W 158 59.08 -68.78 -67.49
CA ASP W 158 59.94 -69.54 -68.37
C ASP W 158 59.84 -69.00 -69.77
N SER W 159 58.64 -68.58 -70.15
CA SER W 159 58.42 -68.00 -71.46
C SER W 159 57.23 -67.08 -71.43
N VAL W 160 57.07 -66.27 -72.45
CA VAL W 160 55.96 -65.35 -72.53
C VAL W 160 55.12 -65.60 -73.75
N ASN W 161 53.82 -65.76 -73.55
CA ASN W 161 52.94 -66.03 -74.67
C ASN W 161 52.29 -64.76 -75.16
N ILE W 162 52.93 -64.10 -76.13
CA ILE W 162 52.33 -62.91 -76.71
C ILE W 162 51.29 -63.30 -77.72
N THR W 163 50.11 -62.72 -77.59
CA THR W 163 49.03 -63.02 -78.51
C THR W 163 48.31 -61.74 -78.88
N LEU W 164 47.79 -61.73 -80.10
CA LEU W 164 47.16 -60.54 -80.62
C LEU W 164 45.64 -60.59 -80.48
N MET W 165 45.08 -59.53 -79.91
CA MET W 165 43.64 -59.43 -79.67
C MET W 165 42.98 -58.41 -80.58
N ASP W 166 41.73 -58.66 -80.96
CA ASP W 166 41.04 -57.74 -81.85
C ASP W 166 40.32 -56.63 -81.09
N ASP W 167 40.78 -55.40 -81.28
CA ASP W 167 40.24 -54.20 -80.64
C ASP W 167 38.73 -54.10 -80.70
N VAL W 168 38.14 -54.57 -81.78
CA VAL W 168 36.70 -54.52 -81.97
C VAL W 168 35.98 -55.36 -80.95
N THR W 169 36.51 -56.53 -80.63
CA THR W 169 35.83 -57.41 -79.71
C THR W 169 35.95 -56.88 -78.29
N ALA W 170 37.03 -56.16 -78.01
CA ALA W 170 37.17 -55.54 -76.70
C ALA W 170 36.07 -54.52 -76.50
N ALA W 171 35.91 -53.64 -77.50
CA ALA W 171 34.89 -52.61 -77.44
C ALA W 171 33.50 -53.20 -77.44
N GLY W 172 33.29 -54.23 -78.25
CA GLY W 172 32.00 -54.89 -78.35
C GLY W 172 31.53 -55.42 -77.02
N GLN W 173 32.41 -56.10 -76.30
CA GLN W 173 32.05 -56.63 -75.00
C GLN W 173 31.75 -55.53 -74.00
N ALA W 174 32.55 -54.47 -74.03
CA ALA W 174 32.33 -53.36 -73.11
C ALA W 174 30.94 -52.79 -73.26
N GLU W 175 30.53 -52.51 -74.49
CA GLU W 175 29.23 -51.93 -74.70
C GLU W 175 28.11 -52.92 -74.48
N ALA W 176 28.28 -54.16 -74.95
CA ALA W 176 27.25 -55.17 -74.82
C ALA W 176 26.84 -55.39 -73.38
N GLY W 177 27.81 -55.59 -72.50
CA GLY W 177 27.50 -55.82 -71.10
C GLY W 177 26.88 -54.58 -70.47
N LEU W 178 27.40 -53.41 -70.82
CA LEU W 178 26.92 -52.15 -70.32
C LEU W 178 25.43 -51.96 -70.60
N LYS W 179 25.02 -52.22 -71.84
CA LYS W 179 23.61 -52.08 -72.18
C LYS W 179 22.79 -53.26 -71.68
N GLN W 180 23.40 -54.43 -71.47
CA GLN W 180 22.68 -55.57 -70.89
C GLN W 180 22.18 -55.23 -69.50
N GLN W 181 23.01 -54.50 -68.75
CA GLN W 181 22.66 -54.03 -67.42
C GLN W 181 21.60 -52.91 -67.41
N ALA W 182 21.12 -52.49 -68.59
CA ALA W 182 20.12 -51.44 -68.75
C ALA W 182 20.62 -50.10 -68.28
N LEU W 183 21.92 -49.86 -68.44
CA LEU W 183 22.49 -48.61 -68.02
C LEU W 183 22.47 -47.61 -69.15
N PRO W 184 22.26 -46.34 -68.86
CA PRO W 184 22.31 -45.21 -69.78
C PRO W 184 23.75 -44.86 -70.01
N TYR W 185 24.10 -44.50 -71.24
CA TYR W 185 25.47 -44.14 -71.52
C TYR W 185 25.61 -43.49 -72.86
N SER W 186 26.77 -42.91 -73.10
CA SER W 186 27.05 -42.36 -74.41
C SER W 186 28.48 -42.71 -74.79
N ARG W 187 28.62 -43.40 -75.90
CA ARG W 187 29.90 -43.88 -76.39
C ARG W 187 30.72 -42.77 -77.06
N ARG W 188 32.03 -42.81 -76.83
CA ARG W 188 32.96 -41.85 -77.40
C ARG W 188 34.09 -42.52 -78.14
N ASN W 189 33.91 -42.76 -79.42
CA ASN W 189 34.98 -43.36 -80.20
C ASN W 189 35.99 -42.31 -80.57
N HIS W 190 37.26 -42.62 -80.43
CA HIS W 190 38.29 -41.70 -80.84
C HIS W 190 39.51 -42.48 -81.27
N LYS W 191 40.43 -41.83 -81.95
CA LYS W 191 41.59 -42.55 -82.39
C LYS W 191 42.36 -43.05 -81.19
N GLY W 192 42.59 -44.35 -81.15
CA GLY W 192 43.34 -44.96 -80.07
C GLY W 192 42.51 -45.49 -78.89
N GLY W 193 41.19 -45.27 -78.89
CA GLY W 193 40.41 -45.79 -77.76
C GLY W 193 38.93 -45.44 -77.78
N VAL W 194 38.25 -45.78 -76.70
CA VAL W 194 36.83 -45.48 -76.59
C VAL W 194 36.43 -45.22 -75.15
N THR W 195 35.61 -44.20 -74.94
CA THR W 195 35.15 -43.87 -73.61
C THR W 195 33.64 -43.97 -73.47
N PHE W 196 33.19 -44.56 -72.38
CA PHE W 196 31.76 -44.71 -72.12
C PHE W 196 31.31 -43.80 -71.01
N VAL W 197 30.60 -42.75 -71.39
CA VAL W 197 30.15 -41.73 -70.46
C VAL W 197 28.80 -42.03 -69.86
N ILE W 198 28.74 -42.04 -68.53
CA ILE W 198 27.49 -42.28 -67.82
C ILE W 198 27.15 -41.09 -66.93
N GLN W 199 26.20 -40.28 -67.35
CA GLN W 199 25.83 -39.09 -66.58
C GLN W 199 24.38 -39.10 -66.13
N GLY W 200 24.07 -38.13 -65.29
CA GLY W 200 22.72 -37.94 -64.78
C GLY W 200 22.59 -38.50 -63.37
N ALA W 201 21.42 -38.31 -62.78
CA ALA W 201 21.16 -38.85 -61.46
C ALA W 201 20.98 -40.35 -61.60
N LEU W 202 21.50 -41.10 -60.66
CA LEU W 202 21.41 -42.54 -60.76
C LEU W 202 20.74 -43.19 -59.55
N ASP W 203 19.96 -44.22 -59.83
CA ASP W 203 19.29 -45.02 -58.82
C ASP W 203 20.31 -45.89 -58.14
N ASP W 204 20.24 -46.01 -56.83
CA ASP W 204 21.20 -46.84 -56.08
C ASP W 204 21.39 -48.24 -56.67
N VAL W 205 20.33 -48.78 -57.26
CA VAL W 205 20.40 -50.12 -57.83
C VAL W 205 21.28 -50.12 -59.06
N GLU W 206 21.04 -49.18 -59.97
CA GLU W 206 21.85 -49.12 -61.19
C GLU W 206 23.26 -48.68 -60.89
N ILE W 207 23.48 -47.97 -59.79
CA ILE W 207 24.84 -47.62 -59.42
C ILE W 207 25.63 -48.86 -59.08
N LEU W 208 25.03 -49.73 -58.26
CA LEU W 208 25.66 -50.98 -57.90
C LEU W 208 25.99 -51.80 -59.12
N ARG W 209 25.00 -51.99 -59.99
CA ARG W 209 25.19 -52.76 -61.20
C ARG W 209 26.30 -52.22 -62.08
N ALA W 210 26.35 -50.90 -62.22
CA ALA W 210 27.35 -50.27 -63.04
C ALA W 210 28.73 -50.58 -62.55
N ARG W 211 28.97 -50.41 -61.25
CA ARG W 211 30.29 -50.67 -60.75
C ARG W 211 30.71 -52.11 -60.91
N GLN W 212 29.80 -53.05 -60.63
CA GLN W 212 30.13 -54.46 -60.75
C GLN W 212 30.61 -54.78 -62.14
N PHE W 213 29.90 -54.28 -63.15
CA PHE W 213 30.27 -54.49 -64.52
C PHE W 213 31.63 -53.91 -64.85
N VAL W 214 31.84 -52.66 -64.49
CA VAL W 214 33.09 -51.98 -64.78
C VAL W 214 34.28 -52.67 -64.17
N ASP W 215 34.17 -53.06 -62.91
CA ASP W 215 35.27 -53.74 -62.24
C ASP W 215 35.65 -55.01 -62.97
N SER W 216 34.66 -55.79 -63.40
CA SER W 216 34.95 -57.02 -64.11
C SER W 216 35.60 -56.79 -65.45
N TYR W 217 35.13 -55.80 -66.19
CA TYR W 217 35.70 -55.50 -67.49
C TYR W 217 37.17 -55.12 -67.34
N TYR W 218 37.42 -54.25 -66.37
CA TYR W 218 38.77 -53.81 -66.07
C TYR W 218 39.65 -54.99 -65.74
N ARG W 219 39.20 -55.83 -64.81
CA ARG W 219 39.97 -57.00 -64.41
C ARG W 219 40.40 -57.84 -65.60
N THR W 220 39.51 -58.04 -66.57
CA THR W 220 39.84 -58.83 -67.74
C THR W 220 40.70 -58.10 -68.75
N TRP W 221 40.14 -57.07 -69.37
CA TRP W 221 40.83 -56.36 -70.43
C TRP W 221 41.80 -55.29 -69.98
N GLY W 222 41.51 -54.64 -68.87
CA GLY W 222 42.35 -53.55 -68.41
C GLY W 222 41.78 -52.23 -68.94
N GLY W 223 42.31 -51.11 -68.46
CA GLY W 223 41.79 -49.80 -68.84
C GLY W 223 42.65 -49.03 -69.85
N ARG W 224 43.34 -49.72 -70.75
CA ARG W 224 44.18 -49.02 -71.72
C ARG W 224 43.47 -48.69 -73.03
N TYR W 225 42.35 -49.32 -73.29
CA TYR W 225 41.62 -49.06 -74.52
C TYR W 225 40.24 -48.54 -74.21
N VAL W 226 39.54 -49.25 -73.32
CA VAL W 226 38.21 -48.84 -72.91
C VAL W 226 38.26 -48.10 -71.59
N GLN W 227 37.73 -46.89 -71.59
CA GLN W 227 37.68 -46.07 -70.40
C GLN W 227 36.23 -45.80 -70.01
N PHE W 228 35.88 -46.07 -68.77
CA PHE W 228 34.52 -45.79 -68.33
C PHE W 228 34.52 -44.50 -67.54
N ALA W 229 33.40 -43.79 -67.57
CA ALA W 229 33.31 -42.50 -66.90
C ALA W 229 31.99 -42.30 -66.20
N ILE W 230 31.88 -42.81 -64.98
CA ILE W 230 30.67 -42.66 -64.20
C ILE W 230 30.64 -41.30 -63.52
N GLU W 231 29.62 -40.51 -63.81
CA GLU W 231 29.49 -39.18 -63.25
C GLU W 231 28.11 -38.93 -62.66
N LEU W 232 28.01 -39.05 -61.35
CA LEU W 232 26.76 -38.85 -60.64
C LEU W 232 26.43 -37.37 -60.55
N LYS W 233 25.43 -36.93 -61.30
CA LYS W 233 25.08 -35.51 -61.36
C LYS W 233 23.58 -35.22 -61.23
N ASP W 234 23.26 -34.00 -60.83
CA ASP W 234 21.86 -33.58 -60.71
C ASP W 234 21.26 -33.22 -62.05
N ASP W 235 19.96 -33.49 -62.19
CA ASP W 235 19.22 -33.20 -63.40
C ASP W 235 18.18 -32.10 -63.15
N ASP X 3 42.43 -71.82 -24.06
CA ASP X 3 42.11 -71.21 -22.78
C ASP X 3 42.33 -69.71 -22.83
N LYS X 4 41.56 -69.02 -23.65
CA LYS X 4 41.69 -67.58 -23.78
C LYS X 4 40.46 -66.85 -23.32
N ASP X 5 40.65 -65.68 -22.72
CA ASP X 5 39.52 -64.87 -22.31
C ASP X 5 39.04 -64.04 -23.48
N LEU X 6 37.75 -64.12 -23.78
CA LEU X 6 37.19 -63.39 -24.90
C LEU X 6 36.37 -62.20 -24.39
N LEU X 7 35.31 -62.49 -23.64
CA LEU X 7 34.45 -61.43 -23.09
C LEU X 7 34.25 -61.56 -21.59
N LYS X 8 34.06 -60.42 -20.93
CA LYS X 8 33.83 -60.41 -19.48
C LYS X 8 32.75 -59.42 -19.06
N GLY X 9 32.05 -59.72 -17.98
CA GLY X 9 31.05 -58.79 -17.46
C GLY X 9 29.78 -58.78 -18.26
N LEU X 10 29.47 -59.88 -18.93
CA LEU X 10 28.28 -59.94 -19.75
C LEU X 10 27.06 -60.20 -18.93
N ASP X 11 25.93 -59.72 -19.40
CA ASP X 11 24.71 -60.06 -18.67
C ASP X 11 24.24 -61.38 -19.26
N GLN X 12 23.17 -61.90 -18.73
CA GLN X 12 22.68 -63.21 -19.16
C GLN X 12 22.33 -63.28 -20.64
N GLU X 13 21.55 -62.30 -21.12
CA GLU X 13 21.13 -62.27 -22.51
C GLU X 13 22.29 -62.23 -23.48
N GLN X 14 23.20 -61.29 -23.23
CA GLN X 14 24.37 -61.11 -24.07
C GLN X 14 25.19 -62.36 -24.14
N ALA X 15 25.45 -62.97 -22.99
CA ALA X 15 26.25 -64.16 -22.93
C ALA X 15 25.69 -65.25 -23.81
N ASN X 16 24.39 -65.50 -23.70
CA ASN X 16 23.80 -66.56 -24.50
C ASN X 16 23.77 -66.23 -26.00
N GLU X 17 23.61 -64.95 -26.34
CA GLU X 17 23.60 -64.57 -27.74
C GLU X 17 24.94 -64.75 -28.41
N VAL X 18 26.01 -64.32 -27.73
CA VAL X 18 27.34 -64.45 -28.28
C VAL X 18 27.70 -65.90 -28.49
N ILE X 19 27.37 -66.73 -27.51
CA ILE X 19 27.64 -68.15 -27.60
C ILE X 19 26.95 -68.77 -28.79
N ALA X 20 25.69 -68.41 -29.00
CA ALA X 20 24.94 -68.94 -30.13
C ALA X 20 25.68 -68.72 -31.43
N VAL X 21 26.20 -67.50 -31.63
CA VAL X 21 26.94 -67.18 -32.83
C VAL X 21 28.20 -68.00 -32.99
N LEU X 22 28.97 -68.13 -31.91
CA LEU X 22 30.20 -68.89 -31.97
C LEU X 22 29.96 -70.34 -32.33
N GLN X 23 28.91 -70.93 -31.76
CA GLN X 23 28.59 -72.31 -32.06
C GLN X 23 28.18 -72.46 -33.50
N MET X 24 27.41 -71.51 -34.00
CA MET X 24 26.99 -71.51 -35.38
C MET X 24 28.18 -71.56 -36.33
N HIS X 25 29.28 -70.90 -35.95
CA HIS X 25 30.48 -70.91 -36.77
C HIS X 25 31.50 -71.94 -36.34
N ASN X 26 31.06 -73.01 -35.67
CA ASN X 26 31.91 -74.12 -35.27
C ASN X 26 32.94 -73.78 -34.21
N ILE X 27 32.55 -73.02 -33.21
CA ILE X 27 33.43 -72.68 -32.10
C ILE X 27 32.82 -73.01 -30.74
N GLU X 28 33.47 -73.89 -29.98
CA GLU X 28 33.00 -74.20 -28.63
C GLU X 28 33.26 -73.02 -27.72
N ALA X 29 32.39 -72.80 -26.75
CA ALA X 29 32.57 -71.68 -25.84
C ALA X 29 32.09 -72.00 -24.44
N ASN X 30 32.80 -71.46 -23.45
CA ASN X 30 32.45 -71.70 -22.06
C ASN X 30 31.78 -70.49 -21.46
N LYS X 31 30.70 -70.70 -20.74
CA LYS X 31 30.05 -69.60 -20.04
C LYS X 31 30.37 -69.71 -18.56
N ILE X 32 31.08 -68.72 -18.04
CA ILE X 32 31.50 -68.75 -16.66
C ILE X 32 30.74 -67.76 -15.80
N ASP X 33 30.09 -68.27 -14.79
CA ASP X 33 29.32 -67.47 -13.85
C ASP X 33 30.20 -66.94 -12.73
N SER X 34 30.48 -65.63 -12.73
CA SER X 34 31.32 -65.02 -11.71
C SER X 34 30.47 -64.22 -10.71
N GLY X 35 29.22 -64.61 -10.55
CA GLY X 35 28.33 -63.98 -9.59
C GLY X 35 28.02 -62.55 -9.98
N LYS X 36 28.20 -61.64 -9.03
CA LYS X 36 27.94 -60.22 -9.22
C LYS X 36 28.76 -59.59 -10.33
N LEU X 37 29.84 -60.25 -10.76
CA LEU X 37 30.68 -59.69 -11.79
C LEU X 37 30.19 -60.05 -13.19
N GLY X 38 29.13 -60.85 -13.29
CA GLY X 38 28.56 -61.18 -14.59
C GLY X 38 29.13 -62.46 -15.19
N TYR X 39 28.94 -62.61 -16.50
CA TYR X 39 29.41 -63.79 -17.18
C TYR X 39 30.65 -63.54 -18.01
N SER X 40 31.46 -64.57 -18.14
CA SER X 40 32.64 -64.49 -18.96
C SER X 40 32.65 -65.59 -19.99
N ILE X 41 33.14 -65.28 -21.18
CA ILE X 41 33.20 -66.27 -22.23
C ILE X 41 34.63 -66.57 -22.59
N THR X 42 34.96 -67.86 -22.56
CA THR X 42 36.32 -68.27 -22.91
C THR X 42 36.29 -69.31 -24.01
N VAL X 43 37.38 -69.36 -24.78
CA VAL X 43 37.47 -70.28 -25.90
C VAL X 43 38.81 -70.98 -25.98
N ALA X 44 38.84 -72.08 -26.72
CA ALA X 44 40.08 -72.80 -26.93
C ALA X 44 41.02 -71.96 -27.76
N GLU X 45 42.30 -71.98 -27.41
CA GLU X 45 43.31 -71.20 -28.10
C GLU X 45 43.33 -71.39 -29.63
N PRO X 46 43.15 -72.61 -30.17
CA PRO X 46 43.05 -72.91 -31.59
C PRO X 46 41.94 -72.13 -32.30
N ASP X 47 40.87 -71.82 -31.60
CA ASP X 47 39.74 -71.11 -32.18
C ASP X 47 39.79 -69.63 -31.93
N PHE X 48 40.49 -69.23 -30.87
CA PHE X 48 40.58 -67.84 -30.44
C PHE X 48 40.70 -66.81 -31.55
N THR X 49 41.53 -67.05 -32.56
CA THR X 49 41.68 -66.08 -33.65
C THR X 49 40.37 -65.89 -34.39
N ALA X 50 39.73 -67.00 -34.74
CA ALA X 50 38.47 -66.97 -35.44
C ALA X 50 37.40 -66.35 -34.57
N ALA X 51 37.42 -66.69 -33.28
CA ALA X 51 36.42 -66.16 -32.36
C ALA X 51 36.45 -64.65 -32.35
N VAL X 52 37.65 -64.08 -32.28
CA VAL X 52 37.81 -62.64 -32.30
C VAL X 52 37.23 -62.04 -33.56
N TYR X 53 37.57 -62.66 -34.69
CA TYR X 53 37.06 -62.20 -35.96
C TYR X 53 35.54 -62.09 -35.97
N TRP X 54 34.87 -63.12 -35.45
CA TRP X 54 33.42 -63.12 -35.44
C TRP X 54 32.83 -62.12 -34.44
N ILE X 55 33.50 -61.88 -33.31
CA ILE X 55 33.02 -60.87 -32.37
C ILE X 55 32.97 -59.52 -33.05
N LYS X 56 33.98 -59.24 -33.84
CA LYS X 56 34.02 -58.03 -34.62
C LYS X 56 32.90 -58.01 -35.64
N THR X 57 32.85 -59.04 -36.47
CA THR X 57 31.88 -59.16 -37.55
C THR X 57 30.44 -58.93 -37.13
N TYR X 58 30.04 -59.52 -36.01
CA TYR X 58 28.67 -59.40 -35.55
C TYR X 58 28.43 -58.36 -34.49
N GLN X 59 29.31 -57.38 -34.34
CA GLN X 59 29.10 -56.32 -33.35
C GLN X 59 28.77 -56.86 -31.96
N LEU X 60 29.55 -57.81 -31.47
CA LEU X 60 29.26 -58.41 -30.19
C LEU X 60 30.11 -57.82 -29.06
N PRO X 61 29.59 -57.84 -27.83
CA PRO X 61 28.30 -58.30 -27.36
C PRO X 61 27.21 -57.31 -27.75
N PRO X 62 25.95 -57.76 -27.87
CA PRO X 62 24.76 -57.02 -28.26
C PRO X 62 24.44 -55.83 -27.36
N ARG X 63 23.88 -54.79 -27.95
CA ARG X 63 23.43 -53.63 -27.21
C ARG X 63 22.02 -53.93 -26.71
N PRO X 64 21.53 -53.19 -25.72
CA PRO X 64 20.19 -53.27 -25.19
C PRO X 64 19.21 -52.69 -26.20
N ARG X 65 17.99 -53.20 -26.20
CA ARG X 65 16.99 -52.79 -27.17
C ARG X 65 16.48 -51.38 -26.91
N VAL X 66 16.41 -50.59 -27.98
CA VAL X 66 15.97 -49.21 -27.91
C VAL X 66 14.51 -49.02 -28.22
N GLU X 67 13.81 -48.40 -27.28
CA GLU X 67 12.40 -48.11 -27.40
C GLU X 67 12.19 -46.63 -27.11
N ILE X 68 11.26 -46.00 -27.81
CA ILE X 68 11.10 -44.55 -27.72
C ILE X 68 10.79 -44.02 -26.34
N ALA X 69 9.92 -44.71 -25.60
CA ALA X 69 9.54 -44.28 -24.26
C ALA X 69 10.70 -44.18 -23.29
N GLN X 70 11.83 -44.81 -23.60
CA GLN X 70 12.96 -44.79 -22.71
C GLN X 70 13.56 -43.39 -22.61
N MET X 71 13.25 -42.51 -23.56
CA MET X 71 13.77 -41.17 -23.54
C MET X 71 12.77 -40.11 -23.10
N PHE X 72 11.61 -40.53 -22.63
CA PHE X 72 10.62 -39.58 -22.16
C PHE X 72 9.93 -40.16 -20.96
N PRO X 73 10.65 -40.33 -19.84
CA PRO X 73 10.25 -40.99 -18.60
C PRO X 73 9.22 -40.22 -17.81
N ALA X 74 8.39 -40.99 -17.09
CA ALA X 74 7.31 -40.45 -16.26
C ALA X 74 7.84 -39.81 -14.99
N ASP X 75 9.12 -40.02 -14.71
CA ASP X 75 9.76 -39.44 -13.55
C ASP X 75 9.92 -37.93 -13.66
N SER X 76 9.75 -37.37 -14.87
CA SER X 76 9.86 -35.94 -15.02
C SER X 76 8.78 -35.23 -14.24
N LEU X 77 9.15 -34.12 -13.64
CA LEU X 77 8.25 -33.31 -12.83
C LEU X 77 7.17 -32.65 -13.68
N VAL X 78 7.49 -32.41 -14.94
CA VAL X 78 6.57 -31.78 -15.87
C VAL X 78 6.51 -32.60 -17.14
N SER X 79 5.50 -32.33 -17.96
CA SER X 79 5.36 -33.04 -19.22
C SER X 79 4.89 -32.09 -20.30
N SER X 80 4.88 -32.58 -21.52
CA SER X 80 4.43 -31.78 -22.64
C SER X 80 3.68 -32.69 -23.56
N PRO X 81 2.76 -32.17 -24.36
CA PRO X 81 1.97 -32.85 -25.36
C PRO X 81 2.87 -33.68 -26.26
N ARG X 82 4.00 -33.11 -26.61
CA ARG X 82 4.96 -33.78 -27.45
C ARG X 82 5.44 -35.05 -26.80
N ALA X 83 5.88 -34.94 -25.56
CA ALA X 83 6.39 -36.08 -24.83
C ALA X 83 5.32 -37.13 -24.61
N GLU X 84 4.13 -36.69 -24.22
CA GLU X 84 3.07 -37.63 -23.90
C GLU X 84 2.61 -38.41 -25.12
N LYS X 85 2.49 -37.74 -26.26
CA LYS X 85 2.07 -38.44 -27.45
C LYS X 85 3.12 -39.46 -27.87
N ALA X 86 4.40 -39.10 -27.73
CA ALA X 86 5.48 -40.03 -28.03
C ALA X 86 5.42 -41.26 -27.15
N ARG X 87 5.19 -41.05 -25.85
CA ARG X 87 5.10 -42.16 -24.92
C ARG X 87 4.03 -43.13 -25.31
N LEU X 88 2.87 -42.61 -25.69
CA LEU X 88 1.79 -43.46 -26.09
C LEU X 88 2.14 -44.31 -27.29
N TYR X 89 2.69 -43.70 -28.33
CA TYR X 89 3.02 -44.45 -29.53
C TYR X 89 4.02 -45.54 -29.25
N SER X 90 4.97 -45.27 -28.36
CA SER X 90 5.97 -46.26 -28.01
C SER X 90 5.29 -47.51 -27.47
N ALA X 91 4.36 -47.31 -26.54
CA ALA X 91 3.61 -48.41 -25.95
C ALA X 91 2.83 -49.16 -27.00
N ILE X 92 2.21 -48.44 -27.92
CA ILE X 92 1.43 -49.08 -28.96
C ILE X 92 2.27 -49.99 -29.83
N GLU X 93 3.47 -49.54 -30.23
CA GLU X 93 4.32 -50.41 -31.04
C GLU X 93 4.63 -51.69 -30.31
N GLN X 94 4.95 -51.56 -29.02
CA GLN X 94 5.27 -52.73 -28.22
C GLN X 94 4.12 -53.69 -28.15
N ARG X 95 2.92 -53.15 -27.97
CA ARG X 95 1.74 -53.95 -27.84
C ARG X 95 1.42 -54.68 -29.14
N LEU X 96 1.63 -54.02 -30.27
CA LEU X 96 1.42 -54.67 -31.56
C LEU X 96 2.41 -55.80 -31.79
N GLU X 97 3.65 -55.62 -31.33
CA GLU X 97 4.64 -56.68 -31.47
C GLU X 97 4.23 -57.89 -30.65
N GLN X 98 3.72 -57.63 -29.44
CA GLN X 98 3.27 -58.71 -28.59
C GLN X 98 2.17 -59.50 -29.25
N SER X 99 1.30 -58.82 -29.99
CA SER X 99 0.22 -59.50 -30.68
C SER X 99 0.66 -60.32 -31.87
N LEU X 100 1.52 -59.77 -32.74
CA LEU X 100 1.92 -60.51 -33.93
C LEU X 100 2.68 -61.77 -33.61
N GLN X 101 3.43 -61.77 -32.52
CA GLN X 101 4.20 -62.93 -32.15
C GLN X 101 3.34 -64.09 -31.62
N THR X 102 2.03 -63.90 -31.49
CA THR X 102 1.15 -64.98 -31.07
C THR X 102 0.46 -65.62 -32.26
N MET X 103 0.65 -65.07 -33.46
CA MET X 103 0.02 -65.66 -34.63
C MET X 103 0.68 -66.97 -35.00
N GLU X 104 -0.11 -67.89 -35.53
CA GLU X 104 0.36 -69.19 -35.92
C GLU X 104 1.50 -69.13 -36.91
N GLY X 105 2.61 -69.79 -36.57
CA GLY X 105 3.76 -69.86 -37.43
C GLY X 105 4.75 -68.72 -37.25
N VAL X 106 4.39 -67.70 -36.47
CA VAL X 106 5.32 -66.59 -36.29
C VAL X 106 6.26 -66.84 -35.13
N LEU X 107 7.55 -66.72 -35.41
CA LEU X 107 8.58 -66.92 -34.43
C LEU X 107 9.02 -65.61 -33.85
N SER X 108 9.08 -64.59 -34.70
CA SER X 108 9.48 -63.26 -34.27
C SER X 108 8.91 -62.16 -35.13
N ALA X 109 8.63 -61.01 -34.53
CA ALA X 109 8.10 -59.92 -35.33
C ALA X 109 8.39 -58.57 -34.70
N ARG X 110 8.63 -57.57 -35.57
CA ARG X 110 8.91 -56.19 -35.13
C ARG X 110 7.97 -55.22 -35.82
N VAL X 111 7.56 -54.18 -35.10
CA VAL X 111 6.59 -53.22 -35.64
C VAL X 111 7.00 -51.77 -35.45
N HIS X 112 6.82 -50.98 -36.51
CA HIS X 112 7.09 -49.56 -36.46
C HIS X 112 5.88 -48.74 -36.84
N ILE X 113 5.71 -47.60 -36.19
CA ILE X 113 4.61 -46.72 -36.54
C ILE X 113 5.18 -45.33 -36.71
N SER X 114 4.67 -44.59 -37.68
CA SER X 114 5.15 -43.25 -37.89
C SER X 114 4.76 -42.35 -36.74
N TYR X 115 5.50 -41.26 -36.56
CA TYR X 115 5.23 -40.33 -35.47
C TYR X 115 4.79 -38.97 -35.98
N ASP X 116 4.16 -38.23 -35.09
CA ASP X 116 3.68 -36.89 -35.39
C ASP X 116 4.06 -36.01 -34.24
N ILE X 117 5.06 -35.17 -34.48
CA ILE X 117 5.60 -34.34 -33.44
C ILE X 117 5.17 -32.89 -33.48
N ASP X 118 4.69 -32.42 -34.63
CA ASP X 118 4.30 -31.02 -34.66
C ASP X 118 3.23 -30.64 -35.68
N ALA X 119 2.26 -31.53 -35.98
CA ALA X 119 1.18 -31.13 -36.88
C ALA X 119 0.35 -30.01 -36.24
N GLY X 120 -0.40 -30.36 -35.20
CA GLY X 120 -1.25 -29.41 -34.47
C GLY X 120 -0.47 -28.20 -34.00
N GLU X 121 0.78 -28.43 -33.58
CA GLU X 121 1.71 -27.37 -33.17
C GLU X 121 1.81 -26.25 -34.20
N ASN X 122 1.79 -26.62 -35.48
CA ASN X 122 1.92 -25.65 -36.55
C ASN X 122 0.57 -25.23 -37.14
N GLY X 123 -0.53 -25.58 -36.46
CA GLY X 123 -1.86 -25.25 -36.97
C GLY X 123 -2.29 -26.18 -38.10
N ARG X 124 -1.60 -27.31 -38.25
CA ARG X 124 -1.89 -28.24 -39.31
C ARG X 124 -2.67 -29.45 -38.81
N PRO X 125 -3.43 -30.09 -39.69
CA PRO X 125 -4.13 -31.33 -39.50
C PRO X 125 -3.08 -32.43 -39.47
N PRO X 126 -3.36 -33.54 -38.83
CA PRO X 126 -2.51 -34.70 -38.66
C PRO X 126 -2.34 -35.45 -39.97
N LYS X 127 -1.22 -36.14 -40.09
CA LYS X 127 -0.92 -36.89 -41.29
C LYS X 127 -1.39 -38.34 -41.14
N PRO X 128 -1.57 -39.05 -42.25
CA PRO X 128 -1.92 -40.44 -42.35
C PRO X 128 -0.88 -41.26 -41.63
N VAL X 129 -1.28 -42.37 -41.05
CA VAL X 129 -0.36 -43.19 -40.30
C VAL X 129 0.31 -44.24 -41.15
N HIS X 130 1.62 -44.34 -41.02
CA HIS X 130 2.35 -45.35 -41.77
C HIS X 130 2.79 -46.47 -40.85
N LEU X 131 2.73 -47.69 -41.34
CA LEU X 131 3.14 -48.84 -40.56
C LEU X 131 4.10 -49.71 -41.33
N SER X 132 5.01 -50.34 -40.61
CA SER X 132 5.90 -51.29 -41.26
C SER X 132 6.19 -52.41 -40.29
N ALA X 133 6.48 -53.58 -40.82
CA ALA X 133 6.73 -54.68 -39.92
C ALA X 133 7.61 -55.75 -40.52
N LEU X 134 8.33 -56.43 -39.63
CA LEU X 134 9.21 -57.52 -40.02
C LEU X 134 8.72 -58.80 -39.39
N ALA X 135 8.88 -59.92 -40.08
CA ALA X 135 8.45 -61.17 -39.45
C ALA X 135 9.26 -62.37 -39.88
N VAL X 136 9.43 -63.29 -38.94
CA VAL X 136 10.12 -64.55 -39.14
C VAL X 136 9.18 -65.71 -38.89
N TYR X 137 9.06 -66.58 -39.89
CA TYR X 137 8.18 -67.73 -39.80
C TYR X 137 8.87 -69.07 -39.68
N GLU X 138 8.11 -70.03 -39.21
CA GLU X 138 8.57 -71.40 -39.15
C GLU X 138 8.87 -71.89 -40.55
N ARG X 139 10.05 -72.45 -40.72
CA ARG X 139 10.49 -72.91 -42.03
C ARG X 139 9.51 -73.86 -42.68
N GLY X 140 9.19 -73.58 -43.95
CA GLY X 140 8.26 -74.38 -44.74
C GLY X 140 6.86 -73.75 -44.84
N SER X 141 6.63 -72.71 -44.06
CA SER X 141 5.37 -71.99 -44.03
C SER X 141 5.13 -71.18 -45.34
N PRO X 142 3.88 -71.06 -45.81
CA PRO X 142 3.43 -70.37 -47.04
C PRO X 142 3.35 -68.84 -46.90
N LEU X 143 4.53 -68.23 -46.72
CA LEU X 143 4.72 -66.80 -46.53
C LEU X 143 3.95 -65.88 -47.48
N ALA X 144 3.83 -66.29 -48.73
CA ALA X 144 3.17 -65.49 -49.76
C ALA X 144 1.69 -65.25 -49.49
N HIS X 145 1.10 -66.00 -48.58
CA HIS X 145 -0.31 -65.85 -48.28
C HIS X 145 -0.48 -65.29 -46.89
N GLN X 146 0.41 -65.70 -46.00
CA GLN X 146 0.37 -65.29 -44.61
C GLN X 146 0.52 -63.79 -44.45
N ILE X 147 1.31 -63.19 -45.32
CA ILE X 147 1.48 -61.75 -45.34
C ILE X 147 0.17 -60.95 -45.41
N SER X 148 -0.90 -61.55 -45.93
CA SER X 148 -2.16 -60.83 -46.03
C SER X 148 -2.89 -60.75 -44.70
N ASP X 149 -2.61 -61.68 -43.78
CA ASP X 149 -3.24 -61.62 -42.47
C ASP X 149 -2.65 -60.50 -41.68
N ILE X 150 -1.34 -60.37 -41.78
CA ILE X 150 -0.65 -59.32 -41.07
C ILE X 150 -1.16 -57.98 -41.49
N LYS X 151 -1.23 -57.80 -42.80
CA LYS X 151 -1.63 -56.54 -43.36
C LYS X 151 -3.07 -56.20 -43.03
N ARG X 152 -3.97 -57.18 -43.06
CA ARG X 152 -5.37 -56.93 -42.72
C ARG X 152 -5.54 -56.58 -41.26
N PHE X 153 -4.86 -57.32 -40.41
CA PHE X 153 -4.88 -57.10 -38.98
C PHE X 153 -4.45 -55.71 -38.64
N LEU X 154 -3.32 -55.29 -39.17
CA LEU X 154 -2.81 -53.97 -38.90
C LEU X 154 -3.70 -52.88 -39.46
N LYS X 155 -4.31 -53.10 -40.62
CA LYS X 155 -5.16 -52.09 -41.22
C LYS X 155 -6.25 -51.58 -40.28
N ASN X 156 -6.96 -52.48 -39.62
CA ASN X 156 -7.98 -51.99 -38.68
C ASN X 156 -7.50 -51.88 -37.24
N SER X 157 -6.19 -51.88 -37.04
CA SER X 157 -5.63 -51.73 -35.70
C SER X 157 -5.25 -50.29 -35.42
N PHE X 158 -5.62 -49.37 -36.31
CA PHE X 158 -5.26 -47.99 -36.04
C PHE X 158 -6.14 -47.02 -36.81
N ALA X 159 -6.47 -45.93 -36.14
CA ALA X 159 -7.36 -44.85 -36.59
C ALA X 159 -7.43 -44.59 -38.08
N ASP X 160 -6.29 -44.47 -38.76
CA ASP X 160 -6.37 -44.16 -40.17
C ASP X 160 -5.15 -44.58 -40.98
N VAL X 161 -5.19 -45.81 -41.46
CA VAL X 161 -4.16 -46.37 -42.31
C VAL X 161 -4.82 -46.95 -43.53
N ASP X 162 -4.02 -47.45 -44.45
CA ASP X 162 -4.57 -48.06 -45.65
C ASP X 162 -3.60 -49.08 -46.22
N TYR X 163 -4.03 -49.83 -47.22
CA TYR X 163 -3.19 -50.90 -47.75
C TYR X 163 -1.98 -50.44 -48.58
N ASP X 164 -1.84 -49.14 -48.80
CA ASP X 164 -0.68 -48.65 -49.52
C ASP X 164 0.35 -48.07 -48.56
N ASN X 165 -0.04 -47.87 -47.31
CA ASN X 165 0.87 -47.29 -46.34
C ASN X 165 1.25 -48.27 -45.25
N ILE X 166 1.09 -49.56 -45.53
CA ILE X 166 1.50 -50.63 -44.63
C ILE X 166 2.45 -51.55 -45.36
N SER X 167 3.68 -51.65 -44.86
CA SER X 167 4.64 -52.52 -45.52
C SER X 167 5.10 -53.67 -44.66
N VAL X 168 5.11 -54.87 -45.24
CA VAL X 168 5.54 -56.04 -44.52
C VAL X 168 6.66 -56.78 -45.25
N VAL X 169 7.77 -56.94 -44.57
CA VAL X 169 8.91 -57.67 -45.10
C VAL X 169 9.16 -58.86 -44.22
N LEU X 170 9.22 -60.04 -44.80
CA LEU X 170 9.33 -61.22 -43.99
C LEU X 170 10.09 -62.37 -44.63
N SER X 171 10.41 -63.35 -43.80
CA SER X 171 11.10 -64.56 -44.24
C SER X 171 10.91 -65.69 -43.25
N GLU X 172 11.81 -66.67 -43.26
CA GLU X 172 11.70 -67.81 -42.37
C GLU X 172 13.06 -68.19 -41.81
N ARG X 173 13.03 -68.96 -40.73
CA ARG X 173 14.26 -69.36 -40.06
C ARG X 173 15.17 -70.24 -40.90
N SER X 174 16.43 -70.27 -40.52
CA SER X 174 17.47 -71.07 -41.16
C SER X 174 17.52 -72.49 -40.58
N ASP X 175 18.42 -73.31 -41.14
CA ASP X 175 18.62 -74.69 -40.68
C ASP X 175 19.15 -74.68 -39.25
N ALA X 176 18.35 -75.23 -38.34
CA ALA X 176 18.68 -75.21 -36.91
C ALA X 176 20.01 -75.86 -36.57
N GLN X 177 20.79 -75.18 -35.75
CA GLN X 177 22.08 -75.72 -35.35
C GLN X 177 21.89 -76.67 -34.19
N LEU X 178 21.66 -77.92 -34.53
CA LEU X 178 21.39 -78.94 -33.52
C LEU X 178 22.61 -79.80 -33.19
N GLN X 179 23.78 -79.44 -33.69
CA GLN X 179 24.98 -80.24 -33.46
C GLN X 179 26.10 -79.44 -32.80
N ALA X 180 26.81 -80.08 -31.89
CA ALA X 180 27.92 -79.41 -31.22
C ALA X 180 29.10 -79.23 -32.18
N PRO X 181 29.81 -78.11 -32.11
CA PRO X 181 31.00 -77.74 -32.87
C PRO X 181 32.14 -78.75 -32.79
N GLY X 182 32.41 -79.26 -31.60
CA GLY X 182 33.46 -80.24 -31.40
C GLY X 182 34.72 -79.58 -30.91
N THR X 183 35.60 -80.37 -30.29
CA THR X 183 36.85 -79.87 -29.75
C THR X 183 37.94 -79.88 -30.83
N PRO X 184 39.04 -79.18 -30.58
CA PRO X 184 40.23 -79.11 -31.42
C PRO X 184 40.98 -80.41 -31.36
N VAL X 185 41.75 -80.70 -32.40
CA VAL X 185 42.51 -81.95 -32.45
C VAL X 185 43.86 -81.79 -31.81
N LYS X 186 44.05 -82.46 -30.68
CA LYS X 186 45.32 -82.46 -29.96
C LYS X 186 45.24 -83.39 -28.75
N ALA Y 42 43.26 -89.52 -37.68
CA ALA Y 42 42.28 -88.45 -37.71
C ALA Y 42 41.52 -88.46 -39.03
N GLU Y 43 40.73 -89.51 -39.25
CA GLU Y 43 39.96 -89.60 -40.48
C GLU Y 43 39.05 -88.40 -40.62
N LEU Y 44 39.15 -87.74 -41.77
CA LEU Y 44 38.39 -86.52 -42.05
C LEU Y 44 36.90 -86.67 -41.81
N ASP Y 45 36.33 -87.82 -42.12
CA ASP Y 45 34.92 -88.06 -41.90
C ASP Y 45 34.54 -87.90 -40.43
N SER Y 46 35.44 -88.25 -39.53
CA SER Y 46 35.17 -88.13 -38.10
C SER Y 46 35.49 -86.72 -37.62
N LEU Y 47 36.34 -86.02 -38.35
CA LEU Y 47 36.68 -84.65 -38.01
C LEU Y 47 35.51 -83.70 -38.30
N LEU Y 48 34.78 -83.99 -39.38
CA LEU Y 48 33.60 -83.21 -39.76
C LEU Y 48 32.43 -83.55 -38.85
N GLY Y 49 31.45 -82.65 -38.78
CA GLY Y 49 30.24 -82.74 -37.93
C GLY Y 49 29.57 -84.12 -37.78
N GLN Y 50 28.69 -84.22 -36.77
CA GLN Y 50 27.96 -85.45 -36.45
C GLN Y 50 27.14 -85.95 -37.62
N GLU Y 51 26.46 -85.04 -38.30
CA GLU Y 51 25.70 -85.43 -39.46
C GLU Y 51 26.62 -85.43 -40.66
N LYS Y 52 27.38 -86.50 -40.77
CA LYS Y 52 28.36 -86.67 -41.84
C LYS Y 52 27.79 -86.60 -43.25
N GLU Y 53 26.47 -86.77 -43.36
CA GLU Y 53 25.82 -86.74 -44.66
C GLU Y 53 25.67 -85.33 -45.23
N ARG Y 54 26.13 -84.32 -44.50
CA ARG Y 54 26.10 -82.96 -44.99
C ARG Y 54 27.28 -82.68 -45.91
N PHE Y 55 28.28 -83.57 -45.90
CA PHE Y 55 29.47 -83.34 -46.70
C PHE Y 55 29.81 -84.52 -47.58
N GLN Y 56 30.36 -84.23 -48.75
CA GLN Y 56 30.82 -85.30 -49.60
C GLN Y 56 32.32 -85.22 -49.78
N VAL Y 57 33.03 -86.11 -49.11
CA VAL Y 57 34.48 -86.10 -49.23
C VAL Y 57 34.90 -86.76 -50.54
N LEU Y 58 35.78 -86.07 -51.26
CA LEU Y 58 36.21 -86.51 -52.57
C LEU Y 58 37.73 -86.71 -52.60
N PRO Y 59 38.23 -87.69 -53.32
CA PRO Y 59 39.67 -87.97 -53.38
C PRO Y 59 40.25 -87.53 -54.70
N GLY Y 60 40.82 -86.31 -54.73
CA GLY Y 60 41.36 -85.77 -55.96
C GLY Y 60 42.63 -86.49 -56.41
N ARG Y 61 42.84 -86.52 -57.72
CA ARG Y 61 44.01 -87.17 -58.31
C ARG Y 61 45.32 -86.42 -58.02
N ASP Y 62 45.18 -85.17 -57.55
CA ASP Y 62 46.30 -84.34 -57.14
C ASP Y 62 46.74 -84.57 -55.70
N LYS Y 63 46.23 -85.65 -55.06
CA LYS Y 63 46.55 -86.00 -53.68
C LYS Y 63 45.92 -85.05 -52.66
N MET Y 64 44.94 -84.27 -53.09
CA MET Y 64 44.24 -83.38 -52.19
C MET Y 64 42.87 -83.95 -51.89
N LEU Y 65 42.55 -84.02 -50.62
CA LEU Y 65 41.27 -84.55 -50.21
C LEU Y 65 40.29 -83.38 -50.17
N TYR Y 66 39.23 -83.48 -50.96
CA TYR Y 66 38.31 -82.38 -51.07
C TYR Y 66 37.04 -82.56 -50.26
N VAL Y 67 36.49 -81.46 -49.78
CA VAL Y 67 35.24 -81.51 -49.02
C VAL Y 67 34.14 -80.76 -49.72
N ALA Y 68 33.23 -81.46 -50.36
CA ALA Y 68 32.16 -80.77 -51.06
C ALA Y 68 31.05 -80.39 -50.11
N ALA Y 69 30.77 -79.09 -50.07
CA ALA Y 69 29.72 -78.55 -49.23
C ALA Y 69 28.62 -77.95 -50.09
N GLN Y 70 27.37 -78.07 -49.64
CA GLN Y 70 26.23 -77.58 -50.38
C GLN Y 70 25.76 -76.18 -49.96
N ASN Y 71 26.39 -75.63 -48.94
CA ASN Y 71 25.97 -74.33 -48.42
C ASN Y 71 27.13 -73.62 -47.77
N GLU Y 72 27.19 -72.30 -47.92
CA GLU Y 72 28.26 -71.50 -47.34
C GLU Y 72 28.42 -71.65 -45.82
N ARG Y 73 27.37 -72.08 -45.13
CA ARG Y 73 27.50 -72.32 -43.69
C ARG Y 73 28.29 -73.58 -43.44
N ASP Y 74 28.18 -74.52 -44.37
CA ASP Y 74 28.85 -75.79 -44.25
C ASP Y 74 30.26 -75.62 -44.78
N THR Y 75 30.40 -74.71 -45.75
CA THR Y 75 31.70 -74.37 -46.29
C THR Y 75 32.56 -73.84 -45.16
N LEU Y 76 32.03 -72.87 -44.43
CA LEU Y 76 32.75 -72.32 -43.30
C LEU Y 76 33.01 -73.34 -42.23
N TRP Y 77 32.01 -74.19 -41.95
CA TRP Y 77 32.16 -75.23 -40.96
C TRP Y 77 33.42 -76.06 -41.23
N ALA Y 78 33.51 -76.58 -42.44
CA ALA Y 78 34.63 -77.41 -42.87
C ALA Y 78 35.95 -76.65 -42.84
N ARG Y 79 35.92 -75.37 -43.24
CA ARG Y 79 37.14 -74.59 -43.21
C ARG Y 79 37.65 -74.41 -41.79
N GLN Y 80 36.72 -74.23 -40.85
CA GLN Y 80 37.11 -74.09 -39.47
C GLN Y 80 37.68 -75.39 -38.97
N VAL Y 81 37.14 -76.53 -39.42
CA VAL Y 81 37.72 -77.81 -39.04
C VAL Y 81 39.16 -77.94 -39.48
N LEU Y 82 39.44 -77.57 -40.72
CA LEU Y 82 40.79 -77.65 -41.23
C LEU Y 82 41.76 -76.72 -40.49
N ALA Y 83 41.29 -75.54 -40.10
CA ALA Y 83 42.14 -74.59 -39.36
C ALA Y 83 42.25 -74.93 -37.87
N ARG Y 84 41.18 -75.45 -37.28
CA ARG Y 84 41.12 -75.78 -35.86
C ARG Y 84 41.81 -77.07 -35.52
N GLY Y 85 41.40 -78.13 -36.22
CA GLY Y 85 41.94 -79.45 -36.00
C GLY Y 85 43.10 -79.68 -36.92
N ASP Y 86 43.31 -80.93 -37.29
CA ASP Y 86 44.41 -81.21 -38.15
C ASP Y 86 44.18 -82.48 -38.94
N TYR Y 87 44.88 -82.56 -40.04
CA TYR Y 87 44.85 -83.68 -40.92
C TYR Y 87 46.08 -83.61 -41.80
N ASP Y 88 46.99 -84.56 -41.62
CA ASP Y 88 48.25 -84.56 -42.36
C ASP Y 88 48.09 -84.96 -43.82
N LYS Y 89 47.56 -84.04 -44.61
CA LYS Y 89 47.33 -84.26 -46.03
C LYS Y 89 46.70 -83.05 -46.66
N ASN Y 90 47.06 -82.78 -47.90
CA ASN Y 90 46.46 -81.68 -48.64
C ASN Y 90 44.95 -81.79 -48.57
N ALA Y 91 44.28 -80.67 -48.37
CA ALA Y 91 42.84 -80.68 -48.30
C ALA Y 91 42.27 -79.35 -48.74
N ARG Y 92 41.05 -79.36 -49.26
CA ARG Y 92 40.43 -78.14 -49.74
C ARG Y 92 38.92 -78.24 -49.85
N VAL Y 93 38.22 -77.28 -49.28
CA VAL Y 93 36.76 -77.26 -49.29
C VAL Y 93 36.22 -76.74 -50.61
N ILE Y 94 35.26 -77.48 -51.17
CA ILE Y 94 34.59 -77.16 -52.41
C ILE Y 94 33.24 -76.50 -52.22
N ASN Y 95 33.01 -75.44 -52.96
CA ASN Y 95 31.75 -74.71 -52.95
C ASN Y 95 31.28 -74.47 -54.36
N GLU Y 96 30.14 -75.05 -54.70
CA GLU Y 96 29.55 -74.97 -56.04
C GLU Y 96 29.65 -73.62 -56.73
N ASN Y 97 29.29 -72.56 -56.04
CA ASN Y 97 29.36 -71.24 -56.65
C ASN Y 97 30.78 -70.75 -56.78
N GLU Y 98 31.61 -71.04 -55.78
CA GLU Y 98 32.98 -70.57 -55.84
C GLU Y 98 33.74 -71.27 -56.95
N GLU Y 99 33.42 -72.54 -57.17
CA GLU Y 99 34.07 -73.28 -58.22
C GLU Y 99 33.57 -72.86 -59.57
N ASN Y 100 32.29 -72.56 -59.67
CA ASN Y 100 31.74 -72.08 -60.92
C ASN Y 100 32.48 -70.81 -61.33
N LYS Y 101 32.68 -69.92 -60.35
CA LYS Y 101 33.40 -68.68 -60.59
C LYS Y 101 34.87 -68.89 -60.95
N ARG Y 102 35.56 -69.74 -60.19
CA ARG Y 102 36.97 -70.01 -60.46
C ARG Y 102 37.19 -70.45 -61.89
N ILE Y 103 36.35 -71.36 -62.33
CA ILE Y 103 36.42 -71.86 -63.68
C ILE Y 103 36.14 -70.77 -64.68
N SER Y 104 35.08 -69.98 -64.46
CA SER Y 104 34.73 -68.95 -65.41
C SER Y 104 35.84 -67.93 -65.62
N ILE Y 105 36.65 -67.71 -64.59
CA ILE Y 105 37.78 -66.78 -64.73
C ILE Y 105 38.80 -67.31 -65.72
N TRP Y 106 39.23 -68.53 -65.48
CA TRP Y 106 40.22 -69.17 -66.33
C TRP Y 106 39.69 -69.29 -67.74
N LEU Y 107 38.45 -69.70 -67.82
CA LEU Y 107 37.78 -69.95 -69.07
C LEU Y 107 37.71 -68.70 -69.91
N ASP Y 108 37.38 -67.56 -69.31
CA ASP Y 108 37.34 -66.32 -70.08
C ASP Y 108 38.71 -65.95 -70.66
N THR Y 109 39.79 -66.18 -69.90
CA THR Y 109 41.13 -65.87 -70.39
C THR Y 109 41.58 -66.73 -71.56
N TYR Y 110 41.37 -68.04 -71.45
CA TYR Y 110 41.82 -68.96 -72.48
C TYR Y 110 40.83 -69.18 -73.59
N TYR Y 111 39.55 -69.09 -73.28
CA TYR Y 111 38.49 -69.19 -74.27
C TYR Y 111 37.56 -67.97 -74.23
N PRO Y 112 38.05 -66.79 -74.61
CA PRO Y 112 37.32 -65.56 -74.64
C PRO Y 112 36.27 -65.68 -75.70
N GLN Y 113 35.16 -65.01 -75.48
CA GLN Y 113 33.99 -65.05 -76.37
C GLN Y 113 33.22 -66.38 -76.32
N LEU Y 114 33.63 -67.35 -75.49
CA LEU Y 114 32.88 -68.59 -75.40
C LEU Y 114 31.51 -68.32 -74.80
N ALA Y 115 30.45 -68.76 -75.47
CA ALA Y 115 29.12 -68.53 -74.95
C ALA Y 115 28.65 -69.72 -74.13
N TYR Y 116 28.47 -69.53 -72.83
CA TYR Y 116 28.05 -70.63 -71.97
C TYR Y 116 27.17 -70.14 -70.84
N TYR Y 117 26.59 -71.09 -70.12
CA TYR Y 117 25.64 -70.78 -69.05
C TYR Y 117 26.17 -71.05 -67.66
N ARG Y 118 26.12 -72.30 -67.22
CA ARG Y 118 26.54 -72.60 -65.87
C ARG Y 118 26.93 -74.05 -65.72
N ILE Y 119 27.89 -74.32 -64.84
CA ILE Y 119 28.30 -75.68 -64.58
C ILE Y 119 27.48 -76.26 -63.45
N HIS Y 120 26.87 -77.41 -63.72
CA HIS Y 120 26.07 -78.11 -62.74
C HIS Y 120 26.88 -79.19 -62.12
N PHE Y 121 27.29 -78.99 -60.89
CA PHE Y 121 28.18 -79.93 -60.26
C PHE Y 121 27.48 -81.19 -59.79
N ASP Y 122 26.28 -81.05 -59.23
CA ASP Y 122 25.43 -82.17 -58.76
C ASP Y 122 26.22 -83.40 -58.32
N GLU Y 123 26.58 -84.27 -59.26
CA GLU Y 123 27.38 -85.45 -59.00
C GLU Y 123 28.86 -85.15 -59.28
N PRO Y 124 29.58 -84.62 -58.28
CA PRO Y 124 31.01 -84.21 -58.34
C PRO Y 124 31.83 -84.82 -59.48
N ARG Y 125 31.80 -86.14 -59.57
CA ARG Y 125 32.53 -86.93 -60.55
C ARG Y 125 32.34 -86.51 -61.99
N LYS Y 126 31.11 -86.17 -62.34
CA LYS Y 126 30.76 -85.82 -63.70
C LYS Y 126 29.86 -84.60 -63.78
N PRO Y 127 30.39 -83.39 -63.61
CA PRO Y 127 29.70 -82.13 -63.67
C PRO Y 127 29.27 -81.88 -65.10
N VAL Y 128 28.18 -81.16 -65.27
CA VAL Y 128 27.63 -80.87 -66.58
C VAL Y 128 27.87 -79.42 -66.96
N PHE Y 129 28.37 -79.21 -68.15
CA PHE Y 129 28.68 -77.88 -68.61
C PHE Y 129 27.68 -77.41 -69.63
N TRP Y 130 26.82 -76.45 -69.29
CA TRP Y 130 25.89 -75.96 -70.29
C TRP Y 130 26.56 -74.94 -71.20
N LEU Y 131 26.47 -75.20 -72.50
CA LEU Y 131 27.09 -74.43 -73.57
C LEU Y 131 26.05 -73.91 -74.54
N SER Y 132 26.16 -72.66 -74.99
CA SER Y 132 25.14 -72.14 -75.92
C SER Y 132 25.18 -72.85 -77.27
N ARG Y 133 24.16 -73.64 -77.55
CA ARG Y 133 24.05 -74.38 -78.79
C ARG Y 133 24.08 -73.50 -80.02
N GLN Y 134 23.34 -72.40 -79.96
CA GLN Y 134 23.20 -71.52 -81.10
C GLN Y 134 24.35 -70.55 -81.31
N ARG Y 135 24.95 -70.04 -80.23
CA ARG Y 135 26.03 -69.09 -80.42
C ARG Y 135 27.41 -69.70 -80.66
N ASN Y 136 27.65 -70.92 -80.23
CA ASN Y 136 28.96 -71.51 -80.46
C ASN Y 136 29.00 -72.35 -81.71
N THR Y 137 30.12 -72.23 -82.43
CA THR Y 137 30.32 -72.97 -83.68
C THR Y 137 31.55 -73.87 -83.62
N MET Y 138 31.93 -74.26 -82.40
CA MET Y 138 33.10 -75.12 -82.21
C MET Y 138 32.87 -76.50 -82.79
N SER Y 139 33.95 -77.10 -83.30
CA SER Y 139 33.87 -78.44 -83.87
C SER Y 139 33.89 -79.45 -82.76
N LYS Y 140 33.50 -80.68 -83.08
CA LYS Y 140 33.49 -81.75 -82.10
C LYS Y 140 34.86 -81.94 -81.47
N LYS Y 141 35.91 -81.86 -82.29
CA LYS Y 141 37.26 -82.03 -81.81
C LYS Y 141 37.64 -80.91 -80.87
N GLU Y 142 37.24 -79.69 -81.21
CA GLU Y 142 37.52 -78.55 -80.35
C GLU Y 142 36.83 -78.70 -79.01
N LEU Y 143 35.60 -79.21 -79.04
CA LEU Y 143 34.86 -79.44 -77.81
C LEU Y 143 35.52 -80.50 -76.96
N GLU Y 144 36.11 -81.52 -77.60
CA GLU Y 144 36.87 -82.52 -76.87
C GLU Y 144 37.96 -81.86 -76.06
N VAL Y 145 38.75 -81.03 -76.74
CA VAL Y 145 39.84 -80.31 -76.12
C VAL Y 145 39.37 -79.46 -74.96
N LEU Y 146 38.27 -78.73 -75.19
CA LEU Y 146 37.69 -77.90 -74.15
C LEU Y 146 37.38 -78.71 -72.90
N SER Y 147 36.73 -79.86 -73.07
CA SER Y 147 36.39 -80.67 -71.90
C SER Y 147 37.64 -81.15 -71.19
N GLN Y 148 38.70 -81.40 -71.94
CA GLN Y 148 39.95 -81.84 -71.34
C GLN Y 148 40.57 -80.75 -70.50
N LYS Y 149 40.45 -79.51 -70.95
CA LYS Y 149 40.98 -78.40 -70.17
C LYS Y 149 40.17 -78.23 -68.90
N LEU Y 150 38.87 -78.45 -69.00
CA LEU Y 150 38.02 -78.36 -67.83
C LEU Y 150 38.37 -79.45 -66.83
N ARG Y 151 38.70 -80.65 -67.34
CA ARG Y 151 39.10 -81.74 -66.46
C ARG Y 151 40.34 -81.35 -65.70
N ALA Y 152 41.28 -80.67 -66.38
CA ALA Y 152 42.49 -80.20 -65.72
C ALA Y 152 42.16 -79.22 -64.60
N LEU Y 153 41.16 -78.36 -64.83
CA LEU Y 153 40.74 -77.40 -63.82
C LEU Y 153 40.07 -78.04 -62.60
N MET Y 154 39.50 -79.24 -62.76
CA MET Y 154 38.83 -79.95 -61.69
C MET Y 154 39.48 -81.31 -61.33
N PRO Y 155 40.49 -81.30 -60.43
CA PRO Y 155 41.29 -82.41 -59.90
C PRO Y 155 40.48 -83.61 -59.45
N TYR Y 156 39.26 -83.39 -59.00
CA TYR Y 156 38.42 -84.48 -58.53
C TYR Y 156 37.57 -85.10 -59.63
N ALA Y 157 37.00 -84.24 -60.48
CA ALA Y 157 36.13 -84.70 -61.54
C ALA Y 157 36.85 -85.69 -62.42
N ASP Y 158 36.13 -86.72 -62.84
CA ASP Y 158 36.73 -87.73 -63.68
C ASP Y 158 36.56 -87.35 -65.13
N SER Y 159 35.43 -86.73 -65.45
CA SER Y 159 35.18 -86.27 -66.80
C SER Y 159 34.20 -85.13 -66.79
N VAL Y 160 34.09 -84.43 -67.89
CA VAL Y 160 33.17 -83.30 -67.98
C VAL Y 160 32.16 -83.52 -69.08
N ASN Y 161 30.89 -83.38 -68.75
CA ASN Y 161 29.85 -83.58 -69.73
C ASN Y 161 29.40 -82.27 -70.33
N ILE Y 162 30.03 -81.86 -71.42
CA ILE Y 162 29.62 -80.65 -72.10
C ILE Y 162 28.40 -80.93 -72.94
N THR Y 163 27.38 -80.10 -72.79
CA THR Y 163 26.17 -80.27 -73.56
C THR Y 163 25.67 -78.93 -74.03
N LEU Y 164 25.02 -78.94 -75.18
CA LEU Y 164 24.58 -77.71 -75.80
C LEU Y 164 23.11 -77.43 -75.50
N MET Y 165 22.83 -76.21 -75.03
CA MET Y 165 21.49 -75.79 -74.68
C MET Y 165 20.93 -74.77 -75.66
N ASP Y 166 19.63 -74.80 -75.88
CA ASP Y 166 19.03 -73.85 -76.82
C ASP Y 166 18.63 -72.54 -76.15
N ASP Y 167 19.30 -71.47 -76.55
CA ASP Y 167 19.08 -70.11 -76.02
C ASP Y 167 17.62 -69.71 -75.95
N VAL Y 168 16.83 -70.17 -76.91
CA VAL Y 168 15.42 -69.84 -76.96
C VAL Y 168 14.66 -70.39 -75.78
N THR Y 169 15.00 -71.60 -75.35
CA THR Y 169 14.27 -72.22 -74.26
C THR Y 169 14.65 -71.56 -72.95
N ALA Y 170 15.89 -71.05 -72.88
CA ALA Y 170 16.29 -70.34 -71.68
C ALA Y 170 15.45 -69.08 -71.51
N ALA Y 171 15.34 -68.32 -72.60
CA ALA Y 171 14.56 -67.09 -72.59
C ALA Y 171 13.09 -67.38 -72.38
N GLY Y 172 12.60 -68.44 -73.01
CA GLY Y 172 11.20 -68.81 -72.91
C GLY Y 172 10.79 -69.08 -71.48
N GLN Y 173 11.61 -69.84 -70.76
CA GLN Y 173 11.30 -70.14 -69.37
C GLN Y 173 11.34 -68.90 -68.51
N ALA Y 174 12.32 -68.03 -68.76
CA ALA Y 174 12.44 -66.80 -67.98
C ALA Y 174 11.16 -65.98 -68.06
N GLU Y 175 10.68 -65.77 -69.28
CA GLU Y 175 9.50 -64.95 -69.45
C GLU Y 175 8.25 -65.65 -68.99
N ALA Y 176 8.12 -66.94 -69.30
CA ALA Y 176 6.93 -67.69 -68.95
C ALA Y 176 6.66 -67.67 -67.46
N GLY Y 177 7.67 -67.96 -66.65
CA GLY Y 177 7.50 -67.95 -65.21
C GLY Y 177 7.21 -66.55 -64.70
N LEU Y 178 7.89 -65.57 -65.26
CA LEU Y 178 7.73 -64.18 -64.88
C LEU Y 178 6.29 -63.73 -65.04
N LYS Y 179 5.69 -64.03 -66.20
CA LYS Y 179 4.31 -63.64 -66.42
C LYS Y 179 3.33 -64.56 -65.69
N GLN Y 180 3.73 -65.80 -65.38
CA GLN Y 180 2.87 -66.69 -64.59
C GLN Y 180 2.61 -66.10 -63.22
N GLN Y 181 3.65 -65.48 -62.66
CA GLN Y 181 3.56 -64.80 -61.37
C GLN Y 181 2.75 -63.49 -61.41
N ALA Y 182 2.22 -63.12 -62.58
CA ALA Y 182 1.43 -61.91 -62.80
C ALA Y 182 2.24 -60.66 -62.56
N LEU Y 183 3.54 -60.72 -62.87
CA LEU Y 183 4.38 -59.57 -62.67
C LEU Y 183 4.43 -58.72 -63.92
N PRO Y 184 4.50 -57.40 -63.79
CA PRO Y 184 4.66 -56.42 -64.84
C PRO Y 184 6.10 -56.41 -65.26
N TYR Y 185 6.36 -56.28 -66.55
CA TYR Y 185 7.74 -56.24 -67.00
C TYR Y 185 7.84 -55.78 -68.42
N SER Y 186 9.06 -55.50 -68.85
CA SER Y 186 9.29 -55.16 -70.24
C SER Y 186 10.57 -55.84 -70.70
N ARG Y 187 10.43 -56.68 -71.71
CA ARG Y 187 11.53 -57.45 -72.25
C ARG Y 187 12.47 -56.63 -73.13
N ARG Y 188 13.76 -56.91 -73.03
CA ARG Y 188 14.78 -56.23 -73.81
C ARG Y 188 15.66 -57.20 -74.56
N ASN Y 189 15.28 -57.55 -75.77
CA ASN Y 189 16.11 -58.43 -76.56
C ASN Y 189 17.27 -57.66 -77.15
N HIS Y 190 18.45 -58.22 -77.09
CA HIS Y 190 19.59 -57.59 -77.72
C HIS Y 190 20.58 -58.64 -78.16
N LYS Y 191 21.52 -58.28 -79.00
CA LYS Y 191 22.46 -59.28 -79.45
C LYS Y 191 23.25 -59.78 -78.26
N GLY Y 192 23.22 -61.09 -78.06
CA GLY Y 192 23.97 -61.72 -76.99
C GLY Y 192 23.19 -61.92 -75.68
N GLY Y 193 21.95 -61.44 -75.59
CA GLY Y 193 21.23 -61.65 -74.33
C GLY Y 193 19.86 -61.01 -74.26
N VAL Y 194 19.25 -61.07 -73.09
CA VAL Y 194 17.94 -60.46 -72.89
C VAL Y 194 17.77 -59.98 -71.47
N THR Y 195 17.20 -58.79 -71.32
CA THR Y 195 16.98 -58.22 -70.00
C THR Y 195 15.50 -57.98 -69.72
N PHE Y 196 15.06 -58.35 -68.51
CA PHE Y 196 13.68 -58.17 -68.11
C PHE Y 196 13.54 -57.06 -67.09
N VAL Y 197 13.02 -55.94 -67.54
CA VAL Y 197 12.90 -54.75 -66.71
C VAL Y 197 11.59 -54.69 -65.95
N ILE Y 198 11.69 -54.54 -64.64
CA ILE Y 198 10.51 -54.44 -63.79
C ILE Y 198 10.51 -53.12 -63.04
N GLN Y 199 9.70 -52.17 -63.49
CA GLN Y 199 9.65 -50.86 -62.84
C GLN Y 199 8.30 -50.50 -62.28
N GLY Y 200 8.28 -49.40 -61.53
CA GLY Y 200 7.07 -48.88 -60.93
C GLY Y 200 7.00 -49.24 -59.45
N ALA Y 201 5.96 -48.74 -58.80
CA ALA Y 201 5.77 -49.08 -57.39
C ALA Y 201 5.27 -50.50 -57.31
N LEU Y 202 5.75 -51.24 -56.33
CA LEU Y 202 5.36 -52.64 -56.22
C LEU Y 202 4.73 -52.99 -54.89
N ASP Y 203 3.73 -53.85 -54.95
CA ASP Y 203 3.05 -54.38 -53.79
C ASP Y 203 3.97 -55.36 -53.08
N ASP Y 204 4.02 -55.32 -51.77
CA ASP Y 204 4.88 -56.23 -51.02
C ASP Y 204 4.72 -57.70 -51.42
N VAL Y 205 3.52 -58.08 -51.84
CA VAL Y 205 3.26 -59.45 -52.22
C VAL Y 205 3.96 -59.77 -53.52
N GLU Y 206 3.80 -58.92 -54.53
CA GLU Y 206 4.46 -59.16 -55.80
C GLU Y 206 5.96 -59.00 -55.71
N ILE Y 207 6.45 -58.23 -54.73
CA ILE Y 207 7.88 -58.13 -54.54
C ILE Y 207 8.44 -59.47 -54.11
N LEU Y 208 7.78 -60.09 -53.14
CA LEU Y 208 8.21 -61.39 -52.66
C LEU Y 208 8.22 -62.41 -53.79
N ARG Y 209 7.11 -62.46 -54.53
CA ARG Y 209 7.00 -63.39 -55.64
C ARG Y 209 8.09 -63.20 -56.68
N ALA Y 210 8.37 -61.94 -57.00
CA ALA Y 210 9.38 -61.63 -57.99
C ALA Y 210 10.72 -62.16 -57.60
N ARG Y 211 11.14 -61.91 -56.37
CA ARG Y 211 12.44 -62.38 -55.94
C ARG Y 211 12.54 -63.89 -55.96
N GLN Y 212 11.50 -64.56 -55.47
CA GLN Y 212 11.54 -66.02 -55.43
C GLN Y 212 11.78 -66.60 -56.81
N PHE Y 213 11.06 -66.07 -57.79
CA PHE Y 213 11.23 -66.50 -59.16
C PHE Y 213 12.62 -66.27 -59.69
N VAL Y 214 13.12 -65.05 -59.51
CA VAL Y 214 14.43 -64.68 -60.01
C VAL Y 214 15.52 -65.53 -59.43
N ASP Y 215 15.50 -65.75 -58.11
CA ASP Y 215 16.51 -66.56 -57.48
C ASP Y 215 16.54 -67.96 -58.06
N SER Y 216 15.38 -68.55 -58.28
CA SER Y 216 15.33 -69.88 -58.85
C SER Y 216 15.86 -69.96 -60.27
N TYR Y 217 15.50 -68.97 -61.09
CA TYR Y 217 15.97 -68.95 -62.46
C TYR Y 217 17.49 -68.86 -62.49
N TYR Y 218 18.02 -67.96 -61.67
CA TYR Y 218 19.45 -67.79 -61.57
C TYR Y 218 20.12 -69.09 -61.16
N ARG Y 219 19.62 -69.70 -60.09
CA ARG Y 219 20.19 -70.95 -59.61
C ARG Y 219 20.30 -71.99 -60.71
N THR Y 220 19.29 -72.10 -61.56
CA THR Y 220 19.32 -73.08 -62.64
C THR Y 220 20.17 -72.66 -63.82
N TRP Y 221 19.76 -71.62 -64.51
CA TRP Y 221 20.44 -71.19 -65.72
C TRP Y 221 21.65 -70.30 -65.51
N GLY Y 222 21.62 -69.48 -64.48
CA GLY Y 222 22.71 -68.54 -64.24
C GLY Y 222 22.35 -67.20 -64.89
N GLY Y 223 23.14 -66.18 -64.61
CA GLY Y 223 22.85 -64.83 -65.13
C GLY Y 223 23.71 -64.38 -66.30
N ARG Y 224 24.14 -65.30 -67.16
CA ARG Y 224 24.98 -64.89 -68.28
C ARG Y 224 24.21 -64.57 -69.55
N TYR Y 225 22.94 -64.98 -69.62
CA TYR Y 225 22.15 -64.72 -70.81
C TYR Y 225 20.94 -63.89 -70.43
N VAL Y 226 20.23 -64.33 -69.41
CA VAL Y 226 19.06 -63.61 -68.92
C VAL Y 226 19.40 -62.76 -67.72
N GLN Y 227 19.13 -61.48 -67.84
CA GLN Y 227 19.38 -60.53 -66.77
C GLN Y 227 18.08 -59.92 -66.28
N PHE Y 228 17.82 -59.98 -64.99
CA PHE Y 228 16.61 -59.37 -64.48
C PHE Y 228 16.94 -58.02 -63.87
N ALA Y 229 15.99 -57.11 -63.90
CA ALA Y 229 16.24 -55.76 -63.39
C ALA Y 229 15.06 -55.21 -62.61
N ILE Y 230 15.01 -55.54 -61.32
CA ILE Y 230 13.95 -55.05 -60.46
C ILE Y 230 14.27 -53.66 -59.97
N GLU Y 231 13.40 -52.71 -60.27
CA GLU Y 231 13.59 -51.32 -59.89
C GLU Y 231 12.37 -50.73 -59.22
N LEU Y 232 12.41 -50.68 -57.90
CA LEU Y 232 11.31 -50.15 -57.09
C LEU Y 232 11.29 -48.62 -57.19
N LYS Y 233 10.30 -48.08 -57.89
CA LYS Y 233 10.24 -46.62 -58.11
C LYS Y 233 8.86 -46.02 -57.88
N ASP Y 234 8.82 -44.73 -57.62
CA ASP Y 234 7.56 -44.02 -57.42
C ASP Y 234 6.88 -43.69 -58.74
N ASP Y 235 5.55 -43.70 -58.71
CA ASP Y 235 4.75 -43.39 -59.88
C ASP Y 235 3.98 -42.09 -59.69
N ASP Z 3 24.47 -81.33 -18.04
CA ASP Z 3 24.44 -80.51 -16.83
C ASP Z 3 24.94 -79.11 -17.10
N LYS Z 4 24.21 -78.37 -17.93
CA LYS Z 4 24.62 -77.02 -18.26
C LYS Z 4 23.61 -75.99 -17.80
N ASP Z 5 24.09 -74.83 -17.39
CA ASP Z 5 23.20 -73.76 -16.97
C ASP Z 5 22.74 -72.99 -18.20
N LEU Z 6 21.44 -72.84 -18.36
CA LEU Z 6 20.92 -72.13 -19.52
C LEU Z 6 20.41 -70.75 -19.10
N LEU Z 7 19.41 -70.73 -18.22
CA LEU Z 7 18.84 -69.47 -17.74
C LEU Z 7 18.80 -69.37 -16.22
N LYS Z 8 18.91 -68.14 -15.70
CA LYS Z 8 18.87 -67.93 -14.26
C LYS Z 8 18.06 -66.69 -13.88
N GLY Z 9 17.45 -66.72 -12.71
CA GLY Z 9 16.72 -65.54 -12.22
C GLY Z 9 15.37 -65.36 -12.90
N LEU Z 10 14.80 -66.44 -13.38
CA LEU Z 10 13.53 -66.35 -14.07
C LEU Z 10 12.38 -66.26 -13.12
N ASP Z 11 11.31 -65.60 -13.53
CA ASP Z 11 10.15 -65.60 -12.66
C ASP Z 11 9.37 -66.85 -13.01
N GLN Z 12 8.27 -67.07 -12.32
CA GLN Z 12 7.50 -68.29 -12.53
C GLN Z 12 6.96 -68.46 -13.94
N GLU Z 13 6.35 -67.40 -14.48
CA GLU Z 13 5.77 -67.43 -15.82
C GLU Z 13 6.80 -67.75 -16.88
N GLN Z 14 7.89 -67.00 -16.86
CA GLN Z 14 8.98 -67.14 -17.81
C GLN Z 14 9.53 -68.54 -17.80
N ALA Z 15 9.78 -69.06 -16.59
CA ALA Z 15 10.35 -70.39 -16.46
C ALA Z 15 9.48 -71.43 -17.13
N ASN Z 16 8.18 -71.39 -16.85
CA ASN Z 16 7.30 -72.38 -17.45
C ASN Z 16 7.17 -72.22 -18.97
N GLU Z 17 7.22 -70.99 -19.46
CA GLU Z 17 7.11 -70.77 -20.89
C GLU Z 17 8.32 -71.30 -21.66
N VAL Z 18 9.51 -71.04 -21.14
CA VAL Z 18 10.72 -71.50 -21.79
C VAL Z 18 10.75 -73.01 -21.84
N ILE Z 19 10.40 -73.63 -20.73
CA ILE Z 19 10.36 -75.07 -20.65
C ILE Z 19 9.43 -75.66 -21.68
N ALA Z 20 8.24 -75.07 -21.82
CA ALA Z 20 7.28 -75.56 -22.80
C ALA Z 20 7.90 -75.65 -24.18
N VAL Z 21 8.61 -74.60 -24.57
CA VAL Z 21 9.25 -74.57 -25.88
C VAL Z 21 10.30 -75.65 -26.03
N LEU Z 22 11.15 -75.82 -25.03
CA LEU Z 22 12.19 -76.81 -25.10
C LEU Z 22 11.65 -78.22 -25.24
N GLN Z 23 10.57 -78.51 -24.51
CA GLN Z 23 9.95 -79.81 -24.58
C GLN Z 23 9.36 -80.05 -25.94
N MET Z 24 8.73 -79.02 -26.49
CA MET Z 24 8.16 -79.09 -27.82
C MET Z 24 9.20 -79.49 -28.85
N HIS Z 25 10.44 -79.02 -28.67
CA HIS Z 25 11.51 -79.38 -29.58
C HIS Z 25 12.36 -80.54 -29.12
N ASN Z 26 11.79 -81.41 -28.28
CA ASN Z 26 12.45 -82.62 -27.81
C ASN Z 26 13.66 -82.39 -26.92
N ILE Z 27 13.54 -81.45 -25.98
CA ILE Z 27 14.59 -81.20 -25.02
C ILE Z 27 14.09 -81.24 -23.58
N GLU Z 28 14.65 -82.12 -22.77
CA GLU Z 28 14.29 -82.19 -21.36
C GLU Z 28 14.88 -80.98 -20.64
N ALA Z 29 14.18 -80.49 -19.62
CA ALA Z 29 14.69 -79.33 -18.90
C ALA Z 29 14.33 -79.38 -17.43
N ASN Z 30 15.23 -78.90 -16.58
CA ASN Z 30 15.01 -78.90 -15.16
C ASN Z 30 14.67 -77.52 -14.68
N LYS Z 31 13.66 -77.42 -13.82
CA LYS Z 31 13.32 -76.13 -13.22
C LYS Z 31 13.80 -76.14 -11.78
N ILE Z 32 14.74 -75.26 -11.46
CA ILE Z 32 15.30 -75.23 -10.13
C ILE Z 32 14.86 -74.01 -9.36
N ASP Z 33 14.24 -74.26 -8.22
CA ASP Z 33 13.77 -73.21 -7.33
C ASP Z 33 14.86 -72.76 -6.38
N SER Z 34 15.38 -71.55 -6.59
CA SER Z 34 16.43 -71.01 -5.73
C SER Z 34 15.89 -69.94 -4.79
N GLY Z 35 14.61 -70.04 -4.46
CA GLY Z 35 13.98 -69.13 -3.51
C GLY Z 35 13.90 -67.73 -4.05
N LYS Z 36 14.39 -66.77 -3.26
CA LYS Z 36 14.38 -65.36 -3.61
C LYS Z 36 15.18 -65.04 -4.86
N LEU Z 37 16.03 -65.95 -5.29
CA LEU Z 37 16.84 -65.71 -6.47
C LEU Z 37 16.13 -66.12 -7.76
N GLY Z 38 14.93 -66.68 -7.66
CA GLY Z 38 14.16 -67.03 -8.84
C GLY Z 38 14.40 -68.45 -9.32
N TYR Z 39 14.03 -68.72 -10.56
CA TYR Z 39 14.18 -70.04 -11.13
C TYR Z 39 15.33 -70.14 -12.09
N SER Z 40 15.90 -71.33 -12.16
CA SER Z 40 16.97 -71.59 -13.09
C SER Z 40 16.64 -72.78 -13.96
N ILE Z 41 17.04 -72.70 -15.22
CA ILE Z 41 16.79 -73.79 -16.13
C ILE Z 41 18.08 -74.44 -16.58
N THR Z 42 18.16 -75.75 -16.39
CA THR Z 42 19.35 -76.48 -16.81
C THR Z 42 18.99 -77.60 -17.76
N VAL Z 43 19.94 -77.96 -18.61
CA VAL Z 43 19.72 -79.00 -19.61
C VAL Z 43 20.89 -79.97 -19.71
N ALA Z 44 20.61 -81.13 -20.31
CA ALA Z 44 21.66 -82.11 -20.53
C ALA Z 44 22.65 -81.57 -21.54
N GLU Z 45 23.92 -81.82 -21.31
CA GLU Z 45 24.97 -81.36 -22.19
C GLU Z 45 24.77 -81.72 -23.68
N PRO Z 46 24.30 -82.92 -24.02
CA PRO Z 46 23.98 -83.35 -25.39
C PRO Z 46 22.96 -82.44 -26.08
N ASP Z 47 22.06 -81.84 -25.33
CA ASP Z 47 21.03 -80.99 -25.89
C ASP Z 47 21.40 -79.52 -25.85
N PHE Z 48 22.29 -79.17 -24.93
CA PHE Z 48 22.70 -77.78 -24.70
C PHE Z 48 22.87 -76.93 -25.95
N THR Z 49 23.52 -77.46 -26.99
CA THR Z 49 23.72 -76.67 -28.20
C THR Z 49 22.39 -76.30 -28.84
N ALA Z 50 21.52 -77.28 -28.97
CA ALA Z 50 20.22 -77.06 -29.55
C ALA Z 50 19.39 -76.14 -28.68
N ALA Z 51 19.49 -76.33 -27.36
CA ALA Z 51 18.75 -75.51 -26.43
C ALA Z 51 19.07 -74.05 -26.64
N VAL Z 52 20.36 -73.73 -26.74
CA VAL Z 52 20.78 -72.36 -26.97
C VAL Z 52 20.20 -71.81 -28.25
N TYR Z 53 20.26 -72.60 -29.31
CA TYR Z 53 19.71 -72.19 -30.58
C TYR Z 53 18.26 -71.77 -30.45
N TRP Z 54 17.46 -72.57 -29.74
CA TRP Z 54 16.05 -72.27 -29.60
C TRP Z 54 15.78 -71.07 -28.70
N ILE Z 55 16.62 -70.85 -27.67
CA ILE Z 55 16.46 -69.66 -26.83
C ILE Z 55 16.59 -68.41 -27.68
N LYS Z 56 17.55 -68.44 -28.60
CA LYS Z 56 17.72 -67.35 -29.53
C LYS Z 56 16.52 -67.21 -30.44
N THR Z 57 16.17 -68.30 -31.12
CA THR Z 57 15.07 -68.34 -32.07
C THR Z 57 13.77 -67.77 -31.55
N TYR Z 58 13.39 -68.14 -30.33
CA TYR Z 58 12.13 -67.68 -29.77
C TYR Z 58 12.22 -66.50 -28.84
N GLN Z 59 13.30 -65.72 -28.90
CA GLN Z 59 13.41 -64.53 -28.05
C GLN Z 59 13.15 -64.83 -26.58
N LEU Z 60 13.79 -65.86 -26.04
CA LEU Z 60 13.54 -66.23 -24.66
C LEU Z 60 14.61 -65.72 -23.71
N PRO Z 61 14.25 -65.49 -22.45
CA PRO Z 61 12.95 -65.61 -21.80
C PRO Z 61 12.04 -64.46 -22.21
N PRO Z 62 10.72 -64.66 -22.16
CA PRO Z 62 9.65 -63.73 -22.53
C PRO Z 62 9.68 -62.41 -21.77
N ARG Z 63 9.27 -61.35 -22.45
CA ARG Z 63 9.14 -60.05 -21.82
C ARG Z 63 7.78 -59.98 -21.16
N PRO Z 64 7.56 -59.06 -20.24
CA PRO Z 64 6.29 -58.79 -19.57
C PRO Z 64 5.34 -58.14 -20.57
N ARG Z 65 4.05 -58.39 -20.38
CA ARG Z 65 3.05 -57.88 -21.30
C ARG Z 65 2.85 -56.38 -21.18
N VAL Z 66 2.81 -55.72 -22.34
CA VAL Z 66 2.66 -54.27 -22.41
C VAL Z 66 1.22 -53.84 -22.61
N GLU Z 67 0.78 -52.98 -21.70
CA GLU Z 67 -0.54 -52.40 -21.73
C GLU Z 67 -0.42 -50.90 -21.62
N ILE Z 68 -1.29 -50.17 -22.31
CA ILE Z 68 -1.16 -48.71 -22.40
C ILE Z 68 -1.19 -47.98 -21.07
N ALA Z 69 -2.08 -48.39 -20.18
CA ALA Z 69 -2.21 -47.73 -18.87
C ALA Z 69 -0.94 -47.77 -18.04
N GLN Z 70 0.00 -48.67 -18.37
CA GLN Z 70 1.21 -48.78 -17.61
C GLN Z 70 2.08 -47.53 -17.74
N MET Z 71 1.83 -46.72 -18.77
CA MET Z 71 2.61 -45.51 -18.97
C MET Z 71 1.89 -44.23 -18.59
N PHE Z 72 0.72 -44.34 -17.97
CA PHE Z 72 0.01 -43.16 -17.54
C PHE Z 72 -0.64 -43.44 -16.20
N PRO Z 73 0.16 -43.64 -15.16
CA PRO Z 73 -0.20 -44.07 -13.81
C PRO Z 73 -0.97 -43.01 -13.02
N ALA Z 74 -1.84 -43.50 -12.14
CA ALA Z 74 -2.69 -42.66 -11.29
C ALA Z 74 -1.90 -42.01 -10.17
N ASP Z 75 -0.66 -42.44 -9.99
CA ASP Z 75 0.21 -41.88 -8.98
C ASP Z 75 0.65 -40.45 -9.31
N SER Z 76 0.46 -40.02 -10.56
CA SER Z 76 0.83 -38.66 -10.91
C SER Z 76 0.00 -37.66 -10.14
N LEU Z 77 0.66 -36.58 -9.73
CA LEU Z 77 0.02 -35.52 -8.96
C LEU Z 77 -1.00 -34.75 -9.78
N VAL Z 78 -0.79 -34.73 -11.09
CA VAL Z 78 -1.67 -34.04 -12.00
C VAL Z 78 -2.05 -34.96 -13.14
N SER Z 79 -3.06 -34.58 -13.89
CA SER Z 79 -3.50 -35.38 -15.03
C SER Z 79 -3.90 -34.48 -16.16
N SER Z 80 -4.14 -35.09 -17.31
CA SER Z 80 -4.55 -34.35 -18.48
C SER Z 80 -5.57 -35.18 -19.20
N PRO Z 81 -6.46 -34.57 -19.98
CA PRO Z 81 -7.48 -35.18 -20.79
C PRO Z 81 -6.88 -36.26 -21.65
N ARG Z 82 -5.70 -36.00 -22.18
CA ARG Z 82 -5.00 -36.94 -23.01
C ARG Z 82 -4.70 -38.20 -22.24
N ALA Z 83 -4.10 -38.04 -21.06
CA ALA Z 83 -3.75 -39.18 -20.26
C ALA Z 83 -4.96 -39.95 -19.79
N GLU Z 84 -5.99 -39.24 -19.35
CA GLU Z 84 -7.18 -39.89 -18.82
C GLU Z 84 -7.91 -40.69 -19.87
N LYS Z 85 -8.04 -40.15 -21.07
CA LYS Z 85 -8.72 -40.87 -22.12
C LYS Z 85 -7.95 -42.12 -22.48
N ALA Z 86 -6.60 -42.03 -22.51
CA ALA Z 86 -5.78 -43.19 -22.79
C ALA Z 86 -5.97 -44.27 -21.75
N ARG Z 87 -6.00 -43.88 -20.48
CA ARG Z 87 -6.19 -44.82 -19.40
C ARG Z 87 -7.47 -45.59 -19.56
N LEU Z 88 -8.54 -44.89 -19.89
CA LEU Z 88 -9.82 -45.54 -20.08
C LEU Z 88 -9.78 -46.57 -21.17
N TYR Z 89 -9.26 -46.20 -22.34
CA TYR Z 89 -9.20 -47.14 -23.45
C TYR Z 89 -8.41 -48.37 -23.12
N SER Z 90 -7.34 -48.22 -22.36
CA SER Z 90 -6.52 -49.35 -21.97
C SER Z 90 -7.35 -50.36 -21.21
N ALA Z 91 -8.12 -49.85 -20.24
CA ALA Z 91 -8.98 -50.70 -19.44
C ALA Z 91 -10.02 -51.39 -20.29
N ILE Z 92 -10.59 -50.67 -21.25
CA ILE Z 92 -11.60 -51.25 -22.11
C ILE Z 92 -11.05 -52.40 -22.93
N GLU Z 93 -9.85 -52.26 -23.50
CA GLU Z 93 -9.29 -53.37 -24.26
C GLU Z 93 -9.16 -54.59 -23.39
N GLN Z 94 -8.66 -54.40 -22.17
CA GLN Z 94 -8.48 -55.51 -21.26
C GLN Z 94 -9.78 -56.20 -20.95
N ARG Z 95 -10.83 -55.40 -20.74
CA ARG Z 95 -12.12 -55.92 -20.38
C ARG Z 95 -12.73 -56.70 -21.54
N LEU Z 96 -12.53 -56.23 -22.77
CA LEU Z 96 -13.00 -56.96 -23.92
C LEU Z 96 -12.28 -58.29 -24.09
N GLU Z 97 -10.99 -58.33 -23.78
CA GLU Z 97 -10.25 -59.58 -23.87
C GLU Z 97 -10.78 -60.57 -22.86
N GLN Z 98 -11.08 -60.09 -21.66
CA GLN Z 98 -11.64 -60.94 -20.62
C GLN Z 98 -12.94 -61.55 -21.07
N SER Z 99 -13.75 -60.80 -21.81
CA SER Z 99 -15.02 -61.31 -22.31
C SER Z 99 -14.88 -62.34 -23.41
N LEU Z 100 -14.04 -62.07 -24.41
CA LEU Z 100 -13.93 -63.01 -25.53
C LEU Z 100 -13.41 -64.36 -25.11
N GLN Z 101 -12.54 -64.38 -24.12
CA GLN Z 101 -11.98 -65.64 -23.66
C GLN Z 101 -12.97 -66.53 -22.91
N THR Z 102 -14.20 -66.05 -22.68
CA THR Z 102 -15.21 -66.87 -22.05
C THR Z 102 -16.16 -67.48 -23.06
N MET Z 103 -16.01 -67.12 -24.34
CA MET Z 103 -16.88 -67.70 -25.36
C MET Z 103 -16.53 -69.15 -25.61
N GLU Z 104 -17.54 -69.93 -25.93
CA GLU Z 104 -17.37 -71.35 -26.18
C GLU Z 104 -16.38 -71.64 -27.27
N GLY Z 105 -15.39 -72.46 -26.94
CA GLY Z 105 -14.38 -72.88 -27.90
C GLY Z 105 -13.17 -71.95 -27.96
N VAL Z 106 -13.22 -70.80 -27.29
CA VAL Z 106 -12.09 -69.89 -27.36
C VAL Z 106 -11.09 -70.20 -26.27
N LEU Z 107 -9.84 -70.38 -26.68
CA LEU Z 107 -8.76 -70.69 -25.79
C LEU Z 107 -8.00 -69.43 -25.43
N SER Z 108 -7.85 -68.54 -26.41
CA SER Z 108 -7.14 -67.29 -26.19
C SER Z 108 -7.59 -66.20 -27.15
N ALA Z 109 -7.58 -64.96 -26.68
CA ALA Z 109 -7.97 -63.88 -27.55
C ALA Z 109 -7.36 -62.56 -27.15
N ARG Z 110 -7.02 -61.74 -28.16
CA ARG Z 110 -6.43 -60.41 -27.94
C ARG Z 110 -7.24 -59.34 -28.67
N VAL Z 111 -7.35 -58.16 -28.06
CA VAL Z 111 -8.17 -57.09 -28.64
C VAL Z 111 -7.48 -55.75 -28.68
N HIS Z 112 -7.61 -55.06 -29.81
CA HIS Z 112 -7.06 -53.72 -29.98
C HIS Z 112 -8.14 -52.73 -30.35
N ILE Z 113 -8.00 -51.51 -29.85
CA ILE Z 113 -8.94 -50.46 -30.21
C ILE Z 113 -8.14 -49.26 -30.62
N SER Z 114 -8.60 -48.54 -31.63
CA SER Z 114 -7.89 -47.36 -32.05
C SER Z 114 -7.97 -46.26 -31.00
N TYR Z 115 -7.02 -45.35 -31.04
CA TYR Z 115 -6.96 -44.27 -30.07
C TYR Z 115 -7.19 -42.92 -30.71
N ASP Z 116 -7.55 -41.96 -29.88
CA ASP Z 116 -7.79 -40.59 -30.30
C ASP Z 116 -7.12 -39.68 -29.33
N ILE Z 117 -6.01 -39.11 -29.76
CA ILE Z 117 -5.20 -38.30 -28.89
C ILE Z 117 -5.35 -36.81 -29.10
N ASP Z 118 -5.85 -36.37 -30.25
CA ASP Z 118 -5.96 -34.94 -30.43
C ASP Z 118 -7.05 -34.45 -31.39
N ALA Z 119 -8.19 -35.15 -31.47
CA ALA Z 119 -9.28 -34.64 -32.32
C ALA Z 119 -9.80 -33.32 -31.76
N GLY Z 120 -10.47 -33.37 -30.60
CA GLY Z 120 -11.02 -32.19 -29.94
C GLY Z 120 -9.97 -31.13 -29.71
N GLU Z 121 -8.75 -31.56 -29.38
CA GLU Z 121 -7.59 -30.68 -29.22
C GLU Z 121 -7.39 -29.74 -30.38
N ASN Z 122 -7.65 -30.23 -31.59
CA ASN Z 122 -7.45 -29.44 -32.80
C ASN Z 122 -8.76 -28.81 -33.31
N GLY Z 123 -9.82 -28.85 -32.50
CA GLY Z 123 -11.10 -28.30 -32.92
C GLY Z 123 -11.84 -29.25 -33.85
N ARG Z 124 -11.40 -30.50 -33.91
CA ARG Z 124 -11.99 -31.48 -34.81
C ARG Z 124 -12.93 -32.43 -34.09
N PRO Z 125 -13.89 -32.99 -34.81
CA PRO Z 125 -14.80 -34.02 -34.38
C PRO Z 125 -13.99 -35.31 -34.31
N PRO Z 126 -14.40 -36.26 -33.50
CA PRO Z 126 -13.78 -37.55 -33.25
C PRO Z 126 -13.90 -38.46 -34.45
N LYS Z 127 -12.97 -39.37 -34.59
CA LYS Z 127 -12.97 -40.30 -35.69
C LYS Z 127 -13.68 -41.59 -35.31
N PRO Z 128 -14.13 -42.36 -36.29
CA PRO Z 128 -14.76 -43.67 -36.16
C PRO Z 128 -13.82 -44.59 -35.45
N VAL Z 129 -14.37 -45.52 -34.70
CA VAL Z 129 -13.53 -46.42 -33.93
C VAL Z 129 -13.19 -47.68 -34.69
N HIS Z 130 -11.91 -48.04 -34.66
CA HIS Z 130 -11.49 -49.25 -35.34
C HIS Z 130 -11.17 -50.32 -34.33
N LEU Z 131 -11.53 -51.55 -34.65
CA LEU Z 131 -11.25 -52.68 -33.76
C LEU Z 131 -10.59 -53.80 -34.48
N SER Z 132 -9.73 -54.52 -33.78
CA SER Z 132 -9.14 -55.70 -34.36
C SER Z 132 -8.95 -56.74 -33.30
N ALA Z 133 -8.97 -58.01 -33.68
CA ALA Z 133 -8.82 -59.03 -32.67
C ALA Z 133 -8.24 -60.31 -33.20
N LEU Z 134 -7.57 -61.02 -32.30
CA LEU Z 134 -6.98 -62.30 -32.62
C LEU Z 134 -7.62 -63.38 -31.78
N ALA Z 135 -7.78 -64.58 -32.32
CA ALA Z 135 -8.36 -65.63 -31.50
C ALA Z 135 -7.86 -67.02 -31.83
N VAL Z 136 -7.76 -67.84 -30.79
CA VAL Z 136 -7.35 -69.22 -30.89
C VAL Z 136 -8.46 -70.13 -30.41
N TYR Z 137 -8.87 -71.06 -31.26
CA TYR Z 137 -9.94 -71.98 -30.93
C TYR Z 137 -9.51 -73.41 -30.70
N GLU Z 138 -10.39 -74.15 -30.03
CA GLU Z 138 -10.20 -75.56 -29.84
C GLU Z 138 -10.17 -76.26 -31.18
N ARG Z 139 -9.15 -77.07 -31.39
CA ARG Z 139 -8.97 -77.75 -32.66
C ARG Z 139 -10.18 -78.55 -33.08
N GLY Z 140 -10.59 -78.34 -34.34
CA GLY Z 140 -11.74 -79.02 -34.93
C GLY Z 140 -12.99 -78.14 -34.97
N SER Z 141 -12.92 -76.99 -34.32
CA SER Z 141 -14.02 -76.02 -34.27
C SER Z 141 -14.24 -75.33 -35.65
N PRO Z 142 -15.49 -75.00 -36.03
CA PRO Z 142 -15.94 -74.38 -37.28
C PRO Z 142 -15.70 -72.87 -37.34
N LEU Z 143 -14.42 -72.50 -37.36
CA LEU Z 143 -13.93 -71.12 -37.38
C LEU Z 143 -14.61 -70.18 -38.35
N ALA Z 144 -14.94 -70.69 -39.53
CA ALA Z 144 -15.55 -69.89 -40.59
C ALA Z 144 -16.92 -69.32 -40.23
N HIS Z 145 -17.54 -69.83 -39.16
CA HIS Z 145 -18.83 -69.35 -38.78
C HIS Z 145 -18.74 -68.62 -37.46
N GLN Z 146 -17.85 -69.10 -36.59
CA GLN Z 146 -17.63 -68.53 -35.28
C GLN Z 146 -17.18 -67.10 -35.33
N ILE Z 147 -16.40 -66.77 -36.35
CA ILE Z 147 -15.95 -65.41 -36.59
C ILE Z 147 -17.09 -64.36 -36.63
N SER Z 148 -18.31 -64.78 -36.96
CA SER Z 148 -19.40 -63.84 -37.04
C SER Z 148 -19.94 -63.46 -35.67
N ASP Z 149 -19.74 -64.31 -34.67
CA ASP Z 149 -20.19 -63.97 -33.33
C ASP Z 149 -19.31 -62.92 -32.75
N ILE Z 150 -18.01 -63.08 -33.00
CA ILE Z 150 -17.05 -62.12 -32.49
C ILE Z 150 -17.33 -60.77 -33.04
N LYS Z 151 -17.52 -60.72 -34.35
CA LYS Z 151 -17.73 -59.48 -35.04
C LYS Z 151 -19.04 -58.80 -34.62
N ARG Z 152 -20.10 -59.58 -34.44
CA ARG Z 152 -21.37 -59.00 -34.00
C ARG Z 152 -21.31 -58.46 -32.59
N PHE Z 153 -20.68 -59.24 -31.72
CA PHE Z 153 -20.49 -58.85 -30.34
C PHE Z 153 -19.76 -57.54 -30.22
N LEU Z 154 -18.63 -57.44 -30.92
CA LEU Z 154 -17.85 -56.23 -30.87
C LEU Z 154 -18.57 -55.05 -31.48
N LYS Z 155 -19.35 -55.27 -32.54
CA LYS Z 155 -20.05 -54.17 -33.19
C LYS Z 155 -20.89 -53.35 -32.23
N ASN Z 156 -21.69 -53.99 -31.39
CA ASN Z 156 -22.48 -53.21 -30.45
C ASN Z 156 -21.82 -53.04 -29.09
N SER Z 157 -20.52 -53.30 -29.00
CA SER Z 157 -19.78 -53.11 -27.76
C SER Z 157 -19.10 -51.76 -27.72
N PHE Z 158 -19.39 -50.88 -28.68
CA PHE Z 158 -18.74 -49.59 -28.63
C PHE Z 158 -19.49 -48.55 -29.44
N ALA Z 159 -19.53 -47.34 -28.89
CA ALA Z 159 -20.24 -46.16 -29.38
C ALA Z 159 -20.42 -46.06 -30.89
N ASP Z 160 -19.38 -46.26 -31.68
CA ASP Z 160 -19.56 -46.10 -33.12
C ASP Z 160 -18.55 -46.86 -33.97
N VAL Z 161 -18.89 -48.10 -34.27
CA VAL Z 161 -18.09 -48.95 -35.13
C VAL Z 161 -18.99 -49.51 -36.20
N ASP Z 162 -18.42 -50.27 -37.11
CA ASP Z 162 -19.21 -50.88 -38.17
C ASP Z 162 -18.54 -52.13 -38.68
N TYR Z 163 -19.21 -52.90 -39.52
CA TYR Z 163 -18.68 -54.17 -39.98
C TYR Z 163 -17.50 -54.06 -40.96
N ASP Z 164 -17.14 -52.86 -41.38
CA ASP Z 164 -15.99 -52.69 -42.26
C ASP Z 164 -14.77 -52.24 -41.49
N ASN Z 165 -14.96 -51.83 -40.24
CA ASN Z 165 -13.85 -51.34 -39.45
C ASN Z 165 -13.54 -52.25 -38.28
N ILE Z 166 -13.98 -53.51 -38.37
CA ILE Z 166 -13.69 -54.52 -37.38
C ILE Z 166 -13.02 -55.70 -38.06
N SER Z 167 -11.79 -56.01 -37.67
CA SER Z 167 -11.11 -57.12 -38.29
C SER Z 167 -10.77 -58.24 -37.34
N VAL Z 168 -11.06 -59.46 -37.75
CA VAL Z 168 -10.79 -60.61 -36.91
C VAL Z 168 -9.94 -61.63 -37.64
N VAL Z 169 -8.80 -61.96 -37.05
CA VAL Z 169 -7.90 -62.96 -37.58
C VAL Z 169 -7.79 -64.08 -36.57
N LEU Z 170 -8.03 -65.29 -37.00
CA LEU Z 170 -8.04 -66.38 -36.04
C LEU Z 170 -7.61 -67.72 -36.59
N SER Z 171 -7.40 -68.65 -35.67
CA SER Z 171 -7.01 -70.01 -36.01
C SER Z 171 -7.30 -70.97 -34.86
N GLU Z 172 -6.60 -72.10 -34.82
CA GLU Z 172 -6.83 -73.08 -33.79
C GLU Z 172 -5.52 -73.68 -33.31
N ARG Z 173 -5.57 -74.29 -32.13
CA ARG Z 173 -4.37 -74.86 -31.53
C ARG Z 173 -3.77 -76.00 -32.34
N SER Z 174 -2.48 -76.26 -32.08
CA SER Z 174 -1.71 -77.33 -32.70
C SER Z 174 -1.86 -78.65 -31.94
N ASP Z 175 -1.22 -79.70 -32.46
CA ASP Z 175 -1.23 -81.03 -31.84
C ASP Z 175 -0.55 -80.96 -30.48
N ALA Z 176 -1.32 -81.23 -29.43
CA ALA Z 176 -0.84 -81.12 -28.06
C ALA Z 176 0.37 -81.99 -27.76
N GLN Z 177 1.36 -81.40 -27.11
CA GLN Z 177 2.56 -82.14 -26.76
C GLN Z 177 2.32 -82.89 -25.48
N LEU Z 178 1.81 -84.11 -25.62
CA LEU Z 178 1.48 -84.93 -24.47
C LEU Z 178 2.54 -85.98 -24.13
N GLN Z 179 3.69 -85.92 -24.78
CA GLN Z 179 4.73 -86.93 -24.56
C GLN Z 179 6.04 -86.31 -24.13
N ALA Z 180 6.73 -86.98 -23.20
CA ALA Z 180 8.02 -86.49 -22.73
C ALA Z 180 9.08 -86.67 -23.82
N PRO Z 181 10.00 -85.70 -23.97
CA PRO Z 181 11.16 -85.68 -24.88
C PRO Z 181 12.08 -86.89 -24.77
N GLY Z 182 12.37 -87.31 -23.56
CA GLY Z 182 13.22 -88.46 -23.32
C GLY Z 182 14.65 -88.03 -23.03
N THR Z 183 15.41 -88.90 -22.40
CA THR Z 183 16.79 -88.62 -22.06
C THR Z 183 17.72 -88.97 -23.21
N PRO Z 184 18.96 -88.49 -23.18
CA PRO Z 184 20.04 -88.77 -24.12
C PRO Z 184 20.52 -90.20 -23.95
N VAL Z 185 21.09 -90.75 -25.02
CA VAL Z 185 21.58 -92.11 -24.96
C VAL Z 185 23.01 -92.18 -24.49
N LYS Z 186 23.19 -92.75 -23.30
CA LYS Z 186 24.51 -92.93 -22.70
C LYS Z 186 24.40 -93.67 -21.38
N ALA AA 42 20.22 -100.23 -29.17
CA ALA AA 42 19.46 -98.98 -29.26
C ALA AA 42 18.57 -98.99 -30.48
N GLU AA 43 17.57 -99.86 -30.50
CA GLU AA 43 16.66 -99.93 -31.62
C GLU AA 43 16.00 -98.58 -31.85
N LEU AA 44 16.09 -98.10 -33.07
CA LEU AA 44 15.54 -96.79 -33.44
C LEU AA 44 14.09 -96.59 -33.04
N ASP AA 45 13.28 -97.63 -33.15
CA ASP AA 45 11.88 -97.54 -32.76
C ASP AA 45 11.71 -97.15 -31.30
N SER AA 46 12.63 -97.58 -30.45
CA SER AA 46 12.56 -97.24 -29.03
C SER AA 46 13.21 -95.89 -28.78
N LEU AA 47 14.08 -95.46 -29.68
CA LEU AA 47 14.72 -94.15 -29.55
C LEU AA 47 13.74 -93.03 -29.85
N LEU AA 48 12.85 -93.27 -30.81
CA LEU AA 48 11.80 -92.32 -31.18
C LEU AA 48 10.70 -92.30 -30.13
N GLY AA 49 9.93 -91.22 -30.10
CA GLY AA 49 8.84 -90.96 -29.13
C GLY AA 49 7.93 -92.14 -28.73
N GLN AA 50 7.18 -91.94 -27.64
CA GLN AA 50 6.26 -92.95 -27.10
C GLN AA 50 5.23 -93.39 -28.10
N GLU AA 51 4.66 -92.45 -28.84
CA GLU AA 51 3.70 -92.79 -29.86
C GLU AA 51 4.46 -93.11 -31.12
N LYS AA 52 4.98 -94.34 -31.16
CA LYS AA 52 5.78 -94.82 -32.27
C LYS AA 52 5.07 -94.80 -33.62
N GLU AA 53 3.74 -94.69 -33.60
CA GLU AA 53 2.96 -94.68 -34.81
C GLU AA 53 3.01 -93.35 -35.55
N ARG AA 54 3.75 -92.38 -35.01
CA ARG AA 54 3.93 -91.10 -35.68
C ARG AA 54 5.01 -91.19 -36.73
N PHE AA 55 5.83 -92.25 -36.69
CA PHE AA 55 6.93 -92.37 -37.63
C PHE AA 55 6.93 -93.68 -38.37
N GLN AA 56 7.38 -93.65 -39.61
CA GLN AA 56 7.52 -94.88 -40.36
C GLN AA 56 8.97 -95.13 -40.67
N VAL AA 57 9.57 -96.07 -39.98
CA VAL AA 57 10.96 -96.38 -40.22
C VAL AA 57 11.10 -97.25 -41.46
N LEU AA 58 12.00 -96.84 -42.34
CA LEU AA 58 12.19 -97.50 -43.62
C LEU AA 58 13.62 -98.02 -43.76
N PRO AA 59 13.83 -99.16 -44.39
CA PRO AA 59 15.16 -99.74 -44.54
C PRO AA 59 15.67 -99.58 -45.95
N GLY AA 60 16.45 -98.52 -46.20
CA GLY AA 60 16.94 -98.25 -47.55
C GLY AA 60 17.99 -99.25 -48.00
N ARG AA 61 18.04 -99.47 -49.32
CA ARG AA 61 18.97 -100.42 -49.92
C ARG AA 61 20.42 -99.93 -49.84
N ASP AA 62 20.59 -98.64 -49.55
CA ASP AA 62 21.89 -98.02 -49.36
C ASP AA 62 22.44 -98.17 -47.94
N LYS AA 63 21.81 -99.04 -47.13
CA LYS AA 63 22.20 -99.29 -45.74
C LYS AA 63 21.91 -98.12 -44.80
N MET AA 64 21.05 -97.21 -45.24
CA MET AA 64 20.66 -96.09 -44.41
C MET AA 64 19.25 -96.33 -43.92
N LEU AA 65 19.07 -96.18 -42.62
CA LEU AA 65 17.78 -96.39 -42.02
C LEU AA 65 17.04 -95.05 -42.04
N TYR AA 66 15.91 -95.01 -42.72
CA TYR AA 66 15.21 -93.76 -42.89
C TYR AA 66 14.03 -93.59 -41.95
N VAL AA 67 13.77 -92.34 -41.58
CA VAL AA 67 12.64 -92.05 -40.70
C VAL AA 67 11.62 -91.17 -41.39
N ALA AA 68 10.52 -91.73 -41.85
CA ALA AA 68 9.54 -90.91 -42.53
C ALA AA 68 8.65 -90.20 -41.53
N ALA AA 69 8.62 -88.89 -41.63
CA ALA AA 69 7.80 -88.05 -40.79
C ALA AA 69 6.75 -87.33 -41.62
N GLN AA 70 5.57 -87.14 -41.04
CA GLN AA 70 4.46 -86.51 -41.74
C GLN AA 70 4.33 -85.01 -41.46
N ASN AA 71 5.17 -84.48 -40.58
CA ASN AA 71 5.08 -83.08 -40.20
C ASN AA 71 6.42 -82.55 -39.77
N GLU AA 72 6.71 -81.30 -40.10
CA GLU AA 72 7.99 -80.68 -39.74
C GLU AA 72 8.29 -80.69 -38.24
N ARG AA 73 7.27 -80.81 -37.39
CA ARG AA 73 7.51 -80.91 -35.96
C ARG AA 73 8.07 -82.27 -35.62
N ASP AA 74 7.67 -83.27 -36.38
CA ASP AA 74 8.10 -84.63 -36.16
C ASP AA 74 9.43 -84.81 -36.85
N THR AA 75 9.63 -84.06 -37.93
CA THR AA 75 10.89 -84.06 -38.63
C THR AA 75 11.98 -83.60 -37.68
N LEU AA 76 11.73 -82.47 -37.02
CA LEU AA 76 12.68 -81.95 -36.06
C LEU AA 76 12.85 -82.88 -34.89
N TRP AA 77 11.75 -83.47 -34.41
CA TRP AA 77 11.81 -84.41 -33.29
C TRP AA 77 12.84 -85.49 -33.57
N ALA AA 78 12.68 -86.16 -34.71
CA ALA AA 78 13.56 -87.24 -35.13
C ALA AA 78 14.99 -86.77 -35.33
N ARG AA 79 15.18 -85.58 -35.88
CA ARG AA 79 16.52 -85.06 -36.07
C ARG AA 79 17.21 -84.83 -34.75
N GLN AA 80 16.46 -84.36 -33.75
CA GLN AA 80 17.02 -84.16 -32.44
C GLN AA 80 17.39 -85.48 -31.83
N VAL AA 81 16.59 -86.52 -32.08
CA VAL AA 81 16.94 -87.85 -31.58
C VAL AA 81 18.27 -88.32 -32.12
N LEU AA 82 18.46 -88.15 -33.43
CA LEU AA 82 19.71 -88.57 -34.05
C LEU AA 82 20.92 -87.79 -33.54
N ALA AA 83 20.74 -86.50 -33.25
CA ALA AA 83 21.83 -85.67 -32.75
C ALA AA 83 22.07 -85.86 -31.23
N ARG AA 84 20.98 -86.07 -30.49
CA ARG AA 84 21.03 -86.22 -29.03
C ARG AA 84 21.48 -87.59 -28.60
N GLY AA 85 20.80 -88.61 -29.10
CA GLY AA 85 21.09 -89.97 -28.75
C GLY AA 85 22.07 -90.55 -29.74
N ASP AA 86 21.99 -91.84 -29.95
CA ASP AA 86 22.90 -92.44 -30.87
C ASP AA 86 22.34 -93.72 -31.46
N TYR AA 87 22.88 -94.07 -32.60
CA TYR AA 87 22.52 -95.25 -33.31
C TYR AA 87 23.63 -95.54 -34.30
N ASP AA 88 24.36 -96.62 -34.08
CA ASP AA 88 25.50 -96.97 -34.93
C ASP AA 88 25.08 -97.49 -36.30
N LYS AA 89 24.64 -96.58 -37.15
CA LYS AA 89 24.22 -96.90 -38.51
C LYS AA 89 23.76 -95.65 -39.23
N ASN AA 90 24.02 -95.61 -40.53
CA ASN AA 90 23.56 -94.50 -41.34
C ASN AA 90 22.08 -94.30 -41.12
N ALA AA 91 21.67 -93.05 -41.01
CA ALA AA 91 20.27 -92.75 -40.80
C ALA AA 91 19.93 -91.37 -41.36
N ARG AA 92 18.68 -91.20 -41.77
CA ARG AA 92 18.25 -89.93 -42.35
C ARG AA 92 16.75 -89.74 -42.31
N VAL AA 93 16.33 -88.59 -41.80
CA VAL AA 93 14.91 -88.27 -41.68
C VAL AA 93 14.32 -87.79 -43.00
N ILE AA 94 13.19 -88.39 -43.36
CA ILE AA 94 12.45 -88.07 -44.57
C ILE AA 94 11.27 -87.13 -44.34
N ASN AA 95 11.17 -86.13 -45.20
CA ASN AA 95 10.09 -85.16 -45.16
C ASN AA 95 9.52 -84.98 -46.54
N GLU AA 96 8.25 -85.35 -46.69
CA GLU AA 96 7.54 -85.31 -47.96
C GLU AA 96 7.81 -84.10 -48.85
N ASN AA 97 7.74 -82.90 -48.27
CA ASN AA 97 8.00 -81.70 -49.06
C ASN AA 97 9.46 -81.53 -49.39
N GLU AA 98 10.33 -81.88 -48.44
CA GLU AA 98 11.75 -81.73 -48.68
C GLU AA 98 12.22 -82.67 -49.76
N GLU AA 99 11.65 -83.87 -49.79
CA GLU AA 99 12.01 -84.84 -50.77
C GLU AA 99 11.45 -84.49 -52.11
N ASN AA 100 10.24 -83.93 -52.13
CA ASN AA 100 9.65 -83.51 -53.38
C ASN AA 100 10.57 -82.47 -54.02
N LYS AA 101 11.06 -81.53 -53.20
CA LYS AA 101 11.97 -80.49 -53.66
C LYS AA 101 13.31 -81.05 -54.13
N ARG AA 102 13.92 -81.94 -53.33
CA ARG AA 102 15.20 -82.52 -53.68
C ARG AA 102 15.16 -83.16 -55.05
N ILE AA 103 14.11 -83.92 -55.30
CA ILE AA 103 13.93 -84.56 -56.57
C ILE AA 103 13.74 -83.57 -57.68
N SER AA 104 12.90 -82.56 -57.46
CA SER AA 104 12.64 -81.58 -58.51
C SER AA 104 13.90 -80.86 -58.95
N ILE AA 105 14.86 -80.68 -58.05
CA ILE AA 105 16.11 -80.03 -58.41
C ILE AA 105 16.89 -80.87 -59.40
N TRP AA 106 17.10 -82.13 -59.04
CA TRP AA 106 17.83 -83.05 -59.90
C TRP AA 106 17.13 -83.21 -61.22
N LEU AA 107 15.83 -83.36 -61.13
CA LEU AA 107 14.98 -83.60 -62.26
C LEU AA 107 15.06 -82.46 -63.26
N ASP AA 108 15.03 -81.22 -62.79
CA ASP AA 108 15.15 -80.10 -63.71
C ASP AA 108 16.49 -80.10 -64.46
N THR AA 109 17.58 -80.44 -63.78
CA THR AA 109 18.89 -80.48 -64.43
C THR AA 109 19.01 -81.55 -65.51
N TYR AA 110 18.57 -82.76 -65.20
CA TYR AA 110 18.72 -83.87 -66.14
C TYR AA 110 17.57 -84.00 -67.12
N TYR AA 111 16.37 -83.61 -66.70
CA TYR AA 111 15.21 -83.59 -67.56
C TYR AA 111 14.55 -82.22 -67.61
N PRO AA 112 15.21 -81.21 -68.18
CA PRO AA 112 14.74 -79.86 -68.31
C PRO AA 112 13.56 -79.89 -69.25
N GLN AA 113 12.64 -78.98 -69.02
CA GLN AA 113 11.39 -78.87 -69.77
C GLN AA 113 10.38 -80.00 -69.48
N LEU AA 114 10.69 -80.93 -68.57
CA LEU AA 114 9.73 -81.98 -68.23
C LEU AA 114 8.53 -81.36 -67.55
N ALA AA 115 7.33 -81.65 -68.06
CA ALA AA 115 6.14 -81.08 -67.45
C ALA AA 115 5.54 -82.05 -66.44
N TYR AA 116 5.56 -81.68 -65.17
CA TYR AA 116 5.04 -82.57 -64.14
C TYR AA 116 4.41 -81.78 -63.00
N TYR AA 117 3.74 -82.50 -62.11
CA TYR AA 117 3.01 -81.88 -61.01
C TYR AA 117 3.64 -82.10 -59.65
N ARG AA 118 3.39 -83.25 -59.04
CA ARG AA 118 3.91 -83.48 -57.70
C ARG AA 118 4.02 -84.96 -57.40
N ILE AA 119 5.01 -85.31 -56.59
CA ILE AA 119 5.16 -86.69 -56.19
C ILE AA 119 4.39 -86.97 -54.92
N HIS AA 120 3.55 -87.98 -54.97
CA HIS AA 120 2.73 -88.38 -53.85
C HIS AA 120 3.40 -89.53 -53.16
N PHE AA 121 3.97 -89.28 -52.01
CA PHE AA 121 4.73 -90.31 -51.34
C PHE AA 121 3.86 -91.34 -50.66
N ASP AA 122 2.78 -90.88 -49.99
CA ASP AA 122 1.80 -91.75 -49.31
C ASP AA 122 2.38 -93.05 -48.78
N GLU AA 123 2.44 -94.08 -49.63
CA GLU AA 123 3.04 -95.36 -49.28
C GLU AA 123 4.49 -95.40 -49.73
N PRO AA 124 5.42 -94.93 -48.89
CA PRO AA 124 6.89 -94.84 -49.14
C PRO AA 124 7.42 -95.73 -50.25
N ARG AA 125 7.13 -97.02 -50.16
CA ARG AA 125 7.58 -98.05 -51.09
C ARG AA 125 7.30 -97.76 -52.56
N LYS AA 126 6.12 -97.22 -52.83
CA LYS AA 126 5.69 -96.96 -54.19
C LYS AA 126 5.05 -95.59 -54.34
N PRO AA 127 5.81 -94.51 -54.40
CA PRO AA 127 5.38 -93.14 -54.57
C PRO AA 127 4.85 -92.97 -55.97
N VAL AA 128 3.91 -92.06 -56.12
CA VAL AA 128 3.28 -91.81 -57.40
C VAL AA 128 3.74 -90.50 -57.99
N PHE AA 129 4.13 -90.54 -59.24
CA PHE AA 129 4.64 -89.36 -59.90
C PHE AA 129 3.62 -88.81 -60.89
N TRP AA 130 3.02 -87.66 -60.59
CA TRP AA 130 2.08 -87.11 -61.56
C TRP AA 130 2.84 -86.36 -62.66
N LEU AA 131 2.53 -86.74 -63.90
CA LEU AA 131 3.18 -86.24 -65.11
C LEU AA 131 2.14 -85.62 -66.05
N SER AA 132 2.44 -84.48 -66.66
CA SER AA 132 1.44 -83.87 -67.56
C SER AA 132 1.19 -84.72 -68.79
N ARG AA 133 0.00 -85.30 -68.87
CA ARG AA 133 -0.40 -86.15 -69.99
C ARG AA 133 -0.35 -85.43 -71.33
N GLN AA 134 -0.84 -84.20 -71.34
CA GLN AA 134 -0.95 -83.45 -72.57
C GLN AA 134 0.35 -82.77 -73.00
N ARG AA 135 1.16 -82.28 -72.08
CA ARG AA 135 2.38 -81.59 -72.49
C ARG AA 135 3.56 -82.50 -72.77
N ASN AA 136 3.61 -83.69 -72.20
CA ASN AA 136 4.75 -84.56 -72.47
C ASN AA 136 4.48 -85.52 -73.61
N THR AA 137 5.50 -85.74 -74.44
CA THR AA 137 5.41 -86.63 -75.59
C THR AA 137 6.43 -87.74 -75.51
N MET AA 138 6.87 -88.07 -74.30
CA MET AA 138 7.86 -89.13 -74.10
C MET AA 138 7.31 -90.50 -74.47
N SER AA 139 8.18 -91.36 -74.99
CA SER AA 139 7.78 -92.70 -75.36
C SER AA 139 7.72 -93.57 -74.13
N LYS AA 140 7.07 -94.70 -74.24
CA LYS AA 140 6.97 -95.65 -73.13
C LYS AA 140 8.34 -96.05 -72.61
N LYS AA 141 9.28 -96.28 -73.53
CA LYS AA 141 10.63 -96.66 -73.17
C LYS AA 141 11.32 -95.55 -72.42
N GLU AA 142 11.12 -94.32 -72.88
CA GLU AA 142 11.72 -93.17 -72.22
C GLU AA 142 11.17 -93.03 -70.82
N LEU AA 143 9.88 -93.28 -70.65
CA LEU AA 143 9.25 -93.20 -69.34
C LEU AA 143 9.81 -94.28 -68.42
N GLU AA 144 10.10 -95.46 -68.97
CA GLU AA 144 10.73 -96.51 -68.18
C GLU AA 144 12.02 -96.00 -67.58
N VAL AA 145 12.86 -95.43 -68.43
CA VAL AA 145 14.14 -94.89 -68.02
C VAL AA 145 13.98 -93.83 -66.95
N LEU AA 146 13.03 -92.93 -67.16
CA LEU AA 146 12.74 -91.88 -66.20
C LEU AA 146 12.43 -92.45 -64.83
N SER AA 147 11.56 -93.47 -64.78
CA SER AA 147 11.21 -94.05 -63.49
C SER AA 147 12.42 -94.70 -62.85
N GLN AA 148 13.31 -95.24 -63.65
CA GLN AA 148 14.51 -95.86 -63.11
C GLN AA 148 15.43 -94.83 -62.48
N LYS AA 149 15.50 -93.65 -63.08
CA LYS AA 149 16.32 -92.60 -62.52
C LYS AA 149 15.72 -92.13 -61.21
N LEU AA 150 14.40 -92.08 -61.16
CA LEU AA 150 13.73 -91.68 -59.94
C LEU AA 150 13.97 -92.71 -58.84
N ARG AA 151 14.01 -93.99 -59.21
CA ARG AA 151 14.28 -95.04 -58.23
C ARG AA 151 15.66 -94.84 -57.65
N ALA AA 152 16.61 -94.44 -58.49
CA ALA AA 152 17.97 -94.16 -58.02
C ALA AA 152 17.97 -93.02 -57.01
N LEU AA 153 17.14 -92.00 -57.26
CA LEU AA 153 17.03 -90.87 -56.36
C LEU AA 153 16.40 -91.21 -55.01
N MET AA 154 15.60 -92.28 -54.96
CA MET AA 154 14.93 -92.71 -53.74
C MET AA 154 15.34 -94.12 -53.26
N PRO AA 155 16.43 -94.23 -52.47
CA PRO AA 155 17.06 -95.40 -51.88
C PRO AA 155 16.09 -96.36 -51.19
N TYR AA 156 15.00 -95.83 -50.67
CA TYR AA 156 14.02 -96.66 -49.97
C TYR AA 156 12.94 -97.21 -50.89
N ALA AA 157 12.46 -96.36 -51.79
CA ALA AA 157 11.40 -96.74 -52.71
C ALA AA 157 11.80 -97.95 -53.51
N ASP AA 158 10.85 -98.85 -53.71
CA ASP AA 158 11.13 -100.05 -54.47
C ASP AA 158 10.88 -99.81 -55.93
N SER AA 159 9.85 -99.02 -56.23
CA SER AA 159 9.54 -98.67 -57.60
C SER AA 159 8.81 -97.35 -57.64
N VAL AA 160 8.70 -96.76 -58.82
CA VAL AA 160 8.03 -95.49 -58.98
C VAL AA 160 6.87 -95.62 -59.93
N ASN AA 161 5.70 -95.18 -59.50
CA ASN AA 161 4.53 -95.27 -60.35
C ASN AA 161 4.27 -93.96 -61.08
N ILE AA 162 4.84 -93.83 -62.27
CA ILE AA 162 4.60 -92.65 -63.07
C ILE AA 162 3.26 -92.76 -63.74
N THR AA 163 2.45 -91.73 -63.61
CA THR AA 163 1.14 -91.72 -64.23
C THR AA 163 0.86 -90.36 -64.83
N LEU AA 164 0.09 -90.36 -65.90
CA LEU AA 164 -0.17 -89.15 -66.63
C LEU AA 164 -1.52 -88.54 -66.24
N MET AA 165 -1.49 -87.25 -65.93
CA MET AA 165 -2.69 -86.51 -65.50
C MET AA 165 -3.13 -85.52 -66.56
N ASP AA 166 -4.43 -85.29 -66.65
CA ASP AA 166 -4.96 -84.37 -67.64
C ASP AA 166 -5.01 -82.93 -67.12
N ASP AA 167 -4.19 -82.08 -67.72
CA ASP AA 167 -4.07 -80.66 -67.37
C ASP AA 167 -5.41 -79.94 -67.21
N VAL AA 168 -6.39 -80.34 -68.02
CA VAL AA 168 -7.70 -79.73 -67.99
C VAL AA 168 -8.40 -79.97 -66.68
N THR AA 169 -8.26 -81.18 -66.12
CA THR AA 169 -8.96 -81.50 -64.90
C THR AA 169 -8.30 -80.79 -63.74
N ALA AA 170 -7.00 -80.54 -63.83
CA ALA AA 170 -6.32 -79.80 -62.79
C ALA AA 170 -6.87 -78.39 -62.72
N ALA AA 171 -6.96 -77.74 -63.87
CA ALA AA 171 -7.49 -76.39 -63.96
C ALA AA 171 -8.95 -76.34 -63.58
N GLY AA 172 -9.71 -77.34 -64.01
CA GLY AA 172 -11.14 -77.39 -63.74
C GLY AA 172 -11.41 -77.41 -62.25
N GLN AA 173 -10.68 -78.24 -61.51
CA GLN AA 173 -10.87 -78.31 -60.08
C GLN AA 173 -10.48 -77.01 -59.40
N ALA AA 174 -9.39 -76.40 -59.85
CA ALA AA 174 -8.94 -75.15 -59.26
C ALA AA 174 -10.04 -74.09 -59.34
N GLU AA 175 -10.61 -73.91 -60.52
CA GLU AA 175 -11.62 -72.90 -60.68
C GLU AA 175 -12.93 -73.27 -60.02
N ALA AA 176 -13.34 -74.53 -60.15
CA ALA AA 176 -14.60 -74.97 -59.58
C ALA AA 176 -14.68 -74.72 -58.08
N GLY AA 177 -13.65 -75.13 -57.35
CA GLY AA 177 -13.65 -74.93 -55.91
C GLY AA 177 -13.61 -73.45 -55.57
N LEU AA 178 -12.81 -72.70 -56.32
CA LEU AA 178 -12.65 -71.27 -56.11
C LEU AA 178 -14.00 -70.54 -56.20
N LYS AA 179 -14.77 -70.85 -57.25
CA LYS AA 179 -16.06 -70.21 -57.39
C LYS AA 179 -17.11 -70.81 -56.45
N GLN AA 180 -16.93 -72.06 -56.02
CA GLN AA 180 -17.84 -72.66 -55.04
C GLN AA 180 -17.82 -71.88 -53.74
N GLN AA 181 -16.62 -71.43 -53.37
CA GLN AA 181 -16.42 -70.61 -52.18
C GLN AA 181 -16.95 -69.17 -52.32
N ALA AA 182 -17.54 -68.83 -53.48
CA ALA AA 182 -18.10 -67.52 -53.78
C ALA AA 182 -17.04 -66.45 -53.79
N LEU AA 183 -15.83 -66.80 -54.20
CA LEU AA 183 -14.75 -65.84 -54.24
C LEU AA 183 -14.69 -65.17 -55.60
N PRO AA 184 -14.35 -63.89 -55.66
CA PRO AA 184 -14.13 -63.09 -56.83
C PRO AA 184 -12.77 -63.42 -57.38
N TYR AA 185 -12.64 -63.49 -58.69
CA TYR AA 185 -11.35 -63.80 -59.28
C TYR AA 185 -11.33 -63.53 -60.75
N SER AA 186 -10.13 -63.56 -61.33
CA SER AA 186 -10.02 -63.44 -62.75
C SER AA 186 -8.95 -64.41 -63.24
N ARG AA 187 -9.38 -65.30 -64.11
CA ARG AA 187 -8.52 -66.35 -64.64
C ARG AA 187 -7.55 -65.85 -65.71
N ARG AA 188 -6.33 -66.39 -65.69
CA ARG AA 188 -5.30 -66.02 -66.64
C ARG AA 188 -4.71 -67.23 -67.33
N ASN AA 189 -5.29 -67.62 -68.45
CA ASN AA 189 -4.75 -68.75 -69.19
C ASN AA 189 -3.55 -68.30 -69.98
N HIS AA 190 -2.49 -69.09 -69.96
CA HIS AA 190 -1.33 -68.78 -70.77
C HIS AA 190 -0.64 -70.06 -71.15
N LYS AA 191 0.25 -69.99 -72.12
CA LYS AA 191 0.92 -71.21 -72.51
C LYS AA 191 1.72 -71.74 -71.35
N GLY AA 192 1.47 -72.98 -70.98
CA GLY AA 192 2.20 -73.62 -69.90
C GLY AA 192 1.56 -73.51 -68.52
N GLY AA 193 0.45 -72.77 -68.36
CA GLY AA 193 -0.13 -72.69 -67.02
C GLY AA 193 -1.34 -71.77 -66.93
N VAL AA 194 -1.80 -71.57 -65.70
CA VAL AA 194 -2.94 -70.70 -65.46
C VAL AA 194 -2.83 -70.02 -64.11
N THR AA 195 -3.15 -68.73 -64.07
CA THR AA 195 -3.09 -67.99 -62.82
C THR AA 195 -4.46 -67.41 -62.43
N PHE AA 196 -4.80 -67.54 -61.17
CA PHE AA 196 -6.07 -67.03 -60.66
C PHE AA 196 -5.86 -65.81 -59.79
N VAL AA 197 -6.21 -64.66 -60.33
CA VAL AA 197 -6.00 -63.39 -59.67
C VAL AA 197 -7.17 -62.98 -58.80
N ILE AA 198 -6.89 -62.70 -57.54
CA ILE AA 198 -7.92 -62.27 -56.61
C ILE AA 198 -7.57 -60.90 -56.04
N GLN AA 199 -8.24 -59.86 -56.53
CA GLN AA 199 -7.95 -58.50 -56.07
C GLN AA 199 -9.12 -57.80 -55.42
N GLY AA 200 -8.84 -56.65 -54.85
CA GLY AA 200 -9.85 -55.82 -54.20
C GLY AA 200 -9.82 -55.99 -52.71
N ALA AA 201 -10.66 -55.22 -52.01
CA ALA AA 201 -10.74 -55.34 -50.58
C ALA AA 201 -11.48 -56.61 -50.26
N LEU AA 202 -11.05 -57.32 -49.23
CA LEU AA 202 -11.68 -58.59 -48.90
C LEU AA 202 -12.21 -58.64 -47.48
N ASP AA 203 -13.36 -59.29 -47.34
CA ASP AA 203 -13.99 -59.52 -46.05
C ASP AA 203 -13.21 -60.58 -45.31
N ASP AA 204 -12.99 -60.41 -44.02
CA ASP AA 204 -12.23 -61.40 -43.24
C ASP AA 204 -12.73 -62.84 -43.42
N VAL AA 205 -14.02 -63.00 -43.67
CA VAL AA 205 -14.58 -64.31 -43.84
C VAL AA 205 -14.11 -64.93 -45.15
N GLU AA 206 -14.22 -64.17 -46.24
CA GLU AA 206 -13.78 -64.69 -47.52
C GLU AA 206 -12.28 -64.84 -47.60
N ILE AA 207 -11.54 -64.08 -46.78
CA ILE AA 207 -10.11 -64.26 -46.74
C ILE AA 207 -9.77 -65.63 -46.19
N LEU AA 208 -10.41 -65.98 -45.08
CA LEU AA 208 -10.20 -67.28 -44.47
C LEU AA 208 -10.52 -68.40 -45.46
N ARG AA 209 -11.69 -68.31 -46.07
CA ARG AA 209 -12.12 -69.31 -47.04
C ARG AA 209 -11.15 -69.46 -48.19
N ALA AA 210 -10.66 -68.34 -48.70
CA ALA AA 210 -9.74 -68.36 -49.82
C ALA AA 210 -8.48 -69.12 -49.48
N ARG AA 211 -7.89 -68.81 -48.34
CA ARG AA 211 -6.66 -69.50 -47.98
C ARG AA 211 -6.85 -70.97 -47.79
N GLN AA 212 -7.94 -71.37 -47.13
CA GLN AA 212 -8.18 -72.79 -46.90
C GLN AA 212 -8.23 -73.55 -48.20
N PHE AA 213 -8.95 -73.00 -49.18
CA PHE AA 213 -9.03 -73.61 -50.49
C PHE AA 213 -7.69 -73.74 -51.16
N VAL AA 214 -6.94 -72.63 -51.20
CA VAL AA 214 -5.66 -72.60 -51.87
C VAL AA 214 -4.69 -73.59 -51.28
N ASP AA 215 -4.60 -73.65 -49.95
CA ASP AA 215 -3.69 -74.57 -49.31
C ASP AA 215 -4.00 -76.01 -49.69
N SER AA 216 -5.28 -76.37 -49.73
CA SER AA 216 -5.65 -77.72 -50.10
C SER AA 216 -5.32 -78.05 -51.54
N TYR AA 217 -5.58 -77.12 -52.45
CA TYR AA 217 -5.28 -77.35 -53.85
C TYR AA 217 -3.79 -77.58 -54.03
N TYR AA 218 -3.00 -76.73 -53.40
CA TYR AA 218 -1.56 -76.84 -53.45
C TYR AA 218 -1.12 -78.19 -52.94
N ARG AA 219 -1.58 -78.57 -51.75
CA ARG AA 219 -1.23 -79.85 -51.16
C ARG AA 219 -1.44 -81.01 -52.12
N THR AA 220 -2.56 -81.00 -52.84
CA THR AA 220 -2.84 -82.08 -53.79
C THR AA 220 -2.06 -81.98 -55.09
N TRP AA 221 -2.34 -80.95 -55.87
CA TRP AA 221 -1.75 -80.82 -57.18
C TRP AA 221 -0.38 -80.18 -57.21
N GLY AA 222 -0.11 -79.27 -56.29
CA GLY AA 222 1.15 -78.55 -56.29
C GLY AA 222 0.99 -77.24 -57.08
N GLY AA 223 1.99 -76.38 -57.01
CA GLY AA 223 1.90 -75.08 -57.67
C GLY AA 223 2.69 -74.95 -58.97
N ARG AA 224 2.84 -76.02 -59.73
CA ARG AA 224 3.60 -75.93 -60.98
C ARG AA 224 2.76 -75.61 -62.20
N TYR AA 225 1.45 -75.75 -62.10
CA TYR AA 225 0.58 -75.46 -63.23
C TYR AA 225 -0.39 -74.37 -62.86
N VAL AA 226 -1.05 -74.53 -61.71
CA VAL AA 226 -1.99 -73.53 -61.23
C VAL AA 226 -1.35 -72.64 -60.19
N GLN AA 227 -1.37 -71.35 -60.45
CA GLN AA 227 -0.82 -70.36 -59.55
C GLN AA 227 -1.91 -69.44 -59.03
N PHE AA 228 -2.02 -69.30 -57.72
CA PHE AA 228 -3.02 -68.40 -57.19
C PHE AA 228 -2.36 -67.09 -56.80
N ALA AA 229 -3.12 -66.01 -56.86
CA ALA AA 229 -2.55 -64.69 -56.57
C ALA AA 229 -3.49 -63.82 -55.75
N ILE AA 230 -3.46 -63.99 -54.44
CA ILE AA 230 -4.29 -63.19 -53.56
C ILE AA 230 -3.65 -61.85 -53.29
N GLU AA 231 -4.36 -60.78 -53.64
CA GLU AA 231 -3.84 -59.44 -53.46
C GLU AA 231 -4.85 -58.52 -52.75
N LEU AA 232 -4.65 -58.34 -51.46
CA LEU AA 232 -5.51 -57.50 -50.65
C LEU AA 232 -5.24 -56.03 -50.94
N LYS AA 233 -6.19 -55.37 -51.62
CA LYS AA 233 -5.99 -53.97 -52.02
C LYS AA 233 -7.19 -53.08 -51.74
N ASP AA 234 -6.94 -51.77 -51.66
CA ASP AA 234 -8.00 -50.81 -51.45
C ASP AA 234 -8.76 -50.50 -52.72
N ASP AA 235 -10.06 -50.23 -52.57
CA ASP AA 235 -10.91 -49.89 -53.70
C ASP AA 235 -11.38 -48.44 -53.60
N ASP BA 3 5.84 -86.14 -9.16
CA ASP BA 3 6.11 -85.21 -8.07
C ASP BA 3 6.84 -83.98 -8.57
N LYS BA 4 6.19 -83.20 -9.41
CA LYS BA 4 6.80 -82.01 -9.97
C LYS BA 4 6.07 -80.75 -9.55
N ASP BA 5 6.82 -79.67 -9.35
CA ASP BA 5 6.20 -78.41 -9.01
C ASP BA 5 5.77 -77.70 -10.27
N LEU BA 6 4.51 -77.30 -10.34
CA LEU BA 6 4.00 -76.63 -11.51
C LEU BA 6 3.83 -75.14 -11.25
N LEU BA 7 2.96 -74.82 -10.28
CA LEU BA 7 2.71 -73.41 -9.93
C LEU BA 7 2.87 -73.13 -8.44
N LYS BA 8 3.27 -71.92 -8.10
CA LYS BA 8 3.44 -71.53 -6.70
C LYS BA 8 2.95 -70.12 -6.42
N GLY BA 9 2.49 -69.88 -5.20
CA GLY BA 9 2.06 -68.54 -4.82
C GLY BA 9 0.71 -68.15 -5.37
N LEU BA 10 -0.13 -69.14 -5.66
CA LEU BA 10 -1.42 -68.86 -6.24
C LEU BA 10 -2.41 -68.42 -5.19
N ASP BA 11 -3.37 -67.61 -5.59
CA ASP BA 11 -4.40 -67.27 -4.64
C ASP BA 11 -5.45 -68.37 -4.74
N GLN BA 12 -6.47 -68.28 -3.93
CA GLN BA 12 -7.49 -69.32 -3.89
C GLN BA 12 -8.21 -69.53 -5.21
N GLU BA 13 -8.67 -68.44 -5.82
CA GLU BA 13 -9.40 -68.50 -7.09
C GLU BA 13 -8.57 -69.14 -8.19
N GLN BA 14 -7.37 -68.63 -8.37
CA GLN BA 14 -6.45 -69.12 -9.39
C GLN BA 14 -6.19 -70.59 -9.24
N ALA BA 15 -5.90 -71.01 -8.01
CA ALA BA 15 -5.59 -72.40 -7.74
C ALA BA 15 -6.72 -73.30 -8.19
N ASN BA 16 -7.94 -72.97 -7.81
CA ASN BA 16 -9.07 -73.81 -8.18
C ASN BA 16 -9.34 -73.80 -9.68
N GLU BA 17 -9.10 -72.67 -10.34
CA GLU BA 17 -9.34 -72.59 -11.78
C GLU BA 17 -8.36 -73.44 -12.57
N VAL BA 18 -7.08 -73.37 -12.21
CA VAL BA 18 -6.08 -74.16 -12.89
C VAL BA 18 -6.34 -75.63 -12.74
N ILE BA 19 -6.68 -76.03 -11.53
CA ILE BA 19 -6.98 -77.42 -11.27
C ILE BA 19 -8.12 -77.91 -12.11
N ALA BA 20 -9.19 -77.12 -12.21
CA ALA BA 20 -10.33 -77.50 -13.02
C ALA BA 20 -9.92 -77.86 -14.43
N VAL BA 21 -9.06 -77.04 -15.04
CA VAL BA 21 -8.58 -77.29 -16.38
C VAL BA 21 -7.79 -78.58 -16.50
N LEU BA 22 -6.88 -78.80 -15.55
CA LEU BA 22 -6.06 -79.99 -15.59
C LEU BA 22 -6.89 -81.25 -15.48
N GLN BA 23 -7.90 -81.23 -14.62
CA GLN BA 23 -8.77 -82.38 -14.47
C GLN BA 23 -9.55 -82.64 -15.73
N MET BA 24 -10.03 -81.57 -16.34
CA MET BA 24 -10.76 -81.67 -17.59
C MET BA 24 -9.94 -82.40 -18.66
N HIS BA 25 -8.64 -82.18 -18.66
CA HIS BA 25 -7.76 -82.84 -19.60
C HIS BA 25 -7.11 -84.11 -19.07
N ASN BA 26 -7.73 -84.74 -18.07
CA ASN BA 26 -7.27 -85.99 -17.50
C ASN BA 26 -5.94 -85.92 -16.77
N ILE BA 27 -5.77 -84.89 -15.96
CA ILE BA 27 -4.56 -84.74 -15.14
C ILE BA 27 -4.90 -84.51 -13.68
N GLU BA 28 -4.44 -85.41 -12.81
CA GLU BA 28 -4.63 -85.23 -11.37
C GLU BA 28 -3.73 -84.10 -10.87
N ALA BA 29 -4.20 -83.37 -9.87
CA ALA BA 29 -3.39 -82.26 -9.37
C ALA BA 29 -3.58 -82.07 -7.87
N ASN BA 30 -2.51 -81.70 -7.19
CA ASN BA 30 -2.55 -81.49 -5.76
C ASN BA 30 -2.56 -80.02 -5.43
N LYS BA 31 -3.42 -79.62 -4.52
CA LYS BA 31 -3.43 -78.23 -4.06
C LYS BA 31 -2.80 -78.17 -2.68
N ILE BA 32 -1.67 -77.49 -2.58
CA ILE BA 32 -0.96 -77.42 -1.32
C ILE BA 32 -1.06 -76.06 -0.68
N ASP BA 33 -1.58 -76.04 0.53
CA ASP BA 33 -1.73 -74.83 1.31
C ASP BA 33 -0.46 -74.50 2.10
N SER BA 34 0.25 -73.46 1.67
CA SER BA 34 1.48 -73.06 2.34
C SER BA 34 1.28 -71.80 3.19
N GLY BA 35 0.05 -71.59 3.65
CA GLY BA 35 -0.27 -70.48 4.52
C GLY BA 35 -0.14 -69.15 3.79
N LYS BA 36 0.61 -68.24 4.41
CA LYS BA 36 0.84 -66.91 3.88
C LYS BA 36 1.52 -66.90 2.52
N LEU BA 37 2.13 -68.02 2.14
CA LEU BA 37 2.83 -68.07 0.87
C LEU BA 37 1.90 -68.47 -0.28
N GLY BA 38 0.63 -68.75 0.01
CA GLY BA 38 -0.32 -69.07 -1.05
C GLY BA 38 -0.42 -70.56 -1.34
N TYR BA 39 -0.99 -70.87 -2.50
CA TYR BA 39 -1.16 -72.25 -2.89
C TYR BA 39 -0.17 -72.70 -3.94
N SER BA 40 0.15 -73.98 -3.90
CA SER BA 40 1.02 -74.57 -4.88
C SER BA 40 0.37 -75.74 -5.55
N ILE BA 41 0.63 -75.90 -6.84
CA ILE BA 41 0.06 -77.01 -7.57
C ILE BA 41 1.13 -77.95 -8.04
N THR BA 42 0.98 -79.23 -7.69
CA THR BA 42 1.95 -80.22 -8.12
C THR BA 42 1.27 -81.35 -8.87
N VAL BA 43 2.03 -81.99 -9.75
CA VAL BA 43 1.49 -83.07 -10.58
C VAL BA 43 2.42 -84.27 -10.65
N ALA BA 44 1.86 -85.40 -11.06
CA ALA BA 44 2.66 -86.59 -11.25
C ALA BA 44 3.60 -86.40 -12.41
N GLU BA 45 4.82 -86.89 -12.27
CA GLU BA 45 5.84 -86.74 -13.30
C GLU BA 45 5.40 -87.22 -14.70
N PRO BA 46 4.65 -88.34 -14.83
CA PRO BA 46 4.10 -88.83 -16.09
C PRO BA 46 3.21 -87.82 -16.80
N ASP BA 47 2.53 -86.96 -16.05
CA ASP BA 47 1.64 -85.98 -16.63
C ASP BA 47 2.29 -84.64 -16.82
N PHE BA 48 3.32 -84.37 -16.04
CA PHE BA 48 4.02 -83.08 -16.04
C PHE BA 48 4.21 -82.43 -17.40
N THR BA 49 4.62 -83.19 -18.41
CA THR BA 49 4.82 -82.61 -19.74
C THR BA 49 3.53 -82.04 -20.29
N ALA BA 50 2.47 -82.82 -20.21
CA ALA BA 50 1.17 -82.41 -20.69
C ALA BA 50 0.65 -81.24 -19.87
N ALA BA 51 0.87 -81.29 -18.56
CA ALA BA 51 0.41 -80.24 -17.68
C ALA BA 51 0.98 -78.91 -18.11
N VAL BA 52 2.28 -78.88 -18.38
CA VAL BA 52 2.95 -77.66 -18.83
C VAL BA 52 2.34 -77.16 -20.10
N TYR BA 53 2.11 -78.06 -21.05
CA TYR BA 53 1.51 -77.69 -22.31
C TYR BA 53 0.18 -76.97 -22.10
N TRP BA 54 -0.67 -77.50 -21.23
CA TRP BA 54 -1.96 -76.89 -20.99
C TRP BA 54 -1.88 -75.56 -20.23
N ILE BA 55 -0.90 -75.41 -19.33
CA ILE BA 55 -0.72 -74.12 -18.65
C ILE BA 55 -0.45 -73.04 -19.68
N LYS BA 56 0.36 -73.36 -20.66
CA LYS BA 56 0.64 -72.45 -21.74
C LYS BA 56 -0.62 -72.18 -22.54
N THR BA 57 -1.26 -73.24 -23.03
CA THR BA 57 -2.44 -73.15 -23.87
C THR BA 57 -3.54 -72.27 -23.31
N TYR BA 58 -3.82 -72.41 -22.02
CA TYR BA 58 -4.89 -71.65 -21.42
C TYR BA 58 -4.47 -70.40 -20.66
N GLN BA 59 -3.27 -69.88 -20.93
CA GLN BA 59 -2.83 -68.65 -20.26
C GLN BA 59 -2.98 -68.72 -18.74
N LEU BA 60 -2.49 -69.79 -18.13
CA LEU BA 60 -2.64 -69.94 -16.70
C LEU BA 60 -1.38 -69.56 -15.92
N PRO BA 61 -1.54 -69.13 -14.68
CA PRO BA 61 -2.75 -68.90 -13.90
C PRO BA 61 -3.47 -67.63 -14.38
N PRO BA 62 -4.78 -67.54 -14.19
CA PRO BA 62 -5.68 -66.47 -14.57
C PRO BA 62 -5.31 -65.11 -14.01
N ARG BA 63 -5.59 -64.07 -14.77
CA ARG BA 63 -5.37 -62.70 -14.31
C ARG BA 63 -6.62 -62.28 -13.55
N PRO BA 64 -6.54 -61.23 -12.74
CA PRO BA 64 -7.64 -60.64 -12.00
C PRO BA 64 -8.56 -59.92 -12.98
N ARG BA 65 -9.84 -59.87 -12.64
CA ARG BA 65 -10.84 -59.28 -13.52
C ARG BA 65 -10.72 -57.76 -13.60
N VAL BA 66 -10.76 -57.24 -14.82
CA VAL BA 66 -10.64 -55.81 -15.07
C VAL BA 66 -11.96 -55.11 -15.19
N GLU BA 67 -12.12 -54.07 -14.38
CA GLU BA 67 -13.32 -53.24 -14.35
C GLU BA 67 -12.89 -51.79 -14.46
N ILE BA 68 -13.66 -50.99 -15.16
CA ILE BA 68 -13.27 -49.62 -15.45
C ILE BA 68 -13.00 -48.75 -14.24
N ALA BA 69 -13.84 -48.85 -13.22
CA ALA BA 69 -13.69 -48.05 -12.01
C ALA BA 69 -12.36 -48.26 -11.30
N GLN BA 70 -11.66 -49.34 -11.60
CA GLN BA 70 -10.41 -49.62 -10.93
C GLN BA 70 -9.34 -48.61 -11.31
N MET BA 71 -9.54 -47.88 -12.42
CA MET BA 71 -8.58 -46.90 -12.85
C MET BA 71 -8.98 -45.46 -12.58
N PHE BA 72 -10.06 -45.25 -11.84
CA PHE BA 72 -10.48 -43.91 -11.51
C PHE BA 72 -11.00 -43.90 -10.10
N PRO BA 73 -10.14 -44.14 -9.11
CA PRO BA 73 -10.43 -44.32 -7.69
C PRO BA 73 -10.86 -43.05 -6.98
N ALA BA 74 -11.71 -43.24 -5.97
CA ALA BA 74 -12.27 -42.16 -5.17
C ALA BA 74 -11.24 -41.56 -4.23
N ASP BA 75 -10.09 -42.22 -4.10
CA ASP BA 75 -9.02 -41.75 -3.25
C ASP BA 75 -8.35 -40.49 -3.81
N SER BA 76 -8.60 -40.17 -5.09
CA SER BA 76 -8.02 -38.96 -5.65
C SER BA 76 -8.55 -37.73 -4.95
N LEU BA 77 -7.64 -36.78 -4.75
CA LEU BA 77 -7.96 -35.53 -4.07
C LEU BA 77 -8.90 -34.66 -4.89
N VAL BA 78 -8.85 -34.83 -6.20
CA VAL BA 78 -9.67 -34.07 -7.11
C VAL BA 78 -10.36 -35.02 -8.08
N SER BA 79 -11.36 -34.52 -8.78
CA SER BA 79 -12.07 -35.34 -9.75
C SER BA 79 -12.42 -34.52 -10.96
N SER BA 80 -12.92 -35.18 -11.98
CA SER BA 80 -13.31 -34.51 -13.20
C SER BA 80 -14.55 -35.18 -13.70
N PRO BA 81 -15.39 -34.49 -14.46
CA PRO BA 81 -16.59 -34.97 -15.10
C PRO BA 81 -16.33 -36.24 -15.85
N ARG BA 82 -15.19 -36.28 -16.52
CA ARG BA 82 -14.79 -37.44 -17.28
C ARG BA 82 -14.66 -38.64 -16.38
N ALA BA 83 -13.90 -38.48 -15.30
CA ALA BA 83 -13.68 -39.58 -14.37
C ALA BA 83 -14.96 -40.01 -13.70
N GLU BA 84 -15.78 -39.06 -13.27
CA GLU BA 84 -16.99 -39.38 -12.54
C GLU BA 84 -17.99 -40.13 -13.40
N LYS BA 85 -18.14 -39.71 -14.65
CA LYS BA 85 -19.07 -40.38 -15.54
C LYS BA 85 -18.61 -41.80 -15.79
N ALA BA 86 -17.29 -41.99 -15.96
CA ALA BA 86 -16.74 -43.33 -16.15
C ALA BA 86 -17.01 -44.21 -14.96
N ARG BA 87 -16.81 -43.68 -13.76
CA ARG BA 87 -17.06 -44.45 -12.55
C ARG BA 87 -18.47 -44.95 -12.48
N LEU BA 88 -19.42 -44.08 -12.80
CA LEU BA 88 -20.81 -44.46 -12.79
C LEU BA 88 -21.11 -45.59 -13.73
N TYR BA 89 -20.65 -45.48 -14.97
CA TYR BA 89 -20.92 -46.52 -15.95
C TYR BA 89 -20.35 -47.85 -15.53
N SER BA 90 -19.18 -47.83 -14.91
CA SER BA 90 -18.57 -49.06 -14.45
C SER BA 90 -19.47 -49.78 -13.48
N ALA BA 91 -20.02 -49.03 -12.52
CA ALA BA 91 -20.93 -49.58 -11.54
C ALA BA 91 -22.17 -50.13 -12.19
N ILE BA 92 -22.70 -49.42 -13.18
CA ILE BA 92 -23.89 -49.87 -13.86
C ILE BA 92 -23.69 -51.19 -14.57
N GLU BA 93 -22.55 -51.36 -15.26
CA GLU BA 93 -22.32 -52.64 -15.91
C GLU BA 93 -22.32 -53.77 -14.90
N GLN BA 94 -21.66 -53.55 -13.76
CA GLN BA 94 -21.59 -54.56 -12.73
C GLN BA 94 -22.96 -54.92 -12.22
N ARG BA 95 -23.79 -53.91 -12.02
CA ARG BA 95 -25.11 -54.10 -11.47
C ARG BA 95 -25.99 -54.87 -12.46
N LEU BA 96 -25.84 -54.59 -13.75
CA LEU BA 96 -26.60 -55.33 -14.75
C LEU BA 96 -26.17 -56.79 -14.81
N GLU BA 97 -24.88 -57.07 -14.62
CA GLU BA 97 -24.41 -58.44 -14.60
C GLU BA 97 -25.00 -59.19 -13.42
N GLN BA 98 -25.06 -58.51 -12.28
CA GLN BA 98 -25.65 -59.11 -11.08
C GLN BA 98 -27.10 -59.48 -11.33
N SER BA 99 -27.81 -58.66 -12.08
CA SER BA 99 -29.21 -58.96 -12.39
C SER BA 99 -29.41 -60.11 -13.35
N LEU BA 100 -28.66 -60.14 -14.45
CA LEU BA 100 -28.86 -61.20 -15.43
C LEU BA 100 -28.56 -62.56 -14.89
N GLN BA 101 -27.61 -62.65 -13.98
CA GLN BA 101 -27.25 -63.94 -13.42
C GLN BA 101 -28.30 -64.52 -12.47
N THR BA 102 -29.38 -63.78 -12.20
CA THR BA 102 -30.45 -64.29 -11.36
C THR BA 102 -31.61 -64.80 -12.19
N MET BA 103 -31.55 -64.63 -13.51
CA MET BA 103 -32.62 -65.12 -14.36
C MET BA 103 -32.59 -66.63 -14.44
N GLU BA 104 -33.78 -67.22 -14.56
CA GLU BA 104 -33.92 -68.65 -14.64
C GLU BA 104 -33.13 -69.26 -15.77
N GLY BA 105 -32.29 -70.24 -15.42
CA GLY BA 105 -31.50 -70.95 -16.42
C GLY BA 105 -30.15 -70.31 -16.71
N VAL BA 106 -29.90 -69.11 -16.20
CA VAL BA 106 -28.62 -68.47 -16.48
C VAL BA 106 -27.58 -68.85 -15.47
N LEU BA 107 -26.46 -69.34 -15.97
CA LEU BA 107 -25.35 -69.76 -15.13
C LEU BA 107 -24.32 -68.66 -15.03
N SER BA 108 -24.13 -67.94 -16.13
CA SER BA 108 -23.17 -66.84 -16.15
C SER BA 108 -23.50 -65.80 -17.19
N ALA BA 109 -23.19 -64.54 -16.90
CA ALA BA 109 -23.46 -63.50 -17.88
C ALA BA 109 -22.56 -62.31 -17.71
N ARG BA 110 -22.20 -61.69 -18.84
CA ARG BA 110 -21.34 -60.51 -18.85
C ARG BA 110 -21.99 -59.38 -19.64
N VAL BA 111 -21.80 -58.14 -19.20
CA VAL BA 111 -22.47 -56.99 -19.83
C VAL BA 111 -21.54 -55.84 -20.12
N HIS BA 112 -21.66 -55.27 -21.32
CA HIS BA 112 -20.89 -54.11 -21.71
C HIS BA 112 -21.79 -52.95 -22.11
N ILE BA 113 -21.36 -51.74 -21.79
CA ILE BA 113 -22.10 -50.57 -22.20
C ILE BA 113 -21.15 -49.61 -22.84
N SER BA 114 -21.58 -48.93 -23.88
CA SER BA 114 -20.70 -47.98 -24.54
C SER BA 114 -20.44 -46.78 -23.64
N TYR BA 115 -19.34 -46.09 -23.89
CA TYR BA 115 -18.96 -44.94 -23.07
C TYR BA 115 -18.99 -43.66 -23.87
N ASP BA 116 -19.06 -42.56 -23.14
CA ASP BA 116 -19.08 -41.23 -23.72
C ASP BA 116 -18.13 -40.38 -22.95
N ILE BA 117 -17.00 -40.10 -23.55
CA ILE BA 117 -15.94 -39.38 -22.89
C ILE BA 117 -15.81 -37.93 -23.27
N ASP BA 118 -16.36 -37.53 -24.41
CA ASP BA 118 -16.21 -36.13 -24.77
C ASP BA 118 -17.29 -35.55 -25.68
N ALA BA 119 -18.54 -35.99 -25.57
CA ALA BA 119 -19.61 -35.37 -26.37
C ALA BA 119 -19.80 -33.90 -25.95
N GLY BA 120 -20.32 -33.69 -24.75
CA GLY BA 120 -20.55 -32.36 -24.19
C GLY BA 120 -19.28 -31.51 -24.20
N GLU BA 121 -18.15 -32.16 -23.94
CA GLU BA 121 -16.83 -31.52 -24.00
C GLU BA 121 -16.59 -30.77 -25.29
N ASN BA 122 -17.06 -31.33 -26.40
CA ASN BA 122 -16.87 -30.74 -27.71
C ASN BA 122 -18.08 -29.92 -28.18
N GLY BA 123 -19.02 -29.65 -27.27
CA GLY BA 123 -20.22 -28.90 -27.64
C GLY BA 123 -21.23 -29.77 -28.38
N ARG BA 124 -21.06 -31.09 -28.31
CA ARG BA 124 -21.93 -32.00 -29.00
C ARG BA 124 -22.94 -32.65 -28.08
N PRO BA 125 -24.08 -33.08 -28.62
CA PRO BA 125 -25.11 -33.85 -27.98
C PRO BA 125 -24.56 -35.26 -27.81
N PRO BA 126 -25.05 -36.01 -26.84
CA PRO BA 126 -24.67 -37.35 -26.48
C PRO BA 126 -25.10 -38.35 -27.54
N LYS BA 127 -24.39 -39.45 -27.62
CA LYS BA 127 -24.71 -40.47 -28.60
C LYS BA 127 -25.60 -41.54 -27.98
N PRO BA 128 -26.31 -42.30 -28.81
CA PRO BA 128 -27.16 -43.43 -28.45
C PRO BA 128 -26.34 -44.43 -27.71
N VAL BA 129 -26.97 -45.14 -26.78
CA VAL BA 129 -26.23 -46.10 -25.99
C VAL BA 129 -26.24 -47.48 -26.60
N HIS BA 130 -25.06 -48.09 -26.65
CA HIS BA 130 -24.96 -49.44 -27.19
C HIS BA 130 -24.74 -50.43 -26.07
N LEU BA 131 -25.37 -51.59 -26.19
CA LEU BA 131 -25.22 -52.63 -25.19
C LEU BA 131 -24.88 -53.95 -25.81
N SER BA 132 -24.09 -54.75 -25.10
CA SER BA 132 -23.81 -56.09 -25.58
C SER BA 132 -23.71 -57.02 -24.40
N ALA BA 133 -24.02 -58.29 -24.61
CA ALA BA 133 -23.96 -59.19 -23.48
C ALA BA 133 -23.70 -60.62 -23.89
N LEU BA 134 -23.09 -61.35 -22.98
CA LEU BA 134 -22.79 -62.75 -23.16
C LEU BA 134 -23.53 -63.57 -22.13
N ALA BA 135 -23.98 -64.76 -22.50
CA ALA BA 135 -24.66 -65.57 -21.49
C ALA BA 135 -24.48 -67.07 -21.68
N VAL BA 136 -24.42 -67.76 -20.55
CA VAL BA 136 -24.31 -69.21 -20.50
C VAL BA 136 -25.50 -69.80 -19.80
N TYR BA 137 -26.18 -70.71 -20.47
CA TYR BA 137 -27.36 -71.36 -19.93
C TYR BA 137 -27.20 -72.81 -19.55
N GLU BA 138 -28.12 -73.26 -18.71
CA GLU BA 138 -28.18 -74.65 -18.35
C GLU BA 138 -28.45 -75.48 -19.58
N ARG BA 139 -27.64 -76.51 -19.77
CA ARG BA 139 -27.75 -77.35 -20.95
C ARG BA 139 -29.14 -77.92 -21.15
N GLY BA 140 -29.64 -77.78 -22.38
CA GLY BA 140 -30.96 -78.27 -22.76
C GLY BA 140 -32.01 -77.15 -22.81
N SER BA 141 -31.64 -75.97 -22.32
CA SER BA 141 -32.51 -74.81 -22.31
C SER BA 141 -32.76 -74.24 -23.74
N PRO BA 142 -33.96 -73.71 -24.03
CA PRO BA 142 -34.42 -73.15 -25.31
C PRO BA 142 -33.90 -71.74 -25.60
N LEU BA 143 -32.58 -71.65 -25.79
CA LEU BA 143 -31.83 -70.41 -26.03
C LEU BA 143 -32.44 -69.46 -27.07
N ALA BA 144 -33.00 -70.02 -28.13
CA ALA BA 144 -33.58 -69.24 -29.22
C ALA BA 144 -34.74 -68.35 -28.81
N HIS BA 145 -35.32 -68.60 -27.64
CA HIS BA 145 -36.45 -67.83 -27.19
C HIS BA 145 -36.05 -66.99 -26.00
N GLN BA 146 -35.18 -67.55 -25.18
CA GLN BA 146 -34.70 -66.89 -23.98
C GLN BA 146 -33.98 -65.59 -24.26
N ILE BA 147 -33.28 -65.55 -25.38
CA ILE BA 147 -32.60 -64.35 -25.84
C ILE BA 147 -33.51 -63.11 -25.91
N SER BA 148 -34.82 -63.30 -26.07
CA SER BA 148 -35.72 -62.16 -26.17
C SER BA 148 -36.00 -61.52 -24.82
N ASP BA 149 -35.86 -62.27 -23.74
CA ASP BA 149 -36.07 -61.71 -22.41
C ASP BA 149 -34.93 -60.81 -22.07
N ILE BA 150 -33.72 -61.25 -22.41
CA ILE BA 150 -32.56 -60.46 -22.13
C ILE BA 150 -32.62 -59.15 -22.83
N LYS BA 151 -32.95 -59.22 -24.11
CA LYS BA 151 -33.00 -58.04 -24.93
C LYS BA 151 -34.08 -57.07 -24.49
N ARG BA 152 -35.26 -57.58 -24.11
CA ARG BA 152 -36.33 -56.70 -23.64
C ARG BA 152 -35.99 -56.04 -22.33
N PHE BA 153 -35.43 -56.82 -21.42
CA PHE BA 153 -35.01 -56.32 -20.13
C PHE BA 153 -34.03 -55.21 -20.26
N LEU BA 154 -32.99 -55.41 -21.06
CA LEU BA 154 -31.98 -54.40 -21.25
C LEU BA 154 -32.53 -53.16 -21.95
N LYS BA 155 -33.46 -53.33 -22.88
CA LYS BA 155 -34.00 -52.20 -23.61
C LYS BA 155 -34.55 -51.11 -22.70
N ASN BA 156 -35.35 -51.48 -21.71
CA ASN BA 156 -35.86 -50.45 -20.81
C ASN BA 156 -35.02 -50.27 -19.55
N SER BA 157 -33.79 -50.78 -19.55
CA SER BA 157 -32.89 -50.61 -18.42
C SER BA 157 -31.96 -49.43 -18.61
N PHE BA 158 -32.18 -48.63 -19.65
CA PHE BA 158 -31.29 -47.51 -19.84
C PHE BA 158 -31.92 -46.43 -20.71
N ALA BA 159 -31.66 -45.19 -20.34
CA ALA BA 159 -32.18 -43.94 -20.92
C ALA BA 159 -32.51 -43.98 -22.40
N ASP BA 160 -31.62 -44.47 -23.25
CA ASP BA 160 -31.94 -44.45 -24.67
C ASP BA 160 -31.21 -45.49 -25.49
N VAL BA 161 -31.82 -46.66 -25.60
CA VAL BA 161 -31.30 -47.74 -26.41
C VAL BA 161 -32.41 -48.23 -27.31
N ASP BA 162 -32.12 -49.18 -28.16
CA ASP BA 162 -33.13 -49.74 -29.04
C ASP BA 162 -32.78 -51.15 -29.43
N TYR BA 163 -33.69 -51.84 -30.11
CA TYR BA 163 -33.47 -53.25 -30.44
C TYR BA 163 -32.42 -53.50 -31.54
N ASP BA 164 -31.89 -52.45 -32.14
CA ASP BA 164 -30.84 -52.63 -33.14
C ASP BA 164 -29.47 -52.36 -32.55
N ASN BA 165 -29.42 -51.77 -31.35
CA ASN BA 165 -28.16 -51.45 -30.74
C ASN BA 165 -27.89 -52.26 -29.50
N ILE BA 166 -28.58 -53.40 -29.38
CA ILE BA 166 -28.37 -54.34 -28.29
C ILE BA 166 -28.03 -55.70 -28.86
N SER BA 167 -26.84 -56.20 -28.55
CA SER BA 167 -26.47 -57.50 -29.08
C SER BA 167 -26.26 -58.54 -28.02
N VAL BA 168 -26.83 -59.72 -28.23
CA VAL BA 168 -26.68 -60.81 -27.29
C VAL BA 168 -26.14 -62.06 -27.94
N VAL BA 169 -25.03 -62.54 -27.41
CA VAL BA 169 -24.41 -63.75 -27.90
C VAL BA 169 -24.39 -64.75 -26.76
N LEU BA 170 -24.92 -65.93 -26.99
CA LEU BA 170 -25.03 -66.88 -25.91
C LEU BA 170 -24.93 -68.33 -26.30
N SER BA 171 -24.80 -69.19 -25.29
CA SER BA 171 -24.72 -70.63 -25.48
C SER BA 171 -25.06 -71.35 -24.19
N GLU BA 172 -24.60 -72.60 -24.07
CA GLU BA 172 -24.89 -73.39 -22.90
C GLU BA 172 -23.67 -74.19 -22.46
N ARG BA 173 -23.70 -74.65 -21.22
CA ARG BA 173 -22.58 -75.37 -20.66
C ARG BA 173 -22.30 -76.71 -21.35
N SER BA 174 -21.08 -77.19 -21.18
CA SER BA 174 -20.61 -78.46 -21.72
C SER BA 174 -20.92 -79.63 -20.78
N ASP BA 175 -20.56 -80.83 -21.21
CA ASP BA 175 -20.75 -82.06 -20.44
C ASP BA 175 -19.92 -81.98 -19.15
N ALA BA 176 -20.60 -81.96 -18.01
CA ALA BA 176 -19.94 -81.80 -16.71
C ALA BA 176 -18.90 -82.86 -16.43
N GLN BA 177 -17.74 -82.42 -15.95
CA GLN BA 177 -16.69 -83.35 -15.62
C GLN BA 177 -16.91 -83.89 -14.23
N LEU BA 178 -17.66 -84.98 -14.16
CA LEU BA 178 -18.00 -85.58 -12.89
C LEU BA 178 -17.14 -86.79 -12.50
N GLN BA 179 -16.08 -87.04 -13.26
CA GLN BA 179 -15.24 -88.21 -13.00
C GLN BA 179 -13.78 -87.83 -12.78
N ALA BA 180 -13.14 -88.52 -11.84
CA ALA BA 180 -11.74 -88.26 -11.57
C ALA BA 180 -10.85 -88.78 -12.71
N PRO BA 181 -9.79 -88.04 -13.08
CA PRO BA 181 -8.78 -88.37 -14.08
C PRO BA 181 -8.11 -89.73 -13.90
N GLY BA 182 -7.76 -90.06 -12.67
CA GLY BA 182 -7.13 -91.32 -12.37
C GLY BA 182 -5.61 -91.17 -12.28
N THR BA 183 -4.97 -92.11 -11.61
CA THR BA 183 -3.53 -92.08 -11.43
C THR BA 183 -2.83 -92.74 -12.61
N PRO BA 184 -1.52 -92.53 -12.76
CA PRO BA 184 -0.64 -93.14 -13.75
C PRO BA 184 -0.42 -94.60 -13.43
N VAL BA 185 -0.11 -95.37 -14.46
CA VAL BA 185 0.11 -96.80 -14.27
C VAL BA 185 1.55 -97.10 -13.92
N LYS BA 186 1.75 -97.56 -12.70
CA LYS BA 186 3.07 -97.94 -12.20
C LYS BA 186 2.97 -98.50 -10.78
N ALA CA 42 -3.29 -104.88 -17.21
CA ALA CA 42 -3.79 -103.52 -17.39
C ALA CA 42 -4.81 -103.48 -18.51
N GLU CA 43 -5.96 -104.11 -18.32
CA GLU CA 43 -7.00 -104.12 -19.33
C GLU CA 43 -7.41 -102.70 -19.67
N LEU CA 44 -7.37 -102.38 -20.96
CA LEU CA 44 -7.69 -101.05 -21.45
C LEU CA 44 -9.01 -100.50 -20.95
N ASP CA 45 -10.02 -101.36 -20.83
CA ASP CA 45 -11.32 -100.94 -20.34
C ASP CA 45 -11.23 -100.35 -18.94
N SER CA 46 -10.32 -100.86 -18.12
CA SER CA 46 -10.15 -100.36 -16.76
C SER CA 46 -9.24 -99.14 -16.75
N LEU CA 47 -8.40 -99.02 -17.77
CA LEU CA 47 -7.51 -97.87 -17.88
C LEU CA 47 -8.29 -96.60 -18.25
N LEU CA 48 -9.32 -96.77 -19.08
CA LEU CA 48 -10.18 -95.67 -19.47
C LEU CA 48 -11.13 -95.31 -18.33
N GLY CA 49 -11.67 -94.08 -18.37
CA GLY CA 49 -12.56 -93.50 -17.35
C GLY CA 49 -13.63 -94.41 -16.71
N GLN CA 50 -14.19 -93.93 -15.60
CA GLN CA 50 -15.22 -94.65 -14.84
C GLN CA 50 -16.43 -94.99 -15.67
N GLU CA 51 -16.89 -94.03 -16.47
CA GLU CA 51 -18.01 -94.29 -17.34
C GLU CA 51 -17.48 -94.91 -18.62
N LYS CA 52 -17.23 -96.20 -18.55
CA LYS CA 52 -16.67 -96.97 -19.66
C LYS CA 52 -17.52 -96.95 -20.92
N GLU CA 53 -18.79 -96.56 -20.79
CA GLU CA 53 -19.70 -96.52 -21.91
C GLU CA 53 -19.46 -95.32 -22.83
N ARG CA 54 -18.49 -94.47 -22.49
CA ARG CA 54 -18.15 -93.35 -23.34
C ARG CA 54 -17.23 -93.78 -24.47
N PHE CA 55 -16.65 -94.98 -24.36
CA PHE CA 55 -15.70 -95.42 -25.37
C PHE CA 55 -16.05 -96.78 -25.92
N GLN CA 56 -15.75 -96.98 -27.20
CA GLN CA 56 -15.95 -98.29 -27.77
C GLN CA 56 -14.62 -98.87 -28.19
N VAL CA 57 -14.12 -99.83 -27.43
CA VAL CA 57 -12.86 -100.45 -27.76
C VAL CA 57 -13.05 -101.46 -28.88
N LEU CA 58 -12.21 -101.36 -29.90
CA LEU CA 58 -12.29 -102.19 -31.09
C LEU CA 58 -11.01 -103.00 -31.28
N PRO CA 59 -11.11 -104.23 -31.77
CA PRO CA 59 -9.93 -105.07 -31.97
C PRO CA 59 -9.58 -105.19 -33.43
N GLY CA 60 -8.65 -104.35 -33.88
CA GLY CA 60 -8.27 -104.34 -35.30
C GLY CA 60 -7.50 -105.58 -35.71
N ARG CA 61 -7.66 -105.96 -36.98
CA ARG CA 61 -7.00 -107.13 -37.54
C ARG CA 61 -5.48 -106.95 -37.66
N ASP CA 62 -5.03 -105.70 -37.55
CA ASP CA 62 -3.63 -105.34 -37.58
C ASP CA 62 -2.95 -105.45 -36.20
N LYS CA 63 -3.64 -106.06 -35.22
CA LYS CA 63 -3.13 -106.24 -33.86
C LYS CA 63 -3.08 -104.94 -33.08
N MET CA 64 -3.79 -103.92 -33.55
CA MET CA 64 -3.87 -102.66 -32.84
C MET CA 64 -5.23 -102.54 -32.19
N LEU CA 65 -5.22 -102.21 -30.91
CA LEU CA 65 -6.45 -102.09 -30.18
C LEU CA 65 -6.90 -100.63 -30.31
N TYR CA 66 -8.08 -100.44 -30.88
CA TYR CA 66 -8.54 -99.09 -31.14
C TYR CA 66 -9.54 -98.57 -30.12
N VAL CA 67 -9.51 -97.26 -29.90
CA VAL CA 67 -10.45 -96.65 -28.98
C VAL CA 67 -11.34 -95.66 -29.68
N ALA CA 68 -12.58 -96.03 -29.95
CA ALA CA 68 -13.46 -95.10 -30.64
C ALA CA 68 -14.07 -94.12 -29.68
N ALA CA 69 -13.85 -92.84 -29.95
CA ALA CA 69 -14.39 -91.76 -29.14
C ALA CA 69 -15.37 -90.94 -29.96
N GLN CA 70 -16.40 -90.44 -29.30
CA GLN CA 70 -17.45 -89.67 -29.98
C GLN CA 70 -17.25 -88.17 -29.90
N ASN CA 71 -16.23 -87.73 -29.18
CA ASN CA 71 -16.00 -86.30 -28.99
C ASN CA 71 -14.54 -86.01 -28.75
N GLU CA 72 -14.05 -84.90 -29.28
CA GLU CA 72 -12.65 -84.52 -29.11
C GLU CA 72 -12.17 -84.43 -27.66
N ARG CA 73 -13.09 -84.24 -26.72
CA ARG CA 73 -12.70 -84.22 -25.31
C ARG CA 73 -12.39 -85.62 -24.84
N ASP CA 74 -13.06 -86.60 -25.44
CA ASP CA 74 -12.88 -87.98 -25.07
C ASP CA 74 -11.71 -88.50 -25.84
N THR CA 75 -11.49 -87.95 -27.04
CA THR CA 75 -10.34 -88.30 -27.84
C THR CA 75 -9.10 -87.97 -27.06
N LEU CA 76 -9.03 -86.74 -26.55
CA LEU CA 76 -7.90 -86.33 -25.76
C LEU CA 76 -7.77 -87.13 -24.49
N TRP CA 77 -8.89 -87.42 -23.84
CA TRP CA 77 -8.89 -88.21 -22.62
C TRP CA 77 -8.13 -89.51 -22.84
N ALA CA 78 -8.55 -90.26 -23.86
CA ALA CA 78 -7.95 -91.54 -24.21
C ALA CA 78 -6.49 -91.41 -24.59
N ARG CA 79 -6.15 -90.35 -25.32
CA ARG CA 79 -4.76 -90.15 -25.71
C ARG CA 79 -3.89 -89.92 -24.49
N GLN CA 80 -4.42 -89.19 -23.51
CA GLN CA 80 -3.67 -88.96 -22.28
C GLN CA 80 -3.48 -90.26 -21.54
N VAL CA 81 -4.50 -91.13 -21.57
CA VAL CA 81 -4.36 -92.44 -20.94
C VAL CA 81 -3.22 -93.23 -21.54
N LEU CA 82 -3.15 -93.25 -22.87
CA LEU CA 82 -2.10 -93.99 -23.54
C LEU CA 82 -0.70 -93.42 -23.24
N ALA CA 83 -0.58 -92.11 -23.13
CA ALA CA 83 0.69 -91.47 -22.83
C ALA CA 83 1.06 -91.53 -21.34
N ARG CA 84 0.05 -91.42 -20.47
CA ARG CA 84 0.24 -91.42 -19.02
C ARG CA 84 0.47 -92.79 -18.45
N GLY CA 85 -0.46 -93.69 -18.75
CA GLY CA 85 -0.40 -95.04 -18.25
C GLY CA 85 0.33 -95.92 -19.24
N ASP CA 86 -0.03 -97.18 -19.27
CA ASP CA 86 0.63 -98.06 -20.18
C ASP CA 86 -0.23 -99.24 -20.53
N TYR CA 87 0.09 -99.83 -21.66
CA TYR CA 87 -0.58 -100.99 -22.18
C TYR CA 87 0.33 -101.61 -23.22
N ASP CA 88 0.86 -102.79 -22.91
CA ASP CA 88 1.80 -103.46 -23.81
C ASP CA 88 1.14 -104.03 -25.06
N LYS CA 89 0.78 -103.14 -25.98
CA LYS CA 89 0.15 -103.52 -27.24
C LYS CA 89 -0.14 -102.30 -28.07
N ASN CA 90 -0.04 -102.46 -29.38
CA ASN CA 90 -0.35 -101.38 -30.29
C ASN CA 90 -1.74 -100.84 -29.96
N ALA CA 91 -1.88 -99.52 -29.98
CA ALA CA 91 -3.16 -98.92 -29.69
C ALA CA 91 -3.30 -97.58 -30.39
N ARG CA 92 -4.53 -97.20 -30.70
CA ARG CA 92 -4.76 -95.95 -31.40
C ARG CA 92 -6.18 -95.44 -31.25
N VAL CA 93 -6.31 -94.18 -30.87
CA VAL CA 93 -7.61 -93.57 -30.65
C VAL CA 93 -8.25 -93.12 -31.97
N ILE CA 94 -9.51 -93.50 -32.14
CA ILE CA 94 -10.31 -93.17 -33.32
C ILE CA 94 -11.24 -91.99 -33.10
N ASN CA 95 -11.25 -91.10 -34.06
CA ASN CA 95 -12.10 -89.93 -34.06
C ASN CA 95 -12.80 -89.79 -35.40
N GLU CA 96 -14.12 -89.90 -35.38
CA GLU CA 96 -14.96 -89.85 -36.57
C GLU CA 96 -14.56 -88.83 -37.63
N ASN CA 97 -14.32 -87.59 -37.22
CA ASN CA 97 -13.93 -86.57 -38.18
C ASN CA 97 -12.52 -86.75 -38.66
N GLU CA 98 -11.63 -87.15 -37.75
CA GLU CA 98 -10.24 -87.33 -38.14
C GLU CA 98 -10.09 -88.47 -39.13
N GLU CA 99 -10.89 -89.51 -38.93
CA GLU CA 99 -10.84 -90.66 -39.83
C GLU CA 99 -11.48 -90.33 -41.14
N ASN CA 100 -12.55 -89.55 -41.12
CA ASN CA 100 -13.18 -89.14 -42.36
C ASN CA 100 -12.17 -88.40 -43.20
N LYS CA 101 -11.41 -87.50 -42.57
CA LYS CA 101 -10.38 -86.75 -43.25
C LYS CA 101 -9.23 -87.61 -43.76
N ARG CA 102 -8.72 -88.51 -42.91
CA ARG CA 102 -7.62 -89.39 -43.30
C ARG CA 102 -7.95 -90.14 -44.57
N ILE CA 103 -9.15 -90.70 -44.60
CA ILE CA 103 -9.61 -91.43 -45.76
C ILE CA 103 -9.72 -90.55 -46.97
N SER CA 104 -10.32 -89.36 -46.81
CA SER CA 104 -10.51 -88.48 -47.95
C SER CA 104 -9.20 -88.09 -48.61
N ILE CA 105 -8.12 -88.02 -47.82
CA ILE CA 105 -6.82 -87.69 -48.39
C ILE CA 105 -6.34 -88.78 -49.32
N TRP CA 106 -6.33 -90.00 -48.82
CA TRP CA 106 -5.90 -91.15 -49.60
C TRP CA 106 -6.77 -91.31 -50.83
N LEU CA 107 -8.06 -91.17 -50.59
CA LEU CA 107 -9.06 -91.35 -51.60
C LEU CA 107 -8.89 -90.37 -52.74
N ASP CA 108 -8.62 -89.11 -52.44
CA ASP CA 108 -8.40 -88.15 -53.51
C ASP CA 108 -7.18 -88.51 -54.38
N THR CA 109 -6.10 -89.00 -53.76
CA THR CA 109 -4.90 -89.38 -54.51
C THR CA 109 -5.12 -90.56 -55.44
N TYR CA 110 -5.76 -91.62 -54.94
CA TYR CA 110 -5.94 -92.83 -55.74
C TYR CA 110 -7.20 -92.82 -56.57
N TYR CA 111 -8.24 -92.15 -56.11
CA TYR CA 111 -9.47 -91.99 -56.85
C TYR CA 111 -9.86 -90.52 -57.02
N PRO CA 112 -9.08 -89.75 -57.78
CA PRO CA 112 -9.29 -88.35 -58.04
C PRO CA 112 -10.55 -88.25 -58.85
N GLN CA 113 -11.26 -87.13 -58.67
CA GLN CA 113 -12.54 -86.85 -59.31
C GLN CA 113 -13.70 -87.71 -58.77
N LEU CA 114 -13.47 -88.58 -57.78
CA LEU CA 114 -14.57 -89.36 -57.22
C LEU CA 114 -15.54 -88.43 -56.52
N ALA CA 115 -16.83 -88.51 -56.87
CA ALA CA 115 -17.80 -87.64 -56.23
C ALA CA 115 -18.46 -88.35 -55.05
N TYR CA 116 -18.22 -87.85 -53.85
CA TYR CA 116 -18.77 -88.49 -52.66
C TYR CA 116 -19.09 -87.47 -51.58
N TYR CA 117 -19.78 -87.93 -50.55
CA TYR CA 117 -20.25 -87.05 -49.48
C TYR CA 117 -19.51 -87.24 -48.16
N ARG CA 118 -19.90 -88.24 -47.39
CA ARG CA 118 -19.29 -88.42 -46.09
C ARG CA 118 -19.44 -89.84 -45.60
N ILE CA 119 -18.44 -90.30 -44.85
CA ILE CA 119 -18.51 -91.63 -44.28
C ILE CA 119 -19.16 -91.59 -42.91
N HIS CA 120 -20.20 -92.41 -42.75
CA HIS CA 120 -20.93 -92.50 -41.52
C HIS CA 120 -20.43 -93.69 -40.75
N PHE CA 121 -19.68 -93.42 -39.70
CA PHE CA 121 -19.06 -94.51 -38.97
C PHE CA 121 -20.02 -95.25 -38.07
N ASP CA 122 -20.91 -94.52 -37.38
CA ASP CA 122 -21.96 -95.07 -36.49
C ASP CA 122 -21.58 -96.39 -35.85
N GLU CA 123 -21.83 -97.50 -36.57
CA GLU CA 123 -21.45 -98.83 -36.10
C GLU CA 123 -20.10 -99.23 -36.68
N PRO CA 124 -19.00 -98.87 -35.99
CA PRO CA 124 -17.59 -99.11 -36.40
C PRO CA 124 -17.37 -100.22 -37.42
N ARG CA 125 -17.90 -101.39 -37.12
CA ARG CA 125 -17.78 -102.59 -37.95
C ARG CA 125 -18.17 -102.42 -39.41
N LYS CA 126 -19.23 -101.69 -39.64
CA LYS CA 126 -19.76 -101.48 -40.98
C LYS CA 126 -20.15 -100.05 -41.25
N PRO CA 127 -19.19 -99.16 -41.52
CA PRO CA 127 -19.37 -97.77 -41.82
C PRO CA 127 -20.01 -97.64 -43.19
N VAL CA 128 -20.78 -96.58 -43.37
CA VAL CA 128 -21.49 -96.35 -44.61
C VAL CA 128 -20.86 -95.24 -45.41
N PHE CA 129 -20.63 -95.50 -46.68
CA PHE CA 129 -19.98 -94.53 -47.53
C PHE CA 129 -20.97 -93.90 -48.49
N TRP CA 130 -21.30 -92.62 -48.30
CA TRP CA 130 -22.23 -92.00 -49.24
C TRP CA 130 -21.49 -91.55 -50.50
N LEU CA 131 -22.00 -91.99 -51.63
CA LEU CA 131 -21.41 -91.78 -52.95
C LEU CA 131 -22.41 -91.07 -53.87
N SER CA 132 -21.97 -90.09 -54.65
CA SER CA 132 -22.93 -89.40 -55.53
C SER CA 132 -23.49 -90.30 -56.62
N ARG CA 133 -24.77 -90.64 -56.50
CA ARG CA 133 -25.46 -91.50 -57.45
C ARG CA 133 -25.41 -90.96 -58.86
N GLN CA 134 -25.67 -89.67 -59.00
CA GLN CA 134 -25.77 -89.05 -60.31
C GLN CA 134 -24.43 -88.71 -60.96
N ARG CA 135 -23.44 -88.30 -60.17
CA ARG CA 135 -22.16 -87.93 -60.78
C ARG CA 135 -21.21 -89.09 -61.06
N ASN CA 136 -21.34 -90.20 -60.33
CA ASN CA 136 -20.43 -91.31 -60.59
C ASN CA 136 -21.02 -92.32 -61.55
N THR CA 137 -20.16 -92.82 -62.44
CA THR CA 137 -20.55 -93.80 -63.45
C THR CA 137 -19.76 -95.09 -63.32
N MET CA 138 -19.27 -95.37 -62.11
CA MET CA 138 -18.48 -96.57 -61.87
C MET CA 138 -19.33 -97.83 -62.00
N SER CA 139 -18.71 -98.91 -62.48
CA SER CA 139 -19.41 -100.17 -62.63
C SER CA 139 -19.49 -100.86 -61.30
N LYS CA 140 -20.35 -101.85 -61.20
CA LYS CA 140 -20.51 -102.61 -59.96
C LYS CA 140 -19.19 -103.23 -59.52
N LYS CA 141 -18.43 -103.75 -60.48
CA LYS CA 141 -17.15 -104.37 -60.20
C LYS CA 141 -16.16 -103.34 -59.68
N GLU CA 142 -16.17 -102.16 -60.28
CA GLU CA 142 -15.29 -101.10 -59.84
C GLU CA 142 -15.63 -100.68 -58.42
N LEU CA 143 -16.92 -100.63 -58.11
CA LEU CA 143 -17.35 -100.29 -56.77
C LEU CA 143 -16.92 -101.35 -55.76
N GLU CA 144 -16.92 -102.62 -56.18
CA GLU CA 144 -16.43 -103.67 -55.31
C GLU CA 144 -15.00 -103.39 -54.91
N VAL CA 145 -14.17 -103.10 -55.90
CA VAL CA 145 -12.77 -102.79 -55.68
C VAL CA 145 -12.59 -101.62 -54.76
N LEU CA 146 -13.37 -100.56 -55.00
CA LEU CA 146 -13.33 -99.38 -54.16
C LEU CA 146 -13.58 -99.72 -52.71
N SER CA 147 -14.62 -100.51 -52.43
CA SER CA 147 -14.92 -100.86 -51.05
C SER CA 147 -13.80 -101.66 -50.45
N GLN CA 148 -13.13 -102.47 -51.25
CA GLN CA 148 -12.01 -103.26 -50.75
C GLN CA 148 -10.85 -102.39 -50.35
N LYS CA 149 -10.61 -101.32 -51.10
CA LYS CA 149 -9.54 -100.41 -50.77
C LYS CA 149 -9.88 -99.68 -49.48
N LEU CA 150 -11.16 -99.34 -49.31
CA LEU CA 150 -11.58 -98.68 -48.11
C LEU CA 150 -11.43 -99.61 -46.90
N ARG CA 151 -11.68 -100.90 -47.10
CA ARG CA 151 -11.50 -101.87 -46.02
C ARG CA 151 -10.05 -101.89 -45.61
N ALA CA 152 -9.14 -101.81 -46.58
CA ALA CA 152 -7.72 -101.76 -46.28
C ALA CA 152 -7.38 -100.53 -45.44
N LEU CA 153 -8.02 -99.40 -45.74
CA LEU CA 153 -7.79 -98.18 -44.98
C LEU CA 153 -8.31 -98.23 -43.55
N MET CA 154 -9.30 -99.09 -43.29
CA MET CA 154 -9.89 -99.23 -41.96
C MET CA 154 -9.70 -100.63 -41.34
N PRO CA 155 -8.58 -100.87 -40.65
CA PRO CA 155 -8.12 -102.09 -39.96
C PRO CA 155 -9.17 -102.74 -39.07
N TYR CA 156 -10.07 -101.94 -38.52
CA TYR CA 156 -11.10 -102.46 -37.63
C TYR CA 156 -12.36 -102.88 -38.37
N ALA CA 157 -12.78 -102.05 -39.32
CA ALA CA 157 -13.99 -102.30 -40.07
C ALA CA 157 -13.93 -103.65 -40.73
N ASP CA 158 -15.05 -104.35 -40.74
CA ASP CA 158 -15.10 -105.66 -41.34
C ASP CA 158 -15.47 -105.53 -42.80
N SER CA 159 -16.36 -104.58 -43.10
CA SER CA 159 -16.75 -104.33 -44.47
C SER CA 159 -17.21 -102.91 -44.63
N VAL CA 160 -17.34 -102.45 -45.85
CA VAL CA 160 -17.77 -101.09 -46.11
C VAL CA 160 -19.04 -101.07 -46.93
N ASN CA 161 -20.04 -100.36 -46.46
CA ASN CA 161 -21.29 -100.30 -47.17
C ASN CA 161 -21.37 -99.06 -48.04
N ILE CA 162 -20.93 -99.18 -49.29
CA ILE CA 162 -21.03 -98.07 -50.21
C ILE CA 162 -22.44 -97.98 -50.75
N THR CA 163 -23.02 -96.79 -50.67
CA THR CA 163 -24.37 -96.58 -51.17
C THR CA 163 -24.45 -95.27 -51.91
N LEU CA 164 -25.32 -95.24 -52.90
CA LEU CA 164 -25.43 -94.09 -53.76
C LEU CA 164 -26.56 -93.17 -53.33
N MET CA 165 -26.25 -91.89 -53.19
CA MET CA 165 -27.21 -90.87 -52.77
C MET CA 165 -27.59 -89.93 -53.89
N ASP CA 166 -28.83 -89.45 -53.89
CA ASP CA 166 -29.27 -88.55 -54.95
C ASP CA 166 -28.98 -87.09 -54.62
N ASP CA 167 -28.08 -86.49 -55.41
CA ASP CA 167 -27.66 -85.10 -55.26
C ASP CA 167 -28.80 -84.11 -55.08
N VAL CA 168 -29.92 -84.38 -55.73
CA VAL CA 168 -31.08 -83.52 -55.66
C VAL CA 168 -31.65 -83.46 -54.27
N THR CA 169 -31.68 -84.60 -53.58
CA THR CA 169 -32.28 -84.62 -52.26
C THR CA 169 -31.36 -83.94 -51.25
N ALA CA 170 -30.07 -83.99 -51.52
CA ALA CA 170 -29.13 -83.29 -50.64
C ALA CA 170 -29.38 -81.80 -50.71
N ALA CA 171 -29.48 -81.28 -51.93
CA ALA CA 171 -29.73 -79.86 -52.15
C ALA CA 171 -31.10 -79.46 -51.64
N GLY CA 172 -32.10 -80.32 -51.87
CA GLY CA 172 -33.46 -80.05 -51.46
C GLY CA 172 -33.56 -79.85 -49.97
N GLN CA 173 -32.92 -80.72 -49.20
CA GLN CA 173 -32.95 -80.58 -47.75
C GLN CA 173 -32.24 -79.33 -47.29
N ALA CA 174 -31.11 -79.01 -47.91
CA ALA CA 174 -30.37 -77.82 -47.55
C ALA CA 174 -31.23 -76.58 -47.67
N GLU CA 175 -31.89 -76.42 -48.79
CA GLU CA 175 -32.70 -75.25 -49.00
C GLU CA 175 -33.97 -75.26 -48.18
N ALA CA 176 -34.62 -76.41 -48.09
CA ALA CA 176 -35.87 -76.52 -47.36
C ALA CA 176 -35.73 -76.08 -45.91
N GLY CA 177 -34.72 -76.61 -45.23
CA GLY CA 177 -34.51 -76.25 -43.83
C GLY CA 177 -34.14 -74.79 -43.70
N LEU CA 178 -33.30 -74.31 -44.61
CA LEU CA 178 -32.84 -72.93 -44.62
C LEU CA 178 -34.02 -71.96 -44.68
N LYS CA 179 -34.95 -72.20 -45.60
CA LYS CA 179 -36.11 -71.34 -45.70
C LYS CA 179 -37.14 -71.60 -44.60
N GLN CA 180 -37.15 -72.80 -44.02
CA GLN CA 180 -38.04 -73.09 -42.89
C GLN CA 180 -37.71 -72.18 -41.72
N GLN CA 181 -36.41 -71.95 -41.52
CA GLN CA 181 -35.92 -71.06 -40.47
C GLN CA 181 -36.18 -69.57 -40.76
N ALA CA 182 -36.82 -69.25 -41.89
CA ALA CA 182 -37.14 -67.89 -42.31
C ALA CA 182 -35.90 -67.07 -42.56
N LEU CA 183 -34.84 -67.72 -43.04
CA LEU CA 183 -33.61 -67.01 -43.30
C LEU CA 183 -33.58 -66.52 -44.73
N PRO CA 184 -33.00 -65.35 -44.99
CA PRO CA 184 -32.78 -64.76 -46.29
C PRO CA 184 -31.58 -65.44 -46.91
N TYR CA 185 -31.63 -65.67 -48.20
CA TYR CA 185 -30.49 -66.29 -48.86
C TYR CA 185 -30.60 -66.21 -50.35
N SER CA 186 -29.51 -66.55 -51.03
CA SER CA 186 -29.53 -66.61 -52.46
C SER CA 186 -28.75 -67.83 -52.91
N ARG CA 187 -29.43 -68.71 -53.62
CA ARG CA 187 -28.87 -69.98 -54.08
C ARG CA 187 -27.95 -69.81 -55.29
N ARG CA 188 -26.88 -70.57 -55.32
CA ARG CA 188 -25.91 -70.54 -56.39
C ARG CA 188 -25.65 -71.92 -56.96
N ASN CA 189 -26.43 -72.30 -57.96
CA ASN CA 189 -26.21 -73.59 -58.59
C ASN CA 189 -25.05 -73.50 -59.55
N HIS CA 190 -24.16 -74.48 -59.51
CA HIS CA 190 -23.07 -74.52 -60.46
C HIS CA 190 -22.68 -75.94 -60.73
N LYS CA 191 -21.92 -76.18 -61.78
CA LYS CA 191 -21.56 -77.54 -62.07
C LYS CA 191 -20.74 -78.09 -60.92
N GLY CA 192 -21.19 -79.20 -60.37
CA GLY CA 192 -20.47 -79.86 -59.29
C GLY CA 192 -20.91 -79.45 -57.88
N GLY CA 193 -21.82 -78.51 -57.72
CA GLY CA 193 -22.22 -78.14 -56.36
C GLY CA 193 -23.21 -76.98 -56.27
N VAL CA 194 -23.47 -76.56 -55.04
CA VAL CA 194 -24.37 -75.44 -54.82
C VAL CA 194 -23.99 -74.65 -53.59
N THR CA 195 -24.04 -73.33 -53.69
CA THR CA 195 -23.69 -72.48 -52.57
C THR CA 195 -24.86 -71.60 -52.13
N PHE CA 196 -25.07 -71.50 -50.83
CA PHE CA 196 -26.15 -70.69 -50.29
C PHE CA 196 -25.60 -69.45 -49.61
N VAL CA 197 -25.78 -68.32 -50.27
CA VAL CA 197 -25.26 -67.06 -49.81
C VAL CA 197 -26.20 -66.31 -48.89
N ILE CA 198 -25.74 -65.96 -47.71
CA ILE CA 198 -26.54 -65.22 -46.75
C ILE CA 198 -25.87 -63.89 -46.41
N GLN CA 199 -26.37 -62.81 -46.97
CA GLN CA 199 -25.77 -61.50 -46.73
C GLN CA 199 -26.70 -60.50 -46.08
N GLY CA 200 -26.13 -59.37 -45.68
CA GLY CA 200 -26.88 -58.29 -45.07
C GLY CA 200 -26.71 -58.29 -43.57
N ALA CA 201 -27.28 -57.29 -42.92
CA ALA CA 201 -27.22 -57.23 -41.47
C ALA CA 201 -28.16 -58.28 -40.91
N LEU CA 202 -27.75 -58.93 -39.85
CA LEU CA 202 -28.58 -59.99 -39.30
C LEU CA 202 -28.93 -59.78 -37.84
N ASP CA 203 -30.16 -60.15 -37.50
CA ASP CA 203 -30.67 -60.11 -36.14
C ASP CA 203 -30.03 -61.22 -35.34
N ASP CA 204 -29.63 -60.96 -34.12
CA ASP CA 204 -28.99 -61.97 -33.28
C ASP CA 204 -29.77 -63.29 -33.23
N VAL CA 205 -31.10 -63.20 -33.33
CA VAL CA 205 -31.92 -64.39 -33.27
C VAL CA 205 -31.73 -65.22 -34.51
N GLU CA 206 -31.82 -64.59 -35.68
CA GLU CA 206 -31.65 -65.34 -36.92
C GLU CA 206 -30.22 -65.79 -37.12
N ILE CA 207 -29.26 -65.12 -36.48
CA ILE CA 207 -27.88 -65.59 -36.55
C ILE CA 207 -27.76 -66.92 -35.86
N LEU CA 208 -28.33 -67.01 -34.65
CA LEU CA 208 -28.30 -68.25 -33.90
C LEU CA 208 -28.95 -69.38 -34.68
N ARG CA 209 -30.15 -69.12 -35.20
CA ARG CA 209 -30.87 -70.12 -35.97
C ARG CA 209 -30.09 -70.60 -37.18
N ALA CA 210 -29.45 -69.66 -37.89
CA ALA CA 210 -28.69 -70.00 -39.06
C ALA CA 210 -27.58 -70.96 -38.75
N ARG CA 211 -26.80 -70.66 -37.72
CA ARG CA 211 -25.70 -71.53 -37.39
C ARG CA 211 -26.16 -72.92 -36.99
N GLN CA 212 -27.21 -72.99 -36.18
CA GLN CA 212 -27.70 -74.29 -35.74
C GLN CA 212 -28.04 -75.18 -36.91
N PHE CA 213 -28.75 -74.60 -37.89
CA PHE CA 213 -29.11 -75.32 -39.08
C PHE CA 213 -27.90 -75.80 -39.87
N VAL CA 214 -26.97 -74.89 -40.13
CA VAL CA 214 -25.79 -75.20 -40.89
C VAL CA 214 -24.97 -76.30 -40.27
N ASP CA 215 -24.74 -76.21 -38.97
CA ASP CA 215 -23.96 -77.24 -38.29
C ASP CA 215 -24.58 -78.61 -38.46
N SER CA 216 -25.91 -78.70 -38.32
CA SER CA 216 -26.57 -79.98 -38.47
C SER CA 216 -26.48 -80.54 -39.88
N TYR CA 217 -26.66 -79.67 -40.88
CA TYR CA 217 -26.59 -80.12 -42.26
C TYR CA 217 -25.19 -80.67 -42.55
N TYR CA 218 -24.18 -79.94 -42.10
CA TYR CA 218 -22.81 -80.35 -42.27
C TYR CA 218 -22.57 -81.70 -41.63
N ARG CA 219 -22.97 -81.83 -40.37
CA ARG CA 219 -22.80 -83.09 -39.65
C ARG CA 219 -23.35 -84.28 -40.41
N THR CA 220 -24.53 -84.11 -41.03
CA THR CA 220 -25.12 -85.20 -41.79
C THR CA 220 -24.50 -85.43 -43.15
N TRP CA 221 -24.66 -84.46 -44.03
CA TRP CA 221 -24.21 -84.60 -45.41
C TRP CA 221 -22.75 -84.27 -45.66
N GLY CA 222 -22.22 -83.33 -44.89
CA GLY CA 222 -20.85 -82.89 -45.10
C GLY CA 222 -20.84 -81.69 -46.03
N GLY CA 223 -19.69 -81.04 -46.18
CA GLY CA 223 -19.59 -79.83 -47.00
C GLY CA 223 -18.96 -80.02 -48.37
N ARG CA 224 -19.12 -81.18 -48.99
CA ARG CA 224 -18.51 -81.39 -50.31
C ARG CA 224 -19.40 -81.04 -51.47
N TYR CA 225 -20.70 -80.89 -51.23
CA TYR CA 225 -21.62 -80.55 -52.30
C TYR CA 225 -22.31 -79.24 -52.00
N VAL CA 226 -22.85 -79.14 -50.78
CA VAL CA 226 -23.51 -77.93 -50.36
C VAL CA 226 -22.58 -77.07 -49.51
N GLN CA 227 -22.39 -75.84 -49.94
CA GLN CA 227 -21.56 -74.90 -49.24
C GLN CA 227 -22.38 -73.73 -48.74
N PHE CA 228 -22.30 -73.41 -47.46
CA PHE CA 228 -23.04 -72.26 -46.95
C PHE CA 228 -22.09 -71.09 -46.81
N ALA CA 229 -22.62 -69.88 -46.94
CA ALA CA 229 -21.78 -68.69 -46.89
C ALA CA 229 -22.44 -67.56 -46.12
N ILE CA 230 -22.28 -67.58 -44.79
CA ILE CA 230 -22.84 -66.53 -43.96
C ILE CA 230 -21.91 -65.34 -43.94
N GLU CA 231 -22.43 -64.19 -44.35
CA GLU CA 231 -21.65 -62.97 -44.40
C GLU CA 231 -22.37 -61.80 -43.74
N LEU CA 232 -21.98 -61.51 -42.51
CA LEU CA 232 -22.57 -60.43 -41.74
C LEU CA 232 -22.05 -59.09 -42.25
N LYS CA 233 -22.92 -58.33 -42.92
CA LYS CA 233 -22.51 -57.06 -43.52
C LYS CA 233 -23.46 -55.90 -43.25
N ASP CA 234 -22.95 -54.67 -43.37
CA ASP CA 234 -23.78 -53.48 -43.19
C ASP CA 234 -24.61 -53.17 -44.42
N ASP CA 235 -25.79 -52.63 -44.19
CA ASP CA 235 -26.70 -52.25 -45.26
C ASP CA 235 -26.86 -50.72 -45.33
N ASP DA 3 -12.18 -85.94 1.99
CA ASP DA 3 -11.61 -84.97 2.90
C ASP DA 3 -10.72 -83.98 2.18
N LYS DA 4 -11.30 -83.19 1.30
CA LYS DA 4 -10.54 -82.22 0.54
C LYS DA 4 -10.96 -80.80 0.85
N ASP DA 5 -9.99 -79.88 0.84
CA ASP DA 5 -10.30 -78.48 1.06
C ASP DA 5 -10.74 -77.85 -0.25
N LEU DA 6 -11.89 -77.20 -0.24
CA LEU DA 6 -12.41 -76.59 -1.45
C LEU DA 6 -12.25 -75.07 -1.36
N LEU DA 7 -12.92 -74.46 -0.38
CA LEU DA 7 -12.84 -73.01 -0.20
C LEU DA 7 -12.45 -72.61 1.22
N LYS DA 8 -11.79 -71.47 1.36
CA LYS DA 8 -11.38 -70.97 2.66
C LYS DA 8 -11.56 -69.46 2.80
N GLY DA 9 -11.81 -69.00 4.01
CA GLY DA 9 -11.92 -67.57 4.26
C GLY DA 9 -13.23 -66.98 3.78
N LEU DA 10 -14.27 -67.79 3.71
CA LEU DA 10 -15.55 -67.32 3.23
C LEU DA 10 -16.30 -66.57 4.28
N ASP DA 11 -17.13 -65.62 3.87
CA ASP DA 11 -17.94 -64.97 4.86
C ASP DA 11 -19.18 -65.82 5.01
N GLN DA 12 -20.08 -65.44 5.90
CA GLN DA 12 -21.25 -66.23 6.16
C GLN DA 12 -22.16 -66.44 4.95
N GLU DA 13 -22.47 -65.34 4.25
CA GLU DA 13 -23.33 -65.40 3.08
C GLU DA 13 -22.80 -66.31 2.00
N GLN DA 14 -21.54 -66.09 1.64
CA GLN DA 14 -20.86 -66.87 0.61
C GLN DA 14 -20.87 -68.33 0.94
N ALA DA 15 -20.52 -68.66 2.17
CA ALA DA 15 -20.46 -70.05 2.59
C ALA DA 15 -21.79 -70.75 2.38
N ASN DA 16 -22.88 -70.12 2.82
CA ASN DA 16 -24.18 -70.75 2.67
C ASN DA 16 -24.62 -70.85 1.22
N GLU DA 17 -24.25 -69.87 0.39
CA GLU DA 17 -24.62 -69.91 -1.01
C GLU DA 17 -23.94 -71.03 -1.76
N VAL DA 18 -22.64 -71.19 -1.54
CA VAL DA 18 -21.90 -72.24 -2.20
C VAL DA 18 -22.42 -73.59 -1.83
N ILE DA 19 -22.69 -73.79 -0.55
CA ILE DA 19 -23.22 -75.04 -0.07
C ILE DA 19 -24.53 -75.38 -0.73
N ALA DA 20 -25.42 -74.40 -0.84
CA ALA DA 20 -26.70 -74.61 -1.48
C ALA DA 20 -26.53 -75.21 -2.87
N VAL DA 21 -25.61 -74.66 -3.65
CA VAL DA 21 -25.35 -75.16 -4.99
C VAL DA 21 -24.85 -76.59 -5.00
N LEU DA 22 -23.89 -76.88 -4.12
CA LEU DA 22 -23.33 -78.21 -4.08
C LEU DA 22 -24.38 -79.26 -3.73
N GLN DA 23 -25.25 -78.93 -2.78
CA GLN DA 23 -26.30 -79.85 -2.39
C GLN DA 23 -27.27 -80.07 -3.53
N MET DA 24 -27.59 -79.00 -4.24
CA MET DA 24 -28.47 -79.09 -5.40
C MET DA 24 -27.95 -80.08 -6.42
N HIS DA 25 -26.63 -80.14 -6.58
CA HIS DA 25 -26.02 -81.08 -7.50
C HIS DA 25 -25.57 -82.39 -6.86
N ASN DA 26 -26.18 -82.75 -5.73
CA ASN DA 26 -25.90 -84.01 -5.06
C ASN DA 26 -24.51 -84.13 -4.45
N ILE DA 27 -24.04 -83.07 -3.82
CA ILE DA 27 -22.75 -83.09 -3.14
C ILE DA 27 -22.86 -82.63 -1.69
N GLU DA 28 -22.48 -83.50 -0.76
CA GLU DA 28 -22.47 -83.13 0.65
C GLU DA 28 -21.31 -82.16 0.91
N ALA DA 29 -21.50 -81.24 1.84
CA ALA DA 29 -20.44 -80.28 2.12
C ALA DA 29 -20.41 -79.88 3.59
N ASN DA 30 -19.21 -79.67 4.10
CA ASN DA 30 -19.05 -79.30 5.49
C ASN DA 30 -18.73 -77.83 5.62
N LYS DA 31 -19.38 -77.15 6.54
CA LYS DA 31 -19.06 -75.75 6.81
C LYS DA 31 -18.28 -75.67 8.11
N ILE DA 32 -17.04 -75.22 8.01
CA ILE DA 32 -16.18 -75.17 9.17
C ILE DA 32 -15.94 -73.75 9.63
N ASP DA 33 -16.29 -73.49 10.88
CA ASP DA 33 -16.11 -72.19 11.50
C ASP DA 33 -14.72 -72.05 12.11
N SER DA 34 -13.87 -71.24 11.49
CA SER DA 34 -12.51 -71.03 11.98
C SER DA 34 -12.37 -69.67 12.67
N GLY DA 35 -13.47 -69.16 13.21
CA GLY DA 35 -13.47 -67.91 13.95
C GLY DA 35 -13.16 -66.73 13.04
N LYS DA 36 -12.18 -65.93 13.45
CA LYS DA 36 -11.76 -64.75 12.72
C LYS DA 36 -11.26 -65.03 11.32
N LEU DA 37 -10.92 -66.29 11.04
CA LEU DA 37 -10.42 -66.63 9.73
C LEU DA 37 -11.52 -66.95 8.73
N GLY DA 38 -12.78 -66.94 9.18
CA GLY DA 38 -13.90 -67.16 8.27
C GLY DA 38 -14.32 -68.62 8.18
N TYR DA 39 -15.07 -68.93 7.14
CA TYR DA 39 -15.55 -70.28 6.95
C TYR DA 39 -14.80 -71.04 5.88
N SER DA 40 -14.74 -72.35 6.07
CA SER DA 40 -14.10 -73.21 5.10
C SER DA 40 -15.06 -74.30 4.66
N ILE DA 41 -14.99 -74.64 3.39
CA ILE DA 41 -15.85 -75.69 2.86
C ILE DA 41 -15.04 -76.88 2.42
N THR DA 42 -15.39 -78.05 2.95
CA THR DA 42 -14.70 -79.26 2.57
C THR DA 42 -15.67 -80.30 2.05
N VAL DA 43 -15.16 -81.18 1.19
CA VAL DA 43 -15.99 -82.22 0.58
C VAL DA 43 -15.33 -83.58 0.58
N ALA DA 44 -16.14 -84.61 0.38
CA ALA DA 44 -15.62 -85.96 0.28
C ALA DA 44 -14.80 -86.09 -0.98
N GLU DA 45 -13.68 -86.81 -0.89
CA GLU DA 45 -12.79 -86.99 -2.02
C GLU DA 45 -13.47 -87.52 -3.30
N PRO DA 46 -14.43 -88.47 -3.21
CA PRO DA 46 -15.22 -88.97 -4.33
C PRO DA 46 -15.98 -87.89 -5.09
N ASP DA 47 -16.38 -86.82 -4.41
CA ASP DA 47 -17.13 -85.75 -5.02
C ASP DA 47 -16.26 -84.60 -5.44
N PHE DA 48 -15.10 -84.46 -4.80
CA PHE DA 48 -14.17 -83.37 -5.05
C PHE DA 48 -14.02 -82.92 -6.49
N THR DA 49 -13.90 -83.86 -7.43
CA THR DA 49 -13.74 -83.48 -8.83
C THR DA 49 -14.95 -82.72 -9.34
N ALA DA 50 -16.13 -83.26 -9.06
CA ALA DA 50 -17.36 -82.64 -9.46
C ALA DA 50 -17.55 -81.31 -8.77
N ALA DA 51 -17.19 -81.25 -7.48
CA ALA DA 51 -17.33 -80.04 -6.71
C ALA DA 51 -16.56 -78.91 -7.36
N VAL DA 52 -15.32 -79.19 -7.75
CA VAL DA 52 -14.49 -78.19 -8.43
C VAL DA 52 -15.14 -77.71 -9.70
N TYR DA 53 -15.64 -78.65 -10.49
CA TYR DA 53 -16.32 -78.31 -11.72
C TYR DA 53 -17.43 -77.30 -11.50
N TRP DA 54 -18.26 -77.55 -10.48
CA TRP DA 54 -19.37 -76.66 -10.21
C TRP DA 54 -18.95 -75.30 -9.65
N ILE DA 55 -17.85 -75.26 -8.87
CA ILE DA 55 -17.36 -73.97 -8.39
C ILE DA 55 -17.00 -73.08 -9.57
N LYS DA 56 -16.39 -73.68 -10.56
CA LYS DA 56 -16.07 -72.97 -11.79
C LYS DA 56 -17.34 -72.53 -12.50
N THR DA 57 -18.22 -73.49 -12.78
CA THR DA 57 -19.46 -73.24 -13.51
C THR DA 57 -20.29 -72.10 -12.97
N TYR DA 58 -20.44 -72.04 -11.65
CA TYR DA 58 -21.26 -71.00 -11.05
C TYR DA 58 -20.52 -69.80 -10.52
N GLN DA 59 -19.27 -69.57 -10.96
CA GLN DA 59 -18.53 -68.39 -10.51
C GLN DA 59 -18.50 -68.26 -8.99
N LEU DA 60 -18.16 -69.33 -8.29
CA LEU DA 60 -18.17 -69.29 -6.84
C LEU DA 60 -16.79 -69.09 -6.25
N PRO DA 61 -16.71 -68.49 -5.06
CA PRO DA 61 -17.76 -67.94 -4.21
C PRO DA 61 -18.26 -66.61 -4.78
N PRO DA 62 -19.50 -66.23 -4.48
CA PRO DA 62 -20.22 -65.04 -4.93
C PRO DA 62 -19.51 -63.73 -4.59
N ARG DA 63 -19.68 -62.75 -5.45
CA ARG DA 63 -19.15 -61.41 -5.21
C ARG DA 63 -20.18 -60.66 -4.39
N PRO DA 64 -19.81 -59.56 -3.74
CA PRO DA 64 -20.68 -58.67 -2.99
C PRO DA 64 -21.55 -57.90 -3.96
N ARG DA 65 -22.74 -57.54 -3.53
CA ARG DA 65 -23.69 -56.86 -4.39
C ARG DA 65 -23.30 -55.43 -4.66
N VAL DA 66 -23.39 -55.04 -5.94
CA VAL DA 66 -23.02 -53.71 -6.39
C VAL DA 66 -24.19 -52.77 -6.48
N GLU DA 67 -24.05 -51.64 -5.80
CA GLU DA 67 -25.04 -50.58 -5.77
C GLU DA 67 -24.35 -49.27 -6.11
N ILE DA 68 -25.03 -48.40 -6.84
CA ILE DA 68 -24.42 -47.18 -7.36
C ILE DA 68 -23.84 -46.27 -6.30
N ALA DA 69 -24.56 -46.07 -5.19
CA ALA DA 69 -24.11 -45.19 -4.13
C ALA DA 69 -22.78 -45.59 -3.52
N GLN DA 70 -22.34 -46.82 -3.73
CA GLN DA 70 -21.10 -47.27 -3.16
C GLN DA 70 -19.90 -46.56 -3.77
N MET DA 71 -20.09 -45.94 -4.94
CA MET DA 71 -19.01 -45.23 -5.59
C MET DA 71 -19.09 -43.72 -5.48
N PHE DA 72 -20.01 -43.21 -4.68
CA PHE DA 72 -20.11 -41.77 -4.49
C PHE DA 72 -20.46 -41.50 -3.04
N PRO DA 73 -19.55 -41.80 -2.12
CA PRO DA 73 -19.69 -41.76 -0.67
C PRO DA 73 -19.80 -40.35 -0.10
N ALA DA 74 -20.53 -40.24 1.01
CA ALA DA 74 -20.77 -38.99 1.71
C ALA DA 74 -19.53 -38.52 2.45
N ASP DA 75 -18.54 -39.38 2.56
CA ASP DA 75 -17.30 -39.05 3.22
C ASP DA 75 -16.48 -38.03 2.44
N SER DA 76 -16.81 -37.81 1.17
CA SER DA 76 -16.07 -36.82 0.40
C SER DA 76 -16.25 -35.44 0.98
N LEU DA 77 -15.17 -34.68 0.97
CA LEU DA 77 -15.15 -33.33 1.50
C LEU DA 77 -15.99 -32.38 0.66
N VAL DA 78 -16.14 -32.70 -0.63
CA VAL DA 78 -16.90 -31.89 -1.55
C VAL DA 78 -17.86 -32.78 -2.31
N SER DA 79 -18.83 -32.16 -2.98
CA SER DA 79 -19.80 -32.91 -3.75
C SER DA 79 -20.12 -32.18 -5.02
N SER DA 80 -20.85 -32.84 -5.90
CA SER DA 80 -21.25 -32.25 -7.15
C SER DA 80 -22.64 -32.70 -7.44
N PRO DA 81 -23.42 -31.93 -8.21
CA PRO DA 81 -24.76 -32.21 -8.66
C PRO DA 81 -24.83 -33.60 -9.25
N ARG DA 82 -23.81 -33.96 -10.02
CA ARG DA 82 -23.73 -35.24 -10.65
C ARG DA 82 -23.74 -36.34 -9.61
N ALA DA 83 -22.84 -36.22 -8.64
CA ALA DA 83 -22.73 -37.23 -7.60
C ALA DA 83 -23.99 -37.31 -6.75
N GLU DA 84 -24.54 -36.16 -6.37
CA GLU DA 84 -25.70 -36.14 -5.51
C GLU DA 84 -26.91 -36.76 -6.16
N LYS DA 85 -27.13 -36.46 -7.45
CA LYS DA 85 -28.27 -37.02 -8.13
C LYS DA 85 -28.13 -38.51 -8.24
N ALA DA 86 -26.90 -38.99 -8.49
CA ALA DA 86 -26.66 -40.42 -8.57
C ALA DA 86 -26.95 -41.11 -7.25
N ARG DA 87 -26.51 -40.49 -6.14
CA ARG DA 87 -26.75 -41.05 -4.82
C ARG DA 87 -28.22 -41.22 -4.56
N LEU DA 88 -29.01 -40.22 -4.91
CA LEU DA 88 -30.43 -40.31 -4.71
C LEU DA 88 -31.06 -41.46 -5.47
N TYR DA 89 -30.75 -41.58 -6.75
CA TYR DA 89 -31.33 -42.65 -7.55
C TYR DA 89 -30.97 -44.01 -7.01
N SER DA 90 -29.76 -44.16 -6.50
CA SER DA 90 -29.35 -45.43 -5.94
C SER DA 90 -30.26 -45.83 -4.81
N ALA DA 91 -30.53 -44.88 -3.91
CA ALA DA 91 -31.41 -45.12 -2.78
C ALA DA 91 -32.80 -45.47 -3.23
N ILE DA 92 -33.29 -44.78 -4.25
CA ILE DA 92 -34.63 -45.03 -4.76
C ILE DA 92 -34.76 -46.44 -5.30
N GLU DA 93 -33.78 -46.93 -6.06
CA GLU DA 93 -33.88 -48.30 -6.55
C GLU DA 93 -33.98 -49.27 -5.41
N GLN DA 94 -33.15 -49.07 -4.39
CA GLN DA 94 -33.15 -49.95 -3.23
C GLN DA 94 -34.50 -49.96 -2.55
N ARG DA 95 -35.09 -48.78 -2.41
CA ARG DA 95 -36.34 -48.64 -1.72
C ARG DA 95 -37.47 -49.30 -2.51
N LEU DA 96 -37.43 -49.21 -3.84
CA LEU DA 96 -38.42 -49.88 -4.66
C LEU DA 96 -38.30 -51.40 -4.55
N GLU DA 97 -37.08 -51.91 -4.45
CA GLU DA 97 -36.88 -53.35 -4.29
C GLU DA 97 -37.47 -53.81 -2.97
N GLN DA 98 -37.25 -53.02 -1.92
CA GLN DA 98 -37.80 -53.34 -0.62
C GLN DA 98 -39.31 -53.43 -0.66
N SER DA 99 -39.94 -52.57 -1.47
CA SER DA 99 -41.39 -52.60 -1.58
C SER DA 99 -41.92 -53.79 -2.36
N LEU DA 100 -41.34 -54.09 -3.52
CA LEU DA 100 -41.86 -55.19 -4.33
C LEU DA 100 -41.76 -56.52 -3.64
N GLN DA 101 -40.75 -56.71 -2.82
CA GLN DA 101 -40.58 -57.96 -2.12
C GLN DA 101 -41.61 -58.20 -1.01
N THR DA 102 -42.48 -57.22 -0.74
CA THR DA 102 -43.51 -57.41 0.25
C THR DA 102 -44.85 -57.75 -0.39
N MET DA 103 -44.91 -57.75 -1.73
CA MET DA 103 -46.16 -58.09 -2.39
C MET DA 103 -46.43 -59.58 -2.28
N GLU DA 104 -47.70 -59.91 -2.21
CA GLU DA 104 -48.14 -61.29 -2.08
C GLU DA 104 -47.62 -62.18 -3.18
N GLY DA 105 -46.95 -63.26 -2.79
CA GLY DA 105 -46.45 -64.23 -3.74
C GLY DA 105 -45.04 -63.92 -4.24
N VAL DA 106 -44.49 -62.75 -3.92
CA VAL DA 106 -43.17 -62.42 -4.41
C VAL DA 106 -42.10 -62.90 -3.45
N LEU DA 107 -41.16 -63.65 -3.99
CA LEU DA 107 -40.07 -64.21 -3.21
C LEU DA 107 -38.84 -63.34 -3.35
N SER DA 108 -38.64 -62.80 -4.55
CA SER DA 108 -37.49 -61.94 -4.80
C SER DA 108 -37.74 -60.97 -5.94
N ALA DA 109 -37.16 -59.79 -5.85
CA ALA DA 109 -37.34 -58.83 -6.93
C ALA DA 109 -36.20 -57.83 -7.01
N ARG DA 110 -35.87 -57.44 -8.25
CA ARG DA 110 -34.80 -56.47 -8.50
C ARG DA 110 -35.31 -55.33 -9.36
N VAL DA 111 -34.84 -54.11 -9.11
CA VAL DA 111 -35.33 -52.93 -9.82
C VAL DA 111 -34.23 -52.03 -10.36
N HIS DA 112 -34.38 -51.59 -11.59
CA HIS DA 112 -33.45 -50.67 -12.22
C HIS DA 112 -34.15 -49.41 -12.68
N ILE DA 113 -33.46 -48.28 -12.56
CA ILE DA 113 -34.00 -47.03 -13.07
C ILE DA 113 -32.95 -46.37 -13.91
N SER DA 114 -33.37 -45.74 -15.00
CA SER DA 114 -32.41 -45.06 -15.84
C SER DA 114 -31.82 -43.86 -15.14
N TYR DA 115 -30.64 -43.45 -15.58
CA TYR DA 115 -29.95 -42.32 -14.97
C TYR DA 115 -29.83 -41.15 -15.92
N ASP DA 116 -29.60 -39.99 -15.35
CA ASP DA 116 -29.42 -38.75 -16.10
C ASP DA 116 -28.23 -38.04 -15.54
N ILE DA 117 -27.15 -38.07 -16.28
CA ILE DA 117 -25.90 -37.52 -15.80
C ILE DA 117 -25.54 -36.17 -16.40
N ASP DA 118 -26.13 -35.81 -17.53
CA ASP DA 118 -25.75 -34.52 -18.09
C ASP DA 118 -26.79 -33.83 -18.96
N ALA DA 119 -28.10 -33.99 -18.68
CA ALA DA 119 -29.10 -33.25 -19.45
C ALA DA 119 -28.94 -31.74 -19.21
N GLY DA 120 -29.28 -31.29 -18.00
CA GLY DA 120 -29.18 -29.88 -17.61
C GLY DA 120 -27.78 -29.33 -17.85
N GLU DA 121 -26.76 -30.16 -17.61
CA GLU DA 121 -25.37 -29.83 -17.88
C GLU DA 121 -25.13 -29.29 -19.29
N ASN DA 122 -25.84 -29.86 -20.26
CA ASN DA 122 -25.69 -29.48 -21.64
C ASN DA 122 -26.76 -28.48 -22.11
N GLY DA 123 -27.52 -27.91 -21.17
CA GLY DA 123 -28.58 -26.98 -21.51
C GLY DA 123 -29.83 -27.70 -22.03
N ARG DA 124 -29.90 -29.00 -21.80
CA ARG DA 124 -31.03 -29.79 -22.28
C ARG DA 124 -32.03 -30.12 -21.19
N PRO DA 125 -33.28 -30.35 -21.56
CA PRO DA 125 -34.35 -30.82 -20.72
C PRO DA 125 -34.07 -32.28 -20.42
N PRO DA 126 -34.58 -32.79 -19.31
CA PRO DA 126 -34.43 -34.15 -18.81
C PRO DA 126 -35.18 -35.13 -19.69
N LYS DA 127 -34.70 -36.36 -19.69
CA LYS DA 127 -35.33 -37.40 -20.48
C LYS DA 127 -36.33 -38.18 -19.65
N PRO DA 128 -37.27 -38.87 -20.30
CA PRO DA 128 -38.27 -39.74 -19.72
C PRO DA 128 -37.58 -40.82 -18.92
N VAL DA 129 -38.22 -41.26 -17.86
CA VAL DA 129 -37.61 -42.26 -17.01
C VAL DA 129 -37.94 -43.67 -17.43
N HIS DA 130 -36.93 -44.51 -17.50
CA HIS DA 130 -37.15 -45.90 -17.86
C HIS DA 130 -37.00 -46.79 -16.65
N LEU DA 131 -37.85 -47.79 -16.55
CA LEU DA 131 -37.79 -48.72 -15.45
C LEU DA 131 -37.79 -50.15 -15.91
N SER DA 132 -37.10 -51.00 -15.17
CA SER DA 132 -37.15 -52.42 -15.49
C SER DA 132 -37.08 -53.21 -14.22
N ALA DA 133 -37.65 -54.40 -14.22
CA ALA DA 133 -37.64 -55.17 -13.00
C ALA DA 133 -37.72 -56.65 -13.24
N LEU DA 134 -37.15 -57.40 -12.29
CA LEU DA 134 -37.16 -58.84 -12.32
C LEU DA 134 -37.91 -59.36 -11.12
N ALA DA 135 -38.63 -60.47 -11.27
CA ALA DA 135 -39.32 -60.99 -10.11
C ALA DA 135 -39.47 -62.51 -10.11
N VAL DA 136 -39.41 -63.07 -8.91
CA VAL DA 136 -39.57 -64.50 -8.68
C VAL DA 136 -40.77 -64.73 -7.79
N TYR DA 137 -41.69 -65.56 -8.28
CA TYR DA 137 -42.91 -65.88 -7.54
C TYR DA 137 -42.98 -67.28 -6.99
N GLU DA 138 -43.86 -67.43 -6.01
CA GLU DA 138 -44.16 -68.74 -5.46
C GLU DA 138 -44.72 -69.63 -6.54
N ARG DA 139 -44.16 -70.82 -6.67
CA ARG DA 139 -44.57 -71.74 -7.70
C ARG DA 139 -46.06 -72.02 -7.69
N GLY DA 140 -46.66 -71.93 -8.87
CA GLY DA 140 -48.09 -72.16 -9.07
C GLY DA 140 -48.90 -70.86 -9.17
N SER DA 141 -48.26 -69.74 -8.88
CA SER DA 141 -48.87 -68.43 -8.95
C SER DA 141 -49.18 -67.98 -10.41
N PRO DA 142 -50.27 -67.25 -10.65
CA PRO DA 142 -50.76 -66.75 -11.95
C PRO DA 142 -50.01 -65.52 -12.47
N LEU DA 143 -48.74 -65.73 -12.79
CA LEU DA 143 -47.80 -64.71 -13.27
C LEU DA 143 -48.32 -63.79 -14.36
N ALA DA 144 -49.11 -64.33 -15.29
CA ALA DA 144 -49.63 -63.57 -16.41
C ALA DA 144 -50.56 -62.43 -16.02
N HIS DA 145 -51.02 -62.42 -14.78
CA HIS DA 145 -51.91 -61.37 -14.33
C HIS DA 145 -51.23 -60.51 -13.31
N GLN DA 146 -50.39 -61.14 -12.50
CA GLN DA 146 -49.65 -60.47 -11.45
C GLN DA 146 -48.73 -59.38 -11.96
N ILE DA 147 -48.18 -59.61 -13.14
CA ILE DA 147 -47.35 -58.64 -13.82
C ILE DA 147 -47.99 -57.26 -13.98
N SER DA 148 -49.32 -57.18 -13.99
CA SER DA 148 -49.99 -55.91 -14.16
C SER DA 148 -49.98 -55.08 -12.89
N ASP DA 149 -49.85 -55.72 -11.72
CA ASP DA 149 -49.79 -54.98 -10.48
C ASP DA 149 -48.47 -54.30 -10.37
N ILE DA 150 -47.42 -55.02 -10.75
CA ILE DA 150 -46.10 -54.46 -10.69
C ILE DA 150 -45.99 -53.25 -11.56
N LYS DA 151 -46.48 -53.39 -12.77
CA LYS DA 151 -46.39 -52.33 -13.73
C LYS DA 151 -47.21 -51.11 -13.33
N ARG DA 152 -48.40 -51.31 -12.78
CA ARG DA 152 -49.22 -50.19 -12.34
C ARG DA 152 -48.60 -49.47 -11.16
N PHE DA 153 -48.11 -50.25 -10.21
CA PHE DA 153 -47.45 -49.71 -9.04
C PHE DA 153 -46.29 -48.83 -9.42
N LEU DA 154 -45.41 -49.34 -10.28
CA LEU DA 154 -44.25 -48.58 -10.69
C LEU DA 154 -44.63 -47.35 -11.49
N LYS DA 155 -45.68 -47.43 -12.31
CA LYS DA 155 -46.08 -46.29 -13.13
C LYS DA 155 -46.29 -45.03 -12.32
N ASN DA 156 -47.03 -45.11 -11.22
CA ASN DA 156 -47.20 -43.89 -10.42
C ASN DA 156 -46.21 -43.75 -9.29
N SER DA 157 -45.11 -44.50 -9.33
CA SER DA 157 -44.07 -44.40 -8.32
C SER DA 157 -42.95 -43.47 -8.76
N PHE DA 158 -43.14 -42.77 -9.87
CA PHE DA 158 -42.07 -41.88 -10.29
C PHE DA 158 -42.58 -40.80 -11.23
N ALA DA 159 -42.03 -39.60 -11.05
CA ALA DA 159 -42.37 -38.36 -11.75
C ALA DA 159 -42.88 -38.49 -13.17
N ASP DA 160 -42.21 -39.25 -14.03
CA ASP DA 160 -42.68 -39.32 -15.41
C ASP DA 160 -42.27 -40.57 -16.14
N VAL DA 161 -43.10 -41.60 -16.04
CA VAL DA 161 -42.91 -42.85 -16.74
C VAL DA 161 -44.19 -43.19 -17.45
N ASP DA 162 -44.20 -44.28 -18.19
CA ASP DA 162 -45.39 -44.70 -18.89
C ASP DA 162 -45.37 -46.19 -19.13
N TYR DA 163 -46.47 -46.75 -19.61
CA TYR DA 163 -46.57 -48.19 -19.77
C TYR DA 163 -45.72 -48.78 -20.91
N ASP DA 164 -45.06 -47.94 -21.70
CA ASP DA 164 -44.21 -48.44 -22.76
C ASP DA 164 -42.74 -48.40 -22.34
N ASN DA 165 -42.45 -47.71 -21.25
CA ASN DA 165 -41.08 -47.58 -20.80
C ASN DA 165 -40.84 -48.29 -19.49
N ILE DA 166 -41.71 -49.24 -19.16
CA ILE DA 166 -41.57 -50.06 -17.97
C ILE DA 166 -41.57 -51.52 -18.38
N SER DA 167 -40.47 -52.23 -18.12
CA SER DA 167 -40.42 -53.63 -18.51
C SER DA 167 -40.29 -54.57 -17.34
N VAL DA 168 -41.09 -55.62 -17.35
CA VAL DA 168 -41.06 -56.59 -16.27
C VAL DA 168 -40.85 -58.00 -16.81
N VAL DA 169 -39.80 -58.64 -16.32
CA VAL DA 169 -39.49 -60.01 -16.69
C VAL DA 169 -39.53 -60.85 -15.44
N LEU DA 170 -40.30 -61.91 -15.46
CA LEU DA 170 -40.46 -62.69 -14.26
C LEU DA 170 -40.70 -64.16 -14.46
N SER DA 171 -40.62 -64.90 -13.37
CA SER DA 171 -40.85 -66.34 -13.36
C SER DA 171 -41.16 -66.84 -11.96
N GLU DA 172 -40.95 -68.12 -11.71
CA GLU DA 172 -41.24 -68.71 -10.42
C GLU DA 172 -40.17 -69.68 -10.00
N ARG DA 173 -40.13 -69.98 -8.71
CA ARG DA 173 -39.10 -70.87 -8.17
C ARG DA 173 -39.18 -72.29 -8.70
N SER DA 174 -38.06 -72.99 -8.57
CA SER DA 174 -37.92 -74.39 -8.98
C SER DA 174 -38.34 -75.34 -7.87
N ASP DA 175 -38.28 -76.65 -8.17
CA ASP DA 175 -38.61 -77.70 -7.21
C ASP DA 175 -37.64 -77.66 -6.04
N ALA DA 176 -38.15 -77.37 -4.85
CA ALA DA 176 -37.33 -77.20 -3.66
C ALA DA 176 -36.50 -78.42 -3.32
N GLN DA 177 -35.22 -78.18 -3.02
CA GLN DA 177 -34.34 -79.27 -2.67
C GLN DA 177 -34.49 -79.59 -1.20
N LEU DA 178 -35.42 -80.49 -0.92
CA LEU DA 178 -35.73 -80.85 0.46
C LEU DA 178 -35.08 -82.16 0.91
N GLN DA 179 -34.19 -82.72 0.09
CA GLN DA 179 -33.56 -83.99 0.43
C GLN DA 179 -32.05 -83.91 0.46
N ALA DA 180 -31.44 -84.60 1.42
CA ALA DA 180 -30.00 -84.61 1.52
C ALA DA 180 -29.38 -85.42 0.38
N PRO DA 181 -28.25 -84.98 -0.17
CA PRO DA 181 -27.43 -85.62 -1.21
C PRO DA 181 -27.03 -87.06 -0.91
N GLY DA 182 -26.60 -87.31 0.31
CA GLY DA 182 -26.19 -88.64 0.72
C GLY DA 182 -24.68 -88.79 0.65
N THR DA 183 -24.16 -89.77 1.38
CA THR DA 183 -22.73 -90.01 1.41
C THR DA 183 -22.31 -90.94 0.27
N PRO DA 184 -21.02 -91.03 -0.02
CA PRO DA 184 -20.41 -91.91 -1.00
C PRO DA 184 -20.43 -93.34 -0.52
N VAL DA 185 -20.40 -94.28 -1.46
CA VAL DA 185 -20.45 -95.68 -1.11
C VAL DA 185 -19.06 -96.24 -0.84
N LYS DA 186 -18.81 -96.58 0.41
CA LYS DA 186 -17.54 -97.17 0.82
C LYS DA 186 -17.59 -97.53 2.30
N ALA EA 42 -25.68 -103.15 -2.60
CA ALA EA 42 -25.93 -101.75 -2.92
C ALA EA 42 -27.04 -101.61 -3.93
N GLU EA 43 -28.26 -101.99 -3.54
CA GLU EA 43 -29.39 -101.88 -4.45
C GLU EA 43 -29.55 -100.46 -4.93
N LEU EA 44 -29.60 -100.30 -6.25
CA LEU EA 44 -29.70 -98.99 -6.88
C LEU EA 44 -30.83 -98.13 -6.34
N ASP EA 45 -31.97 -98.75 -6.02
CA ASP EA 45 -33.09 -98.00 -5.46
C ASP EA 45 -32.73 -97.29 -4.16
N SER EA 46 -31.84 -97.90 -3.38
CA SER EA 46 -31.43 -97.27 -2.13
C SER EA 46 -30.30 -96.29 -2.35
N LEU EA 47 -29.57 -96.46 -3.46
CA LEU EA 47 -28.50 -95.54 -3.81
C LEU EA 47 -29.06 -94.20 -4.26
N LEU EA 48 -30.18 -94.23 -4.96
CA LEU EA 48 -30.86 -93.02 -5.42
C LEU EA 48 -31.59 -92.35 -4.26
N GLY EA 49 -31.86 -91.05 -4.41
CA GLY EA 49 -32.50 -90.17 -3.40
C GLY EA 49 -33.65 -90.77 -2.55
N GLN EA 50 -33.97 -90.07 -1.46
CA GLN EA 50 -35.02 -90.47 -0.51
C GLN EA 50 -36.37 -90.63 -1.19
N GLU EA 51 -36.71 -89.70 -2.06
CA GLU EA 51 -37.96 -89.82 -2.78
C GLU EA 51 -37.72 -90.66 -4.01
N LYS EA 52 -37.71 -91.97 -3.78
CA LYS EA 52 -37.45 -92.96 -4.82
C LYS EA 52 -38.43 -92.90 -5.99
N GLU EA 53 -39.57 -92.25 -5.80
CA GLU EA 53 -40.57 -92.15 -6.84
C GLU EA 53 -40.22 -91.14 -7.92
N ARG EA 54 -39.08 -90.48 -7.79
CA ARG EA 54 -38.62 -89.55 -8.81
C ARG EA 54 -37.93 -90.28 -9.95
N PHE EA 55 -37.60 -91.56 -9.74
CA PHE EA 55 -36.89 -92.30 -10.77
C PHE EA 55 -37.55 -93.60 -11.10
N GLN EA 56 -37.45 -94.01 -12.35
CA GLN EA 56 -37.97 -95.31 -12.73
C GLN EA 56 -36.83 -96.19 -13.18
N VAL EA 57 -36.45 -97.15 -12.35
CA VAL EA 57 -35.38 -98.04 -12.72
C VAL EA 57 -35.89 -99.11 -13.66
N LEU EA 58 -35.17 -99.30 -14.75
CA LEU EA 58 -35.56 -100.22 -15.80
C LEU EA 58 -34.50 -101.31 -16.02
N PRO EA 59 -34.89 -102.53 -16.32
CA PRO EA 59 -33.93 -103.63 -16.52
C PRO EA 59 -33.78 -103.97 -17.98
N GLY EA 60 -32.76 -103.40 -18.62
CA GLY EA 60 -32.57 -103.62 -20.05
C GLY EA 60 -32.10 -105.04 -20.36
N ARG EA 61 -32.48 -105.51 -21.55
CA ARG EA 61 -32.13 -106.87 -22.00
C ARG EA 61 -30.64 -107.01 -22.30
N ASP EA 62 -29.94 -105.88 -22.39
CA ASP EA 62 -28.50 -105.83 -22.60
C ASP EA 62 -27.71 -105.92 -21.29
N LYS EA 63 -28.38 -106.26 -20.19
CA LYS EA 63 -27.76 -106.39 -18.86
C LYS EA 63 -27.37 -105.04 -18.26
N MET EA 64 -27.91 -103.96 -18.80
CA MET EA 64 -27.66 -102.64 -18.25
C MET EA 64 -28.88 -102.16 -17.51
N LEU EA 65 -28.65 -101.71 -16.29
CA LEU EA 65 -29.74 -101.24 -15.47
C LEU EA 65 -29.91 -99.75 -15.75
N TYR EA 66 -31.08 -99.38 -16.23
CA TYR EA 66 -31.31 -98.00 -16.63
C TYR EA 66 -32.05 -97.18 -15.60
N VAL EA 67 -31.75 -95.88 -15.56
CA VAL EA 67 -32.44 -94.98 -14.64
C VAL EA 67 -33.19 -93.92 -15.39
N ALA EA 68 -34.50 -94.05 -15.48
CA ALA EA 68 -35.26 -93.06 -16.21
C ALA EA 68 -35.55 -91.85 -15.33
N ALA EA 69 -35.12 -90.69 -15.80
CA ALA EA 69 -35.34 -89.44 -15.10
C ALA EA 69 -36.23 -88.54 -15.93
N GLN EA 70 -37.07 -87.76 -15.25
CA GLN EA 70 -38.01 -86.87 -15.92
C GLN EA 70 -37.52 -85.44 -16.05
N ASN EA 71 -36.35 -85.14 -15.51
CA ASN EA 71 -35.82 -83.78 -15.53
C ASN EA 71 -34.32 -83.78 -15.47
N GLU EA 72 -33.69 -82.87 -16.18
CA GLU EA 72 -32.23 -82.77 -16.21
C GLU EA 72 -31.58 -82.61 -14.83
N ARG EA 73 -32.32 -82.12 -13.84
CA ARG EA 73 -31.77 -82.04 -12.49
C ARG EA 73 -31.69 -83.40 -11.87
N ASP EA 74 -32.60 -84.29 -12.26
CA ASP EA 74 -32.66 -85.62 -11.73
C ASP EA 74 -31.70 -86.47 -12.53
N THR EA 75 -31.53 -86.11 -13.80
CA THR EA 75 -30.57 -86.77 -14.65
C THR EA 75 -29.20 -86.62 -14.05
N LEU EA 76 -28.84 -85.38 -13.71
CA LEU EA 76 -27.55 -85.13 -13.09
C LEU EA 76 -27.44 -85.79 -11.74
N TRP EA 77 -28.51 -85.77 -10.95
CA TRP EA 77 -28.52 -86.41 -9.65
C TRP EA 77 -28.06 -87.86 -9.76
N ALA EA 78 -28.74 -88.61 -10.62
CA ALA EA 78 -28.45 -90.01 -10.85
C ALA EA 78 -27.04 -90.23 -11.40
N ARG EA 79 -26.58 -89.35 -12.28
CA ARG EA 79 -25.23 -89.49 -12.82
C ARG EA 79 -24.20 -89.31 -11.73
N GLN EA 80 -24.46 -88.38 -10.81
CA GLN EA 80 -23.54 -88.19 -9.71
C GLN EA 80 -23.53 -89.40 -8.82
N VAL EA 81 -24.69 -90.03 -8.63
CA VAL EA 81 -24.73 -91.27 -7.85
C VAL EA 81 -23.86 -92.34 -8.44
N LEU EA 82 -23.95 -92.52 -9.75
CA LEU EA 82 -23.13 -93.54 -10.41
C LEU EA 82 -21.63 -93.25 -10.33
N ALA EA 83 -21.26 -91.97 -10.40
CA ALA EA 83 -19.85 -91.59 -10.32
C ALA EA 83 -19.33 -91.55 -8.87
N ARG EA 84 -20.19 -91.15 -7.93
CA ARG EA 84 -19.83 -91.02 -6.53
C ARG EA 84 -19.82 -92.33 -5.79
N GLY EA 85 -20.92 -93.05 -5.88
CA GLY EA 85 -21.06 -94.31 -5.21
C GLY EA 85 -20.65 -95.42 -6.13
N ASP EA 86 -21.24 -96.58 -5.96
CA ASP EA 86 -20.88 -97.68 -6.80
C ASP EA 86 -22.00 -98.69 -6.91
N TYR EA 87 -21.92 -99.45 -7.98
CA TYR EA 87 -22.86 -100.49 -8.27
C TYR EA 87 -22.22 -101.40 -9.30
N ASP EA 88 -21.90 -102.63 -8.89
CA ASP EA 88 -21.23 -103.57 -9.78
C ASP EA 88 -22.13 -104.13 -10.87
N LYS EA 89 -22.42 -103.30 -11.86
CA LYS EA 89 -23.25 -103.69 -12.99
C LYS EA 89 -23.39 -102.53 -13.95
N ASN EA 90 -23.47 -102.85 -15.23
CA ASN EA 90 -23.69 -101.84 -16.24
C ASN EA 90 -24.88 -100.99 -15.87
N ALA EA 91 -24.77 -99.69 -16.04
CA ALA EA 91 -25.87 -98.80 -15.72
C ALA EA 91 -25.82 -97.55 -16.58
N ARG EA 92 -26.98 -96.96 -16.83
CA ARG EA 92 -27.04 -95.77 -17.66
C ARG EA 92 -28.32 -94.96 -17.45
N VAL EA 93 -28.15 -93.67 -17.23
CA VAL EA 93 -29.27 -92.77 -16.99
C VAL EA 93 -29.96 -92.36 -18.27
N ILE EA 94 -31.29 -92.48 -18.27
CA ILE EA 94 -32.15 -92.13 -19.40
C ILE EA 94 -32.79 -90.77 -19.26
N ASN EA 95 -32.74 -90.00 -20.33
CA ASN EA 95 -33.34 -88.69 -20.41
C ASN EA 95 -34.15 -88.57 -21.68
N GLU EA 96 -35.46 -88.38 -21.52
CA GLU EA 96 -36.41 -88.30 -22.63
C GLU EA 96 -35.93 -87.52 -23.84
N ASN EA 97 -35.42 -86.31 -23.63
CA ASN EA 97 -34.96 -85.52 -24.75
C ASN EA 97 -33.66 -86.03 -25.33
N GLU EA 98 -32.78 -86.51 -24.47
CA GLU EA 98 -31.49 -87.01 -24.96
C GLU EA 98 -31.69 -88.26 -25.79
N GLU EA 99 -32.65 -89.09 -25.39
CA GLU EA 99 -32.93 -90.30 -26.12
C GLU EA 99 -33.65 -90.01 -27.40
N ASN EA 100 -34.53 -89.02 -27.38
CA ASN EA 100 -35.22 -88.64 -28.58
C ASN EA 100 -34.18 -88.22 -29.63
N LYS EA 101 -33.20 -87.43 -29.19
CA LYS EA 101 -32.12 -86.99 -30.06
C LYS EA 101 -31.24 -88.13 -30.55
N ARG EA 102 -30.81 -89.01 -29.64
CA ARG EA 102 -29.96 -90.13 -30.02
C ARG EA 102 -30.58 -90.94 -31.13
N ILE EA 103 -31.86 -91.24 -30.98
CA ILE EA 103 -32.58 -91.99 -31.97
C ILE EA 103 -32.67 -91.24 -33.28
N SER EA 104 -33.00 -89.95 -33.23
CA SER EA 104 -33.14 -89.18 -34.46
C SER EA 104 -31.87 -89.14 -35.27
N ILE EA 105 -30.72 -89.21 -34.61
CA ILE EA 105 -29.45 -89.22 -35.33
C ILE EA 105 -29.31 -90.48 -36.16
N TRP EA 106 -29.48 -91.63 -35.50
CA TRP EA 106 -29.38 -92.92 -36.15
C TRP EA 106 -30.40 -93.03 -37.25
N LEU EA 107 -31.61 -92.60 -36.92
CA LEU EA 107 -32.74 -92.68 -37.80
C LEU EA 107 -32.50 -91.89 -39.07
N ASP EA 108 -31.96 -90.69 -38.97
CA ASP EA 108 -31.67 -89.92 -40.18
C ASP EA 108 -30.67 -90.62 -41.10
N THR EA 109 -29.65 -91.26 -40.53
CA THR EA 109 -28.65 -91.96 -41.33
C THR EA 109 -29.20 -93.17 -42.08
N TYR EA 110 -29.95 -94.00 -41.37
CA TYR EA 110 -30.47 -95.23 -41.98
C TYR EA 110 -31.79 -95.06 -42.69
N TYR EA 111 -32.61 -94.13 -42.22
CA TYR EA 111 -33.87 -93.81 -42.86
C TYR EA 111 -33.98 -92.32 -43.19
N PRO EA 112 -33.17 -91.81 -44.11
CA PRO EA 112 -33.13 -90.44 -44.54
C PRO EA 112 -34.43 -90.17 -45.24
N GLN EA 113 -34.87 -88.92 -45.14
CA GLN EA 113 -36.14 -88.45 -45.69
C GLN EA 113 -37.38 -88.98 -44.94
N LEU EA 114 -37.21 -89.77 -43.87
CA LEU EA 114 -38.36 -90.22 -43.11
C LEU EA 114 -39.06 -89.04 -42.44
N ALA EA 115 -40.35 -88.90 -42.66
CA ALA EA 115 -41.07 -87.78 -42.06
C ALA EA 115 -41.69 -88.19 -40.75
N TYR EA 116 -41.23 -87.63 -39.64
CA TYR EA 116 -41.75 -88.00 -38.33
C TYR EA 116 -41.73 -86.82 -37.38
N TYR EA 117 -42.38 -87.00 -36.23
CA TYR EA 117 -42.53 -85.94 -35.25
C TYR EA 117 -41.69 -86.12 -34.00
N ARG EA 118 -42.18 -86.93 -33.06
CA ARG EA 118 -41.46 -87.08 -31.82
C ARG EA 118 -41.82 -88.37 -31.12
N ILE EA 119 -40.85 -88.94 -30.40
CA ILE EA 119 -41.12 -90.16 -29.66
C ILE EA 119 -41.58 -89.84 -28.26
N HIS EA 120 -42.72 -90.39 -27.90
CA HIS EA 120 -43.32 -90.18 -26.59
C HIS EA 120 -42.97 -91.36 -25.72
N PHE EA 121 -42.06 -91.14 -24.79
CA PHE EA 121 -41.58 -92.24 -23.99
C PHE EA 121 -42.56 -92.66 -22.91
N ASP EA 122 -43.20 -91.69 -22.25
CA ASP EA 122 -44.22 -91.91 -21.21
C ASP EA 122 -44.04 -93.21 -20.43
N GLU EA 123 -44.58 -94.30 -20.95
CA GLU EA 123 -44.41 -95.62 -20.35
C GLU EA 123 -43.25 -96.35 -20.99
N PRO EA 124 -42.03 -96.16 -20.47
CA PRO EA 124 -40.74 -96.73 -20.97
C PRO EA 124 -40.86 -97.97 -21.85
N ARG EA 125 -41.58 -98.97 -21.36
CA ARG EA 125 -41.79 -100.25 -22.02
C ARG EA 125 -42.30 -100.17 -23.45
N LYS EA 126 -43.23 -99.25 -23.68
CA LYS EA 126 -43.87 -99.11 -24.97
C LYS EA 126 -43.99 -97.66 -25.39
N PRO EA 127 -42.92 -97.03 -25.87
CA PRO EA 127 -42.85 -95.66 -26.34
C PRO EA 127 -43.63 -95.57 -27.64
N VAL EA 128 -44.18 -94.39 -27.90
CA VAL EA 128 -44.97 -94.16 -29.08
C VAL EA 128 -44.24 -93.30 -30.07
N PHE EA 129 -44.22 -93.75 -31.31
CA PHE EA 129 -43.50 -93.04 -32.35
C PHE EA 129 -44.46 -92.33 -33.29
N TRP EA 130 -44.51 -91.00 -33.23
CA TRP EA 130 -45.39 -90.30 -34.16
C TRP EA 130 -44.73 -90.16 -35.53
N LEU EA 131 -45.45 -90.62 -36.55
CA LEU EA 131 -44.99 -90.67 -37.93
C LEU EA 131 -45.94 -89.88 -38.84
N SER EA 132 -45.42 -89.11 -39.79
CA SER EA 132 -46.32 -88.34 -40.65
C SER EA 132 -47.17 -89.23 -41.55
N ARG EA 133 -48.46 -89.26 -41.27
CA ARG EA 133 -49.41 -90.07 -42.04
C ARG EA 133 -49.44 -89.72 -43.50
N GLN EA 134 -49.44 -88.43 -43.79
CA GLN EA 134 -49.57 -87.95 -45.15
C GLN EA 134 -48.28 -87.97 -45.96
N ARG EA 135 -47.14 -87.69 -45.33
CA ARG EA 135 -45.91 -87.66 -46.10
C ARG EA 135 -45.23 -89.02 -46.31
N ASN EA 136 -45.49 -89.99 -45.44
CA ASN EA 136 -44.85 -91.28 -45.62
C ASN EA 136 -45.73 -92.25 -46.39
N THR EA 137 -45.10 -93.02 -47.27
CA THR EA 137 -45.79 -94.00 -48.09
C THR EA 137 -45.26 -95.41 -47.87
N MET EA 138 -44.69 -95.64 -46.69
CA MET EA 138 -44.13 -96.95 -46.36
C MET EA 138 -45.22 -98.01 -46.24
N SER EA 139 -44.88 -99.24 -46.63
CA SER EA 139 -45.83 -100.34 -46.54
C SER EA 139 -45.87 -100.84 -45.13
N LYS EA 140 -46.90 -101.61 -44.81
CA LYS EA 140 -47.05 -102.18 -43.47
C LYS EA 140 -45.83 -103.00 -43.08
N LYS EA 141 -45.31 -103.77 -44.04
CA LYS EA 141 -44.16 -104.62 -43.79
C LYS EA 141 -42.93 -103.77 -43.50
N GLU EA 142 -42.78 -102.68 -44.26
CA GLU EA 142 -41.67 -101.78 -44.04
C GLU EA 142 -41.74 -101.15 -42.67
N LEU EA 143 -42.95 -100.80 -42.24
CA LEU EA 143 -43.15 -100.22 -40.92
C LEU EA 143 -42.82 -101.22 -39.84
N GLU EA 144 -43.12 -102.50 -40.08
CA GLU EA 144 -42.74 -103.54 -39.12
C GLU EA 144 -41.25 -103.51 -38.90
N VAL EA 145 -40.50 -103.51 -40.00
CA VAL EA 145 -39.05 -103.49 -39.95
C VAL EA 145 -38.54 -102.27 -39.21
N LEU EA 146 -39.12 -101.11 -39.52
CA LEU EA 146 -38.76 -99.87 -38.87
C LEU EA 146 -38.89 -99.99 -37.36
N SER EA 147 -40.03 -100.51 -36.88
CA SER EA 147 -40.22 -100.64 -35.45
C SER EA 147 -39.21 -101.59 -34.84
N GLN EA 148 -38.81 -102.61 -35.60
CA GLN EA 148 -37.82 -103.54 -35.09
C GLN EA 148 -36.47 -102.89 -34.93
N LYS EA 149 -36.13 -101.99 -35.83
CA LYS EA 149 -34.87 -101.29 -35.72
C LYS EA 149 -34.90 -100.36 -34.52
N LEU EA 150 -36.05 -99.75 -34.28
CA LEU EA 150 -36.20 -98.88 -33.14
C LEU EA 150 -36.09 -99.68 -31.84
N ARG EA 151 -36.61 -100.90 -31.83
CA ARG EA 151 -36.50 -101.76 -30.66
C ARG EA 151 -35.04 -102.04 -30.38
N ALA EA 152 -34.25 -102.25 -31.44
CA ALA EA 152 -32.82 -102.48 -31.28
C ALA EA 152 -32.15 -101.26 -30.65
N LEU EA 153 -32.59 -100.06 -31.04
CA LEU EA 153 -32.03 -98.83 -30.48
C LEU EA 153 -32.39 -98.61 -29.01
N MET EA 154 -33.48 -99.22 -28.55
CA MET EA 154 -33.93 -99.08 -27.15
C MET EA 154 -33.95 -100.41 -26.37
N PRO EA 155 -32.81 -100.80 -25.77
CA PRO EA 155 -32.52 -102.00 -24.97
C PRO EA 155 -33.56 -102.31 -23.90
N TYR EA 156 -34.22 -101.29 -23.38
CA TYR EA 156 -35.22 -101.48 -22.34
C TYR EA 156 -36.62 -101.70 -22.90
N ALA EA 157 -36.98 -100.92 -23.91
CA ALA EA 157 -38.30 -100.99 -24.51
C ALA EA 157 -38.58 -102.40 -24.98
N ASP EA 158 -39.81 -102.84 -24.78
CA ASP EA 158 -40.18 -104.17 -25.20
C ASP EA 158 -40.70 -104.13 -26.62
N SER EA 159 -41.40 -103.06 -26.96
CA SER EA 159 -41.91 -102.89 -28.31
C SER EA 159 -42.09 -101.42 -28.61
N VAL EA 160 -42.26 -101.09 -29.88
CA VAL EA 160 -42.45 -99.71 -30.27
C VAL EA 160 -43.78 -99.53 -30.96
N ASN EA 161 -44.56 -98.57 -30.50
CA ASN EA 161 -45.86 -98.33 -31.10
C ASN EA 161 -45.80 -97.21 -32.12
N ILE EA 162 -45.54 -97.56 -33.36
CA ILE EA 162 -45.53 -96.56 -34.41
C ILE EA 162 -46.95 -96.24 -34.82
N THR EA 163 -47.26 -94.96 -34.86
CA THR EA 163 -48.59 -94.53 -35.25
C THR EA 163 -48.50 -93.33 -36.15
N LEU EA 164 -49.46 -93.22 -37.05
CA LEU EA 164 -49.45 -92.18 -38.04
C LEU EA 164 -50.33 -91.00 -37.65
N MET EA 165 -49.76 -89.80 -37.70
CA MET EA 165 -50.45 -88.56 -37.33
C MET EA 165 -50.76 -87.70 -38.54
N ASP EA 166 -51.87 -86.98 -38.48
CA ASP EA 166 -52.25 -86.13 -39.61
C ASP EA 166 -51.64 -84.74 -39.51
N ASP EA 167 -50.75 -84.43 -40.44
CA ASP EA 167 -50.05 -83.15 -40.53
C ASP EA 167 -50.94 -81.93 -40.37
N VAL EA 168 -52.17 -82.03 -40.88
CA VAL EA 168 -53.12 -80.95 -40.81
C VAL EA 168 -53.50 -80.61 -39.40
N THR EA 169 -53.67 -81.63 -38.56
CA THR EA 169 -54.10 -81.39 -37.20
C THR EA 169 -52.96 -80.80 -36.39
N ALA EA 170 -51.73 -81.15 -36.76
CA ALA EA 170 -50.59 -80.56 -36.08
C ALA EA 170 -50.56 -79.07 -36.32
N ALA EA 171 -50.69 -78.68 -37.59
CA ALA EA 171 -50.69 -77.28 -37.97
C ALA EA 171 -51.88 -76.54 -37.39
N GLY EA 172 -53.04 -77.19 -37.42
CA GLY EA 172 -54.27 -76.61 -36.92
C GLY EA 172 -54.14 -76.22 -35.46
N GLN EA 173 -53.60 -77.11 -34.64
CA GLN EA 173 -53.43 -76.82 -33.23
C GLN EA 173 -52.45 -75.69 -33.00
N ALA EA 174 -51.36 -75.69 -33.77
CA ALA EA 174 -50.35 -74.65 -33.64
C ALA EA 174 -50.97 -73.27 -33.84
N GLU EA 175 -51.72 -73.11 -34.92
CA GLU EA 175 -52.30 -71.82 -35.20
C GLU EA 175 -53.44 -71.47 -34.27
N ALA EA 176 -54.29 -72.44 -33.97
CA ALA EA 176 -55.44 -72.20 -33.12
C ALA EA 176 -55.04 -71.66 -31.76
N GLY EA 177 -54.08 -72.29 -31.11
CA GLY EA 177 -53.64 -71.84 -29.81
C GLY EA 177 -52.98 -70.48 -29.89
N LEU EA 178 -52.18 -70.29 -30.94
CA LEU EA 178 -51.48 -69.05 -31.18
C LEU EA 178 -52.43 -67.85 -31.25
N LYS EA 179 -53.49 -68.00 -32.04
CA LYS EA 179 -54.47 -66.94 -32.15
C LYS EA 179 -55.38 -66.85 -30.94
N GLN EA 180 -55.57 -67.95 -30.21
CA GLN EA 180 -56.36 -67.92 -28.97
C GLN EA 180 -55.72 -66.98 -27.96
N GLN EA 181 -54.39 -67.00 -27.92
CA GLN EA 181 -53.61 -66.12 -27.05
C GLN EA 181 -53.60 -64.65 -27.51
N ALA EA 182 -54.29 -64.33 -28.61
CA ALA EA 182 -54.40 -62.99 -29.17
C ALA EA 182 -53.06 -62.48 -29.64
N LEU EA 183 -52.21 -63.38 -30.13
CA LEU EA 183 -50.90 -62.98 -30.60
C LEU EA 183 -50.95 -62.67 -32.09
N PRO EA 184 -50.19 -61.69 -32.55
CA PRO EA 184 -50.00 -61.30 -33.92
C PRO EA 184 -49.05 -62.28 -34.56
N TYR EA 185 -49.29 -62.65 -35.81
CA TYR EA 185 -48.38 -63.57 -36.47
C TYR EA 185 -48.65 -63.63 -37.95
N SER EA 186 -47.74 -64.26 -38.67
CA SER EA 186 -47.94 -64.48 -40.08
C SER EA 186 -47.48 -65.88 -40.42
N ARG EA 187 -48.40 -66.67 -40.94
CA ARG EA 187 -48.14 -68.07 -41.27
C ARG EA 187 -47.36 -68.22 -42.58
N ARG EA 188 -46.46 -69.20 -42.60
CA ARG EA 188 -45.64 -69.50 -43.76
C ARG EA 188 -45.73 -70.95 -44.17
N ASN EA 189 -46.68 -71.28 -45.02
CA ASN EA 189 -46.78 -72.64 -45.49
C ASN EA 189 -45.75 -72.91 -46.56
N HIS EA 190 -45.08 -74.04 -46.46
CA HIS EA 190 -44.14 -74.41 -47.51
C HIS EA 190 -44.07 -75.91 -47.61
N LYS EA 191 -43.49 -76.40 -48.68
CA LYS EA 191 -43.44 -77.84 -48.82
C LYS EA 191 -42.61 -78.42 -47.69
N GLY EA 192 -43.20 -79.35 -46.96
CA GLY EA 192 -42.51 -80.01 -45.87
C GLY EA 192 -42.68 -79.37 -44.49
N GLY EA 193 -43.37 -78.23 -44.39
CA GLY EA 193 -43.53 -77.64 -43.06
C GLY EA 193 -44.26 -76.30 -43.02
N VAL EA 194 -44.29 -75.69 -41.84
CA VAL EA 194 -44.92 -74.40 -41.69
C VAL EA 194 -44.25 -73.58 -40.61
N THR EA 195 -44.05 -72.29 -40.89
CA THR EA 195 -43.42 -71.41 -39.93
C THR EA 195 -44.32 -70.26 -39.52
N PHE EA 196 -44.36 -69.98 -38.22
CA PHE EA 196 -45.19 -68.90 -37.69
C PHE EA 196 -44.33 -67.73 -37.24
N VAL EA 197 -44.37 -66.67 -38.03
CA VAL EA 197 -43.55 -65.51 -37.79
C VAL EA 197 -44.22 -64.48 -36.90
N ILE EA 198 -43.55 -64.10 -35.83
CA ILE EA 198 -44.08 -63.11 -34.90
C ILE EA 198 -43.12 -61.92 -34.81
N GLN EA 199 -43.47 -60.82 -35.46
CA GLN EA 199 -42.60 -59.65 -35.45
C GLN EA 199 -43.24 -58.42 -34.85
N GLY EA 200 -42.42 -57.39 -34.67
CA GLY EA 200 -42.86 -56.11 -34.14
C GLY EA 200 -42.51 -55.98 -32.68
N ALA EA 201 -42.81 -54.81 -32.11
CA ALA EA 201 -42.57 -54.61 -30.70
C ALA EA 201 -43.61 -55.37 -29.93
N LEU EA 202 -43.22 -55.97 -28.82
CA LEU EA 202 -44.16 -56.77 -28.06
C LEU EA 202 -44.30 -56.32 -26.62
N ASP EA 203 -45.52 -56.38 -26.11
CA ASP EA 203 -45.85 -56.08 -24.73
C ASP EA 203 -45.34 -57.21 -23.86
N ASP EA 204 -44.76 -56.90 -22.72
CA ASP EA 204 -44.24 -57.93 -21.83
C ASP EA 204 -45.24 -59.04 -21.51
N VAL EA 205 -46.54 -58.68 -21.50
CA VAL EA 205 -47.56 -59.66 -21.21
C VAL EA 205 -47.69 -60.65 -22.34
N GLU EA 206 -47.79 -60.16 -23.58
CA GLU EA 206 -47.92 -61.05 -24.71
C GLU EA 206 -46.63 -61.82 -24.97
N ILE EA 207 -45.50 -61.29 -24.53
CA ILE EA 207 -44.26 -62.04 -24.66
C ILE EA 207 -44.31 -63.28 -23.81
N LEU EA 208 -44.74 -63.12 -22.56
CA LEU EA 208 -44.87 -64.24 -21.65
C LEU EA 208 -45.81 -65.29 -22.21
N ARG EA 209 -46.99 -64.85 -22.64
CA ARG EA 209 -47.98 -65.75 -23.21
C ARG EA 209 -47.46 -66.51 -24.41
N ALA EA 210 -46.74 -65.81 -25.28
CA ALA EA 210 -46.20 -66.43 -26.48
C ALA EA 210 -45.27 -67.56 -26.14
N ARG EA 211 -44.33 -67.31 -25.23
CA ARG EA 211 -43.38 -68.36 -24.89
C ARG EA 211 -44.06 -69.56 -24.26
N GLN EA 212 -45.00 -69.34 -23.37
CA GLN EA 212 -45.67 -70.44 -22.71
C GLN EA 212 -46.32 -71.36 -23.73
N PHE EA 213 -47.01 -70.76 -24.69
CA PHE EA 213 -47.64 -71.53 -25.74
C PHE EA 213 -46.65 -72.32 -26.56
N VAL EA 214 -45.61 -71.66 -27.02
CA VAL EA 214 -44.60 -72.31 -27.85
C VAL EA 214 -43.94 -73.48 -27.17
N ASP EA 215 -43.54 -73.29 -25.92
CA ASP EA 215 -42.91 -74.37 -25.19
C ASP EA 215 -43.81 -75.59 -25.10
N SER EA 216 -45.10 -75.38 -24.83
CA SER EA 216 -46.01 -76.51 -24.75
C SER EA 216 -46.19 -77.22 -26.07
N TYR EA 217 -46.31 -76.46 -27.15
CA TYR EA 217 -46.49 -77.07 -28.46
C TYR EA 217 -45.29 -77.93 -28.79
N TYR EA 218 -44.11 -77.38 -28.56
CA TYR EA 218 -42.87 -78.09 -28.79
C TYR EA 218 -42.83 -79.37 -28.00
N ARG EA 219 -43.09 -79.28 -26.71
CA ARG EA 219 -43.09 -80.44 -25.84
C ARG EA 219 -43.94 -81.58 -26.39
N THR EA 220 -45.12 -81.25 -26.91
CA THR EA 220 -46.01 -82.27 -27.45
C THR EA 220 -45.61 -82.76 -28.83
N TRP EA 221 -45.68 -81.88 -29.81
CA TRP EA 221 -45.43 -82.27 -31.18
C TRP EA 221 -43.98 -82.28 -31.61
N GLY EA 222 -43.18 -81.39 -31.03
CA GLY EA 222 -41.78 -81.28 -31.44
C GLY EA 222 -41.66 -80.21 -32.51
N GLY EA 223 -40.42 -79.85 -32.85
CA GLY EA 223 -40.20 -78.78 -33.83
C GLY EA 223 -39.77 -79.24 -35.22
N ARG EA 224 -40.23 -80.41 -35.66
CA ARG EA 224 -39.83 -80.89 -36.98
C ARG EA 224 -40.78 -80.49 -38.10
N TYR EA 225 -41.98 -80.05 -37.76
CA TYR EA 225 -42.93 -79.66 -38.78
C TYR EA 225 -43.32 -78.21 -38.59
N VAL EA 226 -43.67 -77.86 -37.36
CA VAL EA 226 -44.02 -76.48 -37.03
C VAL EA 226 -42.87 -75.76 -36.40
N GLN EA 227 -42.49 -74.65 -37.01
CA GLN EA 227 -41.41 -73.83 -36.51
C GLN EA 227 -41.93 -72.46 -36.11
N PHE EA 228 -41.64 -72.03 -34.90
CA PHE EA 228 -42.07 -70.71 -34.49
C PHE EA 228 -40.90 -69.74 -34.58
N ALA EA 229 -41.19 -68.48 -34.84
CA ALA EA 229 -40.14 -67.49 -35.01
C ALA EA 229 -40.46 -66.16 -34.35
N ILE EA 230 -40.16 -66.07 -33.06
CA ILE EA 230 -40.40 -64.84 -32.32
C ILE EA 230 -39.27 -63.87 -32.54
N GLU EA 231 -39.60 -62.69 -33.05
CA GLU EA 231 -38.60 -61.67 -33.35
C GLU EA 231 -38.99 -60.32 -32.78
N LEU EA 232 -38.42 -59.98 -31.63
CA LEU EA 232 -38.68 -58.71 -30.98
C LEU EA 232 -37.97 -57.58 -31.70
N LYS EA 233 -38.76 -56.73 -32.38
CA LYS EA 233 -38.18 -55.65 -33.19
C LYS EA 233 -38.85 -54.30 -32.99
N ASP EA 234 -38.14 -53.23 -33.31
CA ASP EA 234 -38.69 -51.88 -33.23
C ASP EA 234 -39.58 -51.54 -34.40
N ASP EA 235 -40.60 -50.74 -34.14
CA ASP EA 235 -41.53 -50.30 -35.16
C ASP EA 235 -41.41 -48.79 -35.41
N ASP FA 3 -28.37 -80.74 14.62
CA ASP FA 3 -27.52 -79.81 15.35
C ASP FA 3 -26.55 -79.13 14.42
N LYS FA 4 -27.07 -78.33 13.50
CA LYS FA 4 -26.21 -77.63 12.55
C LYS FA 4 -26.31 -76.12 12.70
N ASP FA 5 -25.20 -75.44 12.48
CA ASP FA 5 -25.20 -73.99 12.54
C ASP FA 5 -25.66 -73.43 11.20
N LEU FA 6 -26.65 -72.56 11.23
CA LEU FA 6 -27.17 -71.99 10.00
C LEU FA 6 -26.72 -70.54 9.87
N LEU FA 7 -27.13 -69.70 10.82
CA LEU FA 7 -26.75 -68.28 10.79
C LEU FA 7 -26.13 -67.82 12.11
N LYS FA 8 -25.24 -66.83 12.02
CA LYS FA 8 -24.59 -66.28 13.22
C LYS FA 8 -24.46 -64.76 13.16
N GLY FA 9 -24.48 -64.13 14.32
CA GLY FA 9 -24.27 -62.68 14.38
C GLY FA 9 -25.49 -61.89 13.94
N LEU FA 10 -26.66 -62.47 14.09
CA LEU FA 10 -27.88 -61.80 13.66
C LEU FA 10 -28.33 -60.80 14.68
N ASP FA 11 -29.00 -59.76 14.22
CA ASP FA 11 -29.55 -58.84 15.18
C ASP FA 11 -30.92 -59.40 15.56
N GLN FA 12 -31.60 -58.73 16.46
CA GLN FA 12 -32.88 -59.23 16.94
C GLN FA 12 -33.94 -59.37 15.86
N GLU FA 13 -34.10 -58.34 15.05
CA GLU FA 13 -35.10 -58.34 13.98
C GLU FA 13 -34.87 -59.46 12.99
N GLN FA 14 -33.65 -59.56 12.49
CA GLN FA 14 -33.27 -60.55 11.52
C GLN FA 14 -33.53 -61.94 12.03
N ALA FA 15 -33.11 -62.19 13.28
CA ALA FA 15 -33.27 -63.51 13.87
C ALA FA 15 -34.72 -63.93 13.88
N ASN FA 16 -35.60 -63.05 14.32
CA ASN FA 16 -37.01 -63.41 14.39
C ASN FA 16 -37.64 -63.58 13.00
N GLU FA 17 -37.19 -62.79 12.02
CA GLU FA 17 -37.72 -62.92 10.68
C GLU FA 17 -37.36 -64.23 10.02
N VAL FA 18 -36.10 -64.63 10.15
CA VAL FA 18 -35.65 -65.88 9.55
C VAL FA 18 -36.39 -67.04 10.16
N ILE FA 19 -36.53 -67.03 11.47
CA ILE FA 19 -37.23 -68.08 12.16
C ILE FA 19 -38.66 -68.22 11.68
N ALA FA 20 -39.34 -67.08 11.51
CA ALA FA 20 -40.71 -67.10 11.03
C ALA FA 20 -40.83 -67.88 9.74
N VAL FA 21 -39.92 -67.62 8.81
CA VAL FA 21 -39.92 -68.31 7.51
C VAL FA 21 -39.71 -69.81 7.66
N LEU FA 22 -38.74 -70.19 8.47
CA LEU FA 22 -38.44 -71.60 8.64
C LEU FA 22 -39.62 -72.35 9.22
N GLN FA 23 -40.30 -71.74 10.20
CA GLN FA 23 -41.45 -72.37 10.80
C GLN FA 23 -42.57 -72.52 9.80
N MET FA 24 -42.77 -71.49 8.99
CA MET FA 24 -43.78 -71.53 7.94
C MET FA 24 -43.58 -72.72 7.01
N HIS FA 25 -42.32 -73.07 6.75
CA HIS FA 25 -42.03 -74.21 5.91
C HIS FA 25 -41.76 -75.50 6.66
N ASN FA 26 -42.29 -75.60 7.88
CA ASN FA 26 -42.19 -76.80 8.69
C ASN FA 26 -40.79 -77.15 9.17
N ILE FA 27 -40.05 -76.13 9.62
CA ILE FA 27 -38.71 -76.35 10.17
C ILE FA 27 -38.56 -75.72 11.55
N GLU FA 28 -38.24 -76.53 12.55
CA GLU FA 28 -37.99 -76.01 13.90
C GLU FA 28 -36.66 -75.29 13.91
N ALA FA 29 -36.54 -74.25 14.72
CA ALA FA 29 -35.29 -73.50 14.77
C ALA FA 29 -35.02 -72.96 16.16
N ASN FA 30 -33.75 -72.94 16.53
CA ASN FA 30 -33.35 -72.46 17.84
C ASN FA 30 -32.74 -71.09 17.73
N LYS FA 31 -33.13 -70.18 18.62
CA LYS FA 31 -32.52 -68.87 18.66
C LYS FA 31 -31.58 -68.81 19.85
N ILE FA 32 -30.30 -68.64 19.59
CA ILE FA 32 -29.31 -68.63 20.64
C ILE FA 32 -28.75 -67.25 20.89
N ASP FA 33 -28.90 -66.79 22.11
CA ASP FA 33 -28.39 -65.50 22.53
C ASP FA 33 -26.94 -65.58 22.98
N SER FA 34 -26.03 -65.04 22.18
CA SER FA 34 -24.61 -65.06 22.51
C SER FA 34 -24.12 -63.69 23.00
N GLY FA 35 -25.03 -62.90 23.57
CA GLY FA 35 -24.69 -61.61 24.12
C GLY FA 35 -24.28 -60.63 23.05
N LYS FA 36 -23.12 -60.00 23.26
CA LYS FA 36 -22.57 -59.03 22.34
C LYS FA 36 -22.30 -59.57 20.95
N LEU FA 37 -22.24 -60.89 20.81
CA LEU FA 37 -21.97 -61.48 19.52
C LEU FA 37 -23.23 -61.67 18.68
N GLY FA 38 -24.40 -61.34 19.23
CA GLY FA 38 -25.64 -61.43 18.47
C GLY FA 38 -26.34 -62.77 18.62
N TYR FA 39 -27.26 -63.04 17.69
CA TYR FA 39 -28.02 -64.26 17.74
C TYR FA 39 -27.56 -65.29 16.72
N SER FA 40 -27.74 -66.54 17.07
CA SER FA 40 -27.40 -67.61 16.16
C SER FA 40 -28.59 -68.52 15.97
N ILE FA 41 -28.74 -69.02 14.75
CA ILE FA 41 -29.84 -69.92 14.46
C ILE FA 41 -29.34 -71.29 14.10
N THR FA 42 -29.85 -72.29 14.82
CA THR FA 42 -29.46 -73.66 14.54
C THR FA 42 -30.65 -74.53 14.26
N VAL FA 43 -30.43 -75.59 13.48
CA VAL FA 43 -31.52 -76.49 13.10
C VAL FA 43 -31.14 -77.94 13.21
N ALA FA 44 -32.15 -78.80 13.23
CA ALA FA 44 -31.92 -80.23 13.26
C ALA FA 44 -31.30 -80.67 11.96
N GLU FA 45 -30.34 -81.59 12.05
CA GLU FA 45 -29.65 -82.08 10.87
C GLU FA 45 -30.56 -82.60 9.75
N PRO FA 46 -31.68 -83.30 10.05
CA PRO FA 46 -32.67 -83.77 9.08
C PRO FA 46 -33.28 -82.64 8.26
N ASP FA 47 -33.39 -81.44 8.83
CA ASP FA 47 -33.99 -80.31 8.15
C ASP FA 47 -32.96 -79.42 7.50
N PHE FA 48 -31.73 -79.46 8.00
CA PHE FA 48 -30.65 -78.61 7.53
C PHE FA 48 -30.58 -78.38 6.02
N THR FA 49 -30.75 -79.42 5.22
CA THR FA 49 -30.69 -79.24 3.76
C THR FA 49 -31.78 -78.31 3.28
N ALA FA 50 -32.99 -78.56 3.74
CA ALA FA 50 -34.13 -77.75 3.38
C ALA FA 50 -33.96 -76.34 3.90
N ALA FA 51 -33.45 -76.21 5.12
CA ALA FA 51 -33.26 -74.92 5.73
C ALA FA 51 -32.37 -74.06 4.87
N VAL FA 52 -31.27 -74.63 4.40
CA VAL FA 52 -30.35 -73.90 3.53
C VAL FA 52 -31.03 -73.45 2.27
N TYR FA 53 -31.80 -74.34 1.67
CA TYR FA 53 -32.52 -74.00 0.47
C TYR FA 53 -33.39 -72.77 0.65
N TRP FA 54 -34.13 -72.72 1.76
CA TRP FA 54 -35.01 -71.60 2.02
C TRP FA 54 -34.26 -70.31 2.36
N ILE FA 55 -33.10 -70.41 3.01
CA ILE FA 55 -32.31 -69.21 3.27
C ILE FA 55 -31.93 -68.55 1.96
N LYS FA 56 -31.57 -69.37 0.99
CA LYS FA 56 -31.27 -68.88 -0.34
C LYS FA 56 -32.49 -68.27 -0.99
N THR FA 57 -33.57 -69.05 -1.04
CA THR FA 57 -34.81 -68.64 -1.68
C THR FA 57 -35.34 -67.29 -1.23
N TYR FA 58 -35.32 -67.05 0.07
CA TYR FA 58 -35.84 -65.80 0.60
C TYR FA 58 -34.82 -64.73 0.90
N GLN FA 59 -33.63 -64.80 0.31
CA GLN FA 59 -32.62 -63.77 0.53
C GLN FA 59 -32.38 -63.48 2.02
N LEU FA 60 -32.18 -64.51 2.82
CA LEU FA 60 -32.01 -64.32 4.24
C LEU FA 60 -30.54 -64.34 4.67
N PRO FA 61 -30.22 -63.64 5.76
CA PRO FA 61 -31.02 -62.79 6.61
C PRO FA 61 -31.33 -61.45 5.92
N PRO FA 62 -32.42 -60.80 6.28
CA PRO FA 62 -32.94 -59.54 5.75
C PRO FA 62 -31.97 -58.37 5.85
N ARG FA 63 -32.03 -57.49 4.87
CA ARG FA 63 -31.23 -56.28 4.89
C ARG FA 63 -31.99 -55.23 5.69
N PRO FA 64 -31.34 -54.17 6.15
CA PRO FA 64 -31.91 -53.04 6.84
C PRO FA 64 -32.73 -52.21 5.86
N ARG FA 65 -33.78 -51.57 6.36
CA ARG FA 65 -34.68 -50.80 5.51
C ARG FA 65 -34.04 -49.52 5.00
N VAL FA 66 -34.20 -49.28 3.71
CA VAL FA 66 -33.64 -48.11 3.05
C VAL FA 66 -34.60 -46.96 2.94
N GLU FA 67 -34.16 -45.82 3.44
CA GLU FA 67 -34.92 -44.59 3.42
C GLU FA 67 -34.04 -43.49 2.85
N ILE FA 68 -34.62 -42.58 2.08
CA ILE FA 68 -33.84 -41.59 1.35
C ILE FA 68 -32.97 -40.69 2.21
N ALA FA 69 -33.50 -40.24 3.34
CA ALA FA 69 -32.77 -39.35 4.23
C ALA FA 69 -31.48 -39.95 4.77
N GLN FA 70 -31.32 -41.26 4.68
CA GLN FA 70 -30.13 -41.89 5.19
C GLN FA 70 -28.90 -41.52 4.38
N MET FA 71 -29.10 -41.01 3.16
CA MET FA 71 -27.98 -40.62 2.32
C MET FA 71 -27.76 -39.13 2.24
N PHE FA 72 -28.46 -38.35 3.05
CA PHE FA 72 -28.26 -36.90 3.05
C PHE FA 72 -28.37 -36.40 4.47
N PRO FA 73 -27.43 -36.79 5.35
CA PRO FA 73 -27.39 -36.55 6.78
C PRO FA 73 -27.15 -35.09 7.15
N ALA FA 74 -27.72 -34.72 8.31
CA ALA FA 74 -27.62 -33.36 8.85
C ALA FA 74 -26.24 -33.08 9.41
N ASP FA 75 -25.42 -34.12 9.54
CA ASP FA 75 -24.07 -33.98 10.04
C ASP FA 75 -23.17 -33.25 9.05
N SER FA 76 -23.59 -33.11 7.79
CA SER FA 76 -22.78 -32.38 6.83
C SER FA 76 -22.62 -30.94 7.23
N LEU FA 77 -21.42 -30.43 7.02
CA LEU FA 77 -21.07 -29.05 7.36
C LEU FA 77 -21.81 -28.05 6.48
N VAL FA 78 -22.15 -28.48 5.28
CA VAL FA 78 -22.85 -27.64 4.32
C VAL FA 78 -24.05 -28.39 3.79
N SER FA 79 -24.95 -27.67 3.13
CA SER FA 79 -26.13 -28.29 2.55
C SER FA 79 -26.46 -27.65 1.23
N SER FA 80 -27.40 -28.23 0.52
CA SER FA 80 -27.82 -27.71 -0.75
C SER FA 80 -29.30 -27.90 -0.85
N PRO FA 81 -30.00 -27.08 -1.64
CA PRO FA 81 -31.41 -27.13 -1.92
C PRO FA 81 -31.82 -28.52 -2.31
N ARG FA 82 -30.99 -29.16 -3.11
CA ARG FA 82 -31.24 -30.50 -3.57
C ARG FA 82 -31.33 -31.45 -2.40
N ALA FA 83 -30.32 -31.41 -1.54
CA ALA FA 83 -30.29 -32.28 -0.39
C ALA FA 83 -31.42 -32.01 0.57
N GLU FA 84 -31.69 -30.74 0.84
CA GLU FA 84 -32.71 -30.39 1.80
C GLU FA 84 -34.09 -30.80 1.35
N LYS FA 85 -34.40 -30.61 0.07
CA LYS FA 85 -35.70 -30.99 -0.42
C LYS FA 85 -35.87 -32.50 -0.34
N ALA FA 86 -34.80 -33.25 -0.64
CA ALA FA 86 -34.84 -34.70 -0.55
C ALA FA 86 -35.11 -35.14 0.88
N ARG FA 87 -34.42 -34.52 1.84
CA ARG FA 87 -34.62 -34.85 3.24
C ARG FA 87 -36.05 -34.70 3.66
N LEU FA 88 -36.67 -33.59 3.26
CA LEU FA 88 -38.05 -33.36 3.59
C LEU FA 88 -38.97 -34.42 3.06
N TYR FA 89 -38.84 -34.76 1.78
CA TYR FA 89 -39.71 -35.77 1.20
C TYR FA 89 -39.57 -37.10 1.87
N SER FA 90 -38.35 -37.44 2.28
CA SER FA 90 -38.12 -38.70 2.96
C SER FA 90 -38.97 -38.77 4.22
N ALA FA 91 -38.93 -37.69 5.00
CA ALA FA 91 -39.70 -37.61 6.23
C ALA FA 91 -41.18 -37.72 5.96
N ILE FA 92 -41.64 -37.05 4.90
CA ILE FA 92 -43.05 -37.08 4.57
C ILE FA 92 -43.52 -38.49 4.24
N GLU FA 93 -42.75 -39.25 3.46
CA GLU FA 93 -43.17 -40.61 3.16
C GLU FA 93 -43.32 -41.41 4.44
N GLN FA 94 -42.36 -41.26 5.34
CA GLN FA 94 -42.40 -41.99 6.60
C GLN FA 94 -43.63 -41.64 7.40
N ARG FA 95 -43.95 -40.37 7.43
CA ARG FA 95 -45.07 -39.88 8.20
C ARG FA 95 -46.38 -40.38 7.62
N LEU FA 96 -46.48 -40.46 6.30
CA LEU FA 96 -47.68 -41.00 5.68
C LEU FA 96 -47.84 -42.48 5.97
N GLU FA 97 -46.74 -43.23 6.02
CA GLU FA 97 -46.82 -44.64 6.36
C GLU FA 97 -47.32 -44.82 7.78
N GLN FA 98 -46.84 -43.97 8.68
CA GLN FA 98 -47.27 -44.03 10.06
C GLN FA 98 -48.76 -43.80 10.17
N SER FA 99 -49.31 -42.93 9.33
CA SER FA 99 -50.74 -42.66 9.35
C SER FA 99 -51.58 -43.80 8.78
N LEU FA 100 -51.20 -44.35 7.63
CA LEU FA 100 -52.02 -45.40 7.03
C LEU FA 100 -52.11 -46.64 7.88
N GLN FA 101 -51.06 -46.93 8.62
CA GLN FA 101 -51.06 -48.12 9.47
C GLN FA 101 -51.97 -48.00 10.68
N THR FA 102 -52.60 -46.83 10.90
CA THR FA 102 -53.53 -46.68 12.00
C THR FA 102 -54.96 -46.82 11.54
N MET FA 103 -55.18 -46.96 10.22
CA MET FA 103 -56.54 -47.11 9.73
C MET FA 103 -57.08 -48.49 10.07
N GLU FA 104 -58.39 -48.54 10.30
CA GLU FA 104 -59.06 -49.76 10.66
C GLU FA 104 -58.86 -50.86 9.64
N GLY FA 105 -58.37 -51.99 10.10
CA GLY FA 105 -58.18 -53.16 9.25
C GLY FA 105 -56.81 -53.21 8.58
N VAL FA 106 -56.01 -52.14 8.69
CA VAL FA 106 -54.71 -52.16 8.04
C VAL FA 106 -53.67 -52.74 8.95
N LEU FA 107 -52.96 -53.73 8.44
CA LEU FA 107 -51.91 -54.41 9.18
C LEU FA 107 -50.56 -53.82 8.81
N SER FA 108 -50.40 -53.49 7.54
CA SER FA 108 -49.14 -52.91 7.06
C SER FA 108 -49.32 -52.05 5.84
N ALA FA 109 -48.52 -51.01 5.71
CA ALA FA 109 -48.64 -50.17 4.53
C ALA FA 109 -47.35 -49.45 4.21
N ARG FA 110 -47.09 -49.27 2.90
CA ARG FA 110 -45.89 -48.58 2.43
C ARG FA 110 -46.27 -47.46 1.47
N VAL FA 111 -45.54 -46.35 1.52
CA VAL FA 111 -45.87 -45.18 0.70
C VAL FA 111 -44.69 -44.60 -0.04
N HIS FA 112 -44.91 -44.27 -1.32
CA HIS FA 112 -43.89 -43.63 -2.14
C HIS FA 112 -44.38 -42.33 -2.70
N ILE FA 113 -43.47 -41.36 -2.80
CA ILE FA 113 -43.82 -40.08 -3.41
C ILE FA 113 -42.76 -39.76 -4.44
N SER FA 114 -43.18 -39.18 -5.55
CA SER FA 114 -42.21 -38.82 -6.57
C SER FA 114 -41.31 -37.70 -6.09
N TYR FA 115 -40.14 -37.59 -6.70
CA TYR FA 115 -39.17 -36.57 -6.30
C TYR FA 115 -38.95 -35.57 -7.41
N ASP FA 116 -38.42 -34.42 -7.03
CA ASP FA 116 -38.11 -33.34 -7.94
C ASP FA 116 -36.74 -32.83 -7.60
N ILE FA 117 -35.78 -33.17 -8.42
CA ILE FA 117 -34.41 -32.84 -8.15
C ILE FA 117 -33.86 -31.68 -8.94
N ASP FA 118 -34.49 -31.33 -10.06
CA ASP FA 118 -33.94 -30.21 -10.82
C ASP FA 118 -34.93 -29.42 -11.67
N ALA FA 119 -36.19 -29.28 -11.25
CA ALA FA 119 -37.12 -28.44 -12.02
C ALA FA 119 -36.64 -26.98 -12.00
N GLY FA 120 -36.74 -26.34 -10.83
CA GLY FA 120 -36.32 -24.94 -10.66
C GLY FA 120 -34.88 -24.72 -11.10
N GLU FA 121 -34.02 -25.72 -10.84
CA GLU FA 121 -32.63 -25.71 -11.28
C GLU FA 121 -32.47 -25.40 -12.76
N ASN FA 122 -33.38 -25.91 -13.57
CA ASN FA 122 -33.32 -25.73 -15.01
C ASN FA 122 -34.22 -24.58 -15.49
N GLY FA 123 -34.74 -23.77 -14.58
CA GLY FA 123 -35.63 -22.69 -14.94
C GLY FA 123 -37.05 -23.19 -15.24
N ARG FA 124 -37.36 -24.41 -14.83
CA ARG FA 124 -38.65 -25.00 -15.09
C ARG FA 124 -39.55 -24.98 -13.88
N PRO FA 125 -40.86 -24.99 -14.10
CA PRO FA 125 -41.91 -25.12 -13.11
C PRO FA 125 -41.88 -26.56 -12.65
N PRO FA 126 -42.35 -26.84 -11.43
CA PRO FA 126 -42.40 -28.12 -10.77
C PRO FA 126 -43.42 -29.03 -11.43
N LYS FA 127 -43.20 -30.33 -11.32
CA LYS FA 127 -44.10 -31.29 -11.91
C LYS FA 127 -45.13 -31.75 -10.89
N PRO FA 128 -46.26 -32.29 -11.34
CA PRO FA 128 -47.34 -32.86 -10.56
C PRO FA 128 -46.79 -33.96 -9.70
N VAL FA 129 -47.36 -34.15 -8.53
CA VAL FA 129 -46.86 -35.14 -7.62
C VAL FA 129 -47.51 -36.49 -7.81
N HIS FA 130 -46.70 -37.54 -7.85
CA HIS FA 130 -47.23 -38.88 -8.01
C HIS FA 130 -47.12 -39.63 -6.71
N LEU FA 131 -48.13 -40.42 -6.40
CA LEU FA 131 -48.12 -41.22 -5.18
C LEU FA 131 -48.44 -42.65 -5.45
N SER FA 132 -47.86 -43.54 -4.68
CA SER FA 132 -48.22 -44.94 -4.80
C SER FA 132 -48.15 -45.58 -3.43
N ALA FA 133 -48.95 -46.62 -3.23
CA ALA FA 133 -48.94 -47.24 -1.92
C ALA FA 133 -49.33 -48.68 -1.94
N LEU FA 134 -48.81 -49.41 -0.96
CA LEU FA 134 -49.11 -50.82 -0.79
C LEU FA 134 -49.80 -51.03 0.53
N ALA FA 135 -50.73 -51.98 0.59
CA ALA FA 135 -51.37 -52.21 1.88
C ALA FA 135 -51.80 -53.65 2.08
N VAL FA 136 -51.72 -54.07 3.34
CA VAL FA 136 -52.12 -55.40 3.78
C VAL FA 136 -53.23 -55.29 4.79
N TYR FA 137 -54.35 -55.95 4.51
CA TYR FA 137 -55.51 -55.93 5.39
C TYR FA 137 -55.79 -57.21 6.13
N GLU FA 138 -56.56 -57.06 7.20
CA GLU FA 138 -57.04 -58.21 7.95
C GLU FA 138 -57.89 -59.07 7.05
N ARG FA 139 -57.59 -60.36 7.03
CA ARG FA 139 -58.28 -61.29 6.17
C ARG FA 139 -59.80 -61.26 6.35
N GLY FA 140 -60.51 -61.17 5.23
CA GLY FA 140 -61.96 -61.13 5.21
C GLY FA 140 -62.51 -59.71 5.01
N SER FA 141 -61.62 -58.72 5.09
CA SER FA 141 -61.97 -57.31 4.90
C SER FA 141 -62.36 -56.99 3.44
N PRO FA 142 -63.31 -56.08 3.18
CA PRO FA 142 -63.85 -55.63 1.88
C PRO FA 142 -62.94 -54.66 1.13
N LEU FA 143 -61.78 -55.16 0.73
CA LEU FA 143 -60.72 -54.42 0.03
C LEU FA 143 -61.18 -53.54 -1.12
N ALA FA 144 -62.16 -54.00 -1.88
CA ALA FA 144 -62.66 -53.29 -3.05
C ALA FA 144 -63.29 -51.94 -2.72
N HIS FA 145 -63.60 -51.69 -1.46
CA HIS FA 145 -64.21 -50.44 -1.08
C HIS FA 145 -63.24 -49.63 -0.24
N GLN FA 146 -62.46 -50.33 0.56
CA GLN FA 146 -61.48 -49.70 1.44
C GLN FA 146 -60.45 -48.90 0.69
N ILE FA 147 -60.08 -49.38 -0.49
CA ILE FA 147 -59.15 -48.68 -1.36
C ILE FA 147 -59.54 -47.22 -1.64
N SER FA 148 -60.82 -46.87 -1.54
CA SER FA 148 -61.24 -45.51 -1.82
C SER FA 148 -60.92 -44.56 -0.67
N ASP FA 149 -60.78 -45.08 0.55
CA ASP FA 149 -60.44 -44.23 1.66
C ASP FA 149 -59.01 -43.83 1.57
N ILE FA 150 -58.17 -44.80 1.18
CA ILE FA 150 -56.76 -44.53 1.05
C ILE FA 150 -56.53 -43.47 0.03
N LYS FA 151 -57.17 -43.63 -1.11
CA LYS FA 151 -57.00 -42.74 -2.22
C LYS FA 151 -57.50 -41.33 -1.91
N ARG FA 152 -58.63 -41.22 -1.22
CA ARG FA 152 -59.16 -39.91 -0.86
C ARG FA 152 -58.28 -39.20 0.15
N PHE FA 153 -57.83 -39.95 1.14
CA PHE FA 153 -56.95 -39.44 2.16
C PHE FA 153 -55.70 -38.88 1.57
N LEU FA 154 -55.05 -39.64 0.71
CA LEU FA 154 -53.82 -39.19 0.09
C LEU FA 154 -54.05 -38.01 -0.83
N LYS FA 155 -55.17 -37.96 -1.53
CA LYS FA 155 -55.43 -36.87 -2.46
C LYS FA 155 -55.30 -35.50 -1.81
N ASN FA 156 -55.90 -35.30 -0.64
CA ASN FA 156 -55.75 -34.00 0.00
C ASN FA 156 -54.61 -33.94 1.02
N SER FA 157 -53.70 -34.90 0.97
CA SER FA 157 -52.54 -34.90 1.85
C SER FA 157 -51.33 -34.28 1.18
N PHE FA 158 -51.50 -33.68 0.01
CA PHE FA 158 -50.34 -33.10 -0.62
C PHE FA 158 -50.73 -32.04 -1.65
N ALA FA 159 -49.95 -30.98 -1.68
CA ALA FA 159 -50.12 -29.77 -2.50
C ALA FA 159 -50.81 -29.95 -3.84
N ASP FA 160 -50.41 -30.93 -4.65
CA ASP FA 160 -51.05 -31.04 -5.95
C ASP FA 160 -50.98 -32.44 -6.55
N VAL FA 161 -51.97 -33.24 -6.23
CA VAL FA 161 -52.10 -34.59 -6.77
C VAL FA 161 -53.50 -34.73 -7.32
N ASP FA 162 -53.80 -35.86 -7.90
CA ASP FA 162 -55.14 -36.10 -8.42
C ASP FA 162 -55.44 -37.59 -8.45
N TYR FA 163 -56.67 -37.96 -8.75
CA TYR FA 163 -57.07 -39.36 -8.71
C TYR FA 163 -56.49 -40.23 -9.83
N ASP FA 164 -55.78 -39.63 -10.79
CA ASP FA 164 -55.17 -40.43 -11.84
C ASP FA 164 -53.70 -40.65 -11.57
N ASN FA 165 -53.15 -39.91 -10.61
CA ASN FA 165 -51.74 -40.03 -10.31
C ASN FA 165 -51.48 -40.62 -8.95
N ILE FA 166 -52.47 -41.31 -8.41
CA ILE FA 166 -52.35 -42.02 -7.15
C ILE FA 166 -52.69 -43.49 -7.36
N SER FA 167 -51.72 -44.36 -7.11
CA SER FA 167 -51.99 -45.78 -7.31
C SER FA 167 -51.91 -46.58 -6.03
N VAL FA 168 -52.90 -47.44 -5.83
CA VAL FA 168 -52.93 -48.27 -4.64
C VAL FA 168 -53.06 -49.74 -4.99
N VAL FA 169 -52.10 -50.53 -4.53
CA VAL FA 169 -52.12 -51.97 -4.74
C VAL FA 169 -52.17 -52.63 -3.38
N LEU FA 170 -53.13 -53.51 -3.20
CA LEU FA 170 -53.31 -54.09 -1.89
C LEU FA 170 -53.85 -55.50 -1.87
N SER FA 171 -53.78 -56.11 -0.70
CA SER FA 171 -54.28 -57.46 -0.47
C SER FA 171 -54.51 -57.71 1.00
N GLU FA 172 -54.53 -58.99 1.39
CA GLU FA 172 -54.78 -59.35 2.78
C GLU FA 172 -53.87 -60.47 3.23
N ARG FA 173 -53.75 -60.62 4.53
CA ARG FA 173 -52.85 -61.63 5.10
C ARG FA 173 -53.27 -63.06 4.77
N SER FA 174 -52.29 -63.96 4.87
CA SER FA 174 -52.48 -65.40 4.65
C SER FA 174 -52.94 -66.12 5.92
N ASP FA 175 -53.17 -67.43 5.79
CA ASP FA 175 -53.59 -68.27 6.90
C ASP FA 175 -52.49 -68.31 7.96
N ALA FA 176 -52.80 -67.78 9.15
CA ALA FA 176 -51.82 -67.66 10.22
C ALA FA 176 -51.20 -68.98 10.64
N GLN FA 177 -49.88 -68.97 10.79
CA GLN FA 177 -49.19 -70.18 11.21
C GLN FA 177 -49.24 -70.28 12.70
N LEU FA 178 -50.28 -70.93 13.19
CA LEU FA 178 -50.50 -71.06 14.62
C LEU FA 178 -50.06 -72.42 15.19
N GLN FA 179 -49.40 -73.24 14.37
CA GLN FA 179 -49.00 -74.58 14.82
C GLN FA 179 -47.50 -74.80 14.70
N ALA FA 180 -46.94 -75.50 15.67
CA ALA FA 180 -45.51 -75.80 15.65
C ALA FA 180 -45.20 -76.84 14.57
N PRO FA 181 -44.08 -76.71 13.87
CA PRO FA 181 -43.54 -77.61 12.84
C PRO FA 181 -43.39 -79.06 13.29
N GLY FA 182 -42.88 -79.26 14.50
CA GLY FA 182 -42.69 -80.60 15.04
C GLY FA 182 -41.26 -81.06 14.85
N THR FA 183 -40.86 -82.03 15.65
CA THR FA 183 -39.50 -82.57 15.59
C THR FA 183 -39.42 -83.69 14.56
N PRO FA 184 -38.21 -84.07 14.16
CA PRO FA 184 -37.89 -85.16 13.25
C PRO FA 184 -38.15 -86.49 13.91
N VAL FA 185 -38.41 -87.51 13.12
CA VAL FA 185 -38.69 -88.84 13.65
C VAL FA 185 -37.42 -89.64 13.86
N LYS FA 186 -37.08 -89.88 15.12
CA LYS FA 186 -35.92 -90.67 15.48
C LYS FA 186 -35.85 -90.84 16.99
N ALA GA 42 -45.42 -95.17 13.67
CA ALA GA 42 -45.42 -93.79 13.19
C ALA GA 42 -46.60 -93.55 12.27
N GLU GA 43 -47.81 -93.61 12.82
CA GLU GA 43 -49.00 -93.37 12.02
C GLU GA 43 -48.93 -92.01 11.37
N LEU GA 44 -49.12 -91.99 10.05
CA LEU GA 44 -49.03 -90.77 9.26
C LEU GA 44 -49.90 -89.64 9.79
N ASP GA 45 -51.08 -89.97 10.29
CA ASP GA 45 -51.96 -88.95 10.84
C ASP GA 45 -51.31 -88.19 11.99
N SER GA 46 -50.47 -88.86 12.77
CA SER GA 46 -49.80 -88.21 13.88
C SER GA 46 -48.53 -87.52 13.42
N LEU GA 47 -48.00 -87.96 12.28
CA LEU GA 47 -46.82 -87.32 11.72
C LEU GA 47 -47.15 -85.95 11.14
N LEU GA 48 -48.34 -85.83 10.56
CA LEU GA 48 -48.82 -84.56 10.01
C LEU GA 48 -49.25 -83.62 11.13
N GLY GA 49 -49.29 -82.32 10.83
CA GLY GA 49 -49.62 -81.24 11.77
C GLY GA 49 -50.75 -81.47 12.79
N GLN GA 50 -50.80 -80.60 13.81
CA GLN GA 50 -51.79 -80.67 14.89
C GLN GA 50 -53.21 -80.63 14.37
N GLU GA 51 -53.47 -79.75 13.42
CA GLU GA 51 -54.79 -79.69 12.84
C GLU GA 51 -54.87 -80.69 11.73
N LYS GA 52 -55.08 -81.94 12.11
CA LYS GA 52 -55.15 -83.06 11.19
C LYS GA 52 -56.23 -82.94 10.13
N GLU GA 53 -57.19 -82.05 10.33
CA GLU GA 53 -58.28 -81.86 9.40
C GLU GA 53 -57.86 -81.06 8.16
N ARG GA 54 -56.60 -80.64 8.09
CA ARG GA 54 -56.09 -79.96 6.92
C ARG GA 54 -55.71 -80.94 5.83
N PHE GA 55 -55.61 -82.22 6.18
CA PHE GA 55 -55.18 -83.22 5.20
C PHE GA 55 -56.12 -84.38 5.10
N GLN GA 56 -56.25 -84.94 3.92
CA GLN GA 56 -57.05 -86.13 3.77
C GLN GA 56 -56.17 -87.29 3.33
N VAL GA 57 -55.89 -88.19 4.25
CA VAL GA 57 -55.05 -89.33 3.91
C VAL GA 57 -55.88 -90.37 3.17
N LEU GA 58 -55.34 -90.83 2.04
CA LEU GA 58 -56.02 -91.76 1.17
C LEU GA 58 -55.23 -93.05 1.00
N PRO GA 59 -55.88 -94.19 0.91
CA PRO GA 59 -55.18 -95.48 0.77
C PRO GA 59 -55.28 -96.00 -0.64
N GLY GA 60 -54.26 -95.74 -1.45
CA GLY GA 60 -54.27 -96.16 -2.85
C GLY GA 60 -54.14 -97.67 -3.01
N ARG GA 61 -54.73 -98.18 -4.08
CA ARG GA 61 -54.71 -99.62 -4.38
C ARG GA 61 -53.32 -100.10 -4.79
N ASP GA 62 -52.43 -99.16 -5.10
CA ASP GA 62 -51.05 -99.44 -5.44
C ASP GA 62 -50.14 -99.53 -4.22
N LYS GA 63 -50.73 -99.62 -3.01
CA LYS GA 63 -49.99 -99.70 -1.75
C LYS GA 63 -49.27 -98.42 -1.37
N MET GA 64 -49.66 -97.31 -2.00
CA MET GA 64 -49.09 -96.03 -1.66
C MET GA 64 -50.10 -95.23 -0.88
N LEU GA 65 -49.65 -94.69 0.24
CA LEU GA 65 -50.52 -93.92 1.09
C LEU GA 65 -50.42 -92.46 0.63
N TYR GA 66 -51.55 -91.91 0.22
CA TYR GA 66 -51.55 -90.58 -0.35
C TYR GA 66 -51.99 -89.50 0.63
N VAL GA 67 -51.43 -88.31 0.47
CA VAL GA 67 -51.83 -87.19 1.32
C VAL GA 67 -52.44 -86.08 0.51
N ALA GA 68 -53.76 -85.95 0.55
CA ALA GA 68 -54.38 -84.89 -0.23
C ALA GA 68 -54.33 -83.57 0.50
N ALA GA 69 -53.74 -82.59 -0.15
CA ALA GA 69 -53.62 -81.25 0.40
C ALA GA 69 -54.42 -80.28 -0.46
N GLN GA 70 -55.00 -79.27 0.18
CA GLN GA 70 -55.82 -78.28 -0.51
C GLN GA 70 -55.08 -77.01 -0.88
N ASN GA 71 -53.83 -76.91 -0.49
CA ASN GA 71 -53.05 -75.70 -0.74
C ASN GA 71 -51.57 -76.00 -0.82
N GLU GA 72 -50.86 -75.32 -1.71
CA GLU GA 72 -49.42 -75.53 -1.89
C GLU GA 72 -48.60 -75.36 -0.61
N ARG GA 73 -49.11 -74.63 0.38
CA ARG GA 73 -48.40 -74.50 1.64
C ARG GA 73 -48.51 -75.78 2.44
N ASP GA 74 -49.62 -76.49 2.26
CA ASP GA 74 -49.87 -77.71 2.96
C ASP GA 74 -49.19 -78.83 2.19
N THR GA 75 -49.10 -78.65 0.87
CA THR GA 75 -48.41 -79.58 0.03
C THR GA 75 -46.97 -79.66 0.48
N LEU GA 76 -46.34 -78.50 0.61
CA LEU GA 76 -44.97 -78.45 1.07
C LEU GA 76 -44.83 -78.97 2.49
N TRP GA 77 -45.77 -78.63 3.35
CA TRP GA 77 -45.75 -79.11 4.73
C TRP GA 77 -45.59 -80.62 4.77
N ALA GA 78 -46.50 -81.31 4.08
CA ALA GA 78 -46.52 -82.76 4.02
C ALA GA 78 -45.26 -83.31 3.38
N ARG GA 79 -44.74 -82.66 2.35
CA ARG GA 79 -43.53 -83.14 1.71
C ARG GA 79 -42.36 -83.05 2.67
N GLN GA 80 -42.32 -82.00 3.47
CA GLN GA 80 -41.25 -81.87 4.45
C GLN GA 80 -41.37 -82.95 5.49
N VAL GA 81 -42.60 -83.32 5.86
CA VAL GA 81 -42.79 -84.41 6.81
C VAL GA 81 -42.22 -85.70 6.29
N LEU GA 82 -42.50 -86.01 5.03
CA LEU GA 82 -41.99 -87.24 4.44
C LEU GA 82 -40.45 -87.26 4.34
N ALA GA 83 -39.85 -86.11 4.06
CA ALA GA 83 -38.40 -86.02 3.96
C ALA GA 83 -37.71 -85.93 5.34
N ARG GA 84 -38.36 -85.25 6.29
CA ARG GA 84 -37.81 -85.04 7.63
C ARG GA 84 -37.96 -86.24 8.52
N GLY GA 85 -39.19 -86.71 8.63
CA GLY GA 85 -39.50 -87.84 9.48
C GLY GA 85 -39.42 -89.11 8.68
N ASP GA 86 -40.21 -90.09 9.06
CA ASP GA 86 -40.17 -91.33 8.34
C ASP GA 86 -41.46 -92.08 8.46
N TYR GA 87 -41.67 -92.96 7.52
CA TYR GA 87 -42.82 -93.81 7.46
C TYR GA 87 -42.49 -94.94 6.50
N ASP GA 88 -42.38 -96.16 7.03
CA ASP GA 88 -42.01 -97.31 6.23
C ASP GA 88 -43.12 -97.79 5.31
N LYS GA 89 -43.36 -97.04 4.25
CA LYS GA 89 -44.38 -97.36 3.27
C LYS GA 89 -44.41 -96.32 2.17
N ASN GA 90 -44.70 -96.76 0.96
CA ASN GA 90 -44.84 -95.84 -0.16
C ASN GA 90 -45.78 -94.73 0.21
N ALA GA 91 -45.44 -93.51 -0.15
CA ALA GA 91 -46.29 -92.38 0.16
C ALA GA 91 -46.11 -91.27 -0.86
N ARG GA 92 -47.15 -90.48 -1.07
CA ARG GA 92 -47.08 -89.41 -2.06
C ARG GA 92 -48.14 -88.33 -1.83
N VAL GA 93 -47.70 -87.09 -1.81
CA VAL GA 93 -48.59 -85.95 -1.58
C VAL GA 93 -49.33 -85.55 -2.85
N ILE GA 94 -50.65 -85.40 -2.71
CA ILE GA 94 -51.54 -85.01 -3.79
C ILE GA 94 -51.89 -83.53 -3.77
N ASN GA 95 -51.81 -82.92 -4.94
CA ASN GA 95 -52.16 -81.53 -5.13
C ASN GA 95 -53.06 -81.39 -6.33
N GLU GA 96 -54.28 -80.92 -6.07
CA GLU GA 96 -55.33 -80.77 -7.09
C GLU GA 96 -54.86 -80.23 -8.44
N ASN GA 97 -54.10 -79.15 -8.44
CA ASN GA 97 -53.63 -78.60 -9.70
C ASN GA 97 -52.54 -79.43 -10.32
N GLU GA 98 -51.66 -79.99 -9.48
CA GLU GA 98 -50.57 -80.80 -10.02
C GLU GA 98 -51.11 -82.06 -10.66
N GLU GA 99 -52.16 -82.62 -10.05
CA GLU GA 99 -52.76 -83.82 -10.59
C GLU GA 99 -53.54 -83.53 -11.82
N ASN GA 100 -54.21 -82.39 -11.85
CA ASN GA 100 -54.95 -82.01 -13.03
C ASN GA 100 -53.98 -81.93 -14.21
N LYS GA 101 -52.82 -81.32 -13.97
CA LYS GA 101 -51.79 -81.22 -14.99
C LYS GA 101 -51.21 -82.56 -15.40
N ARG GA 102 -50.85 -83.41 -14.43
CA ARG GA 102 -50.30 -84.72 -14.73
C ARG GA 102 -51.17 -85.50 -15.66
N ILE GA 103 -52.47 -85.51 -15.35
CA ILE GA 103 -53.43 -86.19 -16.17
C ILE GA 103 -53.52 -85.60 -17.54
N SER GA 104 -53.60 -84.26 -17.64
CA SER GA 104 -53.73 -83.63 -18.94
C SER GA 104 -52.57 -83.94 -19.87
N ILE GA 105 -51.39 -84.18 -19.32
CA ILE GA 105 -50.24 -84.54 -20.14
C ILE GA 105 -50.45 -85.89 -20.80
N TRP GA 106 -50.76 -86.88 -19.98
CA TRP GA 106 -50.98 -88.23 -20.47
C TRP GA 106 -52.14 -88.25 -21.44
N LEU GA 107 -53.18 -87.54 -21.07
CA LEU GA 107 -54.40 -87.49 -21.81
C LEU GA 107 -54.18 -86.92 -23.20
N ASP GA 108 -53.40 -85.85 -23.30
CA ASP GA 108 -53.12 -85.30 -24.63
C ASP GA 108 -52.39 -86.29 -25.54
N THR GA 109 -51.44 -87.06 -24.97
CA THR GA 109 -50.71 -88.04 -25.78
C THR GA 109 -51.56 -89.18 -26.28
N TYR GA 110 -52.38 -89.76 -25.42
CA TYR GA 110 -53.19 -90.90 -25.79
C TYR GA 110 -54.53 -90.54 -26.41
N TYR GA 111 -55.09 -89.43 -25.99
CA TYR GA 111 -56.33 -88.92 -26.54
C TYR GA 111 -56.19 -87.49 -27.06
N PRO GA 112 -55.40 -87.26 -28.11
CA PRO GA 112 -55.16 -85.99 -28.72
C PRO GA 112 -56.44 -85.53 -29.33
N GLN GA 113 -56.62 -84.22 -29.35
CA GLN GA 113 -57.84 -83.57 -29.83
C GLN GA 113 -59.05 -83.74 -28.92
N LEU GA 114 -58.91 -84.41 -27.76
CA LEU GA 114 -60.04 -84.52 -26.84
C LEU GA 114 -60.40 -83.16 -26.29
N ALA GA 115 -61.66 -82.77 -26.41
CA ALA GA 115 -62.06 -81.47 -25.90
C ALA GA 115 -62.61 -81.60 -24.48
N TYR GA 116 -61.90 -81.02 -23.51
CA TYR GA 116 -62.32 -81.13 -22.12
C TYR GA 116 -61.98 -79.88 -21.34
N TYR GA 117 -62.50 -79.79 -20.12
CA TYR GA 117 -62.33 -78.62 -19.28
C TYR GA 117 -61.40 -78.83 -18.10
N ARG GA 118 -61.92 -79.40 -17.03
CA ARG GA 118 -61.10 -79.55 -15.84
C ARG GA 118 -61.62 -80.66 -14.95
N ILE GA 119 -60.71 -81.33 -14.27
CA ILE GA 119 -61.11 -82.38 -13.34
C ILE GA 119 -61.35 -81.80 -11.96
N HIS GA 120 -62.51 -82.07 -11.41
CA HIS GA 120 -62.90 -81.61 -10.11
C HIS GA 120 -62.68 -82.71 -9.12
N PHE GA 121 -61.64 -82.59 -8.32
CA PHE GA 121 -61.31 -83.67 -7.42
C PHE GA 121 -62.21 -83.75 -6.21
N ASP GA 122 -62.56 -82.59 -5.63
CA ASP GA 122 -63.47 -82.48 -4.47
C ASP GA 122 -63.46 -83.69 -3.55
N GLU GA 123 -64.26 -84.71 -3.88
CA GLU GA 123 -64.29 -85.95 -3.12
C GLU GA 123 -63.37 -86.99 -3.77
N PRO GA 124 -62.07 -86.99 -3.39
CA PRO GA 124 -61.00 -87.87 -3.91
C PRO GA 124 -61.47 -89.14 -4.61
N ARG GA 125 -62.29 -89.91 -3.92
CA ARG GA 125 -62.83 -91.18 -4.38
C ARG GA 125 -63.48 -91.16 -5.75
N LYS GA 126 -64.23 -90.11 -6.02
CA LYS GA 126 -64.97 -89.97 -7.25
C LYS GA 126 -64.87 -88.58 -7.86
N PRO GA 127 -63.75 -88.24 -8.52
CA PRO GA 127 -63.48 -86.99 -9.17
C PRO GA 127 -64.37 -86.88 -10.39
N VAL GA 128 -64.71 -85.66 -10.75
CA VAL GA 128 -65.58 -85.40 -11.87
C VAL GA 128 -64.81 -84.83 -13.04
N PHE GA 129 -65.03 -85.41 -14.19
CA PHE GA 129 -64.31 -84.98 -15.38
C PHE GA 129 -65.21 -84.19 -16.32
N TRP GA 130 -65.00 -82.89 -16.44
CA TRP GA 130 -65.84 -82.14 -17.37
C TRP GA 130 -65.32 -82.29 -18.80
N LEU GA 131 -66.24 -82.70 -19.67
CA LEU GA 131 -65.97 -83.00 -21.06
C LEU GA 131 -66.84 -82.14 -21.98
N SER GA 132 -66.29 -81.60 -23.06
CA SER GA 132 -67.12 -80.76 -23.94
C SER GA 132 -68.22 -81.55 -24.63
N ARG GA 133 -69.46 -81.29 -24.22
CA ARG GA 133 -70.63 -81.95 -24.78
C ARG GA 133 -70.76 -81.77 -26.28
N GLN GA 134 -70.55 -80.55 -26.74
CA GLN GA 134 -70.74 -80.21 -28.12
C GLN GA 134 -69.59 -80.59 -29.05
N ARG GA 135 -68.35 -80.49 -28.57
CA ARG GA 135 -67.24 -80.81 -29.45
C ARG GA 135 -66.87 -82.28 -29.53
N ASN GA 136 -67.21 -83.07 -28.52
CA ASN GA 136 -66.85 -84.49 -28.59
C ASN GA 136 -67.99 -85.33 -29.12
N THR GA 137 -67.63 -86.31 -29.95
CA THR GA 137 -68.60 -87.21 -30.58
C THR GA 137 -68.32 -88.66 -30.21
N MET GA 138 -67.67 -88.88 -29.08
CA MET GA 138 -67.35 -90.23 -28.62
C MET GA 138 -68.59 -91.02 -28.26
N SER GA 139 -68.56 -92.32 -28.51
CA SER GA 139 -69.68 -93.19 -28.19
C SER GA 139 -69.66 -93.51 -26.72
N LYS GA 140 -70.77 -94.00 -26.21
CA LYS GA 140 -70.87 -94.38 -24.80
C LYS GA 140 -69.80 -95.38 -24.41
N LYS GA 141 -69.55 -96.36 -25.30
CA LYS GA 141 -68.56 -97.38 -25.05
C LYS GA 141 -67.17 -96.78 -25.00
N GLU GA 142 -66.90 -95.84 -25.90
CA GLU GA 142 -65.61 -95.18 -25.92
C GLU GA 142 -65.40 -94.39 -24.64
N LEU GA 143 -66.46 -93.76 -24.15
CA LEU GA 143 -66.38 -93.00 -22.91
C LEU GA 143 -66.13 -93.92 -21.73
N GLU GA 144 -66.70 -95.12 -21.77
CA GLU GA 144 -66.41 -96.11 -20.73
C GLU GA 144 -64.93 -96.36 -20.65
N VAL GA 145 -64.34 -96.65 -21.80
CA VAL GA 145 -62.91 -96.92 -21.90
C VAL GA 145 -62.09 -95.77 -21.37
N LEU GA 146 -62.46 -94.55 -21.78
CA LEU GA 146 -61.80 -93.35 -21.33
C LEU GA 146 -61.77 -93.27 -19.82
N SER GA 147 -62.92 -93.47 -19.18
CA SER GA 147 -62.96 -93.40 -17.72
C SER GA 147 -62.10 -94.45 -17.09
N GLN GA 148 -62.00 -95.62 -17.73
CA GLN GA 148 -61.16 -96.68 -17.20
C GLN GA 148 -59.69 -96.31 -17.25
N LYS GA 149 -59.29 -95.60 -18.31
CA LYS GA 149 -57.92 -95.17 -18.40
C LYS GA 149 -57.62 -94.14 -17.34
N LEU GA 150 -58.60 -93.28 -17.08
CA LEU GA 150 -58.44 -92.27 -16.05
C LEU GA 150 -58.33 -92.92 -14.68
N ARG GA 151 -59.07 -94.00 -14.47
CA ARG GA 151 -58.99 -94.73 -13.20
C ARG GA 151 -57.59 -95.27 -13.02
N ALA GA 152 -56.99 -95.76 -14.11
CA ALA GA 152 -55.62 -96.25 -14.06
C ALA GA 152 -54.66 -95.14 -13.65
N LEU GA 153 -54.90 -93.93 -14.16
CA LEU GA 153 -54.06 -92.79 -13.82
C LEU GA 153 -54.18 -92.34 -12.38
N MET GA 154 -55.31 -92.64 -11.73
CA MET GA 154 -55.55 -92.26 -10.34
C MET GA 154 -55.74 -93.46 -9.39
N PRO GA 155 -54.63 -94.00 -8.84
CA PRO GA 155 -54.50 -95.14 -7.92
C PRO GA 155 -55.44 -95.11 -6.72
N TYR GA 156 -55.82 -93.91 -6.30
CA TYR GA 156 -56.71 -93.78 -5.15
C TYR GA 156 -58.18 -93.76 -5.53
N ALA GA 157 -58.50 -93.05 -6.60
CA ALA GA 157 -59.87 -92.91 -7.07
C ALA GA 157 -60.47 -94.27 -7.32
N ASP GA 158 -61.73 -94.43 -6.94
CA ASP GA 158 -62.41 -95.68 -7.14
C ASP GA 158 -63.06 -95.70 -8.49
N SER GA 159 -63.58 -94.55 -8.91
CA SER GA 159 -64.20 -94.43 -10.23
C SER GA 159 -64.13 -93.01 -10.70
N VAL GA 160 -64.39 -92.79 -11.98
CA VAL GA 160 -64.35 -91.44 -12.53
C VAL GA 160 -65.69 -91.08 -13.13
N ASN GA 161 -66.20 -89.93 -12.72
CA ASN GA 161 -67.48 -89.49 -13.22
C ASN GA 161 -67.34 -88.53 -14.38
N ILE GA 162 -67.30 -89.07 -15.59
CA ILE GA 162 -67.22 -88.21 -16.76
C ILE GA 162 -68.58 -87.65 -17.08
N THR GA 163 -68.65 -86.34 -17.25
CA THR GA 163 -69.90 -85.70 -17.58
C THR GA 163 -69.69 -84.65 -18.63
N LEU GA 164 -70.71 -84.44 -19.44
CA LEU GA 164 -70.61 -83.55 -20.56
C LEU GA 164 -71.19 -82.18 -20.24
N MET GA 165 -70.41 -81.13 -20.52
CA MET GA 165 -70.79 -79.75 -20.25
C MET GA 165 -71.07 -78.98 -21.53
N ASP GA 166 -72.01 -78.04 -21.47
CA ASP GA 166 -72.34 -77.28 -22.65
C ASP GA 166 -71.47 -76.03 -22.79
N ASP GA 167 -70.65 -76.02 -23.85
CA ASP GA 167 -69.73 -74.94 -24.17
C ASP GA 167 -70.34 -73.54 -24.09
N VAL GA 168 -71.61 -73.45 -24.47
CA VAL GA 168 -72.32 -72.18 -24.46
C VAL GA 168 -72.46 -71.62 -23.07
N THR GA 169 -72.72 -72.48 -22.09
CA THR GA 169 -72.94 -72.00 -20.74
C THR GA 169 -71.62 -71.58 -20.13
N ALA GA 170 -70.53 -72.21 -20.56
CA ALA GA 170 -69.21 -71.80 -20.08
C ALA GA 170 -68.92 -70.39 -20.52
N ALA GA 171 -69.13 -70.13 -21.81
CA ALA GA 171 -68.90 -68.81 -22.37
C ALA GA 171 -69.85 -67.78 -21.79
N GLY GA 172 -71.11 -68.18 -21.62
CA GLY GA 172 -72.13 -67.29 -21.09
C GLY GA 172 -71.76 -66.77 -19.72
N GLN GA 173 -71.32 -67.66 -18.84
CA GLN GA 173 -70.92 -67.26 -17.50
C GLN GA 173 -69.72 -66.34 -17.53
N ALA GA 174 -68.75 -66.65 -18.38
CA ALA GA 174 -67.55 -65.83 -18.49
C ALA GA 174 -67.90 -64.40 -18.81
N GLU GA 175 -68.73 -64.19 -19.83
CA GLU GA 175 -69.08 -62.85 -20.23
C GLU GA 175 -70.01 -62.18 -19.25
N ALA GA 176 -71.00 -62.91 -18.75
CA ALA GA 176 -71.96 -62.34 -17.82
C ALA GA 176 -71.31 -61.73 -16.60
N GLY GA 177 -70.43 -62.49 -15.97
CA GLY GA 177 -69.76 -61.99 -14.77
C GLY GA 177 -68.85 -60.81 -15.11
N LEU GA 178 -68.16 -60.91 -16.24
CA LEU GA 178 -67.26 -59.88 -16.70
C LEU GA 178 -67.97 -58.54 -16.86
N LYS GA 179 -69.13 -58.55 -17.51
CA LYS GA 179 -69.88 -57.32 -17.67
C LYS GA 179 -70.61 -56.91 -16.40
N GLN GA 180 -70.93 -57.86 -15.51
CA GLN GA 180 -71.54 -57.52 -14.22
C GLN GA 180 -70.61 -56.63 -13.41
N GLN GA 181 -69.31 -56.92 -13.49
CA GLN GA 181 -68.28 -56.14 -12.83
C GLN GA 181 -68.04 -54.76 -13.48
N ALA GA 182 -68.79 -54.43 -14.54
CA ALA GA 182 -68.69 -53.17 -15.26
C ALA GA 182 -67.34 -53.00 -15.93
N LEU GA 183 -66.75 -54.11 -16.36
CA LEU GA 183 -65.45 -54.05 -17.01
C LEU GA 183 -65.62 -53.91 -18.50
N PRO GA 184 -64.74 -53.16 -19.17
CA PRO GA 184 -64.65 -52.97 -20.59
C PRO GA 184 -63.98 -54.19 -21.18
N TYR GA 185 -64.43 -54.64 -22.34
CA TYR GA 185 -63.81 -55.80 -22.95
C TYR GA 185 -64.25 -55.97 -24.37
N SER GA 186 -63.58 -56.85 -25.08
CA SER GA 186 -63.99 -57.18 -26.43
C SER GA 186 -63.84 -58.69 -26.62
N ARG GA 187 -64.96 -59.32 -26.94
CA ARG GA 187 -65.02 -60.76 -27.11
C ARG GA 187 -64.45 -61.22 -28.44
N ARG GA 188 -63.76 -62.36 -28.41
CA ARG GA 188 -63.16 -62.96 -29.60
C ARG GA 188 -63.58 -64.39 -29.80
N ASN GA 189 -64.66 -64.61 -30.52
CA ASN GA 189 -65.09 -65.97 -30.77
C ASN GA 189 -64.27 -66.56 -31.89
N HIS GA 190 -63.82 -67.78 -31.71
CA HIS GA 190 -63.09 -68.46 -32.78
C HIS GA 190 -63.33 -69.94 -32.69
N LYS GA 191 -63.00 -70.67 -33.73
CA LYS GA 191 -63.25 -72.08 -33.68
C LYS GA 191 -62.41 -72.69 -32.57
N GLY GA 192 -63.08 -73.39 -31.66
CA GLY GA 192 -62.40 -74.05 -30.56
C GLY GA 192 -62.29 -73.23 -29.27
N GLY GA 193 -62.72 -71.98 -29.26
CA GLY GA 193 -62.61 -71.22 -28.01
C GLY GA 193 -63.05 -69.77 -28.09
N VAL GA 194 -62.82 -69.04 -27.01
CA VAL GA 194 -63.16 -67.63 -26.97
C VAL GA 194 -62.22 -66.85 -26.08
N THR GA 195 -61.81 -65.68 -26.55
CA THR GA 195 -60.91 -64.85 -25.78
C THR GA 195 -61.52 -63.49 -25.43
N PHE GA 196 -61.35 -63.06 -24.19
CA PHE GA 196 -61.88 -61.78 -23.74
C PHE GA 196 -60.77 -60.78 -23.52
N VAL GA 197 -60.69 -59.83 -24.44
CA VAL GA 197 -59.64 -58.83 -24.44
C VAL GA 197 -59.99 -57.61 -23.64
N ILE GA 198 -59.14 -57.25 -22.69
CA ILE GA 198 -59.35 -56.07 -21.87
C ILE GA 198 -58.18 -55.10 -22.02
N GLN GA 199 -58.37 -54.03 -22.78
CA GLN GA 199 -57.29 -53.07 -23.01
C GLN GA 199 -57.60 -51.68 -22.52
N GLY GA 200 -56.59 -50.83 -22.56
CA GLY GA 200 -56.70 -49.44 -22.16
C GLY GA 200 -56.16 -49.22 -20.77
N ALA GA 201 -56.16 -47.96 -20.34
CA ALA GA 201 -55.71 -47.65 -19.00
C ALA GA 201 -56.79 -48.08 -18.03
N LEU GA 202 -56.40 -48.63 -16.90
CA LEU GA 202 -57.37 -49.12 -15.96
C LEU GA 202 -57.25 -48.50 -14.58
N ASP GA 203 -58.40 -48.25 -13.97
CA ASP GA 203 -58.49 -47.74 -12.61
C ASP GA 203 -58.12 -48.83 -11.64
N ASP GA 204 -57.35 -48.52 -10.62
CA ASP GA 204 -56.95 -49.52 -9.64
C ASP GA 204 -58.11 -50.37 -9.10
N VAL GA 205 -59.29 -49.75 -9.01
CA VAL GA 205 -60.44 -50.46 -8.50
C VAL GA 205 -60.90 -51.52 -9.46
N GLU GA 206 -61.05 -51.15 -10.74
CA GLU GA 206 -61.48 -52.13 -11.73
C GLU GA 206 -60.41 -53.16 -12.01
N ILE GA 207 -59.14 -52.84 -11.74
CA ILE GA 207 -58.10 -53.84 -11.88
C ILE GA 207 -58.30 -54.94 -10.88
N LEU GA 208 -58.53 -54.56 -9.63
CA LEU GA 208 -58.77 -55.52 -8.57
C LEU GA 208 -59.95 -56.40 -8.90
N ARG GA 209 -61.06 -55.78 -9.27
CA ARG GA 209 -62.27 -56.51 -9.61
C ARG GA 209 -62.05 -57.49 -10.74
N ALA GA 210 -61.32 -57.06 -11.77
CA ALA GA 210 -61.07 -57.91 -12.91
C ALA GA 210 -60.33 -59.16 -12.51
N ARG GA 211 -59.26 -59.02 -11.74
CA ARG GA 211 -58.51 -60.20 -11.35
C ARG GA 211 -59.32 -61.15 -10.51
N GLN GA 212 -60.09 -60.63 -9.56
CA GLN GA 212 -60.89 -61.49 -8.70
C GLN GA 212 -61.81 -62.36 -9.52
N PHE GA 213 -62.48 -61.75 -10.49
CA PHE GA 213 -63.37 -62.48 -11.36
C PHE GA 213 -62.66 -63.55 -12.16
N VAL GA 214 -61.57 -63.18 -12.80
CA VAL GA 214 -60.82 -64.10 -13.63
C VAL GA 214 -60.32 -65.30 -12.86
N ASP GA 215 -59.75 -65.07 -11.68
CA ASP GA 215 -59.26 -66.16 -10.87
C ASP GA 215 -60.35 -67.15 -10.54
N SER GA 216 -61.54 -66.65 -10.19
CA SER GA 216 -62.63 -67.54 -9.87
C SER GA 216 -63.11 -68.35 -11.06
N TYR GA 217 -63.21 -67.70 -12.22
CA TYR GA 217 -63.65 -68.40 -13.41
C TYR GA 217 -62.69 -69.53 -13.74
N TYR GA 218 -61.40 -69.21 -13.69
CA TYR GA 218 -60.36 -70.19 -13.95
C TYR GA 218 -60.48 -71.35 -12.99
N ARG GA 219 -60.56 -71.07 -11.70
CA ARG GA 219 -60.68 -72.10 -10.69
C ARG GA 219 -61.81 -73.09 -11.00
N THR GA 220 -62.95 -72.57 -11.45
CA THR GA 220 -64.08 -73.43 -11.76
C THR GA 220 -63.94 -74.16 -13.09
N TRP GA 221 -63.96 -73.40 -14.18
CA TRP GA 221 -63.96 -74.00 -15.51
C TRP GA 221 -62.59 -74.34 -16.05
N GLY GA 222 -61.58 -73.59 -15.68
CA GLY GA 222 -60.25 -73.82 -16.22
C GLY GA 222 -60.03 -72.93 -17.44
N GLY GA 223 -58.81 -72.86 -17.93
CA GLY GA 223 -58.49 -71.99 -19.06
C GLY GA 223 -58.33 -72.68 -20.41
N ARG GA 224 -59.06 -73.77 -20.65
CA ARG GA 224 -58.92 -74.46 -21.93
C ARG GA 224 -59.89 -74.01 -22.99
N TYR GA 225 -60.93 -73.29 -22.60
CA TYR GA 225 -61.91 -72.82 -23.58
C TYR GA 225 -61.98 -71.32 -23.55
N VAL GA 226 -62.11 -70.76 -22.35
CA VAL GA 226 -62.15 -69.32 -22.17
C VAL GA 226 -60.80 -68.78 -21.76
N GLN GA 227 -60.29 -67.85 -22.54
CA GLN GA 227 -59.02 -67.22 -22.27
C GLN GA 227 -59.21 -65.74 -22.00
N PHE GA 228 -58.70 -65.25 -20.89
CA PHE GA 228 -58.82 -63.82 -20.62
C PHE GA 228 -57.51 -63.14 -20.96
N ALA GA 229 -57.57 -61.88 -21.35
CA ALA GA 229 -56.37 -61.16 -21.75
C ALA GA 229 -56.35 -59.73 -21.24
N ILE GA 230 -55.88 -59.56 -20.01
CA ILE GA 230 -55.79 -58.23 -19.42
C ILE GA 230 -54.53 -57.54 -19.87
N GLU GA 231 -54.68 -56.39 -20.51
CA GLU GA 231 -53.55 -55.64 -21.03
C GLU GA 231 -53.59 -54.18 -20.62
N LEU GA 232 -52.83 -53.84 -19.59
CA LEU GA 232 -52.77 -52.48 -19.08
C LEU GA 232 -51.95 -51.60 -20.02
N LYS GA 233 -52.62 -50.70 -20.73
CA LYS GA 233 -51.94 -49.86 -21.73
C LYS GA 233 -52.31 -48.38 -21.64
N ASP GA 234 -51.45 -47.53 -22.17
CA ASP GA 234 -51.71 -46.10 -22.22
C ASP GA 234 -52.65 -45.71 -23.34
N ASP GA 235 -53.45 -44.69 -23.09
CA ASP GA 235 -54.40 -44.19 -24.08
C ASP GA 235 -54.01 -42.78 -24.53
N ASP HA 3 -41.63 -70.89 27.90
CA ASP HA 3 -40.54 -70.09 28.42
C ASP HA 3 -39.56 -69.73 27.31
N LYS HA 4 -40.02 -68.95 26.35
CA LYS HA 4 -39.17 -68.55 25.24
C LYS HA 4 -38.96 -67.06 25.20
N ASP HA 5 -37.77 -66.65 24.77
CA ASP HA 5 -37.47 -65.23 24.64
C ASP HA 5 -37.96 -64.75 23.30
N LEU HA 6 -38.77 -63.69 23.30
CA LEU HA 6 -39.30 -63.17 22.06
C LEU HA 6 -38.59 -61.87 21.69
N LEU HA 7 -38.72 -60.86 22.55
CA LEU HA 7 -38.07 -59.56 22.31
C LEU HA 7 -37.22 -59.09 23.48
N LYS HA 8 -36.18 -58.33 23.18
CA LYS HA 8 -35.29 -57.80 24.22
C LYS HA 8 -34.88 -56.36 23.95
N GLY HA 9 -34.63 -55.61 25.01
CA GLY HA 9 -34.15 -54.24 24.85
C GLY HA 9 -35.23 -53.26 24.44
N LEU HA 10 -36.47 -53.56 24.77
CA LEU HA 10 -37.57 -52.71 24.37
C LEU HA 10 -37.70 -51.52 25.27
N ASP HA 11 -38.21 -50.42 24.75
CA ASP HA 11 -38.44 -49.31 25.63
C ASP HA 11 -39.84 -49.52 26.20
N GLN HA 12 -40.27 -48.63 27.07
CA GLN HA 12 -41.55 -48.80 27.72
C GLN HA 12 -42.74 -48.84 26.77
N GLU HA 13 -42.80 -47.88 25.85
CA GLU HA 13 -43.89 -47.81 24.88
C GLU HA 13 -44.01 -49.05 24.04
N GLN HA 14 -42.89 -49.45 23.45
CA GLN HA 14 -42.83 -50.61 22.59
C GLN HA 14 -43.29 -51.85 23.30
N ALA HA 15 -42.79 -52.05 24.52
CA ALA HA 15 -43.13 -53.22 25.29
C ALA HA 15 -44.62 -53.32 25.50
N ASN HA 16 -45.26 -52.23 25.91
CA ASN HA 16 -46.69 -52.28 26.14
C ASN HA 16 -47.49 -52.48 24.86
N GLU HA 17 -47.01 -51.92 23.75
CA GLU HA 17 -47.73 -52.07 22.49
C GLU HA 17 -47.71 -53.50 21.98
N VAL HA 18 -46.54 -54.14 22.04
CA VAL HA 18 -46.42 -55.51 21.59
C VAL HA 18 -47.29 -56.42 22.40
N ILE HA 19 -47.28 -56.23 23.71
CA ILE HA 19 -48.09 -57.03 24.60
C ILE HA 19 -49.55 -56.92 24.27
N ALA HA 20 -50.02 -55.70 24.02
CA ALA HA 20 -51.42 -55.48 23.68
C ALA HA 20 -51.83 -56.36 22.51
N VAL HA 21 -51.00 -56.39 21.47
CA VAL HA 21 -51.29 -57.22 20.29
C VAL HA 21 -51.36 -58.69 20.62
N LEU HA 22 -50.40 -59.18 21.38
CA LEU HA 22 -50.36 -60.59 21.71
C LEU HA 22 -51.59 -61.01 22.50
N GLN HA 23 -52.01 -60.17 23.43
CA GLN HA 23 -53.19 -60.47 24.22
C GLN HA 23 -54.42 -60.50 23.36
N MET HA 24 -54.52 -59.55 22.44
CA MET HA 24 -55.62 -59.49 21.51
C MET HA 24 -55.77 -60.80 20.73
N HIS HA 25 -54.65 -61.43 20.40
CA HIS HA 25 -54.68 -62.70 19.70
C HIS HA 25 -54.59 -63.92 20.59
N ASN HA 26 -54.97 -63.76 21.86
CA ASN HA 26 -55.02 -64.86 22.81
C ASN HA 26 -53.66 -65.43 23.20
N ILE HA 27 -52.69 -64.56 23.44
CA ILE HA 27 -51.37 -64.97 23.88
C ILE HA 27 -50.93 -64.24 25.14
N GLU HA 28 -50.67 -64.99 26.21
CA GLU HA 28 -50.16 -64.39 27.44
C GLU HA 28 -48.71 -63.95 27.23
N ALA HA 29 -48.31 -62.87 27.88
CA ALA HA 29 -46.94 -62.40 27.72
C ALA HA 29 -46.41 -61.79 28.99
N ASN HA 30 -45.12 -61.99 29.23
CA ASN HA 30 -44.47 -61.46 30.42
C ASN HA 30 -43.63 -60.26 30.08
N LYS HA 31 -43.73 -59.20 30.86
CA LYS HA 31 -42.87 -58.05 30.68
C LYS HA 31 -41.81 -58.05 31.76
N ILE HA 32 -40.56 -58.18 31.36
CA ILE HA 32 -39.48 -58.25 32.31
C ILE HA 32 -38.62 -57.01 32.31
N ASP HA 33 -38.54 -56.39 33.47
CA ASP HA 33 -37.75 -55.19 33.67
C ASP HA 33 -36.30 -55.52 33.98
N SER HA 34 -35.40 -55.27 33.03
CA SER HA 34 -33.98 -55.55 33.24
C SER HA 34 -33.18 -54.27 33.49
N GLY HA 35 -33.85 -53.26 34.03
CA GLY HA 35 -33.20 -52.00 34.36
C GLY HA 35 -32.73 -51.27 33.14
N LYS HA 36 -31.46 -50.87 33.15
CA LYS HA 36 -30.83 -50.14 32.06
C LYS HA 36 -30.84 -50.88 30.73
N LEU HA 37 -31.07 -52.19 30.77
CA LEU HA 37 -31.06 -52.97 29.55
C LEU HA 37 -32.43 -52.98 28.87
N GLY HA 38 -33.43 -52.35 29.47
CA GLY HA 38 -34.75 -52.27 28.85
C GLY HA 38 -35.69 -53.40 29.24
N TYR HA 39 -36.73 -53.58 28.45
CA TYR HA 39 -37.71 -54.62 28.73
C TYR HA 39 -37.58 -55.81 27.82
N SER HA 40 -37.95 -56.96 28.35
CA SER HA 40 -37.94 -58.18 27.57
C SER HA 40 -39.30 -58.83 27.61
N ILE HA 41 -39.69 -59.42 26.49
CA ILE HA 41 -40.97 -60.09 26.43
C ILE HA 41 -40.79 -61.56 26.21
N THR HA 42 -41.39 -62.36 27.10
CA THR HA 42 -41.32 -63.80 26.98
C THR HA 42 -42.70 -64.43 26.92
N VAL HA 43 -42.77 -65.59 26.28
CA VAL HA 43 -44.04 -66.29 26.11
C VAL HA 43 -43.95 -67.77 26.39
N ALA HA 44 -45.10 -68.38 26.62
CA ALA HA 44 -45.14 -69.82 26.83
C ALA HA 44 -44.78 -70.52 25.54
N GLU HA 45 -44.02 -71.60 25.65
CA GLU HA 45 -43.57 -72.36 24.50
C GLU HA 45 -44.70 -72.79 23.54
N PRO HA 46 -45.88 -73.21 24.04
CA PRO HA 46 -47.06 -73.56 23.24
C PRO HA 46 -47.54 -72.43 22.33
N ASP HA 47 -47.33 -71.19 22.75
CA ASP HA 47 -47.78 -70.05 21.98
C ASP HA 47 -46.69 -69.46 21.12
N PHE HA 48 -45.43 -69.70 21.51
CA PHE HA 48 -44.27 -69.16 20.83
C PHE HA 48 -44.34 -69.11 19.31
N THR HA 49 -44.80 -70.18 18.66
CA THR HA 49 -44.87 -70.18 17.21
C THR HA 49 -45.81 -69.10 16.70
N ALA HA 50 -46.99 -69.05 17.31
CA ALA HA 50 -47.99 -68.05 16.94
C ALA HA 50 -47.49 -66.66 17.25
N ALA HA 51 -46.82 -66.51 18.39
CA ALA HA 51 -46.31 -65.22 18.80
C ALA HA 51 -45.37 -64.67 17.75
N VAL HA 52 -44.46 -65.51 17.26
CA VAL HA 52 -43.53 -65.09 16.22
C VAL HA 52 -44.26 -64.65 14.98
N TYR HA 53 -45.25 -65.43 14.58
CA TYR HA 53 -46.04 -65.08 13.41
C TYR HA 53 -46.62 -63.69 13.51
N TRP HA 54 -47.19 -63.36 14.67
CA TRP HA 54 -47.81 -62.05 14.86
C TRP HA 54 -46.79 -60.91 14.94
N ILE HA 55 -45.59 -61.18 15.49
CA ILE HA 55 -44.55 -60.15 15.52
C ILE HA 55 -44.21 -59.73 14.10
N LYS HA 56 -44.14 -60.72 13.23
CA LYS HA 56 -43.91 -60.46 11.83
C LYS HA 56 -45.05 -59.67 11.22
N THR HA 57 -46.26 -60.21 11.36
CA THR HA 57 -47.47 -59.63 10.78
C THR HA 57 -47.67 -58.17 11.10
N TYR HA 58 -47.44 -57.79 12.35
CA TYR HA 58 -47.65 -56.41 12.75
C TYR HA 58 -46.41 -55.54 12.80
N GLN HA 59 -45.33 -55.94 12.13
CA GLN HA 59 -44.12 -55.11 12.12
C GLN HA 59 -43.66 -54.72 13.52
N LEU HA 60 -43.57 -55.67 14.43
CA LEU HA 60 -43.20 -55.34 15.79
C LEU HA 60 -41.73 -55.63 16.08
N PRO HA 61 -41.15 -54.90 17.03
CA PRO HA 61 -41.65 -53.80 17.84
C PRO HA 61 -41.78 -52.52 17.00
N PRO HA 62 -42.67 -51.61 17.38
CA PRO HA 62 -42.99 -50.34 16.73
C PRO HA 62 -41.81 -49.41 16.58
N ARG HA 63 -41.81 -48.64 15.50
CA ARG HA 63 -40.79 -47.63 15.28
C ARG HA 63 -41.24 -46.37 15.99
N PRO HA 64 -40.34 -45.41 16.25
CA PRO HA 64 -40.60 -44.12 16.84
C PRO HA 64 -41.35 -43.26 15.83
N ARG HA 65 -42.19 -42.36 16.34
CA ARG HA 65 -43.01 -41.53 15.47
C ARG HA 65 -42.20 -40.47 14.75
N VAL HA 66 -42.46 -40.35 13.45
CA VAL HA 66 -41.76 -39.41 12.59
C VAL HA 66 -42.49 -38.09 12.42
N GLU HA 67 -41.78 -37.02 12.72
CA GLU HA 67 -42.29 -35.67 12.61
C GLU HA 67 -41.27 -34.85 11.81
N ILE HA 68 -41.76 -33.94 10.99
CA ILE HA 68 -40.90 -33.21 10.06
C ILE HA 68 -39.77 -32.43 10.72
N ALA HA 69 -40.06 -31.74 11.82
CA ALA HA 69 -39.08 -30.93 12.50
C ALA HA 69 -37.87 -31.73 12.98
N GLN HA 70 -37.98 -33.05 13.07
CA GLN HA 70 -36.88 -33.85 13.55
C GLN HA 70 -35.71 -33.83 12.58
N MET HA 71 -35.95 -33.44 11.33
CA MET HA 71 -34.89 -33.38 10.34
C MET HA 71 -34.38 -31.98 10.04
N PHE HA 72 -34.82 -30.99 10.80
CA PHE HA 72 -34.34 -29.63 10.59
C PHE HA 72 -34.19 -28.97 11.93
N PRO HA 73 -33.25 -29.43 12.75
CA PRO HA 73 -32.99 -29.05 14.14
C PRO HA 73 -32.43 -27.64 14.30
N ALA HA 74 -32.77 -27.03 15.43
CA ALA HA 74 -32.34 -25.67 15.77
C ALA HA 74 -30.88 -25.62 16.16
N ASP HA 75 -30.27 -26.78 16.35
CA ASP HA 75 -28.88 -26.87 16.70
C ASP HA 75 -27.96 -26.47 15.55
N SER HA 76 -28.50 -26.38 14.33
CA SER HA 76 -27.68 -25.95 13.20
C SER HA 76 -27.20 -24.54 13.39
N LEU HA 77 -25.95 -24.32 13.00
CA LEU HA 77 -25.31 -23.02 13.12
C LEU HA 77 -25.93 -21.98 12.19
N VAL HA 78 -26.50 -22.47 11.09
CA VAL HA 78 -27.13 -21.62 10.10
C VAL HA 78 -28.51 -22.15 9.78
N SER HA 79 -29.32 -21.34 9.13
CA SER HA 79 -30.65 -21.75 8.75
C SER HA 79 -31.00 -21.21 7.39
N SER HA 80 -32.12 -21.67 6.85
CA SER HA 80 -32.58 -21.22 5.57
C SER HA 80 -34.07 -21.10 5.64
N PRO HA 81 -34.67 -20.25 4.81
CA PRO HA 81 -36.10 -20.03 4.67
C PRO HA 81 -36.81 -21.34 4.50
N ARG HA 82 -36.22 -22.23 3.72
CA ARG HA 82 -36.78 -23.54 3.48
C ARG HA 82 -36.92 -24.31 4.76
N ALA HA 83 -35.82 -24.38 5.52
CA ALA HA 83 -35.83 -25.11 6.77
C ALA HA 83 -36.77 -24.50 7.79
N GLU HA 84 -36.74 -23.18 7.91
CA GLU HA 84 -37.56 -22.51 8.89
C GLU HA 84 -39.04 -22.68 8.64
N LYS HA 85 -39.45 -22.57 7.39
CA LYS HA 85 -40.85 -22.72 7.06
C LYS HA 85 -41.30 -24.15 7.36
N ALA HA 86 -40.44 -25.13 7.06
CA ALA HA 86 -40.75 -26.52 7.35
C ALA HA 86 -40.93 -26.74 8.84
N ARG HA 87 -40.04 -26.17 9.65
CA ARG HA 87 -40.12 -26.30 11.09
C ARG HA 87 -41.43 -25.80 11.62
N LEU HA 88 -41.87 -24.64 11.13
CA LEU HA 88 -43.13 -24.09 11.56
C LEU HA 88 -44.29 -24.99 11.27
N TYR HA 89 -44.38 -25.49 10.03
CA TYR HA 89 -45.49 -26.35 9.67
C TYR HA 89 -45.53 -27.60 10.51
N SER HA 90 -44.38 -28.14 10.84
CA SER HA 90 -44.32 -29.33 11.66
C SER HA 90 -45.00 -29.09 12.99
N ALA HA 91 -44.65 -27.96 13.61
CA ALA HA 91 -45.25 -27.58 14.89
C ALA HA 91 -46.74 -27.41 14.77
N ILE HA 92 -47.18 -26.78 13.69
CA ILE HA 92 -48.60 -26.56 13.49
C ILE HA 92 -49.37 -27.85 13.40
N GLU HA 93 -48.86 -28.85 12.66
CA GLU HA 93 -49.58 -30.12 12.59
C GLU HA 93 -49.72 -30.72 13.96
N GLN HA 94 -48.65 -30.68 14.75
CA GLN HA 94 -48.69 -31.23 16.09
C GLN HA 94 -49.72 -30.55 16.96
N ARG HA 95 -49.78 -29.23 16.84
CA ARG HA 95 -50.68 -28.44 17.64
C ARG HA 95 -52.13 -28.73 17.26
N LEU HA 96 -52.40 -28.92 15.96
CA LEU HA 96 -53.75 -29.27 15.54
C LEU HA 96 -54.16 -30.64 16.04
N GLU HA 97 -53.22 -31.58 16.09
CA GLU HA 97 -53.54 -32.91 16.62
C GLU HA 97 -53.89 -32.82 18.09
N GLN HA 98 -53.14 -32.00 18.82
CA GLN HA 98 -53.42 -31.81 20.23
C GLN HA 98 -54.82 -31.26 20.44
N SER HA 99 -55.28 -30.39 19.55
CA SER HA 99 -56.62 -29.84 19.66
C SER HA 99 -57.72 -30.83 19.34
N LEU HA 100 -57.59 -31.57 18.24
CA LEU HA 100 -58.67 -32.49 17.87
C LEU HA 100 -58.90 -33.57 18.88
N GLN HA 101 -57.84 -34.00 19.55
CA GLN HA 101 -57.98 -35.05 20.54
C GLN HA 101 -58.70 -34.61 21.82
N THR HA 102 -59.06 -33.33 21.93
CA THR HA 102 -59.80 -32.87 23.08
C THR HA 102 -61.28 -32.75 22.78
N MET HA 103 -61.67 -32.99 21.52
CA MET HA 103 -63.09 -32.91 21.18
C MET HA 103 -63.84 -34.09 21.74
N GLU HA 104 -65.09 -33.84 22.11
CA GLU HA 104 -65.94 -34.86 22.68
C GLU HA 104 -66.08 -36.08 21.80
N GLY HA 105 -65.77 -37.24 22.37
CA GLY HA 105 -65.91 -38.49 21.67
C GLY HA 105 -64.66 -38.91 20.89
N VAL HA 106 -63.68 -38.03 20.78
CA VAL HA 106 -62.48 -38.39 20.03
C VAL HA 106 -61.47 -39.07 20.90
N LEU HA 107 -61.03 -40.24 20.47
CA LEU HA 107 -60.06 -41.02 21.18
C LEU HA 107 -58.67 -40.78 20.61
N SER HA 108 -58.61 -40.63 19.30
CA SER HA 108 -57.32 -40.39 18.63
C SER HA 108 -57.48 -39.66 17.33
N ALA HA 109 -56.51 -38.82 16.99
CA ALA HA 109 -56.60 -38.11 15.72
C ALA HA 109 -55.24 -37.72 15.20
N ARG HA 110 -55.11 -37.75 13.86
CA ARG HA 110 -53.86 -37.37 13.18
C ARG HA 110 -54.13 -36.31 12.12
N VAL HA 111 -53.19 -35.38 11.95
CA VAL HA 111 -53.38 -34.27 11.02
C VAL HA 111 -52.21 -34.03 10.09
N HIS HA 112 -52.51 -33.82 8.81
CA HIS HA 112 -51.49 -33.51 7.83
C HIS HA 112 -51.77 -32.19 7.14
N ILE HA 113 -50.72 -31.46 6.82
CA ILE HA 113 -50.88 -30.21 6.09
C ILE HA 113 -49.92 -30.23 4.94
N SER HA 114 -50.33 -29.71 3.80
CA SER HA 114 -49.44 -29.68 2.66
C SER HA 114 -48.29 -28.72 2.89
N TYR HA 115 -47.20 -28.92 2.18
CA TYR HA 115 -46.02 -28.09 2.33
C TYR HA 115 -45.73 -27.29 1.08
N ASP HA 116 -44.94 -26.24 1.26
CA ASP HA 116 -44.53 -25.36 0.19
C ASP HA 116 -43.07 -25.10 0.33
N ILE HA 117 -42.30 -25.73 -0.53
CA ILE HA 117 -40.86 -25.67 -0.43
C ILE HA 117 -40.20 -24.74 -1.43
N ASP HA 118 -40.88 -24.39 -2.51
CA ASP HA 118 -40.22 -23.51 -3.46
C ASP HA 118 -41.13 -22.63 -4.32
N ALA HA 119 -42.28 -22.18 -3.81
CA ALA HA 119 -43.10 -21.26 -4.59
C ALA HA 119 -42.36 -19.93 -4.82
N GLY HA 120 -42.18 -19.16 -3.74
CA GLY HA 120 -41.48 -17.88 -3.78
C GLY HA 120 -40.09 -18.01 -4.39
N GLU HA 121 -39.42 -19.12 -4.08
CA GLU HA 121 -38.11 -19.46 -4.64
C GLU HA 121 -38.07 -19.36 -6.16
N ASN HA 122 -39.15 -19.76 -6.81
CA ASN HA 122 -39.23 -19.75 -8.26
C ASN HA 122 -39.94 -18.51 -8.81
N GLY HA 123 -40.18 -17.52 -7.96
CA GLY HA 123 -40.88 -16.31 -8.39
C GLY HA 123 -42.39 -16.53 -8.48
N ARG HA 124 -42.88 -17.61 -7.89
CA ARG HA 124 -44.29 -17.95 -7.95
C ARG HA 124 -45.02 -17.60 -6.67
N PRO HA 125 -46.33 -17.36 -6.75
CA PRO HA 125 -47.25 -17.16 -5.67
C PRO HA 125 -47.45 -18.52 -5.02
N PRO HA 126 -47.81 -18.55 -3.74
CA PRO HA 126 -48.04 -19.72 -2.92
C PRO HA 126 -49.29 -20.46 -3.34
N LYS HA 127 -49.31 -21.75 -3.08
CA LYS HA 127 -50.45 -22.57 -3.44
C LYS HA 127 -51.42 -22.67 -2.28
N PRO HA 128 -52.68 -23.02 -2.55
CA PRO HA 128 -53.75 -23.27 -1.60
C PRO HA 128 -53.31 -24.35 -0.66
N VAL HA 129 -53.78 -24.28 0.57
CA VAL HA 129 -53.37 -25.25 1.56
C VAL HA 129 -54.30 -26.44 1.62
N HIS HA 130 -53.72 -27.64 1.63
CA HIS HA 130 -54.51 -28.84 1.71
C HIS HA 130 -54.39 -29.45 3.08
N LEU HA 131 -55.49 -29.98 3.60
CA LEU HA 131 -55.50 -30.61 4.89
C LEU HA 131 -56.12 -31.97 4.85
N SER HA 132 -55.63 -32.87 5.68
CA SER HA 132 -56.27 -34.17 5.78
C SER HA 132 -56.18 -34.65 7.21
N ALA HA 133 -57.12 -35.47 7.62
CA ALA HA 133 -57.08 -35.93 8.99
C ALA HA 133 -57.75 -37.25 9.20
N LEU HA 134 -57.28 -37.96 10.22
CA LEU HA 134 -57.81 -39.24 10.60
C LEU HA 134 -58.38 -39.16 12.00
N ALA HA 135 -59.44 -39.88 12.27
CA ALA HA 135 -59.97 -39.83 13.63
C ALA HA 135 -60.65 -41.11 14.08
N VAL HA 136 -60.50 -41.40 15.36
CA VAL HA 136 -61.10 -42.56 16.01
C VAL HA 136 -62.04 -42.11 17.10
N TYR HA 137 -63.28 -42.54 17.01
CA TYR HA 137 -64.30 -42.18 17.99
C TYR HA 137 -64.74 -43.28 18.91
N GLU HA 138 -65.34 -42.86 20.02
CA GLU HA 138 -65.93 -43.78 20.96
C GLU HA 138 -67.04 -44.56 20.27
N ARG HA 139 -67.00 -45.87 20.40
CA ARG HA 139 -67.96 -46.73 19.74
C ARG HA 139 -69.41 -46.36 20.06
N GLY HA 140 -70.21 -46.25 19.00
CA GLY HA 140 -71.63 -45.91 19.10
C GLY HA 140 -71.90 -44.44 18.77
N SER HA 141 -70.85 -43.65 18.62
CA SER HA 141 -70.94 -42.24 18.29
C SER HA 141 -71.42 -42.01 16.83
N PRO HA 142 -72.20 -40.95 16.56
CA PRO HA 142 -72.78 -40.55 15.27
C PRO HA 142 -71.80 -39.87 14.31
N LEU HA 143 -70.81 -40.65 13.88
CA LEU HA 143 -69.73 -40.24 12.98
C LEU HA 143 -70.14 -39.40 11.77
N ALA HA 144 -71.26 -39.74 11.18
CA ALA HA 144 -71.75 -39.07 9.97
C ALA HA 144 -72.06 -37.60 10.17
N HIS HA 145 -72.16 -37.16 11.42
CA HIS HA 145 -72.47 -35.77 11.67
C HIS HA 145 -71.28 -35.08 12.29
N GLN HA 146 -70.56 -35.83 13.11
CA GLN HA 146 -69.38 -35.33 13.81
C GLN HA 146 -68.30 -34.85 12.86
N ILE HA 147 -68.18 -35.52 11.73
CA ILE HA 147 -67.25 -35.14 10.69
C ILE HA 147 -67.37 -33.67 10.25
N SER HA 148 -68.54 -33.05 10.42
CA SER HA 148 -68.71 -31.68 10.01
C SER HA 148 -68.08 -30.69 10.98
N ASP HA 149 -67.91 -31.08 12.24
CA ASP HA 149 -67.26 -30.21 13.20
C ASP HA 149 -65.80 -30.12 12.91
N ILE HA 150 -65.23 -31.27 12.59
CA ILE HA 150 -63.82 -31.33 12.29
C ILE HA 150 -63.50 -30.47 11.12
N LYS HA 151 -64.30 -30.63 10.07
CA LYS HA 151 -64.08 -29.91 8.85
C LYS HA 151 -64.26 -28.40 9.01
N ARG HA 152 -65.27 -27.99 9.78
CA ARG HA 152 -65.49 -26.56 10.01
C ARG HA 152 -64.37 -25.94 10.83
N PHE HA 153 -63.97 -26.65 11.87
CA PHE HA 153 -62.89 -26.22 12.72
C PHE HA 153 -61.62 -26.00 11.94
N LEU HA 154 -61.24 -26.98 11.14
CA LEU HA 154 -60.04 -26.87 10.35
C LEU HA 154 -60.12 -25.78 9.31
N LYS HA 155 -61.31 -25.58 8.72
CA LYS HA 155 -61.45 -24.56 7.69
C LYS HA 155 -60.98 -23.19 8.11
N ASN HA 156 -61.38 -22.73 9.30
CA ASN HA 156 -60.91 -21.43 9.74
C ASN HA 156 -59.67 -21.49 10.63
N SER HA 157 -58.96 -22.63 10.63
CA SER HA 157 -57.74 -22.76 11.40
C SER HA 157 -56.52 -22.49 10.54
N PHE HA 158 -56.71 -22.01 9.32
CA PHE HA 158 -55.55 -21.74 8.51
C PHE HA 158 -55.84 -20.76 7.39
N ALA HA 159 -54.87 -19.90 7.15
CA ALA HA 159 -54.89 -18.78 6.19
C ALA HA 159 -55.77 -18.96 4.96
N ASP HA 160 -55.65 -20.08 4.25
CA ASP HA 160 -56.45 -20.21 3.04
C ASP HA 160 -56.72 -21.64 2.63
N VAL HA 161 -57.82 -22.18 3.15
CA VAL HA 161 -58.27 -23.52 2.81
C VAL HA 161 -59.72 -23.43 2.42
N ASP HA 162 -60.31 -24.54 2.03
CA ASP HA 162 -61.72 -24.55 1.67
C ASP HA 162 -62.31 -25.93 1.86
N TYR HA 163 -63.61 -26.07 1.72
CA TYR HA 163 -64.26 -27.34 2.00
C TYR HA 163 -64.02 -28.44 0.94
N ASP HA 164 -63.32 -28.11 -0.13
CA ASP HA 164 -63.00 -29.13 -1.12
C ASP HA 164 -61.57 -29.62 -0.97
N ASN HA 165 -60.78 -28.91 -0.17
CA ASN HA 165 -59.39 -29.28 0.00
C ASN HA 165 -59.10 -29.76 1.41
N ILE HA 166 -60.14 -30.17 2.12
CA ILE HA 166 -60.01 -30.73 3.46
C ILE HA 166 -60.64 -32.11 3.47
N SER HA 167 -59.85 -33.14 3.74
CA SER HA 167 -60.41 -34.48 3.77
C SER HA 167 -60.34 -35.14 5.13
N VAL HA 168 -61.45 -35.74 5.54
CA VAL HA 168 -61.50 -36.41 6.82
C VAL HA 168 -61.95 -37.84 6.68
N VAL HA 169 -61.12 -38.76 7.15
CA VAL HA 169 -61.43 -40.18 7.14
C VAL HA 169 -61.46 -40.66 8.57
N LEU HA 170 -62.54 -41.29 8.96
CA LEU HA 170 -62.67 -41.67 10.35
C LEU HA 170 -63.47 -42.93 10.61
N SER HA 171 -63.38 -43.41 11.85
CA SER HA 171 -64.10 -44.58 12.29
C SER HA 171 -64.21 -44.62 13.80
N GLU HA 172 -64.42 -45.81 14.36
CA GLU HA 172 -64.58 -45.95 15.80
C GLU HA 172 -63.85 -47.17 16.31
N ARG HA 173 -63.61 -47.20 17.60
CA ARG HA 173 -62.87 -48.30 18.21
C ARG HA 173 -63.59 -49.65 18.12
N SER HA 174 -62.81 -50.71 18.25
CA SER HA 174 -63.29 -52.09 18.24
C SER HA 174 -63.74 -52.55 19.63
N ASP HA 175 -64.23 -53.79 19.70
CA ASP HA 175 -64.67 -54.40 20.96
C ASP HA 175 -63.48 -54.54 21.91
N ALA HA 176 -63.54 -53.83 23.03
CA ALA HA 176 -62.43 -53.80 23.99
C ALA HA 176 -62.04 -55.16 24.52
N GLN HA 177 -60.74 -55.41 24.54
CA GLN HA 177 -60.25 -56.68 25.04
C GLN HA 177 -60.14 -56.61 26.55
N LEU HA 178 -61.22 -56.97 27.21
CA LEU HA 178 -61.28 -56.89 28.66
C LEU HA 178 -61.06 -58.24 29.36
N GLN HA 179 -60.67 -59.27 28.60
CA GLN HA 179 -60.49 -60.59 29.19
C GLN HA 179 -59.09 -61.14 28.96
N ALA HA 180 -58.56 -61.82 29.96
CA ALA HA 180 -57.23 -62.41 29.85
C ALA HA 180 -57.27 -63.61 28.90
N PRO HA 181 -56.23 -63.79 28.08
CA PRO HA 181 -56.00 -64.90 27.14
C PRO HA 181 -56.08 -66.29 27.76
N GLY HA 182 -55.48 -66.45 28.93
CA GLY HA 182 -55.50 -67.73 29.63
C GLY HA 182 -54.21 -68.49 29.37
N THR HA 183 -53.92 -69.44 30.25
CA THR HA 183 -52.71 -70.24 30.13
C THR HA 183 -52.97 -71.47 29.26
N PRO HA 184 -51.91 -72.14 28.80
CA PRO HA 184 -51.92 -73.36 28.02
C PRO HA 184 -52.35 -74.53 28.89
N VAL HA 185 -52.91 -75.56 28.26
CA VAL HA 185 -53.36 -76.72 28.99
C VAL HA 185 -52.25 -77.74 29.18
N LYS HA 186 -51.83 -77.90 30.42
CA LYS HA 186 -50.81 -78.88 30.79
C LYS HA 186 -50.60 -78.89 32.30
N ALA IA 42 -61.15 -81.48 30.48
CA ALA IA 42 -60.94 -80.19 29.82
C ALA IA 42 -62.15 -79.80 29.00
N GLU IA 43 -63.27 -79.55 29.66
CA GLU IA 43 -64.48 -79.17 28.95
C GLU IA 43 -64.23 -77.93 28.11
N LEU IA 44 -64.56 -78.02 26.83
CA LEU IA 44 -64.33 -76.95 25.88
C LEU IA 44 -64.89 -75.60 26.33
N ASP IA 45 -66.05 -75.61 26.98
CA ASP IA 45 -66.65 -74.39 27.47
C ASP IA 45 -65.73 -73.65 28.44
N SER IA 46 -64.95 -74.40 29.22
CA SER IA 46 -64.04 -73.78 30.17
C SER IA 46 -62.73 -73.43 29.50
N LEU IA 47 -62.43 -74.09 28.38
CA LEU IA 47 -61.21 -73.78 27.64
C LEU IA 47 -61.34 -72.44 26.91
N LEU IA 48 -62.55 -72.15 26.43
CA LEU IA 48 -62.83 -70.88 25.76
C LEU IA 48 -62.94 -69.74 26.79
N GLY IA 49 -62.75 -68.51 26.32
CA GLY IA 49 -62.76 -67.28 27.13
C GLY IA 49 -63.79 -67.16 28.27
N GLN IA 50 -63.54 -66.19 29.17
CA GLN IA 50 -64.39 -65.92 30.34
C GLN IA 50 -65.82 -65.64 29.96
N GLU IA 51 -66.02 -64.84 28.92
CA GLU IA 51 -67.36 -64.57 28.46
C GLU IA 51 -67.77 -65.66 27.50
N LYS IA 52 -68.17 -66.78 28.08
CA LYS IA 52 -68.56 -67.97 27.32
C LYS IA 52 -69.71 -67.74 26.35
N GLU IA 53 -70.45 -66.66 26.53
CA GLU IA 53 -71.58 -66.35 25.67
C GLU IA 53 -71.17 -65.80 24.32
N ARG IA 54 -69.87 -65.67 24.07
CA ARG IA 54 -69.38 -65.23 22.78
C ARG IA 54 -69.33 -66.39 21.80
N PHE IA 55 -69.44 -67.62 22.30
CA PHE IA 55 -69.33 -68.78 21.43
C PHE IA 55 -70.48 -69.73 21.58
N GLN IA 56 -70.85 -70.38 20.49
CA GLN IA 56 -71.88 -71.39 20.58
C GLN IA 56 -71.31 -72.73 20.22
N VAL IA 57 -71.10 -73.58 21.22
CA VAL IA 57 -70.55 -74.89 20.95
C VAL IA 57 -71.64 -75.82 20.45
N LEU IA 58 -71.34 -76.50 19.36
CA LEU IA 58 -72.29 -77.36 18.68
C LEU IA 58 -71.78 -78.79 18.61
N PRO IA 59 -72.65 -79.78 18.73
CA PRO IA 59 -72.24 -81.19 18.71
C PRO IA 59 -72.60 -81.84 17.40
N GLY IA 60 -71.65 -81.89 16.46
CA GLY IA 60 -71.92 -82.46 15.15
C GLY IA 60 -72.11 -83.96 15.18
N ARG IA 61 -72.91 -84.46 14.24
CA ARG IA 61 -73.19 -85.89 14.14
C ARG IA 61 -71.99 -86.70 13.67
N ASP IA 62 -70.99 -86.01 13.15
CA ASP IA 62 -69.72 -86.60 12.73
C ASP IA 62 -68.71 -86.75 13.87
N LYS IA 63 -69.15 -86.56 15.12
CA LYS IA 63 -68.32 -86.67 16.31
C LYS IA 63 -67.32 -85.52 16.44
N MET IA 64 -67.55 -84.44 15.71
CA MET IA 64 -66.71 -83.26 15.81
C MET IA 64 -67.44 -82.19 16.58
N LEU IA 65 -66.77 -81.64 17.57
CA LEU IA 65 -67.36 -80.62 18.38
C LEU IA 65 -67.05 -79.27 17.72
N TYR IA 66 -68.07 -78.55 17.34
CA TYR IA 66 -67.89 -77.31 16.62
C TYR IA 66 -67.99 -76.07 17.47
N VAL IA 67 -67.24 -75.04 17.10
CA VAL IA 67 -67.29 -73.78 17.82
C VAL IA 67 -67.78 -72.66 16.93
N ALA IA 68 -69.02 -72.25 17.08
CA ALA IA 68 -69.52 -71.19 16.23
C ALA IA 68 -69.12 -69.84 16.77
N ALA IA 69 -68.43 -69.07 15.93
CA ALA IA 69 -67.99 -67.74 16.28
C ALA IA 69 -68.68 -66.72 15.38
N GLN IA 70 -68.98 -65.55 15.93
CA GLN IA 70 -69.67 -64.50 15.19
C GLN IA 70 -68.74 -63.46 14.59
N ASN IA 71 -67.45 -63.58 14.85
CA ASN IA 71 -66.49 -62.59 14.37
C ASN IA 71 -65.13 -63.21 14.18
N GLU IA 72 -64.40 -62.79 13.15
CA GLU IA 72 -63.07 -63.31 12.87
C GLU IA 72 -62.08 -63.17 14.03
N ARG IA 73 -62.32 -62.24 14.96
CA ARG IA 73 -61.46 -62.13 16.12
C ARG IA 73 -61.72 -63.26 17.09
N ASP IA 74 -62.95 -63.73 17.10
CA ASP IA 74 -63.35 -64.79 17.99
C ASP IA 74 -63.00 -66.10 17.32
N THR IA 75 -63.03 -66.10 15.99
CA THR IA 75 -62.64 -67.25 15.21
C THR IA 75 -61.21 -67.57 15.53
N LEU IA 76 -60.34 -66.56 15.44
CA LEU IA 76 -58.95 -66.75 15.77
C LEU IA 76 -58.74 -67.12 17.21
N TRP IA 77 -59.49 -66.49 18.12
CA TRP IA 77 -59.40 -66.81 19.53
C TRP IA 77 -59.54 -68.30 19.76
N ALA IA 78 -60.64 -68.86 19.26
CA ALA IA 78 -60.95 -70.27 19.40
C ALA IA 78 -59.91 -71.15 18.74
N ARG IA 79 -59.41 -70.74 17.57
CA ARG IA 79 -58.38 -71.53 16.89
C ARG IA 79 -57.11 -71.58 17.72
N GLN IA 80 -56.77 -70.48 18.37
CA GLN IA 80 -55.60 -70.46 19.21
C GLN IA 80 -55.81 -71.36 20.40
N VAL IA 81 -57.02 -71.42 20.93
CA VAL IA 81 -57.31 -72.34 22.03
C VAL IA 81 -57.06 -73.78 21.63
N LEU IA 82 -57.54 -74.16 20.46
CA LEU IA 82 -57.35 -75.52 20.00
C LEU IA 82 -55.89 -75.87 19.76
N ALA IA 83 -55.10 -74.91 19.26
CA ALA IA 83 -53.68 -75.14 19.02
C ALA IA 83 -52.84 -75.03 20.31
N ARG IA 84 -53.22 -74.13 21.21
CA ARG IA 84 -52.49 -73.90 22.45
C ARG IA 84 -52.77 -74.93 23.51
N GLY IA 85 -54.04 -75.12 23.80
CA GLY IA 85 -54.47 -76.05 24.81
C GLY IA 85 -54.73 -77.39 24.19
N ASP IA 86 -55.64 -78.14 24.77
CA ASP IA 86 -55.92 -79.43 24.22
C ASP IA 86 -57.32 -79.89 24.57
N TYR IA 87 -57.80 -80.81 23.77
CA TYR IA 87 -59.10 -81.39 23.93
C TYR IA 87 -59.11 -82.67 23.11
N ASP IA 88 -59.17 -83.81 23.79
CA ASP IA 88 -59.13 -85.10 23.11
C ASP IA 88 -60.42 -85.44 22.38
N LYS IA 89 -60.63 -84.78 21.24
CA LYS IA 89 -61.80 -84.99 20.41
C LYS IA 89 -61.75 -84.09 19.20
N ASN IA 90 -62.27 -84.60 18.09
CA ASN IA 90 -62.35 -83.81 16.88
C ASN IA 90 -63.02 -82.49 17.18
N ALA IA 91 -62.48 -81.41 16.63
CA ALA IA 91 -63.06 -80.10 16.86
C ALA IA 91 -62.79 -79.18 15.68
N ARG IA 92 -63.68 -78.22 15.47
CA ARG IA 92 -63.51 -77.30 14.35
C ARG IA 92 -64.30 -76.01 14.52
N VAL IA 93 -63.62 -74.89 14.34
CA VAL IA 93 -64.24 -73.58 14.50
C VAL IA 93 -65.04 -73.18 13.26
N ILE IA 94 -66.27 -72.75 13.50
CA ILE IA 94 -67.19 -72.29 12.47
C ILE IA 94 -67.25 -70.78 12.31
N ASN IA 95 -67.19 -70.34 11.08
CA ASN IA 95 -67.28 -68.93 10.73
C ASN IA 95 -68.28 -68.74 9.61
N GLU IA 96 -69.35 -68.01 9.92
CA GLU IA 96 -70.45 -67.76 8.99
C GLU IA 96 -70.05 -67.48 7.55
N ASN IA 97 -69.09 -66.59 7.33
CA ASN IA 97 -68.68 -66.29 5.98
C ASN IA 97 -67.85 -67.40 5.37
N GLU IA 98 -67.01 -68.03 6.18
CA GLU IA 98 -66.18 -69.10 5.66
C GLU IA 98 -67.02 -70.29 5.26
N GLU IA 99 -68.08 -70.56 6.02
CA GLU IA 99 -68.95 -71.65 5.71
C GLU IA 99 -69.81 -71.35 4.53
N ASN IA 100 -70.24 -70.10 4.41
CA ASN IA 100 -71.03 -69.71 3.26
C ASN IA 100 -70.21 -69.98 1.99
N LYS IA 101 -68.93 -69.60 2.04
CA LYS IA 101 -68.02 -69.82 0.92
C LYS IA 101 -67.77 -71.30 0.65
N ARG IA 102 -67.48 -72.08 1.69
CA ARG IA 102 -67.22 -73.50 1.52
C ARG IA 102 -68.35 -74.19 0.79
N ILE IA 103 -69.56 -73.88 1.21
CA ILE IA 103 -70.74 -74.44 0.58
C ILE IA 103 -70.87 -74.00 -0.85
N SER IA 104 -70.68 -72.70 -1.10
CA SER IA 104 -70.86 -72.19 -2.47
C SER IA 104 -69.90 -72.85 -3.45
N ILE IA 105 -68.73 -73.26 -2.98
CA ILE IA 105 -67.77 -73.95 -3.86
C ILE IA 105 -68.31 -75.29 -4.30
N TRP IA 106 -68.71 -76.09 -3.34
CA TRP IA 106 -69.26 -77.42 -3.61
C TRP IA 106 -70.50 -77.31 -4.46
N LEU IA 107 -71.33 -76.37 -4.09
CA LEU IA 107 -72.60 -76.14 -4.72
C LEU IA 107 -72.43 -75.79 -6.18
N ASP IA 108 -71.48 -74.92 -6.51
CA ASP IA 108 -71.25 -74.59 -7.91
C ASP IA 108 -70.85 -75.81 -8.74
N THR IA 109 -70.00 -76.69 -8.18
CA THR IA 109 -69.57 -77.89 -8.89
C THR IA 109 -70.69 -78.88 -9.17
N TYR IA 110 -71.49 -79.17 -8.16
CA TYR IA 110 -72.55 -80.16 -8.30
C TYR IA 110 -73.86 -79.59 -8.82
N TYR IA 111 -74.14 -78.34 -8.51
CA TYR IA 111 -75.32 -77.65 -9.02
C TYR IA 111 -74.96 -76.35 -9.72
N PRO IA 112 -74.27 -76.42 -10.87
CA PRO IA 112 -73.86 -75.30 -11.66
C PRO IA 112 -75.10 -74.65 -12.20
N GLN IA 113 -75.02 -73.35 -12.39
CA GLN IA 113 -76.12 -72.51 -12.85
C GLN IA 113 -77.24 -72.32 -11.80
N LEU IA 114 -77.09 -72.87 -10.59
CA LEU IA 114 -78.11 -72.65 -9.56
C LEU IA 114 -78.13 -71.19 -9.16
N ALA IA 115 -79.29 -70.56 -9.21
CA ALA IA 115 -79.36 -69.15 -8.84
C ALA IA 115 -79.75 -69.01 -7.38
N TYR IA 116 -78.85 -68.48 -6.56
CA TYR IA 116 -79.12 -68.34 -5.15
C TYR IA 116 -78.43 -67.11 -4.58
N TYR IA 117 -78.78 -66.78 -3.34
CA TYR IA 117 -78.28 -65.58 -2.68
C TYR IA 117 -77.29 -65.84 -1.57
N ARG IA 118 -77.77 -66.18 -0.38
CA ARG IA 118 -76.87 -66.37 0.73
C ARG IA 118 -77.49 -67.23 1.81
N ILE IA 119 -76.65 -68.00 2.49
CA ILE IA 119 -77.13 -68.83 3.58
C ILE IA 119 -77.08 -68.06 4.88
N HIS IA 120 -78.21 -68.01 5.56
CA HIS IA 120 -78.34 -67.34 6.83
C HIS IA 120 -78.23 -68.34 7.93
N PHE IA 121 -77.10 -68.36 8.62
CA PHE IA 121 -76.87 -69.36 9.60
C PHE IA 121 -77.63 -69.12 10.89
N ASP IA 122 -77.67 -67.86 11.34
CA ASP IA 122 -78.40 -67.43 12.56
C ASP IA 122 -78.51 -68.51 13.63
N GLU IA 123 -79.53 -69.37 13.52
CA GLU IA 123 -79.72 -70.48 14.44
C GLU IA 123 -79.10 -71.74 13.85
N PRO IA 124 -77.79 -71.98 14.11
CA PRO IA 124 -76.98 -73.12 13.61
C PRO IA 124 -77.76 -74.34 13.13
N ARG IA 125 -78.64 -74.84 13.99
CA ARG IA 125 -79.46 -76.00 13.76
C ARG IA 125 -80.25 -76.01 12.47
N LYS IA 126 -80.82 -74.86 12.13
CA LYS IA 126 -81.66 -74.72 10.96
C LYS IA 126 -81.35 -73.45 10.16
N PRO IA 127 -80.28 -73.43 9.38
CA PRO IA 127 -79.85 -72.34 8.53
C PRO IA 127 -80.84 -72.19 7.41
N VAL IA 128 -80.97 -70.97 6.92
CA VAL IA 128 -81.90 -70.66 5.85
C VAL IA 128 -81.18 -70.40 4.55
N PHE IA 129 -81.63 -71.04 3.50
CA PHE IA 129 -81.00 -70.92 2.21
C PHE IA 129 -81.84 -70.07 1.27
N TRP IA 130 -81.38 -68.85 0.96
CA TRP IA 130 -82.16 -68.06 0.01
C TRP IA 130 -81.86 -68.47 -1.42
N LEU IA 131 -82.93 -68.78 -2.15
CA LEU IA 131 -82.90 -69.29 -3.50
C LEU IA 131 -83.68 -68.37 -4.45
N SER IA 132 -83.18 -68.09 -5.64
CA SER IA 132 -83.92 -67.19 -6.53
C SER IA 132 -85.23 -67.81 -7.01
N ARG IA 133 -86.34 -67.25 -6.53
CA ARG IA 133 -87.67 -67.72 -6.88
C ARG IA 133 -87.94 -67.68 -8.37
N GLN IA 134 -87.55 -66.59 -9.01
CA GLN IA 134 -87.84 -66.38 -10.40
C GLN IA 134 -86.89 -67.09 -11.37
N ARG IA 135 -85.61 -67.20 -11.03
CA ARG IA 135 -84.69 -67.83 -11.96
C ARG IA 135 -84.63 -69.36 -11.87
N ASN IA 136 -84.99 -69.94 -10.74
CA ASN IA 136 -84.94 -71.40 -10.65
C ASN IA 136 -86.28 -72.04 -10.96
N THR IA 137 -86.21 -73.16 -11.67
CA THR IA 137 -87.40 -73.90 -12.08
C THR IA 137 -87.38 -75.33 -11.56
N MET IA 138 -86.65 -75.55 -10.46
CA MET IA 138 -86.54 -76.87 -9.87
C MET IA 138 -87.86 -77.34 -9.28
N SER IA 139 -88.11 -78.64 -9.36
CA SER IA 139 -89.34 -79.21 -8.82
C SER IA 139 -89.20 -79.37 -7.33
N LYS IA 140 -90.32 -79.56 -6.66
CA LYS IA 140 -90.33 -79.74 -5.21
C LYS IA 140 -89.44 -80.90 -4.80
N LYS IA 141 -89.49 -81.99 -5.56
CA LYS IA 141 -88.69 -83.16 -5.27
C LYS IA 141 -87.21 -82.87 -5.43
N GLU IA 142 -86.88 -82.11 -6.47
CA GLU IA 142 -85.50 -81.73 -6.69
C GLU IA 142 -84.98 -80.87 -5.56
N LEU IA 143 -85.84 -79.97 -5.07
CA LEU IA 143 -85.47 -79.12 -3.95
C LEU IA 143 -85.26 -79.94 -2.69
N GLU IA 144 -86.05 -81.00 -2.51
CA GLU IA 144 -85.85 -81.89 -1.38
C GLU IA 144 -84.44 -82.43 -1.40
N VAL IA 145 -84.06 -82.97 -2.55
CA VAL IA 145 -82.73 -83.54 -2.74
C VAL IA 145 -81.65 -82.52 -2.46
N LEU IA 146 -81.82 -81.31 -2.99
CA LEU IA 146 -80.88 -80.24 -2.77
C LEU IA 146 -80.66 -80.00 -1.29
N SER IA 147 -81.75 -79.88 -0.52
CA SER IA 147 -81.60 -79.64 0.91
C SER IA 147 -80.88 -80.77 1.59
N GLN IA 148 -81.09 -82.00 1.10
CA GLN IA 148 -80.42 -83.14 1.68
C GLN IA 148 -78.93 -83.09 1.45
N LYS IA 149 -78.53 -82.61 0.29
CA LYS IA 149 -77.11 -82.48 0.00
C LYS IA 149 -76.50 -81.42 0.88
N LEU IA 150 -77.25 -80.35 1.11
CA LEU IA 150 -76.78 -79.29 1.98
C LEU IA 150 -76.63 -79.80 3.41
N ARG IA 151 -77.55 -80.67 3.84
CA ARG IA 151 -77.46 -81.24 5.17
C ARG IA 151 -76.18 -82.04 5.29
N ALA IA 152 -75.83 -82.77 4.24
CA ALA IA 152 -74.57 -83.53 4.22
C ALA IA 152 -73.38 -82.60 4.38
N LEU IA 153 -73.44 -81.43 3.74
CA LEU IA 153 -72.35 -80.46 3.84
C LEU IA 153 -72.21 -79.83 5.22
N MET IA 154 -73.30 -79.82 6.00
CA MET IA 154 -73.30 -79.25 7.35
C MET IA 154 -73.60 -80.27 8.46
N PRO IA 155 -72.57 -80.96 8.97
CA PRO IA 155 -72.54 -81.99 10.03
C PRO IA 155 -73.31 -81.63 11.29
N TYR IA 156 -73.40 -80.34 11.58
CA TYR IA 156 -74.10 -79.89 12.78
C TYR IA 156 -75.58 -79.61 12.53
N ALA IA 157 -75.87 -78.97 11.41
CA ALA IA 157 -77.24 -78.60 11.08
C ALA IA 157 -78.12 -79.83 11.05
N ASP IA 158 -79.33 -79.68 11.56
CA ASP IA 158 -80.25 -80.79 11.60
C ASP IA 158 -81.06 -80.82 10.32
N SER IA 159 -81.38 -79.64 9.81
CA SER IA 159 -82.12 -79.54 8.56
C SER IA 159 -81.84 -78.22 7.89
N VAL IA 160 -82.19 -78.10 6.63
CA VAL IA 160 -81.96 -76.87 5.89
C VAL IA 160 -83.25 -76.29 5.39
N ASN IA 161 -83.49 -75.02 5.68
CA ASN IA 161 -84.71 -74.40 5.25
C ASN IA 161 -84.52 -73.62 3.96
N ILE IA 162 -84.73 -74.29 2.83
CA ILE IA 162 -84.62 -73.60 1.56
C ILE IA 162 -85.88 -72.81 1.30
N THR IA 163 -85.70 -71.55 0.95
CA THR IA 163 -86.84 -70.69 0.67
C THR IA 163 -86.55 -69.84 -0.54
N LEU IA 164 -87.60 -69.52 -1.27
CA LEU IA 164 -87.46 -68.79 -2.51
C LEU IA 164 -87.72 -67.30 -2.32
N MET IA 165 -86.79 -66.49 -2.81
CA MET IA 165 -86.87 -65.03 -2.69
C MET IA 165 -87.14 -64.37 -4.03
N ASP IA 166 -87.86 -63.26 -4.01
CA ASP IA 166 -88.18 -62.57 -5.26
C ASP IA 166 -87.10 -61.56 -5.64
N ASP IA 167 -86.43 -61.84 -6.76
CA ASP IA 167 -85.34 -61.02 -7.30
C ASP IA 167 -85.68 -59.53 -7.36
N VAL IA 168 -86.93 -59.21 -7.62
CA VAL IA 168 -87.37 -57.83 -7.72
C VAL IA 168 -87.24 -57.10 -6.41
N THR IA 169 -87.55 -57.77 -5.31
CA THR IA 169 -87.49 -57.11 -4.03
C THR IA 169 -86.06 -56.91 -3.59
N ALA IA 170 -85.18 -57.79 -4.04
CA ALA IA 170 -83.76 -57.63 -3.73
C ALA IA 170 -83.25 -56.35 -4.39
N ALA IA 171 -83.55 -56.20 -5.68
CA ALA IA 171 -83.14 -55.03 -6.42
C ALA IA 171 -83.80 -53.78 -5.91
N GLY IA 172 -85.09 -53.87 -5.56
CA GLY IA 172 -85.84 -52.74 -5.07
C GLY IA 172 -85.22 -52.16 -3.82
N GLN IA 173 -84.85 -53.02 -2.88
CA GLN IA 173 -84.23 -52.56 -1.64
C GLN IA 173 -82.88 -51.92 -1.90
N ALA IA 174 -82.10 -52.52 -2.80
CA ALA IA 174 -80.80 -51.97 -3.12
C ALA IA 174 -80.89 -50.55 -3.60
N GLU IA 175 -81.77 -50.30 -4.55
CA GLU IA 175 -81.90 -48.97 -5.09
C GLU IA 175 -82.56 -48.01 -4.14
N ALA IA 176 -83.60 -48.47 -3.45
CA ALA IA 176 -84.33 -47.60 -2.53
C ALA IA 176 -83.43 -47.01 -1.46
N GLY IA 177 -82.64 -47.85 -0.81
CA GLY IA 177 -81.75 -47.37 0.23
C GLY IA 177 -80.68 -46.46 -0.34
N LEU IA 178 -80.16 -46.82 -1.51
CA LEU IA 178 -79.14 -46.07 -2.19
C LEU IA 178 -79.58 -44.63 -2.45
N LYS IA 179 -80.80 -44.47 -2.99
CA LYS IA 179 -81.30 -43.14 -3.25
C LYS IA 179 -81.79 -42.44 -1.97
N GLN IA 180 -82.16 -43.20 -0.95
CA GLN IA 180 -82.54 -42.60 0.34
C GLN IA 180 -81.37 -41.84 0.93
N GLN IA 181 -80.18 -42.40 0.77
CA GLN IA 181 -78.94 -41.77 1.23
C GLN IA 181 -78.52 -40.56 0.39
N ALA IA 182 -79.30 -40.20 -0.64
CA ALA IA 182 -79.05 -39.08 -1.54
C ALA IA 182 -77.79 -39.28 -2.35
N LEU IA 183 -77.47 -40.52 -2.68
CA LEU IA 183 -76.27 -40.80 -3.43
C LEU IA 183 -76.58 -40.80 -4.92
N PRO IA 184 -75.66 -40.33 -5.75
CA PRO IA 184 -75.71 -40.33 -7.19
C PRO IA 184 -75.36 -41.72 -7.67
N TYR IA 185 -76.02 -42.19 -8.71
CA TYR IA 185 -75.72 -43.52 -9.21
C TYR IA 185 -76.35 -43.75 -10.57
N SER IA 186 -75.95 -44.83 -11.20
CA SER IA 186 -76.58 -45.21 -12.44
C SER IA 186 -76.75 -46.72 -12.45
N ARG IA 187 -77.99 -47.15 -12.58
CA ARG IA 187 -78.36 -48.55 -12.54
C ARG IA 187 -78.04 -49.27 -13.85
N ARG IA 188 -77.60 -50.52 -13.74
CA ARG IA 188 -77.27 -51.35 -14.88
C ARG IA 188 -77.97 -52.68 -14.85
N ASN IA 189 -79.16 -52.75 -15.42
CA ASN IA 189 -79.87 -54.01 -15.46
C ASN IA 189 -79.32 -54.88 -16.56
N HIS IA 190 -79.10 -56.14 -16.26
CA HIS IA 190 -78.65 -57.07 -17.28
C HIS IA 190 -79.17 -58.45 -16.98
N LYS IA 191 -79.11 -59.34 -17.94
CA LYS IA 191 -79.61 -60.67 -17.67
C LYS IA 191 -78.79 -61.30 -16.57
N GLY IA 192 -79.47 -61.74 -15.52
CA GLY IA 192 -78.81 -62.40 -14.41
C GLY IA 192 -78.38 -61.48 -13.26
N GLY IA 193 -78.57 -60.17 -13.37
CA GLY IA 193 -78.15 -59.32 -12.25
C GLY IA 193 -78.30 -57.82 -12.48
N VAL IA 194 -77.81 -57.05 -11.53
CA VAL IA 194 -77.87 -55.59 -11.66
C VAL IA 194 -76.69 -54.93 -10.97
N THR IA 195 -76.13 -53.94 -11.63
CA THR IA 195 -74.99 -53.22 -11.05
C THR IA 195 -75.28 -51.74 -10.85
N PHE IA 196 -74.88 -51.23 -9.69
CA PHE IA 196 -75.10 -49.82 -9.37
C PHE IA 196 -73.80 -49.05 -9.40
N VAL IA 197 -73.63 -48.25 -10.44
CA VAL IA 197 -72.42 -47.50 -10.66
C VAL IA 197 -72.43 -46.14 -10.02
N ILE IA 198 -71.42 -45.87 -9.20
CA ILE IA 198 -71.29 -44.58 -8.53
C ILE IA 198 -69.99 -43.91 -8.92
N GLN IA 199 -70.06 -42.91 -9.79
CA GLN IA 199 -68.85 -42.24 -10.25
C GLN IA 199 -68.82 -40.76 -9.93
N GLY IA 200 -67.67 -40.16 -10.17
CA GLY IA 200 -67.47 -38.73 -9.96
C GLY IA 200 -66.73 -38.47 -8.66
N ALA IA 201 -66.43 -37.20 -8.42
CA ALA IA 201 -65.78 -36.84 -7.17
C ALA IA 201 -66.80 -36.93 -6.06
N LEU IA 202 -66.39 -37.41 -4.90
CA LEU IA 202 -67.33 -37.58 -3.82
C LEU IA 202 -66.93 -36.84 -2.55
N ASP IA 203 -67.91 -36.30 -1.88
CA ASP IA 203 -67.74 -35.63 -0.60
C ASP IA 203 -67.48 -36.66 0.46
N ASP IA 204 -66.55 -36.40 1.37
CA ASP IA 204 -66.23 -37.36 2.43
C ASP IA 204 -67.47 -37.87 3.19
N VAL IA 205 -68.49 -37.02 3.30
CA VAL IA 205 -69.69 -37.40 4.01
C VAL IA 205 -70.45 -38.45 3.24
N GLU IA 206 -70.68 -38.20 1.94
CA GLU IA 206 -71.40 -39.18 1.13
C GLU IA 206 -70.59 -40.43 0.91
N ILE IA 207 -69.27 -40.35 1.01
CA ILE IA 207 -68.47 -41.55 0.90
C ILE IA 207 -68.75 -42.47 2.06
N LEU IA 208 -68.76 -41.91 3.27
CA LEU IA 208 -69.05 -42.67 4.46
C LEU IA 208 -70.42 -43.33 4.37
N ARG IA 209 -71.43 -42.52 4.02
CA ARG IA 209 -72.78 -43.03 3.88
C ARG IA 209 -72.89 -44.15 2.90
N ALA IA 210 -72.22 -44.00 1.75
CA ALA IA 210 -72.27 -45.02 0.71
C ALA IA 210 -71.76 -46.33 1.20
N ARG IA 211 -70.59 -46.34 1.85
CA ARG IA 211 -70.04 -47.59 2.31
C ARG IA 211 -70.91 -48.25 3.36
N GLN IA 212 -71.45 -47.47 4.29
CA GLN IA 212 -72.29 -48.05 5.33
C GLN IA 212 -73.47 -48.80 4.72
N PHE IA 213 -74.11 -48.17 3.75
CA PHE IA 213 -75.22 -48.80 3.06
C PHE IA 213 -74.84 -50.08 2.36
N VAL IA 214 -73.77 -50.02 1.57
CA VAL IA 214 -73.32 -51.16 0.81
C VAL IA 214 -72.98 -52.34 1.68
N ASP IA 215 -72.23 -52.09 2.76
CA ASP IA 215 -71.87 -53.18 3.66
C ASP IA 215 -73.09 -53.87 4.22
N SER IA 216 -74.11 -53.10 4.61
CA SER IA 216 -75.31 -53.70 5.15
C SER IA 216 -76.07 -54.51 4.13
N TYR IA 217 -76.18 -54.00 2.91
CA TYR IA 217 -76.90 -54.72 1.86
C TYR IA 217 -76.21 -56.06 1.60
N TYR IA 218 -74.90 -56.01 1.49
CA TYR IA 218 -74.10 -57.19 1.28
C TYR IA 218 -74.33 -58.20 2.39
N ARG IA 219 -74.20 -57.75 3.63
CA ARG IA 219 -74.40 -58.63 4.77
C ARG IA 219 -75.71 -59.38 4.70
N THR IA 220 -76.79 -58.70 4.30
CA THR IA 220 -78.09 -59.35 4.21
C THR IA 220 -78.26 -60.22 2.98
N TRP IA 221 -78.26 -59.61 1.82
CA TRP IA 221 -78.53 -60.32 0.58
C TRP IA 221 -77.33 -61.02 -0.05
N GLY IA 222 -76.15 -60.45 0.14
CA GLY IA 222 -74.96 -61.00 -0.49
C GLY IA 222 -74.72 -60.32 -1.83
N GLY IA 223 -73.58 -60.57 -2.45
CA GLY IA 223 -73.23 -59.92 -3.71
C GLY IA 223 -73.37 -60.77 -4.96
N ARG IA 224 -74.31 -61.71 -4.98
CA ARG IA 224 -74.47 -62.56 -6.16
C ARG IA 224 -75.46 -62.03 -7.19
N TYR IA 225 -76.29 -61.08 -6.80
CA TYR IA 225 -77.26 -60.52 -7.73
C TYR IA 225 -77.03 -59.05 -7.90
N VAL IA 226 -76.92 -58.34 -6.78
CA VAL IA 226 -76.65 -56.92 -6.79
C VAL IA 226 -75.19 -56.62 -6.58
N GLN IA 227 -74.60 -55.91 -7.53
CA GLN IA 227 -73.20 -55.54 -7.45
C GLN IA 227 -73.06 -54.03 -7.38
N PHE IA 228 -72.34 -53.53 -6.39
CA PHE IA 228 -72.14 -52.09 -6.30
C PHE IA 228 -70.77 -51.74 -6.85
N ALA IA 229 -70.64 -50.54 -7.40
CA ALA IA 229 -69.38 -50.13 -8.02
C ALA IA 229 -69.02 -48.70 -7.70
N ILE IA 230 -68.39 -48.48 -6.55
CA ILE IA 230 -67.97 -47.14 -6.15
C ILE IA 230 -66.65 -46.80 -6.82
N GLU IA 231 -66.65 -45.72 -7.59
CA GLU IA 231 -65.47 -45.28 -8.30
C GLU IA 231 -65.18 -43.80 -8.09
N LEU IA 232 -64.25 -43.53 -7.19
CA LEU IA 232 -63.87 -42.15 -6.88
C LEU IA 232 -63.01 -41.58 -7.98
N LYS IA 233 -63.56 -40.64 -8.76
CA LYS IA 233 -62.86 -40.08 -9.91
C LYS IA 233 -62.92 -38.55 -10.00
N ASP IA 234 -61.97 -37.97 -10.72
CA ASP IA 234 -61.96 -36.52 -10.92
C ASP IA 234 -62.93 -36.09 -12.00
N ASP IA 235 -63.48 -34.89 -11.81
CA ASP IA 235 -64.42 -34.32 -12.76
C ASP IA 235 -63.83 -33.09 -13.44
N ASP JA 3 -51.05 -57.08 40.92
CA ASP JA 3 -49.77 -56.46 41.22
C ASP JA 3 -48.87 -56.43 39.98
N LYS JA 4 -49.28 -55.70 38.96
CA LYS JA 4 -48.51 -55.61 37.74
C LYS JA 4 -48.01 -54.21 37.48
N ASP JA 5 -46.82 -54.10 36.90
CA ASP JA 5 -46.28 -52.81 36.55
C ASP JA 5 -46.84 -52.38 35.21
N LEU JA 6 -47.40 -51.19 35.14
CA LEU JA 6 -47.97 -50.71 33.89
C LEU JA 6 -47.07 -49.64 33.29
N LEU JA 7 -46.89 -48.53 34.02
CA LEU JA 7 -46.04 -47.43 33.54
C LEU JA 7 -44.98 -47.02 34.56
N LYS JA 8 -43.85 -46.53 34.06
CA LYS JA 8 -42.77 -46.08 34.93
C LYS JA 8 -42.11 -44.81 34.44
N GLY JA 9 -41.60 -44.00 35.37
CA GLY JA 9 -40.88 -42.79 34.98
C GLY JA 9 -41.78 -41.66 34.53
N LEU JA 10 -43.02 -41.67 35.01
CA LEU JA 10 -43.97 -40.65 34.60
C LEU JA 10 -43.76 -39.37 35.36
N ASP JA 11 -44.10 -38.25 34.74
CA ASP JA 11 -44.02 -37.02 35.48
C ASP JA 11 -45.34 -36.88 36.20
N GLN JA 12 -45.48 -35.83 36.98
CA GLN JA 12 -46.68 -35.64 37.76
C GLN JA 12 -47.97 -35.55 36.95
N GLU JA 13 -47.94 -34.71 35.91
CA GLU JA 13 -49.11 -34.51 35.05
C GLU JA 13 -49.56 -35.79 34.40
N GLN JA 14 -48.63 -36.48 33.75
CA GLN JA 14 -48.90 -37.72 33.05
C GLN JA 14 -49.50 -38.74 33.98
N ALA JA 15 -48.91 -38.90 35.16
CA ALA JA 15 -49.37 -39.88 36.11
C ALA JA 15 -50.82 -39.65 36.46
N ASN JA 16 -51.18 -38.42 36.78
CA ASN JA 16 -52.55 -38.13 37.15
C ASN JA 16 -53.52 -38.30 35.99
N GLU JA 17 -53.08 -37.98 34.77
CA GLU JA 17 -53.96 -38.13 33.62
C GLU JA 17 -54.28 -39.57 33.30
N VAL JA 18 -53.26 -40.43 33.34
CA VAL JA 18 -53.46 -41.83 33.06
C VAL JA 18 -54.39 -42.46 34.07
N ILE JA 19 -54.18 -42.13 35.33
CA ILE JA 19 -55.02 -42.63 36.40
C ILE JA 19 -56.47 -42.26 36.19
N ALA JA 20 -56.71 -41.00 35.83
CA ALA JA 20 -58.07 -40.54 35.59
C ALA JA 20 -58.79 -41.44 34.59
N VAL JA 21 -58.11 -41.76 33.49
CA VAL JA 21 -58.69 -42.63 32.47
C VAL JA 21 -59.01 -44.01 33.00
N LEU JA 22 -58.07 -44.61 33.72
CA LEU JA 22 -58.28 -45.94 34.24
C LEU JA 22 -59.46 -46.01 35.19
N GLN JA 23 -59.60 -45.00 36.03
CA GLN JA 23 -60.71 -44.96 36.96
C GLN JA 23 -62.02 -44.83 36.23
N MET JA 24 -62.02 -43.99 35.20
CA MET JA 24 -63.21 -43.81 34.37
C MET JA 24 -63.70 -45.13 33.79
N HIS JA 25 -62.77 -46.01 33.45
CA HIS JA 25 -63.13 -47.32 32.93
C HIS JA 25 -63.17 -48.41 33.97
N ASN JA 26 -63.37 -48.05 35.23
CA ASN JA 26 -63.51 -49.00 36.33
C ASN JA 26 -62.26 -49.79 36.66
N ILE JA 27 -61.12 -49.12 36.68
CA ILE JA 27 -59.85 -49.75 37.06
C ILE JA 27 -59.14 -48.99 38.16
N GLU JA 28 -58.90 -49.64 39.29
CA GLU JA 28 -58.14 -49.03 40.38
C GLU JA 28 -56.67 -48.93 39.98
N ALA JA 29 -55.99 -47.89 40.44
CA ALA JA 29 -54.59 -47.75 40.08
C ALA JA 29 -53.79 -47.11 41.21
N ASN JA 30 -52.55 -47.54 41.36
CA ASN JA 30 -51.69 -47.03 42.40
C ASN JA 30 -50.67 -46.09 41.82
N LYS JA 31 -50.46 -44.94 42.47
CA LYS JA 31 -49.42 -44.02 42.04
C LYS JA 31 -48.27 -44.12 43.01
N ILE JA 32 -47.13 -44.56 42.52
CA ILE JA 32 -45.97 -44.75 43.36
C ILE JA 32 -44.90 -43.71 43.12
N ASP JA 33 -44.55 -43.00 44.17
CA ASP JA 33 -43.52 -41.97 44.12
C ASP JA 33 -42.15 -42.57 44.36
N SER JA 34 -41.33 -42.62 43.31
CA SER JA 34 -39.97 -43.16 43.41
C SER JA 34 -38.92 -42.06 43.41
N GLY JA 35 -39.31 -40.87 43.86
CA GLY JA 35 -38.40 -39.75 43.97
C GLY JA 35 -37.94 -39.27 42.62
N LYS JA 36 -36.62 -39.15 42.45
CA LYS JA 36 -36.00 -38.69 41.22
C LYS JA 36 -36.31 -39.55 40.02
N LEU JA 37 -36.78 -40.78 40.25
CA LEU JA 37 -37.07 -41.67 39.15
C LEU JA 37 -38.49 -41.47 38.60
N GLY JA 38 -39.28 -40.59 39.21
CA GLY JA 38 -40.61 -40.30 38.71
C GLY JA 38 -41.69 -41.17 39.34
N TYR JA 39 -42.84 -41.21 38.68
CA TYR JA 39 -43.96 -41.98 39.18
C TYR JA 39 -44.17 -43.27 38.44
N SER JA 40 -44.70 -44.26 39.14
CA SER JA 40 -45.02 -45.52 38.54
C SER JA 40 -46.46 -45.88 38.79
N ILE JA 41 -47.09 -46.49 37.80
CA ILE JA 41 -48.48 -46.89 37.94
C ILE JA 41 -48.61 -48.38 37.92
N THR JA 42 -49.26 -48.92 38.95
CA THR JA 42 -49.47 -50.36 39.02
C THR JA 42 -50.94 -50.68 39.17
N VAL JA 43 -51.32 -51.87 38.71
CA VAL JA 43 -52.72 -52.29 38.76
C VAL JA 43 -52.88 -53.72 39.22
N ALA JA 44 -54.09 -54.06 39.64
CA ALA JA 44 -54.40 -55.42 40.04
C ALA JA 44 -54.33 -56.32 38.82
N GLU JA 45 -53.78 -57.51 39.01
CA GLU JA 45 -53.63 -58.47 37.94
C GLU JA 45 -54.93 -58.77 37.16
N PRO JA 46 -56.10 -58.88 37.81
CA PRO JA 46 -57.41 -59.07 37.18
C PRO JA 46 -57.76 -57.97 36.18
N ASP JA 47 -57.27 -56.75 36.41
CA ASP JA 47 -57.57 -55.64 35.53
C ASP JA 47 -56.49 -55.40 34.50
N PHE JA 48 -55.28 -55.85 34.80
CA PHE JA 48 -54.12 -55.63 33.95
C PHE JA 48 -54.35 -55.75 32.45
N THR JA 49 -55.09 -56.76 32.00
CA THR JA 49 -55.34 -56.91 30.57
C THR JA 49 -56.10 -55.72 30.02
N ALA JA 50 -57.16 -55.35 30.71
CA ALA JA 50 -57.98 -54.22 30.30
C ALA JA 50 -57.19 -52.94 30.38
N ALA JA 51 -56.38 -52.81 31.42
CA ALA JA 51 -55.57 -51.61 31.61
C ALA JA 51 -54.68 -51.39 30.42
N VAL JA 52 -54.02 -52.45 29.96
CA VAL JA 52 -53.15 -52.36 28.79
C VAL JA 52 -53.92 -51.92 27.57
N TYR JA 53 -55.08 -52.51 27.37
CA TYR JA 53 -55.92 -52.14 26.25
C TYR JA 53 -56.21 -50.65 26.22
N TRP JA 54 -56.57 -50.08 27.37
CA TRP JA 54 -56.88 -48.66 27.43
C TRP JA 54 -55.66 -47.76 27.27
N ILE JA 55 -54.48 -48.20 27.73
CA ILE JA 55 -53.26 -47.42 27.53
C ILE JA 55 -53.02 -47.25 26.04
N LYS JA 56 -53.25 -48.32 25.30
CA LYS JA 56 -53.13 -48.27 23.86
C LYS JA 56 -54.17 -47.35 23.26
N THR JA 57 -55.43 -47.60 23.60
CA THR JA 57 -56.57 -46.85 23.06
C THR JA 57 -56.43 -45.34 23.20
N TYR JA 58 -56.00 -44.88 24.35
CA TYR JA 58 -55.88 -43.45 24.59
C TYR JA 58 -54.49 -42.86 24.41
N GLN JA 59 -53.61 -43.55 23.69
CA GLN JA 59 -52.26 -43.00 23.46
C GLN JA 59 -51.58 -42.55 24.75
N LEU JA 60 -51.57 -43.40 25.76
CA LEU JA 60 -50.98 -43.00 27.03
C LEU JA 60 -49.57 -43.56 27.22
N PRO JA 61 -48.74 -42.85 28.00
CA PRO JA 61 -48.94 -41.60 28.69
C PRO JA 61 -48.90 -40.43 27.70
N PRO JA 62 -49.55 -39.30 28.03
CA PRO JA 62 -49.69 -38.08 27.25
C PRO JA 62 -48.37 -37.44 26.87
N ARG JA 63 -48.35 -36.81 25.70
CA ARG JA 63 -47.19 -36.06 25.26
C ARG JA 63 -47.30 -34.66 25.84
N PRO JA 64 -46.21 -33.90 25.88
CA PRO JA 64 -46.14 -32.52 26.31
C PRO JA 64 -46.82 -31.64 25.27
N ARG JA 65 -47.39 -30.54 25.73
CA ARG JA 65 -48.14 -29.65 24.84
C ARG JA 65 -47.24 -28.87 23.90
N VAL JA 66 -47.62 -28.85 22.63
CA VAL JA 66 -46.85 -28.18 21.60
C VAL JA 66 -47.33 -26.77 21.31
N GLU JA 67 -46.39 -25.83 21.41
CA GLU JA 67 -46.63 -24.43 21.16
C GLU JA 67 -45.58 -23.94 20.17
N ILE JA 68 -45.97 -23.05 19.27
CA ILE JA 68 -45.10 -22.63 18.18
C ILE JA 68 -43.78 -22.03 18.62
N ALA JA 69 -43.80 -21.17 19.64
CA ALA JA 69 -42.59 -20.51 20.12
C ALA JA 69 -41.52 -21.48 20.59
N GLN JA 70 -41.87 -22.73 20.86
CA GLN JA 70 -40.91 -23.69 21.34
C GLN JA 70 -39.87 -24.02 20.27
N MET JA 71 -40.18 -23.73 19.01
CA MET JA 71 -39.25 -24.00 17.93
C MET JA 71 -38.52 -22.79 17.40
N PHE JA 72 -38.68 -21.65 18.05
CA PHE JA 72 -37.96 -20.45 17.62
C PHE JA 72 -37.52 -19.68 18.84
N PRO JA 73 -36.60 -20.24 19.63
CA PRO JA 73 -36.11 -19.76 20.91
C PRO JA 73 -35.27 -18.50 20.83
N ALA JA 74 -35.35 -17.70 21.91
CA ALA JA 74 -34.63 -16.44 22.02
C ALA JA 74 -33.15 -16.65 22.25
N ASP JA 75 -32.76 -17.88 22.54
CA ASP JA 75 -31.37 -18.22 22.76
C ASP JA 75 -30.54 -18.14 21.48
N SER JA 76 -31.19 -18.08 20.32
CA SER JA 76 -30.45 -17.97 19.09
C SER JA 76 -29.68 -16.67 19.03
N LEU JA 77 -28.46 -16.76 18.50
CA LEU JA 77 -27.58 -15.61 18.38
C LEU JA 77 -28.09 -14.59 17.38
N VAL JA 78 -28.87 -15.06 16.42
CA VAL JA 78 -29.43 -14.22 15.39
C VAL JA 78 -30.92 -14.49 15.27
N SER JA 79 -31.62 -13.60 14.59
CA SER JA 79 -33.05 -13.77 14.41
C SER JA 79 -33.44 -13.33 13.02
N SER JA 80 -34.68 -13.60 12.66
CA SER JA 80 -35.19 -13.21 11.37
C SER JA 80 -36.61 -12.78 11.56
N PRO JA 81 -37.14 -11.92 10.69
CA PRO JA 81 -38.49 -11.42 10.65
C PRO JA 81 -39.47 -12.56 10.73
N ARG JA 82 -39.16 -13.64 10.02
CA ARG JA 82 -39.99 -14.82 10.01
C ARG JA 82 -40.12 -15.40 11.40
N ALA JA 83 -38.98 -15.61 12.05
CA ALA JA 83 -38.98 -16.18 13.38
C ALA JA 83 -39.65 -15.27 14.39
N GLU JA 84 -39.36 -13.98 14.33
CA GLU JA 84 -39.90 -13.05 15.30
C GLU JA 84 -41.41 -12.93 15.20
N LYS JA 85 -41.94 -12.89 13.98
CA LYS JA 85 -43.37 -12.79 13.82
C LYS JA 85 -44.05 -14.04 14.35
N ALA JA 86 -43.44 -15.20 14.10
CA ALA JA 86 -43.98 -16.46 14.61
C ALA JA 86 -44.01 -16.46 16.12
N ARG JA 87 -42.94 -16.00 16.75
CA ARG JA 87 -42.87 -15.95 18.20
C ARG JA 87 -43.99 -15.13 18.78
N LEU JA 88 -44.24 -13.98 18.18
CA LEU JA 88 -45.31 -13.13 18.65
C LEU JA 88 -46.66 -13.79 18.58
N TYR JA 89 -46.99 -14.39 17.45
CA TYR JA 89 -48.28 -15.05 17.31
C TYR JA 89 -48.47 -16.16 18.30
N SER JA 90 -47.41 -16.89 18.60
CA SER JA 90 -47.49 -17.96 19.56
C SER JA 90 -47.94 -17.43 20.90
N ALA JA 91 -47.32 -16.34 21.34
CA ALA JA 91 -47.67 -15.71 22.59
C ALA JA 91 -49.10 -15.23 22.60
N ILE JA 92 -49.54 -14.66 21.48
CA ILE JA 92 -50.90 -14.17 21.39
C ILE JA 92 -51.92 -15.28 21.54
N GLU JA 93 -51.70 -16.43 20.90
CA GLU JA 93 -52.65 -17.53 21.08
C GLU JA 93 -52.75 -17.92 22.52
N GLN JA 94 -51.60 -18.02 23.20
CA GLN JA 94 -51.60 -18.40 24.59
C GLN JA 94 -52.36 -17.42 25.45
N ARG JA 95 -52.18 -16.15 25.17
CA ARG JA 95 -52.81 -15.10 25.93
C ARG JA 95 -54.31 -15.12 25.72
N LEU JA 96 -54.76 -15.39 24.51
CA LEU JA 96 -56.19 -15.51 24.25
C LEU JA 96 -56.81 -16.69 24.97
N GLU JA 97 -56.07 -17.80 25.06
CA GLU JA 97 -56.58 -18.96 25.79
C GLU JA 97 -56.73 -18.63 27.26
N GLN JA 98 -55.75 -17.91 27.80
CA GLN JA 98 -55.82 -17.50 29.20
C GLN JA 98 -57.05 -16.66 29.46
N SER JA 99 -57.43 -15.83 28.50
CA SER JA 99 -58.62 -15.00 28.67
C SER JA 99 -59.92 -15.77 28.59
N LEU JA 100 -60.07 -16.64 27.59
CA LEU JA 100 -61.34 -17.35 27.44
C LEU JA 100 -61.65 -18.24 28.61
N GLN JA 101 -60.62 -18.79 29.23
CA GLN JA 101 -60.85 -19.68 30.36
C GLN JA 101 -61.31 -18.96 31.63
N THR JA 102 -61.40 -17.63 31.60
CA THR JA 102 -61.90 -16.90 32.75
C THR JA 102 -63.36 -16.50 32.56
N MET JA 103 -63.94 -16.80 31.39
CA MET JA 103 -65.33 -16.46 31.18
C MET JA 103 -66.23 -17.39 31.96
N GLU JA 104 -67.35 -16.85 32.40
CA GLU JA 104 -68.31 -17.59 33.19
C GLU JA 104 -68.79 -18.84 32.50
N GLY JA 105 -68.66 -19.97 33.19
CA GLY JA 105 -69.11 -21.24 32.67
C GLY JA 105 -68.08 -21.99 31.85
N VAL JA 106 -66.96 -21.35 31.52
CA VAL JA 106 -65.96 -22.04 30.71
C VAL JA 106 -64.99 -22.82 31.58
N LEU JA 107 -64.84 -24.09 31.26
CA LEU JA 107 -63.97 -24.97 31.99
C LEU JA 107 -62.64 -25.09 31.27
N SER JA 108 -62.70 -25.11 29.94
CA SER JA 108 -61.48 -25.21 29.13
C SER JA 108 -61.65 -24.61 27.76
N ALA JA 109 -60.58 -24.05 27.23
CA ALA JA 109 -60.68 -23.48 25.89
C ALA JA 109 -59.34 -23.43 25.18
N ARG JA 110 -59.37 -23.65 23.86
CA ARG JA 110 -58.17 -23.62 23.03
C ARG JA 110 -58.35 -22.65 21.88
N VAL JA 111 -57.28 -21.97 21.49
CA VAL JA 111 -57.36 -20.95 20.43
C VAL JA 111 -56.28 -21.06 19.38
N HIS JA 112 -56.68 -20.94 18.12
CA HIS JA 112 -55.74 -20.96 17.01
C HIS JA 112 -55.84 -19.70 16.18
N ILE JA 113 -54.70 -19.24 15.67
CA ILE JA 113 -54.70 -18.08 14.79
C ILE JA 113 -53.91 -18.42 13.57
N SER JA 114 -54.34 -17.96 12.42
CA SER JA 114 -53.61 -18.24 11.20
C SER JA 114 -52.27 -17.52 11.20
N TYR JA 115 -51.34 -18.03 10.42
CA TYR JA 115 -50.00 -17.45 10.35
C TYR JA 115 -49.71 -16.88 8.98
N ASP JA 116 -48.73 -15.99 8.95
CA ASP JA 116 -48.28 -15.35 7.72
C ASP JA 116 -46.79 -15.39 7.70
N ILE JA 117 -46.27 -16.26 6.87
CA ILE JA 117 -44.84 -16.49 6.82
C ILE JA 117 -44.13 -15.83 5.65
N ASP JA 118 -44.85 -15.47 4.59
CA ASP JA 118 -44.16 -14.86 3.49
C ASP JA 118 -44.96 -13.91 2.60
N ALA JA 119 -45.93 -13.18 3.16
CA ALA JA 119 -46.65 -12.19 2.33
C ALA JA 119 -45.70 -11.10 1.87
N GLY JA 120 -45.25 -10.25 2.80
CA GLY JA 120 -44.31 -9.16 2.52
C GLY JA 120 -43.06 -9.65 1.81
N GLU JA 121 -42.59 -10.84 2.20
CA GLU JA 121 -41.45 -11.50 1.57
C GLU JA 121 -41.57 -11.58 0.06
N ASN JA 122 -42.78 -11.81 -0.43
CA ASN JA 122 -43.03 -11.95 -1.85
C ASN JA 122 -43.55 -10.66 -2.49
N GLY JA 123 -43.48 -9.55 -1.76
CA GLY JA 123 -43.97 -8.28 -2.28
C GLY JA 123 -45.50 -8.19 -2.20
N ARG JA 124 -46.11 -9.08 -1.43
CA ARG JA 124 -47.56 -9.11 -1.32
C ARG JA 124 -48.06 -8.48 -0.02
N PRO JA 125 -49.29 -7.98 -0.03
CA PRO JA 125 -50.02 -7.48 1.10
C PRO JA 125 -50.40 -8.68 1.95
N PRO JA 126 -50.61 -8.49 3.24
CA PRO JA 126 -50.96 -9.48 4.24
C PRO JA 126 -52.37 -9.99 4.02
N LYS JA 127 -52.62 -11.21 4.47
CA LYS JA 127 -53.93 -11.82 4.32
C LYS JA 127 -54.76 -11.58 5.58
N PRO JA 128 -56.08 -11.70 5.47
CA PRO JA 128 -57.05 -11.60 6.54
C PRO JA 128 -56.74 -12.64 7.59
N VAL JA 129 -57.04 -12.33 8.83
CA VAL JA 129 -56.71 -13.25 9.89
C VAL JA 129 -57.83 -14.21 10.19
N HIS JA 130 -57.49 -15.49 10.31
CA HIS JA 130 -58.50 -16.49 10.63
C HIS JA 130 -58.34 -16.96 12.05
N LEU JA 131 -59.45 -17.17 12.73
CA LEU JA 131 -59.42 -17.64 14.10
C LEU JA 131 -60.31 -18.84 14.29
N SER JA 132 -59.90 -19.72 15.19
CA SER JA 132 -60.76 -20.84 15.52
C SER JA 132 -60.60 -21.16 16.99
N ALA JA 133 -61.63 -21.72 17.60
CA ALA JA 133 -61.52 -22.01 19.00
C ALA JA 133 -62.40 -23.14 19.45
N LEU JA 134 -61.95 -23.81 20.50
CA LEU JA 134 -62.68 -24.90 21.10
C LEU JA 134 -63.05 -24.55 22.52
N ALA JA 135 -64.20 -24.99 22.99
CA ALA JA 135 -64.55 -24.68 24.37
C ALA JA 135 -65.40 -25.75 25.04
N VAL JA 136 -65.16 -25.90 26.34
CA VAL JA 136 -65.89 -26.83 27.19
C VAL JA 136 -66.60 -26.07 28.29
N TYR JA 137 -67.90 -26.25 28.39
CA TYR JA 137 -68.70 -25.57 29.38
C TYR JA 137 -69.23 -26.45 30.49
N GLU JA 138 -69.60 -25.79 31.58
CA GLU JA 138 -70.26 -26.45 32.68
C GLU JA 138 -71.56 -27.05 32.21
N ARG JA 139 -71.76 -28.33 32.51
CA ARG JA 139 -72.95 -29.03 32.06
C ARG JA 139 -74.24 -28.34 32.46
N GLY JA 140 -75.13 -28.19 31.48
CA GLY JA 140 -76.43 -27.55 31.67
C GLY JA 140 -76.45 -26.09 31.17
N SER JA 141 -75.28 -25.57 30.82
CA SER JA 141 -75.13 -24.21 30.31
C SER JA 141 -75.73 -24.05 28.89
N PRO JA 142 -76.32 -22.90 28.54
CA PRO JA 142 -76.97 -22.53 27.28
C PRO JA 142 -75.98 -22.18 26.14
N LEU JA 143 -75.23 -23.21 25.73
CA LEU JA 143 -74.19 -23.12 24.69
C LEU JA 143 -74.57 -22.37 23.42
N ALA JA 144 -75.81 -22.52 22.98
CA ALA JA 144 -76.30 -21.91 21.75
C ALA JA 144 -76.29 -20.39 21.78
N HIS JA 145 -76.16 -19.79 22.96
CA HIS JA 145 -76.15 -18.36 23.06
C HIS JA 145 -74.78 -17.86 23.47
N GLN JA 146 -74.13 -18.66 24.31
CA GLN JA 146 -72.81 -18.33 24.82
C GLN JA 146 -71.77 -18.20 23.72
N ILE JA 147 -71.92 -19.00 22.69
CA ILE JA 147 -71.06 -18.94 21.52
C ILE JA 147 -70.94 -17.54 20.89
N SER JA 148 -71.94 -16.67 21.10
CA SER JA 148 -71.89 -15.35 20.51
C SER JA 148 -70.97 -14.41 21.28
N ASP JA 149 -70.73 -14.69 22.57
CA ASP JA 149 -69.82 -13.86 23.34
C ASP JA 149 -68.42 -14.13 22.90
N ILE JA 150 -68.12 -15.40 22.69
CA ILE JA 150 -66.79 -15.78 22.27
C ILE JA 150 -66.46 -15.14 20.95
N LYS JA 151 -67.38 -15.24 20.03
CA LYS JA 151 -67.18 -14.73 18.70
C LYS JA 151 -67.05 -13.21 18.68
N ARG JA 152 -67.85 -12.51 19.47
CA ARG JA 152 -67.76 -11.04 19.53
C ARG JA 152 -66.45 -10.59 20.15
N PHE JA 153 -66.07 -11.24 21.23
CA PHE JA 153 -64.84 -10.96 21.91
C PHE JA 153 -63.65 -11.09 21.01
N LEU JA 154 -63.57 -12.22 20.31
CA LEU JA 154 -62.46 -12.44 19.40
C LEU JA 154 -62.46 -11.48 18.24
N LYS JA 155 -63.63 -11.11 17.74
CA LYS JA 155 -63.72 -10.21 16.59
C LYS JA 155 -62.93 -8.92 16.79
N ASN JA 156 -63.09 -8.26 17.94
CA ASN JA 156 -62.32 -7.04 18.15
C ASN JA 156 -61.02 -7.27 18.92
N SER JA 157 -60.57 -8.51 19.00
CA SER JA 157 -59.31 -8.82 19.66
C SER JA 157 -58.17 -8.89 18.67
N PHE JA 158 -58.41 -8.52 17.42
CA PHE JA 158 -57.31 -8.61 16.48
C PHE JA 158 -57.54 -7.72 15.26
N ALA JA 159 -56.46 -7.11 14.82
CA ALA JA 159 -56.38 -6.12 13.73
C ALA JA 159 -57.40 -6.25 12.62
N ASP JA 160 -57.60 -7.44 12.07
CA ASP JA 160 -58.54 -7.54 10.96
C ASP JA 160 -59.14 -8.93 10.77
N VAL JA 161 -60.24 -9.18 11.47
CA VAL JA 161 -60.99 -10.40 11.34
C VAL JA 161 -62.44 -10.05 11.09
N ASP JA 162 -63.27 -11.06 10.90
CA ASP JA 162 -64.68 -10.82 10.68
C ASP JA 162 -65.50 -12.02 11.11
N TYR JA 163 -66.82 -11.89 11.12
CA TYR JA 163 -67.67 -12.97 11.61
C TYR JA 163 -67.76 -14.20 10.71
N ASP JA 164 -67.15 -14.15 9.53
CA ASP JA 164 -67.15 -15.32 8.66
C ASP JA 164 -65.84 -16.07 8.75
N ASN JA 165 -64.83 -15.46 9.36
CA ASN JA 165 -63.53 -16.09 9.45
C ASN JA 165 -63.17 -16.46 10.88
N ILE JA 166 -64.18 -16.56 11.74
CA ILE JA 166 -64.01 -16.98 13.12
C ILE JA 166 -64.89 -18.18 13.38
N SER JA 167 -64.29 -19.32 13.71
CA SER JA 167 -65.10 -20.51 13.97
C SER JA 167 -65.00 -21.00 15.38
N VAL JA 168 -66.14 -21.31 15.97
CA VAL JA 168 -66.16 -21.81 17.33
C VAL JA 168 -66.90 -23.13 17.43
N VAL JA 169 -66.22 -24.14 17.94
CA VAL JA 169 -66.80 -25.45 18.15
C VAL JA 169 -66.75 -25.75 19.63
N LEU JA 170 -67.87 -26.09 20.21
CA LEU JA 170 -67.91 -26.28 21.63
C LEU JA 170 -68.91 -27.30 22.13
N SER JA 171 -68.77 -27.65 23.40
CA SER JA 171 -69.65 -28.59 24.07
C SER JA 171 -69.58 -28.43 25.59
N GLU JA 172 -69.96 -29.47 26.31
CA GLU JA 172 -69.96 -29.42 27.76
C GLU JA 172 -69.44 -30.71 28.36
N ARG JA 173 -69.05 -30.64 29.62
CA ARG JA 173 -68.48 -31.80 30.29
C ARG JA 173 -69.45 -32.96 30.45
N SER JA 174 -68.87 -34.14 30.65
CA SER JA 174 -69.61 -35.38 30.88
C SER JA 174 -69.97 -35.58 32.35
N ASP JA 175 -70.68 -36.68 32.63
CA ASP JA 175 -71.09 -37.03 33.99
C ASP JA 175 -69.85 -37.31 34.83
N ALA JA 176 -69.63 -36.49 35.86
CA ALA JA 176 -68.44 -36.58 36.69
C ALA JA 176 -68.25 -37.92 37.36
N GLN JA 177 -67.04 -38.44 37.29
CA GLN JA 177 -66.75 -39.72 37.92
C GLN JA 177 -66.44 -39.50 39.37
N LEU JA 178 -67.50 -39.54 40.18
CA LEU JA 178 -67.37 -39.30 41.60
C LEU JA 178 -67.33 -40.57 42.45
N GLN JA 179 -67.23 -41.73 41.82
CA GLN JA 179 -67.25 -43.00 42.54
C GLN JA 179 -66.03 -43.84 42.27
N ALA JA 180 -65.51 -44.50 43.30
CA ALA JA 180 -64.36 -45.36 43.14
C ALA JA 180 -64.73 -46.63 42.37
N PRO JA 181 -63.86 -47.12 41.49
CA PRO JA 181 -63.96 -48.35 40.69
C PRO JA 181 -64.24 -49.61 41.50
N GLY JA 182 -63.55 -49.77 42.61
CA GLY JA 182 -63.73 -50.92 43.48
C GLY JA 182 -62.66 -51.96 43.21
N THR JA 183 -62.45 -52.84 44.17
CA THR JA 183 -61.45 -53.89 44.06
C THR JA 183 -62.04 -55.12 43.38
N PRO JA 184 -61.19 -56.05 42.92
CA PRO JA 184 -61.54 -57.32 42.32
C PRO JA 184 -62.08 -58.27 43.37
N VAL JA 185 -62.90 -59.22 42.94
CA VAL JA 185 -63.48 -60.17 43.86
C VAL JA 185 -62.58 -61.38 44.08
N LYS JA 186 -62.05 -61.48 45.29
CA LYS JA 186 -61.20 -62.60 45.68
C LYS JA 186 -60.82 -62.48 47.15
N ASP KA 3 -29.11 33.14 74.78
CA ASP KA 3 -28.00 32.29 74.40
C ASP KA 3 -28.43 31.23 73.42
N LYS KA 4 -28.83 31.66 72.22
CA LYS KA 4 -29.27 30.71 71.21
C LYS KA 4 -28.38 30.75 69.99
N ASP KA 5 -28.20 29.59 69.37
CA ASP KA 5 -27.40 29.52 68.15
C ASP KA 5 -28.28 29.87 66.97
N LEU KA 6 -27.85 30.82 66.16
CA LEU KA 6 -28.64 31.24 65.01
C LEU KA 6 -28.00 30.70 63.72
N LEU KA 7 -26.76 31.13 63.45
CA LEU KA 7 -26.05 30.69 62.25
C LEU KA 7 -24.66 30.12 62.55
N LYS KA 8 -24.22 29.17 61.73
CA LYS KA 8 -22.89 28.57 61.90
C LYS KA 8 -22.17 28.36 60.58
N GLY KA 9 -20.85 28.42 60.62
CA GLY KA 9 -20.06 28.15 59.41
C GLY KA 9 -20.07 29.29 58.42
N LEU KA 10 -20.27 30.50 58.92
CA LEU KA 10 -20.33 31.65 58.04
C LEU KA 10 -18.97 32.12 57.65
N ASP KA 11 -18.84 32.71 56.47
CA ASP KA 11 -17.56 33.28 56.13
C ASP KA 11 -17.56 34.69 56.70
N GLN KA 12 -16.46 35.39 56.53
CA GLN KA 12 -16.34 36.72 57.11
C GLN KA 12 -17.37 37.71 56.61
N GLU KA 13 -17.54 37.78 55.30
CA GLU KA 13 -18.50 38.70 54.68
C GLU KA 13 -19.91 38.48 55.16
N GLN KA 14 -20.36 37.23 55.08
CA GLN KA 14 -21.69 36.84 55.49
C GLN KA 14 -21.95 37.20 56.92
N ALA KA 15 -21.00 36.87 57.79
CA ALA KA 15 -21.17 37.14 59.21
C ALA KA 15 -21.42 38.60 59.47
N ASN KA 16 -20.60 39.46 58.87
CA ASN KA 16 -20.77 40.89 59.10
C ASN KA 16 -22.07 41.43 58.51
N GLU KA 17 -22.50 40.88 57.38
CA GLU KA 17 -23.73 41.34 56.77
C GLU KA 17 -24.96 41.02 57.59
N VAL KA 18 -25.02 39.78 58.08
CA VAL KA 18 -26.15 39.36 58.90
C VAL KA 18 -26.25 40.18 60.16
N ILE KA 19 -25.10 40.41 60.80
CA ILE KA 19 -25.07 41.21 62.00
C ILE KA 19 -25.58 42.60 61.76
N ALA KA 20 -25.17 43.22 60.65
CA ALA KA 20 -25.63 44.56 60.33
C ALA KA 20 -27.15 44.63 60.34
N VAL KA 21 -27.80 43.65 59.70
CA VAL KA 21 -29.25 43.61 59.65
C VAL KA 21 -29.88 43.49 61.02
N LEU KA 22 -29.35 42.58 61.84
CA LEU KA 22 -29.91 42.37 63.16
C LEU KA 22 -29.82 43.62 64.02
N GLN KA 23 -28.70 44.32 63.93
CA GLN KA 23 -28.52 45.54 64.69
C GLN KA 23 -29.49 46.60 64.23
N MET KA 24 -29.68 46.69 62.92
CA MET KA 24 -30.63 47.64 62.35
C MET KA 24 -32.03 47.44 62.92
N HIS KA 25 -32.39 46.20 63.19
CA HIS KA 25 -33.69 45.90 63.76
C HIS KA 25 -33.68 45.75 65.28
N ASN KA 26 -32.70 46.35 65.94
CA ASN KA 26 -32.60 46.36 67.38
C ASN KA 26 -32.33 45.01 68.03
N ILE KA 27 -31.42 44.25 67.44
CA ILE KA 27 -31.01 42.97 68.00
C ILE KA 27 -29.50 42.86 68.16
N GLU KA 28 -29.05 42.66 69.39
CA GLU KA 28 -27.62 42.45 69.65
C GLU KA 28 -27.20 41.09 69.12
N ALA KA 29 -25.97 40.97 68.64
CA ALA KA 29 -25.51 39.69 68.11
C ALA KA 29 -24.04 39.48 68.37
N ASN KA 30 -23.67 38.22 68.64
CA ASN KA 30 -22.30 37.88 68.91
C ASN KA 30 -21.67 37.21 67.72
N LYS KA 31 -20.46 37.61 67.36
CA LYS KA 31 -19.73 36.93 66.30
C LYS KA 31 -18.65 36.07 66.91
N ILE KA 32 -18.77 34.77 66.73
CA ILE KA 32 -17.82 33.86 67.33
C ILE KA 32 -16.89 33.23 66.30
N ASP KA 33 -15.61 33.43 66.51
CA ASP KA 33 -14.58 32.90 65.64
C ASP KA 33 -14.19 31.48 66.05
N SER KA 34 -14.59 30.49 65.25
CA SER KA 34 -14.27 29.10 65.54
C SER KA 34 -13.15 28.58 64.64
N GLY KA 35 -12.28 29.48 64.18
CA GLY KA 35 -11.14 29.11 63.37
C GLY KA 35 -11.55 28.58 62.02
N LYS KA 36 -11.03 27.41 61.68
CA LYS KA 36 -11.30 26.75 60.40
C LYS KA 36 -12.77 26.43 60.19
N LEU KA 37 -13.56 26.43 61.26
CA LEU KA 37 -14.96 26.11 61.14
C LEU KA 37 -15.81 27.32 60.78
N GLY KA 38 -15.21 28.50 60.69
CA GLY KA 38 -15.94 29.70 60.30
C GLY KA 38 -16.50 30.47 61.47
N TYR KA 39 -17.46 31.35 61.17
CA TYR KA 39 -18.08 32.16 62.20
C TYR KA 39 -19.45 31.70 62.59
N SER KA 40 -19.80 31.95 63.84
CA SER KA 40 -21.11 31.62 64.34
C SER KA 40 -21.78 32.83 64.92
N ILE KA 41 -23.07 32.94 64.73
CA ILE KA 41 -23.81 34.06 65.28
C ILE KA 41 -24.80 33.61 66.31
N THR KA 42 -24.71 34.21 67.50
CA THR KA 42 -25.63 33.86 68.57
C THR KA 42 -26.35 35.09 69.08
N VAL KA 43 -27.54 34.88 69.62
CA VAL KA 43 -28.37 35.98 70.12
C VAL KA 43 -28.99 35.68 71.46
N ALA KA 44 -29.44 36.73 72.13
CA ALA KA 44 -30.12 36.57 73.40
C ALA KA 44 -31.46 35.90 73.17
N GLU KA 45 -31.83 34.99 74.06
CA GLU KA 45 -33.07 34.25 73.95
C GLU KA 45 -34.32 35.12 73.76
N PRO KA 46 -34.45 36.28 74.44
CA PRO KA 46 -35.54 37.24 74.28
C PRO KA 46 -35.70 37.74 72.84
N ASP KA 47 -34.61 37.82 72.10
CA ASP KA 47 -34.64 38.32 70.74
C ASP KA 47 -34.72 37.22 69.71
N PHE KA 48 -34.27 36.02 70.09
CA PHE KA 48 -34.22 34.87 69.21
C PHE KA 48 -35.39 34.70 68.25
N THR KA 49 -36.62 34.87 68.72
CA THR KA 49 -37.78 34.72 67.85
C THR KA 49 -37.75 35.73 66.72
N ALA KA 50 -37.52 36.98 67.07
CA ALA KA 50 -37.45 38.06 66.11
C ALA KA 50 -36.28 37.85 65.17
N ALA KA 51 -35.16 37.42 65.72
CA ALA KA 51 -33.96 37.19 64.93
C ALA KA 51 -34.24 36.22 63.81
N VAL KA 52 -34.91 35.11 64.15
CA VAL KA 52 -35.27 34.10 63.16
C VAL KA 52 -36.13 34.69 62.08
N TYR KA 53 -37.14 35.46 62.49
CA TYR KA 53 -38.02 36.09 61.54
C TYR KA 53 -37.25 36.91 60.51
N TRP KA 54 -36.28 37.71 60.97
CA TRP KA 54 -35.53 38.55 60.07
C TRP KA 54 -34.56 37.76 59.19
N ILE KA 55 -34.01 36.64 59.68
CA ILE KA 55 -33.15 35.80 58.84
C ILE KA 55 -33.94 35.31 57.64
N LYS KA 56 -35.19 34.94 57.88
CA LYS KA 56 -36.08 34.54 56.82
C LYS KA 56 -36.36 35.68 55.87
N THR KA 57 -36.83 36.80 56.43
CA THR KA 57 -37.21 37.98 55.67
C THR KA 57 -36.15 38.46 54.70
N TYR KA 58 -34.91 38.51 55.15
CA TYR KA 58 -33.84 39.01 54.31
C TYR KA 58 -33.00 37.95 53.60
N GLN KA 59 -33.52 36.73 53.47
CA GLN KA 59 -32.77 35.68 52.76
C GLN KA 59 -31.34 35.52 53.28
N LEU KA 60 -31.17 35.42 54.59
CA LEU KA 60 -29.83 35.33 55.14
C LEU KA 60 -29.44 33.90 55.49
N PRO KA 61 -28.14 33.61 55.45
CA PRO KA 61 -26.99 34.41 55.10
C PRO KA 61 -26.92 34.60 53.58
N PRO KA 62 -26.30 35.70 53.11
CA PRO KA 62 -26.14 36.11 51.72
C PRO KA 62 -25.44 35.09 50.84
N ARG KA 63 -25.83 35.05 49.58
CA ARG KA 63 -25.18 34.19 48.61
C ARG KA 63 -23.98 34.96 48.06
N PRO KA 64 -23.04 34.27 47.42
CA PRO KA 64 -21.87 34.85 46.76
C PRO KA 64 -22.32 35.55 45.49
N ARG KA 65 -21.59 36.59 45.12
CA ARG KA 65 -21.96 37.40 43.97
C ARG KA 65 -21.73 36.68 42.64
N VAL KA 66 -22.73 36.74 41.77
CA VAL KA 66 -22.70 36.08 40.48
C VAL KA 66 -22.23 36.98 39.36
N GLU KA 67 -21.20 36.51 38.67
CA GLU KA 67 -20.61 37.21 37.54
C GLU KA 67 -20.54 36.24 36.37
N ILE KA 68 -20.75 36.73 35.16
CA ILE KA 68 -20.86 35.87 34.00
C ILE KA 68 -19.63 35.01 33.72
N ALA KA 69 -18.44 35.58 33.86
CA ALA KA 69 -17.19 34.86 33.60
C ALA KA 69 -17.01 33.63 34.47
N GLN KA 70 -17.74 33.53 35.58
CA GLN KA 70 -17.60 32.41 36.47
C GLN KA 70 -18.07 31.11 35.82
N MET KA 71 -18.86 31.22 34.76
CA MET KA 71 -19.36 30.04 34.08
C MET KA 71 -18.66 29.73 32.76
N PHE KA 72 -17.60 30.44 32.45
CA PHE KA 72 -16.86 30.17 31.23
C PHE KA 72 -15.38 30.34 31.50
N PRO KA 73 -14.80 29.48 32.35
CA PRO KA 73 -13.45 29.52 32.87
C PRO KA 73 -12.37 29.23 31.83
N ALA KA 74 -11.20 29.85 32.04
CA ALA KA 74 -10.05 29.70 31.15
C ALA KA 74 -9.39 28.35 31.29
N ASP KA 75 -9.78 27.60 32.31
CA ASP KA 75 -9.24 26.28 32.54
C ASP KA 75 -9.69 25.28 31.48
N SER KA 76 -10.72 25.62 30.69
CA SER KA 76 -11.17 24.71 29.65
C SER KA 76 -10.08 24.51 28.61
N LEU KA 77 -9.97 23.27 28.15
CA LEU KA 77 -8.97 22.88 27.17
C LEU KA 77 -9.24 23.51 25.81
N VAL KA 78 -10.50 23.81 25.55
CA VAL KA 78 -10.91 24.40 24.30
C VAL KA 78 -11.79 25.60 24.58
N SER KA 79 -12.01 26.42 23.56
CA SER KA 79 -12.85 27.60 23.72
C SER KA 79 -13.68 27.81 22.48
N SER KA 80 -14.61 28.73 22.56
CA SER KA 80 -15.46 29.05 21.44
C SER KA 80 -15.68 30.53 21.43
N PRO KA 81 -15.95 31.13 20.28
CA PRO KA 81 -16.26 32.53 20.07
C PRO KA 81 -17.32 32.99 21.05
N ARG KA 82 -18.32 32.14 21.26
CA ARG KA 82 -19.39 32.43 22.16
C ARG KA 82 -18.87 32.63 23.56
N ALA KA 83 -18.08 31.67 24.04
CA ALA KA 83 -17.54 31.76 25.38
C ALA KA 83 -16.59 32.93 25.54
N GLU KA 84 -15.73 33.16 24.57
CA GLU KA 84 -14.75 34.22 24.67
C GLU KA 84 -15.39 35.59 24.70
N LYS KA 85 -16.40 35.81 23.87
CA LYS KA 85 -17.05 37.09 23.84
C LYS KA 85 -17.76 37.33 25.17
N ALA KA 86 -18.36 36.29 25.73
CA ALA KA 86 -19.02 36.40 27.04
C ALA KA 86 -18.02 36.78 28.12
N ARG KA 87 -16.87 36.13 28.11
CA ARG KA 87 -15.83 36.42 29.09
C ARG KA 87 -15.42 37.86 29.07
N LEU KA 88 -15.24 38.40 27.86
CA LEU KA 88 -14.85 39.79 27.74
C LEU KA 88 -15.88 40.73 28.33
N TYR KA 89 -17.15 40.54 27.97
CA TYR KA 89 -18.20 41.42 28.48
C TYR KA 89 -18.28 41.39 29.98
N SER KA 90 -18.07 40.21 30.57
CA SER KA 90 -18.12 40.10 32.01
C SER KA 90 -17.09 41.01 32.65
N ALA KA 91 -15.87 40.96 32.11
CA ALA KA 91 -14.80 41.81 32.61
C ALA KA 91 -15.12 43.27 32.45
N ILE KA 92 -15.70 43.64 31.31
CA ILE KA 92 -16.05 45.02 31.07
C ILE KA 92 -17.05 45.54 32.08
N GLU KA 93 -18.09 44.75 32.40
CA GLU KA 93 -19.05 45.23 33.39
C GLU KA 93 -18.36 45.49 34.70
N GLN KA 94 -17.48 44.58 35.11
CA GLN KA 94 -16.77 44.74 36.37
C GLN KA 94 -15.93 45.99 36.38
N ARG KA 95 -15.27 46.26 35.27
CA ARG KA 95 -14.38 47.39 35.17
C ARG KA 95 -15.18 48.70 35.20
N LEU KA 96 -16.35 48.71 34.59
CA LEU KA 96 -17.20 49.89 34.66
C LEU KA 96 -17.70 50.15 36.07
N GLU KA 97 -18.00 49.08 36.81
CA GLU KA 97 -18.43 49.25 38.20
C GLU KA 97 -17.32 49.86 39.03
N GLN KA 98 -16.10 49.38 38.80
CA GLN KA 98 -14.95 49.90 39.50
C GLN KA 98 -14.79 51.39 39.26
N SER KA 99 -15.08 51.83 38.04
CA SER KA 99 -14.97 53.24 37.72
C SER KA 99 -16.05 54.10 38.35
N LEU KA 100 -17.31 53.68 38.27
CA LEU KA 100 -18.39 54.52 38.81
C LEU KA 100 -18.28 54.73 40.29
N GLN KA 101 -17.76 53.72 41.00
CA GLN KA 101 -17.64 53.84 42.43
C GLN KA 101 -16.55 54.82 42.90
N THR KA 102 -15.80 55.41 41.96
CA THR KA 102 -14.79 56.38 42.32
C THR KA 102 -15.31 57.80 42.09
N MET KA 103 -16.51 57.94 41.53
CA MET KA 103 -17.05 59.27 41.31
C MET KA 103 -17.47 59.90 42.62
N GLU KA 104 -17.33 61.22 42.69
CA GLU KA 104 -17.67 61.97 43.88
C GLU KA 104 -19.10 61.76 44.32
N GLY KA 105 -19.26 61.36 45.57
CA GLY KA 105 -20.57 61.17 46.16
C GLY KA 105 -21.14 59.77 45.96
N VAL KA 106 -20.48 58.94 45.16
CA VAL KA 106 -21.02 57.60 44.94
C VAL KA 106 -20.50 56.63 45.98
N LEU KA 107 -21.43 55.94 46.62
CA LEU KA 107 -21.10 54.98 47.65
C LEU KA 107 -21.09 53.58 47.07
N SER KA 108 -22.02 53.33 46.15
CA SER KA 108 -22.10 52.02 45.50
C SER KA 108 -22.72 52.09 44.13
N ALA KA 109 -22.27 51.23 43.22
CA ALA KA 109 -22.86 51.23 41.91
C ALA KA 109 -22.74 49.89 41.21
N ARG KA 110 -23.77 49.54 40.42
CA ARG KA 110 -23.79 48.29 39.67
C ARG KA 110 -24.06 48.56 38.20
N VAL KA 111 -23.44 47.77 37.32
CA VAL KA 111 -23.57 48.00 35.88
C VAL KA 111 -23.87 46.75 35.08
N HIS KA 112 -24.82 46.87 34.16
CA HIS KA 112 -25.17 45.77 33.27
C HIS KA 112 -25.01 46.15 31.81
N ILE KA 113 -24.58 45.20 31.00
CA ILE KA 113 -24.47 45.45 29.57
C ILE KA 113 -25.15 44.33 28.85
N SER KA 114 -25.83 44.64 27.76
CA SER KA 114 -26.50 43.59 27.01
C SER KA 114 -25.49 42.67 26.35
N TYR KA 115 -25.92 41.46 26.04
CA TYR KA 115 -25.04 40.47 25.43
C TYR KA 115 -25.48 40.12 24.02
N ASP KA 116 -24.56 39.57 23.28
CA ASP KA 116 -24.79 39.14 21.90
C ASP KA 116 -24.19 37.78 21.74
N ILE KA 117 -25.05 36.79 21.69
CA ILE KA 117 -24.61 35.42 21.64
C ILE KA 117 -24.70 34.77 20.27
N ASP KA 118 -25.50 35.32 19.36
CA ASP KA 118 -25.56 34.67 18.07
C ASP KA 118 -25.93 35.56 16.88
N ALA KA 119 -25.52 36.84 16.88
CA ALA KA 119 -25.78 37.68 15.70
C ALA KA 119 -25.03 37.13 14.49
N GLY KA 120 -23.70 37.26 14.51
CA GLY KA 120 -22.82 36.78 13.44
C GLY KA 120 -23.06 35.31 13.14
N GLU KA 121 -23.31 34.53 14.17
CA GLU KA 121 -23.64 33.11 14.05
C GLU KA 121 -24.75 32.84 13.05
N ASN KA 122 -25.75 33.73 13.02
CA ASN KA 122 -26.89 33.58 12.14
C ASN KA 122 -26.75 34.39 10.85
N GLY KA 123 -25.56 34.93 10.58
CA GLY KA 123 -25.35 35.73 9.38
C GLY KA 123 -25.89 37.16 9.56
N ARG KA 124 -26.18 37.54 10.80
CA ARG KA 124 -26.74 38.84 11.07
C ARG KA 124 -25.71 39.81 11.61
N PRO KA 125 -25.93 41.12 11.41
CA PRO KA 125 -25.18 42.22 11.95
C PRO KA 125 -25.51 42.29 13.43
N PRO KA 126 -24.61 42.84 14.23
CA PRO KA 126 -24.70 43.00 15.67
C PRO KA 126 -25.76 44.03 16.04
N LYS KA 127 -26.31 43.88 17.24
CA LYS KA 127 -27.33 44.79 17.70
C LYS KA 127 -26.71 45.90 18.53
N PRO KA 128 -27.41 47.02 18.69
CA PRO KA 128 -27.05 48.17 19.50
C PRO KA 128 -26.85 47.73 20.92
N VAL KA 129 -25.96 48.39 21.63
CA VAL KA 129 -25.66 47.98 22.98
C VAL KA 129 -26.53 48.69 23.99
N HIS KA 130 -27.07 47.92 24.92
CA HIS KA 130 -27.90 48.52 25.97
C HIS KA 130 -27.16 48.52 27.28
N LEU KA 131 -27.32 49.58 28.04
CA LEU KA 131 -26.67 49.69 29.33
C LEU KA 131 -27.65 50.06 30.42
N SER KA 132 -27.42 49.57 31.62
CA SER KA 132 -28.23 49.99 32.73
C SER KA 132 -27.38 50.04 33.97
N ALA KA 133 -27.76 50.89 34.91
CA ALA KA 133 -26.94 51.00 36.10
C ALA KA 133 -27.70 51.46 37.31
N LEU KA 134 -27.22 51.04 38.46
CA LEU KA 134 -27.79 51.41 39.73
C LEU KA 134 -26.79 52.19 40.54
N ALA KA 135 -27.24 53.16 41.32
CA ALA KA 135 -26.27 53.89 42.12
C ALA KA 135 -26.83 54.41 43.43
N VAL KA 136 -25.96 54.42 44.44
CA VAL KA 136 -26.27 54.92 45.76
C VAL KA 136 -25.37 56.08 46.10
N TYR KA 137 -25.97 57.21 46.45
CA TYR KA 137 -25.23 58.41 46.79
C TYR KA 137 -25.25 58.80 48.24
N GLU KA 138 -24.29 59.62 48.61
CA GLU KA 138 -24.23 60.21 49.92
C GLU KA 138 -25.46 61.04 50.16
N ARG KA 139 -26.12 60.81 51.28
CA ARG KA 139 -27.36 61.49 51.59
C ARG KA 139 -27.23 63.00 51.55
N GLY KA 140 -28.17 63.64 50.86
CA GLY KA 140 -28.21 65.10 50.70
C GLY KA 140 -27.66 65.55 49.33
N SER KA 141 -27.08 64.63 48.59
CA SER KA 141 -26.53 64.90 47.26
C SER KA 141 -27.65 65.18 46.21
N PRO KA 142 -27.42 66.07 45.23
CA PRO KA 142 -28.33 66.50 44.16
C PRO KA 142 -28.45 65.50 43.00
N LEU KA 143 -29.02 64.34 43.32
CA LEU KA 143 -29.23 63.22 42.41
C LEU KA 143 -29.79 63.55 41.03
N ALA KA 144 -30.70 64.51 40.99
CA ALA KA 144 -31.35 64.90 39.74
C ALA KA 144 -30.40 65.48 38.69
N HIS KA 145 -29.21 65.85 39.10
CA HIS KA 145 -28.26 66.42 38.17
C HIS KA 145 -27.11 65.48 37.96
N GLN KA 146 -26.74 64.77 39.02
CA GLN KA 146 -25.64 63.83 39.00
C GLN KA 146 -25.85 62.70 38.01
N ILE KA 147 -27.10 62.30 37.85
CA ILE KA 147 -27.47 61.29 36.87
C ILE KA 147 -26.99 61.58 35.45
N SER KA 148 -26.75 62.85 35.11
CA SER KA 148 -26.31 63.18 33.77
C SER KA 148 -24.84 62.88 33.55
N ASP KA 149 -24.05 62.85 34.62
CA ASP KA 149 -22.64 62.52 34.49
C ASP KA 149 -22.49 61.07 34.19
N ILE KA 150 -23.28 60.27 34.90
CA ILE KA 150 -23.23 58.84 34.70
C ILE KA 150 -23.57 58.49 33.29
N LYS KA 151 -24.65 59.08 32.81
CA LYS KA 151 -25.14 58.79 31.49
C LYS KA 151 -24.18 59.25 30.40
N ARG KA 152 -23.56 60.41 30.57
CA ARG KA 152 -22.59 60.89 29.59
C ARG KA 152 -21.34 60.04 29.56
N PHE KA 153 -20.86 59.69 30.73
CA PHE KA 153 -19.69 58.85 30.87
C PHE KA 153 -19.89 57.53 30.17
N LEU KA 154 -21.00 56.87 30.45
CA LEU KA 154 -21.27 55.60 29.84
C LEU KA 154 -21.47 55.69 28.35
N LYS KA 155 -22.07 56.78 27.87
CA LYS KA 155 -22.33 56.93 26.44
C LYS KA 155 -21.07 56.77 25.59
N ASN KA 156 -19.99 57.43 25.96
CA ASN KA 156 -18.76 57.25 25.18
C ASN KA 156 -17.83 56.18 25.72
N SER KA 157 -18.33 55.30 26.59
CA SER KA 157 -17.54 54.22 27.12
C SER KA 157 -17.77 52.94 26.34
N PHE KA 158 -18.47 53.00 25.23
CA PHE KA 158 -18.69 51.78 24.48
C PHE KA 158 -19.05 52.06 23.03
N ALA KA 159 -18.52 51.23 22.16
CA ALA KA 159 -18.62 51.28 20.70
C ALA KA 159 -19.89 51.89 20.12
N ASP KA 160 -21.06 51.49 20.59
CA ASP KA 160 -22.26 52.06 19.98
C ASP KA 160 -23.49 52.02 20.89
N VAL KA 161 -23.64 53.06 21.68
CA VAL KA 161 -24.79 53.24 22.55
C VAL KA 161 -25.37 54.61 22.29
N ASP KA 162 -26.46 54.93 22.95
CA ASP KA 162 -27.07 56.23 22.80
C ASP KA 162 -27.85 56.61 24.03
N TYR KA 163 -28.34 57.84 24.11
CA TYR KA 163 -29.02 58.30 25.31
C TYR KA 163 -30.42 57.70 25.53
N ASP KA 164 -30.91 56.91 24.59
CA ASP KA 164 -32.20 56.28 24.79
C ASP KA 164 -32.05 54.83 25.22
N ASN KA 165 -30.84 54.30 25.11
CA ASN KA 165 -30.60 52.92 25.46
C ASN KA 165 -29.72 52.77 26.68
N ILE KA 166 -29.63 53.83 27.47
CA ILE KA 166 -28.90 53.82 28.73
C ILE KA 166 -29.83 54.22 29.85
N SER KA 167 -30.04 53.32 30.81
CA SER KA 167 -30.94 53.64 31.91
C SER KA 167 -30.25 53.68 33.25
N VAL KA 168 -30.52 54.72 34.02
CA VAL KA 168 -29.92 54.87 35.33
C VAL KA 168 -30.97 55.04 36.41
N VAL KA 169 -30.95 54.16 37.38
CA VAL KA 169 -31.85 54.23 38.52
C VAL KA 169 -31.03 54.40 39.77
N LEU KA 170 -31.34 55.41 40.55
CA LEU KA 170 -30.51 55.68 41.70
C LEU KA 170 -31.23 56.30 42.88
N SER KA 171 -30.52 56.33 44.00
CA SER KA 171 -31.03 56.91 45.24
C SER KA 171 -29.89 57.25 46.18
N GLU KA 172 -30.20 57.35 47.47
CA GLU KA 172 -29.20 57.69 48.46
C GLU KA 172 -29.36 56.87 49.72
N ARG KA 173 -28.30 56.84 50.52
CA ARG KA 173 -28.31 56.03 51.75
C ARG KA 173 -29.33 56.50 52.77
N SER KA 174 -29.66 55.58 53.68
CA SER KA 174 -30.58 55.81 54.78
C SER KA 174 -29.88 56.39 56.01
N ASP KA 175 -30.66 56.67 57.05
CA ASP KA 175 -30.13 57.20 58.31
C ASP KA 175 -29.21 56.18 58.95
N ALA KA 176 -27.93 56.53 59.07
CA ALA KA 176 -26.91 55.62 59.58
C ALA KA 176 -27.20 55.08 60.98
N GLN KA 177 -27.05 53.77 61.15
CA GLN KA 177 -27.28 53.17 62.44
C GLN KA 177 -26.05 53.31 63.28
N LEU KA 178 -25.97 54.42 64.02
CA LEU KA 178 -24.82 54.72 64.83
C LEU KA 178 -25.01 54.39 66.31
N GLN KA 179 -26.11 53.72 66.66
CA GLN KA 179 -26.39 53.41 68.07
C GLN KA 179 -26.57 51.92 68.31
N ALA KA 180 -26.06 51.45 69.44
CA ALA KA 180 -26.20 50.05 69.78
C ALA KA 180 -27.65 49.73 70.17
N PRO KA 181 -28.15 48.56 69.78
CA PRO KA 181 -29.48 48.00 70.08
C PRO KA 181 -29.83 47.95 71.57
N GLY KA 182 -28.87 47.52 72.38
CA GLY KA 182 -29.08 47.44 73.81
C GLY KA 182 -29.43 46.02 74.23
N THR KA 183 -29.23 45.71 75.49
CA THR KA 183 -29.52 44.39 76.02
C THR KA 183 -30.98 44.29 76.47
N PRO KA 184 -31.49 43.08 76.69
CA PRO KA 184 -32.81 42.76 77.19
C PRO KA 184 -32.91 43.13 78.65
N VAL KA 185 -34.13 43.39 79.11
CA VAL KA 185 -34.34 43.76 80.50
C VAL KA 185 -34.54 42.54 81.38
N LYS KA 186 -33.57 42.30 82.25
CA LYS KA 186 -33.62 41.20 83.21
C LYS KA 186 -32.40 41.24 84.12
N ALA LA 42 -37.72 50.78 85.47
CA ALA LA 42 -37.44 50.69 84.04
C ALA LA 42 -38.13 51.80 83.28
N GLU LA 43 -37.73 53.04 83.52
CA GLU LA 43 -38.34 54.16 82.82
C GLU LA 43 -38.21 53.99 81.32
N LEU LA 44 -39.33 54.10 80.64
CA LEU LA 44 -39.39 53.90 79.19
C LEU LA 44 -38.39 54.74 78.42
N ASP LA 45 -38.15 55.97 78.87
CA ASP LA 45 -37.18 56.84 78.21
C ASP LA 45 -35.79 56.22 78.18
N SER LA 46 -35.44 55.46 79.21
CA SER LA 46 -34.13 54.84 79.27
C SER LA 46 -34.14 53.51 78.53
N LEU LA 47 -35.34 52.92 78.37
CA LEU LA 47 -35.46 51.67 77.63
C LEU LA 47 -35.28 51.90 76.13
N LEU LA 48 -35.75 53.05 75.65
CA LEU LA 48 -35.60 53.43 74.25
C LEU LA 48 -34.16 53.89 73.97
N GLY LA 49 -33.77 53.84 72.70
CA GLY LA 49 -32.41 54.18 72.21
C GLY LA 49 -31.68 55.38 72.85
N GLN LA 50 -30.37 55.45 72.60
CA GLN LA 50 -29.50 56.50 73.14
C GLN LA 50 -29.96 57.88 72.74
N GLU LA 51 -30.34 58.04 71.49
CA GLU LA 51 -30.84 59.32 71.04
C GLU LA 51 -32.32 59.38 71.34
N LYS LA 52 -32.62 59.68 72.60
CA LYS LA 52 -33.98 59.75 73.09
C LYS LA 52 -34.87 60.74 72.37
N GLU LA 53 -34.26 61.68 71.64
CA GLU LA 53 -35.00 62.69 70.92
C GLU LA 53 -35.66 62.16 69.64
N ARG LA 54 -35.47 60.87 69.34
CA ARG LA 54 -36.11 60.28 68.19
C ARG LA 54 -37.54 59.87 68.52
N PHE LA 55 -37.89 59.85 69.81
CA PHE LA 55 -39.22 59.41 70.20
C PHE LA 55 -39.92 60.41 71.09
N GLN LA 56 -41.23 60.49 70.95
CA GLN LA 56 -42.00 61.34 71.85
C GLN LA 56 -42.93 60.49 72.68
N VAL LA 57 -42.60 60.31 73.95
CA VAL LA 57 -43.44 59.52 74.81
C VAL LA 57 -44.63 60.33 75.28
N LEU LA 58 -45.81 59.76 75.14
CA LEU LA 58 -47.05 60.43 75.45
C LEU LA 58 -47.83 59.69 76.53
N PRO LA 59 -48.51 60.39 77.43
CA PRO LA 59 -49.26 59.76 78.51
C PRO LA 59 -50.74 59.79 78.25
N GLY LA 60 -51.28 58.71 77.69
CA GLY LA 60 -52.69 58.67 77.34
C GLY LA 60 -53.59 58.59 78.57
N ARG LA 61 -54.80 59.15 78.43
CA ARG LA 61 -55.77 59.18 79.52
C ARG LA 61 -56.34 57.79 79.83
N ASP LA 62 -56.11 56.84 78.92
CA ASP LA 62 -56.50 55.46 79.09
C ASP LA 62 -55.47 54.62 79.86
N LYS LA 63 -54.49 55.28 80.49
CA LYS LA 63 -53.43 54.64 81.27
C LYS LA 63 -52.43 53.88 80.40
N MET LA 64 -52.42 54.18 79.10
CA MET LA 64 -51.47 53.56 78.20
C MET LA 64 -50.41 54.58 77.84
N LEU LA 65 -49.16 54.16 77.97
CA LEU LA 65 -48.07 55.06 77.68
C LEU LA 65 -47.72 54.85 76.20
N TYR LA 66 -47.84 55.93 75.43
CA TYR LA 66 -47.64 55.82 74.00
C TYR LA 66 -46.26 56.27 73.53
N VAL LA 67 -45.78 55.66 72.46
CA VAL LA 67 -44.49 56.04 71.90
C VAL LA 67 -44.65 56.55 70.50
N ALA LA 68 -44.58 57.85 70.31
CA ALA LA 68 -44.73 58.38 68.96
C ALA LA 68 -43.42 58.30 68.20
N ALA LA 69 -43.48 57.62 67.06
CA ALA LA 69 -42.33 57.47 66.19
C ALA LA 69 -42.59 58.17 64.87
N GLN LA 70 -41.54 58.74 64.28
CA GLN LA 70 -41.66 59.47 63.03
C GLN LA 70 -41.32 58.64 61.80
N ASN LA 71 -40.88 57.41 62.00
CA ASN LA 71 -40.47 56.56 60.89
C ASN LA 71 -40.66 55.10 61.21
N GLU LA 72 -41.05 54.30 60.23
CA GLU LA 72 -41.27 52.88 60.43
C GLU LA 72 -40.06 52.12 60.99
N ARG LA 73 -38.86 52.65 60.82
CA ARG LA 73 -37.68 52.02 61.40
C ARG LA 73 -37.66 52.24 62.89
N ASP LA 74 -38.20 53.36 63.32
CA ASP LA 74 -38.22 53.72 64.72
C ASP LA 74 -39.43 53.05 65.34
N THR LA 75 -40.47 52.88 64.53
CA THR LA 75 -41.66 52.18 64.96
C THR LA 75 -41.27 50.77 65.36
N LEU LA 76 -40.55 50.10 64.47
CA LEU LA 76 -40.09 48.76 64.76
C LEU LA 76 -39.13 48.72 65.93
N TRP LA 77 -38.23 49.71 66.01
CA TRP LA 77 -37.29 49.79 67.11
C TRP LA 77 -38.02 49.71 68.45
N ALA LA 78 -38.98 50.61 68.62
CA ALA LA 78 -39.77 50.70 69.83
C ALA LA 78 -40.58 49.42 70.09
N ARG LA 79 -41.12 48.81 69.05
CA ARG LA 79 -41.88 47.59 69.23
C ARG LA 79 -40.98 46.47 69.73
N GLN LA 80 -39.75 46.43 69.23
CA GLN LA 80 -38.81 45.42 69.68
C GLN LA 80 -38.47 45.66 71.12
N VAL LA 81 -38.36 46.92 71.53
CA VAL LA 81 -38.10 47.22 72.94
C VAL LA 81 -39.20 46.68 73.84
N LEU LA 82 -40.45 46.90 73.44
CA LEU LA 82 -41.56 46.42 74.24
C LEU LA 82 -41.62 44.89 74.31
N ALA LA 83 -41.26 44.21 73.23
CA ALA LA 83 -41.25 42.75 73.21
C ALA LA 83 -40.00 42.15 73.88
N ARG LA 84 -38.86 42.81 73.72
CA ARG LA 84 -37.58 42.34 74.26
C ARG LA 84 -37.43 42.60 75.72
N GLY LA 85 -37.61 43.87 76.11
CA GLY LA 85 -37.45 44.27 77.48
C GLY LA 85 -38.79 44.21 78.17
N ASP LA 86 -38.98 45.06 79.15
CA ASP LA 86 -40.22 45.04 79.86
C ASP LA 86 -40.53 46.38 80.48
N TYR LA 87 -41.80 46.57 80.74
CA TYR LA 87 -42.32 47.76 81.35
C TYR LA 87 -43.70 47.43 81.88
N ASP LA 88 -43.85 47.40 83.19
CA ASP LA 88 -45.13 47.05 83.81
C ASP LA 88 -46.19 48.13 83.68
N LYS LA 89 -46.74 48.26 82.48
CA LYS LA 89 -47.77 49.23 82.18
C LYS LA 89 -48.18 49.14 80.73
N ASN LA 90 -49.46 49.38 80.48
CA ASN LA 90 -49.96 49.40 79.12
C ASN LA 90 -49.10 50.32 78.28
N ALA LA 91 -48.79 49.89 77.07
CA ALA LA 91 -47.97 50.71 76.19
C ALA LA 91 -48.28 50.40 74.74
N ARG LA 92 -48.09 51.39 73.87
CA ARG LA 92 -48.39 51.21 72.46
C ARG LA 92 -47.69 52.23 71.57
N VAL LA 93 -47.01 51.72 70.54
CA VAL LA 93 -46.27 52.56 69.62
C VAL LA 93 -47.19 53.22 68.58
N ILE LA 94 -47.02 54.52 68.43
CA ILE LA 94 -47.77 55.33 67.47
C ILE LA 94 -47.02 55.61 66.18
N ASN LA 95 -47.72 55.44 65.08
CA ASN LA 95 -47.19 55.70 63.75
C ASN LA 95 -48.17 56.53 62.96
N GLU LA 96 -47.75 57.74 62.60
CA GLU LA 96 -48.58 58.70 61.88
C GLU LA 96 -49.45 58.13 60.78
N ASN LA 97 -48.89 57.32 59.90
CA ASN LA 97 -49.68 56.74 58.82
C ASN LA 97 -50.60 55.65 59.31
N GLU LA 98 -50.14 54.86 60.27
CA GLU LA 98 -50.99 53.79 60.78
C GLU LA 98 -52.18 54.34 61.51
N GLU LA 99 -51.99 55.46 62.21
CA GLU LA 99 -53.06 56.08 62.94
C GLU LA 99 -54.01 56.77 62.01
N ASN LA 100 -53.46 57.38 60.96
CA ASN LA 100 -54.31 58.02 59.98
C ASN LA 100 -55.26 56.99 59.40
N LYS LA 101 -54.72 55.80 59.07
CA LYS LA 101 -55.51 54.71 58.54
C LYS LA 101 -56.54 54.17 59.54
N ARG LA 102 -56.11 53.93 60.78
CA ARG LA 102 -57.03 53.40 61.80
C ARG LA 102 -58.25 54.28 61.93
N ILE LA 103 -58.02 55.58 62.00
CA ILE LA 103 -59.10 56.53 62.11
C ILE LA 103 -59.99 56.51 60.90
N SER LA 104 -59.39 56.51 59.70
CA SER LA 104 -60.19 56.53 58.48
C SER LA 104 -61.12 55.34 58.37
N ILE LA 105 -60.74 54.20 58.94
CA ILE LA 105 -61.59 53.03 58.92
C ILE LA 105 -62.85 53.26 59.74
N TRP LA 106 -62.65 53.67 60.98
CA TRP LA 106 -63.77 53.93 61.88
C TRP LA 106 -64.65 55.02 61.32
N LEU LA 107 -64.00 56.05 60.83
CA LEU LA 107 -64.65 57.22 60.31
C LEU LA 107 -65.54 56.88 59.14
N ASP LA 108 -65.07 56.05 58.22
CA ASP LA 108 -65.92 55.66 57.10
C ASP LA 108 -67.18 54.93 57.55
N THR LA 109 -67.07 54.05 58.56
CA THR LA 109 -68.23 53.32 59.06
C THR LA 109 -69.27 54.19 59.72
N TYR LA 110 -68.84 55.09 60.59
CA TYR LA 110 -69.78 55.93 61.33
C TYR LA 110 -70.14 57.22 60.62
N TYR LA 111 -69.23 57.75 59.82
CA TYR LA 111 -69.50 58.93 59.01
C TYR LA 111 -69.21 58.67 57.54
N PRO LA 112 -69.98 57.82 56.87
CA PRO LA 112 -69.85 57.47 55.49
C PRO LA 112 -70.18 58.71 54.69
N GLN LA 113 -69.54 58.82 53.54
CA GLN LA 113 -69.66 59.96 52.64
C GLN LA 113 -68.98 61.24 53.16
N LEU LA 114 -68.32 61.19 54.33
CA LEU LA 114 -67.63 62.38 54.81
C LEU LA 114 -66.47 62.71 53.89
N ALA LA 115 -66.40 63.95 53.41
CA ALA LA 115 -65.31 64.31 52.52
C ALA LA 115 -64.18 64.94 53.30
N TYR LA 116 -63.03 64.28 53.34
CA TYR LA 116 -61.90 64.78 54.10
C TYR LA 116 -60.59 64.42 53.45
N TYR LA 117 -59.50 65.01 53.95
CA TYR LA 117 -58.18 64.83 53.37
C TYR LA 117 -57.24 63.99 54.22
N ARG LA 118 -56.62 64.60 55.21
CA ARG LA 118 -55.66 63.87 56.01
C ARG LA 118 -55.46 64.50 57.37
N ILE LA 119 -55.19 63.66 58.36
CA ILE LA 119 -54.93 64.16 59.69
C ILE LA 119 -53.46 64.46 59.88
N HIS LA 120 -53.15 65.67 60.30
CA HIS LA 120 -51.81 66.10 60.53
C HIS LA 120 -51.51 66.01 62.00
N PHE LA 121 -50.73 65.01 62.37
CA PHE LA 121 -50.49 64.79 63.77
C PHE LA 121 -49.52 65.76 64.39
N ASP LA 122 -48.44 66.09 63.66
CA ASP LA 122 -47.42 67.06 64.08
C ASP LA 122 -47.23 67.16 65.60
N GLU LA 123 -48.05 67.99 66.24
CA GLU LA 123 -48.02 68.14 67.69
C GLU LA 123 -49.08 67.23 68.32
N PRO LA 124 -48.73 65.96 68.61
CA PRO LA 124 -49.59 64.89 69.18
C PRO LA 124 -50.85 65.38 69.89
N ARG LA 125 -50.67 66.29 70.83
CA ARG LA 125 -51.73 66.85 71.67
C ARG LA 125 -52.92 67.42 70.91
N LYS LA 126 -52.63 68.11 69.81
CA LYS LA 126 -53.65 68.76 69.01
C LYS LA 126 -53.46 68.55 67.52
N PRO LA 127 -53.82 67.38 66.99
CA PRO LA 127 -53.75 67.01 65.60
C PRO LA 127 -54.76 67.82 64.82
N VAL LA 128 -54.46 68.07 63.57
CA VAL LA 128 -55.32 68.86 62.72
C VAL LA 128 -56.02 68.00 61.70
N PHE LA 129 -57.32 68.16 61.58
CA PHE LA 129 -58.10 67.36 60.67
C PHE LA 129 -58.52 68.17 59.46
N TRP LA 130 -57.96 67.88 58.28
CA TRP LA 130 -58.41 68.62 57.12
C TRP LA 130 -59.70 68.04 56.56
N LEU LA 131 -60.68 68.91 56.41
CA LEU LA 131 -62.04 68.57 55.98
C LEU LA 131 -62.41 69.34 54.72
N SER LA 132 -63.06 68.70 53.74
CA SER LA 132 -63.41 69.43 52.53
C SER LA 132 -64.44 70.53 52.77
N ARG LA 133 -63.99 71.78 52.66
CA ARG LA 133 -64.84 72.94 52.86
C ARG LA 133 -66.04 72.98 51.95
N GLN LA 134 -65.81 72.67 50.67
CA GLN LA 134 -66.84 72.77 49.67
C GLN LA 134 -67.79 71.58 49.62
N ARG LA 135 -67.29 70.36 49.86
CA ARG LA 135 -68.19 69.22 49.77
C ARG LA 135 -68.99 68.92 51.03
N ASN LA 136 -68.53 69.35 52.20
CA ASN LA 136 -69.29 69.07 53.40
C ASN LA 136 -70.21 70.21 53.78
N THR LA 137 -71.42 69.85 54.23
CA THR LA 137 -72.44 70.82 54.61
C THR LA 137 -72.85 70.64 56.06
N MET LA 138 -71.96 70.07 56.88
CA MET LA 138 -72.25 69.85 58.29
C MET LA 138 -72.38 71.15 59.06
N SER LA 139 -73.25 71.16 60.06
CA SER LA 139 -73.44 72.34 60.89
C SER LA 139 -72.34 72.42 61.90
N LYS LA 140 -72.18 73.58 62.50
CA LYS LA 140 -71.17 73.79 63.53
C LYS LA 140 -71.31 72.79 64.67
N LYS LA 141 -72.56 72.55 65.07
CA LYS LA 141 -72.83 71.61 66.15
C LYS LA 141 -72.45 70.21 65.76
N GLU LA 142 -72.73 69.84 64.53
CA GLU LA 142 -72.38 68.53 64.04
C GLU LA 142 -70.88 68.35 64.02
N LEU LA 143 -70.16 69.41 63.64
CA LEU LA 143 -68.71 69.37 63.62
C LEU LA 143 -68.16 69.23 65.02
N GLU LA 144 -68.82 69.85 66.01
CA GLU LA 144 -68.41 69.68 67.40
C GLU LA 144 -68.43 68.22 67.76
N VAL LA 145 -69.55 67.57 67.47
CA VAL LA 145 -69.72 66.16 67.76
C VAL LA 145 -68.66 65.32 67.09
N LEU LA 146 -68.41 65.60 65.82
CA LEU LA 146 -67.40 64.90 65.06
C LEU LA 146 -66.06 64.96 65.74
N SER LA 147 -65.65 66.17 66.17
CA SER LA 147 -64.35 66.29 66.83
C SER LA 147 -64.32 65.52 68.12
N GLN LA 148 -65.46 65.44 68.81
CA GLN LA 148 -65.52 64.68 70.05
C GLN LA 148 -65.33 63.20 69.82
N LYS LA 149 -65.87 62.70 68.70
CA LYS LA 149 -65.70 61.30 68.38
C LYS LA 149 -64.24 61.03 68.05
N LEU LA 150 -63.61 61.97 67.37
CA LEU LA 150 -62.21 61.82 67.03
C LEU LA 150 -61.36 61.83 68.30
N ARG LA 151 -61.74 62.64 69.29
CA ARG LA 151 -61.02 62.67 70.54
C ARG LA 151 -61.10 61.31 71.21
N ALA LA 152 -62.27 60.67 71.12
CA ALA LA 152 -62.44 59.34 71.67
C ALA LA 152 -61.51 58.34 70.99
N LEU LA 153 -61.33 58.50 69.68
CA LEU LA 153 -60.44 57.62 68.92
C LEU LA 153 -58.96 57.80 69.26
N MET LA 154 -58.59 58.98 69.76
CA MET LA 154 -57.21 59.29 70.12
C MET LA 154 -57.01 59.60 71.62
N PRO LA 155 -56.78 58.56 72.45
CA PRO LA 155 -56.55 58.53 73.90
C PRO LA 155 -55.54 59.54 74.40
N TYR LA 156 -54.57 59.89 73.56
CA TYR LA 156 -53.54 60.84 73.96
C TYR LA 156 -53.90 62.28 73.65
N ALA LA 157 -54.47 62.49 72.46
CA ALA LA 157 -54.83 63.83 72.02
C ALA LA 157 -55.76 64.48 73.01
N ASP LA 158 -55.55 65.76 73.24
CA ASP LA 158 -56.38 66.49 74.17
C ASP LA 158 -57.57 67.06 73.46
N SER LA 159 -57.36 67.49 72.22
CA SER LA 159 -58.44 68.02 71.41
C SER LA 159 -58.13 67.86 69.94
N VAL LA 160 -59.13 68.03 69.11
CA VAL LA 160 -58.92 67.89 67.67
C VAL LA 160 -59.28 69.17 66.95
N ASN LA 161 -58.36 69.65 66.13
CA ASN LA 161 -58.62 70.88 65.41
C ASN LA 161 -59.12 70.61 64.02
N ILE LA 162 -60.44 70.53 63.86
CA ILE LA 162 -61.01 70.34 62.55
C ILE LA 162 -61.03 71.64 61.80
N THR LA 163 -60.53 71.64 60.59
CA THR LA 163 -60.50 72.84 59.78
C THR LA 163 -60.88 72.51 58.35
N LEU LA 164 -61.50 73.47 57.70
CA LEU LA 164 -62.01 73.25 56.36
C LEU LA 164 -61.06 73.78 55.30
N MET LA 165 -60.74 72.94 54.32
CA MET LA 165 -59.82 73.27 53.25
C MET LA 165 -60.54 73.44 51.92
N ASP LA 166 -60.04 74.32 51.07
CA ASP LA 166 -60.68 74.55 49.79
C ASP LA 166 -60.15 73.61 48.71
N ASP LA 167 -61.02 72.73 48.23
CA ASP LA 167 -60.72 71.73 47.20
C ASP LA 167 -59.98 72.29 46.00
N VAL LA 168 -60.28 73.53 45.63
CA VAL LA 168 -59.65 74.17 44.49
C VAL LA 168 -58.17 74.37 44.70
N THR LA 169 -57.77 74.73 45.91
CA THR LA 169 -56.38 74.99 46.17
C THR LA 169 -55.59 73.70 46.21
N ALA LA 170 -56.26 72.62 46.61
CA ALA LA 170 -55.60 71.32 46.61
C ALA LA 170 -55.26 70.93 45.18
N ALA LA 171 -56.24 71.04 44.30
CA ALA LA 171 -56.05 70.72 42.90
C ALA LA 171 -55.06 71.65 42.24
N GLY LA 172 -55.14 72.93 42.57
CA GLY LA 172 -54.27 73.94 42.00
C GLY LA 172 -52.81 73.64 42.28
N GLN LA 173 -52.49 73.28 43.51
CA GLN LA 173 -51.12 72.95 43.86
C GLN LA 173 -50.64 71.71 43.16
N ALA LA 174 -51.52 70.70 43.06
CA ALA LA 174 -51.15 69.47 42.39
C ALA LA 174 -50.71 69.72 40.97
N GLU LA 175 -51.52 70.47 40.23
CA GLU LA 175 -51.18 70.73 38.84
C GLU LA 175 -50.03 71.68 38.69
N ALA LA 176 -50.00 72.74 39.50
CA ALA LA 176 -48.94 73.74 39.40
C ALA LA 176 -47.56 73.13 39.55
N GLY LA 177 -47.36 72.32 40.58
CA GLY LA 177 -46.07 71.70 40.80
C GLY LA 177 -45.73 70.72 39.69
N LEU LA 178 -46.74 69.97 39.25
CA LEU LA 178 -46.60 68.99 38.20
C LEU LA 178 -46.06 69.62 36.91
N LYS LA 179 -46.66 70.74 36.51
CA LYS LA 179 -46.20 71.41 35.31
C LYS LA 179 -44.91 72.20 35.54
N GLN LA 180 -44.64 72.61 36.79
CA GLN LA 180 -43.37 73.28 37.10
C GLN LA 180 -42.20 72.36 36.81
N GLN LA 181 -42.38 71.08 37.12
CA GLN LA 181 -41.38 70.05 36.84
C GLN LA 181 -41.23 69.71 35.35
N ALA LA 182 -42.01 70.37 34.48
CA ALA LA 182 -42.00 70.17 33.03
C ALA LA 182 -42.44 68.78 32.66
N LEU LA 183 -43.36 68.21 33.43
CA LEU LA 183 -43.84 66.89 33.15
C LEU LA 183 -45.07 66.95 32.26
N PRO LA 184 -45.24 66.00 31.35
CA PRO LA 184 -46.37 65.81 30.48
C PRO LA 184 -47.48 65.17 31.28
N TYR LA 185 -48.71 65.57 31.05
CA TYR LA 185 -49.81 64.97 31.77
C TYR LA 185 -51.13 65.34 31.18
N SER LA 186 -52.17 64.66 31.63
CA SER LA 186 -53.50 65.00 31.21
C SER LA 186 -54.44 64.92 32.41
N ARG LA 187 -55.06 66.05 32.71
CA ARG LA 187 -55.94 66.16 33.87
C ARG LA 187 -57.31 65.54 33.63
N ARG LA 188 -57.85 64.91 34.67
CA ARG LA 188 -59.15 64.27 34.63
C ARG LA 188 -60.06 64.74 35.73
N ASN LA 189 -60.81 65.80 35.49
CA ASN LA 189 -61.74 66.27 36.49
C ASN LA 189 -62.98 65.40 36.50
N HIS LA 190 -63.44 65.03 37.67
CA HIS LA 190 -64.67 64.28 37.77
C HIS LA 190 -65.35 64.60 39.07
N LYS LA 191 -66.62 64.23 39.20
CA LYS LA 191 -67.29 64.56 40.43
C LYS LA 191 -66.62 63.83 41.57
N GLY LA 192 -66.22 64.57 42.58
CA GLY LA 192 -65.58 64.01 43.75
C GLY LA 192 -64.05 63.93 43.71
N GLY LA 193 -63.41 64.30 42.60
CA GLY LA 193 -61.95 64.22 42.59
C GLY LA 193 -61.30 64.59 41.27
N VAL LA 194 -59.99 64.38 41.20
CA VAL LA 194 -59.26 64.66 39.98
C VAL LA 194 -58.06 63.74 39.83
N THR LA 195 -57.86 63.24 38.61
CA THR LA 195 -56.74 62.35 38.35
C THR LA 195 -55.78 62.92 37.31
N PHE LA 196 -54.49 62.80 37.59
CA PHE LA 196 -53.47 63.29 36.67
C PHE LA 196 -52.75 62.15 36.00
N VAL LA 197 -53.06 61.96 34.72
CA VAL LA 197 -52.52 60.86 33.95
C VAL LA 197 -51.21 61.21 33.27
N ILE LA 198 -50.19 60.40 33.51
CA ILE LA 198 -48.88 60.60 32.88
C ILE LA 198 -48.51 59.37 32.07
N GLN LA 199 -48.62 59.47 30.75
CA GLN LA 199 -48.30 58.33 29.89
C GLN LA 199 -47.18 58.61 28.91
N GLY LA 200 -46.75 57.54 28.23
CA GLY LA 200 -45.71 57.61 27.23
C GLY LA 200 -44.39 57.16 27.77
N ALA LA 201 -43.38 57.11 26.91
CA ALA LA 201 -42.06 56.74 27.35
C ALA LA 201 -41.47 57.89 28.13
N LEU LA 202 -40.76 57.59 29.20
CA LEU LA 202 -40.22 58.65 30.03
C LEU LA 202 -38.71 58.58 30.20
N ASP LA 203 -38.10 59.74 30.21
CA ASP LA 203 -36.67 59.90 30.45
C ASP LA 203 -36.38 59.64 31.91
N ASP LA 204 -35.32 58.92 32.21
CA ASP LA 204 -34.97 58.63 33.60
C ASP LA 204 -34.96 59.86 34.51
N VAL LA 205 -34.62 61.01 33.94
CA VAL LA 205 -34.55 62.22 34.72
C VAL LA 205 -35.95 62.68 35.12
N GLU LA 206 -36.86 62.73 34.15
CA GLU LA 206 -38.22 63.13 34.46
C GLU LA 206 -38.96 62.11 35.28
N ILE LA 207 -38.52 60.85 35.23
CA ILE LA 207 -39.13 59.85 36.09
C ILE LA 207 -38.82 60.16 37.54
N LEU LA 208 -37.55 60.44 37.81
CA LEU LA 208 -37.14 60.80 39.16
C LEU LA 208 -37.90 62.01 39.67
N ARG LA 209 -37.94 63.06 38.85
CA ARG LA 209 -38.64 64.27 39.23
C ARG LA 209 -40.10 64.04 39.53
N ALA LA 210 -40.75 63.22 38.69
CA ALA LA 210 -42.16 62.94 38.86
C ALA LA 210 -42.43 62.30 40.19
N ARG LA 211 -41.66 61.27 40.53
CA ARG LA 211 -41.90 60.61 41.80
C ARG LA 211 -41.68 61.51 42.99
N GLN LA 212 -40.62 62.30 42.96
CA GLN LA 212 -40.34 63.20 44.08
C GLN LA 212 -41.52 64.12 44.35
N PHE LA 213 -42.06 64.69 43.28
CA PHE LA 213 -43.21 65.56 43.40
C PHE LA 213 -44.42 64.86 43.98
N VAL LA 214 -44.75 63.71 43.42
CA VAL LA 214 -45.91 62.95 43.85
C VAL LA 214 -45.84 62.57 45.30
N ASP LA 215 -44.69 62.06 45.73
CA ASP LA 215 -44.53 61.67 47.12
C ASP LA 215 -44.78 62.83 48.05
N SER LA 216 -44.26 64.01 47.72
CA SER LA 216 -44.47 65.17 48.56
C SER LA 216 -45.91 65.61 48.62
N TYR LA 217 -46.59 65.61 47.48
CA TYR LA 217 -47.98 66.00 47.45
C TYR LA 217 -48.81 65.08 48.32
N TYR LA 218 -48.57 63.78 48.17
CA TYR LA 218 -49.25 62.79 48.95
C TYR LA 218 -49.03 63.02 50.43
N ARG LA 219 -47.77 63.16 50.82
CA ARG LA 219 -47.43 63.39 52.22
C ARG LA 219 -48.22 64.55 52.83
N THR LA 220 -48.38 65.63 52.08
CA THR LA 220 -49.12 66.78 52.58
C THR LA 220 -50.64 66.60 52.54
N TRP LA 221 -51.19 66.52 51.35
CA TRP LA 221 -52.62 66.45 51.18
C TRP LA 221 -53.24 65.08 51.31
N GLY LA 222 -52.51 64.06 50.92
CA GLY LA 222 -53.05 62.71 50.94
C GLY LA 222 -53.64 62.38 49.57
N GLY LA 223 -54.01 61.12 49.36
CA GLY LA 223 -54.52 60.70 48.05
C GLY LA 223 -56.03 60.49 47.99
N ARG LA 224 -56.81 61.25 48.76
CA ARG LA 224 -58.25 61.07 48.72
C ARG LA 224 -58.97 61.96 47.71
N TYR LA 225 -58.30 62.98 47.22
CA TYR LA 225 -58.94 63.88 46.25
C TYR LA 225 -58.14 63.88 44.96
N VAL LA 226 -56.83 64.05 45.08
CA VAL LA 226 -55.96 64.03 43.93
C VAL LA 226 -55.29 62.69 43.78
N GLN LA 227 -55.48 62.08 42.62
CA GLN LA 227 -54.88 60.80 42.31
C GLN LA 227 -53.91 60.93 41.14
N PHE LA 228 -52.69 60.47 41.32
CA PHE LA 228 -51.73 60.53 40.22
C PHE LA 228 -51.64 59.17 39.57
N ALA LA 229 -51.34 59.15 38.27
CA ALA LA 229 -51.29 57.89 37.54
C ALA LA 229 -50.13 57.84 36.57
N ILE LA 230 -48.96 57.44 37.08
CA ILE LA 230 -47.78 57.31 36.24
C ILE LA 230 -47.79 55.98 35.51
N GLU LA 231 -47.76 56.05 34.19
CA GLU LA 231 -47.79 54.84 33.36
C GLU LA 231 -46.70 54.84 32.30
N LEU LA 232 -45.62 54.13 32.59
CA LEU LA 232 -44.49 54.03 31.68
C LEU LA 232 -44.84 53.12 30.52
N LYS LA 233 -45.01 53.69 29.33
CA LYS LA 233 -45.41 52.92 28.16
C LYS LA 233 -44.61 53.22 26.89
N ASP LA 234 -44.62 52.28 25.96
CA ASP LA 234 -43.93 52.46 24.69
C ASP LA 234 -44.73 53.32 23.72
N ASP LA 235 -44.02 54.08 22.91
CA ASP LA 235 -44.64 54.95 21.91
C ASP LA 235 -44.31 54.47 20.50
N ASP MA 3 -13.05 46.67 72.04
CA ASP MA 3 -12.17 45.58 71.69
C ASP MA 3 -12.91 44.52 70.88
N LYS MA 4 -13.36 44.88 69.69
CA LYS MA 4 -14.09 43.95 68.85
C LYS MA 4 -13.36 43.66 67.56
N ASP MA 5 -13.49 42.43 67.09
CA ASP MA 5 -12.87 42.06 65.82
C ASP MA 5 -13.80 42.44 64.69
N LEU MA 6 -13.28 43.18 63.72
CA LEU MA 6 -14.10 43.63 62.61
C LEU MA 6 -13.75 42.84 61.35
N LEU MA 7 -12.48 42.95 60.91
CA LEU MA 7 -12.03 42.25 59.72
C LEU MA 7 -10.75 41.44 59.97
N LYS MA 8 -10.59 40.34 59.23
CA LYS MA 8 -9.40 39.50 59.37
C LYS MA 8 -8.90 38.99 58.02
N GLY MA 9 -7.59 38.77 57.93
CA GLY MA 9 -7.03 38.21 56.71
C GLY MA 9 -6.92 39.22 55.58
N LEU MA 10 -6.82 40.49 55.91
CA LEU MA 10 -6.76 41.52 54.90
C LEU MA 10 -5.38 41.64 54.33
N ASP MA 11 -5.30 42.06 53.07
CA ASP MA 11 -3.98 42.30 52.55
C ASP MA 11 -3.63 43.74 52.91
N GLN MA 12 -2.45 44.18 52.56
CA GLN MA 12 -2.00 45.50 52.93
C GLN MA 12 -2.87 46.63 52.41
N GLU MA 13 -3.18 46.59 51.12
CA GLU MA 13 -4.01 47.62 50.48
C GLU MA 13 -5.37 47.74 51.11
N GLN MA 14 -6.06 46.61 51.24
CA GLN MA 14 -7.38 46.56 51.81
C GLN MA 14 -7.40 47.12 53.20
N ALA MA 15 -6.43 46.70 54.02
CA ALA MA 15 -6.37 47.15 55.40
C ALA MA 15 -6.29 48.66 55.48
N ASN MA 16 -5.40 49.26 54.70
CA ASN MA 16 -5.26 50.70 54.75
C ASN MA 16 -6.50 51.43 54.21
N GLU MA 17 -7.15 50.86 53.21
CA GLU MA 17 -8.33 51.51 52.67
C GLU MA 17 -9.50 51.53 53.63
N VAL MA 18 -9.73 50.40 54.30
CA VAL MA 18 -10.82 50.31 55.25
C VAL MA 18 -10.61 51.28 56.39
N ILE MA 19 -9.38 51.34 56.89
CA ILE MA 19 -9.05 52.23 57.96
C ILE MA 19 -9.31 53.67 57.60
N ALA MA 20 -8.91 54.06 56.38
CA ALA MA 20 -9.14 55.42 55.92
C ALA MA 20 -10.60 55.81 56.05
N VAL MA 21 -11.50 54.92 55.63
CA VAL MA 21 -12.93 55.18 55.72
C VAL MA 21 -13.41 55.34 57.14
N LEU MA 22 -12.97 54.44 58.02
CA LEU MA 22 -13.40 54.51 59.40
C LEU MA 22 -12.97 55.79 60.08
N GLN MA 23 -11.75 56.23 59.80
CA GLN MA 23 -11.25 57.46 60.36
C GLN MA 23 -12.04 58.64 59.86
N MET MA 24 -12.36 58.63 58.57
CA MET MA 24 -13.16 59.68 57.97
C MET MA 24 -14.49 59.85 58.68
N HIS MA 25 -15.07 58.73 59.15
CA HIS MA 25 -16.32 58.78 59.88
C HIS MA 25 -16.16 58.81 61.39
N ASN MA 26 -15.01 59.27 61.87
CA ASN MA 26 -14.74 59.42 63.29
C ASN MA 26 -14.66 58.13 64.08
N ILE MA 27 -13.98 57.12 63.52
CA ILE MA 27 -13.79 55.86 64.20
C ILE MA 27 -12.31 55.46 64.23
N GLU MA 28 -11.76 55.29 65.44
CA GLU MA 28 -10.38 54.83 65.57
C GLU MA 28 -10.30 53.36 65.21
N ALA MA 29 -9.18 52.94 64.63
CA ALA MA 29 -9.06 51.54 64.24
C ALA MA 29 -7.62 51.06 64.40
N ASN MA 30 -7.48 49.80 64.78
CA ASN MA 30 -6.17 49.21 64.98
C ASN MA 30 -5.84 48.29 63.83
N LYS MA 31 -4.63 48.38 63.31
CA LYS MA 31 -4.18 47.45 62.29
C LYS MA 31 -3.21 46.46 62.90
N ILE MA 32 -3.60 45.19 62.91
CA ILE MA 32 -2.79 44.18 63.53
C ILE MA 32 -2.13 43.28 62.52
N ASP MA 33 -0.81 43.22 62.58
CA ASP MA 33 -0.02 42.38 61.70
C ASP MA 33 0.13 40.98 62.26
N SER MA 34 -0.54 40.01 61.64
CA SER MA 34 -0.47 38.62 62.07
C SER MA 34 0.42 37.77 61.16
N GLY MA 35 1.37 38.42 60.51
CA GLY MA 35 2.32 37.74 59.65
C GLY MA 35 1.65 37.16 58.43
N LYS MA 36 1.90 35.87 58.19
CA LYS MA 36 1.34 35.14 57.05
C LYS MA 36 -0.17 35.11 57.03
N LEU MA 37 -0.81 35.40 58.15
CA LEU MA 37 -2.25 35.37 58.20
C LEU MA 37 -2.89 36.68 57.77
N GLY MA 38 -2.07 37.69 57.47
CA GLY MA 38 -2.60 38.96 56.98
C GLY MA 38 -2.86 39.97 58.08
N TYR MA 39 -3.67 40.97 57.76
CA TYR MA 39 -3.97 42.02 58.72
C TYR MA 39 -5.36 41.89 59.31
N SER MA 40 -5.49 42.35 60.54
CA SER MA 40 -6.78 42.35 61.19
C SER MA 40 -7.12 43.74 61.67
N ILE MA 41 -8.39 44.09 61.59
CA ILE MA 41 -8.82 45.40 62.05
C ILE MA 41 -9.76 45.28 63.22
N THR MA 42 -9.42 45.98 64.29
CA THR MA 42 -10.24 45.96 65.48
C THR MA 42 -10.65 47.36 65.89
N VAL MA 43 -11.79 47.46 66.56
CA VAL MA 43 -12.31 48.75 66.98
C VAL MA 43 -12.82 48.75 68.41
N ALA MA 44 -12.98 49.93 68.96
CA ALA MA 44 -13.53 50.07 70.30
C ALA MA 44 -14.98 49.66 70.29
N GLU MA 45 -15.40 48.96 71.33
CA GLU MA 45 -16.78 48.48 71.44
C GLU MA 45 -17.85 49.58 71.25
N PRO MA 46 -17.67 50.80 71.78
CA PRO MA 46 -18.56 51.94 71.58
C PRO MA 46 -18.79 52.30 70.11
N ASP MA 47 -17.79 52.06 69.27
CA ASP MA 47 -17.89 52.41 67.87
C ASP MA 47 -18.31 51.24 67.02
N PHE MA 48 -18.06 50.02 67.50
CA PHE MA 48 -18.34 48.79 66.78
C PHE MA 48 -19.63 48.76 65.97
N THR MA 49 -20.74 49.25 66.52
CA THR MA 49 -21.99 49.23 65.79
C THR MA 49 -21.90 50.08 64.54
N ALA MA 50 -21.38 51.29 64.70
CA ALA MA 50 -21.23 52.21 63.60
C ALA MA 50 -20.24 51.67 62.59
N ALA MA 51 -19.17 51.07 63.08
CA ALA MA 51 -18.14 50.51 62.22
C ALA MA 51 -18.74 49.49 61.27
N VAL MA 52 -19.56 48.59 61.82
CA VAL MA 52 -20.22 47.58 61.00
C VAL MA 52 -21.09 48.21 59.95
N TYR MA 53 -21.86 49.21 60.34
CA TYR MA 53 -22.70 49.91 59.41
C TYR MA 53 -21.92 50.42 58.21
N TRP MA 54 -20.78 51.05 58.47
CA TRP MA 54 -19.97 51.61 57.39
C TRP MA 54 -19.29 50.54 56.54
N ILE MA 55 -18.92 49.40 57.12
CA ILE MA 55 -18.34 48.31 56.33
C ILE MA 55 -19.35 47.87 55.29
N LYS MA 56 -20.61 47.78 55.70
CA LYS MA 56 -21.68 47.46 54.78
C LYS MA 56 -21.83 48.53 53.72
N THR MA 57 -22.02 49.77 54.17
CA THR MA 57 -22.25 50.91 53.29
C THR MA 57 -21.23 51.05 52.17
N TYR MA 58 -19.96 50.89 52.49
CA TYR MA 58 -18.92 51.05 51.49
C TYR MA 58 -18.40 49.78 50.86
N GLN MA 59 -19.15 48.68 50.94
CA GLN MA 59 -18.71 47.43 50.31
C GLN MA 59 -17.29 47.04 50.71
N LEU MA 60 -16.99 47.05 52.00
CA LEU MA 60 -15.64 46.74 52.43
C LEU MA 60 -15.49 45.32 52.93
N PRO MA 61 -14.29 44.75 52.82
CA PRO MA 61 -13.05 45.26 52.25
C PRO MA 61 -13.13 45.26 50.71
N PRO MA 62 -12.37 46.13 50.05
CA PRO MA 62 -12.29 46.35 48.62
C PRO MA 62 -11.92 45.11 47.82
N ARG MA 63 -12.45 45.01 46.61
CA ARG MA 63 -12.10 43.94 45.71
C ARG MA 63 -10.86 44.37 44.95
N PRO MA 64 -10.14 43.43 44.32
CA PRO MA 64 -8.97 43.67 43.49
C PRO MA 64 -9.42 44.31 42.19
N ARG MA 65 -8.56 45.13 41.60
CA ARG MA 65 -8.90 45.85 40.40
C ARG MA 65 -8.97 44.96 39.18
N VAL MA 66 -10.04 45.13 38.39
CA VAL MA 66 -10.28 44.33 37.20
C VAL MA 66 -9.78 44.98 35.93
N GLU MA 67 -8.95 44.25 35.21
CA GLU MA 67 -8.38 44.67 33.96
C GLU MA 67 -8.63 43.58 32.93
N ILE MA 68 -8.89 43.96 31.69
CA ILE MA 68 -9.29 43.00 30.66
C ILE MA 68 -8.31 41.89 30.39
N ALA MA 69 -7.02 42.22 30.34
CA ALA MA 69 -5.98 41.23 30.07
C ALA MA 69 -5.93 40.10 31.08
N GLN MA 70 -6.54 40.28 32.25
CA GLN MA 70 -6.50 39.26 33.27
C GLN MA 70 -7.30 38.02 32.84
N MET MA 71 -8.18 38.17 31.85
CA MET MA 71 -8.97 37.05 31.39
C MET MA 71 -8.50 36.46 30.07
N PHE MA 72 -7.37 36.89 29.57
CA PHE MA 72 -6.84 36.34 28.32
C PHE MA 72 -5.34 36.23 28.44
N PRO MA 73 -4.84 35.37 29.33
CA PRO MA 73 -3.45 35.17 29.71
C PRO MA 73 -2.58 34.55 28.62
N ALA MA 74 -1.31 34.93 28.65
CA ALA MA 74 -0.31 34.46 27.68
C ALA MA 74 0.08 33.02 27.93
N ASP MA 75 -0.32 32.48 29.08
CA ASP MA 75 -0.03 31.12 29.44
C ASP MA 75 -0.79 30.12 28.57
N SER MA 76 -1.82 30.57 27.84
CA SER MA 76 -2.54 29.68 26.97
C SER MA 76 -1.65 29.13 25.88
N LEU MA 77 -1.84 27.85 25.58
CA LEU MA 77 -1.06 27.16 24.57
C LEU MA 77 -1.36 27.68 23.17
N VAL MA 78 -2.56 28.20 22.99
CA VAL MA 78 -3.00 28.72 21.71
C VAL MA 78 -3.58 30.10 21.91
N SER MA 79 -3.76 30.83 20.82
CA SER MA 79 -4.33 32.16 20.90
C SER MA 79 -5.24 32.40 19.72
N SER MA 80 -5.96 33.50 19.76
CA SER MA 80 -6.86 33.86 18.68
C SER MA 80 -6.78 35.34 18.50
N PRO MA 81 -7.08 35.86 17.32
CA PRO MA 81 -7.12 37.26 16.96
C PRO MA 81 -7.95 38.02 17.95
N ARG MA 82 -9.06 37.43 18.36
CA ARG MA 82 -9.94 38.03 19.32
C ARG MA 82 -9.23 38.29 20.62
N ALA MA 83 -8.59 37.24 21.14
CA ALA MA 83 -7.88 37.36 22.40
C ALA MA 83 -6.73 38.33 22.32
N GLU MA 84 -5.95 38.26 21.25
CA GLU MA 84 -4.78 39.10 21.11
C GLU MA 84 -5.13 40.56 21.02
N LYS MA 85 -6.17 40.89 20.27
CA LYS MA 85 -6.56 42.28 20.13
C LYS MA 85 -7.03 42.80 21.48
N ALA MA 86 -7.77 41.98 22.23
CA ALA MA 86 -8.23 42.37 23.55
C ALA MA 86 -7.06 42.66 24.48
N ARG MA 87 -6.05 41.78 24.46
CA ARG MA 87 -4.88 41.96 25.29
C ARG MA 87 -4.20 43.28 25.03
N LEU MA 88 -4.06 43.62 23.76
CA LEU MA 88 -3.43 44.87 23.40
C LEU MA 88 -4.18 46.07 23.95
N TYR MA 89 -5.50 46.11 23.75
CA TYR MA 89 -6.27 47.23 24.22
C TYR MA 89 -6.19 47.39 25.72
N SER MA 90 -6.14 46.27 26.44
CA SER MA 90 -6.04 46.33 27.88
C SER MA 90 -4.78 47.08 28.29
N ALA MA 91 -3.67 46.72 27.66
CA ALA MA 91 -2.40 47.36 27.93
C ALA MA 91 -2.44 48.84 27.61
N ILE MA 92 -3.08 49.19 26.50
CA ILE MA 92 -3.17 50.58 26.11
C ILE MA 92 -3.94 51.41 27.12
N GLU MA 93 -5.06 50.90 27.64
CA GLU MA 93 -5.79 51.67 28.64
C GLU MA 93 -4.91 51.93 29.84
N GLN MA 94 -4.18 50.90 30.28
CA GLN MA 94 -3.31 51.05 31.43
C GLN MA 94 -2.24 52.10 31.21
N ARG MA 95 -1.68 52.09 30.01
CA ARG MA 95 -0.61 52.99 29.67
C ARG MA 95 -1.13 54.43 29.60
N LEU MA 96 -2.34 54.62 29.11
CA LEU MA 96 -2.93 55.96 29.10
C LEU MA 96 -3.20 56.47 30.50
N GLU MA 97 -3.61 55.59 31.40
CA GLU MA 97 -3.84 55.99 32.79
C GLU MA 97 -2.54 56.44 33.42
N GLN MA 98 -1.47 55.69 33.14
CA GLN MA 98 -0.16 56.04 33.67
C GLN MA 98 0.26 57.43 33.21
N SER MA 99 -0.09 57.78 31.97
CA SER MA 99 0.26 59.10 31.45
C SER MA 99 -0.55 60.23 32.06
N LEU MA 100 -1.87 60.07 32.16
CA LEU MA 100 -2.69 61.17 32.67
C LEU MA 100 -2.38 61.51 34.10
N GLN MA 101 -1.98 60.52 34.88
CA GLN MA 101 -1.66 60.76 36.28
C GLN MA 101 -0.36 61.54 36.49
N THR MA 102 0.37 61.84 35.42
CA THR MA 102 1.58 62.63 35.56
C THR MA 102 1.34 64.08 35.18
N MET MA 103 0.12 64.40 34.73
CA MET MA 103 -0.16 65.80 34.39
C MET MA 103 -0.30 66.64 35.64
N GLU MA 104 0.10 67.90 35.51
CA GLU MA 104 0.06 68.83 36.62
C GLU MA 104 -1.32 68.97 37.21
N GLY MA 105 -1.41 68.76 38.51
CA GLY MA 105 -2.65 68.92 39.24
C GLY MA 105 -3.50 67.65 39.29
N VAL MA 106 -3.13 66.61 38.54
CA VAL MA 106 -3.92 65.40 38.56
C VAL MA 106 -3.48 64.47 39.67
N LEU MA 107 -4.45 64.06 40.48
CA LEU MA 107 -4.19 63.18 41.60
C LEU MA 107 -4.52 61.75 41.21
N SER MA 108 -5.58 61.59 40.41
CA SER MA 108 -6.00 60.26 39.96
C SER MA 108 -6.75 60.31 38.66
N ALA MA 109 -6.59 59.27 37.84
CA ALA MA 109 -7.33 59.26 36.59
C ALA MA 109 -7.55 57.85 36.07
N ARG MA 110 -8.71 57.63 35.44
CA ARG MA 110 -9.07 56.34 34.87
C ARG MA 110 -9.45 56.48 33.41
N VAL MA 111 -9.10 55.49 32.59
CA VAL MA 111 -9.35 55.58 31.15
C VAL MA 111 -9.99 54.34 30.56
N HIS MA 112 -10.99 54.54 29.71
CA HIS MA 112 -11.65 53.45 29.01
C HIS MA 112 -11.59 53.63 27.52
N ILE MA 113 -11.46 52.52 26.80
CA ILE MA 113 -11.46 52.59 25.35
C ILE MA 113 -12.44 51.55 24.86
N SER MA 114 -13.17 51.87 23.80
CA SER MA 114 -14.11 50.91 23.27
C SER MA 114 -13.38 49.73 22.64
N TYR MA 115 -14.08 48.61 22.53
CA TYR MA 115 -13.49 47.40 21.98
C TYR MA 115 -14.16 46.99 20.69
N ASP MA 116 -13.44 46.17 19.93
CA ASP MA 116 -13.91 45.65 18.66
C ASP MA 116 -13.62 44.19 18.62
N ILE MA 117 -14.67 43.40 18.78
CA ILE MA 117 -14.51 41.98 18.88
C ILE MA 117 -14.87 41.21 17.63
N ASP MA 118 -15.65 41.80 16.73
CA ASP MA 118 -15.99 41.04 15.55
C ASP MA 118 -16.31 41.85 14.29
N ALA MA 119 -15.67 43.01 14.08
CA ALA MA 119 -15.91 43.74 12.83
C ALA MA 119 -15.41 42.92 11.64
N GLY MA 120 -14.09 42.77 11.52
CA GLY MA 120 -13.45 42.00 10.44
C GLY MA 120 -14.02 40.58 10.36
N GLU MA 121 -14.29 39.99 11.52
CA GLU MA 121 -14.91 38.67 11.62
C GLU MA 121 -16.16 38.53 10.77
N ASN MA 122 -16.96 39.59 10.71
CA ASN MA 122 -18.20 39.59 9.96
C ASN MA 122 -18.06 40.20 8.57
N GLY MA 123 -16.83 40.44 8.12
CA GLY MA 123 -16.61 41.05 6.81
C GLY MA 123 -16.84 42.56 6.85
N ARG MA 124 -16.90 43.14 8.05
CA ARG MA 124 -17.15 44.55 8.20
C ARG MA 124 -15.90 45.35 8.50
N PRO MA 125 -15.89 46.63 8.15
CA PRO MA 125 -14.88 47.60 8.46
C PRO MA 125 -15.01 47.91 9.94
N PRO MA 126 -13.94 48.35 10.58
CA PRO MA 126 -13.82 48.69 11.99
C PRO MA 126 -14.60 49.94 12.31
N LYS MA 127 -15.03 50.05 13.56
CA LYS MA 127 -15.79 51.20 14.00
C LYS MA 127 -14.87 52.24 14.60
N PRO MA 128 -15.31 53.49 14.68
CA PRO MA 128 -14.65 54.63 15.29
C PRO MA 128 -14.37 54.31 16.73
N VAL MA 129 -13.29 54.85 17.25
CA VAL MA 129 -12.92 54.54 18.62
C VAL MA 129 -13.50 55.53 19.60
N HIS MA 130 -14.08 55.01 20.68
CA HIS MA 130 -14.64 55.87 21.69
C HIS MA 130 -13.77 55.85 22.93
N LEU MA 131 -13.63 57.02 23.55
CA LEU MA 131 -12.82 57.13 24.76
C LEU MA 131 -13.57 57.82 25.86
N SER MA 132 -13.30 57.43 27.09
CA SER MA 132 -13.89 58.13 28.20
C SER MA 132 -12.90 58.15 29.34
N ALA MA 133 -12.98 59.15 30.20
CA ALA MA 133 -12.02 59.22 31.27
C ALA MA 133 -12.54 59.97 32.48
N LEU MA 134 -12.01 59.59 33.63
CA LEU MA 134 -12.35 60.20 34.89
C LEU MA 134 -11.12 60.84 35.48
N ALA MA 135 -11.27 61.97 36.16
CA ALA MA 135 -10.09 62.57 36.76
C ALA MA 135 -10.38 63.33 38.05
N VAL MA 136 -9.42 63.28 38.96
CA VAL MA 136 -9.46 63.97 40.23
C VAL MA 136 -8.32 64.96 40.32
N TYR MA 137 -8.64 66.22 40.56
CA TYR MA 137 -7.65 67.27 40.67
C TYR MA 137 -7.42 67.82 42.05
N GLU MA 138 -6.28 68.46 42.20
CA GLU MA 138 -5.95 69.16 43.43
C GLU MA 138 -6.97 70.26 43.66
N ARG MA 139 -7.53 70.29 44.86
CA ARG MA 139 -8.55 71.24 45.20
C ARG MA 139 -8.13 72.68 44.93
N GLY MA 140 -9.00 73.42 44.25
CA GLY MA 140 -8.77 74.82 43.90
C GLY MA 140 -8.33 75.00 42.45
N SER MA 141 -8.03 73.90 41.78
CA SER MA 141 -7.59 73.90 40.39
C SER MA 141 -8.76 74.29 39.41
N PRO MA 142 -8.47 74.99 38.31
CA PRO MA 142 -9.40 75.49 37.28
C PRO MA 142 -9.86 74.41 36.28
N LEU MA 143 -10.61 73.43 36.80
CA LEU MA 143 -11.12 72.27 36.08
C LEU MA 143 -11.76 72.57 34.72
N ALA MA 144 -12.48 73.68 34.62
CA ALA MA 144 -13.18 74.06 33.40
C ALA MA 144 -12.27 74.31 32.21
N HIS MA 145 -10.98 74.47 32.45
CA HIS MA 145 -10.05 74.72 31.37
C HIS MA 145 -9.14 73.53 31.17
N GLN MA 146 -8.80 72.90 32.29
CA GLN MA 146 -7.91 71.74 32.30
C GLN MA 146 -8.46 70.58 31.49
N ILE MA 147 -9.77 70.43 31.51
CA ILE MA 147 -10.45 69.42 30.71
C ILE MA 147 -10.08 69.44 29.22
N SER MA 148 -9.65 70.59 28.70
CA SER MA 148 -9.32 70.66 27.28
C SER MA 148 -7.96 70.05 26.97
N ASP MA 149 -7.07 69.97 27.96
CA ASP MA 149 -5.78 69.35 27.74
C ASP MA 149 -5.95 67.87 27.63
N ILE MA 150 -6.79 67.33 28.50
CA ILE MA 150 -7.04 65.91 28.50
C ILE MA 150 -7.61 65.48 27.18
N LYS MA 151 -8.61 66.22 26.73
CA LYS MA 151 -9.30 65.90 25.52
C LYS MA 151 -8.39 66.02 24.29
N ARG MA 152 -7.55 67.04 24.25
CA ARG MA 152 -6.63 67.20 23.12
C ARG MA 152 -5.59 66.11 23.08
N PHE MA 153 -5.04 65.79 24.25
CA PHE MA 153 -4.05 64.76 24.38
C PHE MA 153 -4.58 63.44 23.90
N LEU MA 154 -5.75 63.05 24.36
CA LEU MA 154 -6.34 61.80 23.95
C LEU MA 154 -6.70 61.78 22.48
N LYS MA 155 -7.13 62.90 21.92
CA LYS MA 155 -7.52 62.94 20.52
C LYS MA 155 -6.43 62.42 19.59
N ASN MA 156 -5.20 62.88 19.77
CA ASN MA 156 -4.13 62.36 18.91
C ASN MA 156 -3.37 61.19 19.50
N SER MA 157 -3.93 60.55 20.52
CA SER MA 157 -3.31 59.37 21.11
C SER MA 157 -3.87 58.09 20.53
N PHE MA 158 -4.68 58.18 19.49
CA PHE MA 158 -5.21 56.96 18.94
C PHE MA 158 -5.69 57.13 17.51
N ALA MA 159 -5.43 56.12 16.71
CA ALA MA 159 -5.69 56.03 15.27
C ALA MA 159 -6.87 56.82 14.73
N ASP MA 160 -8.04 56.73 15.36
CA ASP MA 160 -9.17 57.46 14.81
C ASP MA 160 -10.27 57.78 15.81
N VAL MA 161 -10.11 58.92 16.46
CA VAL MA 161 -11.10 59.42 17.40
C VAL MA 161 -11.42 60.84 17.02
N ASP MA 162 -12.35 61.46 17.73
CA ASP MA 162 -12.70 62.84 17.46
C ASP MA 162 -13.25 63.50 18.70
N TYR MA 163 -13.47 64.81 18.66
CA TYR MA 163 -13.90 65.53 19.84
C TYR MA 163 -15.36 65.27 20.28
N ASP MA 164 -16.10 64.50 19.51
CA ASP MA 164 -17.46 64.17 19.90
C ASP MA 164 -17.53 62.78 20.50
N ASN MA 165 -16.47 62.00 20.35
CA ASN MA 165 -16.47 60.64 20.86
C ASN MA 165 -15.49 60.46 22.00
N ILE MA 166 -15.11 61.56 22.64
CA ILE MA 166 -14.24 61.54 23.81
C ILE MA 166 -14.95 62.24 24.94
N SER MA 167 -15.21 61.52 26.04
CA SER MA 167 -15.89 62.15 27.16
C SER MA 167 -15.05 62.20 28.42
N VAL MA 168 -15.03 63.35 29.05
CA VAL MA 168 -14.26 63.51 30.27
C VAL MA 168 -15.13 64.03 31.41
N VAL MA 169 -15.16 63.27 32.49
CA VAL MA 169 -15.90 63.66 33.68
C VAL MA 169 -14.91 63.79 34.82
N LEU MA 170 -14.92 64.92 35.48
CA LEU MA 170 -13.92 65.15 36.50
C LEU MA 170 -14.36 66.02 37.65
N SER MA 171 -13.54 66.04 38.69
CA SER MA 171 -13.77 66.84 39.87
C SER MA 171 -12.49 67.04 40.67
N GLU MA 172 -12.61 67.34 41.95
CA GLU MA 172 -11.45 67.59 42.78
C GLU MA 172 -11.62 66.97 44.15
N ARG MA 173 -10.51 66.80 44.85
CA ARG MA 173 -10.52 66.16 46.16
C ARG MA 173 -11.31 66.93 47.20
N SER MA 174 -11.70 66.21 48.25
CA SER MA 174 -12.43 66.76 49.40
C SER MA 174 -11.47 67.31 50.46
N ASP MA 175 -12.05 67.87 51.52
CA ASP MA 175 -11.30 68.42 52.66
C ASP MA 175 -10.52 67.29 53.34
N ALA MA 176 -9.19 67.39 53.29
CA ALA MA 176 -8.32 66.35 53.82
C ALA MA 176 -8.54 66.05 55.29
N GLN MA 177 -8.62 64.76 55.62
CA GLN MA 177 -8.82 64.36 57.00
C GLN MA 177 -7.48 64.34 57.71
N LEU MA 178 -7.11 65.48 58.27
CA LEU MA 178 -5.84 65.63 58.92
C LEU MA 178 -5.91 65.51 60.45
N GLN MA 179 -7.07 65.13 60.99
CA GLN MA 179 -7.24 65.05 62.43
C GLN MA 179 -7.67 63.68 62.89
N ALA MA 180 -7.13 63.24 64.02
CA ALA MA 180 -7.50 61.93 64.56
C ALA MA 180 -8.93 61.97 65.12
N PRO MA 181 -9.70 60.89 64.95
CA PRO MA 181 -11.07 60.66 65.44
C PRO MA 181 -11.24 60.85 66.95
N GLY MA 182 -10.29 60.33 67.71
CA GLY MA 182 -10.34 60.45 69.16
C GLY MA 182 -10.92 59.19 69.79
N THR MA 183 -10.62 59.00 71.06
CA THR MA 183 -11.11 57.83 71.79
C THR MA 183 -12.49 58.10 72.38
N PRO MA 184 -13.19 57.04 72.80
CA PRO MA 184 -14.48 57.07 73.47
C PRO MA 184 -14.34 57.61 74.87
N VAL MA 185 -15.41 58.16 75.40
CA VAL MA 185 -15.39 58.72 76.74
C VAL MA 185 -15.71 57.68 77.79
N LYS MA 186 -14.71 57.35 78.60
CA LYS MA 186 -14.87 56.39 79.68
C LYS MA 186 -13.56 56.28 80.47
N ALA NA 42 -16.73 66.81 81.01
CA ALA NA 42 -16.63 66.50 79.59
C ALA NA 42 -17.19 67.64 78.75
N GLU NA 43 -16.52 68.78 78.78
CA GLU NA 43 -16.97 69.93 78.01
C GLU NA 43 -17.06 69.56 76.54
N LEU NA 44 -18.22 69.82 75.95
CA LEU NA 44 -18.49 69.49 74.56
C LEU NA 44 -17.44 70.00 73.59
N ASP NA 45 -16.92 71.20 73.84
CA ASP NA 45 -15.87 71.76 72.99
C ASP NA 45 -14.65 70.87 72.92
N SER NA 46 -14.33 70.18 74.01
CA SER NA 46 -13.17 69.31 74.03
C SER NA 46 -13.53 67.94 73.47
N LEU NA 47 -14.82 67.59 73.50
CA LEU NA 47 -15.28 66.32 72.95
C LEU NA 47 -15.22 66.35 71.42
N LEU NA 48 -15.53 67.50 70.83
CA LEU NA 48 -15.47 67.68 69.39
C LEU NA 48 -14.01 67.80 68.92
N GLY NA 49 -13.79 67.53 67.64
CA GLY NA 49 -12.46 67.51 66.99
C GLY NA 49 -11.44 68.61 67.39
N GLN NA 50 -10.17 68.37 67.01
CA GLN NA 50 -9.05 69.27 67.32
C GLN NA 50 -9.29 70.66 66.77
N GLU NA 51 -9.77 70.75 65.55
CA GLU NA 51 -10.07 72.05 64.99
C GLU NA 51 -11.46 72.45 65.41
N LYS NA 52 -11.54 72.94 66.64
CA LYS NA 52 -12.80 73.36 67.25
C LYS NA 52 -13.55 74.42 66.48
N GLU NA 53 -12.87 75.11 65.58
CA GLU NA 53 -13.48 76.17 64.81
C GLU NA 53 -14.37 75.66 63.68
N ARG NA 54 -14.47 74.34 63.54
CA ARG NA 54 -15.35 73.76 62.55
C ARG NA 54 -16.79 73.70 63.05
N PHE NA 55 -16.97 73.90 64.36
CA PHE NA 55 -18.31 73.79 64.92
C PHE NA 55 -18.70 75.00 65.73
N GLN NA 56 -19.97 75.34 65.71
CA GLN NA 56 -20.43 76.42 66.56
C GLN NA 56 -21.42 75.88 67.58
N VAL NA 57 -20.98 75.78 68.82
CA VAL NA 57 -21.84 75.29 69.86
C VAL NA 57 -22.78 76.39 70.31
N LEU NA 58 -24.07 76.06 70.37
CA LEU NA 58 -25.12 77.00 70.70
C LEU NA 58 -25.88 76.56 71.95
N PRO NA 59 -26.30 77.49 72.79
CA PRO NA 59 -27.03 77.15 74.02
C PRO NA 59 -28.50 77.46 73.89
N GLY NA 60 -29.30 76.46 73.54
CA GLY NA 60 -30.72 76.67 73.34
C GLY NA 60 -31.47 76.93 74.63
N ARG NA 61 -32.56 77.70 74.54
CA ARG NA 61 -33.37 78.06 75.69
C ARG NA 61 -34.15 76.85 76.24
N ASP NA 62 -34.22 75.79 75.45
CA ASP NA 62 -34.86 74.54 75.84
C ASP NA 62 -33.92 73.61 76.62
N LYS NA 63 -32.75 74.12 77.06
CA LYS NA 63 -31.77 73.35 77.81
C LYS NA 63 -31.04 72.32 76.97
N MET NA 64 -31.13 72.45 75.65
CA MET NA 64 -30.43 71.55 74.75
C MET NA 64 -29.24 72.28 74.16
N LEU NA 65 -28.09 71.64 74.23
CA LEU NA 65 -26.89 72.23 73.72
C LEU NA 65 -26.77 71.81 72.25
N TYR NA 66 -26.75 72.79 71.36
CA TYR NA 66 -26.75 72.49 69.95
C TYR NA 66 -25.39 72.58 69.30
N VAL NA 67 -25.16 71.75 68.28
CA VAL NA 67 -23.90 71.80 67.55
C VAL NA 67 -24.12 72.17 66.11
N ALA NA 68 -23.81 73.40 65.74
CA ALA NA 68 -24.02 73.79 64.36
C ALA NA 68 -22.86 73.37 63.50
N ALA NA 69 -23.17 72.58 62.47
CA ALA NA 69 -22.18 72.11 61.52
C ALA NA 69 -22.46 72.68 60.15
N GLN NA 70 -21.40 72.95 59.40
CA GLN NA 70 -21.52 73.54 58.08
C GLN NA 70 -21.49 72.53 56.95
N ASN NA 71 -21.29 71.26 57.26
CA ASN NA 71 -21.19 70.23 56.24
C ASN NA 71 -21.62 68.89 56.78
N GLU NA 72 -22.27 68.09 55.95
CA GLU NA 72 -22.74 66.77 56.36
C GLU NA 72 -21.64 65.84 56.90
N ARG NA 73 -20.38 66.09 56.55
CA ARG NA 73 -19.29 65.29 57.09
C ARG NA 73 -19.05 65.67 58.54
N ASP NA 74 -19.31 66.93 58.86
CA ASP NA 74 -19.09 67.43 60.20
C ASP NA 74 -20.32 67.10 61.00
N THR NA 75 -21.46 67.06 60.33
CA THR NA 75 -22.71 66.68 60.97
C THR NA 75 -22.56 65.28 61.51
N LEU NA 76 -22.09 64.36 60.66
CA LEU NA 76 -21.87 63.00 61.08
C LEU NA 76 -20.81 62.90 62.14
N TRP NA 77 -19.73 63.68 62.00
CA TRP NA 77 -18.67 63.69 63.00
C TRP NA 77 -19.24 63.91 64.39
N ALA NA 78 -19.98 65.01 64.53
CA ALA NA 78 -20.59 65.39 65.80
C ALA NA 78 -21.58 64.35 66.29
N ARG NA 79 -22.36 63.76 65.38
CA ARG NA 79 -23.31 62.75 65.80
C ARG NA 79 -22.60 61.54 66.36
N GLN NA 80 -21.47 61.18 65.75
CA GLN NA 80 -20.70 60.06 66.26
C GLN NA 80 -20.14 60.38 67.62
N VAL NA 81 -19.74 61.62 67.85
CA VAL NA 81 -19.27 62.02 69.16
C VAL NA 81 -20.34 61.83 70.22
N LEU NA 82 -21.55 62.25 69.92
CA LEU NA 82 -22.64 62.10 70.88
C LEU NA 82 -22.98 60.65 71.16
N ALA NA 83 -22.89 59.78 70.14
CA ALA NA 83 -23.18 58.36 70.32
C ALA NA 83 -22.00 57.59 70.95
N ARG NA 84 -20.78 57.99 70.60
CA ARG NA 84 -19.56 57.32 71.08
C ARG NA 84 -19.18 57.71 72.47
N GLY NA 85 -19.07 59.01 72.69
CA GLY NA 85 -18.68 59.54 73.98
C GLY NA 85 -19.91 59.83 74.80
N ASP NA 86 -19.80 60.81 75.66
CA ASP NA 86 -20.94 61.12 76.48
C ASP NA 86 -20.91 62.56 76.94
N TYR NA 87 -22.07 63.03 77.29
CA TYR NA 87 -22.27 64.37 77.79
C TYR NA 87 -23.62 64.40 78.47
N ASP NA 88 -23.62 64.55 79.79
CA ASP NA 88 -24.86 64.53 80.57
C ASP NA 88 -25.69 65.79 80.39
N LYS NA 89 -26.35 65.89 79.24
CA LYS NA 89 -27.20 67.02 78.91
C LYS NA 89 -27.79 66.86 77.53
N ASN NA 90 -29.02 67.33 77.37
CA ASN NA 90 -29.66 67.30 76.07
C ASN NA 90 -28.74 67.92 75.04
N ALA NA 91 -28.66 67.31 73.88
CA ALA NA 91 -27.82 67.83 72.82
C ALA NA 91 -28.36 67.43 71.45
N ARG NA 92 -28.07 68.26 70.45
CA ARG NA 92 -28.57 67.98 69.11
C ARG NA 92 -27.79 68.72 68.03
N VAL NA 93 -27.36 67.97 67.03
CA VAL NA 93 -26.58 68.54 65.93
C VAL NA 93 -27.46 69.25 64.91
N ILE NA 94 -27.07 70.47 64.56
CA ILE NA 94 -27.76 71.30 63.58
C ILE NA 94 -27.12 71.27 62.21
N ASN NA 95 -27.96 71.11 61.20
CA ASN NA 95 -27.55 71.11 59.81
C ASN NA 95 -28.43 72.03 59.01
N GLU NA 96 -27.84 73.08 58.45
CA GLU NA 96 -28.54 74.11 57.69
C GLU NA 96 -29.63 73.61 56.76
N ASN NA 97 -29.35 72.60 55.95
CA ASN NA 97 -30.35 72.09 55.04
C ASN NA 97 -31.40 71.29 55.75
N GLU NA 98 -31.00 70.52 56.76
CA GLU NA 98 -31.97 69.71 57.48
C GLU NA 98 -32.94 70.59 58.24
N GLU NA 99 -32.45 71.70 58.77
CA GLU NA 99 -33.30 72.61 59.50
C GLU NA 99 -34.19 73.38 58.59
N ASN NA 100 -33.67 73.74 57.41
CA ASN NA 100 -34.49 74.43 56.44
C ASN NA 100 -35.68 73.56 56.09
N LYS NA 101 -35.42 72.26 55.88
CA LYS NA 101 -36.47 71.30 55.58
C LYS NA 101 -37.45 71.11 56.72
N ARG NA 102 -36.94 70.92 57.94
CA ARG NA 102 -37.80 70.71 59.10
C ARG NA 102 -38.81 71.83 59.24
N ILE NA 103 -38.32 73.06 59.10
CA ILE NA 103 -39.18 74.21 59.18
C ILE NA 103 -40.19 74.24 58.07
N SER NA 104 -39.76 73.98 56.84
CA SER NA 104 -40.67 74.03 55.71
C SER NA 104 -41.82 73.06 55.85
N ILE NA 105 -41.60 71.93 56.53
CA ILE NA 105 -42.67 70.97 56.74
C ILE NA 105 -43.76 71.55 57.62
N TRP NA 106 -43.34 72.05 58.78
CA TRP NA 106 -44.26 72.64 59.74
C TRP NA 106 -44.97 73.81 59.13
N LEU NA 107 -44.20 74.62 58.44
CA LEU NA 107 -44.66 75.84 57.84
C LEU NA 107 -45.73 75.56 56.81
N ASP NA 108 -45.54 74.55 55.97
CA ASP NA 108 -46.58 74.22 54.99
C ASP NA 108 -47.90 73.82 55.65
N THR NA 109 -47.84 73.07 56.76
CA THR NA 109 -49.06 72.65 57.45
C THR NA 109 -49.83 73.80 58.08
N TYR NA 110 -49.12 74.67 58.78
CA TYR NA 110 -49.78 75.77 59.48
C TYR NA 110 -49.98 77.01 58.65
N TYR NA 111 -49.08 77.25 57.70
CA TYR NA 111 -49.20 78.35 56.77
C TYR NA 111 -49.15 77.89 55.32
N PRO NA 112 -50.14 77.15 54.85
CA PRO NA 112 -50.25 76.63 53.52
C PRO NA 112 -50.42 77.80 52.60
N GLN NA 113 -49.92 77.65 51.39
CA GLN NA 113 -49.91 78.68 50.36
C GLN NA 113 -48.94 79.84 50.64
N LEU NA 114 -48.17 79.80 51.74
CA LEU NA 114 -47.22 80.86 51.99
C LEU NA 114 -46.13 80.84 50.93
N ALA NA 115 -45.88 81.96 50.29
CA ALA NA 115 -44.85 81.99 49.26
C ALA NA 115 -43.53 82.46 49.84
N TYR NA 116 -42.54 81.58 49.86
CA TYR NA 116 -41.25 81.92 50.44
C TYR NA 116 -40.11 81.22 49.72
N TYR NA 117 -38.89 81.62 50.03
CA TYR NA 117 -37.70 81.11 49.36
C TYR NA 117 -36.85 80.19 50.22
N ARG NA 118 -36.02 80.77 51.07
CA ARG NA 118 -35.12 79.95 51.86
C ARG NA 118 -34.65 80.67 53.10
N ILE NA 119 -34.43 79.90 54.17
CA ILE NA 119 -33.92 80.50 55.39
C ILE NA 119 -32.41 80.49 55.40
N HIS NA 120 -31.83 81.66 55.62
CA HIS NA 120 -30.40 81.82 55.66
C HIS NA 120 -29.96 81.83 57.09
N PHE NA 121 -29.35 80.75 57.53
CA PHE NA 121 -29.00 80.63 58.92
C PHE NA 121 -27.78 81.45 59.31
N ASP NA 122 -26.76 81.45 58.44
CA ASP NA 122 -25.52 82.24 58.62
C ASP NA 122 -25.14 82.47 60.09
N GLU NA 123 -25.70 83.52 60.69
CA GLU NA 123 -25.48 83.81 62.11
C GLU NA 123 -26.60 83.22 62.94
N PRO NA 124 -26.47 81.95 63.37
CA PRO NA 124 -27.46 81.16 64.15
C PRO NA 124 -28.50 81.98 64.91
N ARG NA 125 -28.04 82.92 65.70
CA ARG NA 125 -28.85 83.79 66.54
C ARG NA 125 -30.00 84.50 65.82
N LYS NA 126 -29.72 84.98 64.62
CA LYS NA 126 -30.67 85.74 63.85
C LYS NA 126 -30.71 85.33 62.38
N PRO NA 127 -31.35 84.21 62.05
CA PRO NA 127 -31.51 83.67 60.72
C PRO NA 127 -32.44 84.58 59.94
N VAL NA 128 -32.25 84.63 58.64
CA VAL NA 128 -33.03 85.49 57.77
C VAL NA 128 -34.00 84.68 56.95
N PHE NA 129 -35.24 85.09 56.94
CA PHE NA 129 -36.27 84.37 56.22
C PHE NA 129 -36.67 85.11 54.96
N TRP NA 130 -36.32 84.58 53.78
CA TRP NA 130 -36.74 85.26 52.57
C TRP NA 130 -38.18 84.89 52.23
N LEU NA 131 -38.99 85.93 52.05
CA LEU NA 131 -40.42 85.85 51.80
C LEU NA 131 -40.78 86.53 50.47
N SER NA 132 -41.66 85.93 49.67
CA SER NA 132 -42.00 86.58 48.40
C SER NA 132 -42.75 87.89 48.59
N ARG NA 133 -42.09 88.99 48.27
CA ARG NA 133 -42.66 90.32 48.40
C ARG NA 133 -43.93 90.50 47.59
N GLN NA 134 -43.92 90.01 46.37
CA GLN NA 134 -45.03 90.20 45.45
C GLN NA 134 -46.18 89.24 45.65
N ARG NA 135 -45.91 87.99 46.00
CA ARG NA 135 -47.01 87.05 46.16
C ARG NA 135 -47.70 87.07 47.51
N ASN NA 136 -47.04 87.52 48.56
CA ASN NA 136 -47.69 87.54 49.86
C ASN NA 136 -48.33 88.89 50.16
N THR NA 137 -49.51 88.84 50.77
CA THR NA 137 -50.27 90.04 51.11
C THR NA 137 -50.54 90.11 52.61
N MET NA 138 -49.68 89.47 53.40
CA MET NA 138 -49.85 89.46 54.86
C MET NA 138 -49.62 90.84 55.45
N SER NA 139 -50.36 91.14 56.51
CA SER NA 139 -50.20 92.42 57.18
C SER NA 139 -48.99 92.39 58.08
N LYS NA 140 -48.55 93.55 58.50
CA LYS NA 140 -47.40 93.65 59.39
C LYS NA 140 -47.60 92.85 60.66
N LYS NA 141 -48.81 92.91 61.21
CA LYS NA 141 -49.14 92.19 62.43
C LYS NA 141 -49.09 90.69 62.19
N GLU NA 142 -49.58 90.26 61.04
CA GLU NA 142 -49.55 88.85 60.71
C GLU NA 142 -48.12 88.37 60.58
N LEU NA 143 -47.26 89.20 59.99
CA LEU NA 143 -45.86 88.86 59.85
C LEU NA 143 -45.18 88.77 61.20
N GLU NA 144 -45.59 89.62 62.15
CA GLU NA 144 -45.05 89.53 63.49
C GLU NA 144 -45.31 88.15 64.06
N VAL NA 145 -46.57 87.72 63.96
CA VAL NA 145 -46.98 86.43 64.46
C VAL NA 145 -46.19 85.31 63.81
N LEU NA 146 -46.05 85.39 62.48
CA LEU NA 146 -45.29 84.41 61.74
C LEU NA 146 -43.88 84.27 62.28
N SER NA 147 -43.19 85.40 62.51
CA SER NA 147 -41.83 85.33 63.03
C SER NA 147 -41.80 84.71 64.40
N GLN NA 148 -42.84 84.94 65.19
CA GLN NA 148 -42.90 84.37 66.52
C GLN NA 148 -43.03 82.86 66.47
N LYS NA 149 -43.79 82.36 65.49
CA LYS NA 149 -43.93 80.93 65.35
C LYS NA 149 -42.62 80.32 64.92
N LEU NA 150 -41.89 81.03 64.07
CA LEU NA 150 -40.60 80.57 63.62
C LEU NA 150 -39.62 80.53 64.78
N ARG NA 151 -39.72 81.51 65.69
CA ARG NA 151 -38.86 81.53 66.86
C ARG NA 151 -39.12 80.31 67.70
N ALA NA 152 -40.39 79.92 67.81
CA ALA NA 152 -40.75 78.72 68.55
C ALA NA 152 -40.11 77.48 67.93
N LEU NA 153 -40.07 77.44 66.59
CA LEU NA 153 -39.47 76.32 65.88
C LEU NA 153 -37.96 76.23 66.06
N MET NA 154 -37.31 77.35 66.36
CA MET NA 154 -35.86 77.42 66.54
C MET NA 154 -35.43 77.83 67.96
N PRO NA 155 -35.30 76.87 68.90
CA PRO NA 155 -34.92 76.96 70.30
C PRO NA 155 -33.68 77.78 70.57
N TYR NA 156 -32.77 77.83 69.61
CA TYR NA 156 -31.53 78.57 69.78
C TYR NA 156 -31.64 80.02 69.31
N ALA NA 157 -32.29 80.21 68.16
CA ALA NA 157 -32.43 81.53 67.58
C ALA NA 157 -33.09 82.48 68.56
N ASP NA 158 -32.61 83.71 68.60
CA ASP NA 158 -33.17 84.69 69.50
C ASP NA 158 -34.31 85.41 68.83
N SER NA 159 -34.16 85.65 67.53
CA SER NA 159 -35.20 86.29 66.76
C SER NA 159 -35.10 85.91 65.30
N VAL NA 160 -36.15 86.18 64.54
CA VAL NA 160 -36.15 85.85 63.13
C VAL NA 160 -36.32 87.07 62.29
N ASN NA 161 -35.43 87.27 61.32
CA ASN NA 161 -35.52 88.43 60.47
C ASN NA 161 -36.23 88.11 59.17
N ILE NA 162 -37.54 88.29 59.16
CA ILE NA 162 -38.29 88.08 57.93
C ILE NA 162 -38.15 89.27 57.04
N THR NA 163 -37.80 89.02 55.78
CA THR NA 163 -37.64 90.09 54.82
C THR NA 163 -38.24 89.69 53.49
N LEU NA 164 -38.74 90.68 52.78
CA LEU NA 164 -39.44 90.42 51.54
C LEU NA 164 -38.52 90.62 50.33
N MET NA 165 -38.50 89.62 49.46
CA MET NA 165 -37.66 89.64 48.26
C MET NA 165 -38.49 89.80 46.99
N ASP NA 166 -37.94 90.46 45.99
CA ASP NA 166 -38.66 90.66 44.75
C ASP NA 166 -38.46 89.52 43.77
N ASP NA 167 -39.54 88.80 43.49
CA ASP NA 167 -39.56 87.65 42.59
C ASP NA 167 -38.87 87.90 41.25
N VAL NA 168 -38.96 89.12 40.75
CA VAL NA 168 -38.36 89.48 39.49
C VAL NA 168 -36.86 89.39 39.53
N THR NA 169 -36.26 89.80 40.64
CA THR NA 169 -34.82 89.79 40.72
C THR NA 169 -34.30 88.38 40.87
N ALA NA 170 -35.11 87.51 41.47
CA ALA NA 170 -34.73 86.11 41.57
C ALA NA 170 -34.64 85.50 40.19
N ALA NA 171 -35.68 85.72 39.40
CA ALA NA 171 -35.72 85.20 38.04
C ALA NA 171 -34.65 85.83 37.17
N GLY NA 172 -34.44 87.14 37.34
CA GLY NA 172 -33.45 87.86 36.56
C GLY NA 172 -32.07 87.30 36.73
N GLN NA 173 -31.68 87.02 37.98
CA GLN NA 173 -30.37 86.46 38.24
C GLN NA 173 -30.23 85.07 37.65
N ALA NA 174 -31.28 84.26 37.79
CA ALA NA 174 -31.25 82.92 37.25
C ALA NA 174 -30.95 82.91 35.77
N GLU NA 175 -31.67 83.72 35.01
CA GLU NA 175 -31.46 83.75 33.58
C GLU NA 175 -30.16 84.42 33.19
N ALA NA 176 -29.83 85.52 33.86
CA ALA NA 176 -28.62 86.26 33.52
C ALA NA 176 -27.37 85.40 33.62
N GLY NA 177 -27.22 84.69 34.73
CA GLY NA 177 -26.06 83.84 34.91
C GLY NA 177 -26.06 82.69 33.91
N LEU NA 178 -27.23 82.13 33.68
CA LEU NA 178 -27.41 81.02 32.75
C LEU NA 178 -26.91 81.39 31.36
N LYS NA 179 -27.33 82.55 30.86
CA LYS NA 179 -26.89 82.98 29.55
C LYS NA 179 -25.45 83.50 29.55
N GLN NA 180 -24.96 83.98 30.70
CA GLN NA 180 -23.57 84.41 30.80
C GLN NA 180 -22.63 83.23 30.52
N GLN NA 181 -23.02 82.06 31.02
CA GLN NA 181 -22.28 80.82 30.79
C GLN NA 181 -22.38 80.29 29.35
N ALA NA 182 -23.11 81.00 28.47
CA ALA NA 182 -23.30 80.64 27.07
C ALA NA 182 -24.06 79.33 26.93
N LEU NA 183 -24.97 79.07 27.86
CA LEU NA 183 -25.74 77.84 27.80
C LEU NA 183 -27.02 78.06 27.03
N PRO NA 184 -27.47 77.06 26.28
CA PRO NA 184 -28.72 77.02 25.55
C PRO NA 184 -29.82 76.72 26.53
N TYR NA 185 -30.97 77.34 26.36
CA TYR NA 185 -32.07 77.07 27.26
C TYR NA 185 -33.37 77.63 26.75
N SER NA 186 -34.46 77.24 27.38
CA SER NA 186 -35.74 77.80 27.04
C SER NA 186 -36.52 78.06 28.32
N ARG NA 187 -36.88 79.31 28.54
CA ARG NA 187 -37.56 79.74 29.73
C ARG NA 187 -39.05 79.40 29.71
N ARG NA 188 -39.57 79.01 30.88
CA ARG NA 188 -40.97 78.66 31.04
C ARG NA 188 -41.63 79.42 32.15
N ASN NA 189 -42.19 80.57 31.83
CA ASN NA 189 -42.89 81.35 32.85
C ASN NA 189 -44.26 80.77 33.09
N HIS NA 190 -44.64 80.63 34.34
CA HIS NA 190 -45.98 80.17 34.65
C HIS NA 190 -46.42 80.77 35.95
N LYS NA 191 -47.71 80.69 36.23
CA LYS NA 191 -48.16 81.28 37.48
C LYS NA 191 -47.52 80.56 38.64
N GLY NA 192 -46.85 81.32 39.49
CA GLY NA 192 -46.20 80.76 40.67
C GLY NA 192 -44.74 80.36 40.50
N GLY NA 193 -44.17 80.47 39.30
CA GLY NA 193 -42.77 80.09 39.17
C GLY NA 193 -42.22 80.15 37.74
N VAL NA 194 -41.00 79.68 37.58
CA VAL NA 194 -40.36 79.66 36.28
C VAL NA 194 -39.40 78.50 36.14
N THR NA 195 -39.45 77.83 34.99
CA THR NA 195 -38.57 76.71 34.74
C THR NA 195 -37.64 76.94 33.55
N PHE NA 196 -36.37 76.59 33.72
CA PHE NA 196 -35.39 76.75 32.65
C PHE NA 196 -34.99 75.41 32.08
N VAL NA 197 -35.47 75.15 30.87
CA VAL NA 197 -35.26 73.89 30.21
C VAL NA 197 -34.00 73.87 29.37
N ILE NA 198 -33.14 72.90 29.62
CA ILE NA 198 -31.91 72.75 28.86
C ILE NA 198 -31.86 71.39 28.17
N GLN NA 199 -32.11 71.36 26.87
CA GLN NA 199 -32.12 70.09 26.15
C GLN NA 199 -31.11 70.02 25.04
N GLY NA 200 -30.97 68.83 24.48
CA GLY NA 200 -30.06 68.56 23.38
C GLY NA 200 -28.79 67.89 23.86
N ALA NA 201 -27.93 67.55 22.92
CA ALA NA 201 -26.65 66.95 23.28
C ALA NA 201 -25.77 68.04 23.85
N LEU NA 202 -25.01 67.73 24.87
CA LEU NA 202 -24.19 68.74 25.50
C LEU NA 202 -22.71 68.38 25.52
N ASP NA 203 -21.87 69.38 25.33
CA ASP NA 203 -20.44 69.25 25.41
C ASP NA 203 -20.03 69.11 26.85
N ASP NA 204 -19.10 68.23 27.16
CA ASP NA 204 -18.66 68.02 28.53
C ASP NA 204 -18.30 69.32 29.26
N VAL NA 205 -17.80 70.30 28.51
CA VAL NA 205 -17.41 71.56 29.12
C VAL NA 205 -18.64 72.33 29.57
N GLU NA 206 -19.63 72.46 28.69
CA GLU NA 206 -20.83 73.18 29.07
C GLU NA 206 -21.65 72.43 30.10
N ILE NA 207 -21.49 71.11 30.17
CA ILE NA 207 -22.16 70.36 31.21
C ILE NA 207 -21.64 70.75 32.57
N LEU NA 208 -20.31 70.80 32.69
CA LEU NA 208 -19.68 71.21 33.93
C LEU NA 208 -20.13 72.60 34.33
N ARG NA 209 -20.05 73.54 33.41
CA ARG NA 209 -20.46 74.91 33.67
C ARG NA 209 -21.89 75.02 34.12
N ALA NA 210 -22.78 74.27 33.47
CA ALA NA 210 -24.18 74.30 33.82
C ALA NA 210 -24.42 73.88 35.24
N ARG NA 211 -23.83 72.76 35.64
CA ARG NA 211 -24.05 72.31 37.00
C ARG NA 211 -23.52 73.27 38.03
N GLN NA 212 -22.33 73.83 37.79
CA GLN NA 212 -21.75 74.76 38.76
C GLN NA 212 -22.69 75.92 39.01
N PHE NA 213 -23.23 76.49 37.93
CA PHE NA 213 -24.16 77.58 38.04
C PHE NA 213 -25.41 77.22 38.81
N VAL NA 214 -26.02 76.10 38.44
CA VAL NA 214 -27.25 75.66 39.07
C VAL NA 214 -27.08 75.43 40.55
N ASP NA 215 -26.01 74.74 40.94
CA ASP NA 215 -25.77 74.49 42.36
C ASP NA 215 -25.67 75.78 43.14
N SER NA 216 -24.97 76.77 42.61
CA SER NA 216 -24.85 78.03 43.30
C SER NA 216 -26.17 78.77 43.44
N TYR NA 217 -26.96 78.79 42.37
CA TYR NA 217 -28.25 79.46 42.41
C TYR NA 217 -29.13 78.83 43.48
N TYR NA 218 -29.16 77.51 43.47
CA TYR NA 218 -29.92 76.76 44.45
C TYR NA 218 -29.49 77.11 45.85
N ARG NA 219 -28.19 77.02 46.10
CA ARG NA 219 -27.66 77.34 47.42
C ARG NA 219 -28.12 78.69 47.94
N THR NA 220 -28.16 79.70 47.07
CA THR NA 220 -28.60 81.02 47.48
C THR NA 220 -30.11 81.16 47.60
N TRP NA 221 -30.80 81.06 46.48
CA TRP NA 221 -32.24 81.29 46.46
C TRP NA 221 -33.08 80.09 46.83
N GLY NA 222 -32.62 78.89 46.51
CA GLY NA 222 -33.41 77.70 46.77
C GLY NA 222 -34.21 77.35 45.53
N GLY NA 223 -34.83 76.18 45.52
CA GLY NA 223 -35.57 75.73 44.34
C GLY NA 223 -37.09 75.84 44.43
N ARG NA 224 -37.61 76.82 45.15
CA ARG NA 224 -39.06 76.94 45.28
C ARG NA 224 -39.70 77.84 44.24
N TYR NA 225 -38.91 78.65 43.55
CA TYR NA 225 -39.46 79.53 42.54
C TYR NA 225 -38.85 79.22 41.20
N VAL NA 226 -37.52 79.14 41.17
CA VAL NA 226 -36.81 78.80 39.95
C VAL NA 226 -36.44 77.34 39.91
N GLN NA 227 -36.87 76.66 38.87
CA GLN NA 227 -36.58 75.26 38.68
C GLN NA 227 -35.75 75.05 37.43
N PHE NA 228 -34.63 74.36 37.54
CA PHE NA 228 -33.82 74.10 36.37
C PHE NA 228 -34.07 72.69 35.90
N ALA NA 229 -33.93 72.46 34.60
CA ALA NA 229 -34.22 71.14 34.04
C ALA NA 229 -33.21 70.74 32.98
N ILE NA 230 -32.10 70.17 33.43
CA ILE NA 230 -31.07 69.71 32.50
C ILE NA 230 -31.42 68.34 31.97
N GLU NA 231 -31.54 68.24 30.65
CA GLU NA 231 -31.90 66.99 29.99
C GLU NA 231 -30.96 66.64 28.85
N LEU NA 232 -30.02 65.76 29.13
CA LEU NA 232 -29.04 65.32 28.15
C LEU NA 232 -29.69 64.37 27.15
N LYS NA 233 -29.89 64.84 25.91
CA LYS NA 233 -30.57 64.04 24.90
C LYS NA 233 -29.89 64.02 23.54
N ASP NA 234 -30.18 63.00 22.74
CA ASP NA 234 -29.63 62.90 21.39
C ASP NA 234 -30.35 63.79 20.41
N ASP NA 235 -29.61 64.29 19.43
CA ASP NA 235 -30.16 65.15 18.39
C ASP NA 235 -30.10 64.45 17.03
N ASP OA 3 4.91 56.17 66.02
CA ASP OA 3 5.52 54.88 65.74
C ASP OA 3 4.49 53.92 65.15
N LYS OA 4 3.98 54.23 63.98
CA LYS OA 4 2.98 53.39 63.34
C LYS OA 4 3.48 52.81 62.04
N ASP OA 5 3.07 51.58 61.74
CA ASP OA 5 3.46 50.95 60.49
C ASP OA 5 2.48 51.39 59.40
N LEU OA 6 3.02 51.90 58.30
CA LEU OA 6 2.18 52.37 57.22
C LEU OA 6 2.22 51.38 56.06
N LEU OA 7 3.42 51.19 55.49
CA LEU OA 7 3.59 50.27 54.36
C LEU OA 7 4.69 49.25 54.60
N LYS OA 8 4.55 48.06 54.01
CA LYS OA 8 5.56 47.02 54.15
C LYS OA 8 5.80 46.27 52.84
N GLY OA 9 7.01 45.78 52.65
CA GLY OA 9 7.32 44.97 51.47
C GLY OA 9 7.48 45.80 50.21
N LEU OA 10 7.85 47.05 50.36
CA LEU OA 10 8.00 47.93 49.22
C LEU OA 10 9.30 47.70 48.50
N ASP OA 11 9.31 47.94 47.21
CA ASP OA 11 10.58 47.85 46.53
C ASP OA 11 11.24 49.20 46.67
N GLN OA 12 12.44 49.34 46.15
CA GLN OA 12 13.18 50.59 46.30
C GLN OA 12 12.49 51.80 45.71
N GLU OA 13 12.02 51.68 44.47
CA GLU OA 13 11.36 52.78 43.78
C GLU OA 13 10.12 53.26 44.52
N GLN OA 14 9.25 52.31 44.86
CA GLN OA 14 8.02 52.60 45.55
C GLN OA 14 8.27 53.31 46.86
N ALA OA 15 9.22 52.80 47.63
CA ALA OA 15 9.53 53.37 48.92
C ALA OA 15 9.91 54.82 48.79
N ASN OA 16 10.80 55.14 47.86
CA ASN OA 16 11.22 56.52 47.70
C ASN OA 16 10.12 57.43 47.18
N GLU OA 17 9.24 56.89 46.34
CA GLU OA 17 8.15 57.70 45.82
C GLU OA 17 7.14 58.08 46.88
N VAL OA 18 6.76 57.11 47.71
CA VAL OA 18 5.81 57.36 48.77
C VAL OA 18 6.33 58.38 49.74
N ILE OA 19 7.60 58.23 50.12
CA ILE OA 19 8.23 59.15 51.02
C ILE OA 19 8.20 60.56 50.48
N ALA OA 20 8.53 60.72 49.20
CA ALA OA 20 8.52 62.04 48.58
C ALA OA 20 7.18 62.73 48.80
N VAL OA 21 6.08 62.01 48.58
CA VAL OA 21 4.75 62.57 48.76
C VAL OA 21 4.49 62.99 50.20
N LEU OA 22 4.84 62.13 51.14
CA LEU OA 22 4.61 62.43 52.54
C LEU OA 22 5.36 63.67 52.99
N GLN OA 23 6.59 63.81 52.54
CA GLN OA 23 7.38 64.97 52.89
C GLN OA 23 6.79 66.22 52.30
N MET OA 24 6.32 66.13 51.07
CA MET OA 24 5.67 67.26 50.41
C MET OA 24 4.49 67.77 51.21
N HIS OA 25 3.77 66.86 51.87
CA HIS OA 25 2.65 67.26 52.71
C HIS OA 25 2.99 67.41 54.18
N ASN OA 26 4.26 67.67 54.48
CA ASN OA 26 4.71 67.93 55.84
C ASN OA 26 4.63 66.74 56.77
N ILE OA 27 5.03 65.57 56.30
CA ILE OA 27 5.06 64.36 57.12
C ILE OA 27 6.41 63.68 57.07
N GLU OA 28 7.06 63.54 58.23
CA GLU OA 28 8.33 62.82 58.30
C GLU OA 28 8.08 61.33 58.13
N ALA OA 29 9.02 60.63 57.52
CA ALA OA 29 8.83 59.19 57.31
C ALA OA 29 10.14 58.44 57.39
N ASN OA 30 10.08 57.24 57.93
CA ASN OA 30 11.26 56.41 58.07
C ASN OA 30 11.27 55.31 57.03
N LYS OA 31 12.42 55.09 56.40
CA LYS OA 31 12.55 53.98 55.46
C LYS OA 31 13.36 52.90 56.12
N ILE OA 32 12.74 51.75 56.33
CA ILE OA 32 13.41 50.66 57.01
C ILE OA 32 13.75 49.52 56.07
N ASP OA 33 15.03 49.21 56.02
CA ASP OA 33 15.54 48.13 55.19
C ASP OA 33 15.47 46.80 55.92
N SER OA 34 14.56 45.92 55.49
CA SER OA 34 14.41 44.61 56.11
C SER OA 34 15.00 43.50 55.23
N GLY OA 35 15.99 43.86 54.41
CA GLY OA 35 16.67 42.89 53.57
C GLY OA 35 15.76 42.34 52.50
N LYS OA 36 15.72 41.01 52.42
CA LYS OA 36 14.91 40.28 51.44
C LYS OA 36 13.42 40.56 51.57
N LEU OA 37 12.99 41.11 52.69
CA LEU OA 37 11.59 41.38 52.89
C LEU OA 37 11.17 42.74 52.34
N GLY OA 38 12.12 43.52 51.82
CA GLY OA 38 11.80 44.81 51.23
C GLY OA 38 11.87 45.96 52.21
N TYR OA 39 11.25 47.08 51.83
CA TYR OA 39 11.26 48.26 52.67
C TYR OA 39 9.95 48.49 53.39
N SER OA 40 10.06 49.11 54.54
CA SER OA 40 8.88 49.45 55.31
C SER OA 40 8.88 50.92 55.64
N ILE OA 41 7.71 51.52 55.62
CA ILE OA 41 7.59 52.94 55.94
C ILE OA 41 6.81 53.14 57.20
N THR OA 42 7.41 53.87 58.14
CA THR OA 42 6.72 54.16 59.39
C THR OA 42 6.65 55.65 59.64
N VAL OA 43 5.64 56.06 60.40
CA VAL OA 43 5.43 57.47 60.68
C VAL OA 43 5.10 57.73 62.14
N ALA OA 44 5.25 58.98 62.55
CA ALA OA 44 4.91 59.37 63.89
C ALA OA 44 3.41 59.28 64.07
N GLU OA 45 2.97 58.80 65.23
CA GLU OA 45 1.56 58.64 65.53
C GLU OA 45 0.72 59.90 65.30
N PRO OA 46 1.18 61.11 65.64
CA PRO OA 46 0.51 62.39 65.38
C PRO OA 46 0.20 62.62 63.90
N ASP OA 47 1.01 62.08 63.01
CA ASP OA 47 0.82 62.28 61.58
C ASP OA 47 0.09 61.14 60.94
N PHE OA 48 0.15 59.96 61.56
CA PHE OA 48 -0.44 58.75 61.03
C PHE OA 48 -1.80 58.89 60.36
N THR OA 49 -2.72 59.65 60.95
CA THR OA 49 -4.04 59.82 60.34
C THR OA 49 -3.93 60.49 58.99
N ALA OA 50 -3.17 61.57 58.94
CA ALA OA 50 -2.97 62.30 57.71
C ALA OA 50 -2.24 61.46 56.70
N ALA OA 51 -1.24 60.70 57.16
CA ALA OA 51 -0.46 59.86 56.29
C ALA OA 51 -1.36 58.88 55.55
N VAL OA 52 -2.27 58.24 56.28
CA VAL OA 52 -3.20 57.30 55.69
C VAL OA 52 -4.04 57.98 54.63
N TYR OA 53 -4.55 59.15 54.96
CA TYR OA 53 -5.35 59.91 54.02
C TYR OA 53 -4.63 60.11 52.70
N TRP OA 54 -3.36 60.51 52.76
CA TRP OA 54 -2.60 60.76 51.55
C TRP OA 54 -2.25 59.49 50.79
N ILE OA 55 -2.04 58.36 51.49
CA ILE OA 55 -1.79 57.10 50.79
C ILE OA 55 -2.97 56.76 49.91
N LYS OA 56 -4.16 56.99 50.45
CA LYS OA 56 -5.38 56.80 49.69
C LYS OA 56 -5.45 57.74 48.51
N THR OA 57 -5.33 59.03 48.80
CA THR OA 57 -5.43 60.09 47.80
C THR OA 57 -4.56 59.89 46.59
N TYR OA 58 -3.31 59.51 46.81
CA TYR OA 58 -2.38 59.34 45.71
C TYR OA 58 -2.20 57.92 45.20
N GLN OA 59 -3.14 57.02 45.50
CA GLN OA 59 -3.03 55.64 45.01
C GLN OA 59 -1.67 55.01 45.32
N LEU OA 60 -1.22 55.10 46.56
CA LEU OA 60 0.08 54.57 46.90
C LEU OA 60 0.01 53.21 47.58
N PRO OA 61 1.05 52.40 47.43
CA PRO OA 61 2.29 52.57 46.69
C PRO OA 61 2.03 52.42 45.18
N PRO OA 62 2.86 53.03 44.34
CA PRO OA 62 2.81 53.06 42.88
C PRO OA 62 2.84 51.69 42.23
N ARG OA 63 2.16 51.58 41.10
CA ARG OA 63 2.18 50.35 40.32
C ARG OA 63 3.39 50.43 39.40
N PRO OA 64 3.83 49.30 38.85
CA PRO OA 64 4.91 49.19 37.88
C PRO OA 64 4.45 49.76 36.55
N ARG OA 65 5.39 50.32 35.79
CA ARG OA 65 5.06 50.96 34.53
C ARG OA 65 4.67 49.96 33.45
N VAL OA 66 3.57 50.26 32.75
CA VAL OA 66 3.04 49.40 31.71
C VAL OA 66 3.50 49.79 30.32
N GLU OA 67 4.07 48.82 29.64
CA GLU OA 67 4.57 48.97 28.29
C GLU OA 67 3.98 47.84 27.44
N ILE OA 68 3.66 48.14 26.19
CA ILE OA 68 2.96 47.18 25.35
C ILE OA 68 3.67 45.85 25.14
N ALA OA 69 4.99 45.90 24.92
CA ALA OA 69 5.77 44.69 24.69
C ALA OA 69 5.72 43.69 25.83
N GLN OA 70 5.30 44.13 27.01
CA GLN OA 70 5.25 43.24 28.16
C GLN OA 70 4.19 42.16 27.98
N MET OA 71 3.24 42.38 27.06
CA MET OA 71 2.20 41.40 26.83
C MET OA 71 2.38 40.58 25.57
N PHE OA 72 3.51 40.71 24.90
CA PHE OA 72 3.77 39.92 23.71
C PHE OA 72 5.22 39.51 23.69
N PRO OA 73 5.65 38.67 24.63
CA PRO OA 73 7.01 38.24 24.91
C PRO OA 73 7.60 37.34 23.84
N ALA OA 74 8.92 37.44 23.69
CA ALA OA 74 9.69 36.67 22.71
C ALA OA 74 9.82 35.21 23.13
N ASP OA 75 9.46 34.91 24.35
CA ASP OA 75 9.51 33.55 24.86
C ASP OA 75 8.48 32.64 24.21
N SER OA 76 7.48 33.23 23.53
CA SER OA 76 6.50 32.40 22.87
C SER OA 76 7.13 31.55 21.77
N LEU OA 77 6.66 30.32 21.68
CA LEU OA 77 7.17 29.37 20.69
C LEU OA 77 6.81 29.77 19.26
N VAL OA 78 5.71 30.51 19.13
CA VAL OA 78 5.24 30.97 17.84
C VAL OA 78 4.97 32.45 17.91
N SER OA 79 4.81 33.08 16.75
CA SER OA 79 4.52 34.50 16.70
C SER OA 79 3.54 34.79 15.60
N SER OA 80 3.07 36.01 15.55
CA SER OA 80 2.14 36.43 14.52
C SER OA 80 2.48 37.83 14.15
N PRO OA 81 2.15 38.26 12.93
CA PRO OA 81 2.33 39.59 12.39
C PRO OA 81 1.80 40.62 13.34
N ARG OA 82 0.65 40.32 13.93
CA ARG OA 82 0.02 41.21 14.88
C ARG OA 82 0.91 41.44 16.07
N ALA OA 83 1.40 40.36 16.66
CA ALA OA 83 2.26 40.46 17.82
C ALA OA 83 3.56 41.15 17.51
N GLU OA 84 4.18 40.80 16.38
CA GLU OA 84 5.47 41.35 16.03
C GLU OA 84 5.40 42.84 15.77
N LYS OA 85 4.36 43.29 15.08
CA LYS OA 85 4.23 44.70 14.80
C LYS OA 85 4.03 45.47 16.09
N ALA OA 86 3.25 44.90 17.02
CA ALA OA 86 3.04 45.54 18.32
C ALA OA 86 4.33 45.67 19.08
N ARG OA 87 5.14 44.60 19.09
CA ARG OA 87 6.42 44.63 19.77
C ARG OA 87 7.30 45.74 19.27
N LEU OA 88 7.36 45.90 17.96
CA LEU OA 88 8.17 46.95 17.39
C LEU OA 88 7.74 48.32 17.84
N TYR OA 89 6.45 48.61 17.75
CA TYR OA 89 5.96 49.92 18.15
C TYR OA 89 6.25 50.23 19.59
N SER OA 90 6.16 49.22 20.44
CA SER OA 90 6.44 49.41 21.85
C SER OA 90 7.86 49.92 22.04
N ALA OA 91 8.80 49.27 21.36
CA ALA OA 91 10.20 49.67 21.42
C ALA OA 91 10.40 51.07 20.91
N ILE OA 92 9.72 51.41 19.83
CA ILE OA 92 9.86 52.74 19.26
C ILE OA 92 9.40 53.81 20.22
N GLU OA 93 8.26 53.62 20.90
CA GLU OA 93 7.82 54.63 21.86
C GLU OA 93 8.87 54.83 22.93
N GLN OA 94 9.43 53.74 23.43
CA GLN OA 94 10.44 53.83 24.46
C GLN OA 94 11.66 54.59 24.00
N ARG OA 95 12.06 54.33 22.77
CA ARG OA 95 13.24 54.96 22.22
C ARG OA 95 13.01 56.45 22.01
N LEU OA 96 11.80 56.84 21.60
CA LEU OA 96 11.49 58.25 21.46
C LEU OA 96 11.50 58.97 22.80
N GLU OA 97 11.04 58.29 23.86
CA GLU OA 97 11.06 58.89 25.18
C GLU OA 97 12.48 59.12 25.64
N GLN OA 98 13.35 58.15 25.36
CA GLN OA 98 14.75 58.28 25.70
C GLN OA 98 15.37 59.49 25.03
N SER OA 99 14.96 59.75 23.79
CA SER OA 99 15.49 60.91 23.08
C SER OA 99 15.00 62.25 23.60
N LEU OA 100 13.69 62.38 23.84
CA LEU OA 100 13.17 63.67 24.28
C LEU OA 100 13.71 64.10 25.61
N GLN OA 101 13.99 63.14 26.49
CA GLN OA 101 14.51 63.47 27.79
C GLN OA 101 15.96 63.98 27.78
N THR OA 102 16.60 63.99 26.61
CA THR OA 102 17.96 64.52 26.53
C THR OA 102 17.95 65.94 25.99
N MET OA 103 16.78 66.46 25.61
CA MET OA 103 16.73 67.83 25.11
C MET OA 103 16.91 68.82 26.24
N GLU OA 104 17.53 69.95 25.91
CA GLU OA 104 17.81 70.98 26.88
C GLU OA 104 16.57 71.48 27.58
N GLY OA 105 16.59 71.43 28.90
CA GLY OA 105 15.48 71.93 29.71
C GLY OA 105 14.42 70.88 30.01
N VAL OA 106 14.50 69.71 29.38
CA VAL OA 106 13.48 68.70 29.64
C VAL OA 106 13.87 67.83 30.81
N LEU OA 107 12.94 67.73 31.75
CA LEU OA 107 13.15 66.94 32.95
C LEU OA 107 12.50 65.58 32.78
N SER OA 108 11.35 65.55 32.13
CA SER OA 108 10.64 64.30 31.90
C SER OA 108 9.75 64.35 30.67
N ALA OA 109 9.60 63.22 29.99
CA ALA OA 109 8.74 63.21 28.82
C ALA OA 109 8.19 61.84 28.53
N ARG OA 110 6.95 61.80 28.04
CA ARG OA 110 6.27 60.55 27.68
C ARG OA 110 5.76 60.60 26.26
N VAL OA 111 5.81 59.48 25.55
CA VAL OA 111 5.41 59.45 24.14
C VAL OA 111 4.48 58.32 23.79
N HIS OA 112 3.44 58.62 23.01
CA HIS OA 112 2.50 57.63 22.53
C HIS OA 112 2.42 57.62 21.02
N ILE OA 113 2.25 56.43 20.46
CA ILE OA 113 2.08 56.33 19.02
C ILE OA 113 0.87 55.47 18.76
N SER OA 114 0.10 55.82 17.74
CA SER OA 114 -1.07 55.02 17.43
C SER OA 114 -0.67 53.66 16.91
N TYR OA 115 -1.58 52.70 17.02
CA TYR OA 115 -1.30 51.34 16.58
C TYR OA 115 -2.17 50.93 15.42
N ASP OA 116 -1.73 49.90 14.71
CA ASP OA 116 -2.45 49.36 13.58
C ASP OA 116 -2.44 47.86 13.71
N ILE OA 117 -3.59 47.33 14.07
CA ILE OA 117 -3.71 45.93 14.35
C ILE OA 117 -4.36 45.12 13.25
N ASP OA 118 -5.11 45.75 12.35
CA ASP OA 118 -5.74 44.96 11.31
C ASP OA 118 -6.04 45.67 10.00
N ALA OA 119 -5.22 46.63 9.58
CA ALA OA 119 -5.44 47.25 8.27
C ALA OA 119 -5.26 46.22 7.16
N GLY OA 120 -4.03 45.78 6.93
CA GLY OA 120 -3.68 44.79 5.91
C GLY OA 120 -4.51 43.51 6.07
N GLU OA 121 -4.76 43.12 7.33
CA GLU OA 121 -5.60 41.98 7.66
C GLU OA 121 -6.95 42.01 6.96
N ASN OA 122 -7.52 43.20 6.82
CA ASN OA 122 -8.83 43.37 6.21
C ASN OA 122 -8.74 43.78 4.74
N GLY OA 123 -7.54 43.72 4.14
CA GLY OA 123 -7.37 44.11 2.76
C GLY OA 123 -7.30 45.63 2.61
N ARG OA 124 -7.09 46.34 3.72
CA ARG OA 124 -7.05 47.78 3.70
C ARG OA 124 -5.64 48.33 3.77
N PRO OA 125 -5.42 49.53 3.26
CA PRO OA 125 -4.21 50.30 3.34
C PRO OA 125 -4.10 50.79 4.77
N PRO OA 126 -2.90 51.07 5.25
CA PRO OA 126 -2.55 51.53 6.58
C PRO OA 126 -3.03 52.95 6.80
N LYS OA 127 -3.27 53.28 8.05
CA LYS OA 127 -3.74 54.61 8.40
C LYS OA 127 -2.57 55.49 8.78
N PRO OA 128 -2.75 56.82 8.73
CA PRO OA 128 -1.80 57.84 9.11
C PRO OA 128 -1.43 57.64 10.55
N VAL OA 129 -0.21 58.00 10.90
CA VAL OA 129 0.25 57.78 12.25
C VAL OA 129 -0.01 58.97 13.14
N HIS OA 130 -0.54 58.70 14.32
CA HIS OA 130 -0.80 59.77 15.27
C HIS OA 130 0.19 59.72 16.40
N LEU OA 131 0.63 60.89 16.85
CA LEU OA 131 1.58 60.96 17.95
C LEU OA 131 1.12 61.91 19.01
N SER OA 132 1.44 61.61 20.25
CA SER OA 132 1.14 62.54 21.31
C SER OA 132 2.24 62.49 22.34
N ALA OA 133 2.46 63.57 23.06
CA ALA OA 133 3.53 63.56 24.02
C ALA OA 133 3.32 64.53 25.16
N LEU OA 134 3.90 64.17 26.30
CA LEU OA 134 3.84 64.99 27.49
C LEU OA 134 5.23 65.42 27.87
N ALA OA 135 5.37 66.63 28.40
CA ALA OA 135 6.72 67.04 28.81
C ALA OA 135 6.74 67.98 30.00
N VAL OA 136 7.77 67.83 30.81
CA VAL OA 136 8.02 68.66 31.97
C VAL OA 136 9.33 69.39 31.83
N TYR OA 137 9.29 70.70 31.93
CA TYR OA 137 10.46 71.53 31.80
C TYR OA 137 10.96 72.18 33.08
N GLU OA 138 12.22 72.58 33.03
CA GLU OA 138 12.82 73.32 34.12
C GLU OA 138 12.08 74.63 34.29
N ARG OA 139 11.68 74.90 35.52
CA ARG OA 139 10.90 76.09 35.82
C ARG OA 139 11.56 77.37 35.33
N GLY OA 140 10.78 78.19 34.64
CA GLY OA 140 11.23 79.47 34.08
C GLY OA 140 11.53 79.39 32.59
N SER OA 141 11.53 78.18 32.04
CA SER OA 141 11.78 77.93 30.63
C SER OA 141 10.62 78.43 29.73
N PRO OA 142 10.89 78.94 28.52
CA PRO OA 142 9.96 79.49 27.52
C PRO OA 142 9.20 78.43 26.72
N LEU OA 143 8.34 77.70 27.44
CA LEU OA 143 7.52 76.60 26.92
C LEU OA 143 6.80 76.86 25.60
N ALA OA 144 6.30 78.08 25.43
CA ALA OA 144 5.55 78.46 24.24
C ALA OA 144 6.34 78.38 22.95
N HIS OA 145 7.66 78.28 23.05
CA HIS OA 145 8.48 78.23 21.85
C HIS OA 145 9.11 76.86 21.75
N GLN OA 146 9.46 76.29 22.89
CA GLN OA 146 10.10 74.99 22.97
C GLN OA 146 9.25 73.88 22.38
N ILE OA 147 7.94 74.01 22.54
CA ILE OA 147 6.99 73.08 21.96
C ILE OA 147 7.17 72.86 20.45
N SER OA 148 7.76 73.82 19.73
CA SER OA 148 7.93 73.67 18.30
C SER OA 148 9.08 72.75 17.95
N ASP OA 149 10.05 72.61 18.85
CA ASP OA 149 11.16 71.70 18.60
C ASP OA 149 10.70 70.29 18.70
N ILE OA 150 9.88 70.04 19.71
CA ILE OA 150 9.36 68.71 19.92
C ILE OA 150 8.56 68.26 18.74
N LYS OA 151 7.68 69.14 18.28
CA LYS OA 151 6.80 68.83 17.19
C LYS OA 151 7.56 68.62 15.89
N ARG OA 152 8.58 69.44 15.62
CA ARG OA 152 9.37 69.27 14.40
C ARG OA 152 10.17 67.98 14.42
N PHE OA 153 10.78 67.71 15.55
CA PHE OA 153 11.55 66.50 15.74
C PHE OA 153 10.73 65.27 15.48
N LEU OA 154 9.56 65.20 16.10
CA LEU OA 154 8.71 64.06 15.93
C LEU OA 154 8.18 63.95 14.51
N LYS OA 155 7.91 65.06 13.85
CA LYS OA 155 7.37 65.03 12.49
C LYS OA 155 8.22 64.20 11.54
N ASN OA 156 9.53 64.39 11.54
CA ASN OA 156 10.36 63.58 10.67
C ASN OA 156 10.94 62.35 11.34
N SER OA 157 10.40 61.95 12.49
CA SER OA 157 10.84 60.76 13.17
C SER OA 157 9.98 59.56 12.83
N PHE OA 158 9.09 59.70 11.86
CA PHE OA 158 8.27 58.56 11.53
C PHE OA 158 7.67 58.67 10.13
N ALA OA 159 7.63 57.53 9.45
CA ALA OA 159 7.18 57.34 8.07
C ALA OA 159 6.13 58.30 7.55
N ASP OA 160 5.05 58.52 8.28
CA ASP OA 160 4.02 59.41 7.74
C ASP OA 160 3.14 60.06 8.79
N VAL OA 161 3.58 61.20 9.27
CA VAL OA 161 2.83 62.00 10.22
C VAL OA 161 2.75 63.40 9.68
N ASP OA 162 2.05 64.27 10.39
CA ASP OA 162 1.95 65.66 9.97
C ASP OA 162 1.69 66.56 11.16
N TYR OA 163 1.73 67.87 10.96
CA TYR OA 163 1.58 68.80 12.07
C TYR OA 163 0.17 68.90 12.67
N ASP OA 164 -0.79 68.21 12.08
CA ASP OA 164 -2.14 68.23 12.64
C ASP OA 164 -2.42 66.95 13.42
N ASN OA 165 -1.55 65.96 13.29
CA ASN OA 165 -1.75 64.70 13.97
C ASN OA 165 -0.69 64.45 15.03
N ILE OA 166 -0.04 65.51 15.47
CA ILE OA 166 0.94 65.44 16.55
C ILE OA 166 0.53 66.40 17.65
N SER OA 167 0.26 65.88 18.84
CA SER OA 167 -0.15 66.75 19.93
C SER OA 167 0.82 66.76 21.08
N VAL OA 168 1.15 67.95 21.56
CA VAL OA 168 2.07 68.08 22.67
C VAL OA 168 1.46 68.89 23.80
N VAL OA 169 1.41 68.28 24.98
CA VAL OA 169 0.90 68.95 26.17
C VAL OA 169 2.03 69.00 27.18
N LEU OA 170 2.32 70.18 27.68
CA LEU OA 170 3.46 70.30 28.56
C LEU OA 170 3.33 71.37 29.62
N SER OA 171 4.27 71.33 30.56
CA SER OA 171 4.33 72.30 31.65
C SER OA 171 5.72 72.32 32.28
N GLU OA 172 5.80 72.78 33.52
CA GLU OA 172 7.08 72.87 34.20
C GLU OA 172 6.96 72.45 35.65
N ARG OA 173 8.09 72.13 36.26
CA ARG OA 173 8.10 71.67 37.64
C ARG OA 173 7.62 72.70 38.64
N SER OA 174 7.21 72.20 39.80
CA SER OA 174 6.76 73.02 40.92
C SER OA 174 7.91 73.47 41.82
N ASP OA 175 7.58 74.25 42.86
CA ASP OA 175 8.56 74.75 43.82
C ASP OA 175 9.18 73.58 44.57
N ALA OA 176 10.49 73.39 44.39
CA ALA OA 176 11.20 72.25 44.97
C ALA OA 176 11.09 72.18 46.48
N GLN OA 177 10.81 70.98 46.98
CA GLN OA 177 10.71 70.79 48.42
C GLN OA 177 12.07 70.57 48.99
N LEU OA 178 12.72 71.67 49.36
CA LEU OA 178 14.07 71.61 49.87
C LEU OA 178 14.16 71.69 51.39
N GLN OA 179 13.03 71.61 52.08
CA GLN OA 179 13.01 71.73 53.54
C GLN OA 179 12.38 70.54 54.21
N ALA OA 180 12.95 70.13 55.34
CA ALA OA 180 12.40 69.00 56.09
C ALA OA 180 11.09 69.40 56.76
N PRO OA 181 10.10 68.49 56.80
CA PRO OA 181 8.79 68.61 57.45
C PRO OA 181 8.84 68.99 58.92
N GLY OA 182 9.74 68.38 59.67
CA GLY OA 182 9.90 68.67 61.08
C GLY OA 182 9.16 67.64 61.92
N THR OA 183 9.55 67.53 63.18
CA THR OA 183 8.95 66.58 64.09
C THR OA 183 7.73 67.19 64.77
N PRO OA 184 6.88 66.36 65.39
CA PRO OA 184 5.71 66.74 66.17
C PRO OA 184 6.12 67.38 67.47
N VAL OA 185 5.25 68.21 68.01
CA VAL OA 185 5.54 68.90 69.25
C VAL OA 185 5.15 68.08 70.46
N LYS OA 186 6.15 67.63 71.21
CA LYS OA 186 5.94 66.86 72.42
C LYS OA 186 7.27 66.56 73.10
N ALA PA 42 6.32 77.51 72.51
CA ALA PA 42 6.18 77.03 71.15
C ALA PA 42 5.76 78.16 70.22
N GLU PA 43 6.64 79.14 70.03
CA GLU PA 43 6.33 80.25 69.16
C GLU PA 43 6.01 79.76 67.76
N LEU PA 44 4.85 80.18 67.25
CA LEU PA 44 4.37 79.75 65.95
C LEU PA 44 5.37 79.93 64.83
N ASP PA 45 6.14 81.01 64.87
CA ASP PA 45 7.15 81.24 63.86
C ASP PA 45 8.17 80.11 63.79
N SER PA 46 8.48 79.50 64.92
CA SER PA 46 9.43 78.40 64.95
C SER PA 46 8.75 77.09 64.62
N LEU PA 47 7.43 77.04 64.82
CA LEU PA 47 6.68 75.84 64.49
C LEU PA 47 6.55 75.66 62.97
N LEU PA 48 6.42 76.79 62.27
CA LEU PA 48 6.33 76.79 60.81
C LEU PA 48 7.72 76.55 60.20
N GLY PA 49 7.74 76.09 58.94
CA GLY PA 49 8.95 75.72 58.18
C GLY PA 49 10.20 76.62 58.34
N GLN PA 50 11.35 76.08 57.88
CA GLN PA 50 12.64 76.77 57.95
C GLN PA 50 12.63 78.11 57.26
N GLU PA 51 12.03 78.15 56.09
CA GLU PA 51 11.93 79.42 55.38
C GLU PA 51 10.70 80.14 55.88
N LYS PA 52 10.85 80.78 57.03
CA LYS PA 52 9.79 81.50 57.69
C LYS PA 52 9.17 82.61 56.86
N GLU PA 53 9.86 83.05 55.81
CA GLU PA 53 9.38 84.12 54.97
C GLU PA 53 8.29 83.68 54.01
N ARG PA 54 7.91 82.39 54.05
CA ARG PA 54 6.83 81.90 53.23
C ARG PA 54 5.47 82.20 53.88
N PHE PA 55 5.48 82.58 55.16
CA PHE PA 55 4.23 82.82 55.85
C PHE PA 55 4.19 84.16 56.52
N GLN PA 56 3.01 84.76 56.57
CA GLN PA 56 2.86 86.00 57.31
C GLN PA 56 1.93 85.80 58.48
N VAL PA 57 2.49 85.74 59.67
CA VAL PA 57 1.67 85.57 60.85
C VAL PA 57 1.01 86.87 61.24
N LEU PA 58 -0.29 86.83 61.46
CA LEU PA 58 -1.09 88.00 61.75
C LEU PA 58 -1.77 87.88 63.11
N PRO PA 59 -1.90 88.96 63.86
CA PRO PA 59 -2.53 88.92 65.19
C PRO PA 59 -3.92 89.51 65.15
N GLY PA 60 -4.93 88.67 65.01
CA GLY PA 60 -6.30 89.15 64.91
C GLY PA 60 -6.83 89.69 66.23
N ARG PA 61 -7.74 90.66 66.13
CA ARG PA 61 -8.33 91.31 67.31
C ARG PA 61 -9.26 90.37 68.08
N ASP PA 62 -9.62 89.25 67.45
CA ASP PA 62 -10.44 88.21 68.06
C ASP PA 62 -9.62 87.20 68.86
N LYS PA 63 -8.34 87.50 69.11
CA LYS PA 63 -7.44 86.64 69.87
C LYS PA 63 -7.03 85.38 69.11
N MET PA 64 -7.25 85.39 67.80
CA MET PA 64 -6.84 84.27 66.97
C MET PA 64 -5.62 84.67 66.18
N LEU PA 65 -4.61 83.80 66.23
CA LEU PA 65 -3.38 84.07 65.53
C LEU PA 65 -3.52 83.47 64.13
N TYR PA 66 -3.42 84.32 63.12
CA TYR PA 66 -3.65 83.87 61.76
C TYR PA 66 -2.37 83.60 60.99
N VAL PA 67 -2.44 82.65 60.07
CA VAL PA 67 -1.29 82.33 59.23
C VAL PA 67 -1.60 82.58 57.78
N ALA PA 68 -1.10 83.68 57.22
CA ALA PA 68 -1.39 83.94 55.83
C ALA PA 68 -0.44 83.19 54.93
N ALA PA 69 -1.03 82.38 54.05
CA ALA PA 69 -0.27 81.60 53.08
C ALA PA 69 -0.59 82.07 51.68
N GLN PA 70 0.40 82.02 50.80
CA GLN PA 70 0.24 82.47 49.42
C GLN PA 70 -0.06 81.36 48.44
N ASN PA 71 -0.07 80.12 48.90
CA ASN PA 71 -0.29 78.98 48.03
C ASN PA 71 -0.90 77.83 48.78
N GLU PA 72 -1.80 77.08 48.13
CA GLU PA 72 -2.46 75.94 48.76
C GLU PA 72 -1.50 74.88 49.31
N ARG PA 73 -0.27 74.82 48.81
CA ARG PA 73 0.69 73.88 49.36
C ARG PA 73 1.18 74.36 50.71
N ASP PA 74 1.21 75.67 50.88
CA ASP PA 74 1.67 76.26 52.12
C ASP PA 74 0.51 76.30 53.07
N THR PA 75 -0.69 76.41 52.52
CA THR PA 75 -1.90 76.37 53.31
C THR PA 75 -1.96 75.04 54.02
N LEU PA 76 -1.79 73.96 53.26
CA LEU PA 76 -1.79 72.63 53.84
C LEU PA 76 -0.66 72.44 54.80
N TRP PA 77 0.53 72.95 54.46
CA TRP PA 77 1.68 72.85 55.33
C TRP PA 77 1.34 73.35 56.73
N ALA PA 78 0.84 74.59 56.79
CA ALA PA 78 0.48 75.23 58.05
C ALA PA 78 -0.64 74.48 58.77
N ARG PA 79 -1.62 73.96 58.03
CA ARG PA 79 -2.68 73.22 58.66
C ARG PA 79 -2.17 71.95 59.32
N GLN PA 80 -1.20 71.31 58.66
CA GLN PA 80 -0.61 70.11 59.23
C GLN PA 80 0.15 70.47 60.48
N VAL PA 81 0.82 71.63 60.50
CA VAL PA 81 1.50 72.06 61.70
C VAL PA 81 0.55 72.21 62.87
N LEU PA 82 -0.58 72.84 62.63
CA LEU PA 82 -1.56 73.03 63.69
C LEU PA 82 -2.14 71.71 64.20
N ALA PA 83 -2.34 70.74 63.31
CA ALA PA 83 -2.88 69.45 63.71
C ALA PA 83 -1.81 68.52 64.31
N ARG PA 84 -0.58 68.60 63.81
CA ARG PA 84 0.53 67.76 64.25
C ARG PA 84 1.14 68.22 65.54
N GLY PA 85 1.53 69.49 65.57
CA GLY PA 85 2.16 70.06 66.73
C GLY PA 85 1.13 70.69 67.61
N ASP PA 86 1.52 71.72 68.33
CA ASP PA 86 0.56 72.36 69.20
C ASP PA 86 0.94 73.80 69.46
N TYR PA 87 -0.07 74.54 69.85
CA TYR PA 87 0.06 75.94 70.18
C TYR PA 87 -1.17 76.32 70.98
N ASP PA 88 -0.98 76.62 72.25
CA ASP PA 88 -2.09 76.95 73.13
C ASP PA 88 -2.69 78.32 72.86
N LYS PA 89 -3.44 78.42 71.77
CA LYS PA 89 -4.09 79.67 71.38
C LYS PA 89 -4.86 79.48 70.10
N ASN PA 90 -5.98 80.17 69.99
CA ASN PA 90 -6.77 80.12 68.78
C ASN PA 90 -5.88 80.42 67.59
N ALA PA 91 -6.06 79.67 66.51
CA ALA PA 91 -5.26 79.89 65.32
C ALA PA 91 -6.01 79.46 64.08
N ARG PA 92 -5.70 80.10 62.96
CA ARG PA 92 -6.40 79.79 61.72
C ARG PA 92 -5.61 80.21 60.48
N VAL PA 93 -5.46 79.29 59.55
CA VAL PA 93 -4.73 79.55 58.32
C VAL PA 93 -5.56 80.30 57.29
N ILE PA 94 -4.99 81.37 56.76
CA ILE PA 94 -5.61 82.21 55.74
C ILE PA 94 -5.16 81.89 54.33
N ASN PA 95 -6.13 81.81 53.44
CA ASN PA 95 -5.89 81.56 52.02
C ASN PA 95 -6.67 82.54 51.19
N GLU PA 96 -5.95 83.38 50.45
CA GLU PA 96 -6.53 84.44 49.62
C GLU PA 96 -7.80 84.08 48.87
N ASN PA 97 -7.81 82.95 48.19
CA ASN PA 97 -8.99 82.55 47.45
C ASN PA 97 -10.09 82.07 48.35
N GLU PA 98 -9.72 81.37 49.41
CA GLU PA 98 -10.74 80.86 50.32
C GLU PA 98 -11.43 82.00 51.05
N GLU PA 99 -10.67 83.03 51.37
CA GLU PA 99 -11.24 84.18 52.05
C GLU PA 99 -12.06 85.01 51.13
N ASN PA 100 -11.63 85.11 49.87
CA ASN PA 100 -12.40 85.85 48.90
C ASN PA 100 -13.77 85.21 48.79
N LYS PA 101 -13.80 83.87 48.72
CA LYS PA 101 -15.04 83.13 48.65
C LYS PA 101 -15.90 83.27 49.91
N ARG PA 102 -15.30 83.11 51.09
CA ARG PA 102 -16.04 83.24 52.33
C ARG PA 102 -16.78 84.54 52.41
N ILE PA 103 -16.09 85.61 52.07
CA ILE PA 103 -16.68 86.92 52.08
C ILE PA 103 -17.80 87.03 51.07
N SER PA 104 -17.57 86.55 49.83
CA SER PA 104 -18.58 86.67 48.81
C SER PA 104 -19.89 85.98 49.18
N ILE PA 105 -19.80 84.91 49.98
CA ILE PA 105 -21.00 84.22 50.42
C ILE PA 105 -21.84 85.11 51.33
N TRP PA 106 -21.21 85.64 52.35
CA TRP PA 106 -21.88 86.51 53.30
C TRP PA 106 -22.41 87.73 52.61
N LEU PA 107 -21.58 88.28 51.75
CA LEU PA 107 -21.87 89.49 51.03
C LEU PA 107 -23.08 89.33 50.15
N ASP PA 108 -23.20 88.21 49.44
CA ASP PA 108 -24.39 88.00 48.62
C ASP PA 108 -25.68 87.97 49.45
N THR PA 109 -25.63 87.33 50.63
CA THR PA 109 -26.81 87.26 51.49
C THR PA 109 -27.26 88.61 52.03
N TYR PA 110 -26.33 89.40 52.54
CA TYR PA 110 -26.67 90.68 53.15
C TYR PA 110 -26.73 91.84 52.17
N TYR PA 111 -25.91 91.77 51.13
CA TYR PA 111 -25.92 92.77 50.08
C TYR PA 111 -26.13 92.14 48.69
N PRO PA 112 -27.31 91.57 48.42
CA PRO PA 112 -27.67 90.94 47.19
C PRO PA 112 -27.71 92.01 46.13
N GLN PA 113 -27.39 91.62 44.92
CA GLN PA 113 -27.31 92.50 43.76
C GLN PA 113 -26.11 93.47 43.79
N LEU PA 114 -25.24 93.39 44.81
CA LEU PA 114 -24.06 94.24 44.83
C LEU PA 114 -23.13 93.87 43.69
N ALA PA 115 -22.75 94.84 42.87
CA ALA PA 115 -21.86 94.54 41.76
C ALA PA 115 -20.42 94.78 42.15
N TYR PA 116 -19.63 93.73 42.19
CA TYR PA 116 -18.23 93.85 42.60
C TYR PA 116 -17.35 92.85 41.88
N TYR PA 117 -16.04 93.03 42.02
CA TYR PA 117 -15.07 92.21 41.32
C TYR PA 117 -14.32 91.24 42.21
N ARG PA 118 -13.29 91.71 42.89
CA ARG PA 118 -12.48 90.82 43.70
C ARG PA 118 -11.74 91.57 44.79
N ILE PA 119 -11.54 90.90 45.91
CA ILE PA 119 -10.79 91.51 47.00
C ILE PA 119 -9.32 91.18 46.87
N HIS PA 120 -8.50 92.22 46.87
CA HIS PA 120 -7.07 92.09 46.75
C HIS PA 120 -6.47 92.17 48.14
N PHE PA 121 -6.03 91.04 48.64
CA PHE PA 121 -5.56 91.01 50.00
C PHE PA 121 -4.16 91.59 50.16
N ASP PA 122 -3.27 91.29 49.22
CA ASP PA 122 -1.88 91.82 49.17
C ASP PA 122 -1.30 92.12 50.55
N GLU PA 123 -1.57 93.33 51.06
CA GLU PA 123 -1.13 93.73 52.39
C GLU PA 123 -2.25 93.48 53.41
N PRO PA 124 -2.31 92.27 53.98
CA PRO PA 124 -3.34 91.79 54.95
C PRO PA 124 -4.10 92.89 55.68
N ARG PA 125 -3.38 93.80 56.30
CA ARG PA 125 -3.90 94.90 57.08
C ARG PA 125 -4.95 95.75 56.39
N LYS PA 126 -4.73 96.03 55.11
CA LYS PA 126 -5.61 96.88 54.34
C LYS PA 126 -5.89 96.32 52.95
N PRO PA 127 -6.78 95.33 52.83
CA PRO PA 127 -7.19 94.69 51.60
C PRO PA 127 -8.02 95.68 50.80
N VAL PA 128 -7.97 95.54 49.49
CA VAL PA 128 -8.67 96.43 48.60
C VAL PA 128 -9.87 95.76 47.98
N PHE PA 129 -11.00 96.42 48.03
CA PHE PA 129 -12.22 95.85 47.51
C PHE PA 129 -12.62 96.51 46.20
N TRP PA 130 -12.52 95.79 45.09
CA TRP PA 130 -12.95 96.40 43.83
C TRP PA 130 -14.45 96.31 43.68
N LEU PA 131 -15.06 97.46 43.43
CA LEU PA 131 -16.51 97.64 43.34
C LEU PA 131 -16.88 98.23 41.98
N SER PA 132 -17.94 97.75 41.34
CA SER PA 132 -18.30 98.31 40.03
C SER PA 132 -18.75 99.75 40.11
N ARG PA 133 -17.93 100.65 39.58
CA ARG PA 133 -18.22 102.08 39.59
C ARG PA 133 -19.52 102.43 38.89
N GLN PA 134 -19.74 101.82 37.74
CA GLN PA 134 -20.89 102.13 36.93
C GLN PA 134 -22.18 101.46 37.35
N ARG PA 135 -22.11 100.22 37.84
CA ARG PA 135 -23.35 99.55 38.22
C ARG PA 135 -23.87 99.87 39.62
N ASN PA 136 -23.00 100.29 40.53
CA ASN PA 136 -23.48 100.60 41.87
C ASN PA 136 -23.80 102.07 42.04
N THR PA 137 -24.89 102.33 42.76
CA THR PA 137 -25.35 103.70 43.02
C THR PA 137 -25.42 104.00 44.51
N MET PA 138 -24.63 103.27 45.30
CA MET PA 138 -24.61 103.47 46.75
C MET PA 138 -24.05 104.83 47.13
N SER PA 139 -24.58 105.40 48.21
CA SER PA 139 -24.11 106.69 48.68
C SER PA 139 -22.83 106.49 49.46
N LYS PA 140 -22.12 107.59 49.67
CA LYS PA 140 -20.87 107.55 50.42
C LYS PA 140 -21.07 106.95 51.81
N LYS PA 141 -22.18 107.32 52.45
CA LYS PA 141 -22.50 106.83 53.78
C LYS PA 141 -22.76 105.34 53.75
N GLU PA 142 -23.47 104.89 52.72
CA GLU PA 142 -23.75 103.47 52.58
C GLU PA 142 -22.47 102.69 52.38
N LEU PA 143 -21.54 103.26 51.61
CA LEU PA 143 -20.25 102.62 51.38
C LEU PA 143 -19.46 102.54 52.66
N GLU PA 144 -19.57 103.56 53.52
CA GLU PA 144 -18.92 103.51 54.82
C GLU PA 144 -19.37 102.29 55.59
N VAL PA 145 -20.68 102.13 55.66
CA VAL PA 145 -21.29 101.00 56.36
C VAL PA 145 -20.81 99.68 55.80
N LEU PA 146 -20.81 99.58 54.47
CA LEU PA 146 -20.34 98.39 53.79
C LEU PA 146 -18.94 98.02 54.22
N SER PA 147 -18.02 99.00 54.22
CA SER PA 147 -16.65 98.70 54.62
C SER PA 147 -16.57 98.25 56.05
N GLN PA 148 -17.45 98.79 56.90
CA GLN PA 148 -17.47 98.39 58.29
C GLN PA 148 -17.89 96.95 58.46
N LYS PA 149 -18.84 96.51 57.63
CA LYS PA 149 -19.28 95.14 57.69
C LYS PA 149 -18.17 94.21 57.23
N LEU PA 150 -17.42 94.66 56.23
CA LEU PA 150 -16.31 93.89 55.73
C LEU PA 150 -15.22 93.78 56.79
N ARG PA 151 -15.02 94.85 57.55
CA ARG PA 151 -14.03 94.83 58.64
C ARG PA 151 -14.44 93.78 59.65
N ALA PA 152 -15.74 93.69 59.93
CA ALA PA 152 -16.23 92.67 60.86
C ALA PA 152 -15.93 91.28 60.35
N LEU PA 153 -16.05 91.08 59.03
CA LEU PA 153 -15.76 89.78 58.43
C LEU PA 153 -14.29 89.40 58.46
N MET PA 154 -13.40 90.39 58.55
CA MET PA 154 -11.96 90.17 58.59
C MET PA 154 -11.29 90.64 59.90
N PRO PA 155 -11.25 89.79 60.93
CA PRO PA 155 -10.69 89.96 62.28
C PRO PA 155 -9.28 90.53 62.32
N TYR PA 156 -8.50 90.27 61.28
CA TYR PA 156 -7.14 90.76 61.23
C TYR PA 156 -7.01 92.14 60.57
N ALA PA 157 -7.74 92.33 59.49
CA ALA PA 157 -7.70 93.58 58.74
C ALA PA 157 -8.04 94.74 59.64
N ASP PA 158 -7.33 95.84 59.47
CA ASP PA 158 -7.57 97.01 60.28
C ASP PA 158 -8.62 97.87 59.62
N SER PA 159 -8.58 97.92 58.30
CA SER PA 159 -9.56 98.69 57.55
C SER PA 159 -9.72 98.12 56.17
N VAL PA 160 -10.77 98.53 55.47
CA VAL PA 160 -11.00 98.04 54.12
C VAL PA 160 -11.03 99.18 53.14
N ASN PA 161 -10.25 99.07 52.08
CA ASN PA 161 -10.21 100.12 51.09
C ASN PA 161 -11.11 99.81 49.92
N ILE PA 162 -12.36 100.26 50.00
CA ILE PA 162 -13.27 100.07 48.89
C ILE PA 162 -13.00 101.09 47.83
N THR PA 163 -12.87 100.64 46.60
CA THR PA 163 -12.62 101.54 45.50
C THR PA 163 -13.43 101.12 44.30
N LEU PA 164 -13.81 102.10 43.51
CA LEU PA 164 -14.68 101.87 42.38
C LEU PA 164 -13.90 101.73 41.08
N MET PA 165 -14.17 100.66 40.34
CA MET PA 165 -13.50 100.36 39.08
C MET PA 165 -14.43 100.55 37.89
N ASP PA 166 -13.86 100.96 36.76
CA ASP PA 166 -14.68 101.18 35.58
C ASP PA 166 -14.83 99.91 34.74
N ASP PA 167 -16.05 99.40 34.67
CA ASP PA 167 -16.41 98.18 33.93
C ASP PA 167 -15.84 98.13 32.52
N VAL PA 168 -15.76 99.28 31.87
CA VAL PA 168 -15.24 99.38 30.52
C VAL PA 168 -13.79 98.98 30.42
N THR PA 169 -12.99 99.37 31.41
CA THR PA 169 -11.59 99.07 31.36
C THR PA 169 -11.35 97.61 31.65
N ALA PA 170 -12.23 97.00 32.43
CA ALA PA 170 -12.11 95.57 32.69
C ALA PA 170 -12.30 94.81 31.40
N ALA PA 171 -13.38 95.14 30.68
CA ALA PA 171 -13.67 94.50 29.41
C ALA PA 171 -12.61 94.79 28.38
N GLY PA 172 -12.13 96.03 28.35
CA GLY PA 172 -11.13 96.45 27.39
C GLY PA 172 -9.87 95.63 27.50
N GLN PA 173 -9.40 95.42 28.74
CA GLN PA 173 -8.20 94.63 28.94
C GLN PA 173 -8.40 93.19 28.54
N ALA PA 174 -9.57 92.64 28.88
CA ALA PA 174 -9.87 91.25 28.53
C ALA PA 174 -9.74 91.03 27.03
N GLU PA 175 -10.38 91.88 26.25
CA GLU PA 175 -10.34 91.70 24.82
C GLU PA 175 -8.99 92.03 24.22
N ALA PA 176 -8.37 93.11 24.70
CA ALA PA 176 -7.09 93.54 24.16
C ALA PA 176 -6.04 92.46 24.26
N GLY PA 177 -5.89 91.86 25.43
CA GLY PA 177 -4.90 90.82 25.61
C GLY PA 177 -5.24 89.59 24.78
N LEU PA 178 -6.53 89.26 24.74
CA LEU PA 178 -7.02 88.11 23.99
C LEU PA 178 -6.64 88.21 22.51
N LYS PA 179 -6.87 89.37 21.91
CA LYS PA 179 -6.52 89.54 20.51
C LYS PA 179 -5.02 89.76 20.32
N GLN PA 180 -4.30 90.25 21.34
CA GLN PA 180 -2.84 90.38 21.25
C GLN PA 180 -2.21 89.02 21.04
N GLN PA 181 -2.76 88.02 21.72
CA GLN PA 181 -2.30 86.64 21.60
C GLN PA 181 -2.67 85.97 20.26
N ALA PA 182 -3.35 86.71 19.37
CA ALA PA 182 -3.78 86.25 18.06
C ALA PA 182 -4.78 85.13 18.16
N LEU PA 183 -5.61 85.15 19.19
CA LEU PA 183 -6.60 84.12 19.37
C LEU PA 183 -7.90 84.51 18.71
N PRO PA 184 -8.63 83.55 18.13
CA PRO PA 184 -9.93 83.69 17.53
C PRO PA 184 -10.96 83.73 18.64
N TYR PA 185 -11.97 84.56 18.51
CA TYR PA 185 -12.99 84.63 19.53
C TYR PA 185 -14.20 85.38 19.06
N SER PA 186 -15.26 85.31 19.85
CA SER PA 186 -16.44 86.08 19.56
C SER PA 186 -17.00 86.63 20.86
N ARG PA 187 -17.07 87.95 20.94
CA ARG PA 187 -17.52 88.64 22.12
C ARG PA 187 -19.04 88.61 22.29
N ARG PA 188 -19.48 88.49 23.54
CA ARG PA 188 -20.89 88.44 23.87
C ARG PA 188 -21.26 89.45 24.93
N ASN PA 189 -21.61 90.66 24.51
CA ASN PA 189 -22.02 91.66 25.48
C ASN PA 189 -23.44 91.41 25.91
N HIS PA 190 -23.69 91.50 27.20
CA HIS PA 190 -25.05 91.35 27.70
C HIS PA 190 -25.21 92.18 28.94
N LYS PA 191 -26.44 92.41 29.36
CA LYS PA 191 -26.62 93.21 30.54
C LYS PA 191 -25.99 92.51 31.72
N GLY PA 192 -25.10 93.20 32.40
CA GLY PA 192 -24.45 92.66 33.58
C GLY PA 192 -23.11 91.96 33.32
N GLY PA 193 -22.68 91.80 32.07
CA GLY PA 193 -21.40 91.12 31.86
C GLY PA 193 -21.02 90.91 30.41
N VAL PA 194 -19.93 90.18 30.20
CA VAL PA 194 -19.49 89.88 28.85
C VAL PA 194 -18.80 88.54 28.78
N THR PA 195 -19.10 87.78 27.74
CA THR PA 195 -18.50 86.47 27.57
C THR PA 195 -17.69 86.36 26.28
N PHE PA 196 -16.51 85.78 26.37
CA PHE PA 196 -15.64 85.61 25.20
C PHE PA 196 -15.58 84.17 24.77
N VAL PA 197 -16.24 83.87 23.67
CA VAL PA 197 -16.36 82.53 23.16
C VAL PA 197 -15.23 82.16 22.21
N ILE PA 198 -14.56 81.06 22.52
CA ILE PA 198 -13.48 80.57 21.67
C ILE PA 198 -13.78 79.17 21.17
N GLN PA 199 -14.18 79.04 19.92
CA GLN PA 199 -14.53 77.73 19.37
C GLN PA 199 -13.68 77.32 18.19
N GLY PA 200 -13.85 76.07 17.79
CA GLY PA 200 -13.14 75.51 16.66
C GLY PA 200 -11.98 74.65 17.10
N ALA PA 201 -11.32 74.02 16.15
CA ALA PA 201 -10.16 73.23 16.46
C ALA PA 201 -9.01 74.16 16.78
N LEU PA 202 -8.22 73.81 17.77
CA LEU PA 202 -7.13 74.69 18.17
C LEU PA 202 -5.77 74.03 18.12
N ASP PA 203 -4.79 74.81 17.71
CA ASP PA 203 -3.39 74.40 17.67
C ASP PA 203 -2.86 74.33 19.08
N ASP PA 204 -2.09 73.32 19.41
CA ASP PA 204 -1.54 73.19 20.75
C ASP PA 204 -0.84 74.45 21.27
N VAL PA 205 -0.26 75.22 20.35
CA VAL PA 205 0.44 76.42 20.73
C VAL PA 205 -0.55 77.49 21.19
N GLU PA 206 -1.60 77.72 20.40
CA GLU PA 206 -2.59 78.71 20.79
C GLU PA 206 -3.41 78.26 21.98
N ILE PA 207 -3.50 76.95 22.22
CA ILE PA 207 -4.18 76.48 23.40
C ILE PA 207 -3.43 76.91 24.64
N LEU PA 208 -2.12 76.70 24.63
CA LEU PA 208 -1.28 77.10 25.74
C LEU PA 208 -1.39 78.59 26.01
N ARG PA 209 -1.25 79.39 24.95
CA ARG PA 209 -1.34 80.83 25.06
C ARG PA 209 -2.67 81.28 25.63
N ALA PA 210 -3.74 80.67 25.17
CA ALA PA 210 -5.07 81.03 25.63
C ALA PA 210 -5.21 80.84 27.12
N ARG PA 211 -4.81 79.67 27.61
CA ARG PA 211 -4.94 79.43 29.04
C ARG PA 211 -4.12 80.37 29.87
N GLN PA 212 -2.88 80.63 29.46
CA GLN PA 212 -2.03 81.53 30.22
C GLN PA 212 -2.68 82.88 30.40
N PHE PA 213 -3.22 83.42 29.31
CA PHE PA 213 -3.91 84.68 29.36
C PHE PA 213 -5.10 84.68 30.29
N VAL PA 214 -5.96 83.68 30.13
CA VAL PA 214 -7.16 83.58 30.93
C VAL PA 214 -6.88 83.49 32.40
N ASP PA 215 -5.92 82.65 32.77
CA ASP PA 215 -5.57 82.51 34.18
C ASP PA 215 -5.13 83.82 34.79
N SER PA 216 -4.32 84.59 34.05
CA SER PA 216 -3.87 85.87 34.56
C SER PA 216 -4.99 86.87 34.71
N TYR PA 217 -5.89 86.92 33.74
CA TYR PA 217 -7.00 87.85 33.80
C TYR PA 217 -7.86 87.55 35.02
N TYR PA 218 -8.15 86.27 35.19
CA TYR PA 218 -8.92 85.82 36.33
C TYR PA 218 -8.27 86.22 37.63
N ARG PA 219 -6.99 85.90 37.77
CA ARG PA 219 -6.24 86.24 38.97
C ARG PA 219 -6.38 87.70 39.34
N THR PA 220 -6.32 88.59 38.36
CA THR PA 220 -6.44 90.02 38.63
C THR PA 220 -7.86 90.48 38.87
N TRP PA 221 -8.70 90.40 37.85
CA TRP PA 221 -10.04 90.92 37.93
C TRP PA 221 -11.07 89.97 38.53
N GLY PA 222 -10.88 88.68 38.34
CA GLY PA 222 -11.85 87.71 38.82
C GLY PA 222 -12.85 87.41 37.71
N GLY PA 223 -13.69 86.39 37.92
CA GLY PA 223 -14.63 85.98 36.88
C GLY PA 223 -16.08 86.41 37.10
N ARG PA 224 -16.31 87.55 37.74
CA ARG PA 224 -17.68 87.98 37.98
C ARG PA 224 -18.26 88.88 36.89
N TYR PA 225 -17.41 89.41 36.03
CA TYR PA 225 -17.89 90.28 34.97
C TYR PA 225 -17.51 89.69 33.62
N VAL PA 226 -16.25 89.33 33.48
CA VAL PA 226 -15.76 88.72 32.26
C VAL PA 226 -15.68 87.22 32.38
N GLN PA 227 -16.36 86.53 31.49
CA GLN PA 227 -16.38 85.09 31.46
C GLN PA 227 -15.76 84.57 30.18
N PHE PA 228 -14.78 83.69 30.28
CA PHE PA 228 -14.19 83.13 29.08
C PHE PA 228 -14.77 81.76 28.83
N ALA PA 229 -14.83 81.36 27.56
CA ALA PA 229 -15.42 80.08 27.21
C ALA PA 229 -14.65 79.35 26.13
N ILE PA 230 -13.62 78.62 26.54
CA ILE PA 230 -12.82 77.85 25.60
C ILE PA 230 -13.50 76.53 25.28
N GLU PA 231 -13.78 76.31 24.00
CA GLU PA 231 -14.46 75.10 23.57
C GLU PA 231 -13.74 74.44 22.39
N LEU PA 232 -12.97 73.42 22.70
CA LEU PA 232 -12.22 72.68 21.69
C LEU PA 232 -13.15 71.77 20.90
N LYS PA 233 -13.40 72.13 19.64
CA LYS PA 233 -14.35 71.39 18.81
C LYS PA 233 -13.84 71.07 17.41
N ASP PA 234 -14.42 70.06 16.79
CA ASP PA 234 -14.06 69.69 15.42
C ASP PA 234 -14.71 70.59 14.39
N ASP PA 235 -14.00 70.82 13.29
CA ASP PA 235 -14.49 71.64 12.20
C ASP PA 235 -14.73 70.80 10.95
N ASP QA 3 23.54 61.00 57.13
CA ASP QA 3 23.84 59.58 56.96
C ASP QA 3 22.58 58.79 56.63
N LYS QA 4 22.01 59.07 55.47
CA LYS QA 4 20.80 58.38 55.05
C LYS QA 4 21.02 57.56 53.79
N ASP QA 5 20.35 56.42 53.71
CA ASP QA 5 20.44 55.60 52.51
C ASP QA 5 19.46 56.11 51.48
N LEU QA 6 19.96 56.36 50.28
CA LEU QA 6 19.09 56.87 49.22
C LEU QA 6 18.80 55.77 48.20
N LEU QA 7 19.87 55.28 47.55
CA LEU QA 7 19.71 54.21 46.55
C LEU QA 7 20.63 53.02 46.82
N LYS QA 8 20.18 51.83 46.41
CA LYS QA 8 20.98 50.62 46.59
C LYS QA 8 20.91 49.69 45.37
N GLY QA 9 21.98 48.94 45.15
CA GLY QA 9 21.97 47.97 44.06
C GLY QA 9 22.14 48.59 42.69
N LEU QA 10 22.78 49.76 42.64
CA LEU QA 10 22.95 50.44 41.39
C LEU QA 10 24.09 49.87 40.59
N ASP QA 11 23.99 49.96 39.27
CA ASP QA 11 25.14 49.52 38.50
C ASP QA 11 26.05 50.73 38.39
N GLN QA 12 27.19 50.55 37.75
CA GLN QA 12 28.16 51.61 37.66
C GLN QA 12 27.66 52.87 36.98
N GLU QA 13 27.04 52.71 35.82
CA GLU QA 13 26.52 53.85 35.06
C GLU QA 13 25.50 54.65 35.83
N GLN QA 14 24.51 53.96 36.37
CA GLN QA 14 23.44 54.57 37.14
C GLN QA 14 23.98 55.35 38.30
N ALA QA 15 24.91 54.74 39.04
CA ALA QA 15 25.47 55.38 40.20
C ALA QA 15 26.11 56.70 39.85
N ASN QA 16 26.93 56.72 38.81
CA ASN QA 16 27.59 57.95 38.44
C ASN QA 16 26.62 59.01 37.91
N GLU QA 17 25.57 58.58 37.22
CA GLU QA 17 24.60 59.53 36.70
C GLU QA 17 23.81 60.22 37.80
N VAL QA 18 23.36 59.45 38.77
CA VAL QA 18 22.60 60.01 39.87
C VAL QA 18 23.42 61.01 40.65
N ILE QA 19 24.68 60.64 40.91
CA ILE QA 19 25.57 61.51 41.62
C ILE QA 19 25.76 62.82 40.91
N ALA QA 20 25.96 62.76 39.60
CA ALA QA 20 26.12 63.97 38.82
C ALA QA 20 25.00 64.96 39.06
N VAL QA 21 23.75 64.46 39.04
CA VAL QA 21 22.59 65.30 39.27
C VAL QA 21 22.58 65.92 40.65
N LEU QA 22 22.87 65.12 41.67
CA LEU QA 22 22.86 65.61 43.02
C LEU QA 22 23.89 66.71 43.23
N GLN QA 23 25.07 66.54 42.65
CA GLN QA 23 26.11 67.54 42.77
C GLN QA 23 25.70 68.82 42.08
N MET QA 24 25.08 68.69 40.92
CA MET QA 24 24.59 69.84 40.18
C MET QA 24 23.63 70.67 41.01
N HIS QA 25 22.84 70.02 41.86
CA HIS QA 25 21.92 70.73 42.72
C HIS QA 25 22.45 70.98 44.13
N ASN QA 26 23.77 71.00 44.27
CA ASN QA 26 24.43 71.30 45.54
C ASN QA 26 24.23 70.27 46.63
N ILE QA 27 24.33 69.00 46.27
CA ILE QA 27 24.23 67.91 47.25
C ILE QA 27 25.42 66.96 47.16
N GLU QA 28 26.15 66.82 48.26
CA GLU QA 28 27.25 65.87 48.31
C GLU QA 28 26.69 64.45 48.36
N ALA QA 29 27.39 63.50 47.76
CA ALA QA 29 26.91 62.12 47.76
C ALA QA 29 28.05 61.12 47.83
N ASN QA 30 27.82 60.03 48.53
CA ASN QA 30 28.83 59.00 48.67
C ASN QA 30 28.50 57.82 47.80
N LYS QA 31 29.50 57.29 47.09
CA LYS QA 31 29.30 56.08 46.31
C LYS QA 31 29.96 54.93 47.03
N ILE QA 32 29.15 53.97 47.45
CA ILE QA 32 29.66 52.84 48.20
C ILE QA 32 29.67 51.56 47.40
N ASP QA 33 30.85 50.99 47.27
CA ASP QA 33 31.03 49.74 46.54
C ASP QA 33 30.80 48.54 47.44
N SER QA 34 29.69 47.83 47.23
CA SER QA 34 29.35 46.66 48.02
C SER QA 34 29.61 45.36 47.26
N GLY QA 35 30.54 45.41 46.31
CA GLY QA 35 30.93 44.24 45.54
C GLY QA 35 29.80 43.77 44.65
N LYS QA 36 29.50 42.47 44.75
CA LYS QA 36 28.46 41.84 43.96
C LYS QA 36 27.08 42.42 44.18
N LEU QA 37 26.89 43.17 45.26
CA LEU QA 37 25.60 43.75 45.54
C LEU QA 37 25.40 45.10 44.86
N GLY QA 38 26.42 45.60 44.16
CA GLY QA 38 26.29 46.85 43.43
C GLY QA 38 26.69 48.06 44.24
N TYR QA 39 26.26 49.23 43.77
CA TYR QA 39 26.60 50.48 44.43
C TYR QA 39 25.46 51.06 45.24
N SER QA 40 25.82 51.76 46.30
CA SER QA 40 24.84 52.42 47.11
C SER QA 40 25.15 53.90 47.23
N ILE QA 41 24.13 54.72 47.24
CA ILE QA 41 24.32 56.14 47.37
C ILE QA 41 23.75 56.66 48.66
N THR QA 42 24.58 57.34 49.44
CA THR QA 42 24.12 57.90 50.70
C THR QA 42 24.38 59.39 50.75
N VAL QA 43 23.56 60.09 51.53
CA VAL QA 43 23.67 61.54 51.65
C VAL QA 43 23.57 62.02 53.08
N ALA QA 44 24.01 63.25 53.30
CA ALA QA 44 23.91 63.86 54.61
C ALA QA 44 22.44 64.10 54.94
N GLU QA 45 22.07 63.85 56.19
CA GLU QA 45 20.70 64.03 56.64
C GLU QA 45 20.09 65.41 56.32
N PRO QA 46 20.82 66.52 56.44
CA PRO QA 46 20.39 67.87 56.08
C PRO QA 46 19.95 67.99 54.62
N ASP QA 47 20.54 67.21 53.73
CA ASP QA 47 20.22 67.28 52.32
C ASP QA 47 19.20 66.23 51.91
N PHE QA 48 19.11 65.16 52.67
CA PHE QA 48 18.23 64.04 52.37
C PHE QA 48 16.86 64.39 51.81
N THR QA 49 16.19 65.38 52.38
CA THR QA 49 14.86 65.76 51.88
C THR QA 49 14.93 66.23 50.44
N ALA QA 50 15.87 67.11 50.18
CA ALA QA 50 16.07 67.65 48.85
C ALA QA 50 16.50 66.56 47.89
N ALA QA 51 17.38 65.67 48.36
CA ALA QA 51 17.88 64.59 47.54
C ALA QA 51 16.73 63.75 47.04
N VAL QA 52 15.80 63.39 47.93
CA VAL QA 52 14.64 62.62 47.54
C VAL QA 52 13.83 63.33 46.49
N TYR QA 53 13.59 64.62 46.71
CA TYR QA 53 12.85 65.40 45.74
C TYR QA 53 13.44 65.30 44.35
N TRP QA 54 14.76 65.43 44.24
CA TRP QA 54 15.41 65.38 42.94
C TRP QA 54 15.41 63.98 42.33
N ILE QA 55 15.47 62.93 43.15
CA ILE QA 55 15.39 61.57 42.61
C ILE QA 55 14.07 61.38 41.91
N LYS QA 56 13.02 61.92 42.50
CA LYS QA 56 11.71 61.89 41.90
C LYS QA 56 11.69 62.69 40.62
N THR QA 57 12.09 63.96 40.72
CA THR QA 57 12.07 64.90 39.60
C THR QA 57 12.74 64.39 38.35
N TYR QA 58 13.91 63.78 38.49
CA TYR QA 58 14.65 63.29 37.34
C TYR QA 58 14.49 61.82 37.04
N GLN QA 59 13.44 61.17 37.53
CA GLN QA 59 13.22 59.76 37.22
C GLN QA 59 14.45 58.90 37.49
N LEU QA 60 15.05 59.03 38.65
CA LEU QA 60 16.26 58.28 38.95
C LEU QA 60 16.00 57.05 39.80
N PRO QA 61 16.84 56.02 39.66
CA PRO QA 61 17.99 55.86 38.79
C PRO QA 61 17.53 55.60 37.36
N PRO QA 62 18.36 55.91 36.36
CA PRO QA 62 18.15 55.80 34.92
C PRO QA 62 17.84 54.39 34.46
N ARG QA 63 17.02 54.29 33.43
CA ARG QA 63 16.71 53.01 32.81
C ARG QA 63 17.79 52.72 31.79
N PRO QA 64 17.93 51.48 31.35
CA PRO QA 64 18.85 51.04 30.31
C PRO QA 64 18.35 51.54 28.96
N ARG QA 65 19.28 51.79 28.06
CA ARG QA 65 18.93 52.34 26.75
C ARG QA 65 18.23 51.34 25.86
N VAL QA 66 17.14 51.78 25.24
CA VAL QA 66 16.33 50.94 24.37
C VAL QA 66 16.69 51.06 22.91
N GLU QA 67 16.98 49.91 22.31
CA GLU QA 67 17.34 49.81 20.91
C GLU QA 67 16.45 48.75 20.28
N ILE QA 68 16.04 48.95 19.04
CA ILE QA 68 15.07 48.07 18.40
C ILE QA 68 15.49 46.62 18.30
N ALA QA 69 16.75 46.37 17.97
CA ALA QA 69 17.25 45.00 17.82
C ALA QA 69 17.13 44.17 19.09
N GLN QA 70 16.96 44.81 20.23
CA GLN QA 70 16.87 44.09 21.49
C GLN QA 70 15.61 43.24 21.56
N MET QA 71 14.62 43.54 20.71
CA MET QA 71 13.38 42.78 20.71
C MET QA 71 13.25 41.81 19.56
N PHE QA 72 14.30 41.62 18.78
CA PHE QA 72 14.25 40.67 17.68
C PHE QA 72 15.58 39.98 17.58
N PRO QA 73 15.95 39.17 18.59
CA PRO QA 73 17.22 38.50 18.80
C PRO QA 73 17.50 37.38 17.81
N ALA QA 74 18.78 37.19 17.52
CA ALA QA 74 19.27 36.16 16.59
C ALA QA 74 19.16 34.77 17.17
N ASP QA 75 18.89 34.69 18.47
CA ASP QA 75 18.74 33.42 19.14
C ASP QA 75 17.48 32.68 18.72
N SER QA 76 16.55 33.37 18.06
CA SER QA 76 15.35 32.70 17.60
C SER QA 76 15.66 31.62 16.59
N LEU QA 77 14.96 30.52 16.69
CA LEU QA 77 15.15 29.38 15.81
C LEU QA 77 14.72 29.68 14.38
N VAL QA 78 13.78 30.62 14.25
CA VAL QA 78 13.25 31.01 12.96
C VAL QA 78 13.29 32.52 12.85
N SER QA 79 13.11 33.02 11.64
CA SER QA 79 13.10 34.46 11.42
C SER QA 79 12.07 34.81 10.39
N SER QA 80 11.84 36.10 10.23
CA SER QA 80 10.90 36.58 9.24
C SER QA 80 11.45 37.83 8.65
N PRO QA 81 11.08 38.18 7.43
CA PRO QA 81 11.45 39.37 6.69
C PRO QA 81 11.25 40.60 7.54
N ARG QA 82 10.14 40.61 8.28
CA ARG QA 82 9.81 41.70 9.15
C ARG QA 82 10.86 41.88 10.20
N ALA QA 83 11.20 40.79 10.89
CA ALA QA 83 12.19 40.85 11.94
C ALA QA 83 13.56 41.21 11.41
N GLU QA 84 13.95 40.61 10.30
CA GLU QA 84 15.28 40.85 9.75
C GLU QA 84 15.47 42.28 9.30
N LYS QA 85 14.46 42.85 8.66
CA LYS QA 85 14.58 44.22 8.21
C LYS QA 85 14.69 45.15 9.40
N ALA QA 86 13.93 44.86 10.46
CA ALA QA 86 13.99 45.67 11.67
C ALA QA 86 15.38 45.62 12.29
N ARG QA 87 15.96 44.42 12.35
CA ARG QA 87 17.28 44.25 12.92
C ARG QA 87 18.30 45.09 12.20
N LEU QA 88 18.24 45.08 10.87
CA LEU QA 88 19.16 45.87 10.10
C LEU QA 88 19.06 47.35 10.39
N TYR QA 89 17.85 47.89 10.39
CA TYR QA 89 17.67 49.31 10.65
C TYR QA 89 18.19 49.70 12.00
N SER QA 90 18.01 48.84 12.99
CA SER QA 90 18.48 49.12 14.32
C SER QA 90 19.99 49.35 14.31
N ALA QA 91 20.70 48.45 13.64
CA ALA QA 91 22.14 48.54 13.53
C ALA QA 91 22.55 49.82 12.81
N ILE QA 92 21.83 50.17 11.76
CA ILE QA 92 22.15 51.36 11.01
C ILE QA 92 22.03 52.61 11.86
N GLU QA 93 20.96 52.73 12.66
CA GLU QA 93 20.85 53.92 13.51
C GLU QA 93 22.03 54.01 14.43
N GLN QA 94 22.42 52.88 15.02
CA GLN QA 94 23.55 52.88 15.95
C GLN QA 94 24.82 53.32 15.27
N ARG QA 95 25.03 52.85 14.05
CA ARG QA 95 26.23 53.15 13.31
C ARG QA 95 26.28 54.62 12.93
N LEU QA 96 25.13 55.20 12.59
CA LEU QA 96 25.09 56.63 12.29
C LEU QA 96 25.38 57.46 13.52
N GLU QA 97 24.92 57.02 14.70
CA GLU QA 97 25.22 57.75 15.92
C GLU QA 97 26.71 57.74 16.19
N GLN QA 98 27.33 56.57 15.97
CA GLN QA 98 28.76 56.44 16.17
C GLN QA 98 29.51 57.41 15.28
N SER QA 99 29.03 57.63 14.06
CA SER QA 99 29.68 58.56 13.15
C SER QA 99 29.52 60.01 13.53
N LEU QA 100 28.30 60.44 13.88
CA LEU QA 100 28.10 61.85 14.18
C LEU QA 100 28.86 62.30 15.39
N GLN QA 101 29.06 61.41 16.36
CA GLN QA 101 29.78 61.78 17.55
C GLN QA 101 31.29 61.97 17.34
N THR QA 102 31.79 61.72 16.12
CA THR QA 102 33.19 61.94 15.84
C THR QA 102 33.40 63.26 15.13
N MET QA 103 32.32 63.97 14.78
CA MET QA 103 32.47 65.25 14.11
C MET QA 103 32.98 66.29 15.08
N GLU QA 104 33.77 67.22 14.54
CA GLU QA 104 34.34 68.29 15.33
C GLU QA 104 33.31 69.11 16.08
N GLY QA 105 33.49 69.20 17.38
CA GLY QA 105 32.61 70.01 18.22
C GLY QA 105 31.40 69.24 18.75
N VAL QA 106 31.18 68.01 18.28
CA VAL QA 106 30.02 67.28 18.76
C VAL QA 106 30.35 66.48 20.00
N LEU QA 107 29.56 66.68 21.03
CA LEU QA 107 29.74 66.01 22.30
C LEU QA 107 28.83 64.80 22.38
N SER QA 108 27.62 64.95 21.85
CA SER QA 108 26.66 63.85 21.85
C SER QA 108 25.66 63.95 20.71
N ALA QA 109 25.22 62.80 20.21
CA ALA QA 109 24.24 62.84 19.14
C ALA QA 109 23.40 61.59 19.09
N ARG QA 110 22.13 61.76 18.73
CA ARG QA 110 21.19 60.64 18.60
C ARG QA 110 20.52 60.64 17.24
N VAL QA 111 20.26 59.46 16.68
CA VAL QA 111 19.71 59.35 15.33
C VAL QA 111 18.53 58.40 15.22
N HIS QA 112 17.50 58.84 14.52
CA HIS QA 112 16.33 58.00 14.27
C HIS QA 112 16.07 57.84 12.79
N ILE QA 113 15.61 56.67 12.40
CA ILE QA 113 15.25 56.43 11.01
C ILE QA 113 13.88 55.82 10.98
N SER QA 114 13.08 56.21 10.01
CA SER QA 114 11.74 55.64 9.91
C SER QA 114 11.80 54.18 9.54
N TYR QA 115 10.75 53.44 9.86
CA TYR QA 115 10.70 52.01 9.58
C TYR QA 115 9.63 51.68 8.58
N ASP QA 116 9.77 50.51 7.98
CA ASP QA 116 8.84 49.99 7.00
C ASP QA 116 8.57 48.56 7.33
N ILE QA 117 7.38 48.33 7.87
CA ILE QA 117 7.03 47.01 8.33
C ILE QA 117 6.11 46.23 7.42
N ASP QA 118 5.39 46.91 6.52
CA ASP QA 118 4.51 46.15 5.66
C ASP QA 118 4.20 46.76 4.30
N ALA QA 119 5.14 47.47 3.67
CA ALA QA 119 4.88 47.98 2.32
C ALA QA 119 4.72 46.80 1.34
N GLY QA 120 5.83 46.10 1.07
CA GLY QA 120 5.84 44.94 0.17
C GLY QA 120 4.81 43.90 0.58
N GLU QA 121 4.64 43.72 1.88
CA GLU QA 121 3.64 42.82 2.44
C GLU QA 121 2.24 43.05 1.87
N ASN QA 122 1.90 44.31 1.64
CA ASN QA 122 0.58 44.67 1.12
C ASN QA 122 0.58 44.89 -0.39
N GLY QA 123 1.66 44.51 -1.07
CA GLY QA 123 1.74 44.70 -2.51
C GLY QA 123 2.10 46.14 -2.88
N ARG QA 124 2.56 46.91 -1.89
CA ARG QA 124 2.88 48.31 -2.10
C ARG QA 124 4.37 48.55 -2.24
N PRO QA 125 4.76 49.62 -2.93
CA PRO QA 125 6.10 50.12 -3.07
C PRO QA 125 6.47 50.74 -1.73
N PRO QA 126 7.75 50.82 -1.41
CA PRO QA 126 8.34 51.34 -0.19
C PRO QA 126 8.17 52.84 -0.12
N LYS QA 127 8.15 53.35 1.10
CA LYS QA 127 8.00 54.79 1.31
C LYS QA 127 9.35 55.44 1.46
N PRO QA 128 9.42 56.76 1.24
CA PRO QA 128 10.59 57.61 1.39
C PRO QA 128 11.09 57.49 2.81
N VAL QA 129 12.39 57.62 2.98
CA VAL QA 129 12.96 57.47 4.30
C VAL QA 129 13.04 58.77 5.06
N HIS QA 130 12.61 58.76 6.31
CA HIS QA 130 12.68 59.97 7.11
C HIS QA 130 13.77 59.83 8.15
N LEU QA 131 14.47 60.92 8.39
CA LEU QA 131 15.54 60.92 9.37
C LEU QA 131 15.40 62.06 10.35
N SER QA 132 15.80 61.84 11.57
CA SER QA 132 15.82 62.93 12.52
C SER QA 132 17.00 62.76 13.45
N ALA QA 133 17.51 63.85 13.98
CA ALA QA 133 18.67 63.72 14.84
C ALA QA 133 18.78 64.84 15.85
N LEU QA 134 19.41 64.50 16.96
CA LEU QA 134 19.65 65.44 18.04
C LEU QA 134 21.14 65.62 18.24
N ALA QA 135 21.57 66.82 18.58
CA ALA QA 135 23.00 66.97 18.80
C ALA QA 135 23.35 68.03 19.85
N VAL QA 136 24.43 67.75 20.57
CA VAL QA 136 24.97 68.63 21.59
C VAL QA 136 26.37 69.06 21.22
N TYR QA 137 26.60 70.36 21.16
CA TYR QA 137 27.90 70.90 20.80
C TYR QA 137 28.65 71.57 21.92
N GLU QA 138 29.96 71.69 21.72
CA GLU QA 138 30.81 72.41 22.62
C GLU QA 138 30.36 73.86 22.69
N ARG QA 139 30.17 74.35 23.90
CA ARG QA 139 29.68 75.70 24.12
C ARG QA 139 30.52 76.74 23.40
N GLY QA 140 29.83 77.63 22.68
CA GLY QA 140 30.45 78.71 21.92
C GLY QA 140 30.55 78.41 20.42
N SER QA 141 30.25 77.16 20.04
CA SER QA 141 30.28 76.71 18.66
C SER QA 141 29.14 77.34 17.81
N PRO QA 142 29.37 77.64 16.52
CA PRO QA 142 28.45 78.26 15.55
C PRO QA 142 27.40 77.30 14.98
N LEU QA 143 26.51 76.85 15.86
CA LEU QA 143 25.44 75.89 15.58
C LEU QA 143 24.63 76.15 14.31
N ALA QA 144 24.36 77.41 14.03
CA ALA QA 144 23.56 77.81 12.88
C ALA QA 144 24.17 77.41 11.53
N HIS QA 145 25.44 77.06 11.51
CA HIS QA 145 26.08 76.69 10.27
C HIS QA 145 26.42 75.23 10.29
N GLN QA 146 26.77 74.73 11.47
CA GLN QA 146 27.16 73.35 11.66
C GLN QA 146 26.05 72.38 11.30
N ILE QA 147 24.82 72.79 11.56
CA ILE QA 147 23.65 72.02 11.20
C ILE QA 147 23.60 71.59 9.73
N SER QA 148 24.27 72.33 8.83
CA SER QA 148 24.24 71.98 7.43
C SER QA 148 25.15 70.81 7.10
N ASP QA 149 26.17 70.57 7.92
CA ASP QA 149 27.04 69.43 7.68
C ASP QA 149 26.33 68.18 8.02
N ILE QA 150 25.60 68.22 9.13
CA ILE QA 150 24.86 67.05 9.56
C ILE QA 150 23.86 66.66 8.53
N LYS QA 151 23.12 67.64 8.04
CA LYS QA 151 22.08 67.40 7.09
C LYS QA 151 22.62 66.89 5.76
N ARG QA 152 23.74 67.44 5.30
CA ARG QA 152 24.33 66.97 4.04
C ARG QA 152 24.86 65.56 4.15
N PHE QA 153 25.53 65.29 5.26
CA PHE QA 153 26.07 63.98 5.53
C PHE QA 153 25.00 62.93 5.52
N LEU QA 154 23.93 63.17 6.24
CA LEU QA 154 22.84 62.23 6.31
C LEU QA 154 22.14 62.06 4.97
N LYS QA 155 22.02 63.13 4.19
CA LYS QA 155 21.33 63.05 2.91
C LYS QA 155 21.89 61.96 2.01
N ASN QA 156 23.19 61.88 1.86
CA ASN QA 156 23.74 60.82 1.02
C ASN QA 156 24.15 59.57 1.79
N SER QA 157 23.68 59.43 3.03
CA SER QA 157 23.96 58.26 3.83
C SER QA 157 22.84 57.24 3.73
N PHE QA 158 21.89 57.45 2.84
CA PHE QA 158 20.83 56.47 2.75
C PHE QA 158 20.10 56.55 1.41
N ALA QA 159 19.76 55.38 0.90
CA ALA QA 159 19.13 55.12 -0.40
C ALA QA 159 18.22 56.22 -0.95
N ASP QA 160 17.30 56.74 -0.15
CA ASP QA 160 16.40 57.75 -0.71
C ASP QA 160 15.80 58.68 0.32
N VAL QA 161 16.52 59.76 0.60
CA VAL QA 161 16.05 60.80 1.50
C VAL QA 161 16.17 62.13 0.79
N ASP QA 162 15.75 63.20 1.44
CA ASP QA 162 15.87 64.52 0.84
C ASP QA 162 15.94 65.58 1.93
N TYR QA 163 16.20 66.82 1.54
CA TYR QA 163 16.38 67.87 2.53
C TYR QA 163 15.09 68.34 3.23
N ASP QA 164 13.94 67.80 2.84
CA ASP QA 164 12.71 68.15 3.51
C ASP QA 164 12.28 67.07 4.49
N ASN QA 165 12.92 65.91 4.40
CA ASN QA 165 12.56 64.80 5.26
C ASN QA 165 13.66 64.45 6.24
N ILE QA 166 14.55 65.40 6.48
CA ILE QA 166 15.62 65.25 7.45
C ILE QA 166 15.54 66.39 8.45
N SER QA 167 15.32 66.07 9.72
CA SER QA 167 15.22 67.13 10.71
C SER QA 167 16.30 67.06 11.76
N VAL QA 168 16.91 68.20 12.05
CA VAL QA 168 17.97 68.27 13.04
C VAL QA 168 17.66 69.31 14.10
N VAL QA 169 17.64 68.87 15.34
CA VAL QA 169 17.41 69.74 16.48
C VAL QA 169 18.64 69.68 17.36
N LEU QA 170 19.21 70.81 17.68
CA LEU QA 170 20.44 70.80 18.42
C LEU QA 170 20.66 71.99 19.33
N SER QA 171 21.67 71.86 20.18
CA SER QA 171 22.05 72.91 21.12
C SER QA 171 23.48 72.70 21.61
N GLU QA 172 23.80 73.28 22.77
CA GLU QA 172 25.14 73.18 23.30
C GLU QA 172 25.11 72.96 24.80
N ARG QA 173 26.23 72.49 25.33
CA ARG QA 173 26.31 72.17 26.76
C ARG QA 173 26.16 73.40 27.65
N SER QA 174 25.81 73.14 28.91
CA SER QA 174 25.64 74.14 29.95
C SER QA 174 26.97 74.44 30.66
N ASP QA 175 26.92 75.39 31.60
CA ASP QA 175 28.08 75.78 32.40
C ASP QA 175 28.54 74.60 33.24
N ALA QA 176 29.76 74.12 32.97
CA ALA QA 176 30.30 72.93 33.63
C ALA QA 176 30.36 73.05 35.13
N GLN QA 177 29.91 72.00 35.81
CA GLN QA 177 29.94 72.00 37.27
C GLN QA 177 31.31 71.57 37.73
N LEU QA 178 32.19 72.54 37.89
CA LEU QA 178 33.56 72.26 38.27
C LEU QA 178 33.84 72.50 39.76
N GLN QA 179 32.80 72.73 40.56
CA GLN QA 179 32.98 73.01 41.97
C GLN QA 179 32.21 72.06 42.87
N ALA QA 180 32.83 71.67 43.98
CA ALA QA 180 32.15 70.78 44.91
C ALA QA 180 31.04 71.51 45.65
N PRO QA 181 29.90 70.84 45.90
CA PRO QA 181 28.72 71.29 46.65
C PRO QA 181 29.02 71.83 48.05
N GLY QA 182 29.87 71.13 48.77
CA GLY QA 182 30.24 71.54 50.12
C GLY QA 182 29.43 70.78 51.16
N THR QA 183 29.94 70.73 52.38
CA THR QA 183 29.27 70.04 53.47
C THR QA 183 28.28 70.96 54.16
N PRO QA 184 27.37 70.41 54.97
CA PRO QA 184 26.39 71.09 55.79
C PRO QA 184 27.07 71.79 56.95
N VAL QA 185 26.44 72.84 57.46
CA VAL QA 185 27.01 73.59 58.57
C VAL QA 185 26.61 73.00 59.90
N LYS QA 186 27.59 72.45 60.60
CA LYS QA 186 27.39 71.88 61.93
C LYS QA 186 28.70 71.38 62.50
N ALA RA 42 29.84 82.16 60.55
CA ALA RA 42 29.44 81.56 59.27
C ALA RA 42 29.15 82.65 58.25
N GLU RA 43 30.16 83.40 57.85
CA GLU RA 43 29.98 84.44 56.87
C GLU RA 43 29.40 83.87 55.59
N LEU RA 44 28.30 84.46 55.14
CA LEU RA 44 27.59 84.00 53.96
C LEU RA 44 28.47 83.84 52.73
N ASP RA 45 29.44 84.74 52.55
CA ASP RA 45 30.35 84.63 51.43
C ASP RA 45 31.12 83.32 51.42
N SER RA 46 31.42 82.79 52.60
CA SER RA 46 32.14 81.53 52.67
C SER RA 46 31.18 80.36 52.60
N LEU RA 47 29.92 80.59 52.92
CA LEU RA 47 28.90 79.56 52.82
C LEU RA 47 28.57 79.24 51.36
N LEU RA 48 28.58 80.29 50.53
CA LEU RA 48 28.33 80.13 49.10
C LEU RA 48 29.56 79.54 48.40
N GLY RA 49 29.33 78.95 47.23
CA GLY RA 49 30.35 78.26 46.40
C GLY RA 49 31.76 78.89 46.32
N GLN RA 50 32.72 78.08 45.84
CA GLN RA 50 34.12 78.48 45.70
C GLN RA 50 34.29 79.71 44.83
N GLU RA 51 33.58 79.75 43.72
CA GLU RA 51 33.64 80.91 42.87
C GLU RA 51 32.65 81.93 43.38
N LYS RA 52 33.06 82.65 44.41
CA LYS RA 52 32.23 83.64 45.07
C LYS RA 52 31.75 84.76 44.15
N GLU RA 53 32.39 84.92 43.00
CA GLU RA 53 32.04 85.96 42.07
C GLU RA 53 30.77 85.65 41.28
N ARG RA 54 30.15 84.48 41.54
CA ARG RA 54 28.90 84.15 40.89
C ARG RA 54 27.72 84.78 41.61
N PHE RA 55 27.95 85.30 42.82
CA PHE RA 55 26.86 85.87 43.59
C PHE RA 55 27.17 87.27 44.08
N GLN RA 56 26.14 88.09 44.16
CA GLN RA 56 26.33 89.41 44.73
C GLN RA 56 25.52 89.54 46.00
N VAL RA 57 26.19 89.51 47.13
CA VAL RA 57 25.49 89.64 48.39
C VAL RA 57 25.16 91.09 48.66
N LEU RA 58 23.90 91.34 49.00
CA LEU RA 58 23.40 92.69 49.21
C LEU RA 58 22.86 92.86 50.64
N PRO RA 59 23.04 94.02 51.24
CA PRO RA 59 22.57 94.25 52.62
C PRO RA 59 21.34 95.12 52.63
N GLY RA 60 20.16 94.49 52.69
CA GLY RA 60 18.91 95.23 52.67
C GLY RA 60 18.67 96.03 53.94
N ARG RA 61 17.96 97.14 53.80
CA ARG RA 61 17.64 98.02 54.92
C ARG RA 61 16.65 97.39 55.89
N ASP RA 62 16.00 96.32 55.46
CA ASP RA 62 15.08 95.55 56.27
C ASP RA 62 15.76 94.48 57.13
N LYS RA 63 17.10 94.54 57.23
CA LYS RA 63 17.92 93.59 57.99
C LYS RA 63 17.96 92.20 57.37
N MET RA 64 17.60 92.10 56.10
CA MET RA 64 17.68 90.85 55.39
C MET RA 64 18.86 90.88 54.45
N LEU RA 65 19.67 89.84 54.52
CA LEU RA 65 20.84 89.77 53.68
C LEU RA 65 20.42 89.06 52.39
N TYR RA 66 20.57 89.74 51.27
CA TYR RA 66 20.10 89.20 50.02
C TYR RA 66 21.19 88.59 49.17
N VAL RA 67 20.84 87.56 48.40
CA VAL RA 67 21.80 86.93 47.50
C VAL RA 67 21.37 87.07 46.07
N ALA RA 68 22.00 87.97 45.33
CA ALA RA 68 21.60 88.13 43.94
C ALA RA 68 22.28 87.10 43.06
N ALA RA 69 21.45 86.33 42.36
CA ALA RA 69 21.92 85.32 41.44
C ALA RA 69 21.53 85.67 40.02
N GLN RA 70 22.39 85.33 39.07
CA GLN RA 70 22.16 85.64 37.67
C GLN RA 70 21.52 84.51 36.87
N ASN RA 71 21.33 83.37 37.51
CA ASN RA 71 20.78 82.20 36.81
C ASN RA 71 20.06 81.29 37.76
N GLU RA 72 18.97 80.69 37.31
CA GLU RA 72 18.17 79.80 38.14
C GLU RA 72 18.96 78.62 38.74
N ARG RA 73 20.09 78.25 38.14
CA ARG RA 73 20.91 77.19 38.72
C ARG RA 73 21.63 77.71 39.94
N ASP RA 74 21.94 79.00 39.94
CA ASP RA 74 22.65 79.62 41.02
C ASP RA 74 21.64 80.00 42.08
N THR RA 75 20.42 80.31 41.62
CA THR RA 75 19.33 80.60 42.52
C THR RA 75 19.10 79.40 43.40
N LEU RA 76 18.97 78.23 42.78
CA LEU RA 76 18.78 77.01 43.53
C LEU RA 76 19.96 76.69 44.40
N TRP RA 77 21.17 76.91 43.89
CA TRP RA 77 22.38 76.67 44.65
C TRP RA 77 22.31 77.38 46.00
N ALA RA 78 22.08 78.69 45.94
CA ALA RA 78 21.99 79.52 47.12
C ALA RA 78 20.85 79.11 48.05
N ARG RA 79 19.71 78.73 47.47
CA ARG RA 79 18.59 78.31 48.30
C ARG RA 79 18.93 77.04 49.06
N GLN RA 80 19.67 76.14 48.41
CA GLN RA 80 20.08 74.92 49.08
C GLN RA 80 21.03 75.25 50.19
N VAL RA 81 21.90 76.23 50.00
CA VAL RA 81 22.80 76.65 51.06
C VAL RA 81 22.04 77.12 52.28
N LEU RA 82 21.04 77.95 52.07
CA LEU RA 82 20.25 78.45 53.18
C LEU RA 82 19.48 77.35 53.92
N ALA RA 83 18.99 76.35 53.18
CA ALA RA 83 18.26 75.24 53.80
C ALA RA 83 19.20 74.19 54.42
N ARG RA 84 20.35 73.97 53.79
CA ARG RA 84 21.32 72.96 54.23
C ARG RA 84 22.16 73.42 55.40
N GLY RA 85 22.78 74.57 55.22
CA GLY RA 85 23.65 75.14 56.24
C GLY RA 85 22.87 76.06 57.12
N ASP RA 86 23.54 77.06 57.64
CA ASP RA 86 22.83 77.98 58.51
C ASP RA 86 23.50 79.32 58.54
N TYR RA 87 22.72 80.31 58.91
CA TYR RA 87 23.15 81.67 59.04
C TYR RA 87 22.12 82.38 59.88
N ASP RA 88 22.52 82.78 61.09
CA ASP RA 88 21.61 83.42 62.02
C ASP RA 88 21.26 84.86 61.63
N LYS RA 89 20.42 84.99 60.61
CA LYS RA 89 19.98 86.29 60.12
C LYS RA 89 19.04 86.12 58.95
N ASN RA 90 18.08 87.02 58.85
CA ASN RA 90 17.16 86.99 57.73
C ASN RA 90 17.94 86.97 56.44
N ALA RA 91 17.50 86.16 55.49
CA ALA RA 91 18.17 86.06 54.21
C ALA RA 91 17.21 85.67 53.11
N ARG RA 92 17.50 86.09 51.89
CA ARG RA 92 16.62 85.79 50.77
C ARG RA 92 17.32 85.91 49.43
N VAL RA 93 17.18 84.88 48.61
CA VAL RA 93 17.79 84.84 47.30
C VAL RA 93 17.01 85.63 46.27
N ILE RA 94 17.71 86.47 45.53
CA ILE RA 94 17.15 87.32 44.48
C ILE RA 94 17.36 86.76 43.08
N ASN RA 95 16.29 86.78 42.30
CA ASN RA 95 16.31 86.33 40.92
C ASN RA 95 15.64 87.36 40.04
N GLU RA 96 16.43 87.93 39.13
CA GLU RA 96 15.98 88.99 38.23
C GLU RA 96 14.57 88.82 37.65
N ASN RA 97 14.26 87.64 37.13
CA ASN RA 97 12.95 87.42 36.57
C ASN RA 97 11.89 87.29 37.63
N GLU RA 98 12.23 86.64 38.74
CA GLU RA 98 11.24 86.47 39.80
C GLU RA 98 10.89 87.79 40.42
N GLU RA 99 11.86 88.68 40.53
CA GLU RA 99 11.62 89.98 41.10
C GLU RA 99 10.87 90.86 40.15
N ASN RA 100 11.17 90.73 38.86
CA ASN RA 100 10.45 91.50 37.87
C ASN RA 100 8.97 91.14 37.98
N LYS RA 101 8.68 89.84 38.09
CA LYS RA 101 7.31 89.37 38.24
C LYS RA 101 6.65 89.83 39.53
N ARG RA 102 7.35 89.69 40.66
CA ARG RA 102 6.79 90.10 41.95
C ARG RA 102 6.33 91.53 41.92
N ILE RA 103 7.17 92.39 41.38
CA ILE RA 103 6.85 93.78 41.26
C ILE RA 103 5.67 94.01 40.36
N SER RA 104 5.66 93.36 39.19
CA SER RA 104 4.57 93.57 38.25
C SER RA 104 3.21 93.21 38.83
N ILE RA 105 3.18 92.25 39.75
CA ILE RA 105 1.92 91.88 40.39
C ILE RA 105 1.39 93.01 41.23
N TRP RA 106 2.23 93.51 42.13
CA TRP RA 106 1.86 94.60 43.01
C TRP RA 106 1.50 95.83 42.21
N LEU RA 107 2.32 96.09 41.21
CA LEU RA 107 2.19 97.25 40.36
C LEU RA 107 0.87 97.24 39.64
N ASP RA 108 0.45 96.10 39.09
CA ASP RA 108 -0.84 96.05 38.42
C ASP RA 108 -2.01 96.38 39.37
N THR RA 109 -1.94 95.89 40.61
CA THR RA 109 -3.01 96.17 41.58
C THR RA 109 -3.12 97.63 41.97
N TYR RA 110 -2.00 98.26 42.28
CA TYR RA 110 -2.01 99.63 42.75
C TYR RA 110 -1.95 100.66 41.63
N TYR RA 111 -1.30 100.32 40.53
CA TYR RA 111 -1.24 101.16 39.36
C TYR RA 111 -1.73 100.44 38.10
N PRO RA 112 -3.01 100.10 38.03
CA PRO RA 112 -3.63 99.42 36.93
C PRO RA 112 -3.59 100.35 35.75
N GLN RA 113 -3.51 99.77 34.56
CA GLN RA 113 -3.39 100.48 33.30
C GLN RA 113 -2.03 101.17 33.09
N LEU RA 114 -1.07 101.03 34.03
CA LEU RA 114 0.24 101.62 33.82
C LEU RA 114 0.94 100.94 32.66
N ALA RA 115 1.41 101.71 31.69
CA ALA RA 115 2.07 101.11 30.54
C ALA RA 115 3.58 101.09 30.76
N TYR RA 116 4.15 99.90 30.87
CA TYR RA 116 5.58 99.78 31.12
C TYR RA 116 6.15 98.55 30.46
N TYR RA 117 7.48 98.46 30.46
CA TYR RA 117 8.18 97.37 29.78
C TYR RA 117 8.84 96.38 30.73
N ARG RA 118 10.01 96.70 31.24
CA ARG RA 118 10.71 95.76 32.08
C ARG RA 118 11.71 96.45 32.98
N ILE RA 119 11.91 95.89 34.17
CA ILE RA 119 12.89 96.45 35.08
C ILE RA 119 14.24 95.81 34.87
N HIS RA 120 15.23 96.65 34.66
CA HIS RA 120 16.59 96.21 34.42
C HIS RA 120 17.35 96.31 35.72
N PHE RA 121 17.62 95.19 36.33
CA PHE RA 121 18.24 95.21 37.63
C PHE RA 121 19.72 95.51 37.57
N ASP RA 122 20.42 94.92 36.60
CA ASP RA 122 21.88 95.13 36.36
C ASP RA 122 22.66 95.47 37.62
N GLU RA 123 22.70 96.75 37.99
CA GLU RA 123 23.36 97.20 39.21
C GLU RA 123 22.34 97.30 40.35
N PRO RA 124 22.11 96.20 41.08
CA PRO RA 124 21.14 96.06 42.20
C PRO RA 124 20.69 97.38 42.85
N ARG RA 125 21.65 98.18 43.27
CA ARG RA 125 21.44 99.45 43.94
C ARG RA 125 20.50 100.42 43.23
N LYS RA 126 20.63 100.49 41.92
CA LYS RA 126 19.85 101.41 41.13
C LYS RA 126 19.29 100.77 39.86
N PRO RA 127 18.22 99.98 39.95
CA PRO RA 127 17.55 99.31 38.87
C PRO RA 127 16.85 100.35 38.02
N VAL RA 128 16.71 100.05 36.74
CA VAL RA 128 16.10 100.97 35.80
C VAL RA 128 14.73 100.49 35.40
N PHE RA 129 13.76 101.38 35.46
CA PHE RA 129 12.40 101.02 35.15
C PHE RA 129 11.98 101.60 33.81
N TRP RA 130 11.81 100.75 32.79
CA TRP RA 130 11.37 101.29 31.51
C TRP RA 130 9.86 101.50 31.51
N LEU RA 131 9.47 102.72 31.18
CA LEU RA 131 8.09 103.19 31.18
C LEU RA 131 7.68 103.69 29.80
N SER RA 132 6.47 103.36 29.34
CA SER RA 132 6.07 103.82 28.00
C SER RA 132 5.93 105.34 27.93
N ARG RA 133 6.84 105.99 27.21
CA ARG RA 133 6.84 107.43 27.05
C ARG RA 133 5.56 107.96 26.43
N GLN RA 134 5.09 107.28 25.40
CA GLN RA 134 3.93 107.73 24.66
C GLN RA 134 2.60 107.40 25.30
N ARG RA 135 2.47 106.24 25.94
CA ARG RA 135 1.19 105.89 26.53
C ARG RA 135 0.91 106.46 27.90
N ASN RA 136 1.94 106.79 28.66
CA ASN RA 136 1.69 107.34 29.99
C ASN RA 136 1.69 108.86 29.99
N THR RA 137 0.77 109.42 30.77
CA THR RA 137 0.61 110.87 30.88
C THR RA 137 0.77 111.35 32.32
N MET RA 138 1.51 110.57 33.12
CA MET RA 138 1.73 110.92 34.52
C MET RA 138 2.59 112.16 34.66
N SER RA 139 2.31 112.95 35.70
CA SER RA 139 3.07 114.16 35.95
C SER RA 139 4.37 113.79 36.62
N LYS RA 140 5.30 114.73 36.62
CA LYS RA 140 6.60 114.52 37.26
C LYS RA 140 6.45 114.14 38.71
N LYS RA 141 5.52 114.80 39.41
CA LYS RA 141 5.27 114.53 40.81
C LYS RA 141 4.72 113.13 41.01
N GLU RA 142 3.82 112.73 40.12
CA GLU RA 142 3.26 111.39 40.19
C GLU RA 142 4.33 110.35 39.98
N LEU RA 143 5.25 110.61 39.06
CA LEU RA 143 6.35 109.70 38.80
C LEU RA 143 7.27 109.61 40.00
N GLU RA 144 7.46 110.72 40.72
CA GLU RA 144 8.24 110.68 41.95
C GLU RA 144 7.65 109.67 42.91
N VAL RA 145 6.35 109.80 43.13
CA VAL RA 145 5.63 108.91 44.02
C VAL RA 145 5.76 107.46 43.60
N LEU RA 146 5.59 107.22 42.31
CA LEU RA 146 5.73 105.88 41.75
C LEU RA 146 7.07 105.29 42.10
N SER RA 147 8.15 106.04 41.88
CA SER RA 147 9.48 105.51 42.19
C SER RA 147 9.64 105.22 43.65
N GLN RA 148 8.99 106.02 44.50
CA GLN RA 148 9.06 105.79 45.93
C GLN RA 148 8.38 104.50 46.32
N LYS RA 149 7.28 104.18 45.66
CA LYS RA 149 6.59 102.94 45.95
C LYS RA 149 7.44 101.77 45.50
N LEU RA 150 8.14 101.93 44.38
CA LEU RA 150 9.01 100.89 43.90
C LEU RA 150 10.17 100.68 44.85
N ARG RA 151 10.67 101.77 45.45
CA ARG RA 151 11.74 101.65 46.42
C ARG RA 151 11.28 100.84 47.61
N ALA RA 152 10.03 101.05 48.01
CA ALA RA 152 9.45 100.27 49.11
C ALA RA 152 9.41 98.79 48.76
N LEU RA 153 9.10 98.48 47.51
CA LEU RA 153 9.06 97.09 47.06
C LEU RA 153 10.43 96.42 47.00
N MET RA 154 11.50 97.21 46.88
CA MET RA 154 12.86 96.69 46.82
C MET RA 154 13.76 97.16 47.97
N PRO RA 155 13.75 96.44 49.11
CA PRO RA 155 14.49 96.63 50.37
C PRO RA 155 15.98 96.90 50.19
N TYR RA 156 16.56 96.38 49.13
CA TYR RA 156 17.98 96.57 48.89
C TYR RA 156 18.29 97.80 48.05
N ALA RA 157 17.49 98.02 47.02
CA ALA RA 157 17.69 99.14 46.11
C ALA RA 157 17.69 100.44 46.88
N ASP RA 158 18.57 101.33 46.49
CA ASP RA 158 18.67 102.61 47.16
C ASP RA 158 17.74 103.59 46.49
N SER RA 159 17.62 103.49 45.17
CA SER RA 159 16.72 104.36 44.42
C SER RA 159 16.31 103.68 43.14
N VAL RA 160 15.28 104.21 42.50
CA VAL RA 160 14.80 103.63 41.26
C VAL RA 160 14.87 104.64 40.13
N ASN RA 161 15.49 104.24 39.04
CA ASN RA 161 15.62 105.15 37.92
C ASN RA 161 14.54 104.91 36.89
N ILE RA 162 13.42 105.61 37.02
CA ILE RA 162 12.37 105.50 36.04
C ILE RA 162 12.70 106.32 34.83
N THR RA 163 12.60 105.70 33.67
CA THR RA 163 12.88 106.41 32.43
C THR RA 163 11.87 106.04 31.38
N LEU RA 164 11.60 106.98 30.49
CA LEU RA 164 10.57 106.80 29.50
C LEU RA 164 11.15 106.36 28.17
N MET RA 165 10.59 105.30 27.61
CA MET RA 165 11.03 104.72 26.34
C MET RA 165 10.03 104.96 25.23
N ASP RA 166 10.52 105.12 24.00
CA ASP RA 166 9.63 105.36 22.88
C ASP RA 166 9.15 104.07 22.24
N ASP RA 167 7.84 103.82 22.35
CA ASP RA 167 7.17 102.63 21.82
C ASP RA 167 7.55 102.30 20.38
N VAL RA 168 7.78 103.34 19.58
CA VAL RA 168 8.13 103.16 18.18
C VAL RA 168 9.46 102.46 18.01
N THR RA 169 10.43 102.79 18.87
CA THR RA 169 11.74 102.20 18.72
C THR RA 169 11.72 100.77 19.18
N ALA RA 170 10.83 100.44 20.11
CA ALA RA 170 10.69 99.06 20.55
C ALA RA 170 10.21 98.21 19.40
N ALA RA 171 9.14 98.69 18.74
CA ALA RA 171 8.58 97.97 17.61
C ALA RA 171 9.55 97.91 16.44
N GLY RA 172 10.25 99.02 16.21
CA GLY RA 172 11.20 99.10 15.11
C GLY RA 172 12.28 98.06 15.22
N GLN RA 173 12.85 97.90 16.42
CA GLN RA 173 13.88 96.91 16.62
C GLN RA 173 13.35 95.50 16.43
N ALA RA 174 12.14 95.25 16.95
CA ALA RA 174 11.54 93.93 16.82
C ALA RA 174 11.45 93.51 15.37
N GLU RA 175 10.91 94.38 14.53
CA GLU RA 175 10.74 94.04 13.14
C GLU RA 175 12.04 94.02 12.38
N ALA RA 176 12.91 94.99 12.65
CA ALA RA 176 14.18 95.08 11.94
C ALA RA 176 15.01 93.82 12.08
N GLY RA 177 15.17 93.33 13.31
CA GLY RA 177 15.95 92.14 13.53
C GLY RA 177 15.28 90.92 12.91
N LEU RA 178 13.96 90.86 13.03
CA LEU RA 178 13.17 89.77 12.49
C LEU RA 178 13.39 89.61 10.98
N LYS RA 179 13.31 90.73 10.25
CA LYS RA 179 13.52 90.66 8.82
C LYS RA 179 15.00 90.54 8.46
N GLN RA 180 15.91 90.98 9.34
CA GLN RA 180 17.34 90.80 9.09
C GLN RA 180 17.68 89.33 9.02
N GLN RA 181 17.04 88.54 9.87
CA GLN RA 181 17.20 87.08 9.90
C GLN RA 181 16.54 86.37 8.70
N ALA RA 182 15.93 87.13 7.78
CA ALA RA 182 15.27 86.62 6.59
C ALA RA 182 14.09 85.74 6.93
N LEU RA 183 13.40 86.07 8.03
CA LEU RA 183 12.26 85.29 8.44
C LEU RA 183 10.99 85.86 7.84
N PRO RA 184 10.03 85.01 7.47
CA PRO RA 184 8.71 85.35 6.99
C PRO RA 184 7.86 85.73 8.17
N TYR RA 185 7.01 86.73 8.02
CA TYR RA 185 6.16 87.13 9.12
C TYR RA 185 5.07 88.06 8.67
N SER RA 186 4.11 88.29 9.55
CA SER RA 186 3.08 89.26 9.27
C SER RA 186 2.80 90.06 10.53
N ARG RA 187 2.99 91.36 10.44
CA ARG RA 187 2.83 92.26 11.56
C ARG RA 187 1.37 92.57 11.86
N ARG RA 188 1.06 92.67 13.16
CA ARG RA 188 -0.28 92.97 13.62
C ARG RA 188 -0.32 94.14 14.56
N ASN RA 189 -0.48 95.34 14.03
CA ASN RA 189 -0.57 96.51 14.88
C ASN RA 189 -1.95 96.60 15.47
N HIS RA 190 -2.02 96.89 16.76
CA HIS RA 190 -3.31 97.10 17.39
C HIS RA 190 -3.16 98.07 18.53
N LYS RA 191 -4.27 98.59 19.02
CA LYS RA 191 -4.14 99.54 20.10
C LYS RA 191 -3.53 98.86 21.30
N GLY RA 192 -2.44 99.43 21.79
CA GLY RA 192 -1.77 98.91 22.97
C GLY RA 192 -0.64 97.90 22.68
N GLY RA 193 -0.40 97.53 21.43
CA GLY RA 193 0.69 96.57 21.20
C GLY RA 193 0.85 96.12 19.75
N VAL RA 194 1.74 95.17 19.54
CA VAL RA 194 1.95 94.63 18.21
C VAL RA 194 2.35 93.17 18.26
N THR RA 195 1.79 92.38 17.36
CA THR RA 195 2.10 90.96 17.32
C THR RA 195 2.71 90.55 15.98
N PHE RA 196 3.76 89.75 16.03
CA PHE RA 196 4.45 89.28 14.84
C PHE RA 196 4.17 87.80 14.60
N VAL RA 197 3.33 87.54 13.60
CA VAL RA 197 2.89 86.20 13.30
C VAL RA 197 3.81 85.50 12.30
N ILE RA 198 4.28 84.32 12.68
CA ILE RA 198 5.15 83.53 11.82
C ILE RA 198 4.52 82.17 11.55
N GLN RA 199 3.95 81.99 10.37
CA GLN RA 199 3.30 80.73 10.03
C GLN RA 199 3.90 80.02 8.85
N GLY RA 200 3.44 78.80 8.63
CA GLY RA 200 3.88 77.97 7.52
C GLY RA 200 4.90 76.95 7.97
N ALA RA 201 5.32 76.09 7.05
CA ALA RA 201 6.34 75.11 7.35
C ALA RA 201 7.66 75.82 7.44
N LEU RA 202 8.49 75.42 8.40
CA LEU RA 202 9.75 76.11 8.57
C LEU RA 202 10.96 75.17 8.48
N ASP RA 203 12.02 75.68 7.88
CA ASP RA 203 13.29 74.99 7.76
C ASP RA 203 13.96 74.97 9.11
N ASP RA 204 14.55 73.85 9.50
CA ASP RA 204 15.21 73.76 10.79
C ASP RA 204 16.20 74.90 11.07
N VAL RA 205 16.81 75.42 10.01
CA VAL RA 205 17.77 76.50 10.16
C VAL RA 205 17.07 77.78 10.56
N GLU RA 206 16.00 78.14 9.85
CA GLU RA 206 15.28 79.35 10.19
C GLU RA 206 14.53 79.22 11.50
N ILE RA 207 14.22 78.00 11.92
CA ILE RA 207 13.60 77.82 13.22
C ILE RA 207 14.57 78.22 14.31
N LEU RA 208 15.81 77.73 14.20
CA LEU RA 208 16.83 78.08 15.17
C LEU RA 208 17.03 79.57 15.23
N ARG RA 209 17.21 80.20 14.08
CA ARG RA 209 17.41 81.64 14.01
C ARG RA 209 16.28 82.42 14.63
N ALA RA 210 15.05 81.99 14.36
CA ALA RA 210 13.89 82.67 14.88
C ALA RA 210 13.89 82.68 16.39
N ARG RA 211 14.11 81.52 16.99
CA ARG RA 211 14.10 81.46 18.44
C ARG RA 211 15.18 82.30 19.07
N GLN RA 212 16.39 82.26 18.50
CA GLN RA 212 17.48 83.03 19.06
C GLN RA 212 17.14 84.50 19.12
N PHE RA 213 16.58 85.01 18.02
CA PHE RA 213 16.17 86.40 17.96
C PHE RA 213 15.12 86.75 18.99
N VAL RA 214 14.07 85.93 19.04
CA VAL RA 214 12.98 86.18 19.96
C VAL RA 214 13.40 86.19 21.40
N ASP RA 215 14.22 85.22 21.80
CA ASP RA 215 14.70 85.17 23.17
C ASP RA 215 15.45 86.43 23.55
N SER RA 216 16.30 86.92 22.64
CA SER RA 216 17.06 88.12 22.93
C SER RA 216 16.18 89.35 23.05
N TYR RA 217 15.20 89.48 22.16
CA TYR RA 217 14.31 90.63 22.21
C TYR RA 217 13.55 90.64 23.53
N TYR RA 218 13.04 89.48 23.90
CA TYR RA 218 12.33 89.33 25.16
C TYR RA 218 13.20 89.72 26.32
N ARG RA 219 14.40 89.17 26.38
CA ARG RA 219 15.33 89.48 27.46
C ARG RA 219 15.53 90.97 27.64
N THR RA 220 15.65 91.71 26.54
CA THR RA 220 15.84 93.15 26.62
C THR RA 220 14.57 93.93 26.94
N TRP RA 221 13.63 93.90 26.01
CA TRP RA 221 12.42 94.70 26.15
C TRP RA 221 11.31 94.06 26.97
N GLY RA 222 11.22 92.75 26.93
CA GLY RA 222 10.14 92.06 27.64
C GLY RA 222 8.98 91.84 26.66
N GLY RA 223 7.99 91.06 27.08
CA GLY RA 223 6.87 90.73 26.21
C GLY RA 223 5.57 91.48 26.50
N ARG RA 224 5.64 92.72 27.00
CA ARG RA 224 4.43 93.44 27.31
C ARG RA 224 3.90 94.30 26.16
N TYR RA 225 4.74 94.56 25.16
CA TYR RA 225 4.31 95.37 24.04
C TYR RA 225 4.40 94.57 22.75
N VAL RA 226 5.55 93.94 22.55
CA VAL RA 226 5.76 93.12 21.39
C VAL RA 226 5.55 91.65 21.70
N GLN RA 227 4.65 91.02 20.97
CA GLN RA 227 4.35 89.62 21.14
C GLN RA 227 4.71 88.85 19.88
N PHE RA 228 5.49 87.80 20.03
CA PHE RA 228 5.83 86.99 18.85
C PHE RA 228 4.96 85.76 18.84
N ALA RA 229 4.67 85.25 17.65
CA ALA RA 229 3.81 84.08 17.53
C ALA RA 229 4.29 83.09 16.49
N ILE RA 230 5.20 82.20 16.90
CA ILE RA 230 5.72 81.19 15.99
C ILE RA 230 4.76 80.02 15.93
N GLU RA 231 4.29 79.71 14.73
CA GLU RA 231 3.35 78.63 14.52
C GLU RA 231 3.77 77.71 13.38
N LEU RA 232 4.37 76.59 13.74
CA LEU RA 232 4.83 75.61 12.79
C LEU RA 232 3.66 74.83 12.21
N LYS RA 233 3.33 75.09 10.95
CA LYS RA 233 2.17 74.46 10.31
C LYS RA 233 2.44 73.90 8.92
N ASP RA 234 1.60 72.96 8.50
CA ASP RA 234 1.71 72.37 7.16
C ASP RA 234 1.13 73.27 6.10
N ASP RA 235 1.74 73.22 4.91
CA ASP RA 235 1.29 74.00 3.77
C ASP RA 235 0.74 73.09 2.67
N ASP SA 3 41.56 60.79 45.99
CA ASP SA 3 41.56 59.34 45.99
C ASP SA 3 40.14 58.79 45.88
N LYS SA 4 39.51 59.05 44.75
CA LYS SA 4 38.15 58.59 44.54
C LYS SA 4 38.05 57.61 43.39
N ASP SA 5 37.16 56.63 43.52
CA ASP SA 5 36.95 55.67 42.45
C ASP SA 5 35.98 56.26 41.45
N LEU SA 6 36.35 56.26 40.18
CA LEU SA 6 35.49 56.82 39.15
C LEU SA 6 34.88 55.70 38.33
N LEU SA 7 35.74 54.92 37.65
CA LEU SA 7 35.26 53.81 36.82
C LEU SA 7 35.95 52.49 37.16
N LYS SA 8 35.24 51.38 36.95
CA LYS SA 8 35.81 50.06 37.21
C LYS SA 8 35.41 49.04 36.16
N GLY SA 9 36.28 48.06 35.93
CA GLY SA 9 35.95 46.99 34.99
C GLY SA 9 36.08 47.41 33.54
N LEU SA 10 36.92 48.40 33.27
CA LEU SA 10 37.07 48.89 31.92
C LEU SA 10 37.97 48.01 31.11
N ASP SA 11 37.75 47.97 29.81
CA ASP SA 11 38.68 47.22 29.00
C ASP SA 11 39.80 48.18 28.65
N GLN SA 12 40.79 47.70 27.93
CA GLN SA 12 41.94 48.53 27.61
C GLN SA 12 41.61 49.78 26.82
N GLU SA 13 40.83 49.62 25.75
CA GLU SA 13 40.46 50.74 24.90
C GLU SA 13 39.72 51.82 25.64
N GLN SA 14 38.68 51.41 26.36
CA GLN SA 14 37.85 52.33 27.14
C GLN SA 14 38.67 53.10 28.13
N ALA SA 15 39.53 52.40 28.85
CA ALA SA 15 40.34 53.03 29.87
C ALA SA 15 41.18 54.14 29.28
N ASN SA 16 41.86 53.86 28.18
CA ASN SA 16 42.70 54.89 27.58
C ASN SA 16 41.91 56.05 27.00
N GLU SA 17 40.71 55.78 26.48
CA GLU SA 17 39.89 56.85 25.93
C GLU SA 17 39.39 57.81 26.99
N VAL SA 18 38.91 57.26 28.11
CA VAL SA 18 38.41 58.10 29.18
C VAL SA 18 39.51 58.97 29.74
N ILE SA 19 40.68 58.38 29.93
CA ILE SA 19 41.81 59.12 30.44
C ILE SA 19 42.17 60.27 29.54
N ALA SA 20 42.19 60.04 28.23
CA ALA SA 20 42.50 61.09 27.28
C ALA SA 20 41.61 62.31 27.49
N VAL SA 21 40.31 62.07 27.66
CA VAL SA 21 39.37 63.16 27.87
C VAL SA 21 39.65 63.92 29.16
N LEU SA 22 39.88 63.19 30.24
CA LEU SA 22 40.13 63.83 31.51
C LEU SA 22 41.37 64.71 31.47
N GLN SA 23 42.42 64.23 30.82
CA GLN SA 23 43.65 65.01 30.70
C GLN SA 23 43.41 66.25 29.89
N MET SA 24 42.65 66.12 28.82
CA MET SA 24 42.30 67.26 27.98
C MET SA 24 41.64 68.37 28.78
N HIS SA 25 40.83 67.98 29.76
CA HIS SA 25 40.17 68.96 30.62
C HIS SA 25 40.92 69.25 31.92
N ASN SA 26 42.22 69.02 31.94
CA ASN SA 26 43.07 69.32 33.08
C ASN SA 26 42.80 68.49 34.32
N ILE SA 27 42.61 67.18 34.13
CA ILE SA 27 42.41 66.26 35.24
C ILE SA 27 43.37 65.07 35.18
N GLU SA 28 44.19 64.91 36.22
CA GLU SA 28 45.08 63.76 36.29
C GLU SA 28 44.27 62.51 36.58
N ALA SA 29 44.70 61.38 36.05
CA ALA SA 29 43.96 60.14 36.28
C ALA SA 29 44.88 58.93 36.37
N ASN SA 30 44.53 58.00 37.23
CA ASN SA 30 45.32 56.80 37.42
C ASN SA 30 44.68 55.62 36.75
N LYS SA 31 45.46 54.83 36.03
CA LYS SA 31 44.93 53.61 35.44
C LYS SA 31 45.44 52.42 36.24
N ILE SA 32 44.52 51.71 36.86
CA ILE SA 32 44.88 50.60 37.70
C ILE SA 32 44.55 49.26 37.08
N ASP SA 33 45.56 48.43 36.92
CA ASP SA 33 45.42 47.10 36.35
C ASP SA 33 45.06 46.09 37.43
N SER SA 34 43.81 45.61 37.41
CA SER SA 34 43.36 44.62 38.39
C SER SA 34 43.26 43.23 37.77
N GLY SA 35 44.07 42.97 36.75
CA GLY SA 35 44.12 41.67 36.11
C GLY SA 35 42.83 41.34 35.41
N LYS SA 36 42.29 40.16 35.71
CA LYS SA 36 41.05 39.66 35.11
C LYS SA 36 39.85 40.56 35.37
N LEU SA 37 39.95 41.45 36.37
CA LEU SA 37 38.83 42.30 36.68
C LEU SA 37 38.82 43.58 35.84
N GLY SA 38 39.83 43.78 35.00
CA GLY SA 38 39.85 44.94 34.12
C GLY SA 38 40.59 46.13 34.71
N TYR SA 39 40.34 47.30 34.14
CA TYR SA 39 40.99 48.51 34.59
C TYR SA 39 40.08 49.40 35.41
N SER SA 40 40.70 50.12 36.32
CA SER SA 40 39.97 51.07 37.13
C SER SA 40 40.58 52.44 37.02
N ILE SA 41 39.74 53.46 37.03
CA ILE SA 41 40.22 54.82 36.94
C ILE SA 41 39.92 55.58 38.20
N THR SA 42 40.96 56.16 38.79
CA THR SA 42 40.77 56.94 40.00
C THR SA 42 41.32 58.35 39.84
N VAL SA 43 40.75 59.28 40.59
CA VAL SA 43 41.15 60.68 40.50
C VAL SA 43 41.31 61.33 41.85
N ALA SA 44 42.01 62.46 41.86
CA ALA SA 44 42.18 63.22 43.09
C ALA SA 44 40.84 63.79 43.51
N GLU SA 45 40.58 63.77 44.81
CA GLU SA 45 39.33 64.27 45.35
C GLU SA 45 38.96 65.70 44.91
N PRO SA 46 39.92 66.65 44.82
CA PRO SA 46 39.71 68.01 44.32
C PRO SA 46 39.14 68.06 42.91
N ASP SA 47 39.45 67.07 42.09
CA ASP SA 47 38.99 67.05 40.71
C ASP SA 47 37.75 66.21 40.53
N PHE SA 48 37.53 65.26 41.44
CA PHE SA 48 36.42 64.32 41.38
C PHE SA 48 35.10 64.88 40.91
N THR SA 49 34.70 66.05 41.40
CA THR SA 49 33.43 66.64 40.97
C THR SA 49 33.42 66.91 39.49
N ALA SA 50 34.47 67.56 39.01
CA ALA SA 50 34.61 67.88 37.61
C ALA SA 50 34.71 66.62 36.78
N ALA SA 51 35.44 65.64 37.29
CA ALA SA 51 35.62 64.38 36.58
C ALA SA 51 34.27 63.75 36.29
N VAL SA 52 33.41 63.70 37.31
CA VAL SA 52 32.08 63.14 37.14
C VAL SA 52 31.30 63.88 36.08
N TYR SA 53 31.35 65.20 36.14
CA TYR SA 53 30.67 66.02 35.16
C TYR SA 53 31.05 65.64 33.74
N TRP SA 54 32.36 65.48 33.50
CA TRP SA 54 32.82 65.15 32.16
C TRP SA 54 32.48 63.73 31.74
N ILE SA 55 32.44 62.78 32.68
CA ILE SA 55 32.03 61.42 32.34
C ILE SA 55 30.61 61.43 31.80
N LYS SA 56 29.77 62.23 32.42
CA LYS SA 56 28.42 62.41 31.94
C LYS SA 56 28.40 63.06 30.57
N THR SA 57 29.05 64.21 30.47
CA THR SA 57 29.09 65.00 29.24
C THR SA 57 29.49 64.23 28.00
N TYR SA 58 30.52 63.40 28.13
CA TYR SA 58 31.01 62.65 26.99
C TYR SA 58 30.53 61.21 26.89
N GLN SA 59 29.44 60.86 27.57
CA GLN SA 59 28.92 59.50 27.47
C GLN SA 59 29.98 58.44 27.73
N LEU SA 60 30.74 58.57 28.82
CA LEU SA 60 31.80 57.63 29.09
C LEU SA 60 31.40 56.58 30.12
N PRO SA 61 32.01 55.40 30.04
CA PRO SA 61 32.99 54.90 29.09
C PRO SA 61 32.32 54.57 27.76
N PRO SA 62 33.08 54.60 26.66
CA PRO SA 62 32.67 54.37 25.27
C PRO SA 62 32.04 53.01 25.04
N ARG SA 63 31.10 52.97 24.11
CA ARG SA 63 30.48 51.72 23.71
C ARG SA 63 31.35 51.10 22.63
N PRO SA 64 31.20 49.81 22.35
CA PRO SA 64 31.89 49.08 21.30
C PRO SA 64 31.34 49.51 19.95
N ARG SA 65 32.18 49.47 18.93
CA ARG SA 65 31.80 49.92 17.61
C ARG SA 65 30.81 48.99 16.93
N VAL SA 66 29.76 49.58 16.35
CA VAL SA 66 28.71 48.84 15.69
C VAL SA 66 28.91 48.72 14.19
N GLU SA 67 28.90 47.48 13.73
CA GLU SA 67 29.06 47.14 12.32
C GLU SA 67 27.92 46.22 11.93
N ILE SA 68 27.41 46.36 10.72
CA ILE SA 68 26.22 45.64 10.30
C ILE SA 68 26.34 44.13 10.36
N ALA SA 69 27.47 43.59 9.94
CA ALA SA 69 27.67 42.14 9.94
C ALA SA 69 27.55 41.51 11.31
N GLN SA 70 27.64 42.29 12.38
CA GLN SA 70 27.56 41.74 13.71
C GLN SA 70 26.17 41.19 14.01
N MET SA 71 25.16 41.60 13.23
CA MET SA 71 23.82 41.11 13.45
C MET SA 71 23.36 40.07 12.45
N PHE SA 72 24.26 39.58 11.61
CA PHE SA 72 23.90 38.54 10.66
C PHE SA 72 25.05 37.58 10.53
N PRO SA 73 25.36 36.83 11.60
CA PRO SA 73 26.49 35.94 11.77
C PRO SA 73 26.42 34.68 10.93
N ALA SA 74 27.61 34.19 10.54
CA ALA SA 74 27.76 32.99 9.72
C ALA SA 74 27.47 31.73 10.49
N ASP SA 75 27.34 31.84 11.81
CA ASP SA 75 27.03 30.72 12.65
C ASP SA 75 25.60 30.22 12.46
N SER SA 76 24.74 31.01 11.80
CA SER SA 76 23.39 30.56 11.55
C SER SA 76 23.38 29.34 10.66
N LEU SA 77 22.48 28.42 10.98
CA LEU SA 77 22.34 27.16 10.25
C LEU SA 77 21.81 27.40 8.83
N VAL SA 78 21.06 28.48 8.67
CA VAL SA 78 20.48 28.83 7.39
C VAL SA 78 20.78 30.28 7.08
N SER SA 79 20.57 30.66 5.83
CA SER SA 79 20.82 32.04 5.43
C SER SA 79 19.77 32.48 4.45
N SER SA 80 19.77 33.76 4.14
CA SER SA 80 18.83 34.32 3.19
C SER SA 80 19.55 35.35 2.39
N PRO SA 81 19.10 35.62 1.17
CA PRO SA 81 19.61 36.62 0.25
C PRO SA 81 19.75 37.95 0.95
N ARG SA 82 18.76 38.27 1.77
CA ARG SA 82 18.76 39.51 2.52
C ARG SA 82 19.94 39.58 3.43
N ALA SA 83 20.14 38.53 4.23
CA ALA SA 83 21.24 38.50 5.17
C ALA SA 83 22.59 38.50 4.47
N GLU SA 84 22.72 37.71 3.41
CA GLU SA 84 23.98 37.60 2.71
C GLU SA 84 24.40 38.90 2.07
N LYS SA 85 23.46 39.60 1.45
CA LYS SA 85 23.79 40.85 0.81
C LYS SA 85 24.21 41.87 1.85
N ALA SA 86 23.54 41.87 3.00
CA ALA SA 86 23.91 42.78 4.08
C ALA SA 86 25.32 42.50 4.58
N ARG SA 87 25.65 41.23 4.75
CA ARG SA 87 26.98 40.85 5.20
C ARG SA 87 28.05 41.38 4.28
N LEU SA 88 27.83 41.23 2.98
CA LEU SA 88 28.79 41.72 2.02
C LEU SA 88 29.02 43.21 2.12
N TYR SA 89 27.94 43.98 2.16
CA TYR SA 89 28.08 45.42 2.24
C TYR SA 89 28.81 45.86 3.48
N SER SA 90 28.59 45.16 4.59
CA SER SA 90 29.26 45.49 5.82
C SER SA 90 30.77 45.40 5.64
N ALA SA 91 31.21 44.29 5.03
CA ALA SA 91 32.62 44.08 4.77
C ALA SA 91 33.18 45.14 3.86
N ILE SA 92 32.43 45.52 2.84
CA ILE SA 92 32.88 46.53 1.91
C ILE SA 92 33.10 47.87 2.58
N GLU SA 93 32.19 48.29 3.46
CA GLU SA 93 32.41 49.56 4.15
C GLU SA 93 33.69 49.52 4.94
N GLN SA 94 33.93 48.41 5.64
CA GLN SA 94 35.13 48.27 6.44
C GLN SA 94 36.37 48.36 5.59
N ARG SA 95 36.33 47.71 4.43
CA ARG SA 95 37.47 47.67 3.55
C ARG SA 95 37.76 49.05 2.98
N LEU SA 96 36.71 49.82 2.67
CA LEU SA 96 36.91 51.18 2.19
C LEU SA 96 37.51 52.08 3.27
N GLU SA 97 37.12 51.87 4.52
CA GLU SA 97 37.70 52.66 5.61
C GLU SA 97 39.17 52.36 5.75
N GLN SA 98 39.52 51.08 5.63
CA GLN SA 98 40.91 50.67 5.70
C GLN SA 98 41.74 51.36 4.63
N SER SA 99 41.15 51.54 3.44
CA SER SA 99 41.87 52.19 2.36
C SER SA 99 42.04 53.68 2.56
N LEU SA 100 40.97 54.39 2.94
CA LEU SA 100 41.09 55.84 3.08
C LEU SA 100 42.07 56.25 4.14
N GLN SA 101 42.19 55.46 5.19
CA GLN SA 101 43.12 55.80 6.25
C GLN SA 101 44.59 55.65 5.88
N THR SA 102 44.89 55.16 4.67
CA THR SA 102 46.26 55.06 4.23
C THR SA 102 46.64 56.22 3.32
N MET SA 103 45.68 57.09 3.00
CA MET SA 103 46.00 58.22 2.15
C MET SA 103 46.82 59.25 2.91
N GLU SA 104 47.69 59.93 2.20
CA GLU SA 104 48.57 60.93 2.77
C GLU SA 104 47.80 62.02 3.49
N GLY SA 105 48.15 62.23 4.74
CA GLY SA 105 47.54 63.28 5.54
C GLY SA 105 46.29 62.85 6.29
N VAL SA 106 45.77 61.66 6.01
CA VAL SA 106 44.56 61.23 6.69
C VAL SA 106 44.88 60.53 7.98
N LEU SA 107 44.27 61.00 9.05
CA LEU SA 107 44.46 60.45 10.38
C LEU SA 107 43.35 59.48 10.70
N SER SA 108 42.14 59.81 10.26
CA SER SA 108 40.99 58.95 10.51
C SER SA 108 39.90 59.12 9.47
N ALA SA 109 39.19 58.05 9.17
CA ALA SA 109 38.11 58.17 8.20
C ALA SA 109 37.05 57.11 8.38
N ARG SA 110 35.79 57.50 8.12
CA ARG SA 110 34.64 56.60 8.25
C ARG SA 110 33.84 56.59 6.95
N VAL SA 111 33.29 55.43 6.59
CA VAL SA 111 32.57 55.29 5.33
C VAL SA 111 31.23 54.61 5.46
N HIS SA 112 30.22 55.15 4.80
CA HIS SA 112 28.89 54.56 4.77
C HIS SA 112 28.44 54.30 3.36
N ILE SA 113 27.71 53.21 3.17
CA ILE SA 113 27.15 52.89 1.87
C ILE SA 113 25.69 52.58 2.05
N SER SA 114 24.86 53.02 1.11
CA SER SA 114 23.46 52.73 1.22
C SER SA 114 23.18 51.25 1.04
N TYR SA 115 22.05 50.80 1.56
CA TYR SA 115 21.69 49.39 1.48
C TYR SA 115 20.47 49.17 0.63
N ASP SA 116 20.30 47.94 0.18
CA ASP SA 116 19.17 47.52 -0.63
C ASP SA 116 18.67 46.23 -0.08
N ILE SA 117 17.54 46.30 0.59
CA ILE SA 117 16.99 45.15 1.26
C ILE SA 117 15.83 44.48 0.54
N ASP SA 118 15.17 45.19 -0.36
CA ASP SA 118 14.06 44.54 -1.03
C ASP SA 118 13.71 45.04 -2.42
N ALA SA 119 14.69 45.46 -3.22
CA ALA SA 119 14.38 45.86 -4.61
C ALA SA 119 13.88 44.64 -5.40
N GLY SA 120 14.78 43.70 -5.67
CA GLY SA 120 14.46 42.47 -6.41
C GLY SA 120 13.30 41.72 -5.77
N GLU SA 121 13.26 41.72 -4.44
CA GLU SA 121 12.17 41.13 -3.67
C GLU SA 121 10.79 41.57 -4.14
N ASN SA 122 10.67 42.85 -4.51
CA ASN SA 122 9.41 43.41 -4.94
C ASN SA 122 9.27 43.45 -6.47
N GLY SA 123 10.17 42.77 -7.19
CA GLY SA 123 10.12 42.79 -8.64
C GLY SA 123 10.69 44.08 -9.22
N ARG SA 124 11.41 44.84 -8.40
CA ARG SA 124 11.97 46.10 -8.82
C ARG SA 124 13.45 46.01 -9.13
N PRO SA 125 13.96 46.89 -9.99
CA PRO SA 125 15.34 47.08 -10.32
C PRO SA 125 15.99 47.76 -9.12
N PRO SA 126 17.28 47.60 -8.94
CA PRO SA 126 18.10 48.12 -7.86
C PRO SA 126 18.24 49.63 -7.97
N LYS SA 127 18.46 50.27 -6.83
CA LYS SA 127 18.62 51.71 -6.81
C LYS SA 127 20.08 52.08 -6.88
N PRO SA 128 20.39 53.33 -7.27
CA PRO SA 128 21.70 53.92 -7.34
C PRO SA 128 22.33 53.87 -5.99
N VAL SA 129 23.64 53.74 -5.94
CA VAL SA 129 24.32 53.62 -4.67
C VAL SA 129 24.74 54.96 -4.12
N HIS SA 130 24.47 55.18 -2.84
CA HIS SA 130 24.86 56.42 -2.21
C HIS SA 130 26.03 56.18 -1.27
N LEU SA 131 26.96 57.12 -1.24
CA LEU SA 131 28.11 57.01 -0.37
C LEU SA 131 28.32 58.26 0.44
N SER SA 132 28.82 58.10 1.65
CA SER SA 132 29.15 59.26 2.44
C SER SA 132 30.38 58.95 3.26
N ALA SA 133 31.14 59.97 3.60
CA ALA SA 133 32.35 59.70 4.35
C ALA SA 133 32.80 60.87 5.20
N LEU SA 134 33.48 60.54 6.28
CA LEU SA 134 34.02 61.52 7.19
C LEU SA 134 35.53 61.40 7.21
N ALA SA 135 36.22 62.52 7.35
CA ALA SA 135 37.68 62.41 7.42
C ALA SA 135 38.34 63.47 8.28
N VAL SA 136 39.42 63.06 8.93
CA VAL SA 136 40.24 63.93 9.76
C VAL SA 136 41.64 63.99 9.22
N TYR SA 137 42.10 65.20 8.95
CA TYR SA 137 43.44 65.42 8.41
C TYR SA 137 44.43 66.03 9.36
N GLU SA 138 45.71 65.86 9.01
CA GLU SA 138 46.78 66.49 9.74
C GLU SA 138 46.63 68.00 9.65
N ARG SA 139 46.69 68.65 10.80
CA ARG SA 139 46.51 70.08 10.87
C ARG SA 139 47.43 70.85 9.94
N GLY SA 140 46.85 71.77 9.18
CA GLY SA 140 47.58 72.60 8.23
C GLY SA 140 47.44 72.12 6.78
N SER SA 141 46.86 70.93 6.60
CA SER SA 141 46.64 70.33 5.30
C SER SA 141 45.54 71.09 4.49
N PRO SA 142 45.68 71.19 3.15
CA PRO SA 142 44.79 71.87 2.20
C PRO SA 142 43.51 71.09 1.86
N LEU SA 143 42.66 70.93 2.87
CA LEU SA 143 41.40 70.20 2.82
C LEU SA 143 40.51 70.47 1.61
N ALA SA 144 40.47 71.72 1.18
CA ALA SA 144 39.63 72.15 0.07
C ALA SA 144 39.98 71.48 -1.26
N HIS SA 145 41.15 70.87 -1.35
CA HIS SA 145 41.56 70.25 -2.58
C HIS SA 145 41.60 68.75 -2.41
N GLN SA 146 41.99 68.33 -1.21
CA GLN SA 146 42.12 66.92 -0.87
C GLN SA 146 40.81 66.18 -0.98
N ILE SA 147 39.72 66.86 -0.67
CA ILE SA 147 38.38 66.32 -0.82
C ILE SA 147 38.08 65.74 -2.21
N SER SA 148 38.77 66.22 -3.24
CA SER SA 148 38.50 65.74 -4.59
C SER SA 148 39.12 64.36 -4.84
N ASP SA 149 40.17 64.02 -4.09
CA ASP SA 149 40.77 62.70 -4.25
C ASP SA 149 39.87 61.66 -3.68
N ILE SA 150 39.30 61.98 -2.53
CA ILE SA 150 38.40 61.05 -1.88
C ILE SA 150 37.23 60.75 -2.75
N LYS SA 151 36.65 61.81 -3.29
CA LYS SA 151 35.47 61.69 -4.11
C LYS SA 151 35.73 60.94 -5.40
N ARG SA 152 36.88 61.18 -6.03
CA ARG SA 152 37.22 60.47 -7.26
C ARG SA 152 37.47 58.99 -7.02
N PHE SA 153 38.20 58.72 -5.95
CA PHE SA 153 38.50 57.36 -5.56
C PHE SA 153 37.26 56.56 -5.32
N LEU SA 154 36.35 57.11 -4.55
CA LEU SA 154 35.10 56.42 -4.25
C LEU SA 154 34.23 56.24 -5.48
N LYS SA 155 34.23 57.23 -6.39
CA LYS SA 155 33.39 57.15 -7.57
C LYS SA 155 33.62 55.87 -8.37
N ASN SA 156 34.87 55.51 -8.63
CA ASN SA 156 35.09 54.26 -9.36
C ASN SA 156 35.33 53.05 -8.47
N SER SA 157 35.00 53.16 -7.19
CA SER SA 157 35.13 52.05 -6.26
C SER SA 157 33.83 51.27 -6.13
N PHE SA 158 32.84 51.57 -6.94
CA PHE SA 158 31.60 50.84 -6.80
C PHE SA 158 30.76 50.91 -8.07
N ALA SA 159 30.13 49.79 -8.38
CA ALA SA 159 29.32 49.54 -9.58
C ALA SA 159 28.59 50.72 -10.17
N ASP SA 160 27.88 51.51 -9.38
CA ASP SA 160 27.14 52.61 -9.97
C ASP SA 160 26.86 53.76 -9.02
N VAL SA 161 27.79 54.69 -8.96
CA VAL SA 161 27.65 55.90 -8.17
C VAL SA 161 27.95 57.09 -9.07
N ASP SA 162 27.83 58.28 -8.53
CA ASP SA 162 28.12 59.47 -9.31
C ASP SA 162 28.52 60.61 -8.39
N TYR SA 163 28.98 61.72 -8.95
CA TYR SA 163 29.47 62.82 -8.14
C TYR SA 163 28.39 63.61 -7.38
N ASP SA 164 27.12 63.29 -7.60
CA ASP SA 164 26.07 63.97 -6.86
C ASP SA 164 25.56 63.11 -5.72
N ASN SA 165 25.94 61.83 -5.70
CA ASN SA 165 25.48 60.94 -4.67
C ASN SA 165 26.59 60.48 -3.76
N ILE SA 166 27.68 61.24 -3.74
CA ILE SA 166 28.81 60.99 -2.85
C ILE SA 166 29.07 62.22 -2.01
N SER SA 167 28.94 62.10 -0.70
CA SER SA 167 29.17 63.26 0.15
C SER SA 167 30.34 63.09 1.09
N VAL SA 168 31.18 64.11 1.15
CA VAL SA 168 32.33 64.06 2.03
C VAL SA 168 32.37 65.25 2.96
N VAL SA 169 32.41 64.97 4.25
CA VAL SA 169 32.49 65.99 5.28
C VAL SA 169 33.78 65.77 6.04
N LEU SA 170 34.59 66.79 6.15
CA LEU SA 170 35.88 66.61 6.77
C LEU SA 170 36.43 67.82 7.49
N SER SA 171 37.49 67.59 8.26
CA SER SA 171 38.18 68.63 9.00
C SER SA 171 39.58 68.19 9.38
N GLU SA 172 40.14 68.81 10.41
CA GLU SA 172 41.50 68.49 10.84
C GLU SA 172 41.60 68.45 12.34
N ARG SA 173 42.66 67.82 12.83
CA ARG SA 173 42.84 67.67 14.26
C ARG SA 173 43.04 68.98 15.00
N SER SA 174 42.79 68.94 16.30
CA SER SA 174 42.96 70.07 17.21
C SER SA 174 44.39 70.16 17.75
N ASP SA 175 44.64 71.20 18.56
CA ASP SA 175 45.95 71.43 19.19
C ASP SA 175 46.26 70.28 20.13
N ALA SA 176 47.32 69.53 19.81
CA ALA SA 176 47.69 68.34 20.57
C ALA SA 176 47.95 68.62 22.04
N GLN SA 177 47.39 67.76 22.90
CA GLN SA 177 47.59 67.92 24.33
C GLN SA 177 48.90 67.26 24.71
N LEU SA 178 49.96 68.05 24.66
CA LEU SA 178 51.29 67.54 24.95
C LEU SA 178 51.77 67.87 26.35
N GLN SA 179 50.91 68.41 27.20
CA GLN SA 179 51.31 68.81 28.54
C GLN SA 179 50.48 68.14 29.63
N ALA SA 180 51.12 67.75 30.72
CA ALA SA 180 50.42 67.13 31.83
C ALA SA 180 49.55 68.16 32.56
N PRO SA 181 48.35 67.77 33.00
CA PRO SA 181 47.38 68.55 33.78
C PRO SA 181 47.94 69.15 35.06
N GLY SA 182 48.71 68.38 35.81
CA GLY SA 182 49.32 68.85 37.04
C GLY SA 182 48.50 68.41 38.24
N THR SA 183 49.13 68.39 39.40
CA THR SA 183 48.47 67.98 40.63
C THR SA 183 47.76 69.16 41.28
N PRO SA 184 46.87 68.90 42.24
CA PRO SA 184 46.15 69.86 43.05
C PRO SA 184 47.08 70.53 44.03
N VAL SA 185 46.74 71.74 44.45
CA VAL SA 185 47.56 72.47 45.39
C VAL SA 185 47.22 72.13 46.82
N LYS SA 186 48.14 71.47 47.50
CA LYS SA 186 47.99 71.10 48.90
C LYS SA 186 49.24 70.43 49.41
N ALA TA 42 52.22 80.44 45.93
CA ALA TA 42 51.57 79.80 44.79
C ALA TA 42 51.37 80.79 43.66
N GLU TA 43 52.47 81.26 43.08
CA GLU TA 43 52.37 82.21 41.98
C GLU TA 43 51.54 81.63 40.85
N LEU TA 44 50.54 82.38 40.43
CA LEU TA 44 49.61 81.96 39.39
C LEU TA 44 50.30 81.47 38.12
N ASP TA 45 51.39 82.11 37.74
CA ASP TA 45 52.13 81.70 36.56
C ASP TA 45 52.62 80.27 36.65
N SER TA 46 52.95 79.81 37.85
CA SER TA 46 53.42 78.45 38.04
C SER TA 46 52.25 77.51 38.21
N LEU TA 47 51.09 78.04 38.61
CA LEU TA 47 49.90 77.22 38.75
C LEU TA 47 49.34 76.83 37.38
N LEU TA 48 49.45 77.74 36.42
CA LEU TA 48 49.01 77.49 35.05
C LEU TA 48 50.00 76.58 34.33
N GLY TA 49 49.54 75.93 33.26
CA GLY TA 49 50.30 74.95 32.46
C GLY TA 49 51.77 75.25 32.16
N GLN TA 50 52.49 74.21 31.70
CA GLN TA 50 53.92 74.29 31.38
C GLN TA 50 54.22 75.36 30.35
N GLU TA 51 53.40 75.42 29.32
CA GLU TA 51 53.59 76.44 28.31
C GLU TA 51 52.88 77.69 28.76
N LYS TA 52 53.54 78.42 29.65
CA LYS TA 52 53.01 79.64 30.24
C LYS TA 52 52.66 80.72 29.23
N GLU TA 53 53.18 80.61 28.01
CA GLU TA 53 52.92 81.58 26.99
C GLU TA 53 51.53 81.46 26.37
N ARG TA 54 50.73 80.49 26.84
CA ARG TA 54 49.37 80.34 26.36
C ARG TA 54 48.43 81.30 27.09
N PHE TA 55 48.90 81.88 28.20
CA PHE TA 55 48.05 82.74 28.98
C PHE TA 55 48.67 84.09 29.25
N GLN TA 56 47.84 85.12 29.31
CA GLN TA 56 48.35 86.42 29.68
C GLN TA 56 47.73 86.86 30.99
N VAL TA 57 48.51 86.82 32.05
CA VAL TA 57 48.01 87.23 33.34
C VAL TA 57 48.01 88.74 33.44
N LEU TA 58 46.86 89.29 33.86
CA LEU TA 58 46.66 90.72 33.93
C LEU TA 58 46.35 91.16 35.37
N PRO TA 59 46.82 92.32 35.79
CA PRO TA 59 46.57 92.81 37.15
C PRO TA 59 45.54 93.90 37.17
N GLY TA 60 44.28 93.54 37.43
CA GLY TA 60 43.20 94.52 37.42
C GLY TA 60 43.27 95.48 38.59
N ARG TA 61 42.77 96.70 38.37
CA ARG TA 61 42.78 97.75 39.39
C ARG TA 61 41.80 97.45 40.52
N ASP TA 62 40.90 96.50 40.30
CA ASP TA 62 39.96 96.03 41.30
C ASP TA 62 40.52 94.95 42.21
N LYS TA 63 41.84 94.73 42.18
CA LYS TA 63 42.54 93.74 42.99
C LYS TA 63 42.25 92.31 42.56
N MET TA 64 41.72 92.14 41.35
CA MET TA 64 41.47 90.82 40.82
C MET TA 64 42.51 90.50 39.76
N LEU TA 65 43.11 89.33 39.89
CA LEU TA 65 44.13 88.92 38.97
C LEU TA 65 43.44 88.18 37.84
N TYR TA 66 43.57 88.69 36.63
CA TYR TA 66 42.86 88.12 35.51
C TYR TA 66 43.71 87.20 34.65
N VAL TA 67 43.08 86.19 34.05
CA VAL TA 67 43.78 85.27 33.17
C VAL TA 67 43.23 85.33 31.78
N ALA TA 68 43.92 85.99 30.87
CA ALA TA 68 43.41 86.08 29.51
C ALA TA 68 43.76 84.83 28.72
N ALA TA 69 42.71 84.19 28.21
CA ALA TA 69 42.87 82.99 27.40
C ALA TA 69 42.39 83.26 25.99
N GLN TA 70 43.05 82.65 25.01
CA GLN TA 70 42.72 82.84 23.61
C GLN TA 70 41.79 81.78 23.03
N ASN TA 71 41.45 80.77 23.83
CA ASN TA 71 40.61 79.69 23.35
C ASN TA 71 39.84 79.06 24.48
N GLU TA 72 38.60 78.65 24.21
CA GLU TA 72 37.75 78.03 25.23
C GLU TA 72 38.36 76.80 25.90
N ARG TA 73 39.32 76.14 25.25
CA ARG TA 73 39.98 75.01 25.89
C ARG TA 73 40.93 75.50 26.96
N ASP TA 74 41.48 76.69 26.76
CA ASP TA 74 42.42 77.26 27.68
C ASP TA 74 41.63 77.96 28.76
N THR TA 75 40.46 78.46 28.38
CA THR TA 75 39.56 79.07 29.33
C THR TA 75 39.21 78.06 30.39
N LEU TA 76 38.77 76.88 29.94
CA LEU TA 76 38.44 75.82 30.87
C LEU TA 76 39.64 75.35 31.65
N TRP TA 77 40.79 75.25 31.00
CA TRP TA 77 42.01 74.85 31.69
C TRP TA 77 42.24 75.71 32.92
N ALA TA 78 42.26 77.02 32.71
CA ALA TA 78 42.48 77.99 33.78
C ALA TA 78 41.40 77.93 34.84
N ARG TA 79 40.15 77.74 34.44
CA ARG TA 79 39.07 77.66 35.41
C ARG TA 79 39.25 76.44 36.29
N GLN TA 80 39.71 75.33 35.71
CA GLN TA 80 39.95 74.14 36.50
C GLN TA 80 41.07 74.38 37.46
N VAL TA 81 42.10 75.14 37.05
CA VAL TA 81 43.18 75.47 37.97
C VAL TA 81 42.68 76.23 39.18
N LEU TA 82 41.82 77.21 38.95
CA LEU TA 82 41.29 77.99 40.05
C LEU TA 82 40.42 77.17 40.99
N ALA TA 83 39.66 76.21 40.46
CA ALA TA 83 38.81 75.36 41.28
C ALA TA 83 39.59 74.22 41.95
N ARG TA 84 40.59 73.68 41.25
CA ARG TA 84 41.40 72.55 41.73
C ARG TA 84 42.43 72.96 42.74
N GLY TA 85 43.25 73.93 42.35
CA GLY TA 85 44.32 74.41 43.19
C GLY TA 85 43.85 75.57 44.01
N ASP TA 86 44.75 76.46 44.33
CA ASP TA 86 44.34 77.60 45.13
C ASP TA 86 45.26 78.77 44.91
N TYR TA 87 44.74 79.92 45.23
CA TYR TA 87 45.44 81.17 45.14
C TYR TA 87 44.68 82.18 45.96
N ASP TA 88 45.28 82.62 47.07
CA ASP TA 88 44.62 83.55 47.98
C ASP TA 88 44.53 84.96 47.44
N LYS TA 89 43.62 85.15 46.49
CA LYS TA 89 43.39 86.45 45.87
C LYS TA 89 42.30 86.34 44.82
N ASN TA 90 41.52 87.41 44.70
CA ASN TA 90 40.49 87.46 43.67
C ASN TA 90 41.09 87.12 42.34
N ALA TA 91 40.39 86.31 41.55
CA ALA TA 91 40.88 85.95 40.25
C ALA TA 91 39.73 85.64 39.30
N ARG TA 92 39.96 85.84 38.01
CA ARG TA 92 38.91 85.62 37.04
C ARG TA 92 39.44 85.43 35.62
N VAL TA 93 39.01 84.36 34.97
CA VAL TA 93 39.45 84.05 33.62
C VAL TA 93 38.72 84.86 32.57
N ILE TA 94 39.48 85.46 31.66
CA ILE TA 94 38.98 86.27 30.57
C ILE TA 94 38.90 85.53 29.25
N ASN TA 95 37.78 85.68 28.57
CA ASN TA 95 37.55 85.09 27.27
C ASN TA 95 36.99 86.12 26.32
N GLU TA 96 37.75 86.42 25.28
CA GLU TA 96 37.41 87.44 24.29
C GLU TA 96 35.95 87.50 23.87
N ASN TA 97 35.36 86.36 23.54
CA ASN TA 97 33.97 86.35 23.14
C ASN TA 97 33.04 86.57 24.30
N GLU TA 98 33.37 86.00 25.45
CA GLU TA 98 32.51 86.15 26.61
C GLU TA 98 32.49 87.58 27.08
N GLU TA 99 33.63 88.25 26.98
CA GLU TA 99 33.72 89.63 27.39
C GLU TA 99 33.04 90.54 26.41
N ASN TA 100 33.15 90.21 25.12
CA ASN TA 100 32.48 90.99 24.11
C ASN TA 100 30.98 90.97 24.40
N LYS TA 101 30.46 89.78 24.73
CA LYS TA 101 29.06 89.62 25.05
C LYS TA 101 28.65 90.34 26.33
N ARG TA 102 29.44 90.19 27.39
CA ARG TA 102 29.14 90.85 28.66
C ARG TA 102 28.96 92.32 28.49
N ILE TA 103 29.88 92.93 27.75
CA ILE TA 103 29.83 94.33 27.48
C ILE TA 103 28.61 94.70 26.67
N SER TA 104 28.34 93.94 25.61
CA SER TA 104 27.21 94.26 24.75
C SER TA 104 25.88 94.26 25.50
N ILE TA 105 25.77 93.44 26.54
CA ILE TA 105 24.56 93.42 27.34
C ILE TA 105 24.35 94.73 28.07
N TRP TA 106 25.38 95.13 28.80
CA TRP TA 106 25.34 96.37 29.56
C TRP TA 106 25.12 97.54 28.64
N LEU TA 107 25.86 97.51 27.54
CA LEU TA 107 25.85 98.56 26.57
C LEU TA 107 24.48 98.76 25.97
N ASP TA 108 23.79 97.68 25.63
CA ASP TA 108 22.44 97.82 25.09
C ASP TA 108 21.48 98.49 26.09
N THR TA 109 21.60 98.14 27.38
CA THR TA 109 20.72 98.74 28.40
C THR TA 109 20.94 100.23 28.59
N TYR TA 110 22.20 100.63 28.72
CA TYR TA 110 22.51 102.04 28.98
C TYR TA 110 22.64 102.89 27.74
N TYR TA 111 23.07 102.30 26.64
CA TYR TA 111 23.16 102.97 25.37
C TYR TA 111 22.39 102.24 24.27
N PRO TA 112 21.08 102.16 24.36
CA PRO TA 112 20.21 101.51 23.42
C PRO TA 112 20.29 102.28 22.13
N GLN TA 113 20.12 101.56 21.04
CA GLN TA 113 20.22 102.09 19.68
C GLN TA 113 21.66 102.44 19.26
N LEU TA 114 22.66 102.22 20.10
CA LEU TA 114 24.03 102.49 19.70
C LEU TA 114 24.44 101.55 18.58
N ALA TA 115 24.93 102.10 17.47
CA ALA TA 115 25.33 101.25 16.37
C ALA TA 115 26.82 100.94 16.44
N TYR TA 116 27.16 99.67 16.66
CA TYR TA 116 28.55 99.28 16.79
C TYR TA 116 28.80 97.89 16.25
N TYR TA 117 30.07 97.53 16.14
CA TYR TA 117 30.47 96.26 15.55
C TYR TA 117 31.02 95.26 16.56
N ARG TA 118 32.29 95.39 16.91
CA ARG TA 118 32.89 94.42 17.80
C ARG TA 118 34.10 94.99 18.50
N ILE TA 119 34.32 94.54 19.73
CA ILE TA 119 35.48 94.98 20.47
C ILE TA 119 36.66 94.06 20.21
N HIS TA 120 37.77 94.64 19.80
CA HIS TA 120 38.97 93.90 19.51
C HIS TA 120 39.89 93.99 20.70
N PHE TA 121 40.00 92.90 21.42
CA PHE TA 121 40.77 92.95 22.65
C PHE TA 121 42.26 92.91 22.42
N ASP TA 122 42.72 92.09 21.48
CA ASP TA 122 44.14 91.97 21.08
C ASP TA 122 45.12 92.27 22.20
N GLU TA 123 45.45 93.56 22.38
CA GLU TA 123 46.32 93.99 23.47
C GLU TA 123 45.49 94.44 24.67
N PRO TA 124 45.13 93.49 25.56
CA PRO TA 124 44.30 93.68 26.77
C PRO TA 124 44.19 95.12 27.28
N ARG TA 125 45.33 95.76 27.49
CA ARG TA 125 45.46 97.10 28.01
C ARG TA 125 44.65 98.16 27.27
N LYS TA 126 44.63 98.06 25.96
CA LYS TA 126 43.95 99.03 25.11
C LYS TA 126 43.14 98.38 24.00
N PRO TA 127 41.96 97.84 24.30
CA PRO TA 127 41.04 97.21 23.39
C PRO TA 127 40.46 98.27 22.47
N VAL TA 128 40.12 97.86 21.27
CA VAL TA 128 39.59 98.78 20.27
C VAL TA 128 38.11 98.56 20.07
N PHE TA 129 37.35 99.62 20.10
CA PHE TA 129 35.91 99.53 19.96
C PHE TA 129 35.46 100.02 18.60
N TRP TA 130 35.01 99.12 17.73
CA TRP TA 130 34.53 99.60 16.43
C TRP TA 130 33.11 100.12 16.54
N LEU TA 131 32.92 101.34 16.09
CA LEU TA 131 31.67 102.08 16.16
C LEU TA 131 31.21 102.50 14.77
N SER TA 132 29.91 102.38 14.46
CA SER TA 132 29.46 102.76 13.12
C SER TA 132 29.60 104.26 12.87
N ARG TA 133 30.53 104.61 11.99
CA ARG TA 133 30.80 106.01 11.64
C ARG TA 133 29.58 106.71 11.07
N GLN TA 134 28.86 106.04 10.19
CA GLN TA 134 27.74 106.63 9.51
C GLN TA 134 26.45 106.66 10.30
N ARG TA 135 26.18 105.62 11.11
CA ARG TA 135 24.93 105.62 11.84
C ARG TA 135 24.93 106.39 13.15
N ASN TA 136 26.10 106.59 13.77
CA ASN TA 136 26.11 107.31 15.02
C ASN TA 136 26.40 108.79 14.82
N THR TA 137 25.71 109.62 15.59
CA THR TA 137 25.85 111.07 15.52
C THR TA 137 26.28 111.66 16.86
N MET TA 138 26.94 110.84 17.69
CA MET TA 138 27.38 111.29 19.01
C MET TA 138 28.47 112.34 18.90
N SER TA 139 28.47 113.28 19.85
CA SER TA 139 29.49 114.32 19.86
C SER TA 139 30.76 113.78 20.45
N LYS TA 140 31.85 114.49 20.24
CA LYS TA 140 33.15 114.09 20.77
C LYS TA 140 33.10 113.91 22.28
N LYS TA 141 32.41 114.83 22.96
CA LYS TA 141 32.28 114.78 24.40
C LYS TA 141 31.49 113.56 24.83
N GLU TA 142 30.43 113.24 24.10
CA GLU TA 142 29.63 112.08 24.39
C GLU TA 142 30.45 110.81 24.23
N LEU TA 143 31.29 110.78 23.20
CA LEU TA 143 32.15 109.64 22.96
C LEU TA 143 33.17 109.48 24.08
N GLU TA 144 33.66 110.61 24.62
CA GLU TA 144 34.55 110.54 25.76
C GLU TA 144 33.90 109.80 26.90
N VAL TA 145 32.68 110.21 27.23
CA VAL TA 145 31.91 109.60 28.30
C VAL TA 145 31.71 108.12 28.06
N LEU TA 146 31.34 107.77 26.83
CA LEU TA 146 31.15 106.38 26.45
C LEU TA 146 32.38 105.55 26.74
N SER TA 147 33.56 106.04 26.33
CA SER TA 147 34.78 105.30 26.57
C SER TA 147 35.05 105.14 28.05
N GLN TA 148 34.68 106.14 28.84
CA GLN TA 148 34.87 106.07 30.27
C GLN TA 148 34.00 105.00 30.89
N LYS TA 149 32.79 104.84 30.38
CA LYS TA 149 31.91 103.81 30.90
C LYS TA 149 32.47 102.45 30.54
N LEU TA 150 33.03 102.34 29.35
CA LEU TA 150 33.63 101.09 28.92
C LEU TA 150 34.84 100.75 29.80
N ARG TA 151 35.60 101.77 30.19
CA ARG TA 151 36.74 101.55 31.06
C ARG TA 151 36.26 100.99 32.38
N ALA TA 152 35.14 101.50 32.88
CA ALA TA 152 34.56 100.99 34.11
C ALA TA 152 34.19 99.51 33.98
N LEU TA 153 33.67 99.14 32.80
CA LEU TA 153 33.31 97.75 32.55
C LEU TA 153 34.50 96.80 32.47
N MET TA 154 35.67 97.34 32.13
CA MET TA 154 36.90 96.54 32.01
C MET TA 154 38.00 96.94 33.01
N PRO TA 155 37.99 96.36 34.23
CA PRO TA 155 38.90 96.54 35.37
C PRO TA 155 40.38 96.48 35.02
N TYR TA 156 40.71 95.73 33.99
CA TYR TA 156 42.11 95.58 33.60
C TYR TA 156 42.55 96.62 32.58
N ALA TA 157 41.69 96.88 31.61
CA ALA TA 157 42.00 97.82 30.54
C ALA TA 157 42.34 99.18 31.12
N ASP TA 158 43.33 99.82 30.54
CA ASP TA 158 43.74 101.13 31.02
C ASP TA 158 42.95 102.20 30.31
N SER TA 159 42.67 101.97 29.03
CA SER TA 159 41.87 102.91 28.27
C SER TA 159 41.19 102.20 27.13
N VAL TA 160 40.21 102.85 26.52
CA VAL TA 160 39.48 102.25 25.42
C VAL TA 160 39.62 103.09 24.17
N ASN TA 161 40.01 102.46 23.08
CA ASN TA 161 40.18 103.18 21.84
C ASN TA 161 38.97 103.06 20.96
N ILE TA 162 38.03 103.98 21.11
CA ILE TA 162 36.86 103.98 20.26
C ILE TA 162 37.20 104.58 18.91
N THR TA 163 36.85 103.87 17.85
CA THR TA 163 37.12 104.35 16.51
C THR TA 163 35.93 104.08 15.63
N LEU TA 164 35.75 104.96 14.65
CA LEU TA 164 34.59 104.88 13.79
C LEU TA 164 34.91 104.19 12.47
N MET TA 165 34.09 103.20 12.12
CA MET TA 165 34.27 102.41 10.90
C MET TA 165 33.21 102.73 9.87
N ASP TA 166 33.57 102.65 8.59
CA ASP TA 166 32.61 102.94 7.54
C ASP TA 166 31.81 101.71 7.12
N ASP TA 167 30.51 101.76 7.39
CA ASP TA 167 29.57 100.68 7.08
C ASP TA 167 29.70 100.12 5.67
N VAL TA 168 30.03 100.99 4.72
CA VAL TA 168 30.17 100.59 3.34
C VAL TA 168 31.30 99.61 3.14
N THR TA 169 32.41 99.83 3.85
CA THR TA 169 33.56 98.96 3.66
C THR TA 169 33.32 97.62 4.30
N ALA TA 170 32.50 97.61 5.35
CA ALA TA 170 32.15 96.33 5.98
C ALA TA 170 31.37 95.48 5.00
N ALA TA 171 30.36 96.08 4.39
CA ALA TA 171 29.53 95.38 3.42
C ALA TA 171 30.32 95.00 2.18
N GLY TA 172 31.19 95.89 1.74
CA GLY TA 172 32.01 95.66 0.56
C GLY TA 172 32.87 94.43 0.71
N GLN TA 173 33.53 94.30 1.86
CA GLN TA 173 34.37 93.14 2.09
C GLN TA 173 33.56 91.86 2.16
N ALA TA 174 32.39 91.93 2.80
CA ALA TA 174 31.54 90.75 2.90
C ALA TA 174 31.18 90.20 1.54
N GLU TA 175 30.73 91.07 0.65
CA GLU TA 175 30.33 90.61 -0.65
C GLU TA 175 31.51 90.24 -1.52
N ALA TA 176 32.58 91.03 -1.48
CA ALA TA 176 33.74 90.77 -2.31
C ALA TA 176 34.32 89.39 -2.07
N GLY TA 177 34.53 89.03 -0.81
CA GLY TA 177 35.09 87.72 -0.50
C GLY TA 177 34.12 86.61 -0.89
N LEU TA 178 32.84 86.84 -0.64
CA LEU TA 178 31.80 85.88 -0.95
C LEU TA 178 31.80 85.52 -2.43
N LYS TA 179 31.85 86.53 -3.30
CA LYS TA 179 31.88 86.26 -4.73
C LYS TA 179 33.26 85.80 -5.20
N GLN TA 180 34.33 86.14 -4.48
CA GLN TA 180 35.66 85.63 -4.83
C GLN TA 180 35.69 84.11 -4.74
N GLN TA 181 35.00 83.59 -3.72
CA GLN TA 181 34.89 82.15 -3.53
C GLN TA 181 33.97 81.45 -4.55
N ALA TA 182 33.41 82.21 -5.50
CA ALA TA 182 32.53 81.72 -6.54
C ALA TA 182 31.24 81.16 -5.98
N LEU TA 183 30.77 81.73 -4.88
CA LEU TA 183 29.55 81.26 -4.26
C LEU TA 183 28.36 82.02 -4.80
N PRO TA 184 27.21 81.36 -4.96
CA PRO TA 184 25.94 81.90 -5.37
C PRO TA 184 25.32 82.58 -4.17
N TYR TA 185 24.67 83.71 -4.38
CA TYR TA 185 24.05 84.40 -3.26
C TYR TA 185 23.12 85.48 -3.74
N SER TA 186 22.34 86.01 -2.81
CA SER TA 186 21.49 87.12 -3.13
C SER TA 186 21.53 88.10 -1.96
N ARG TA 187 21.95 89.31 -2.25
CA ARG TA 187 22.10 90.35 -1.25
C ARG TA 187 20.78 90.99 -0.84
N ARG TA 188 20.64 91.31 0.44
CA ARG TA 188 19.45 91.92 0.99
C ARG TA 188 19.77 93.18 1.76
N ASN TA 189 19.77 94.31 1.08
CA ASN TA 189 20.02 95.56 1.77
C ASN TA 189 18.76 96.01 2.48
N HIS TA 190 18.90 96.44 3.72
CA HIS TA 190 17.75 96.99 4.43
C HIS TA 190 18.23 98.03 5.41
N LYS TA 191 17.31 98.81 5.93
CA LYS TA 191 17.74 99.84 6.85
C LYS TA 191 18.35 99.18 8.07
N GLY TA 192 19.58 99.57 8.39
CA GLY TA 192 20.27 99.05 9.54
C GLY TA 192 21.14 97.81 9.31
N GLY TA 193 21.15 97.25 8.09
CA GLY TA 193 22.00 96.08 7.88
C GLY TA 193 21.89 95.44 6.50
N VAL TA 194 22.54 94.30 6.35
CA VAL TA 194 22.49 93.59 5.08
C VAL TA 194 22.61 92.10 5.29
N THR TA 195 21.80 91.34 4.56
CA THR TA 195 21.82 89.89 4.68
C THR TA 195 22.19 89.21 3.36
N PHE TA 196 23.06 88.22 3.42
CA PHE TA 196 23.48 87.49 2.24
C PHE TA 196 22.89 86.09 2.22
N VAL TA 197 21.91 85.89 1.36
CA VAL TA 197 21.19 84.64 1.28
C VAL TA 197 21.82 83.67 0.31
N ILE TA 198 22.10 82.47 0.80
CA ILE TA 198 22.69 81.42 -0.04
C ILE TA 198 21.77 80.20 -0.05
N GLN TA 199 21.05 80.01 -1.15
CA GLN TA 199 20.12 78.88 -1.25
C GLN TA 199 20.44 77.94 -2.38
N GLY TA 200 19.73 76.81 -2.38
CA GLY TA 200 19.87 75.80 -3.41
C GLY TA 200 20.71 74.64 -2.92
N ALA TA 201 20.83 73.62 -3.76
CA ALA TA 201 21.67 72.48 -3.41
C ALA TA 201 23.12 72.91 -3.54
N LEU TA 202 23.95 72.46 -2.63
CA LEU TA 202 25.34 72.88 -2.66
C LEU TA 202 26.31 71.71 -2.74
N ASP TA 203 27.38 71.92 -3.50
CA ASP TA 203 28.46 70.96 -3.64
C ASP TA 203 29.28 70.96 -2.38
N ASP TA 204 29.68 69.79 -1.89
CA ASP TA 204 30.47 69.70 -0.67
C ASP TA 204 31.68 70.65 -0.64
N VAL TA 205 32.25 70.91 -1.81
CA VAL TA 205 33.41 71.77 -1.89
C VAL TA 205 33.03 73.21 -1.60
N GLU TA 206 31.97 73.70 -2.26
CA GLU TA 206 31.54 75.06 -2.02
C GLU TA 206 30.95 75.24 -0.64
N ILE TA 207 30.46 74.16 -0.03
CA ILE TA 207 29.98 74.27 1.33
C ILE TA 207 31.12 74.57 2.26
N LEU TA 208 32.22 73.83 2.11
CA LEU TA 208 33.39 74.06 2.92
C LEU TA 208 33.90 75.49 2.76
N ARG TA 209 34.05 75.92 1.52
CA ARG TA 209 34.52 77.27 1.24
C ARG TA 209 33.64 78.33 1.85
N ALA TA 210 32.33 78.15 1.76
CA ALA TA 210 31.40 79.11 2.30
C ALA TA 210 31.57 79.28 3.78
N ARG TA 211 31.64 78.18 4.51
CA ARG TA 211 31.78 78.29 5.94
C ARG TA 211 33.08 78.96 6.35
N GLN TA 212 34.18 78.59 5.70
CA GLN TA 212 35.46 79.18 6.04
C GLN TA 212 35.42 80.69 5.93
N PHE TA 213 34.84 81.17 4.83
CA PHE TA 213 34.70 82.60 4.62
C PHE TA 213 33.87 83.27 5.69
N VAL TA 214 32.69 82.71 5.95
CA VAL TA 214 31.79 83.28 6.92
C VAL TA 214 32.38 83.36 8.29
N ASP TA 215 33.02 82.30 8.74
CA ASP TA 215 33.65 82.30 10.06
C ASP TA 215 34.67 83.41 10.19
N SER TA 216 35.49 83.60 9.15
CA SER TA 216 36.49 84.66 9.21
C SER TA 216 35.90 86.05 9.24
N TYR TA 217 34.86 86.27 8.44
CA TYR TA 217 34.22 87.57 8.42
C TYR TA 217 33.64 87.89 9.79
N TYR TA 218 32.96 86.91 10.36
CA TYR TA 218 32.39 87.05 11.68
C TYR TA 218 33.45 87.39 12.70
N ARG TA 219 34.53 86.60 12.72
CA ARG TA 219 35.62 86.84 13.65
C ARG TA 219 36.12 88.27 13.61
N THR TA 220 36.24 88.84 12.42
CA THR TA 220 36.73 90.20 12.29
C THR TA 220 35.67 91.26 12.61
N TRP TA 221 34.65 91.33 11.79
CA TRP TA 221 33.64 92.36 11.93
C TRP TA 221 32.53 92.07 12.93
N GLY TA 222 32.18 90.81 13.08
CA GLY TA 222 31.08 90.44 13.97
C GLY TA 222 29.80 90.36 13.14
N GLY TA 223 28.73 89.85 13.74
CA GLY TA 223 27.47 89.68 13.04
C GLY TA 223 26.38 90.70 13.36
N ARG TA 224 26.76 91.94 13.67
CA ARG TA 224 25.74 92.94 13.99
C ARG TA 224 25.27 93.76 12.79
N TYR TA 225 26.01 93.71 11.69
CA TYR TA 225 25.62 94.47 10.52
C TYR TA 225 25.41 93.53 9.35
N VAL TA 226 26.38 92.66 9.12
CA VAL TA 226 26.29 91.68 8.06
C VAL TA 226 25.83 90.33 8.60
N GLN TA 227 24.75 89.83 8.04
CA GLN TA 227 24.21 88.56 8.42
C GLN TA 227 24.25 87.58 7.26
N PHE TA 228 24.83 86.41 7.45
CA PHE TA 228 24.85 85.44 6.38
C PHE TA 228 23.77 84.40 6.61
N ALA TA 229 23.25 83.84 5.54
CA ALA TA 229 22.17 82.87 5.65
C ALA TA 229 22.32 81.69 4.72
N ILE TA 230 23.07 80.69 5.15
CA ILE TA 230 23.28 79.50 4.35
C ILE TA 230 22.11 78.54 4.52
N GLU TA 231 21.45 78.22 3.43
CA GLU TA 231 20.29 77.33 3.45
C GLU TA 231 20.40 76.23 2.42
N LEU TA 232 20.80 75.05 2.88
CA LEU TA 232 20.95 73.89 2.02
C LEU TA 232 19.58 73.33 1.66
N LYS TA 233 19.18 73.49 0.41
CA LYS TA 233 17.84 73.05 -0.02
C LYS TA 233 17.83 72.30 -1.34
N ASP TA 234 16.78 71.51 -1.56
CA ASP TA 234 16.63 70.76 -2.80
C ASP TA 234 16.11 71.63 -3.93
N ASP TA 235 16.54 71.33 -5.14
CA ASP TA 235 16.12 72.05 -6.34
C ASP TA 235 15.29 71.16 -7.25
N ASP UA 3 57.75 55.60 33.35
CA ASP UA 3 57.47 54.17 33.55
C ASP UA 3 55.97 53.93 33.64
N LYS UA 4 55.26 54.19 32.54
CA LYS UA 4 53.82 54.00 32.52
C LYS UA 4 53.40 52.94 31.53
N ASP UA 5 52.36 52.19 31.88
CA ASP UA 5 51.85 51.18 30.97
C ASP UA 5 50.89 51.84 29.99
N LEU UA 6 51.12 51.63 28.71
CA LEU UA 6 50.26 52.23 27.70
C LEU UA 6 49.35 51.17 27.09
N LEU UA 7 49.95 50.17 26.45
CA LEU UA 7 49.18 49.09 25.82
C LEU UA 7 49.63 47.70 26.27
N LYS UA 8 48.69 46.74 26.29
CA LYS UA 8 49.02 45.37 26.67
C LYS UA 8 48.31 44.35 25.80
N GLY UA 9 48.94 43.19 25.62
CA GLY UA 9 48.31 42.11 24.87
C GLY UA 9 48.34 42.33 23.38
N LEU UA 10 49.32 43.09 22.90
CA LEU UA 10 49.40 43.38 21.49
C LEU UA 10 50.01 42.25 20.72
N ASP UA 11 49.62 42.11 19.46
CA ASP UA 11 50.29 41.09 18.68
C ASP UA 11 51.53 41.75 18.09
N GLN UA 12 52.32 41.01 17.35
CA GLN UA 12 53.56 41.53 16.83
C GLN UA 12 53.39 42.73 15.90
N GLU UA 13 52.48 42.61 14.94
CA GLU UA 13 52.22 43.68 13.99
C GLU UA 13 51.81 44.98 14.64
N GLN UA 14 50.80 44.87 15.51
CA GLN UA 14 50.26 46.01 16.22
C GLN UA 14 51.33 46.71 17.03
N ALA UA 15 52.11 45.92 17.76
CA ALA UA 15 53.15 46.49 18.60
C ALA UA 15 54.12 47.33 17.79
N ASN UA 16 54.59 46.80 16.68
CA ASN UA 16 55.54 47.55 15.86
C ASN UA 16 54.91 48.78 15.22
N GLU UA 17 53.64 48.70 14.85
CA GLU UA 17 52.98 49.85 14.24
C GLU UA 17 52.81 51.00 15.21
N VAL UA 18 52.37 50.70 16.42
CA VAL UA 18 52.17 51.74 17.42
C VAL UA 18 53.47 52.42 17.74
N ILE UA 19 54.52 51.63 17.91
CA ILE UA 19 55.84 52.18 18.20
C ILE UA 19 56.29 53.11 17.13
N ALA UA 20 56.11 52.73 15.86
CA ALA UA 20 56.51 53.58 14.76
C ALA UA 20 55.91 54.97 14.89
N VAL UA 21 54.61 55.03 15.21
CA VAL UA 21 53.93 56.31 15.36
C VAL UA 21 54.51 57.14 16.51
N LEU UA 22 54.72 56.50 17.64
CA LEU UA 22 55.25 57.22 18.80
C LEU UA 22 56.61 57.80 18.52
N GLN UA 23 57.46 57.05 17.84
CA GLN UA 23 58.79 57.54 17.50
C GLN UA 23 58.71 58.70 16.56
N MET UA 24 57.81 58.61 15.60
CA MET UA 24 57.61 59.69 14.64
C MET UA 24 57.27 61.00 15.35
N HIS UA 25 56.52 60.91 16.45
CA HIS UA 25 56.18 62.09 17.21
C HIS UA 25 57.10 62.37 18.39
N ASN UA 26 58.33 61.87 18.32
CA ASN UA 26 59.36 62.11 19.33
C ASN UA 26 59.08 61.49 20.69
N ILE UA 27 58.62 60.25 20.70
CA ILE UA 27 58.38 59.52 21.94
C ILE UA 27 59.06 58.16 21.94
N GLU UA 28 59.96 57.95 22.91
CA GLU UA 28 60.61 56.65 23.05
C GLU UA 28 59.61 55.64 23.58
N ALA UA 29 59.75 54.39 23.17
CA ALA UA 29 58.82 53.36 23.64
C ALA UA 29 59.49 52.02 23.80
N ASN UA 30 59.06 51.27 24.81
CA ASN UA 30 59.62 49.97 25.08
C ASN UA 30 58.68 48.89 24.63
N LYS UA 31 59.21 47.87 23.96
CA LYS UA 31 58.39 46.72 23.58
C LYS UA 31 58.74 45.56 24.50
N ILE UA 32 57.78 45.12 25.29
CA ILE UA 32 58.02 44.06 26.23
C ILE UA 32 57.36 42.77 25.83
N ASP UA 33 58.17 41.74 25.69
CA ASP UA 33 57.70 40.40 25.32
C ASP UA 33 57.28 39.62 26.55
N SER UA 34 55.98 39.41 26.71
CA SER UA 34 55.45 38.66 27.85
C SER UA 34 55.01 37.25 27.45
N GLY UA 35 55.63 36.72 26.39
CA GLY UA 35 55.35 35.36 25.93
C GLY UA 35 53.94 35.24 25.40
N LYS UA 36 53.23 34.24 25.90
CA LYS UA 36 51.86 33.94 25.50
C LYS UA 36 50.89 35.09 25.75
N LEU UA 37 51.27 36.04 26.60
CA LEU UA 37 50.40 37.15 26.90
C LEU UA 37 50.53 38.29 25.90
N GLY UA 38 51.44 38.18 24.94
CA GLY UA 38 51.59 39.20 23.92
C GLY UA 38 52.62 40.27 24.28
N TYR UA 39 52.53 41.40 23.59
CA TYR UA 39 53.46 42.49 23.80
C TYR UA 39 52.85 43.64 24.58
N SER UA 40 53.70 44.33 25.32
CA SER UA 40 53.26 45.48 26.06
C SER UA 40 54.11 46.68 25.72
N ILE UA 41 53.49 47.84 25.65
CA ILE UA 41 54.22 49.05 25.35
C ILE UA 41 54.21 50.00 26.52
N THR UA 42 55.42 50.41 26.93
CA THR UA 42 55.53 51.35 28.04
C THR UA 42 56.30 52.58 27.63
N VAL UA 43 56.02 53.69 28.30
CA VAL UA 43 56.68 54.96 27.98
C VAL UA 43 57.12 55.71 29.22
N ALA UA 44 58.02 56.66 29.01
CA ALA UA 44 58.48 57.50 30.10
C ALA UA 44 57.34 58.38 30.57
N GLU UA 45 57.24 58.56 31.87
CA GLU UA 45 56.18 59.37 32.46
C GLU UA 45 56.05 60.79 31.87
N PRO UA 46 57.16 61.50 31.56
CA PRO UA 46 57.16 62.80 30.91
C PRO UA 46 56.45 62.81 29.56
N ASP UA 47 56.46 61.69 28.85
CA ASP UA 47 55.84 61.61 27.53
C ASP UA 47 54.45 61.03 27.59
N PHE UA 48 54.17 60.26 28.64
CA PHE UA 48 52.90 59.57 28.81
C PHE UA 48 51.65 60.35 28.38
N THR UA 49 51.55 61.62 28.75
CA THR UA 49 50.37 62.40 28.37
C THR UA 49 50.25 62.51 26.87
N ALA UA 50 51.34 62.85 26.22
CA ALA UA 50 51.38 62.99 24.78
C ALA UA 50 51.13 61.65 24.12
N ALA UA 51 51.70 60.60 24.68
CA ALA UA 51 51.55 59.26 24.13
C ALA UA 51 50.09 58.89 24.06
N VAL UA 52 49.35 59.14 25.15
CA VAL UA 52 47.93 58.85 25.18
C VAL UA 52 47.20 59.61 24.11
N TYR UA 53 47.51 60.89 23.99
CA TYR UA 53 46.89 61.71 22.98
C TYR UA 53 47.02 61.12 21.59
N TRP UA 54 48.23 60.66 21.25
CA TRP UA 54 48.46 60.09 19.94
C TRP UA 54 47.80 58.73 19.74
N ILE UA 55 47.69 57.92 20.80
CA ILE UA 55 46.97 56.65 20.69
C ILE UA 55 45.54 56.89 20.28
N LYS UA 56 44.95 57.92 20.86
CA LYS UA 56 43.61 58.32 20.49
C LYS UA 56 43.56 58.80 19.05
N THR UA 57 44.40 59.78 18.73
CA THR UA 57 44.44 60.40 17.42
C THR UA 57 44.55 59.42 16.27
N TYR UA 58 45.40 58.41 16.40
CA TYR UA 58 45.60 57.45 15.34
C TYR UA 58 44.85 56.15 15.47
N GLN UA 59 43.79 56.11 16.29
CA GLN UA 59 43.00 54.88 16.42
C GLN UA 59 43.86 53.66 16.73
N LEU UA 60 44.75 53.75 17.71
CA LEU UA 60 45.64 52.65 18.00
C LEU UA 60 45.17 51.83 19.20
N PRO UA 61 45.52 50.54 19.23
CA PRO UA 61 46.26 49.74 18.27
C PRO UA 61 45.40 49.42 17.06
N PRO UA 62 46.00 49.17 15.89
CA PRO UA 62 45.40 48.87 14.61
C PRO UA 62 44.49 47.65 14.61
N ARG UA 63 43.46 47.70 13.78
CA ARG UA 63 42.56 46.57 13.62
C ARG UA 63 43.16 45.67 12.55
N PRO UA 64 42.73 44.41 12.47
CA PRO UA 64 43.13 43.45 11.46
C PRO UA 64 42.52 43.84 10.13
N ARG UA 65 43.21 43.50 9.05
CA ARG UA 65 42.77 43.88 7.72
C ARG UA 65 41.55 43.09 7.26
N VAL UA 66 40.58 43.81 6.72
CA VAL UA 66 39.32 43.23 6.25
C VAL UA 66 39.32 42.91 4.78
N GLU UA 67 39.01 41.66 4.49
CA GLU UA 67 38.94 41.14 3.13
C GLU UA 67 37.60 40.45 2.97
N ILE UA 68 36.99 40.55 1.81
CA ILE UA 68 35.64 40.04 1.60
C ILE UA 68 35.46 38.56 1.85
N ALA UA 69 36.41 37.75 1.41
CA ALA UA 69 36.33 36.30 1.58
C ALA UA 69 36.25 35.86 3.02
N GLN UA 70 36.61 36.73 3.96
CA GLN UA 70 36.58 36.37 5.36
C GLN UA 70 35.16 36.15 5.86
N MET UA 71 34.17 36.66 5.13
CA MET UA 71 32.79 36.50 5.54
C MET UA 71 32.03 35.47 4.73
N PHE UA 72 32.70 34.71 3.89
CA PHE UA 72 32.04 33.67 3.13
C PHE UA 72 32.96 32.47 3.02
N PRO UA 73 33.24 31.82 4.15
CA PRO UA 73 34.20 30.73 4.33
C PRO UA 73 33.78 29.42 3.66
N ALA UA 74 34.80 28.66 3.25
CA ALA UA 74 34.62 27.38 2.58
C ALA UA 74 34.17 26.29 3.54
N ASP UA 75 34.23 26.58 4.83
CA ASP UA 75 33.80 25.65 5.85
C ASP UA 75 32.29 25.44 5.85
N SER UA 76 31.53 26.31 5.18
CA SER UA 76 30.10 26.12 5.12
C SER UA 76 29.74 24.84 4.40
N LEU UA 77 28.73 24.16 4.93
CA LEU UA 77 28.26 22.90 4.38
C LEU UA 77 27.62 23.07 3.01
N VAL UA 78 27.08 24.26 2.77
CA VAL UA 78 26.43 24.58 1.51
C VAL UA 78 26.97 25.89 0.98
N SER UA 79 26.70 26.17 -0.28
CA SER UA 79 27.16 27.40 -0.88
C SER UA 79 26.11 27.95 -1.81
N SER UA 80 26.32 29.16 -2.29
CA SER UA 80 25.39 29.79 -3.20
C SER UA 80 26.21 30.55 -4.21
N PRO UA 81 25.68 30.77 -5.40
CA PRO UA 81 26.26 31.52 -6.49
C PRO UA 81 26.74 32.87 -5.99
N ARG UA 82 25.94 33.48 -5.14
CA ARG UA 82 26.26 34.77 -4.56
C ARG UA 82 27.54 34.69 -3.78
N ALA UA 83 27.62 33.72 -2.87
CA ALA UA 83 28.79 33.56 -2.05
C ALA UA 83 30.02 33.21 -2.86
N GLU UA 84 29.87 32.30 -3.81
CA GLU UA 84 31.00 31.85 -4.59
C GLU UA 84 31.59 32.95 -5.45
N LYS UA 85 30.72 33.76 -6.07
CA LYS UA 85 31.22 34.83 -6.90
C LYS UA 85 31.95 35.85 -6.05
N ALA UA 86 31.44 36.13 -4.85
CA ALA UA 86 32.10 37.05 -3.94
C ALA UA 86 33.47 36.54 -3.54
N ARG UA 87 33.57 35.25 -3.23
CA ARG UA 87 34.85 34.65 -2.86
C ARG UA 87 35.88 34.84 -3.94
N LEU UA 88 35.49 34.61 -5.18
CA LEU UA 88 36.41 34.76 -6.28
C LEU UA 88 36.92 36.17 -6.40
N TYR UA 89 36.03 37.16 -6.37
CA TYR UA 89 36.46 38.55 -6.49
C TYR UA 89 37.40 38.95 -5.41
N SER UA 90 37.18 38.45 -4.20
CA SER UA 90 38.06 38.76 -3.09
C SER UA 90 39.47 38.34 -3.39
N ALA UA 91 39.62 37.10 -3.88
CA ALA UA 91 40.91 36.58 -4.25
C ALA UA 91 41.56 37.39 -5.34
N ILE UA 92 40.78 37.79 -6.33
CA ILE UA 92 41.30 38.58 -7.42
C ILE UA 92 41.86 39.91 -6.95
N GLU UA 93 41.16 40.62 -6.06
CA GLU UA 93 41.70 41.87 -5.57
C GLU UA 93 43.04 41.66 -4.90
N GLN UA 94 43.13 40.60 -4.08
CA GLN UA 94 44.37 40.31 -3.39
C GLN UA 94 45.50 40.04 -4.36
N ARG UA 95 45.20 39.31 -5.40
CA ARG UA 95 46.19 38.93 -6.37
C ARG UA 95 46.67 40.14 -7.16
N LEU UA 96 45.77 41.06 -7.46
CA LEU UA 96 46.17 42.29 -8.14
C LEU UA 96 47.06 43.15 -7.26
N GLU UA 97 46.79 43.18 -5.95
CA GLU UA 97 47.62 43.95 -5.04
C GLU UA 97 49.02 43.37 -5.00
N GLN UA 98 49.10 42.04 -4.99
CA GLN UA 98 50.38 41.36 -4.98
C GLN UA 98 51.19 41.73 -6.21
N SER UA 99 50.52 41.89 -7.34
CA SER UA 99 51.21 42.26 -8.57
C SER UA 99 51.70 43.70 -8.59
N LEU UA 100 50.85 44.65 -8.21
CA LEU UA 100 51.25 46.05 -8.28
C LEU UA 100 52.41 46.37 -7.38
N GLN UA 101 52.51 45.69 -6.25
CA GLN UA 101 53.59 45.95 -5.32
C GLN UA 101 54.96 45.44 -5.81
N THR UA 102 55.01 44.77 -6.97
CA THR UA 102 56.27 44.34 -7.52
C THR UA 102 56.76 45.28 -8.60
N MET UA 103 55.95 46.30 -8.96
CA MET UA 103 56.39 47.24 -9.98
C MET UA 103 57.47 48.15 -9.43
N GLU UA 104 58.38 48.54 -10.32
CA GLU UA 104 59.48 49.39 -9.96
C GLU UA 104 59.05 50.70 -9.33
N GLY UA 105 59.57 50.97 -8.15
CA GLY UA 105 59.28 52.21 -7.45
C GLY UA 105 58.06 52.13 -6.54
N VAL UA 106 57.29 51.05 -6.61
CA VAL UA 106 56.11 50.97 -5.76
C VAL UA 106 56.43 50.37 -4.42
N LEU UA 107 56.06 51.07 -3.38
CA LEU UA 107 56.29 50.65 -2.01
C LEU UA 107 55.06 49.97 -1.46
N SER UA 108 53.89 50.49 -1.82
CA SER UA 108 52.64 49.93 -1.35
C SER UA 108 51.48 50.20 -2.30
N ALA UA 109 50.54 49.27 -2.40
CA ALA UA 109 49.42 49.51 -3.27
C ALA UA 109 48.19 48.72 -2.84
N ARG UA 110 47.01 49.34 -3.03
CA ARG UA 110 45.73 48.71 -2.68
C ARG UA 110 44.80 48.72 -3.88
N VAL UA 111 44.00 47.67 -4.03
CA VAL UA 111 43.12 47.54 -5.19
C VAL UA 111 41.69 47.17 -4.85
N HIS UA 112 40.74 47.84 -5.48
CA HIS UA 112 39.33 47.54 -5.30
C HIS UA 112 38.66 47.21 -6.62
N ILE UA 113 37.72 46.28 -6.59
CA ILE UA 113 36.96 45.95 -7.78
C ILE UA 113 35.51 45.98 -7.43
N SER UA 114 34.67 46.46 -8.33
CA SER UA 114 33.26 46.49 -8.06
C SER UA 114 32.69 45.09 -8.00
N TYR UA 115 31.56 44.94 -7.33
CA TYR UA 115 30.92 43.64 -7.19
C TYR UA 115 29.57 43.59 -7.88
N ASP UA 116 29.13 42.38 -8.14
CA ASP UA 116 27.86 42.11 -8.78
C ASP UA 116 27.18 41.01 -8.02
N ILE UA 117 26.17 41.40 -7.27
CA ILE UA 117 25.50 40.47 -6.40
C ILE UA 117 24.15 39.99 -6.90
N ASP UA 118 23.53 40.70 -7.83
CA ASP UA 118 22.25 40.23 -8.30
C ASP UA 118 21.83 40.63 -9.72
N ALA UA 119 22.78 40.76 -10.65
CA ALA UA 119 22.39 41.04 -12.04
C ALA UA 119 21.57 39.88 -12.60
N GLY UA 120 22.23 38.74 -12.84
CA GLY UA 120 21.60 37.54 -13.37
C GLY UA 120 20.40 37.12 -12.53
N GLU UA 121 20.51 37.28 -11.22
CA GLU UA 121 19.42 37.01 -10.28
C GLU UA 121 18.11 37.67 -10.67
N ASN UA 122 18.22 38.90 -11.20
CA ASN UA 122 17.05 39.66 -11.58
C ASN UA 122 16.73 39.56 -13.08
N GLY UA 123 17.38 38.64 -13.77
CA GLY UA 123 17.16 38.49 -15.21
C GLY UA 123 17.91 39.56 -16.01
N ARG UA 124 18.86 40.24 -15.36
CA ARG UA 124 19.60 41.31 -16.01
C ARG UA 124 20.99 40.87 -16.44
N PRO UA 125 21.55 41.53 -17.45
CA PRO UA 125 22.89 41.40 -17.93
C PRO UA 125 23.79 42.05 -16.89
N PRO UA 126 25.05 41.64 -16.81
CA PRO UA 126 26.07 42.11 -15.89
C PRO UA 126 26.49 43.52 -16.22
N LYS UA 127 26.96 44.22 -15.20
CA LYS UA 127 27.39 45.60 -15.38
C LYS UA 127 28.89 45.66 -15.65
N PRO UA 128 29.38 46.74 -16.23
CA PRO UA 128 30.77 47.05 -16.50
C PRO UA 128 31.54 47.02 -15.21
N VAL UA 129 32.79 46.63 -15.27
CA VAL UA 129 33.58 46.51 -14.07
C VAL UA 129 34.32 47.79 -13.74
N HIS UA 130 34.24 48.20 -12.48
CA HIS UA 130 34.94 49.40 -12.07
C HIS UA 130 36.13 49.03 -11.21
N LEU UA 131 37.23 49.76 -11.40
CA LEU UA 131 38.44 49.50 -10.63
C LEU UA 131 38.97 50.76 -10.02
N SER UA 132 39.57 50.63 -8.85
CA SER UA 132 40.23 51.78 -8.25
C SER UA 132 41.45 51.33 -7.52
N ALA UA 133 42.43 52.19 -7.40
CA ALA UA 133 43.65 51.76 -6.72
C ALA UA 133 44.41 52.90 -6.10
N LEU UA 134 45.13 52.56 -5.04
CA LEU UA 134 45.97 53.51 -4.33
C LEU UA 134 47.41 53.08 -4.43
N ALA UA 135 48.33 54.03 -4.50
CA ALA UA 135 49.73 53.63 -4.56
C ALA UA 135 50.68 54.62 -3.91
N VAL UA 136 51.73 54.07 -3.32
CA VAL UA 136 52.79 54.83 -2.69
C VAL UA 136 54.10 54.54 -3.37
N TYR UA 137 54.77 55.59 -3.84
CA TYR UA 137 56.04 55.48 -4.52
C TYR UA 137 57.24 55.97 -3.75
N GLU UA 138 58.40 55.49 -4.20
CA GLU UA 138 59.65 55.96 -3.67
C GLU UA 138 59.79 57.44 -3.94
N ARG UA 139 60.12 58.20 -2.90
CA ARG UA 139 60.22 59.64 -3.00
C ARG UA 139 61.17 60.08 -4.11
N GLY UA 140 60.69 61.01 -4.93
CA GLY UA 140 61.45 61.56 -6.05
C GLY UA 140 61.04 60.96 -7.40
N SER UA 141 60.23 59.91 -7.36
CA SER UA 141 59.74 59.23 -8.55
C SER UA 141 58.73 60.09 -9.35
N PRO UA 142 58.71 60.01 -10.69
CA PRO UA 142 57.87 60.76 -11.65
C PRO UA 142 56.44 60.22 -11.75
N LEU UA 143 55.71 60.36 -10.65
CA LEU UA 143 54.32 59.91 -10.48
C LEU UA 143 53.36 60.22 -11.63
N ALA UA 144 53.52 61.40 -12.23
CA ALA UA 144 52.65 61.85 -13.30
C ALA UA 144 52.71 60.99 -14.56
N HIS UA 145 53.72 60.14 -14.67
CA HIS UA 145 53.84 59.31 -15.84
C HIS UA 145 53.62 57.86 -15.47
N GLN UA 146 54.06 57.51 -14.27
CA GLN UA 146 53.94 56.15 -13.75
C GLN UA 146 52.51 55.69 -13.65
N ILE UA 147 51.63 56.62 -13.33
CA ILE UA 147 50.19 56.35 -13.27
C ILE UA 147 49.62 55.70 -14.54
N SER UA 148 50.26 55.91 -15.69
CA SER UA 148 49.76 55.33 -16.93
C SER UA 148 50.07 53.85 -17.05
N ASP UA 149 51.10 53.38 -16.36
CA ASP UA 149 51.41 51.96 -16.40
C ASP UA 149 50.40 51.20 -15.62
N ILE UA 150 50.04 51.76 -14.47
CA ILE UA 150 49.06 51.12 -13.62
C ILE UA 150 47.76 50.97 -14.33
N LYS UA 151 47.33 52.06 -14.95
CA LYS UA 151 46.07 52.09 -15.63
C LYS UA 151 46.03 51.16 -16.83
N ARG UA 152 47.12 51.08 -17.59
CA ARG UA 152 47.16 50.18 -18.74
C ARG UA 152 47.15 48.73 -18.32
N PHE UA 153 47.94 48.42 -17.31
CA PHE UA 153 48.01 47.09 -16.76
C PHE UA 153 46.67 46.60 -16.31
N LEU UA 154 45.98 47.41 -15.52
CA LEU UA 154 44.68 47.03 -15.03
C LEU UA 154 43.65 46.91 -16.14
N LYS UA 155 43.73 47.76 -17.16
CA LYS UA 155 42.76 47.72 -18.24
C LYS UA 155 42.63 46.34 -18.88
N ASN UA 156 43.74 45.70 -19.21
CA ASN UA 156 43.63 44.36 -19.78
C ASN UA 156 43.74 43.24 -18.76
N SER UA 157 43.58 43.56 -17.48
CA SER UA 157 43.61 42.55 -16.44
C SER UA 157 42.22 42.09 -16.07
N PHE UA 158 41.20 42.50 -16.83
CA PHE UA 158 39.87 42.05 -16.47
C PHE UA 158 38.92 42.16 -17.65
N ALA UA 159 38.05 41.16 -17.75
CA ALA UA 159 37.06 40.94 -18.81
C ALA UA 159 36.52 42.18 -19.50
N ASP UA 160 36.08 43.19 -18.76
CA ASP UA 160 35.51 44.35 -19.43
C ASP UA 160 35.56 45.64 -18.61
N VAL UA 161 36.66 46.35 -18.77
CA VAL UA 161 36.85 47.64 -18.14
C VAL UA 161 37.27 48.63 -19.21
N ASP UA 162 37.44 49.88 -18.83
CA ASP UA 162 37.88 50.88 -19.77
C ASP UA 162 38.60 52.02 -19.06
N TYR UA 163 39.18 52.93 -19.81
CA TYR UA 163 39.98 54.00 -19.21
C TYR UA 163 39.17 55.07 -18.46
N ASP UA 164 37.85 55.00 -18.51
CA ASP UA 164 37.04 55.95 -17.78
C ASP UA 164 36.51 55.35 -16.49
N ASN UA 165 36.64 54.04 -16.34
CA ASN UA 165 36.13 53.38 -15.16
C ASN UA 165 37.23 52.81 -14.30
N ILE UA 166 38.45 53.32 -14.49
CA ILE UA 166 39.60 52.94 -13.68
C ILE UA 166 40.19 54.18 -13.04
N SER UA 167 40.20 54.23 -11.72
CA SER UA 167 40.74 55.41 -11.06
C SER UA 167 41.96 55.11 -10.21
N VAL UA 168 42.99 55.93 -10.36
CA VAL UA 168 44.21 55.74 -9.60
C VAL UA 168 44.59 57.00 -8.85
N VAL UA 169 44.71 56.85 -7.53
CA VAL UA 169 45.12 57.95 -6.68
C VAL UA 169 46.42 57.55 -6.01
N LEU UA 170 47.42 58.39 -6.12
CA LEU UA 170 48.72 58.01 -5.60
C LEU UA 170 49.58 59.16 -5.11
N SER UA 171 50.65 58.79 -4.41
CA SER UA 171 51.61 59.75 -3.89
C SER UA 171 52.93 59.08 -3.58
N GLU UA 172 53.73 59.67 -2.71
CA GLU UA 172 55.03 59.13 -2.37
C GLU UA 172 55.30 59.23 -0.88
N ARG UA 173 56.26 58.47 -0.42
CA ARG UA 173 56.59 58.44 1.01
C ARG UA 173 57.13 59.76 1.54
N SER UA 174 57.03 59.91 2.85
CA SER UA 174 57.52 61.07 3.58
C SER UA 174 58.99 60.94 3.96
N ASP UA 175 59.54 61.97 4.60
CA ASP UA 175 60.92 62.00 5.07
C ASP UA 175 61.12 60.92 6.13
N ALA UA 176 61.96 59.93 5.81
CA ALA UA 176 62.18 58.79 6.69
C ALA UA 176 62.67 59.16 8.07
N GLN UA 177 62.06 58.56 9.08
CA GLN UA 177 62.45 58.83 10.45
C GLN UA 177 63.63 57.96 10.81
N LEU UA 178 64.82 58.49 10.54
CA LEU UA 178 66.05 57.75 10.78
C LEU UA 178 66.76 58.12 12.08
N GLN UA 179 66.11 58.93 12.92
CA GLN UA 179 66.74 59.39 14.16
C GLN UA 179 65.93 59.04 15.39
N ALA UA 180 66.61 58.65 16.46
CA ALA UA 180 65.94 58.31 17.70
C ALA UA 180 65.37 59.57 18.36
N PRO UA 181 64.19 59.50 18.97
CA PRO UA 181 63.48 60.54 19.72
C PRO UA 181 64.30 61.17 20.85
N GLY UA 182 64.99 60.33 21.61
CA GLY UA 182 65.81 60.80 22.72
C GLY UA 182 65.07 60.68 24.04
N THR UA 183 65.82 60.66 25.12
CA THR UA 183 65.25 60.54 26.45
C THR UA 183 64.87 61.90 27.00
N PRO UA 184 64.06 61.95 28.06
CA PRO UA 184 63.64 63.13 28.80
C PRO UA 184 64.80 63.69 29.60
N VAL UA 185 64.74 64.97 29.87
CA VAL UA 185 65.80 65.62 30.63
C VAL UA 185 65.57 65.53 32.12
N LYS UA 186 66.42 64.77 32.79
CA LYS UA 186 66.36 64.60 34.24
C LYS UA 186 67.52 63.73 34.72
N ALA VA 42 71.95 72.45 29.66
CA ALA VA 42 71.06 71.84 28.68
C ALA VA 42 70.93 72.72 27.45
N GLU VA 43 72.02 72.88 26.72
CA GLU VA 43 71.98 73.69 25.51
C GLU VA 43 70.92 73.18 24.55
N LEU VA 44 70.04 74.07 24.13
CA LEU VA 44 68.93 73.73 23.25
C LEU VA 44 69.36 72.98 21.99
N ASP VA 45 70.51 73.33 21.43
CA ASP VA 45 71.00 72.65 20.25
C ASP VA 45 71.20 71.16 20.49
N SER VA 46 71.59 70.79 21.71
CA SER VA 46 71.80 69.40 22.03
C SER VA 46 70.49 68.73 22.43
N LEU VA 47 69.52 69.53 22.87
CA LEU VA 47 68.22 69.01 23.23
C LEU VA 47 67.43 68.59 21.98
N LEU VA 48 67.60 69.34 20.90
CA LEU VA 48 66.96 69.03 19.62
C LEU VA 48 67.67 67.86 18.94
N GLY VA 49 66.96 67.20 18.02
CA GLY VA 49 67.42 66.00 17.28
C GLY VA 49 68.88 65.95 16.82
N GLN VA 50 69.32 64.75 16.44
CA GLN VA 50 70.69 64.50 15.97
C GLN VA 50 71.07 65.34 14.79
N GLU VA 51 70.16 65.46 13.83
CA GLU VA 51 70.42 66.30 12.68
C GLU VA 51 70.03 67.71 13.03
N LYS VA 52 70.93 68.38 13.75
CA LYS VA 52 70.71 69.74 14.22
C LYS VA 52 70.45 70.76 13.11
N GLU VA 53 70.79 70.41 11.88
CA GLU VA 53 70.62 71.29 10.75
C GLU VA 53 69.16 71.39 10.29
N ARG VA 54 68.26 70.67 10.95
CA ARG VA 54 66.84 70.75 10.64
C ARG VA 54 66.21 71.95 11.32
N PHE VA 55 66.91 72.55 12.29
CA PHE VA 55 66.33 73.66 13.02
C PHE VA 55 67.24 74.87 13.04
N GLN VA 56 66.63 76.05 13.05
CA GLN VA 56 67.43 77.24 13.18
C GLN VA 56 67.07 77.96 14.48
N VAL VA 57 67.95 77.86 15.45
CA VAL VA 57 67.69 78.51 16.72
C VAL VA 57 67.99 80.00 16.62
N LEU VA 58 67.04 80.81 17.07
CA LEU VA 58 67.13 82.25 16.97
C LEU VA 58 67.07 82.90 18.35
N PRO VA 59 67.80 83.98 18.56
CA PRO VA 59 67.82 84.66 19.87
C PRO VA 59 67.04 85.94 19.84
N GLY VA 60 65.78 85.88 20.25
CA GLY VA 60 64.91 87.05 20.21
C GLY VA 60 65.30 88.12 21.23
N ARG VA 61 65.03 89.37 20.89
CA ARG VA 61 65.35 90.50 21.76
C ARG VA 61 64.49 90.55 23.01
N ASP VA 62 63.40 89.77 23.00
CA ASP VA 62 62.50 89.63 24.13
C ASP VA 62 62.95 88.56 25.13
N LYS VA 63 64.19 88.08 25.01
CA LYS VA 63 64.77 87.05 25.88
C LYS VA 63 64.15 85.68 25.67
N MET VA 64 63.47 85.49 24.55
CA MET VA 64 62.90 84.20 24.22
C MET VA 64 63.73 83.56 23.13
N LEU VA 65 64.10 82.31 23.36
CA LEU VA 65 64.91 81.60 22.41
C LEU VA 65 63.95 80.89 21.46
N TYR VA 66 64.04 81.22 20.18
CA TYR VA 66 63.11 80.69 19.21
C TYR VA 66 63.65 79.53 18.41
N VAL VA 67 62.77 78.61 18.03
CA VAL VA 67 63.17 77.48 17.21
C VAL VA 67 62.48 77.50 15.87
N ALA VA 68 63.18 77.88 14.82
CA ALA VA 68 62.53 77.92 13.53
C ALA VA 68 62.53 76.56 12.88
N ALA VA 69 61.34 76.08 12.56
CA ALA VA 69 61.15 74.80 11.90
C ALA VA 69 60.57 75.00 10.51
N GLN VA 70 60.97 74.15 9.59
CA GLN VA 70 60.53 74.25 8.20
C GLN VA 70 59.35 73.36 7.87
N ASN VA 71 58.91 72.54 8.81
CA ASN VA 71 57.84 71.60 8.57
C ASN VA 71 57.10 71.28 9.84
N GLU VA 72 55.78 71.11 9.74
CA GLU VA 72 54.95 70.81 10.90
C GLU VA 72 55.38 69.55 11.68
N ARG VA 73 56.11 68.64 11.05
CA ARG VA 73 56.61 67.48 11.75
C ARG VA 73 57.75 67.87 12.66
N ASP VA 74 58.50 68.89 12.25
CA ASP VA 74 59.63 69.35 12.99
C ASP VA 74 59.14 70.32 14.04
N THR VA 75 58.03 71.01 13.71
CA THR VA 75 57.40 71.90 14.64
C THR VA 75 56.97 71.10 15.86
N LEU VA 76 56.28 70.00 15.62
CA LEU VA 76 55.85 69.14 16.70
C LEU VA 76 57.02 68.53 17.43
N TRP VA 77 58.05 68.11 16.70
CA TRP VA 77 59.25 67.55 17.31
C TRP VA 77 59.78 68.48 18.39
N ALA VA 78 60.03 69.72 18.00
CA ALA VA 78 60.56 70.74 18.91
C ALA VA 78 59.62 71.02 20.06
N ARG VA 79 58.31 71.05 19.81
CA ARG VA 79 57.36 71.30 20.88
C ARG VA 79 57.40 70.18 21.91
N GLN VA 80 57.57 68.95 21.43
CA GLN VA 80 57.66 67.83 22.34
C GLN VA 80 58.92 67.93 23.16
N VAL VA 81 60.01 68.41 22.55
CA VAL VA 81 61.25 68.61 23.31
C VAL VA 81 61.04 69.59 24.46
N LEU VA 82 60.38 70.71 24.17
CA LEU VA 82 60.14 71.70 25.21
C LEU VA 82 59.25 71.17 26.33
N ALA VA 83 58.25 70.35 26.00
CA ALA VA 83 57.36 69.79 27.00
C ALA VA 83 57.96 68.59 27.74
N ARG VA 84 58.76 67.79 27.04
CA ARG VA 84 59.38 66.58 27.58
C ARG VA 84 60.58 66.87 28.42
N GLY VA 85 61.53 67.59 27.84
CA GLY VA 85 62.76 67.93 28.51
C GLY VA 85 62.63 69.26 29.20
N ASP VA 86 63.72 69.97 29.32
CA ASP VA 86 63.64 71.24 29.99
C ASP VA 86 64.74 72.17 29.53
N TYR VA 87 64.48 73.43 29.73
CA TYR VA 87 65.40 74.49 29.40
C TYR VA 87 64.95 75.72 30.17
N ASP VA 88 65.76 76.14 31.13
CA ASP VA 88 65.41 77.28 31.98
C ASP VA 88 65.52 78.62 31.26
N LYS VA 89 64.57 78.89 30.38
CA LYS VA 89 64.51 80.12 29.62
C LYS VA 89 63.31 80.14 28.70
N ASN VA 90 62.75 81.31 28.50
CA ASN VA 90 61.64 81.46 27.59
C ASN VA 90 61.99 80.86 26.25
N ALA VA 91 61.06 80.13 25.65
CA ALA VA 91 61.31 79.52 24.37
C ALA VA 91 60.03 79.36 23.59
N ARG VA 92 60.13 79.38 22.26
CA ARG VA 92 58.94 79.26 21.42
C ARG VA 92 59.27 78.81 20.01
N VAL VA 93 58.56 77.79 19.55
CA VAL VA 93 58.77 77.24 18.23
C VAL VA 93 58.08 78.06 17.14
N ILE VA 94 58.84 78.38 16.10
CA ILE VA 94 58.38 79.16 14.95
C ILE VA 94 58.01 78.30 13.76
N ASN VA 95 56.87 78.61 13.18
CA ASN VA 95 56.36 77.93 11.99
C ASN VA 95 55.91 78.94 10.98
N GLU VA 96 56.59 78.95 9.83
CA GLU VA 96 56.34 79.90 8.74
C GLU VA 96 54.88 80.22 8.47
N ASN VA 97 54.04 79.21 8.35
CA ASN VA 97 52.64 79.44 8.08
C ASN VA 97 51.90 79.97 9.29
N GLU VA 98 52.26 79.47 10.46
CA GLU VA 98 51.58 79.93 11.66
C GLU VA 98 51.90 81.38 11.94
N GLU VA 99 53.14 81.78 11.64
CA GLU VA 99 53.54 83.16 11.86
C GLU VA 99 52.94 84.06 10.82
N ASN VA 100 52.83 83.57 9.60
CA ASN VA 100 52.21 84.36 8.55
C ASN VA 100 50.77 84.68 8.98
N LYS VA 101 50.08 83.67 9.51
CA LYS VA 101 48.71 83.84 9.99
C LYS VA 101 48.62 84.78 11.18
N ARG VA 102 49.48 84.59 12.19
CA ARG VA 102 49.46 85.42 13.38
C ARG VA 102 49.55 86.89 13.02
N ILE VA 103 50.49 87.19 12.13
CA ILE VA 103 50.67 88.55 11.68
C ILE VA 103 49.47 89.06 10.93
N SER VA 104 48.93 88.26 10.01
CA SER VA 104 47.78 88.71 9.24
C SER VA 104 46.59 89.07 10.10
N ILE VA 105 46.44 88.41 11.24
CA ILE VA 105 45.35 88.73 12.15
C ILE VA 105 45.50 90.13 12.71
N TRP VA 106 46.66 90.39 13.29
CA TRP VA 106 46.95 91.69 13.87
C TRP VA 106 46.86 92.77 12.83
N LEU VA 107 47.44 92.46 11.68
CA LEU VA 107 47.52 93.38 10.58
C LEU VA 107 46.15 93.79 10.09
N ASP VA 108 45.23 92.84 9.97
CA ASP VA 108 43.88 93.20 9.54
C ASP VA 108 43.19 94.16 10.52
N THR VA 109 43.39 93.94 11.83
CA THR VA 109 42.78 94.82 12.83
C THR VA 109 43.31 96.25 12.82
N TYR VA 110 44.63 96.40 12.76
CA TYR VA 110 45.23 97.72 12.81
C TYR VA 110 45.37 98.38 11.45
N TYR VA 111 45.55 97.58 10.41
CA TYR VA 111 45.62 98.09 9.05
C TYR VA 111 44.60 97.40 8.14
N PRO VA 112 43.30 97.62 8.36
CA PRO VA 112 42.22 97.06 7.60
C PRO VA 112 42.30 97.65 6.22
N GLN VA 113 41.86 96.85 5.25
CA GLN VA 113 41.91 97.20 3.84
C GLN VA 113 43.33 97.20 3.23
N LEU VA 114 44.37 96.85 4.01
CA LEU VA 114 45.71 96.80 3.45
C LEU VA 114 45.78 95.67 2.43
N ALA VA 115 46.24 95.98 1.22
CA ALA VA 115 46.33 94.94 0.20
C ALA VA 115 47.73 94.33 0.18
N TYR VA 116 47.84 93.07 0.54
CA TYR VA 116 49.14 92.42 0.58
C TYR VA 116 49.04 90.96 0.22
N TYR VA 117 50.20 90.32 0.03
CA TYR VA 117 50.26 88.94 -0.41
C TYR VA 117 50.73 87.97 0.66
N ARG VA 118 52.02 87.87 0.87
CA ARG VA 118 52.52 86.90 1.84
C ARG VA 118 53.90 87.27 2.34
N ILE VA 119 54.17 86.93 3.59
CA ILE VA 119 55.49 87.20 4.15
C ILE VA 119 56.41 86.03 3.91
N HIS VA 120 57.56 86.31 3.32
CA HIS VA 120 58.55 85.32 3.02
C HIS VA 120 59.60 85.35 4.09
N PHE VA 121 59.59 84.35 4.95
CA PHE VA 121 60.48 84.37 6.08
C PHE VA 121 61.91 84.01 5.72
N ASP VA 122 62.08 83.00 4.84
CA ASP VA 122 63.39 82.55 4.35
C ASP VA 122 64.54 82.76 5.32
N GLU VA 123 65.14 83.96 5.30
CA GLU VA 123 66.19 84.32 6.23
C GLU VA 123 65.62 85.06 7.43
N PRO VA 124 65.19 84.31 8.48
CA PRO VA 124 64.55 84.82 9.71
C PRO VA 124 64.79 86.30 10.03
N ARG VA 125 66.05 86.69 10.06
CA ARG VA 125 66.50 88.04 10.37
C ARG VA 125 65.83 89.16 9.58
N LYS VA 126 65.63 88.91 8.29
CA LYS VA 126 65.06 89.90 7.40
C LYS VA 126 64.02 89.31 6.46
N PRO VA 127 62.80 89.07 6.94
CA PRO VA 127 61.67 88.55 6.21
C PRO VA 127 61.21 89.59 5.22
N VAL VA 128 60.64 89.13 4.11
CA VAL VA 128 60.19 90.02 3.07
C VAL VA 128 58.68 90.09 3.02
N PHE VA 129 58.16 91.28 2.99
CA PHE VA 129 56.73 91.47 3.00
C PHE VA 129 56.22 91.89 1.63
N TRP VA 130 55.51 91.02 0.93
CA TRP VA 130 54.98 91.43 -0.37
C TRP VA 130 53.70 92.24 -0.19
N LEU VA 131 53.70 93.42 -0.80
CA LEU VA 131 52.64 94.41 -0.70
C LEU VA 131 52.10 94.76 -2.09
N SER VA 132 50.79 94.87 -2.25
CA SER VA 132 50.26 95.20 -3.58
C SER VA 132 50.66 96.59 -4.05
N ARG VA 133 51.53 96.64 -5.05
CA ARG VA 133 52.01 97.89 -5.61
C ARG VA 133 50.90 98.77 -6.15
N GLN VA 134 49.98 98.16 -6.86
CA GLN VA 134 48.91 98.89 -7.51
C GLN VA 134 47.76 99.28 -6.61
N ARG VA 135 47.39 98.44 -5.66
CA ARG VA 135 46.25 98.76 -4.81
C ARG VA 135 46.57 99.67 -3.62
N ASN VA 136 47.81 99.68 -3.15
CA ASN VA 136 48.12 100.53 -2.01
C ASN VA 136 48.66 101.87 -2.43
N THR VA 137 48.23 102.91 -1.72
CA THR VA 137 48.65 104.28 -1.99
C THR VA 137 49.34 104.91 -0.79
N MET VA 138 49.91 104.08 0.07
CA MET VA 138 50.60 104.57 1.26
C MET VA 138 51.85 105.35 0.92
N SER VA 139 52.15 106.36 1.73
CA SER VA 139 53.34 107.17 1.50
C SER VA 139 54.54 106.44 2.04
N LYS VA 140 55.72 106.89 1.63
CA LYS VA 140 56.96 106.29 2.10
C LYS VA 140 57.06 106.29 3.62
N LYS VA 141 56.64 107.40 4.22
CA LYS VA 141 56.68 107.54 5.67
C LYS VA 141 55.73 106.57 6.33
N GLU VA 142 54.56 106.41 5.74
CA GLU VA 142 53.58 105.47 6.27
C GLU VA 142 54.10 104.05 6.20
N LEU VA 143 54.80 103.73 5.11
CA LEU VA 143 55.38 102.41 4.96
C LEU VA 143 56.48 102.18 5.97
N GLU VA 144 57.23 103.23 6.32
CA GLU VA 144 58.23 103.11 7.36
C GLU VA 144 57.58 102.65 8.65
N VAL VA 145 56.51 103.34 9.03
CA VAL VA 145 55.78 103.03 10.24
C VAL VA 145 55.26 101.61 10.22
N LEU VA 146 54.69 101.20 9.09
CA LEU VA 146 54.19 99.86 8.91
C LEU VA 146 55.26 98.83 9.21
N SER VA 147 56.46 99.02 8.62
CA SER VA 147 57.53 98.05 8.85
C SER VA 147 57.93 98.01 10.30
N GLN VA 148 57.86 99.16 10.98
CA GLN VA 148 58.20 99.20 12.38
C GLN VA 148 57.22 98.42 13.23
N LYS VA 149 55.95 98.46 12.85
CA LYS VA 149 54.96 97.70 13.58
C LYS VA 149 55.18 96.22 13.36
N LEU VA 150 55.58 95.86 12.14
CA LEU VA 150 55.86 94.48 11.84
C LEU VA 150 57.07 94.00 12.63
N ARG VA 151 58.07 94.87 12.81
CA ARG VA 151 59.23 94.52 13.60
C ARG VA 151 58.81 94.22 15.02
N ALA VA 152 57.88 95.00 15.54
CA ALA VA 152 57.36 94.77 16.89
C ALA VA 152 56.69 93.40 16.98
N LEU VA 153 55.98 93.01 15.92
CA LEU VA 153 55.33 91.70 15.90
C LEU VA 153 56.30 90.53 15.83
N MET VA 154 57.51 90.76 15.32
CA MET VA 154 58.53 89.72 15.19
C MET VA 154 59.80 89.99 16.02
N PRO VA 155 59.82 89.57 17.30
CA PRO VA 155 60.87 89.68 18.32
C PRO VA 155 62.25 89.28 17.85
N TYR VA 156 62.32 88.35 16.90
CA TYR VA 156 63.60 87.88 16.40
C TYR VA 156 64.12 88.69 15.22
N ALA VA 157 63.21 89.02 14.30
CA ALA VA 157 63.57 89.75 13.09
C ALA VA 157 64.23 91.05 13.46
N ASP VA 158 65.26 91.40 12.71
CA ASP VA 158 65.96 92.64 12.96
C ASP VA 158 65.32 93.76 12.19
N SER VA 159 64.85 93.47 10.99
CA SER VA 159 64.17 94.46 10.18
C SER VA 159 63.23 93.78 9.22
N VAL VA 160 62.33 94.55 8.62
CA VAL VA 160 61.37 93.99 7.68
C VAL VA 160 61.53 94.64 6.32
N ASN VA 161 61.66 93.81 5.30
CA ASN VA 161 61.82 94.35 3.96
C ASN VA 161 60.50 94.38 3.23
N ILE VA 162 59.79 95.49 3.33
CA ILE VA 162 58.55 95.63 2.60
C ILE VA 162 58.84 95.99 1.16
N THR VA 163 58.23 95.26 0.25
CA THR VA 163 58.43 95.52 -1.17
C THR VA 163 57.12 95.41 -1.90
N LEU VA 164 56.99 96.19 -2.96
CA LEU VA 164 55.75 96.26 -3.69
C LEU VA 164 55.78 95.36 -4.93
N MET VA 165 54.74 94.55 -5.07
CA MET VA 165 54.62 93.60 -6.18
C MET VA 165 53.52 94.01 -7.14
N ASP VA 166 53.70 93.72 -8.42
CA ASP VA 166 52.70 94.08 -9.41
C ASP VA 166 51.64 93.00 -9.58
N ASP VA 167 50.41 93.35 -9.21
CA ASP VA 167 49.24 92.46 -9.27
C ASP VA 167 49.09 91.73 -10.60
N VAL VA 168 49.47 92.40 -11.69
CA VAL VA 168 49.37 91.83 -13.01
C VAL VA 168 50.26 90.62 -13.18
N THR VA 169 51.47 90.68 -12.62
CA THR VA 169 52.40 89.58 -12.79
C THR VA 169 51.97 88.40 -11.96
N ALA VA 170 51.30 88.67 -10.83
CA ALA VA 170 50.78 87.58 -10.02
C ALA VA 170 49.74 86.81 -10.80
N ALA VA 171 48.80 87.53 -11.39
CA ALA VA 171 47.75 86.91 -12.17
C ALA VA 171 48.29 86.23 -13.41
N GLY VA 172 49.27 86.88 -14.06
CA GLY VA 172 49.87 86.35 -15.26
C GLY VA 172 50.48 84.99 -15.03
N GLN VA 173 51.24 84.85 -13.95
CA GLN VA 173 51.86 83.58 -13.62
C GLN VA 173 50.83 82.51 -13.32
N ALA VA 174 49.78 82.89 -12.58
CA ALA VA 174 48.73 81.94 -12.24
C ALA VA 174 48.12 81.33 -13.49
N GLU VA 175 47.75 82.16 -14.44
CA GLU VA 175 47.11 81.65 -15.63
C GLU VA 175 48.09 80.94 -16.55
N ALA VA 176 49.29 81.50 -16.71
CA ALA VA 176 50.27 80.91 -17.59
C ALA VA 176 50.59 79.47 -17.23
N GLY VA 177 50.87 79.22 -15.96
CA GLY VA 177 51.20 77.87 -15.54
C GLY VA 177 50.00 76.96 -15.68
N LEU VA 178 48.83 77.47 -15.34
CA LEU VA 178 47.58 76.72 -15.42
C LEU VA 178 47.34 76.20 -16.84
N LYS VA 179 47.49 77.07 -17.83
CA LYS VA 179 47.29 76.65 -19.20
C LYS VA 179 48.49 75.85 -19.74
N GLN VA 180 49.68 76.05 -19.18
CA GLN VA 180 50.84 75.23 -19.57
C GLN VA 180 50.59 73.77 -19.28
N GLN VA 181 49.93 73.51 -18.15
CA GLN VA 181 49.56 72.16 -17.74
C GLN VA 181 48.42 71.56 -18.58
N ALA VA 182 47.90 72.30 -19.56
CA ALA VA 182 46.82 71.89 -20.45
C ALA VA 182 45.53 71.68 -19.70
N LEU VA 183 45.32 72.46 -18.64
CA LEU VA 183 44.10 72.33 -17.86
C LEU VA 183 43.02 73.25 -18.39
N PRO VA 184 41.77 72.82 -18.36
CA PRO VA 184 40.58 73.57 -18.71
C PRO VA 184 40.26 74.50 -17.56
N TYR VA 185 39.82 75.70 -17.85
CA TYR VA 185 39.48 76.62 -16.79
C TYR VA 185 38.73 77.82 -17.31
N SER VA 186 38.18 78.59 -16.39
CA SER VA 186 37.53 79.82 -16.78
C SER VA 186 37.89 80.90 -15.76
N ARG VA 187 38.50 81.96 -16.25
CA ARG VA 187 38.98 83.04 -15.41
C ARG VA 187 37.86 83.99 -14.98
N ARG VA 188 37.95 84.46 -13.74
CA ARG VA 188 36.97 85.37 -13.17
C ARG VA 188 37.60 86.61 -12.60
N ASN VA 189 37.76 87.64 -13.43
CA ASN VA 189 38.32 88.88 -12.94
C ASN VA 189 37.27 89.65 -12.18
N HIS VA 190 37.63 90.20 -11.03
CA HIS VA 190 36.72 91.03 -10.29
C HIS VA 190 37.49 92.06 -9.52
N LYS VA 191 36.82 93.08 -9.02
CA LYS VA 191 37.54 94.08 -8.29
C LYS VA 191 38.15 93.46 -7.06
N GLY VA 192 39.45 93.61 -6.91
CA GLY VA 192 40.16 93.09 -5.76
C GLY VA 192 40.74 91.68 -5.92
N GLY VA 193 40.50 91.00 -7.04
CA GLY VA 193 41.07 89.65 -7.16
C GLY VA 193 40.68 88.91 -8.43
N VAL VA 194 41.08 87.65 -8.49
CA VAL VA 194 40.75 86.83 -9.64
C VAL VA 194 40.59 85.37 -9.25
N THR VA 195 39.56 84.72 -9.78
CA THR VA 195 39.32 83.32 -9.48
C THR VA 195 39.38 82.44 -10.73
N PHE VA 196 40.04 81.30 -10.61
CA PHE VA 196 40.17 80.37 -11.71
C PHE VA 196 39.33 79.13 -11.49
N VAL VA 197 38.23 79.05 -12.22
CA VAL VA 197 37.28 77.98 -12.07
C VAL VA 197 37.59 76.78 -12.95
N ILE VA 198 37.69 75.61 -12.34
CA ILE VA 198 37.95 74.37 -13.07
C ILE VA 198 36.83 73.38 -12.85
N GLN VA 199 35.95 73.22 -13.83
CA GLN VA 199 34.82 72.31 -13.68
C GLN VA 199 34.81 71.20 -14.70
N GLY VA 200 33.90 70.25 -14.50
CA GLY VA 200 33.71 69.12 -15.38
C GLY VA 200 34.36 67.88 -14.83
N ALA VA 201 34.18 66.76 -15.53
CA ALA VA 201 34.82 65.53 -15.12
C ALA VA 201 36.29 65.63 -15.44
N LEU VA 202 37.13 65.12 -14.55
CA LEU VA 202 38.56 65.23 -14.77
C LEU VA 202 39.28 63.89 -14.78
N ASP VA 203 40.26 63.78 -15.66
CA ASP VA 203 41.12 62.61 -15.76
C ASP VA 203 42.05 62.58 -14.58
N ASP VA 204 42.27 61.42 -14.00
CA ASP VA 204 43.17 61.31 -12.85
C ASP VA 204 44.53 61.97 -13.06
N VAL VA 205 45.01 61.98 -14.31
CA VAL VA 205 46.30 62.57 -14.61
C VAL VA 205 46.24 64.08 -14.48
N GLU VA 206 45.23 64.70 -15.09
CA GLU VA 206 45.10 66.14 -15.00
C GLU VA 206 44.72 66.59 -13.61
N ILE VA 207 44.10 65.71 -12.82
CA ILE VA 207 43.81 66.07 -11.44
C ILE VA 207 45.10 66.24 -10.67
N LEU VA 208 46.01 65.27 -10.83
CA LEU VA 208 47.30 65.34 -10.16
C LEU VA 208 48.04 66.60 -10.55
N ARG VA 209 48.13 66.85 -11.86
CA ARG VA 209 48.82 68.03 -12.35
C ARG VA 209 48.24 69.31 -11.81
N ALA VA 210 46.91 69.40 -11.75
CA ALA VA 210 46.25 70.59 -11.27
C ALA VA 210 46.63 70.89 -9.85
N ARG VA 211 46.57 69.89 -8.99
CA ARG VA 211 46.91 70.13 -7.59
C ARG VA 211 48.35 70.54 -7.41
N GLN VA 212 49.27 69.89 -8.11
CA GLN VA 212 50.67 70.23 -7.97
C GLN VA 212 50.91 71.70 -8.28
N PHE VA 213 50.31 72.16 -9.37
CA PHE VA 213 50.43 73.55 -9.75
C PHE VA 213 49.88 74.49 -8.72
N VAL VA 214 48.66 74.22 -8.27
CA VAL VA 214 47.99 75.08 -7.31
C VAL VA 214 48.76 75.19 -6.01
N ASP VA 215 49.23 74.06 -5.49
CA ASP VA 215 49.99 74.10 -4.26
C ASP VA 215 51.22 74.97 -4.37
N SER VA 216 51.93 74.87 -5.49
CA SER VA 216 53.12 75.69 -5.67
C SER VA 216 52.81 77.17 -5.77
N TYR VA 217 51.75 77.51 -6.49
CA TYR VA 217 51.37 78.91 -6.64
C TYR VA 217 51.04 79.50 -5.27
N TYR VA 218 50.26 78.75 -4.51
CA TYR VA 218 49.89 79.15 -3.18
C TYR VA 218 51.11 79.38 -2.32
N ARG VA 219 52.00 78.39 -2.28
CA ARG VA 219 53.21 78.49 -1.50
C ARG VA 219 53.99 79.78 -1.77
N THR VA 220 54.08 80.17 -3.04
CA THR VA 220 54.79 81.38 -3.40
C THR VA 220 54.01 82.66 -3.12
N TRP VA 221 52.92 82.85 -3.84
CA TRP VA 221 52.16 84.09 -3.75
C TRP VA 221 51.14 84.14 -2.63
N GLY VA 222 50.58 83.00 -2.28
CA GLY VA 222 49.54 82.97 -1.26
C GLY VA 222 48.18 83.08 -1.93
N GLY VA 223 47.11 82.87 -1.17
CA GLY VA 223 45.76 82.88 -1.73
C GLY VA 223 44.94 84.14 -1.45
N ARG VA 224 45.59 85.30 -1.35
CA ARG VA 224 44.84 86.52 -1.07
C ARG VA 224 44.39 87.28 -2.31
N TYR VA 225 44.97 86.96 -3.46
CA TYR VA 225 44.61 87.64 -4.69
C TYR VA 225 44.07 86.65 -5.70
N VAL VA 226 44.82 85.56 -5.90
CA VAL VA 226 44.41 84.51 -6.80
C VAL VA 226 43.77 83.36 -6.05
N GLN VA 227 42.55 83.04 -6.43
CA GLN VA 227 41.82 81.95 -5.83
C GLN VA 227 41.53 80.87 -6.85
N PHE VA 228 41.89 79.63 -6.56
CA PHE VA 228 41.61 78.55 -7.49
C PHE VA 228 40.37 77.80 -7.01
N ALA VA 229 39.63 77.23 -7.96
CA ALA VA 229 38.40 76.55 -7.61
C ALA VA 229 38.21 75.26 -8.38
N ILE VA 230 38.80 74.17 -7.89
CA ILE VA 230 38.67 72.89 -8.54
C ILE VA 230 37.38 72.23 -8.14
N GLU VA 231 36.53 71.92 -9.11
CA GLU VA 231 35.24 71.30 -8.86
C GLU VA 231 35.00 70.09 -9.74
N LEU VA 232 35.21 68.92 -9.17
CA LEU VA 232 35.04 67.66 -9.87
C LEU VA 232 33.55 67.35 -10.02
N LYS VA 233 33.04 67.46 -11.24
CA LYS VA 233 31.61 67.27 -11.49
C LYS VA 233 31.29 66.38 -12.69
N ASP VA 234 30.09 65.81 -12.70
CA ASP VA 234 29.64 64.98 -13.81
C ASP VA 234 29.18 65.80 -14.99
N ASP VA 235 29.40 65.28 -16.18
CA ASP VA 235 28.99 65.94 -17.42
C ASP VA 235 27.89 65.15 -18.12
#